data_6Z1F
#
_entry.id   6Z1F
#
_cell.length_a   1.00
_cell.length_b   1.00
_cell.length_c   1.00
_cell.angle_alpha   90.00
_cell.angle_beta   90.00
_cell.angle_gamma   90.00
#
_symmetry.space_group_name_H-M   'P 1'
#
loop_
_entity.id
_entity.type
_entity.pdbx_description
1 polymer 'Ribulose bisphosphate carboxylase/oxygenase activase'
2 polymer 'Ribulose bisphosphate carboxylase large chain'
3 polymer 'Ribulose bisphosphate carboxylase small chain'
4 non-polymer "ADENOSINE-5'-DIPHOSPHATE"
5 non-polymer 'PHOSPHOTHIOPHOSPHORIC ACID-ADENYLATE ESTER'
6 non-polymer 'MAGNESIUM ION'
7 non-polymer 2-CARBOXYARABINITOL-1,5-DIPHOSPHATE
#
loop_
_entity_poly.entity_id
_entity_poly.type
_entity_poly.pdbx_seq_one_letter_code
_entity_poly.pdbx_strand_id
1 'polypeptide(L)'
;SYYIAPRFLDKLAVHITKNFLNIPGVRVPLILGIHGRKGEGKTFQCELAFEKMGIEVTLISGGELESPDAGDPARLIRLR
YRETAELIKVRGKMCVLMINDLDAGAGRFDEGTQYTVNTQLVNATLMNIADNPTDVQLPGSYDSNPIRRVPIIVTGNDFS
TLYAPLIRDGRMEKFYWEPNRDDKVGIVGGIFAEDGLSQREIEQLVDTFPKQSIDFFSALRSRIYDIQIRDFIHKVGFER
ISLRVVNSLEAPPEFKKPDFSLAHLIESGNLVLGEQQRVDNSQLVDEYNR
;
1,2,3,4,5,6
2 'polypeptide(L)'
;MSYAQTKTQTKSGYKAGVQDYRLTYYTPDYTPKDTDILAAFRVTPQPGVPFEEAAAAVAAESSTGTWTTVWTDLLTDLDR
YKGRCYDIEPVPGEDNQFIAYIAYPLDLFEEGSITNVLTSIVGNVFGFKALRALRLEDIRFPVAYIKTFQGPPHGIQVER
DKLNKYGRPLLGCTIKPKLGLSAKNYGRAVYECLRGGLDFT(KCX)DDENINSAPFQRWRDRFLFVADAITKAQAETGEI
KGHYLNVTAPTCEEMLKRAEYAKELKQPIIMHDYLTAGFTANTTLARWCRDNGVLLHIHRAMHAVIDRQKNHGIHFRVLA
KALRLSGGDHIHTGTVVGKLEGERGITMGFVDLLRENYVEQDKSRGIYFTQDWASLPGVMAVASGGIHVWHMPALVEIFG
DDSVLQFGGGTLGHPWGNAPGATANRVALEACVQARNEGRNLAREGNDVIREAAKWSPELAVACELWKEIKFEFEAMDTV
;
A,B,C,D,E,F,G,H
3 'polypeptide(L)'
;MQTLPKERRYETLSYLPPLTDVQIEKQVQYILSQGYIPAVEFNEVSEPTELYWTLWKLPLFGAKTSREVLAEVQSCRSQY
PGHYIRVVGFDNIKQCQILSFIVHKPSRY
;
I,J,K,L,M,N,O,P
#
# COMPACT_ATOMS: atom_id res chain seq x y z
N SER A 1 -3.94 68.40 27.04
CA SER A 1 -4.53 69.68 27.54
C SER A 1 -5.20 70.44 26.39
N TYR A 2 -5.33 69.76 25.24
CA TYR A 2 -5.88 70.37 24.04
C TYR A 2 -7.39 70.57 24.20
N TYR A 3 -7.86 71.73 23.71
CA TYR A 3 -9.26 72.11 23.78
C TYR A 3 -10.06 71.28 22.78
N ILE A 4 -11.27 70.89 23.20
CA ILE A 4 -12.23 70.25 22.32
C ILE A 4 -13.44 71.17 22.18
N ALA A 5 -13.89 71.34 20.93
CA ALA A 5 -15.10 72.09 20.61
C ALA A 5 -16.33 71.38 21.18
N PRO A 6 -17.27 72.11 21.81
CA PRO A 6 -18.48 71.51 22.39
C PRO A 6 -19.38 70.79 21.39
N ARG A 7 -19.50 71.34 20.17
CA ARG A 7 -20.35 70.81 19.13
C ARG A 7 -19.84 69.44 18.67
N PHE A 8 -18.51 69.32 18.52
CA PHE A 8 -17.87 68.10 18.05
C PHE A 8 -18.08 66.97 19.04
N LEU A 9 -18.01 67.32 20.34
CA LEU A 9 -18.16 66.36 21.43
C LEU A 9 -19.61 65.87 21.50
N ASP A 10 -20.56 66.79 21.26
CA ASP A 10 -21.99 66.52 21.36
C ASP A 10 -22.42 65.49 20.32
N LYS A 11 -21.91 65.64 19.09
CA LYS A 11 -22.26 64.81 17.95
C LYS A 11 -21.78 63.38 18.17
N LEU A 12 -20.60 63.25 18.80
CA LEU A 12 -20.01 61.96 19.13
C LEU A 12 -20.77 61.30 20.27
N ALA A 13 -21.11 62.09 21.30
CA ALA A 13 -21.80 61.61 22.48
C ALA A 13 -23.12 60.93 22.08
N VAL A 14 -23.97 61.68 21.35
CA VAL A 14 -25.33 61.28 21.03
C VAL A 14 -25.31 60.00 20.19
N HIS A 15 -24.42 59.93 19.20
CA HIS A 15 -24.32 58.79 18.31
C HIS A 15 -23.97 57.53 19.09
N ILE A 16 -22.90 57.60 19.90
CA ILE A 16 -22.43 56.47 20.68
C ILE A 16 -23.50 56.06 21.70
N THR A 17 -24.01 57.04 22.46
CA THR A 17 -25.00 56.79 23.51
C THR A 17 -26.20 56.05 22.94
N LYS A 18 -26.80 56.60 21.87
CA LYS A 18 -28.07 56.13 21.33
C LYS A 18 -27.99 54.69 20.85
N ASN A 19 -26.84 54.31 20.26
CA ASN A 19 -26.62 52.97 19.73
C ASN A 19 -26.57 51.96 20.87
N PHE A 20 -25.90 52.34 21.97
CA PHE A 20 -25.73 51.49 23.14
C PHE A 20 -27.03 51.38 23.92
N LEU A 21 -27.83 52.46 23.91
CA LEU A 21 -29.12 52.50 24.57
C LEU A 21 -30.09 51.55 23.86
N ASN A 22 -31.08 51.07 24.61
CA ASN A 22 -32.03 50.09 24.12
C ASN A 22 -33.46 50.59 24.35
N ILE A 23 -33.86 51.58 23.54
CA ILE A 23 -35.18 52.19 23.65
C ILE A 23 -36.05 51.69 22.50
N PRO A 24 -37.20 51.05 22.81
CA PRO A 24 -38.11 50.52 21.78
C PRO A 24 -38.82 51.62 20.99
N GLY A 25 -39.11 51.31 19.71
CA GLY A 25 -39.80 52.21 18.81
C GLY A 25 -38.87 53.20 18.13
N VAL A 26 -37.58 53.15 18.48
CA VAL A 26 -36.60 54.12 18.03
C VAL A 26 -35.60 53.44 17.10
N ARG A 27 -35.34 54.10 15.96
CA ARG A 27 -34.34 53.69 14.99
C ARG A 27 -33.17 54.67 15.03
N VAL A 28 -31.96 54.10 14.97
CA VAL A 28 -30.71 54.83 15.17
C VAL A 28 -29.81 54.55 13.97
N PRO A 29 -29.06 55.55 13.44
CA PRO A 29 -28.08 55.29 12.39
C PRO A 29 -26.83 54.64 13.00
N LEU A 30 -26.32 53.58 12.35
CA LEU A 30 -25.17 52.86 12.85
C LEU A 30 -23.88 53.59 12.51
N ILE A 31 -23.78 54.09 11.27
CA ILE A 31 -22.57 54.71 10.75
C ILE A 31 -22.73 56.23 10.78
N LEU A 32 -21.70 56.91 11.31
CA LEU A 32 -21.60 58.36 11.25
C LEU A 32 -20.37 58.75 10.41
N GLY A 33 -20.58 59.71 9.51
CA GLY A 33 -19.52 60.17 8.61
C GLY A 33 -19.28 61.68 8.76
N ILE A 34 -17.99 62.06 8.84
CA ILE A 34 -17.60 63.45 9.01
C ILE A 34 -16.75 63.89 7.81
N HIS A 35 -17.19 64.96 7.14
CA HIS A 35 -16.45 65.51 6.02
C HIS A 35 -16.08 66.96 6.31
N GLY A 36 -14.82 67.30 5.97
CA GLY A 36 -14.31 68.65 6.13
C GLY A 36 -13.01 68.85 5.33
N ARG A 37 -12.50 70.08 5.38
CA ARG A 37 -11.22 70.43 4.76
C ARG A 37 -10.09 69.71 5.49
N LYS A 38 -8.93 69.62 4.82
CA LYS A 38 -7.78 68.90 5.36
C LYS A 38 -7.09 69.75 6.42
N GLY A 39 -6.62 69.07 7.48
CA GLY A 39 -6.00 69.71 8.63
C GLY A 39 -7.00 70.55 9.42
N GLU A 40 -8.24 70.03 9.51
CA GLU A 40 -9.28 70.62 10.33
C GLU A 40 -9.21 70.07 11.75
N GLY A 41 -8.70 68.84 11.86
CA GLY A 41 -8.42 68.24 13.15
C GLY A 41 -9.48 67.21 13.57
N LYS A 42 -10.22 66.70 12.59
CA LYS A 42 -11.32 65.77 12.80
C LYS A 42 -10.84 64.49 13.49
N THR A 43 -9.69 63.98 13.03
CA THR A 43 -9.04 62.81 13.59
C THR A 43 -8.54 63.12 15.00
N PHE A 44 -8.00 64.33 15.19
CA PHE A 44 -7.40 64.72 16.46
C PHE A 44 -8.47 64.89 17.53
N GLN A 45 -9.64 65.42 17.13
CA GLN A 45 -10.74 65.64 18.05
C GLN A 45 -11.34 64.31 18.50
N CYS A 46 -11.44 63.35 17.57
CA CYS A 46 -12.01 62.03 17.84
C CYS A 46 -11.18 61.31 18.90
N GLU A 47 -9.85 61.34 18.76
CA GLU A 47 -8.92 60.65 19.65
C GLU A 47 -9.00 61.24 21.05
N LEU A 48 -9.16 62.57 21.13
CA LEU A 48 -9.22 63.29 22.39
C LEU A 48 -10.51 62.98 23.14
N ALA A 49 -11.63 62.99 22.41
CA ALA A 49 -12.97 62.80 22.97
C ALA A 49 -13.06 61.44 23.66
N PHE A 50 -12.47 60.43 23.02
CA PHE A 50 -12.50 59.05 23.49
C PHE A 50 -11.72 58.90 24.79
N GLU A 51 -10.67 59.72 24.96
CA GLU A 51 -9.81 59.65 26.14
C GLU A 51 -10.54 60.21 27.35
N LYS A 52 -11.27 61.32 27.15
CA LYS A 52 -12.06 61.97 28.19
C LYS A 52 -13.18 61.04 28.65
N MET A 53 -13.83 60.37 27.68
CA MET A 53 -14.88 59.40 27.94
C MET A 53 -14.28 58.10 28.47
N GLY A 54 -13.06 57.79 28.03
CA GLY A 54 -12.34 56.60 28.48
C GLY A 54 -12.75 55.35 27.70
N ILE A 55 -13.46 55.57 26.57
CA ILE A 55 -13.96 54.49 25.74
C ILE A 55 -12.85 53.98 24.82
N GLU A 56 -12.78 52.65 24.66
CA GLU A 56 -11.77 52.00 23.85
C GLU A 56 -12.02 52.27 22.37
N VAL A 57 -10.93 52.44 21.62
CA VAL A 57 -10.96 52.81 20.22
C VAL A 57 -10.14 51.79 19.43
N THR A 58 -10.69 51.39 18.28
CA THR A 58 -9.98 50.59 17.29
C THR A 58 -9.83 51.45 16.02
N LEU A 59 -8.59 51.57 15.55
CA LEU A 59 -8.27 52.42 14.41
C LEU A 59 -7.90 51.54 13.22
N ILE A 60 -8.50 51.85 12.06
CA ILE A 60 -8.18 51.21 10.81
C ILE A 60 -7.74 52.28 9.80
N SER A 61 -6.52 52.11 9.28
CA SER A 61 -5.92 53.03 8.33
C SER A 61 -6.68 52.99 7.01
N GLY A 62 -6.80 54.17 6.38
CA GLY A 62 -7.42 54.29 5.08
C GLY A 62 -6.58 53.62 3.99
N GLY A 63 -5.25 53.68 4.15
CA GLY A 63 -4.31 53.09 3.19
C GLY A 63 -4.15 51.58 3.35
N GLU A 64 -4.73 51.03 4.43
CA GLU A 64 -4.59 49.63 4.77
C GLU A 64 -5.54 48.77 3.94
N LEU A 65 -6.59 49.40 3.38
CA LEU A 65 -7.59 48.68 2.60
C LEU A 65 -7.69 49.26 1.18
N GLU A 66 -6.84 50.26 0.89
CA GLU A 66 -6.85 50.93 -0.40
C GLU A 66 -5.74 50.37 -1.28
N SER A 67 -4.65 49.91 -0.64
CA SER A 67 -3.48 49.35 -1.30
C SER A 67 -3.85 48.02 -1.97
N PRO A 68 -3.40 47.76 -3.22
CA PRO A 68 -3.68 46.50 -3.92
C PRO A 68 -2.98 45.29 -3.29
N ASP A 69 -1.87 45.56 -2.58
CA ASP A 69 -1.03 44.54 -1.98
C ASP A 69 -1.13 44.65 -0.45
N ALA A 70 -2.35 44.47 0.06
CA ALA A 70 -2.64 44.60 1.48
C ALA A 70 -3.35 43.36 2.01
N GLY A 71 -4.33 42.88 1.23
CA GLY A 71 -5.13 41.71 1.60
C GLY A 71 -6.53 41.80 1.00
N ASP A 72 -7.54 41.76 1.89
CA ASP A 72 -8.93 41.78 1.46
C ASP A 72 -9.75 42.66 2.42
N PRO A 73 -10.19 43.86 1.97
CA PRO A 73 -10.99 44.77 2.80
C PRO A 73 -12.26 44.14 3.35
N ALA A 74 -12.93 43.33 2.51
CA ALA A 74 -14.17 42.66 2.85
C ALA A 74 -13.96 41.72 4.04
N ARG A 75 -12.82 41.02 4.05
CA ARG A 75 -12.49 40.09 5.11
C ARG A 75 -11.94 40.84 6.32
N LEU A 76 -11.42 42.04 6.09
CA LEU A 76 -10.74 42.79 7.13
C LEU A 76 -11.73 43.54 8.02
N ILE A 77 -12.66 44.29 7.39
CA ILE A 77 -13.64 45.11 8.11
C ILE A 77 -14.49 44.21 9.01
N ARG A 78 -14.82 43.01 8.51
CA ARG A 78 -15.58 42.02 9.25
C ARG A 78 -14.81 41.56 10.49
N LEU A 79 -13.50 41.34 10.32
CA LEU A 79 -12.65 40.81 11.38
C LEU A 79 -12.45 41.84 12.49
N ARG A 80 -12.35 43.12 12.10
CA ARG A 80 -12.16 44.20 13.06
C ARG A 80 -13.44 44.46 13.84
N TYR A 81 -14.59 44.23 13.18
CA TYR A 81 -15.89 44.48 13.78
C TYR A 81 -16.15 43.47 14.90
N ARG A 82 -15.76 42.21 14.65
CA ARG A 82 -15.94 41.13 15.61
C ARG A 82 -15.08 41.37 16.84
N GLU A 83 -13.81 41.75 16.60
CA GLU A 83 -12.81 41.95 17.65
C GLU A 83 -13.23 43.07 18.60
N THR A 84 -13.81 44.13 18.04
CA THR A 84 -14.29 45.28 18.79
C THR A 84 -15.47 44.88 19.66
N ALA A 85 -16.31 43.96 19.16
CA ALA A 85 -17.49 43.47 19.85
C ALA A 85 -17.11 42.63 21.06
N GLU A 86 -15.93 41.98 21.00
CA GLU A 86 -15.42 41.13 22.06
C GLU A 86 -14.95 41.99 23.23
N LEU A 87 -14.46 43.21 22.91
CA LEU A 87 -13.91 44.11 23.91
C LEU A 87 -14.99 44.50 24.91
N ILE A 88 -16.23 44.74 24.45
CA ILE A 88 -17.30 45.21 25.32
C ILE A 88 -17.52 44.24 26.48
N LYS A 89 -17.51 42.93 26.19
CA LYS A 89 -17.76 41.91 27.20
C LYS A 89 -16.59 41.81 28.17
N VAL A 90 -15.37 41.71 27.62
CA VAL A 90 -14.15 41.51 28.39
C VAL A 90 -13.80 42.81 29.12
N ARG A 91 -13.85 43.94 28.40
CA ARG A 91 -13.42 45.22 28.92
C ARG A 91 -14.49 45.82 29.83
N GLY A 92 -15.76 45.61 29.45
CA GLY A 92 -16.89 46.10 30.22
C GLY A 92 -17.19 47.57 29.97
N LYS A 93 -16.62 48.12 28.89
CA LYS A 93 -16.77 49.52 28.53
C LYS A 93 -17.20 49.62 27.07
N MET A 94 -17.66 50.81 26.68
CA MET A 94 -18.11 51.08 25.33
C MET A 94 -16.90 51.08 24.38
N CYS A 95 -17.07 50.46 23.21
CA CYS A 95 -16.01 50.34 22.23
C CYS A 95 -16.53 50.74 20.85
N VAL A 96 -15.74 51.59 20.16
CA VAL A 96 -16.09 52.18 18.88
C VAL A 96 -14.97 51.88 17.89
N LEU A 97 -15.34 51.60 16.64
CA LEU A 97 -14.38 51.42 15.56
C LEU A 97 -14.54 52.55 14.55
N MET A 98 -13.41 53.19 14.17
CA MET A 98 -13.43 54.29 13.23
C MET A 98 -12.40 54.09 12.12
N ILE A 99 -12.72 54.63 10.94
CA ILE A 99 -11.91 54.57 9.72
C ILE A 99 -11.56 56.00 9.31
N ASN A 100 -10.30 56.19 8.87
CA ASN A 100 -9.82 57.48 8.38
C ASN A 100 -9.49 57.38 6.90
N ASP A 101 -9.86 58.42 6.13
CA ASP A 101 -9.56 58.54 4.72
C ASP A 101 -9.97 57.27 3.97
N LEU A 102 -11.27 56.99 3.96
CA LEU A 102 -11.80 55.79 3.34
C LEU A 102 -11.54 55.83 1.84
N ASP A 103 -11.58 57.04 1.28
CA ASP A 103 -11.45 57.25 -0.15
C ASP A 103 -10.18 58.05 -0.46
N ALA A 104 -9.27 58.15 0.51
CA ALA A 104 -8.09 59.00 0.38
C ALA A 104 -6.85 58.32 0.96
N GLY A 105 -5.69 58.91 0.65
CA GLY A 105 -4.40 58.45 1.15
C GLY A 105 -3.92 57.15 0.48
N ALA A 106 -4.70 56.68 -0.49
CA ALA A 106 -4.40 55.49 -1.27
C ALA A 106 -3.17 55.72 -2.14
N GLY A 107 -2.96 56.98 -2.55
CA GLY A 107 -1.92 57.34 -3.50
C GLY A 107 -2.49 57.72 -4.86
N ARG A 108 -3.73 57.29 -5.13
CA ARG A 108 -4.44 57.56 -6.36
C ARG A 108 -4.84 59.04 -6.41
N PHE A 109 -4.97 59.55 -7.65
CA PHE A 109 -5.18 60.97 -7.88
C PHE A 109 -6.65 61.37 -7.70
N ASP A 110 -7.55 60.44 -8.00
CA ASP A 110 -8.97 60.72 -8.14
C ASP A 110 -9.59 61.18 -6.82
N GLU A 111 -9.30 60.46 -5.73
CA GLU A 111 -9.84 60.71 -4.40
C GLU A 111 -11.36 60.51 -4.40
N GLY A 112 -11.81 59.42 -5.04
CA GLY A 112 -13.22 59.09 -5.10
C GLY A 112 -13.91 59.62 -6.36
N THR A 113 -13.13 60.28 -7.24
CA THR A 113 -13.61 60.74 -8.53
C THR A 113 -14.00 59.53 -9.39
N GLN A 114 -13.13 58.52 -9.41
CA GLN A 114 -13.40 57.27 -10.08
C GLN A 114 -13.35 56.13 -9.07
N TYR A 115 -14.34 55.22 -9.19
CA TYR A 115 -14.45 54.05 -8.33
C TYR A 115 -13.39 53.02 -8.72
N THR A 116 -13.12 52.11 -7.78
CA THR A 116 -12.20 50.99 -7.96
C THR A 116 -12.93 49.72 -7.50
N VAL A 117 -12.34 48.55 -7.79
CA VAL A 117 -12.82 47.27 -7.29
C VAL A 117 -12.81 47.28 -5.76
N ASN A 118 -11.74 47.86 -5.18
CA ASN A 118 -11.55 47.96 -3.74
C ASN A 118 -12.60 48.88 -3.11
N THR A 119 -12.99 49.92 -3.85
CA THR A 119 -13.99 50.89 -3.41
C THR A 119 -15.34 50.20 -3.26
N GLN A 120 -15.65 49.29 -4.19
CA GLN A 120 -16.91 48.57 -4.23
C GLN A 120 -17.03 47.66 -3.01
N LEU A 121 -15.91 47.04 -2.63
CA LEU A 121 -15.88 46.06 -1.55
C LEU A 121 -16.26 46.69 -0.22
N VAL A 122 -15.75 47.90 0.04
CA VAL A 122 -16.02 48.58 1.31
C VAL A 122 -17.52 48.91 1.41
N ASN A 123 -18.10 49.41 0.30
CA ASN A 123 -19.52 49.72 0.22
C ASN A 123 -20.36 48.48 0.55
N ALA A 124 -19.99 47.36 -0.07
CA ALA A 124 -20.67 46.08 0.08
C ALA A 124 -20.61 45.62 1.54
N THR A 125 -19.41 45.65 2.13
CA THR A 125 -19.17 45.19 3.49
C THR A 125 -19.96 46.06 4.47
N LEU A 126 -19.84 47.38 4.31
CA LEU A 126 -20.48 48.33 5.22
C LEU A 126 -22.00 48.18 5.21
N MET A 127 -22.59 47.96 4.02
CA MET A 127 -24.02 47.88 3.86
C MET A 127 -24.59 46.65 4.57
N ASN A 128 -23.81 45.55 4.56
CA ASN A 128 -24.19 44.29 5.19
C ASN A 128 -24.21 44.45 6.71
N ILE A 129 -23.24 45.21 7.24
CA ILE A 129 -23.08 45.41 8.67
C ILE A 129 -24.19 46.34 9.18
N ALA A 130 -24.57 47.33 8.36
CA ALA A 130 -25.57 48.33 8.74
C ALA A 130 -26.97 47.72 8.82
N ASP A 131 -27.24 46.73 7.98
CA ASP A 131 -28.54 46.07 7.92
C ASP A 131 -28.66 45.03 9.03
N ASN A 132 -27.62 44.20 9.19
CA ASN A 132 -27.60 43.15 10.19
C ASN A 132 -26.40 43.36 11.11
N PRO A 133 -26.45 44.32 12.06
CA PRO A 133 -25.33 44.62 12.95
C PRO A 133 -25.10 43.53 14.00
N THR A 134 -26.19 42.85 14.37
CA THR A 134 -26.21 41.89 15.48
C THR A 134 -25.46 40.62 15.10
N ASP A 135 -25.47 40.27 13.81
CA ASP A 135 -24.85 39.04 13.33
C ASP A 135 -23.92 39.36 12.17
N VAL A 136 -22.64 39.00 12.33
CA VAL A 136 -21.62 39.22 11.32
C VAL A 136 -20.85 37.93 11.12
N GLN A 137 -20.62 37.57 9.85
CA GLN A 137 -20.11 36.24 9.55
C GLN A 137 -18.79 36.29 8.78
N LEU A 138 -17.86 35.43 9.22
CA LEU A 138 -16.60 35.18 8.55
C LEU A 138 -16.78 34.05 7.54
N PRO A 139 -15.76 33.76 6.69
CA PRO A 139 -15.80 32.61 5.77
C PRO A 139 -16.05 31.24 6.41
N GLY A 140 -15.36 30.97 7.53
CA GLY A 140 -15.50 29.71 8.26
C GLY A 140 -15.88 29.93 9.72
N SER A 141 -16.13 28.81 10.41
CA SER A 141 -16.48 28.76 11.83
C SER A 141 -17.64 29.70 12.15
N TYR A 142 -18.74 29.53 11.41
CA TYR A 142 -19.96 30.29 11.62
C TYR A 142 -20.50 30.02 13.02
N ASP A 143 -20.74 31.11 13.76
CA ASP A 143 -21.28 31.02 15.12
C ASP A 143 -22.73 31.49 15.11
N SER A 144 -23.58 30.72 15.80
CA SER A 144 -25.00 30.99 15.90
C SER A 144 -25.25 32.15 16.87
N ASN A 145 -24.36 32.31 17.85
CA ASN A 145 -24.50 33.26 18.94
C ASN A 145 -24.36 34.69 18.45
N PRO A 146 -25.28 35.61 18.85
CA PRO A 146 -25.23 37.02 18.45
C PRO A 146 -24.11 37.84 19.09
N ILE A 147 -23.71 38.91 18.40
CA ILE A 147 -22.67 39.82 18.87
C ILE A 147 -23.32 41.17 19.21
N ARG A 148 -22.74 41.86 20.20
CA ARG A 148 -23.16 43.19 20.60
C ARG A 148 -22.89 44.15 19.45
N ARG A 149 -23.88 45.02 19.16
CA ARG A 149 -23.76 45.98 18.08
C ARG A 149 -22.67 47.00 18.43
N VAL A 150 -21.94 47.44 17.41
CA VAL A 150 -20.81 48.35 17.60
C VAL A 150 -20.99 49.56 16.69
N PRO A 151 -20.95 50.80 17.24
CA PRO A 151 -20.97 52.02 16.42
C PRO A 151 -19.72 52.22 15.56
N ILE A 152 -19.90 52.84 14.39
CA ILE A 152 -18.82 53.10 13.45
C ILE A 152 -18.75 54.59 13.12
N ILE A 153 -17.53 55.15 13.17
CA ILE A 153 -17.26 56.53 12.77
C ILE A 153 -16.39 56.49 11.50
N VAL A 154 -16.65 57.42 10.57
CA VAL A 154 -15.87 57.55 9.34
C VAL A 154 -15.58 59.02 9.07
N THR A 155 -14.33 59.33 8.68
CA THR A 155 -13.92 60.69 8.37
C THR A 155 -13.32 60.75 6.97
N GLY A 156 -13.59 61.86 6.28
CA GLY A 156 -13.10 62.09 4.92
C GLY A 156 -13.23 63.55 4.51
N ASN A 157 -12.86 63.83 3.25
CA ASN A 157 -13.03 65.15 2.67
C ASN A 157 -14.46 65.29 2.17
N ASP A 158 -14.96 64.22 1.55
CA ASP A 158 -16.31 64.13 1.00
C ASP A 158 -16.69 62.67 0.87
N PHE A 159 -17.99 62.42 0.67
CA PHE A 159 -18.51 61.06 0.52
C PHE A 159 -18.95 60.80 -0.92
N SER A 160 -18.66 59.58 -1.39
CA SER A 160 -18.98 59.14 -2.74
C SER A 160 -20.48 58.92 -2.89
N THR A 161 -20.92 58.84 -4.15
CA THR A 161 -22.33 58.76 -4.53
C THR A 161 -22.89 57.38 -4.19
N LEU A 162 -22.00 56.39 -4.08
CA LEU A 162 -22.33 55.01 -3.80
C LEU A 162 -22.99 54.87 -2.42
N TYR A 163 -22.72 55.85 -1.55
CA TYR A 163 -23.16 55.84 -0.16
C TYR A 163 -24.54 56.48 -0.02
N ALA A 164 -25.04 57.10 -1.10
CA ALA A 164 -26.30 57.83 -1.11
C ALA A 164 -27.47 56.96 -0.64
N PRO A 165 -27.59 55.67 -1.05
CA PRO A 165 -28.61 54.78 -0.48
C PRO A 165 -28.70 54.79 1.04
N LEU A 166 -27.55 54.60 1.71
CA LEU A 166 -27.44 54.50 3.16
C LEU A 166 -27.95 55.77 3.83
N ILE A 167 -27.64 56.93 3.24
CA ILE A 167 -27.95 58.24 3.81
C ILE A 167 -29.45 58.50 3.68
N ARG A 168 -30.02 58.13 2.51
CA ARG A 168 -31.45 58.28 2.27
C ARG A 168 -32.23 57.34 3.18
N ASP A 169 -31.69 56.13 3.39
CA ASP A 169 -32.26 55.14 4.30
C ASP A 169 -32.20 55.66 5.74
N GLY A 170 -31.28 56.60 5.99
CA GLY A 170 -31.08 57.19 7.30
C GLY A 170 -30.23 56.29 8.20
N ARG A 171 -29.55 55.32 7.59
CA ARG A 171 -28.67 54.38 8.27
C ARG A 171 -27.33 55.03 8.53
N MET A 172 -26.99 56.05 7.72
CA MET A 172 -25.78 56.81 7.89
C MET A 172 -26.14 58.27 8.18
N GLU A 173 -25.39 58.87 9.11
CA GLU A 173 -25.52 60.28 9.43
C GLU A 173 -24.25 61.00 9.00
N LYS A 174 -24.43 62.12 8.29
CA LYS A 174 -23.32 62.93 7.81
C LYS A 174 -23.26 64.21 8.63
N PHE A 175 -22.07 64.47 9.20
CA PHE A 175 -21.80 65.68 9.96
C PHE A 175 -20.73 66.49 9.23
N TYR A 176 -21.06 67.75 8.93
CA TYR A 176 -20.11 68.68 8.36
C TYR A 176 -19.58 69.57 9.48
N TRP A 177 -18.28 69.43 9.76
CA TRP A 177 -17.62 70.19 10.80
C TRP A 177 -16.75 71.27 10.19
N GLU A 178 -17.09 72.52 10.49
CA GLU A 178 -16.32 73.69 10.09
C GLU A 178 -15.99 74.51 11.33
N PRO A 179 -14.72 74.93 11.50
CA PRO A 179 -14.32 75.78 12.62
C PRO A 179 -14.87 77.21 12.53
N ASN A 180 -15.04 77.82 13.71
CA ASN A 180 -15.51 79.19 13.86
C ASN A 180 -14.45 79.99 14.61
N ARG A 181 -14.75 81.26 14.89
CA ARG A 181 -13.86 82.14 15.63
C ARG A 181 -13.64 81.60 17.04
N ASP A 182 -14.74 81.20 17.70
CA ASP A 182 -14.71 80.68 19.07
C ASP A 182 -13.90 79.39 19.14
N ASP A 183 -14.08 78.52 18.12
CA ASP A 183 -13.39 77.25 18.01
C ASP A 183 -11.89 77.48 17.83
N LYS A 184 -11.55 78.46 16.97
CA LYS A 184 -10.17 78.79 16.65
C LYS A 184 -9.44 79.22 17.93
N VAL A 185 -10.07 80.09 18.71
CA VAL A 185 -9.50 80.64 19.94
C VAL A 185 -9.17 79.51 20.92
N GLY A 186 -10.10 78.55 21.04
CA GLY A 186 -9.93 77.39 21.89
C GLY A 186 -8.71 76.55 21.50
N ILE A 187 -8.67 76.17 20.21
CA ILE A 187 -7.65 75.27 19.69
C ILE A 187 -6.30 75.99 19.69
N VAL A 188 -6.25 77.22 19.16
CA VAL A 188 -5.03 78.01 19.13
C VAL A 188 -4.54 78.25 20.56
N GLY A 189 -5.49 78.56 21.46
CA GLY A 189 -5.21 78.83 22.87
C GLY A 189 -4.57 77.64 23.59
N GLY A 190 -5.00 76.43 23.21
CA GLY A 190 -4.53 75.19 23.81
C GLY A 190 -3.11 74.84 23.39
N ILE A 191 -2.79 75.11 22.13
CA ILE A 191 -1.49 74.83 21.53
C ILE A 191 -0.42 75.69 22.21
N PHE A 192 -0.75 76.96 22.46
CA PHE A 192 0.19 77.95 22.95
C PHE A 192 0.00 78.22 24.44
N ALA A 193 -0.78 77.36 25.12
CA ALA A 193 -1.07 77.48 26.55
C ALA A 193 0.21 77.37 27.38
N GLU A 194 1.10 76.46 26.95
CA GLU A 194 2.35 76.15 27.63
C GLU A 194 3.35 77.30 27.48
N ASP A 195 3.29 77.98 26.33
CA ASP A 195 4.18 79.09 26.02
C ASP A 195 3.82 80.31 26.87
N GLY A 196 2.52 80.56 27.02
CA GLY A 196 2.01 81.64 27.84
C GLY A 196 1.74 82.89 27.02
N LEU A 197 0.54 82.95 26.43
CA LEU A 197 0.10 84.09 25.64
C LEU A 197 -1.20 84.65 26.21
N SER A 198 -1.32 85.98 26.19
CA SER A 198 -2.51 86.68 26.64
C SER A 198 -3.67 86.41 25.67
N GLN A 199 -4.89 86.66 26.16
CA GLN A 199 -6.12 86.43 25.41
C GLN A 199 -6.14 87.33 24.18
N ARG A 200 -5.68 88.58 24.33
CA ARG A 200 -5.64 89.58 23.28
C ARG A 200 -4.69 89.14 22.17
N GLU A 201 -3.58 88.49 22.55
CA GLU A 201 -2.56 88.01 21.63
C GLU A 201 -3.13 86.90 20.75
N ILE A 202 -3.85 85.95 21.38
CA ILE A 202 -4.41 84.78 20.70
C ILE A 202 -5.44 85.24 19.67
N GLU A 203 -6.21 86.28 20.01
CA GLU A 203 -7.23 86.84 19.14
C GLU A 203 -6.60 87.44 17.88
N GLN A 204 -5.42 88.05 18.04
CA GLN A 204 -4.71 88.72 16.96
C GLN A 204 -4.23 87.72 15.90
N LEU A 205 -3.77 86.54 16.35
CA LEU A 205 -3.24 85.51 15.49
C LEU A 205 -4.31 84.99 14.54
N VAL A 206 -5.51 84.72 15.09
CA VAL A 206 -6.64 84.22 14.33
C VAL A 206 -7.11 85.30 13.35
N ASP A 207 -7.04 86.57 13.79
CA ASP A 207 -7.47 87.71 13.00
C ASP A 207 -6.52 87.97 11.83
N THR A 208 -5.22 87.68 12.03
CA THR A 208 -4.20 87.85 11.01
C THR A 208 -4.51 86.93 9.82
N PHE A 209 -4.91 85.70 10.12
CA PHE A 209 -5.23 84.70 9.10
C PHE A 209 -6.66 84.21 9.32
N PRO A 210 -7.70 84.99 8.93
CA PRO A 210 -9.09 84.63 9.20
C PRO A 210 -9.52 83.33 8.53
N LYS A 211 -9.04 83.12 7.30
CA LYS A 211 -9.39 81.95 6.50
C LYS A 211 -8.18 81.02 6.39
N GLN A 212 -7.95 80.24 7.46
CA GLN A 212 -6.82 79.33 7.51
C GLN A 212 -7.25 77.99 8.12
N SER A 213 -6.52 76.94 7.76
CA SER A 213 -6.71 75.60 8.31
C SER A 213 -6.13 75.54 9.73
N ILE A 214 -6.64 74.59 10.52
CA ILE A 214 -6.23 74.40 11.91
C ILE A 214 -4.78 73.95 11.96
N ASP A 215 -4.34 73.24 10.90
CA ASP A 215 -3.03 72.61 10.83
C ASP A 215 -1.92 73.65 10.74
N PHE A 216 -2.22 74.78 10.07
CA PHE A 216 -1.25 75.84 9.81
C PHE A 216 -0.70 76.43 11.11
N PHE A 217 -1.61 76.71 12.06
CA PHE A 217 -1.29 77.39 13.31
C PHE A 217 -0.40 76.52 14.19
N SER A 218 -0.62 75.20 14.12
CA SER A 218 0.14 74.20 14.85
C SER A 218 1.56 74.10 14.28
N ALA A 219 1.66 74.28 12.95
CA ALA A 219 2.90 74.13 12.21
C ALA A 219 3.85 75.30 12.45
N LEU A 220 3.33 76.40 13.01
CA LEU A 220 4.08 77.63 13.20
C LEU A 220 5.12 77.46 14.32
N ARG A 221 4.80 76.61 15.30
CA ARG A 221 5.62 76.38 16.48
C ARG A 221 6.97 75.76 16.10
N SER A 222 6.97 75.02 14.99
CA SER A 222 8.12 74.22 14.56
C SER A 222 9.29 75.10 14.14
N ARG A 223 8.97 76.24 13.50
CA ARG A 223 9.97 77.14 12.94
C ARG A 223 10.33 78.20 13.98
N ILE A 224 10.81 77.76 15.15
CA ILE A 224 11.28 78.67 16.18
C ILE A 224 12.78 78.51 16.41
N TYR A 225 13.33 77.36 15.99
CA TYR A 225 14.72 77.03 16.23
C TYR A 225 15.57 77.38 15.00
N ASP A 226 14.92 77.89 13.96
CA ASP A 226 15.53 78.15 12.66
C ASP A 226 16.63 79.21 12.76
N ILE A 227 16.36 80.27 13.52
CA ILE A 227 17.31 81.37 13.71
C ILE A 227 18.56 80.86 14.43
N GLN A 228 18.36 80.01 15.43
CA GLN A 228 19.42 79.46 16.26
C GLN A 228 20.31 78.54 15.43
N ILE A 229 19.69 77.69 14.60
CA ILE A 229 20.39 76.74 13.76
C ILE A 229 21.24 77.51 12.74
N ARG A 230 20.63 78.51 12.10
CA ARG A 230 21.28 79.29 11.06
C ARG A 230 22.51 80.02 11.63
N ASP A 231 22.37 80.58 12.84
CA ASP A 231 23.43 81.29 13.53
C ASP A 231 24.52 80.31 13.98
N PHE A 232 24.09 79.10 14.38
CA PHE A 232 24.99 78.05 14.86
C PHE A 232 25.91 77.58 13.74
N ILE A 233 25.35 77.41 12.53
CA ILE A 233 26.07 76.96 11.36
C ILE A 233 27.28 77.87 11.11
N HIS A 234 27.10 79.19 11.32
CA HIS A 234 28.09 80.21 11.03
C HIS A 234 29.33 80.07 11.92
N LYS A 235 29.11 79.80 13.22
CA LYS A 235 30.18 79.66 14.20
C LYS A 235 31.02 78.44 13.87
N VAL A 236 30.34 77.31 13.60
CA VAL A 236 30.96 76.06 13.22
C VAL A 236 31.64 76.24 11.86
N GLY A 237 30.90 76.79 10.89
CA GLY A 237 31.38 77.01 9.54
C GLY A 237 30.91 75.92 8.59
N PHE A 238 30.67 76.29 7.32
CA PHE A 238 30.05 75.44 6.32
C PHE A 238 30.94 74.25 5.95
N GLU A 239 32.26 74.42 6.14
CA GLU A 239 33.26 73.43 5.75
C GLU A 239 33.05 72.12 6.52
N ARG A 240 32.65 72.21 7.80
CA ARG A 240 32.59 71.05 8.68
C ARG A 240 31.37 71.15 9.61
N ILE A 241 30.18 71.33 9.03
CA ILE A 241 28.94 71.29 9.79
C ILE A 241 28.52 69.84 10.01
N SER A 242 28.72 69.04 8.95
CA SER A 242 28.28 67.66 8.86
C SER A 242 28.97 66.80 9.90
N LEU A 243 30.31 66.82 9.85
CA LEU A 243 31.16 65.82 10.48
C LEU A 243 30.95 65.81 12.00
N ARG A 244 30.82 67.00 12.59
CA ARG A 244 30.72 67.19 14.03
C ARG A 244 29.39 66.63 14.54
N VAL A 245 28.33 66.83 13.76
CA VAL A 245 26.97 66.53 14.16
C VAL A 245 26.65 65.08 13.83
N VAL A 246 27.02 64.65 12.62
CA VAL A 246 26.58 63.37 12.05
C VAL A 246 27.17 62.21 12.84
N ASN A 247 28.50 62.15 12.90
CA ASN A 247 29.19 61.03 13.50
C ASN A 247 30.45 61.51 14.22
N SER A 248 30.23 62.22 15.34
CA SER A 248 31.31 62.62 16.22
C SER A 248 30.85 62.58 17.68
N LEU A 249 31.75 62.10 18.55
CA LEU A 249 31.52 62.06 19.97
C LEU A 249 31.93 63.40 20.59
N GLU A 250 30.91 64.22 20.86
CA GLU A 250 31.04 65.53 21.47
C GLU A 250 29.74 65.81 22.23
N ALA A 251 29.72 66.91 22.99
CA ALA A 251 28.52 67.41 23.62
C ALA A 251 27.46 67.69 22.56
N PRO A 252 26.20 67.21 22.75
CA PRO A 252 25.11 67.49 21.80
C PRO A 252 24.79 68.97 21.79
N PRO A 253 24.34 69.54 20.63
CA PRO A 253 24.03 70.97 20.55
C PRO A 253 22.89 71.38 21.49
N GLU A 254 23.11 72.50 22.18
CA GLU A 254 22.20 73.00 23.20
C GLU A 254 21.57 74.30 22.75
N PHE A 255 20.24 74.39 22.91
CA PHE A 255 19.48 75.55 22.50
C PHE A 255 18.66 76.07 23.68
N LYS A 256 18.82 77.37 23.95
CA LYS A 256 18.03 78.08 24.95
C LYS A 256 16.58 78.16 24.46
N LYS A 257 15.65 78.10 25.41
CA LYS A 257 14.22 78.15 25.15
C LYS A 257 13.89 79.40 24.34
N PRO A 258 13.27 79.25 23.14
CA PRO A 258 12.94 80.39 22.28
C PRO A 258 11.97 81.34 22.99
N ASP A 259 12.26 82.64 22.87
CA ASP A 259 11.36 83.68 23.38
C ASP A 259 10.06 83.63 22.57
N PHE A 260 8.93 83.80 23.27
CA PHE A 260 7.64 83.76 22.62
C PHE A 260 7.03 85.16 22.59
N SER A 261 6.91 85.71 21.38
CA SER A 261 6.26 86.99 21.15
C SER A 261 5.36 86.89 19.92
N LEU A 262 4.42 87.84 19.82
CA LEU A 262 3.43 87.89 18.76
C LEU A 262 4.10 88.28 17.43
N ALA A 263 5.12 89.15 17.51
CA ALA A 263 5.84 89.66 16.36
C ALA A 263 6.51 88.53 15.58
N HIS A 264 7.14 87.60 16.32
CA HIS A 264 7.84 86.46 15.74
C HIS A 264 6.86 85.56 14.96
N LEU A 265 5.65 85.42 15.50
CA LEU A 265 4.64 84.51 14.96
C LEU A 265 4.06 85.08 13.66
N ILE A 266 3.92 86.41 13.60
CA ILE A 266 3.40 87.11 12.43
C ILE A 266 4.39 86.97 11.27
N GLU A 267 5.68 87.13 11.58
CA GLU A 267 6.76 87.05 10.59
C GLU A 267 6.81 85.64 9.98
N SER A 268 6.72 84.62 10.86
CA SER A 268 6.72 83.22 10.48
C SER A 268 5.48 82.89 9.66
N GLY A 269 4.34 83.44 10.06
CA GLY A 269 3.05 83.24 9.40
C GLY A 269 3.09 83.68 7.94
N ASN A 270 3.72 84.84 7.70
CA ASN A 270 3.80 85.47 6.39
C ASN A 270 4.59 84.59 5.42
N LEU A 271 5.67 83.97 5.92
CA LEU A 271 6.57 83.15 5.11
C LEU A 271 5.85 81.90 4.62
N VAL A 272 5.03 81.29 5.49
CA VAL A 272 4.31 80.07 5.15
C VAL A 272 3.18 80.40 4.17
N LEU A 273 2.56 81.58 4.36
CA LEU A 273 1.53 82.07 3.46
C LEU A 273 2.08 82.22 2.05
N GLY A 274 3.25 82.86 1.95
CA GLY A 274 3.92 83.14 0.69
C GLY A 274 4.23 81.87 -0.09
N GLU A 275 4.75 80.86 0.63
CA GLU A 275 5.17 79.59 0.04
C GLU A 275 3.95 78.82 -0.49
N GLN A 276 2.87 78.78 0.31
CA GLN A 276 1.65 78.07 -0.05
C GLN A 276 1.00 78.74 -1.27
N GLN A 277 1.13 80.07 -1.35
CA GLN A 277 0.56 80.89 -2.42
C GLN A 277 1.24 80.55 -3.75
N ARG A 278 2.57 80.39 -3.72
CA ARG A 278 3.38 80.19 -4.92
C ARG A 278 3.21 78.76 -5.46
N VAL A 279 3.01 77.80 -4.55
CA VAL A 279 2.89 76.39 -4.87
C VAL A 279 1.53 76.12 -5.54
N ASP A 280 0.51 76.89 -5.16
CA ASP A 280 -0.83 76.73 -5.70
C ASP A 280 -1.25 78.02 -6.43
N SER B 1 35.24 78.52 -7.90
CA SER B 1 35.19 79.92 -8.44
C SER B 1 33.74 80.37 -8.63
N TYR B 2 32.84 79.39 -8.76
CA TYR B 2 31.43 79.61 -9.00
C TYR B 2 30.77 80.12 -7.71
N TYR B 3 29.89 81.11 -7.89
CA TYR B 3 29.18 81.76 -6.80
C TYR B 3 27.92 80.96 -6.48
N ILE B 4 27.71 80.70 -5.18
CA ILE B 4 26.46 80.15 -4.67
C ILE B 4 25.77 81.24 -3.87
N ALA B 5 24.45 81.38 -4.11
CA ALA B 5 23.63 82.37 -3.44
C ALA B 5 23.47 82.01 -1.97
N PRO B 6 23.80 82.94 -1.03
CA PRO B 6 23.66 82.69 0.41
C PRO B 6 22.28 82.24 0.86
N ARG B 7 21.23 82.79 0.22
CA ARG B 7 19.85 82.38 0.45
C ARG B 7 19.70 80.88 0.21
N PHE B 8 20.24 80.41 -0.93
CA PHE B 8 20.11 79.04 -1.38
C PHE B 8 20.93 78.12 -0.47
N LEU B 9 22.08 78.62 0.00
CA LEU B 9 23.03 77.86 0.78
C LEU B 9 22.51 77.63 2.19
N ASP B 10 21.89 78.67 2.77
CA ASP B 10 21.41 78.66 4.15
C ASP B 10 20.16 77.79 4.29
N LYS B 11 19.38 77.71 3.19
CA LYS B 11 18.15 76.94 3.17
C LYS B 11 18.46 75.44 3.19
N LEU B 12 19.52 75.05 2.47
CA LEU B 12 19.92 73.66 2.40
C LEU B 12 20.58 73.21 3.70
N ALA B 13 21.50 74.05 4.20
CA ALA B 13 22.36 73.72 5.34
C ALA B 13 21.53 73.46 6.60
N VAL B 14 20.47 74.25 6.80
CA VAL B 14 19.60 74.14 7.95
C VAL B 14 18.83 72.82 7.90
N HIS B 15 18.18 72.54 6.76
CA HIS B 15 17.34 71.37 6.58
C HIS B 15 18.13 70.08 6.82
N ILE B 16 19.38 70.04 6.32
CA ILE B 16 20.19 68.84 6.38
C ILE B 16 20.72 68.63 7.81
N THR B 17 21.10 69.73 8.47
CA THR B 17 21.62 69.68 9.83
C THR B 17 20.51 69.34 10.82
N LYS B 18 19.31 69.91 10.60
CA LYS B 18 18.17 69.78 11.49
C LYS B 18 17.69 68.33 11.57
N ASN B 19 17.86 67.58 10.47
CA ASN B 19 17.47 66.19 10.39
C ASN B 19 18.39 65.32 11.25
N PHE B 20 19.67 65.69 11.32
CA PHE B 20 20.67 64.92 12.05
C PHE B 20 20.68 65.29 13.53
N LEU B 21 20.26 66.52 13.85
CA LEU B 21 20.14 67.00 15.22
C LEU B 21 18.81 66.53 15.81
N ASN B 22 18.82 66.27 17.12
CA ASN B 22 17.63 65.84 17.84
C ASN B 22 17.24 66.92 18.85
N ILE B 23 16.09 67.55 18.60
CA ILE B 23 15.50 68.53 19.50
C ILE B 23 14.14 67.98 19.96
N PRO B 24 13.91 67.81 21.28
CA PRO B 24 12.65 67.29 21.80
C PRO B 24 11.45 68.20 21.51
N GLY B 25 10.33 67.57 21.14
CA GLY B 25 9.05 68.24 20.97
C GLY B 25 8.78 68.65 19.52
N VAL B 26 9.85 69.02 18.80
CA VAL B 26 9.75 69.59 17.46
C VAL B 26 9.61 68.45 16.45
N ARG B 27 8.62 68.60 15.56
CA ARG B 27 8.43 67.71 14.42
C ARG B 27 9.12 68.31 13.21
N VAL B 28 10.06 67.55 12.64
CA VAL B 28 10.91 68.04 11.54
C VAL B 28 10.51 67.32 10.25
N PRO B 29 10.26 68.07 9.16
CA PRO B 29 9.93 67.47 7.86
C PRO B 29 11.16 66.88 7.18
N LEU B 30 10.96 65.72 6.53
CA LEU B 30 12.07 64.93 6.02
C LEU B 30 12.51 65.45 4.65
N ILE B 31 11.54 65.81 3.80
CA ILE B 31 11.80 66.16 2.41
C ILE B 31 11.85 67.68 2.25
N LEU B 32 12.82 68.16 1.46
CA LEU B 32 12.85 69.54 1.03
C LEU B 32 12.63 69.60 -0.48
N GLY B 33 11.68 70.45 -0.89
CA GLY B 33 11.34 70.62 -2.29
C GLY B 33 11.79 71.98 -2.83
N ILE B 34 12.54 71.95 -3.94
CA ILE B 34 12.96 73.15 -4.63
C ILE B 34 12.24 73.20 -5.98
N HIS B 35 11.44 74.26 -6.17
CA HIS B 35 10.66 74.45 -7.39
C HIS B 35 10.76 75.91 -7.84
N GLY B 36 10.65 76.11 -9.16
CA GLY B 36 10.71 77.43 -9.78
C GLY B 36 10.58 77.35 -11.30
N ARG B 37 11.33 78.23 -11.99
CA ARG B 37 11.34 78.30 -13.44
C ARG B 37 12.55 77.56 -13.99
N LYS B 38 12.43 77.13 -15.25
CA LYS B 38 13.43 76.34 -15.95
C LYS B 38 14.74 77.13 -16.10
N GLY B 39 15.85 76.45 -15.78
CA GLY B 39 17.20 76.97 -15.96
C GLY B 39 17.50 78.19 -15.10
N GLU B 40 17.02 78.17 -13.85
CA GLU B 40 17.22 79.25 -12.90
C GLU B 40 18.31 78.87 -11.90
N GLY B 41 18.72 77.60 -11.94
CA GLY B 41 19.84 77.11 -11.15
C GLY B 41 19.38 76.34 -9.91
N LYS B 42 18.61 75.27 -10.14
CA LYS B 42 18.08 74.45 -9.07
C LYS B 42 18.95 73.22 -8.86
N THR B 43 19.31 72.56 -9.98
CA THR B 43 20.09 71.34 -9.94
C THR B 43 21.57 71.68 -9.79
N PHE B 44 22.00 72.71 -10.54
CA PHE B 44 23.41 73.12 -10.62
C PHE B 44 23.90 73.58 -9.24
N GLN B 45 23.07 74.35 -8.54
CA GLN B 45 23.47 75.00 -7.29
C GLN B 45 23.54 73.99 -6.16
N CYS B 46 22.70 72.94 -6.23
CA CYS B 46 22.69 71.87 -5.26
C CYS B 46 24.03 71.12 -5.29
N GLU B 47 24.56 70.90 -6.50
CA GLU B 47 25.82 70.22 -6.72
C GLU B 47 26.97 70.98 -6.06
N LEU B 48 26.93 72.32 -6.17
CA LEU B 48 27.96 73.20 -5.64
C LEU B 48 27.94 73.20 -4.12
N ALA B 49 26.73 73.12 -3.54
CA ALA B 49 26.52 73.16 -2.10
C ALA B 49 26.91 71.84 -1.45
N PHE B 50 26.87 70.75 -2.23
CA PHE B 50 27.25 69.43 -1.76
C PHE B 50 28.74 69.20 -1.92
N GLU B 51 29.42 70.13 -2.61
CA GLU B 51 30.85 70.08 -2.82
C GLU B 51 31.56 70.84 -1.69
N LYS B 52 30.98 71.98 -1.30
CA LYS B 52 31.57 72.87 -0.30
C LYS B 52 31.48 72.23 1.09
N MET B 53 30.34 71.58 1.37
CA MET B 53 30.13 70.89 2.63
C MET B 53 30.80 69.52 2.58
N GLY B 54 30.88 68.95 1.37
CA GLY B 54 31.56 67.69 1.11
C GLY B 54 30.76 66.50 1.63
N ILE B 55 29.54 66.35 1.11
CA ILE B 55 28.64 65.28 1.53
C ILE B 55 28.33 64.36 0.36
N GLU B 56 28.03 63.09 0.69
CA GLU B 56 27.75 62.05 -0.30
C GLU B 56 26.31 62.16 -0.78
N VAL B 57 26.13 61.99 -2.10
CA VAL B 57 24.83 62.13 -2.75
C VAL B 57 24.48 60.82 -3.46
N THR B 58 23.21 60.41 -3.31
CA THR B 58 22.64 59.30 -4.06
C THR B 58 21.57 59.84 -4.99
N LEU B 59 21.76 59.60 -6.29
CA LEU B 59 20.92 60.20 -7.32
C LEU B 59 19.93 59.18 -7.86
N ILE B 60 18.71 59.66 -8.13
CA ILE B 60 17.71 58.93 -8.90
C ILE B 60 17.23 59.84 -10.03
N SER B 61 17.20 59.27 -11.24
CA SER B 61 16.69 59.91 -12.44
C SER B 61 15.18 60.13 -12.34
N GLY B 62 14.68 61.08 -13.15
CA GLY B 62 13.28 61.43 -13.16
C GLY B 62 12.39 60.36 -13.81
N GLY B 63 12.77 59.96 -15.03
CA GLY B 63 11.98 59.05 -15.84
C GLY B 63 12.24 57.58 -15.52
N GLU B 64 12.78 57.32 -14.33
CA GLU B 64 13.14 55.98 -13.89
C GLU B 64 11.99 55.37 -13.08
N LEU B 65 10.92 56.15 -12.90
CA LEU B 65 9.88 55.83 -11.94
C LEU B 65 8.68 55.17 -12.61
N GLU B 66 8.94 54.46 -13.72
CA GLU B 66 7.93 53.65 -14.40
C GLU B 66 8.63 52.53 -15.17
N SER B 67 8.10 51.31 -15.03
CA SER B 67 8.70 50.12 -15.60
C SER B 67 7.61 49.18 -16.13
N PRO B 68 7.93 48.25 -17.05
CA PRO B 68 6.97 47.23 -17.48
C PRO B 68 6.86 46.06 -16.50
N ASP B 69 7.02 46.37 -15.21
CA ASP B 69 6.83 45.44 -14.10
C ASP B 69 6.15 46.17 -12.96
N ALA B 70 5.11 45.54 -12.38
CA ALA B 70 4.34 46.16 -11.33
C ALA B 70 5.07 46.04 -9.99
N GLY B 71 5.27 47.20 -9.35
CA GLY B 71 5.92 47.29 -8.04
C GLY B 71 7.38 47.74 -8.14
N ASP B 72 7.99 47.49 -9.30
CA ASP B 72 9.44 47.54 -9.50
C ASP B 72 10.03 48.92 -9.18
N PRO B 73 9.47 50.07 -9.67
CA PRO B 73 10.02 51.38 -9.33
C PRO B 73 9.88 51.79 -7.87
N ALA B 74 8.87 51.22 -7.19
CA ALA B 74 8.58 51.49 -5.79
C ALA B 74 9.60 50.79 -4.90
N ARG B 75 10.06 49.62 -5.35
CA ARG B 75 11.10 48.83 -4.70
C ARG B 75 12.46 49.53 -4.87
N LEU B 76 12.61 50.26 -5.98
CA LEU B 76 13.83 50.96 -6.34
C LEU B 76 14.16 52.03 -5.29
N ILE B 77 13.13 52.74 -4.82
CA ILE B 77 13.31 53.89 -3.94
C ILE B 77 13.74 53.41 -2.55
N ARG B 78 13.11 52.35 -2.04
CA ARG B 78 13.40 51.80 -0.73
C ARG B 78 14.84 51.27 -0.69
N LEU B 79 15.28 50.67 -1.81
CA LEU B 79 16.60 50.08 -1.92
C LEU B 79 17.67 51.17 -1.88
N ARG B 80 17.43 52.27 -2.60
CA ARG B 80 18.37 53.38 -2.70
C ARG B 80 18.44 54.14 -1.37
N TYR B 81 17.36 54.09 -0.59
CA TYR B 81 17.30 54.76 0.70
C TYR B 81 18.16 54.01 1.71
N ARG B 82 18.10 52.67 1.66
CA ARG B 82 18.77 51.80 2.61
C ARG B 82 20.28 51.77 2.32
N GLU B 83 20.64 51.92 1.03
CA GLU B 83 22.02 51.98 0.59
C GLU B 83 22.70 53.24 1.12
N THR B 84 21.93 54.34 1.15
CA THR B 84 22.40 55.63 1.65
C THR B 84 22.44 55.61 3.18
N ALA B 85 21.57 54.78 3.78
CA ALA B 85 21.45 54.66 5.23
C ALA B 85 22.68 53.96 5.80
N GLU B 86 23.21 53.00 5.04
CA GLU B 86 24.35 52.20 5.44
C GLU B 86 25.64 53.02 5.36
N LEU B 87 25.67 53.95 4.38
CA LEU B 87 26.84 54.77 4.09
C LEU B 87 27.21 55.66 5.27
N ILE B 88 26.20 56.07 6.06
CA ILE B 88 26.39 56.96 7.19
C ILE B 88 27.10 56.20 8.31
N LYS B 89 26.78 54.90 8.44
CA LYS B 89 27.27 54.04 9.50
C LYS B 89 28.69 53.58 9.20
N VAL B 90 29.12 53.70 7.94
CA VAL B 90 30.40 53.19 7.49
C VAL B 90 31.40 54.34 7.34
N ARG B 91 31.03 55.34 6.52
CA ARG B 91 31.91 56.43 6.13
C ARG B 91 32.09 57.43 7.28
N GLY B 92 31.00 57.69 8.01
CA GLY B 92 31.00 58.54 9.17
C GLY B 92 30.82 60.02 8.83
N LYS B 93 29.96 60.30 7.84
CA LYS B 93 29.64 61.64 7.39
C LYS B 93 28.22 61.69 6.82
N MET B 94 27.71 62.90 6.58
CA MET B 94 26.36 63.15 6.10
C MET B 94 26.18 62.54 4.71
N CYS B 95 24.98 62.01 4.46
CA CYS B 95 24.59 61.47 3.17
C CYS B 95 23.15 61.85 2.87
N VAL B 96 22.86 62.10 1.58
CA VAL B 96 21.59 62.65 1.15
C VAL B 96 21.14 61.91 -0.11
N LEU B 97 19.83 61.67 -0.21
CA LEU B 97 19.21 61.13 -1.40
C LEU B 97 18.50 62.25 -2.16
N MET B 98 18.91 62.47 -3.42
CA MET B 98 18.26 63.47 -4.27
C MET B 98 17.58 62.81 -5.46
N ILE B 99 16.26 63.03 -5.55
CA ILE B 99 15.49 62.69 -6.75
C ILE B 99 15.26 63.98 -7.53
N ASN B 100 15.80 63.99 -8.75
CA ASN B 100 15.71 65.13 -9.65
C ASN B 100 14.59 64.88 -10.65
N ASP B 101 13.82 65.95 -10.94
CA ASP B 101 12.74 65.98 -11.92
C ASP B 101 11.66 64.98 -11.52
N LEU B 102 11.02 65.25 -10.37
CA LEU B 102 9.99 64.38 -9.81
C LEU B 102 8.62 64.78 -10.35
N ASP B 103 8.58 65.88 -11.11
CA ASP B 103 7.37 66.41 -11.71
C ASP B 103 6.93 65.52 -12.87
N ALA B 104 7.92 64.96 -13.59
CA ALA B 104 7.68 64.19 -14.81
C ALA B 104 7.64 62.69 -14.51
N GLY B 105 7.75 62.35 -13.21
CA GLY B 105 7.77 60.96 -12.77
C GLY B 105 6.45 60.57 -12.10
N ALA B 106 5.98 61.45 -11.22
CA ALA B 106 4.79 61.18 -10.42
C ALA B 106 3.70 62.19 -10.76
N GLY B 107 4.11 63.40 -11.14
CA GLY B 107 3.21 64.52 -11.36
C GLY B 107 2.16 64.23 -12.43
N ARG B 108 0.90 64.56 -12.10
CA ARG B 108 -0.20 64.38 -13.02
C ARG B 108 -0.26 65.59 -13.94
N PHE B 109 0.08 65.37 -15.22
CA PHE B 109 0.10 66.43 -16.22
C PHE B 109 -1.27 67.11 -16.30
N ASP B 110 -2.30 66.32 -16.61
CA ASP B 110 -3.68 66.79 -16.72
C ASP B 110 -4.65 65.64 -16.47
N GLU B 111 -5.94 65.97 -16.45
CA GLU B 111 -7.02 65.03 -16.20
C GLU B 111 -7.04 63.95 -17.29
N GLY B 112 -6.80 64.37 -18.54
CA GLY B 112 -6.82 63.53 -19.73
C GLY B 112 -5.88 62.34 -19.62
N THR B 113 -4.63 62.61 -19.21
CA THR B 113 -3.57 61.62 -19.07
C THR B 113 -4.03 60.47 -18.16
N GLN B 114 -3.80 59.25 -18.65
CA GLN B 114 -4.09 58.01 -17.94
C GLN B 114 -2.78 57.47 -17.37
N TYR B 115 -2.83 56.98 -16.11
CA TYR B 115 -1.68 56.44 -15.40
C TYR B 115 -1.91 54.97 -15.03
N THR B 116 -0.82 54.29 -14.67
CA THR B 116 -0.84 52.88 -14.28
C THR B 116 -0.85 52.76 -12.76
N VAL B 117 -0.51 51.55 -12.27
CA VAL B 117 -0.47 51.27 -10.83
C VAL B 117 0.88 51.68 -10.24
N ASN B 118 1.89 51.84 -11.11
CA ASN B 118 3.23 52.17 -10.66
C ASN B 118 3.28 53.58 -10.08
N THR B 119 2.56 54.50 -10.72
CA THR B 119 2.54 55.90 -10.30
C THR B 119 1.82 56.03 -8.97
N GLN B 120 0.87 55.12 -8.71
CA GLN B 120 0.15 55.04 -7.45
C GLN B 120 1.11 54.64 -6.33
N LEU B 121 1.97 53.66 -6.61
CA LEU B 121 2.86 53.04 -5.64
C LEU B 121 3.96 53.99 -5.21
N VAL B 122 4.44 54.83 -6.14
CA VAL B 122 5.57 55.71 -5.88
C VAL B 122 5.14 56.81 -4.91
N ASN B 123 3.89 57.27 -5.05
CA ASN B 123 3.30 58.24 -4.13
C ASN B 123 3.11 57.59 -2.75
N ALA B 124 2.72 56.31 -2.77
CA ALA B 124 2.40 55.55 -1.57
C ALA B 124 3.65 55.25 -0.75
N THR B 125 4.78 55.06 -1.43
CA THR B 125 6.06 54.72 -0.82
C THR B 125 6.63 55.96 -0.12
N LEU B 126 6.58 57.10 -0.82
CA LEU B 126 7.19 58.34 -0.35
C LEU B 126 6.44 58.88 0.86
N MET B 127 5.16 58.54 1.00
CA MET B 127 4.37 58.96 2.15
C MET B 127 4.78 58.17 3.39
N ASN B 128 5.21 56.91 3.17
CA ASN B 128 5.58 55.99 4.25
C ASN B 128 6.95 56.37 4.81
N ILE B 129 7.91 56.68 3.94
CA ILE B 129 9.26 57.01 4.35
C ILE B 129 9.25 58.35 5.07
N ALA B 130 8.32 59.23 4.69
CA ALA B 130 8.19 60.56 5.28
C ALA B 130 7.53 60.48 6.66
N ASP B 131 6.88 59.35 6.95
CA ASP B 131 6.18 59.14 8.22
C ASP B 131 7.05 58.33 9.17
N ASN B 132 7.70 57.28 8.65
CA ASN B 132 8.56 56.42 9.44
C ASN B 132 9.94 56.29 8.78
N PRO B 133 10.79 57.34 8.84
CA PRO B 133 12.11 57.32 8.20
C PRO B 133 13.05 56.31 8.83
N THR B 134 12.87 56.10 10.15
CA THR B 134 13.74 55.24 10.94
C THR B 134 13.37 53.77 10.72
N ASP B 135 12.12 53.53 10.30
CA ASP B 135 11.57 52.19 10.16
C ASP B 135 11.24 51.93 8.69
N VAL B 136 12.28 51.64 7.90
CA VAL B 136 12.13 51.35 6.49
C VAL B 136 12.53 49.89 6.25
N GLN B 137 11.64 49.13 5.61
CA GLN B 137 11.88 47.73 5.30
C GLN B 137 11.36 47.41 3.91
N LEU B 138 11.97 46.40 3.29
CA LEU B 138 11.62 45.93 1.96
C LEU B 138 10.34 45.09 2.04
N PRO B 139 9.50 45.08 0.98
CA PRO B 139 8.26 44.29 0.97
C PRO B 139 8.53 42.79 0.98
N GLY B 140 8.32 42.17 2.16
CA GLY B 140 8.52 40.74 2.35
C GLY B 140 9.94 40.43 2.84
N SER B 141 10.17 40.71 4.13
CA SER B 141 11.45 40.46 4.79
C SER B 141 11.22 40.10 6.26
N TYR B 142 12.27 39.55 6.89
CA TYR B 142 12.22 39.06 8.25
C TYR B 142 13.32 39.71 9.09
N ASP B 143 13.67 40.95 8.72
CA ASP B 143 14.75 41.69 9.34
C ASP B 143 14.18 42.62 10.42
N SER B 144 13.43 43.63 9.98
CA SER B 144 12.83 44.67 10.80
C SER B 144 13.82 45.19 11.83
N ASN B 145 14.86 45.87 11.33
CA ASN B 145 15.90 46.46 12.16
C ASN B 145 15.91 47.98 11.95
N PRO B 146 15.81 48.78 13.05
CA PRO B 146 15.89 50.24 12.96
C PRO B 146 17.12 50.75 12.24
N ILE B 147 16.90 51.61 11.24
CA ILE B 147 17.97 52.15 10.40
C ILE B 147 18.03 53.67 10.56
N ARG B 148 19.13 54.24 10.05
CA ARG B 148 19.46 55.65 10.19
C ARG B 148 18.53 56.51 9.33
N ARG B 149 18.25 57.74 9.80
CA ARG B 149 17.43 58.71 9.09
C ARG B 149 18.26 59.38 8.00
N VAL B 150 17.66 59.47 6.80
CA VAL B 150 18.30 60.08 5.64
C VAL B 150 17.38 61.17 5.09
N PRO B 151 17.79 62.46 5.09
CA PRO B 151 17.03 63.53 4.44
C PRO B 151 17.00 63.42 2.92
N ILE B 152 15.90 63.90 2.32
CA ILE B 152 15.66 63.80 0.89
C ILE B 152 15.57 65.19 0.27
N ILE B 153 16.25 65.39 -0.87
CA ILE B 153 16.18 66.60 -1.67
C ILE B 153 15.38 66.30 -2.94
N VAL B 154 14.41 67.17 -3.27
CA VAL B 154 13.54 66.96 -4.42
C VAL B 154 13.46 68.25 -5.24
N THR B 155 13.67 68.11 -6.55
CA THR B 155 13.63 69.21 -7.50
C THR B 155 12.59 68.93 -8.58
N GLY B 156 11.85 69.99 -8.95
CA GLY B 156 10.83 69.91 -9.98
C GLY B 156 10.50 71.27 -10.57
N ASN B 157 9.58 71.27 -11.56
CA ASN B 157 9.22 72.47 -12.29
C ASN B 157 7.91 73.04 -11.75
N ASP B 158 6.91 72.17 -11.54
CA ASP B 158 5.59 72.57 -11.08
C ASP B 158 5.04 71.56 -10.08
N PHE B 159 4.87 72.01 -8.82
CA PHE B 159 4.37 71.19 -7.74
C PHE B 159 2.84 71.24 -7.67
N SER B 160 2.24 72.11 -8.50
CA SER B 160 0.80 72.19 -8.65
C SER B 160 0.27 70.88 -9.25
N THR B 161 1.13 70.24 -10.05
CA THR B 161 0.85 68.94 -10.63
C THR B 161 1.67 67.89 -9.88
N LEU B 162 1.27 67.62 -8.64
CA LEU B 162 1.93 66.67 -7.76
C LEU B 162 0.96 66.28 -6.64
N TYR B 163 0.97 65.00 -6.28
CA TYR B 163 0.04 64.41 -5.33
C TYR B 163 -0.03 65.28 -4.06
N ALA B 164 -1.27 65.58 -3.64
CA ALA B 164 -1.58 66.62 -2.69
C ALA B 164 -1.09 66.30 -1.27
N PRO B 165 -1.33 65.09 -0.72
CA PRO B 165 -0.80 64.73 0.60
C PRO B 165 0.71 64.74 0.82
N LEU B 166 1.49 64.71 -0.27
CA LEU B 166 2.95 64.74 -0.20
C LEU B 166 3.43 66.13 0.17
N ILE B 167 2.70 67.15 -0.30
CA ILE B 167 3.06 68.55 -0.10
C ILE B 167 2.27 69.05 1.11
N ARG B 168 2.77 68.71 2.30
CA ARG B 168 2.16 69.08 3.56
C ARG B 168 3.22 69.55 4.53
N ASP B 169 2.83 70.46 5.44
CA ASP B 169 3.72 71.22 6.29
C ASP B 169 4.63 70.30 7.11
N GLY B 170 4.07 69.20 7.61
CA GLY B 170 4.80 68.25 8.44
C GLY B 170 5.61 67.25 7.61
N ARG B 171 5.28 67.14 6.32
CA ARG B 171 5.76 66.06 5.48
C ARG B 171 6.88 66.54 4.56
N MET B 172 6.78 67.79 4.09
CA MET B 172 7.71 68.35 3.13
C MET B 172 7.80 69.87 3.32
N GLU B 173 9.03 70.36 3.49
CA GLU B 173 9.26 71.80 3.48
C GLU B 173 9.52 72.24 2.04
N LYS B 174 8.57 73.01 1.49
CA LYS B 174 8.69 73.54 0.14
C LYS B 174 9.53 74.81 0.17
N PHE B 175 10.07 75.16 -1.01
CA PHE B 175 10.96 76.29 -1.18
C PHE B 175 10.93 76.74 -2.64
N TYR B 176 10.70 78.05 -2.83
CA TYR B 176 10.61 78.64 -4.16
C TYR B 176 11.87 79.44 -4.47
N TRP B 177 12.45 79.17 -5.65
CA TRP B 177 13.69 79.78 -6.07
C TRP B 177 13.45 80.79 -7.21
N GLU B 178 13.93 82.02 -6.98
CA GLU B 178 13.81 83.13 -7.91
C GLU B 178 14.92 84.13 -7.62
N PRO B 179 15.99 84.19 -8.47
CA PRO B 179 17.11 85.10 -8.23
C PRO B 179 16.67 86.55 -8.38
N ASN B 180 17.19 87.42 -7.50
CA ASN B 180 16.96 88.85 -7.54
C ASN B 180 18.08 89.52 -8.34
N ARG B 181 18.12 90.86 -8.28
CA ARG B 181 19.11 91.67 -8.97
C ARG B 181 20.51 91.34 -8.45
N ASP B 182 20.67 91.38 -7.13
CA ASP B 182 21.94 91.13 -6.45
C ASP B 182 22.41 89.70 -6.70
N ASP B 183 21.46 88.76 -6.68
CA ASP B 183 21.72 87.34 -6.89
C ASP B 183 22.21 87.11 -8.32
N LYS B 184 21.54 87.75 -9.28
CA LYS B 184 21.90 87.66 -10.69
C LYS B 184 23.32 88.18 -10.91
N VAL B 185 23.61 89.37 -10.37
CA VAL B 185 24.90 90.04 -10.54
C VAL B 185 26.01 89.12 -10.03
N GLY B 186 25.80 88.50 -8.87
CA GLY B 186 26.76 87.60 -8.26
C GLY B 186 27.07 86.38 -9.13
N ILE B 187 26.02 85.75 -9.65
CA ILE B 187 26.11 84.51 -10.41
C ILE B 187 26.74 84.80 -11.78
N VAL B 188 26.19 85.79 -12.50
CA VAL B 188 26.66 86.19 -13.82
C VAL B 188 28.09 86.67 -13.71
N GLY B 189 28.40 87.42 -12.64
CA GLY B 189 29.74 87.86 -12.31
C GLY B 189 30.72 86.69 -12.16
N GLY B 190 30.20 85.56 -11.65
CA GLY B 190 30.99 84.36 -11.43
C GLY B 190 31.32 83.63 -12.72
N ILE B 191 30.43 83.74 -13.71
CA ILE B 191 30.60 83.12 -15.01
C ILE B 191 31.72 83.83 -15.79
N PHE B 192 31.69 85.17 -15.75
CA PHE B 192 32.56 86.00 -16.56
C PHE B 192 33.76 86.50 -15.76
N ALA B 193 34.11 85.75 -14.70
CA ALA B 193 35.14 86.15 -13.75
C ALA B 193 36.53 86.11 -14.39
N GLU B 194 36.72 85.17 -15.32
CA GLU B 194 37.99 84.96 -16.00
C GLU B 194 38.13 85.92 -17.18
N ASP B 195 37.01 86.47 -17.65
CA ASP B 195 36.93 87.34 -18.82
C ASP B 195 37.50 88.71 -18.48
N GLY B 196 37.13 89.24 -17.31
CA GLY B 196 37.62 90.52 -16.81
C GLY B 196 36.74 91.68 -17.25
N LEU B 197 35.67 91.91 -16.48
CA LEU B 197 34.73 93.00 -16.72
C LEU B 197 34.58 93.83 -15.44
N SER B 198 34.41 95.14 -15.62
CA SER B 198 34.19 96.07 -14.52
C SER B 198 32.78 95.86 -13.95
N GLN B 199 32.58 96.34 -12.71
CA GLN B 199 31.33 96.16 -11.98
C GLN B 199 30.17 96.80 -12.74
N ARG B 200 30.39 98.02 -13.26
CA ARG B 200 29.39 98.82 -13.96
C ARG B 200 28.90 98.08 -15.21
N GLU B 201 29.84 97.41 -15.90
CA GLU B 201 29.57 96.69 -17.14
C GLU B 201 28.65 95.49 -16.85
N ILE B 202 28.90 94.81 -15.73
CA ILE B 202 28.14 93.62 -15.34
C ILE B 202 26.70 94.02 -15.00
N GLU B 203 26.54 95.17 -14.36
CA GLU B 203 25.22 95.71 -14.00
C GLU B 203 24.41 95.96 -15.26
N GLN B 204 25.08 96.50 -16.30
CA GLN B 204 24.46 96.90 -17.55
C GLN B 204 23.93 95.70 -18.32
N LEU B 205 24.64 94.57 -18.21
CA LEU B 205 24.31 93.34 -18.92
C LEU B 205 23.00 92.76 -18.37
N VAL B 206 22.81 92.84 -17.06
CA VAL B 206 21.62 92.33 -16.38
C VAL B 206 20.45 93.26 -16.66
N ASP B 207 20.74 94.57 -16.76
CA ASP B 207 19.73 95.60 -16.99
C ASP B 207 19.15 95.49 -18.40
N THR B 208 20.00 95.10 -19.37
CA THR B 208 19.63 94.99 -20.76
C THR B 208 18.62 93.85 -20.93
N PHE B 209 18.88 92.72 -20.28
CA PHE B 209 18.02 91.55 -20.35
C PHE B 209 17.55 91.17 -18.94
N PRO B 210 16.58 91.89 -18.35
CA PRO B 210 16.21 91.69 -16.95
C PRO B 210 15.36 90.43 -16.68
N LYS B 211 14.52 90.07 -17.65
CA LYS B 211 13.57 88.99 -17.49
C LYS B 211 14.12 87.72 -18.14
N GLN B 212 15.28 87.26 -17.65
CA GLN B 212 16.00 86.16 -18.27
C GLN B 212 16.46 85.15 -17.22
N SER B 213 16.48 83.87 -17.61
CA SER B 213 16.99 82.77 -16.81
C SER B 213 18.52 82.79 -16.82
N ILE B 214 19.11 82.08 -15.85
CA ILE B 214 20.56 82.09 -15.61
C ILE B 214 21.28 81.42 -16.77
N ASP B 215 20.66 80.39 -17.37
CA ASP B 215 21.25 79.62 -18.45
C ASP B 215 21.48 80.48 -19.68
N PHE B 216 20.68 81.55 -19.82
CA PHE B 216 20.68 82.43 -20.97
C PHE B 216 22.05 83.10 -21.14
N PHE B 217 22.69 83.46 -20.02
CA PHE B 217 24.00 84.09 -20.03
C PHE B 217 25.08 83.07 -20.41
N SER B 218 24.89 81.82 -19.97
CA SER B 218 25.84 80.76 -20.25
C SER B 218 25.81 80.37 -21.73
N ALA B 219 24.63 80.54 -22.35
CA ALA B 219 24.41 80.24 -23.76
C ALA B 219 25.27 81.14 -24.64
N LEU B 220 25.27 82.45 -24.35
CA LEU B 220 26.04 83.42 -25.12
C LEU B 220 27.53 83.28 -24.82
N ARG B 221 27.86 82.88 -23.58
CA ARG B 221 29.24 82.64 -23.17
C ARG B 221 29.87 81.58 -24.07
N SER B 222 29.17 80.44 -24.22
CA SER B 222 29.64 79.31 -24.99
C SER B 222 29.62 79.61 -26.48
N ARG B 223 28.78 80.58 -26.88
CA ARG B 223 28.56 80.93 -28.27
C ARG B 223 29.70 81.78 -28.82
N ILE B 224 30.44 82.47 -27.93
CA ILE B 224 31.57 83.29 -28.37
C ILE B 224 32.75 82.36 -28.67
N TYR B 225 32.49 81.32 -29.48
CA TYR B 225 33.48 80.32 -29.86
C TYR B 225 33.16 79.72 -31.23
N ASP B 226 32.05 80.16 -31.84
CA ASP B 226 31.53 79.58 -33.07
C ASP B 226 32.43 79.89 -34.25
N ILE B 227 32.88 81.14 -34.35
CA ILE B 227 33.62 81.64 -35.51
C ILE B 227 34.95 80.88 -35.62
N GLN B 228 35.58 80.62 -34.47
CA GLN B 228 36.87 79.95 -34.39
C GLN B 228 36.78 78.52 -34.92
N ILE B 229 35.70 77.81 -34.52
CA ILE B 229 35.49 76.42 -34.91
C ILE B 229 35.15 76.35 -36.40
N ARG B 230 34.34 77.31 -36.88
CA ARG B 230 33.90 77.36 -38.26
C ARG B 230 35.10 77.56 -39.19
N ASP B 231 36.05 78.41 -38.76
CA ASP B 231 37.28 78.70 -39.48
C ASP B 231 38.16 77.46 -39.54
N PHE B 232 38.13 76.66 -38.46
CA PHE B 232 38.93 75.45 -38.34
C PHE B 232 38.43 74.38 -39.30
N ILE B 233 37.11 74.30 -39.47
CA ILE B 233 36.48 73.27 -40.30
C ILE B 233 36.81 73.54 -41.77
N HIS B 234 36.85 74.82 -42.16
CA HIS B 234 37.09 75.23 -43.53
C HIS B 234 38.53 74.95 -43.95
N LYS B 235 39.48 75.20 -43.04
CA LYS B 235 40.91 75.07 -43.32
C LYS B 235 41.28 73.60 -43.47
N VAL B 236 40.70 72.76 -42.60
CA VAL B 236 40.91 71.32 -42.62
C VAL B 236 40.20 70.73 -43.84
N GLY B 237 38.93 71.14 -44.04
CA GLY B 237 38.10 70.65 -45.13
C GLY B 237 37.00 69.74 -44.61
N PHE B 238 35.84 69.80 -45.27
CA PHE B 238 34.62 69.08 -44.86
C PHE B 238 34.76 67.58 -45.09
N GLU B 239 35.61 67.21 -46.07
CA GLU B 239 35.80 65.82 -46.47
C GLU B 239 36.56 65.03 -45.40
N ARG B 240 37.42 65.72 -44.63
CA ARG B 240 38.24 65.07 -43.62
C ARG B 240 38.17 65.85 -42.31
N ILE B 241 36.95 66.03 -41.78
CA ILE B 241 36.77 66.72 -40.52
C ILE B 241 36.50 65.72 -39.39
N SER B 242 36.09 64.51 -39.75
CA SER B 242 35.76 63.47 -38.80
C SER B 242 37.04 62.78 -38.31
N LEU B 243 37.94 62.46 -39.23
CA LEU B 243 39.19 61.77 -38.91
C LEU B 243 40.15 62.73 -38.19
N ARG B 244 39.98 64.03 -38.43
CA ARG B 244 40.86 65.06 -37.90
C ARG B 244 40.43 65.45 -36.48
N VAL B 245 39.30 64.89 -36.01
CA VAL B 245 38.72 65.28 -34.74
C VAL B 245 38.49 64.04 -33.86
N VAL B 246 38.30 62.88 -34.50
CA VAL B 246 38.04 61.65 -33.76
C VAL B 246 39.32 60.81 -33.66
N ASN B 247 39.82 60.33 -34.81
CA ASN B 247 40.96 59.44 -34.85
C ASN B 247 42.16 60.17 -35.46
N SER B 248 42.65 61.17 -34.71
CA SER B 248 43.82 61.96 -35.12
C SER B 248 44.95 61.74 -34.13
N LEU B 249 46.16 61.54 -34.69
CA LEU B 249 47.37 61.30 -33.92
C LEU B 249 48.19 62.58 -33.85
N GLU B 250 47.53 63.72 -34.08
CA GLU B 250 48.19 65.02 -34.09
C GLU B 250 47.93 65.72 -32.75
N ALA B 251 48.13 67.05 -32.74
CA ALA B 251 47.89 67.89 -31.59
C ALA B 251 46.52 68.55 -31.70
N PRO B 252 45.73 68.61 -30.61
CA PRO B 252 44.43 69.30 -30.61
C PRO B 252 44.55 70.77 -30.99
N PRO B 253 43.63 71.28 -31.85
CA PRO B 253 43.65 72.69 -32.27
C PRO B 253 43.38 73.62 -31.10
N GLU B 254 44.29 74.58 -30.89
CA GLU B 254 44.16 75.58 -29.84
C GLU B 254 43.31 76.74 -30.36
N PHE B 255 42.61 77.40 -29.42
CA PHE B 255 41.75 78.53 -29.74
C PHE B 255 42.07 79.68 -28.80
N LYS B 256 42.50 80.81 -29.38
CA LYS B 256 42.82 82.02 -28.66
C LYS B 256 41.54 82.63 -28.09
N LYS B 257 41.65 83.16 -26.86
CA LYS B 257 40.52 83.70 -26.13
C LYS B 257 39.92 84.88 -26.88
N PRO B 258 38.63 84.81 -27.28
CA PRO B 258 37.97 85.89 -28.03
C PRO B 258 37.74 87.13 -27.17
N ASP B 259 37.50 88.27 -27.84
CA ASP B 259 37.24 89.54 -27.19
C ASP B 259 35.91 89.49 -26.46
N PHE B 260 35.94 89.78 -25.15
CA PHE B 260 34.76 89.82 -24.32
C PHE B 260 34.47 91.26 -23.92
N SER B 261 33.80 91.98 -24.84
CA SER B 261 33.38 93.35 -24.63
C SER B 261 31.86 93.40 -24.54
N LEU B 262 31.36 94.38 -23.78
CA LEU B 262 29.94 94.53 -23.44
C LEU B 262 29.11 94.70 -24.71
N ALA B 263 29.63 95.48 -25.67
CA ALA B 263 28.95 95.81 -26.91
C ALA B 263 28.77 94.56 -27.78
N HIS B 264 29.78 93.69 -27.78
CA HIS B 264 29.77 92.46 -28.55
C HIS B 264 28.84 91.43 -27.92
N LEU B 265 28.73 91.46 -26.58
CA LEU B 265 27.91 90.52 -25.84
C LEU B 265 26.43 90.87 -25.96
N ILE B 266 26.12 92.17 -25.99
CA ILE B 266 24.75 92.66 -26.17
C ILE B 266 24.25 92.27 -27.55
N GLU B 267 25.12 92.42 -28.55
CA GLU B 267 24.89 92.04 -29.94
C GLU B 267 24.50 90.56 -30.02
N SER B 268 25.29 89.72 -29.33
CA SER B 268 25.11 88.28 -29.29
C SER B 268 23.84 87.90 -28.52
N GLY B 269 23.54 88.66 -27.46
CA GLY B 269 22.37 88.45 -26.63
C GLY B 269 21.06 88.71 -27.39
N ASN B 270 21.06 89.76 -28.21
CA ASN B 270 19.93 90.15 -29.04
C ASN B 270 19.61 89.04 -30.04
N LEU B 271 20.67 88.34 -30.49
CA LEU B 271 20.60 87.31 -31.50
C LEU B 271 19.91 86.06 -30.95
N VAL B 272 20.12 85.78 -29.65
CA VAL B 272 19.54 84.63 -28.97
C VAL B 272 18.07 84.91 -28.67
N LEU B 273 17.76 86.16 -28.28
CA LEU B 273 16.40 86.60 -28.04
C LEU B 273 15.58 86.47 -29.32
N GLY B 274 16.19 86.85 -30.45
CA GLY B 274 15.58 86.79 -31.77
C GLY B 274 15.23 85.37 -32.20
N GLU B 275 16.02 84.40 -31.71
CA GLU B 275 15.83 82.99 -31.99
C GLU B 275 14.63 82.46 -31.19
N GLN B 276 14.49 82.93 -29.93
CA GLN B 276 13.40 82.54 -29.05
C GLN B 276 12.09 83.17 -29.50
N GLN B 277 12.16 84.41 -30.02
CA GLN B 277 11.02 85.16 -30.49
C GLN B 277 10.40 84.47 -31.71
N ARG B 278 11.26 83.85 -32.53
CA ARG B 278 10.86 83.19 -33.76
C ARG B 278 10.09 81.92 -33.46
N VAL B 279 10.50 81.21 -32.40
CA VAL B 279 9.84 80.00 -31.92
C VAL B 279 8.48 80.38 -31.35
N ASP B 280 8.47 81.46 -30.55
CA ASP B 280 7.31 81.91 -29.80
C ASP B 280 6.17 82.28 -30.76
N ASN B 281 6.53 82.94 -31.88
CA ASN B 281 5.60 83.34 -32.92
C ASN B 281 5.02 82.08 -33.60
N SER C 1 25.10 66.15 -56.78
CA SER C 1 25.16 67.41 -57.58
C SER C 1 24.29 68.49 -56.96
N TYR C 2 23.58 68.13 -55.89
CA TYR C 2 22.60 68.99 -55.25
C TYR C 2 23.29 70.06 -54.41
N TYR C 3 22.66 71.24 -54.38
CA TYR C 3 23.14 72.40 -53.63
C TYR C 3 22.66 72.29 -52.19
N ILE C 4 23.61 72.42 -51.25
CA ILE C 4 23.31 72.60 -49.84
C ILE C 4 23.60 74.05 -49.49
N ALA C 5 22.65 74.69 -48.78
CA ALA C 5 22.79 76.06 -48.33
C ALA C 5 23.95 76.17 -47.34
N PRO C 6 24.85 77.20 -47.50
CA PRO C 6 25.99 77.36 -46.60
C PRO C 6 25.61 77.68 -45.14
N ARG C 7 24.47 78.34 -44.95
CA ARG C 7 23.92 78.62 -43.63
C ARG C 7 23.63 77.31 -42.90
N PHE C 8 23.04 76.35 -43.63
CA PHE C 8 22.59 75.09 -43.07
C PHE C 8 23.78 74.18 -42.79
N LEU C 9 24.80 74.27 -43.65
CA LEU C 9 25.98 73.41 -43.57
C LEU C 9 26.86 73.83 -42.41
N ASP C 10 26.97 75.15 -42.18
CA ASP C 10 27.81 75.72 -41.13
C ASP C 10 27.25 75.37 -39.76
N LYS C 11 25.94 75.57 -39.60
CA LYS C 11 25.24 75.35 -38.34
C LYS C 11 25.39 73.90 -37.90
N LEU C 12 25.32 72.96 -38.85
CA LEU C 12 25.42 71.54 -38.55
C LEU C 12 26.86 71.13 -38.27
N ALA C 13 27.81 71.65 -39.07
CA ALA C 13 29.21 71.31 -38.95
C ALA C 13 29.77 71.74 -37.60
N VAL C 14 29.41 72.96 -37.17
CA VAL C 14 29.92 73.55 -35.95
C VAL C 14 29.41 72.77 -34.74
N HIS C 15 28.09 72.55 -34.66
CA HIS C 15 27.45 71.92 -33.52
C HIS C 15 28.02 70.52 -33.26
N ILE C 16 28.24 69.74 -34.33
CA ILE C 16 28.70 68.37 -34.23
C ILE C 16 30.16 68.32 -33.78
N THR C 17 31.02 69.12 -34.45
CA THR C 17 32.46 69.13 -34.18
C THR C 17 32.74 69.67 -32.78
N LYS C 18 31.89 70.58 -32.30
CA LYS C 18 32.05 71.23 -31.01
C LYS C 18 31.88 70.22 -29.88
N ASN C 19 31.03 69.20 -30.12
CA ASN C 19 30.68 68.23 -29.10
C ASN C 19 31.82 67.24 -28.88
N PHE C 20 32.57 66.95 -29.96
CA PHE C 20 33.65 65.98 -29.94
C PHE C 20 34.94 66.62 -29.42
N LEU C 21 35.13 67.91 -29.74
CA LEU C 21 36.21 68.70 -29.15
C LEU C 21 35.89 68.97 -27.69
N ASN C 22 36.92 69.07 -26.86
CA ASN C 22 36.77 69.39 -25.46
C ASN C 22 37.50 70.69 -25.14
N ILE C 23 36.85 71.81 -25.47
CA ILE C 23 37.38 73.13 -25.17
C ILE C 23 37.11 73.42 -23.68
N PRO C 24 38.17 73.66 -22.87
CA PRO C 24 38.01 73.84 -21.43
C PRO C 24 37.28 75.13 -21.06
N GLY C 25 36.30 75.00 -20.14
CA GLY C 25 35.56 76.12 -19.60
C GLY C 25 34.38 76.53 -20.46
N VAL C 26 33.97 75.62 -21.37
CA VAL C 26 32.85 75.84 -22.28
C VAL C 26 31.80 74.77 -22.03
N ARG C 27 30.58 75.21 -21.70
CA ARG C 27 29.44 74.33 -21.54
C ARG C 27 28.65 74.28 -22.85
N VAL C 28 28.54 73.08 -23.44
CA VAL C 28 27.98 72.93 -24.78
C VAL C 28 26.61 72.25 -24.71
N PRO C 29 25.62 72.70 -25.53
CA PRO C 29 24.34 71.99 -25.65
C PRO C 29 24.44 70.75 -26.54
N LEU C 30 23.76 69.68 -26.11
CA LEU C 30 23.90 68.38 -26.74
C LEU C 30 22.99 68.26 -27.97
N ILE C 31 21.78 68.85 -27.89
CA ILE C 31 20.74 68.63 -28.89
C ILE C 31 20.62 69.87 -29.79
N LEU C 32 20.56 69.62 -31.11
CA LEU C 32 20.25 70.64 -32.09
C LEU C 32 18.85 70.39 -32.66
N GLY C 33 17.96 71.35 -32.46
CA GLY C 33 16.60 71.32 -32.97
C GLY C 33 16.43 72.27 -34.16
N ILE C 34 15.93 71.72 -35.27
CA ILE C 34 15.64 72.49 -36.47
C ILE C 34 14.12 72.48 -36.68
N HIS C 35 13.54 73.67 -36.82
CA HIS C 35 12.10 73.81 -37.02
C HIS C 35 11.80 74.88 -38.08
N GLY C 36 10.71 74.64 -38.84
CA GLY C 36 10.28 75.52 -39.91
C GLY C 36 8.97 75.05 -40.54
N ARG C 37 8.59 75.69 -41.65
CA ARG C 37 7.42 75.31 -42.44
C ARG C 37 7.71 74.01 -43.18
N LYS C 38 6.62 73.35 -43.64
CA LYS C 38 6.70 72.03 -44.24
C LYS C 38 7.33 72.10 -45.62
N GLY C 39 8.21 71.13 -45.90
CA GLY C 39 8.82 70.94 -47.21
C GLY C 39 9.79 72.06 -47.59
N GLU C 40 10.55 72.55 -46.60
CA GLU C 40 11.51 73.62 -46.81
C GLU C 40 12.93 73.05 -46.91
N GLY C 41 13.08 71.76 -46.62
CA GLY C 41 14.32 71.04 -46.84
C GLY C 41 15.14 70.85 -45.57
N LYS C 42 14.45 70.50 -44.47
CA LYS C 42 15.08 70.27 -43.19
C LYS C 42 15.74 68.89 -43.15
N THR C 43 14.96 67.85 -43.49
CA THR C 43 15.41 66.48 -43.39
C THR C 43 16.35 66.15 -44.56
N PHE C 44 16.01 66.64 -45.75
CA PHE C 44 16.71 66.28 -46.98
C PHE C 44 18.14 66.78 -46.95
N GLN C 45 18.32 68.03 -46.48
CA GLN C 45 19.61 68.70 -46.49
C GLN C 45 20.54 68.11 -45.42
N CYS C 46 19.94 67.48 -44.40
CA CYS C 46 20.69 66.76 -43.38
C CYS C 46 21.35 65.53 -43.98
N GLU C 47 20.60 64.80 -44.81
CA GLU C 47 21.04 63.55 -45.42
C GLU C 47 22.12 63.82 -46.48
N LEU C 48 22.08 65.01 -47.08
CA LEU C 48 23.11 65.45 -48.00
C LEU C 48 24.39 65.76 -47.22
N ALA C 49 24.23 66.38 -46.05
CA ALA C 49 25.33 66.87 -45.23
C ALA C 49 26.10 65.71 -44.60
N PHE C 50 25.37 64.72 -44.09
CA PHE C 50 25.97 63.59 -43.41
C PHE C 50 26.75 62.72 -44.40
N GLU C 51 26.29 62.71 -45.66
CA GLU C 51 26.89 61.91 -46.72
C GLU C 51 28.20 62.56 -47.17
N LYS C 52 28.24 63.90 -47.17
CA LYS C 52 29.41 64.64 -47.59
C LYS C 52 30.55 64.45 -46.60
N MET C 53 30.23 64.53 -45.30
CA MET C 53 31.22 64.43 -44.23
C MET C 53 31.54 62.97 -43.95
N GLY C 54 30.61 62.08 -44.35
CA GLY C 54 30.79 60.64 -44.25
C GLY C 54 30.70 60.14 -42.81
N ILE C 55 29.64 60.55 -42.11
CA ILE C 55 29.45 60.23 -40.70
C ILE C 55 28.17 59.39 -40.54
N GLU C 56 28.17 58.56 -39.49
CA GLU C 56 27.17 57.51 -39.33
C GLU C 56 25.91 58.07 -38.68
N VAL C 57 24.75 57.60 -39.16
CA VAL C 57 23.44 58.07 -38.73
C VAL C 57 22.66 56.90 -38.13
N THR C 58 22.06 57.16 -36.96
CA THR C 58 21.10 56.26 -36.33
C THR C 58 19.74 56.96 -36.31
N LEU C 59 18.70 56.27 -36.81
CA LEU C 59 17.42 56.90 -37.06
C LEU C 59 16.34 56.39 -36.12
N ILE C 60 15.60 57.33 -35.51
CA ILE C 60 14.42 57.05 -34.73
C ILE C 60 13.24 57.76 -35.37
N SER C 61 12.20 56.99 -35.72
CA SER C 61 10.95 57.51 -36.23
C SER C 61 10.18 58.19 -35.11
N GLY C 62 9.34 59.17 -35.48
CA GLY C 62 8.52 59.90 -34.52
C GLY C 62 7.39 59.05 -33.97
N GLY C 63 6.76 58.24 -34.84
CA GLY C 63 5.62 57.39 -34.50
C GLY C 63 6.02 56.10 -33.81
N GLU C 64 7.32 55.96 -33.50
CA GLU C 64 7.86 54.78 -32.84
C GLU C 64 7.79 54.94 -31.32
N LEU C 65 7.49 56.17 -30.86
CA LEU C 65 7.61 56.56 -29.47
C LEU C 65 6.30 56.35 -28.72
N GLU C 66 5.64 55.20 -28.99
CA GLU C 66 4.47 54.77 -28.25
C GLU C 66 4.30 53.27 -28.43
N SER C 67 4.12 52.57 -27.29
CA SER C 67 3.97 51.13 -27.25
C SER C 67 3.03 50.75 -26.10
N PRO C 68 2.39 49.55 -26.11
CA PRO C 68 1.53 49.12 -25.02
C PRO C 68 2.21 48.67 -23.73
N ASP C 69 3.52 48.93 -23.60
CA ASP C 69 4.29 48.64 -22.41
C ASP C 69 4.76 49.93 -21.75
N ALA C 70 4.61 50.00 -20.43
CA ALA C 70 4.85 51.21 -19.66
C ALA C 70 6.35 51.49 -19.54
N GLY C 71 6.78 52.62 -20.11
CA GLY C 71 8.17 53.05 -20.07
C GLY C 71 9.06 52.23 -21.03
N ASP C 72 8.50 51.88 -22.19
CA ASP C 72 9.19 51.11 -23.21
C ASP C 72 9.70 52.01 -24.33
N PRO C 73 8.98 53.09 -24.74
CA PRO C 73 9.57 54.12 -25.62
C PRO C 73 10.74 54.88 -24.98
N ALA C 74 10.73 54.96 -23.64
CA ALA C 74 11.78 55.61 -22.88
C ALA C 74 13.03 54.72 -22.84
N ARG C 75 12.81 53.39 -22.87
CA ARG C 75 13.87 52.40 -22.85
C ARG C 75 14.59 52.36 -24.19
N LEU C 76 13.85 52.62 -25.28
CA LEU C 76 14.35 52.52 -26.64
C LEU C 76 15.40 53.59 -26.94
N ILE C 77 15.14 54.83 -26.48
CA ILE C 77 16.01 55.97 -26.74
C ILE C 77 17.36 55.76 -26.06
N ARG C 78 17.35 55.16 -24.87
CA ARG C 78 18.57 54.86 -24.13
C ARG C 78 19.40 53.81 -24.85
N LEU C 79 18.71 52.80 -25.39
CA LEU C 79 19.32 51.65 -26.06
C LEU C 79 19.99 52.09 -27.37
N ARG C 80 19.29 52.93 -28.13
CA ARG C 80 19.75 53.42 -29.42
C ARG C 80 20.89 54.41 -29.23
N TYR C 81 20.94 55.06 -28.06
CA TYR C 81 21.99 56.01 -27.74
C TYR C 81 23.29 55.29 -27.43
N ARG C 82 23.20 54.15 -26.74
CA ARG C 82 24.35 53.37 -26.30
C ARG C 82 24.99 52.66 -27.48
N GLU C 83 24.16 52.23 -28.45
CA GLU C 83 24.61 51.53 -29.64
C GLU C 83 25.43 52.46 -30.52
N THR C 84 25.05 53.73 -30.56
CA THR C 84 25.73 54.75 -31.35
C THR C 84 27.08 55.09 -30.70
N ALA C 85 27.14 54.96 -29.37
CA ALA C 85 28.33 55.28 -28.59
C ALA C 85 29.41 54.22 -28.79
N GLU C 86 28.98 53.01 -29.15
CA GLU C 86 29.88 51.89 -29.44
C GLU C 86 30.54 52.07 -30.80
N LEU C 87 29.82 52.70 -31.74
CA LEU C 87 30.27 52.87 -33.11
C LEU C 87 31.49 53.79 -33.18
N ILE C 88 31.55 54.77 -32.28
CA ILE C 88 32.64 55.74 -32.24
C ILE C 88 33.91 55.04 -31.74
N LYS C 89 33.74 54.12 -30.79
CA LYS C 89 34.84 53.42 -30.14
C LYS C 89 35.49 52.43 -31.09
N VAL C 90 34.68 51.80 -31.96
CA VAL C 90 35.13 50.69 -32.78
C VAL C 90 35.60 51.20 -34.15
N ARG C 91 34.73 51.96 -34.83
CA ARG C 91 34.94 52.38 -36.21
C ARG C 91 35.92 53.56 -36.28
N GLY C 92 35.90 54.40 -35.23
CA GLY C 92 36.81 55.53 -35.11
C GLY C 92 36.46 56.66 -36.07
N LYS C 93 35.21 57.13 -35.97
CA LYS C 93 34.68 58.25 -36.75
C LYS C 93 33.56 58.89 -35.96
N MET C 94 33.13 60.09 -36.39
CA MET C 94 32.02 60.79 -35.76
C MET C 94 30.71 60.07 -36.04
N CYS C 95 29.82 60.03 -35.04
CA CYS C 95 28.52 59.39 -35.17
C CYS C 95 27.43 60.30 -34.59
N VAL C 96 26.23 60.22 -35.19
CA VAL C 96 25.11 61.09 -34.87
C VAL C 96 23.85 60.25 -34.75
N LEU C 97 23.12 60.43 -33.65
CA LEU C 97 21.77 59.93 -33.49
C LEU C 97 20.79 61.01 -33.94
N MET C 98 19.81 60.62 -34.78
CA MET C 98 18.85 61.58 -35.32
C MET C 98 17.42 61.08 -35.13
N ILE C 99 16.61 61.91 -34.44
CA ILE C 99 15.19 61.69 -34.23
C ILE C 99 14.43 62.70 -35.08
N ASN C 100 13.78 62.18 -36.13
CA ASN C 100 13.03 62.98 -37.08
C ASN C 100 11.55 62.96 -36.68
N ASP C 101 10.89 64.13 -36.84
CA ASP C 101 9.48 64.34 -36.55
C ASP C 101 9.19 64.00 -35.08
N LEU C 102 9.74 64.83 -34.18
CA LEU C 102 9.59 64.62 -32.74
C LEU C 102 8.30 65.29 -32.25
N ASP C 103 7.77 66.20 -33.06
CA ASP C 103 6.55 66.94 -32.76
C ASP C 103 5.38 65.99 -32.57
N ALA C 104 5.31 64.95 -33.42
CA ALA C 104 4.23 63.97 -33.44
C ALA C 104 4.48 62.85 -32.43
N GLY C 105 5.67 62.86 -31.81
CA GLY C 105 6.05 61.84 -30.85
C GLY C 105 5.61 62.20 -29.43
N ALA C 106 6.10 63.35 -28.94
CA ALA C 106 5.94 63.71 -27.55
C ALA C 106 5.42 65.15 -27.43
N GLY C 107 4.33 65.46 -28.14
CA GLY C 107 3.70 66.77 -28.09
C GLY C 107 2.20 66.67 -27.86
N ARG C 108 1.67 67.63 -27.08
CA ARG C 108 0.25 67.70 -26.80
C ARG C 108 -0.36 68.83 -27.64
N PHE C 109 -1.46 68.52 -28.33
CA PHE C 109 -2.09 69.47 -29.22
C PHE C 109 -3.10 70.33 -28.46
N ASP C 110 -4.34 69.83 -28.35
CA ASP C 110 -5.42 70.55 -27.69
C ASP C 110 -5.46 70.16 -26.21
N GLU C 111 -6.65 70.31 -25.61
CA GLU C 111 -6.88 69.95 -24.22
C GLU C 111 -7.71 68.67 -24.14
N GLY C 112 -8.49 68.42 -25.19
CA GLY C 112 -9.36 67.26 -25.28
C GLY C 112 -8.60 65.96 -25.45
N THR C 113 -7.58 65.98 -26.33
CA THR C 113 -6.80 64.81 -26.71
C THR C 113 -6.19 64.15 -25.47
N GLN C 114 -6.67 62.93 -25.20
CA GLN C 114 -6.21 62.11 -24.09
C GLN C 114 -4.88 61.45 -24.49
N TYR C 115 -3.88 61.54 -23.61
CA TYR C 115 -2.57 60.94 -23.81
C TYR C 115 -2.28 59.88 -22.75
N THR C 116 -1.01 59.45 -22.70
CA THR C 116 -0.54 58.34 -21.88
C THR C 116 0.71 58.77 -21.13
N VAL C 117 1.18 57.91 -20.21
CA VAL C 117 2.35 58.16 -19.38
C VAL C 117 3.61 58.24 -20.22
N ASN C 118 3.62 57.56 -21.39
CA ASN C 118 4.84 57.41 -22.17
C ASN C 118 5.35 58.76 -22.67
N THR C 119 4.41 59.65 -23.03
CA THR C 119 4.71 61.00 -23.52
C THR C 119 5.51 61.75 -22.46
N GLN C 120 5.08 61.58 -21.21
CA GLN C 120 5.66 62.20 -20.03
C GLN C 120 7.08 61.66 -19.80
N LEU C 121 7.28 60.37 -20.08
CA LEU C 121 8.53 59.69 -19.76
C LEU C 121 9.55 59.81 -20.89
N VAL C 122 9.08 60.05 -22.12
CA VAL C 122 9.96 60.29 -23.25
C VAL C 122 10.66 61.64 -23.06
N ASN C 123 9.89 62.64 -22.61
CA ASN C 123 10.38 63.98 -22.35
C ASN C 123 11.29 64.00 -21.12
N ALA C 124 11.04 63.06 -20.19
CA ALA C 124 11.84 62.91 -18.99
C ALA C 124 13.22 62.36 -19.31
N THR C 125 13.26 61.42 -20.27
CA THR C 125 14.47 60.67 -20.61
C THR C 125 15.40 61.54 -21.46
N LEU C 126 14.83 62.39 -22.32
CA LEU C 126 15.62 63.23 -23.21
C LEU C 126 16.31 64.34 -22.43
N MET C 127 15.69 64.78 -21.33
CA MET C 127 16.25 65.79 -20.46
C MET C 127 17.46 65.24 -19.70
N ASN C 128 17.40 63.95 -19.34
CA ASN C 128 18.42 63.28 -18.55
C ASN C 128 19.69 63.11 -19.39
N ILE C 129 19.53 62.61 -20.62
CA ILE C 129 20.65 62.33 -21.51
C ILE C 129 21.36 63.64 -21.86
N ALA C 130 20.59 64.73 -21.99
CA ALA C 130 21.12 66.05 -22.26
C ALA C 130 21.89 66.58 -21.04
N ASP C 131 21.49 66.14 -19.84
CA ASP C 131 22.15 66.52 -18.61
C ASP C 131 23.45 65.73 -18.45
N ASN C 132 23.36 64.41 -18.60
CA ASN C 132 24.46 63.50 -18.32
C ASN C 132 24.70 62.61 -19.53
N PRO C 133 25.49 63.08 -20.53
CA PRO C 133 25.72 62.32 -21.76
C PRO C 133 26.60 61.09 -21.54
N THR C 134 27.50 61.18 -20.56
CA THR C 134 28.47 60.15 -20.23
C THR C 134 27.79 59.01 -19.48
N ASP C 135 26.76 59.36 -18.70
CA ASP C 135 26.06 58.41 -17.83
C ASP C 135 24.67 58.15 -18.39
N VAL C 136 24.57 57.09 -19.21
CA VAL C 136 23.29 56.56 -19.66
C VAL C 136 23.24 55.09 -19.24
N GLN C 137 22.19 54.72 -18.50
CA GLN C 137 22.08 53.37 -17.97
C GLN C 137 20.80 52.69 -18.46
N LEU C 138 20.76 51.36 -18.30
CA LEU C 138 19.61 50.55 -18.67
C LEU C 138 18.99 49.95 -17.40
N PRO C 139 17.65 49.78 -17.32
CA PRO C 139 17.01 49.16 -16.17
C PRO C 139 17.39 47.69 -16.00
N GLY C 140 17.79 47.34 -14.77
CA GLY C 140 18.17 45.98 -14.42
C GLY C 140 19.67 45.74 -14.49
N SER C 141 20.40 46.67 -15.13
CA SER C 141 21.84 46.58 -15.28
C SER C 141 22.50 47.88 -14.82
N TYR C 142 23.06 47.84 -13.60
CA TYR C 142 23.80 48.97 -13.07
C TYR C 142 25.28 48.62 -12.97
N ASP C 143 26.07 49.25 -13.86
CA ASP C 143 27.52 49.14 -13.90
C ASP C 143 28.13 50.53 -14.03
N SER C 144 29.15 50.80 -13.22
CA SER C 144 29.86 52.06 -13.26
C SER C 144 30.91 52.03 -14.38
N ASN C 145 30.51 52.50 -15.56
CA ASN C 145 31.39 52.57 -16.71
C ASN C 145 30.99 53.76 -17.58
N PRO C 146 31.90 54.73 -17.83
CA PRO C 146 31.61 55.87 -18.70
C PRO C 146 31.65 55.51 -20.19
N ILE C 147 30.72 56.09 -20.96
CA ILE C 147 30.60 55.90 -22.40
C ILE C 147 30.80 57.25 -23.09
N ARG C 148 31.14 57.20 -24.38
CA ARG C 148 31.48 58.38 -25.17
C ARG C 148 30.23 59.22 -25.44
N ARG C 149 30.43 60.53 -25.60
CA ARG C 149 29.36 61.50 -25.80
C ARG C 149 28.91 61.45 -27.26
N VAL C 150 27.59 61.45 -27.47
CA VAL C 150 26.99 61.38 -28.79
C VAL C 150 26.07 62.58 -28.99
N PRO C 151 26.26 63.41 -30.05
CA PRO C 151 25.31 64.48 -30.37
C PRO C 151 24.01 63.99 -31.01
N ILE C 152 22.93 64.74 -30.79
CA ILE C 152 21.58 64.39 -31.25
C ILE C 152 21.04 65.52 -32.11
N ILE C 153 20.43 65.16 -33.25
CA ILE C 153 19.78 66.11 -34.15
C ILE C 153 18.27 65.83 -34.13
N VAL C 154 17.47 66.91 -33.97
CA VAL C 154 16.01 66.81 -33.89
C VAL C 154 15.38 67.71 -34.95
N THR C 155 14.42 67.13 -35.68
CA THR C 155 13.63 67.83 -36.68
C THR C 155 12.17 67.88 -36.19
N GLY C 156 11.52 69.02 -36.41
CA GLY C 156 10.14 69.22 -36.02
C GLY C 156 9.47 70.32 -36.84
N ASN C 157 8.13 70.31 -36.83
CA ASN C 157 7.34 71.30 -37.53
C ASN C 157 7.05 72.46 -36.58
N ASP C 158 6.56 72.13 -35.38
CA ASP C 158 6.28 73.10 -34.34
C ASP C 158 6.76 72.56 -32.99
N PHE C 159 7.50 73.40 -32.26
CA PHE C 159 8.08 72.99 -30.99
C PHE C 159 7.23 73.50 -29.82
N SER C 160 6.23 74.31 -30.13
CA SER C 160 5.36 74.94 -29.14
C SER C 160 4.62 73.88 -28.33
N THR C 161 4.28 72.78 -29.01
CA THR C 161 3.57 71.65 -28.43
C THR C 161 4.60 70.61 -27.98
N LEU C 162 5.37 70.95 -26.94
CA LEU C 162 6.46 70.14 -26.41
C LEU C 162 6.82 70.67 -25.03
N TYR C 163 7.31 69.78 -24.16
CA TYR C 163 7.55 70.08 -22.75
C TYR C 163 8.63 71.14 -22.62
N ALA C 164 8.29 72.22 -21.90
CA ALA C 164 9.06 73.46 -21.89
C ALA C 164 10.50 73.27 -21.41
N PRO C 165 10.77 72.67 -20.21
CA PRO C 165 12.13 72.56 -19.69
C PRO C 165 13.13 71.84 -20.59
N LEU C 166 12.60 71.09 -21.59
CA LEU C 166 13.41 70.37 -22.55
C LEU C 166 13.92 71.33 -23.64
N ILE C 167 13.16 72.41 -23.87
CA ILE C 167 13.60 73.42 -24.81
C ILE C 167 14.08 74.63 -24.01
N ARG C 168 15.39 74.66 -23.73
CA ARG C 168 16.04 75.84 -23.18
C ARG C 168 17.46 75.93 -23.76
N ASP C 169 18.02 77.14 -23.74
CA ASP C 169 19.24 77.51 -24.44
C ASP C 169 20.39 76.59 -24.06
N GLY C 170 20.47 76.23 -22.77
CA GLY C 170 21.50 75.34 -22.25
C GLY C 170 21.34 73.90 -22.72
N ARG C 171 20.09 73.42 -22.74
CA ARG C 171 19.79 72.01 -22.94
C ARG C 171 19.71 71.67 -24.42
N MET C 172 19.29 72.64 -25.25
CA MET C 172 19.09 72.44 -26.68
C MET C 172 19.34 73.74 -27.43
N GLU C 173 20.14 73.66 -28.50
CA GLU C 173 20.35 74.77 -29.40
C GLU C 173 19.23 74.77 -30.44
N LYS C 174 18.60 75.94 -30.62
CA LYS C 174 17.44 76.09 -31.48
C LYS C 174 17.86 76.68 -32.82
N PHE C 175 17.21 76.22 -33.89
CA PHE C 175 17.52 76.66 -35.24
C PHE C 175 16.25 76.75 -36.09
N TYR C 176 16.01 77.93 -36.66
CA TYR C 176 14.87 78.18 -37.52
C TYR C 176 15.33 78.28 -38.96
N TRP C 177 14.67 77.50 -39.83
CA TRP C 177 15.03 77.43 -41.25
C TRP C 177 13.88 77.95 -42.11
N GLU C 178 14.19 79.01 -42.87
CA GLU C 178 13.27 79.64 -43.80
C GLU C 178 14.10 80.28 -44.93
N PRO C 179 14.30 79.56 -46.07
CA PRO C 179 15.21 80.03 -47.12
C PRO C 179 14.77 81.31 -47.84
N ASN C 180 15.76 82.17 -48.13
CA ASN C 180 15.57 83.45 -48.80
C ASN C 180 15.58 83.26 -50.32
N ARG C 181 15.56 84.39 -51.05
CA ARG C 181 15.56 84.40 -52.51
C ARG C 181 16.85 83.77 -53.04
N ASP C 182 17.99 84.14 -52.44
CA ASP C 182 19.30 83.67 -52.86
C ASP C 182 19.45 82.18 -52.59
N ASP C 183 18.87 81.71 -51.48
CA ASP C 183 18.85 80.30 -51.09
C ASP C 183 17.97 79.52 -52.05
N LYS C 184 16.80 80.08 -52.39
CA LYS C 184 15.85 79.48 -53.31
C LYS C 184 16.51 79.31 -54.68
N VAL C 185 17.05 80.40 -55.23
CA VAL C 185 17.67 80.42 -56.55
C VAL C 185 18.75 79.34 -56.63
N GLY C 186 19.58 79.26 -55.57
CA GLY C 186 20.65 78.28 -55.47
C GLY C 186 20.15 76.84 -55.47
N ILE C 187 19.08 76.58 -54.71
CA ILE C 187 18.57 75.23 -54.52
C ILE C 187 17.81 74.78 -55.77
N VAL C 188 16.88 75.62 -56.25
CA VAL C 188 16.08 75.33 -57.43
C VAL C 188 17.01 75.16 -58.63
N GLY C 189 18.00 76.05 -58.74
CA GLY C 189 19.02 76.00 -59.79
C GLY C 189 19.78 74.68 -59.78
N GLY C 190 19.97 74.11 -58.58
CA GLY C 190 20.67 72.85 -58.38
C GLY C 190 19.88 71.65 -58.89
N ILE C 191 18.54 71.77 -58.87
CA ILE C 191 17.64 70.72 -59.32
C ILE C 191 17.67 70.67 -60.85
N PHE C 192 17.67 71.85 -61.49
CA PHE C 192 17.54 71.96 -62.93
C PHE C 192 18.90 72.22 -63.60
N ALA C 193 19.98 71.87 -62.90
CA ALA C 193 21.34 72.16 -63.33
C ALA C 193 21.69 71.35 -64.58
N GLU C 194 21.22 70.10 -64.61
CA GLU C 194 21.47 69.16 -65.70
C GLU C 194 20.67 69.55 -66.94
N ASP C 195 19.51 70.19 -66.72
CA ASP C 195 18.54 70.51 -67.76
C ASP C 195 19.06 71.64 -68.65
N GLY C 196 19.72 72.63 -68.03
CA GLY C 196 20.31 73.74 -68.75
C GLY C 196 19.33 74.91 -68.91
N LEU C 197 19.31 75.79 -67.91
CA LEU C 197 18.54 77.02 -67.95
C LEU C 197 19.47 78.20 -67.67
N SER C 198 19.16 79.35 -68.30
CA SER C 198 19.86 80.59 -68.08
C SER C 198 19.50 81.14 -66.70
N GLN C 199 20.36 82.03 -66.18
CA GLN C 199 20.23 82.60 -64.85
C GLN C 199 18.91 83.35 -64.72
N ARG C 200 18.57 84.14 -65.75
CA ARG C 200 17.38 84.99 -65.78
C ARG C 200 16.12 84.14 -65.75
N GLU C 201 16.18 82.95 -66.38
CA GLU C 201 15.06 82.03 -66.45
C GLU C 201 14.76 81.45 -65.07
N ILE C 202 15.82 81.14 -64.31
CA ILE C 202 15.71 80.53 -62.98
C ILE C 202 15.14 81.57 -62.01
N GLU C 203 15.50 82.85 -62.23
CA GLU C 203 14.98 83.96 -61.44
C GLU C 203 13.47 84.07 -61.59
N GLN C 204 13.01 83.90 -62.84
CA GLN C 204 11.61 84.09 -63.23
C GLN C 204 10.72 83.02 -62.59
N LEU C 205 11.24 81.80 -62.48
CA LEU C 205 10.53 80.64 -61.94
C LEU C 205 10.21 80.85 -60.47
N VAL C 206 11.14 81.50 -59.75
CA VAL C 206 10.98 81.78 -58.33
C VAL C 206 10.06 82.99 -58.15
N ASP C 207 10.08 83.91 -59.13
CA ASP C 207 9.30 85.14 -59.08
C ASP C 207 7.83 84.86 -59.34
N THR C 208 7.54 83.89 -60.24
CA THR C 208 6.20 83.52 -60.62
C THR C 208 5.47 82.84 -59.46
N PHE C 209 6.20 81.98 -58.74
CA PHE C 209 5.66 81.25 -57.61
C PHE C 209 6.51 81.52 -56.37
N PRO C 210 6.42 82.72 -55.74
CA PRO C 210 7.30 83.08 -54.62
C PRO C 210 6.95 82.44 -53.28
N LYS C 211 5.65 82.27 -53.01
CA LYS C 211 5.17 81.74 -51.74
C LYS C 211 5.04 80.22 -51.85
N GLN C 212 6.17 79.55 -52.14
CA GLN C 212 6.19 78.11 -52.36
C GLN C 212 7.38 77.48 -51.65
N SER C 213 7.16 76.25 -51.18
CA SER C 213 8.19 75.43 -50.54
C SER C 213 9.10 74.82 -51.61
N ILE C 214 10.22 74.24 -51.17
CA ILE C 214 11.22 73.66 -52.06
C ILE C 214 10.63 72.46 -52.80
N ASP C 215 9.77 71.70 -52.11
CA ASP C 215 9.21 70.45 -52.62
C ASP C 215 8.41 70.70 -53.90
N PHE C 216 7.87 71.91 -54.03
CA PHE C 216 7.02 72.33 -55.14
C PHE C 216 7.77 72.17 -56.47
N PHE C 217 9.05 72.55 -56.48
CA PHE C 217 9.85 72.56 -57.69
C PHE C 217 10.37 71.16 -58.01
N SER C 218 10.52 70.31 -56.99
CA SER C 218 10.91 68.93 -57.19
C SER C 218 9.72 68.11 -57.69
N ALA C 219 8.51 68.57 -57.36
CA ALA C 219 7.26 67.94 -57.74
C ALA C 219 6.88 68.31 -59.18
N LEU C 220 7.50 69.39 -59.67
CA LEU C 220 7.21 69.97 -60.97
C LEU C 220 7.79 69.09 -62.09
N ARG C 221 8.93 68.44 -61.80
CA ARG C 221 9.64 67.60 -62.76
C ARG C 221 8.85 66.33 -63.06
N SER C 222 8.16 65.82 -62.04
CA SER C 222 7.41 64.57 -62.11
C SER C 222 6.28 64.65 -63.14
N ARG C 223 5.74 65.87 -63.30
CA ARG C 223 4.58 66.11 -64.14
C ARG C 223 4.97 66.28 -65.61
N ILE C 224 6.27 66.55 -65.84
CA ILE C 224 6.79 66.71 -67.19
C ILE C 224 7.01 65.34 -67.82
N TYR C 225 7.17 64.31 -66.97
CA TYR C 225 7.46 62.95 -67.41
C TYR C 225 6.17 62.15 -67.64
N ASP C 226 5.02 62.80 -67.46
CA ASP C 226 3.72 62.14 -67.52
C ASP C 226 3.44 61.61 -68.93
N ILE C 227 3.70 62.45 -69.94
CA ILE C 227 3.32 62.21 -71.33
C ILE C 227 4.05 60.97 -71.86
N GLN C 228 5.36 60.91 -71.61
CA GLN C 228 6.22 59.82 -72.08
C GLN C 228 5.77 58.49 -71.48
N ILE C 229 5.41 58.53 -70.19
CA ILE C 229 5.05 57.35 -69.43
C ILE C 229 3.67 56.84 -69.87
N ARG C 230 2.73 57.78 -70.09
CA ARG C 230 1.38 57.47 -70.51
C ARG C 230 1.38 56.77 -71.87
N ASP C 231 2.23 57.26 -72.78
CA ASP C 231 2.36 56.74 -74.13
C ASP C 231 2.95 55.33 -74.10
N PHE C 232 3.85 55.09 -73.15
CA PHE C 232 4.52 53.81 -72.98
C PHE C 232 3.51 52.75 -72.51
N ILE C 233 2.57 53.15 -71.64
CA ILE C 233 1.58 52.25 -71.07
C ILE C 233 0.60 51.82 -72.17
N HIS C 234 0.31 52.72 -73.11
CA HIS C 234 -0.63 52.49 -74.20
C HIS C 234 -0.05 51.52 -75.25
N LYS C 235 1.24 51.70 -75.55
CA LYS C 235 1.94 50.92 -76.57
C LYS C 235 2.06 49.47 -76.13
N VAL C 236 2.37 49.27 -74.84
CA VAL C 236 2.45 47.96 -74.22
C VAL C 236 1.03 47.39 -74.11
N GLY C 237 0.10 48.22 -73.64
CA GLY C 237 -1.27 47.82 -73.40
C GLY C 237 -1.54 47.62 -71.91
N PHE C 238 -2.78 47.90 -71.51
CA PHE C 238 -3.22 47.86 -70.12
C PHE C 238 -3.24 46.42 -69.60
N GLU C 239 -3.45 45.46 -70.51
CA GLU C 239 -3.64 44.06 -70.20
C GLU C 239 -2.38 43.44 -69.59
N ARG C 240 -1.21 43.84 -70.10
CA ARG C 240 0.06 43.21 -69.69
C ARG C 240 1.12 44.28 -69.41
N ILE C 241 0.74 45.32 -68.67
CA ILE C 241 1.67 46.36 -68.26
C ILE C 241 2.41 45.92 -66.99
N SER C 242 1.80 44.99 -66.25
CA SER C 242 2.29 44.57 -64.94
C SER C 242 3.50 43.66 -65.08
N LEU C 243 3.46 42.75 -66.07
CA LEU C 243 4.52 41.77 -66.31
C LEU C 243 5.55 42.37 -67.27
N ARG C 244 5.92 43.63 -67.04
CA ARG C 244 6.87 44.32 -67.89
C ARG C 244 7.63 45.37 -67.08
N VAL C 245 7.37 45.40 -65.76
CA VAL C 245 8.01 46.37 -64.88
C VAL C 245 8.53 45.65 -63.64
N VAL C 246 7.77 44.66 -63.16
CA VAL C 246 8.08 43.97 -61.92
C VAL C 246 9.13 42.89 -62.19
N ASN C 247 8.72 41.83 -62.90
CA ASN C 247 9.57 40.67 -63.14
C ASN C 247 9.68 40.44 -64.64
N SER C 248 10.56 41.22 -65.27
CA SER C 248 10.82 41.13 -66.70
C SER C 248 12.32 40.99 -66.96
N LEU C 249 12.67 40.08 -67.87
CA LEU C 249 14.05 39.81 -68.23
C LEU C 249 14.39 40.52 -69.54
N GLU C 250 14.03 41.81 -69.60
CA GLU C 250 14.28 42.65 -70.76
C GLU C 250 14.85 43.99 -70.32
N ALA C 251 15.56 44.65 -71.25
CA ALA C 251 16.18 45.95 -71.04
C ALA C 251 15.11 46.97 -70.67
N PRO C 252 15.31 47.74 -69.56
CA PRO C 252 14.34 48.75 -69.12
C PRO C 252 14.08 49.82 -70.18
N PRO C 253 12.82 50.34 -70.28
CA PRO C 253 12.49 51.39 -71.24
C PRO C 253 13.26 52.69 -70.98
N GLU C 254 13.71 53.31 -72.09
CA GLU C 254 14.49 54.53 -72.04
C GLU C 254 13.63 55.71 -72.49
N PHE C 255 13.82 56.86 -71.84
CA PHE C 255 13.09 58.07 -72.13
C PHE C 255 14.08 59.19 -72.46
N LYS C 256 13.75 59.95 -73.50
CA LYS C 256 14.51 61.14 -73.88
C LYS C 256 14.13 62.29 -72.95
N LYS C 257 15.04 63.26 -72.81
CA LYS C 257 14.85 64.43 -71.97
C LYS C 257 13.82 65.35 -72.61
N PRO C 258 12.68 65.65 -71.92
CA PRO C 258 11.66 66.54 -72.45
C PRO C 258 12.15 67.98 -72.57
N ASP C 259 11.46 68.77 -73.42
CA ASP C 259 11.81 70.15 -73.70
C ASP C 259 11.59 71.01 -72.46
N PHE C 260 12.67 71.22 -71.70
CA PHE C 260 12.61 72.03 -70.49
C PHE C 260 12.71 73.50 -70.87
N SER C 261 11.53 74.13 -71.02
CA SER C 261 11.44 75.54 -71.34
C SER C 261 10.68 76.27 -70.22
N LEU C 262 10.76 77.61 -70.23
CA LEU C 262 10.14 78.45 -69.21
C LEU C 262 8.62 78.37 -69.33
N ALA C 263 8.12 78.44 -70.57
CA ALA C 263 6.69 78.47 -70.87
C ALA C 263 6.01 77.18 -70.38
N HIS C 264 6.65 76.04 -70.67
CA HIS C 264 6.14 74.72 -70.32
C HIS C 264 6.14 74.53 -68.80
N LEU C 265 7.21 74.99 -68.14
CA LEU C 265 7.38 74.85 -66.71
C LEU C 265 6.33 75.69 -65.96
N ILE C 266 6.02 76.88 -66.49
CA ILE C 266 5.07 77.80 -65.89
C ILE C 266 3.68 77.16 -65.89
N GLU C 267 3.29 76.59 -67.03
CA GLU C 267 1.97 76.00 -67.25
C GLU C 267 1.73 74.89 -66.23
N SER C 268 2.74 74.03 -66.07
CA SER C 268 2.72 72.89 -65.15
C SER C 268 2.55 73.37 -63.71
N GLY C 269 3.29 74.41 -63.35
CA GLY C 269 3.30 74.98 -62.00
C GLY C 269 1.95 75.55 -61.60
N ASN C 270 1.24 76.14 -62.58
CA ASN C 270 -0.07 76.73 -62.40
C ASN C 270 -1.09 75.65 -62.09
N LEU C 271 -0.90 74.47 -62.69
CA LEU C 271 -1.82 73.34 -62.55
C LEU C 271 -1.71 72.75 -61.15
N VAL C 272 -0.50 72.74 -60.60
CA VAL C 272 -0.23 72.21 -59.26
C VAL C 272 -0.85 73.15 -58.22
N LEU C 273 -0.75 74.46 -58.47
CA LEU C 273 -1.29 75.49 -57.60
C LEU C 273 -2.81 75.35 -57.50
N GLY C 274 -3.46 75.01 -58.64
CA GLY C 274 -4.89 74.79 -58.70
C GLY C 274 -5.32 73.59 -57.87
N GLU C 275 -4.47 72.55 -57.86
CA GLU C 275 -4.70 71.30 -57.15
C GLU C 275 -4.61 71.52 -55.63
N GLN C 276 -3.67 72.38 -55.21
CA GLN C 276 -3.48 72.74 -53.82
C GLN C 276 -4.67 73.54 -53.31
N GLN C 277 -5.15 74.48 -54.15
CA GLN C 277 -6.21 75.42 -53.82
C GLN C 277 -7.53 74.67 -53.61
N ARG C 278 -7.69 73.54 -54.31
CA ARG C 278 -8.90 72.74 -54.33
C ARG C 278 -9.16 72.11 -52.97
N VAL C 279 -8.08 71.70 -52.28
CA VAL C 279 -8.15 71.05 -50.99
C VAL C 279 -8.38 72.10 -49.90
N ASP C 280 -7.89 73.31 -50.14
CA ASP C 280 -7.96 74.40 -49.18
C ASP C 280 -9.35 75.05 -49.20
N ASN C 281 -9.98 75.09 -50.39
CA ASN C 281 -11.27 75.74 -50.57
C ASN C 281 -12.41 74.72 -50.54
N SER C 282 -12.17 73.60 -49.83
CA SER C 282 -13.16 72.54 -49.70
C SER C 282 -14.12 72.83 -48.56
N GLN C 283 -15.42 72.61 -48.82
CA GLN C 283 -16.47 72.83 -47.84
C GLN C 283 -16.46 71.71 -46.80
N LEU C 284 -16.99 70.54 -47.18
CA LEU C 284 -17.02 69.36 -46.34
C LEU C 284 -17.13 68.12 -47.23
N SER D 1 -18.02 45.18 -69.23
CA SER D 1 -18.83 46.09 -70.10
C SER D 1 -18.94 47.48 -69.49
N TYR D 2 -18.43 47.61 -68.25
CA TYR D 2 -18.46 48.85 -67.49
C TYR D 2 -17.43 49.83 -68.03
N TYR D 3 -17.78 51.11 -68.01
CA TYR D 3 -16.96 52.18 -68.55
C TYR D 3 -16.18 52.86 -67.42
N ILE D 4 -14.85 52.78 -67.49
CA ILE D 4 -13.98 53.53 -66.60
C ILE D 4 -13.56 54.80 -67.34
N ALA D 5 -13.73 55.95 -66.67
CA ALA D 5 -13.40 57.26 -67.24
C ALA D 5 -11.92 57.32 -67.60
N PRO D 6 -11.56 57.81 -68.81
CA PRO D 6 -10.17 57.84 -69.26
C PRO D 6 -9.24 58.68 -68.39
N ARG D 7 -9.78 59.75 -67.79
CA ARG D 7 -9.03 60.59 -66.87
C ARG D 7 -8.64 59.80 -65.62
N PHE D 8 -9.57 58.99 -65.10
CA PHE D 8 -9.38 58.23 -63.88
C PHE D 8 -8.45 57.06 -64.13
N LEU D 9 -8.52 56.47 -65.34
CA LEU D 9 -7.74 55.30 -65.69
C LEU D 9 -6.28 55.69 -65.96
N ASP D 10 -6.09 56.89 -66.52
CA ASP D 10 -4.77 57.41 -66.85
C ASP D 10 -4.02 57.80 -65.58
N LYS D 11 -4.73 58.44 -64.64
CA LYS D 11 -4.17 58.96 -63.41
C LYS D 11 -3.76 57.82 -62.48
N LEU D 12 -4.46 56.68 -62.58
CA LEU D 12 -4.13 55.51 -61.78
C LEU D 12 -2.93 54.77 -62.39
N ALA D 13 -2.93 54.63 -63.72
CA ALA D 13 -1.90 53.86 -64.42
C ALA D 13 -0.55 54.53 -64.28
N VAL D 14 -0.52 55.85 -64.54
CA VAL D 14 0.70 56.63 -64.57
C VAL D 14 1.37 56.61 -63.19
N HIS D 15 0.55 56.68 -62.12
CA HIS D 15 1.04 56.72 -60.75
C HIS D 15 1.65 55.37 -60.35
N ILE D 16 0.99 54.27 -60.73
CA ILE D 16 1.43 52.95 -60.31
C ILE D 16 2.66 52.51 -61.12
N THR D 17 2.69 52.86 -62.41
CA THR D 17 3.80 52.53 -63.30
C THR D 17 5.06 53.27 -62.86
N LYS D 18 4.91 54.56 -62.51
CA LYS D 18 6.03 55.44 -62.21
C LYS D 18 6.76 55.00 -60.95
N ASN D 19 6.03 54.33 -60.04
CA ASN D 19 6.58 53.88 -58.77
C ASN D 19 7.50 52.69 -58.99
N PHE D 20 7.07 51.76 -59.87
CA PHE D 20 7.78 50.52 -60.13
C PHE D 20 8.97 50.77 -61.05
N LEU D 21 8.85 51.76 -61.95
CA LEU D 21 9.96 52.20 -62.78
C LEU D 21 10.97 52.97 -61.93
N ASN D 22 12.22 52.98 -62.37
CA ASN D 22 13.29 53.67 -61.67
C ASN D 22 14.03 54.60 -62.63
N ILE D 23 13.56 55.85 -62.71
CA ILE D 23 14.18 56.88 -63.52
C ILE D 23 15.12 57.68 -62.61
N PRO D 24 16.44 57.77 -62.94
CA PRO D 24 17.39 58.53 -62.13
C PRO D 24 17.12 60.03 -62.20
N GLY D 25 17.09 60.67 -61.01
CA GLY D 25 16.90 62.10 -60.89
C GLY D 25 15.48 62.47 -60.47
N VAL D 26 14.49 61.75 -61.02
CA VAL D 26 13.08 62.05 -60.82
C VAL D 26 12.62 61.46 -59.49
N ARG D 27 12.19 62.35 -58.59
CA ARG D 27 11.59 61.98 -57.31
C ARG D 27 10.09 61.77 -57.54
N VAL D 28 9.56 60.65 -57.04
CA VAL D 28 8.16 60.33 -57.25
C VAL D 28 7.44 60.18 -55.91
N PRO D 29 6.23 60.79 -55.75
CA PRO D 29 5.41 60.61 -54.56
C PRO D 29 4.83 59.20 -54.45
N LEU D 30 4.86 58.66 -53.23
CA LEU D 30 4.42 57.30 -52.96
C LEU D 30 2.90 57.25 -52.85
N ILE D 31 2.32 58.17 -52.05
CA ILE D 31 0.90 58.19 -51.77
C ILE D 31 0.20 58.96 -52.88
N LEU D 32 -0.88 58.37 -53.41
CA LEU D 32 -1.86 59.05 -54.24
C LEU D 32 -3.15 59.19 -53.45
N GLY D 33 -3.76 60.38 -53.50
CA GLY D 33 -5.01 60.65 -52.80
C GLY D 33 -6.10 61.11 -53.76
N ILE D 34 -7.27 60.49 -53.67
CA ILE D 34 -8.42 60.86 -54.48
C ILE D 34 -9.54 61.33 -53.54
N HIS D 35 -10.05 62.54 -53.81
CA HIS D 35 -11.08 63.16 -52.99
C HIS D 35 -12.14 63.82 -53.85
N GLY D 36 -13.30 64.10 -53.23
CA GLY D 36 -14.45 64.74 -53.86
C GLY D 36 -15.73 64.50 -53.08
N ARG D 37 -16.88 64.69 -53.76
CA ARG D 37 -18.20 64.50 -53.17
C ARG D 37 -18.58 63.02 -53.22
N LYS D 38 -19.67 62.67 -52.51
CA LYS D 38 -20.09 61.30 -52.30
C LYS D 38 -20.80 60.74 -53.54
N GLY D 39 -20.55 59.46 -53.80
CA GLY D 39 -21.27 58.66 -54.79
C GLY D 39 -20.88 58.98 -56.23
N GLU D 40 -19.65 59.49 -56.43
CA GLU D 40 -19.22 59.94 -57.74
C GLU D 40 -18.39 58.86 -58.45
N GLY D 41 -17.98 57.84 -57.69
CA GLY D 41 -17.32 56.67 -58.24
C GLY D 41 -15.80 56.68 -58.03
N LYS D 42 -15.36 57.07 -56.82
CA LYS D 42 -13.95 57.07 -56.48
C LYS D 42 -13.49 55.64 -56.19
N THR D 43 -14.18 54.99 -55.26
CA THR D 43 -13.85 53.64 -54.79
C THR D 43 -14.02 52.63 -55.92
N PHE D 44 -15.15 52.72 -56.64
CA PHE D 44 -15.60 51.67 -57.54
C PHE D 44 -14.71 51.61 -58.78
N GLN D 45 -14.22 52.78 -59.22
CA GLN D 45 -13.45 52.87 -60.46
C GLN D 45 -12.02 52.40 -60.25
N CYS D 46 -11.53 52.49 -59.00
CA CYS D 46 -10.25 51.93 -58.61
C CYS D 46 -10.26 50.41 -58.76
N GLU D 47 -11.34 49.79 -58.27
CA GLU D 47 -11.48 48.34 -58.25
C GLU D 47 -11.61 47.78 -59.68
N LEU D 48 -12.22 48.57 -60.57
CA LEU D 48 -12.35 48.20 -61.97
C LEU D 48 -10.99 48.19 -62.64
N ALA D 49 -10.21 49.25 -62.39
CA ALA D 49 -8.92 49.47 -63.03
C ALA D 49 -7.93 48.38 -62.63
N PHE D 50 -8.01 47.93 -61.37
CA PHE D 50 -7.14 46.89 -60.84
C PHE D 50 -7.50 45.53 -61.44
N GLU D 51 -8.76 45.39 -61.88
CA GLU D 51 -9.27 44.17 -62.48
C GLU D 51 -8.86 44.10 -63.95
N LYS D 52 -8.79 45.28 -64.60
CA LYS D 52 -8.42 45.40 -66.00
C LYS D 52 -6.91 45.16 -66.15
N MET D 53 -6.13 45.69 -65.20
CA MET D 53 -4.68 45.56 -65.19
C MET D 53 -4.24 44.24 -64.56
N GLY D 54 -5.13 43.66 -63.74
CA GLY D 54 -4.91 42.37 -63.11
C GLY D 54 -3.82 42.43 -62.04
N ILE D 55 -4.04 43.27 -61.02
CA ILE D 55 -3.07 43.51 -59.97
C ILE D 55 -3.72 43.33 -58.60
N GLU D 56 -2.93 42.82 -57.65
CA GLU D 56 -3.41 42.42 -56.33
C GLU D 56 -3.50 43.63 -55.41
N VAL D 57 -4.60 43.69 -54.66
CA VAL D 57 -4.94 44.81 -53.79
C VAL D 57 -4.97 44.32 -52.34
N THR D 58 -4.62 45.23 -51.43
CA THR D 58 -4.72 45.00 -49.99
C THR D 58 -5.54 46.14 -49.38
N LEU D 59 -6.70 45.80 -48.81
CA LEU D 59 -7.64 46.78 -48.29
C LEU D 59 -7.42 46.99 -46.79
N ILE D 60 -7.36 48.27 -46.39
CA ILE D 60 -7.45 48.64 -44.99
C ILE D 60 -8.66 49.56 -44.83
N SER D 61 -9.52 49.23 -43.87
CA SER D 61 -10.70 50.01 -43.55
C SER D 61 -10.30 51.23 -42.71
N GLY D 62 -11.13 52.28 -42.79
CA GLY D 62 -10.94 53.48 -42.01
C GLY D 62 -11.16 53.24 -40.52
N GLY D 63 -12.13 52.35 -40.21
CA GLY D 63 -12.53 52.08 -38.85
C GLY D 63 -11.58 51.14 -38.10
N GLU D 64 -10.46 50.79 -38.75
CA GLU D 64 -9.50 49.87 -38.19
C GLU D 64 -8.24 50.62 -37.73
N LEU D 65 -8.36 51.94 -37.62
CA LEU D 65 -7.22 52.80 -37.32
C LEU D 65 -7.28 53.28 -35.86
N GLU D 66 -8.00 52.55 -35.01
CA GLU D 66 -8.11 52.87 -33.60
C GLU D 66 -8.33 51.58 -32.81
N SER D 67 -7.54 51.41 -31.74
CA SER D 67 -7.55 50.20 -30.93
C SER D 67 -7.30 50.54 -29.47
N PRO D 68 -7.81 49.74 -28.50
CA PRO D 68 -7.66 50.04 -27.07
C PRO D 68 -6.23 50.05 -26.51
N ASP D 69 -5.28 49.48 -27.26
CA ASP D 69 -3.87 49.53 -26.89
C ASP D 69 -3.19 50.66 -27.67
N ALA D 70 -2.36 51.45 -26.97
CA ALA D 70 -1.71 52.60 -27.54
C ALA D 70 -0.66 52.16 -28.57
N GLY D 71 -0.65 52.85 -29.71
CA GLY D 71 0.35 52.67 -30.75
C GLY D 71 0.18 51.37 -31.53
N ASP D 72 -0.96 50.71 -31.34
CA ASP D 72 -1.24 49.43 -32.00
C ASP D 72 -1.72 49.65 -33.44
N PRO D 73 -2.52 50.69 -33.76
CA PRO D 73 -2.88 51.00 -35.15
C PRO D 73 -1.70 51.44 -36.02
N ALA D 74 -0.64 51.95 -35.37
CA ALA D 74 0.61 52.30 -36.02
C ALA D 74 1.30 51.06 -36.56
N ARG D 75 1.22 49.97 -35.77
CA ARG D 75 1.82 48.69 -36.07
C ARG D 75 1.11 48.02 -37.26
N LEU D 76 -0.21 48.23 -37.36
CA LEU D 76 -1.04 47.60 -38.39
C LEU D 76 -0.67 48.15 -39.77
N ILE D 77 -0.37 49.45 -39.84
CA ILE D 77 -0.01 50.12 -41.08
C ILE D 77 1.32 49.54 -41.59
N ARG D 78 2.24 49.29 -40.65
CA ARG D 78 3.57 48.76 -40.96
C ARG D 78 3.46 47.32 -41.44
N LEU D 79 2.64 46.52 -40.74
CA LEU D 79 2.54 45.09 -41.00
C LEU D 79 1.86 44.81 -42.33
N ARG D 80 0.88 45.65 -42.69
CA ARG D 80 0.14 45.50 -43.95
C ARG D 80 1.01 45.95 -45.12
N TYR D 81 1.99 46.81 -44.84
CA TYR D 81 2.91 47.28 -45.86
C TYR D 81 3.92 46.18 -46.18
N ARG D 82 4.43 45.53 -45.13
CA ARG D 82 5.44 44.48 -45.25
C ARG D 82 4.86 43.28 -45.99
N GLU D 83 3.59 42.97 -45.71
CA GLU D 83 2.90 41.84 -46.31
C GLU D 83 2.79 42.03 -47.82
N THR D 84 2.36 43.22 -48.23
CA THR D 84 2.11 43.53 -49.63
C THR D 84 3.44 43.55 -50.40
N ALA D 85 4.52 43.90 -49.69
CA ALA D 85 5.87 43.93 -50.24
C ALA D 85 6.36 42.51 -50.53
N GLU D 86 5.81 41.52 -49.81
CA GLU D 86 6.19 40.13 -49.95
C GLU D 86 5.54 39.52 -51.19
N LEU D 87 4.36 40.04 -51.56
CA LEU D 87 3.57 39.48 -52.64
C LEU D 87 4.20 39.76 -54.00
N ILE D 88 4.95 40.86 -54.10
CA ILE D 88 5.67 41.22 -55.30
C ILE D 88 6.75 40.17 -55.57
N LYS D 89 7.47 39.79 -54.50
CA LYS D 89 8.64 38.92 -54.56
C LYS D 89 8.23 37.50 -54.94
N VAL D 90 7.03 37.08 -54.51
CA VAL D 90 6.58 35.71 -54.64
C VAL D 90 5.88 35.52 -55.99
N ARG D 91 4.90 36.39 -56.28
CA ARG D 91 4.05 36.23 -57.45
C ARG D 91 4.79 36.74 -58.71
N GLY D 92 5.29 37.97 -58.64
CA GLY D 92 6.02 38.58 -59.75
C GLY D 92 5.16 39.53 -60.56
N LYS D 93 4.18 40.15 -59.89
CA LYS D 93 3.27 41.14 -60.48
C LYS D 93 3.21 42.37 -59.58
N MET D 94 2.53 43.42 -60.06
CA MET D 94 2.36 44.67 -59.31
C MET D 94 1.33 44.46 -58.20
N CYS D 95 1.62 45.05 -57.04
CA CYS D 95 0.74 44.99 -55.89
C CYS D 95 0.60 46.37 -55.27
N VAL D 96 -0.57 46.62 -54.67
CA VAL D 96 -0.96 47.95 -54.23
C VAL D 96 -1.71 47.84 -52.90
N LEU D 97 -1.36 48.73 -51.96
CA LEU D 97 -2.06 48.85 -50.69
C LEU D 97 -3.00 50.04 -50.76
N MET D 98 -4.29 49.80 -50.45
CA MET D 98 -5.29 50.85 -50.49
C MET D 98 -5.93 51.02 -49.12
N ILE D 99 -5.86 52.25 -48.59
CA ILE D 99 -6.57 52.63 -47.39
C ILE D 99 -7.80 53.44 -47.79
N ASN D 100 -8.93 52.73 -47.91
CA ASN D 100 -10.20 53.30 -48.31
C ASN D 100 -10.79 54.09 -47.15
N ASP D 101 -11.16 55.35 -47.44
CA ASP D 101 -11.79 56.27 -46.51
C ASP D 101 -10.85 56.57 -45.34
N LEU D 102 -9.92 57.50 -45.58
CA LEU D 102 -8.87 57.85 -44.63
C LEU D 102 -9.38 58.95 -43.69
N ASP D 103 -10.32 59.76 -44.20
CA ASP D 103 -10.81 60.97 -43.55
C ASP D 103 -11.43 60.64 -42.19
N ALA D 104 -12.19 59.55 -42.14
CA ALA D 104 -13.02 59.22 -40.99
C ALA D 104 -12.22 58.51 -39.89
N GLY D 105 -10.97 58.14 -40.23
CA GLY D 105 -10.09 57.43 -39.32
C GLY D 105 -9.15 58.37 -38.57
N ALA D 106 -8.41 59.18 -39.33
CA ALA D 106 -7.40 60.06 -38.78
C ALA D 106 -7.76 61.53 -39.01
N GLY D 107 -9.07 61.80 -39.17
CA GLY D 107 -9.56 63.14 -39.40
C GLY D 107 -10.13 63.77 -38.13
N ARG D 108 -9.85 65.07 -37.96
CA ARG D 108 -10.35 65.83 -36.83
C ARG D 108 -11.53 66.69 -37.29
N PHE D 109 -12.73 66.29 -36.87
CA PHE D 109 -13.96 66.97 -37.24
C PHE D 109 -13.97 68.39 -36.70
N ASP D 110 -13.84 68.52 -35.38
CA ASP D 110 -13.87 69.81 -34.70
C ASP D 110 -12.99 69.75 -33.45
N GLU D 111 -13.08 70.81 -32.63
CA GLU D 111 -12.35 70.93 -31.38
C GLU D 111 -13.21 70.41 -30.22
N GLY D 112 -14.47 70.09 -30.54
CA GLY D 112 -15.43 69.56 -29.58
C GLY D 112 -15.13 68.12 -29.21
N THR D 113 -14.72 67.33 -30.21
CA THR D 113 -14.52 65.90 -30.07
C THR D 113 -13.15 65.64 -29.44
N GLN D 114 -13.12 64.70 -28.47
CA GLN D 114 -11.88 64.26 -27.87
C GLN D 114 -11.30 63.12 -28.70
N TYR D 115 -10.05 63.28 -29.11
CA TYR D 115 -9.36 62.24 -29.85
C TYR D 115 -8.34 61.58 -28.92
N THR D 116 -7.61 60.61 -29.46
CA THR D 116 -6.63 59.85 -28.70
C THR D 116 -5.25 60.08 -29.32
N VAL D 117 -4.23 59.50 -28.68
CA VAL D 117 -2.85 59.56 -29.10
C VAL D 117 -2.67 58.84 -30.45
N ASN D 118 -3.59 57.92 -30.77
CA ASN D 118 -3.48 57.06 -31.95
C ASN D 118 -3.67 57.86 -33.24
N THR D 119 -4.48 58.92 -33.18
CA THR D 119 -4.77 59.78 -34.32
C THR D 119 -3.51 60.55 -34.72
N GLN D 120 -2.70 60.90 -33.70
CA GLN D 120 -1.42 61.57 -33.88
C GLN D 120 -0.44 60.64 -34.58
N LEU D 121 -0.29 59.42 -34.05
CA LEU D 121 0.75 58.49 -34.46
C LEU D 121 0.51 57.97 -35.88
N VAL D 122 -0.76 57.77 -36.26
CA VAL D 122 -1.15 57.19 -37.53
C VAL D 122 -0.73 58.11 -38.67
N ASN D 123 -0.93 59.42 -38.48
CA ASN D 123 -0.48 60.45 -39.42
C ASN D 123 1.04 60.42 -39.54
N ALA D 124 1.73 60.23 -38.41
CA ALA D 124 3.18 60.19 -38.36
C ALA D 124 3.74 58.96 -39.07
N THR D 125 3.05 57.81 -38.94
CA THR D 125 3.53 56.53 -39.43
C THR D 125 3.61 56.54 -40.94
N LEU D 126 2.59 57.14 -41.58
CA LEU D 126 2.50 57.22 -43.03
C LEU D 126 3.55 58.17 -43.59
N MET D 127 3.99 59.12 -42.76
CA MET D 127 4.94 60.14 -43.18
C MET D 127 6.35 59.55 -43.31
N ASN D 128 6.66 58.57 -42.46
CA ASN D 128 7.96 57.89 -42.50
C ASN D 128 8.02 56.98 -43.72
N ILE D 129 6.92 56.29 -44.00
CA ILE D 129 6.82 55.33 -45.09
C ILE D 129 6.97 56.06 -46.42
N ALA D 130 6.42 57.27 -46.49
CA ALA D 130 6.45 58.06 -47.71
C ALA D 130 7.85 58.66 -47.94
N ASP D 131 8.68 58.65 -46.89
CA ASP D 131 10.05 59.17 -46.94
C ASP D 131 11.04 58.05 -47.25
N ASN D 132 10.92 56.93 -46.51
CA ASN D 132 11.78 55.78 -46.68
C ASN D 132 10.94 54.53 -46.92
N PRO D 133 10.53 54.25 -48.18
CA PRO D 133 9.72 53.06 -48.48
C PRO D 133 10.51 51.75 -48.41
N THR D 134 11.84 51.85 -48.52
CA THR D 134 12.73 50.71 -48.56
C THR D 134 13.01 50.20 -47.15
N ASP D 135 13.04 51.11 -46.18
CA ASP D 135 13.36 50.78 -44.80
C ASP D 135 12.10 50.89 -43.94
N VAL D 136 11.41 49.77 -43.77
CA VAL D 136 10.26 49.66 -42.89
C VAL D 136 10.57 48.61 -41.83
N GLN D 137 10.54 49.04 -40.56
CA GLN D 137 10.98 48.20 -39.45
C GLN D 137 9.79 47.83 -38.57
N LEU D 138 9.56 46.53 -38.44
CA LEU D 138 8.59 45.96 -37.53
C LEU D 138 9.24 45.88 -36.15
N PRO D 139 8.52 46.27 -35.06
CA PRO D 139 9.11 46.31 -33.71
C PRO D 139 9.63 44.96 -33.22
N GLY D 140 10.88 44.97 -32.73
CA GLY D 140 11.59 43.77 -32.32
C GLY D 140 13.08 43.90 -32.60
N SER D 141 13.61 42.97 -33.40
CA SER D 141 15.01 42.94 -33.79
C SER D 141 15.23 43.75 -35.05
N TYR D 142 16.20 44.66 -35.00
CA TYR D 142 16.57 45.51 -36.12
C TYR D 142 17.40 44.69 -37.12
N ASP D 143 16.94 44.68 -38.38
CA ASP D 143 17.63 43.99 -39.45
C ASP D 143 17.80 44.94 -40.64
N SER D 144 19.06 45.11 -41.05
CA SER D 144 19.42 45.95 -42.18
C SER D 144 19.24 45.15 -43.47
N ASN D 145 18.00 45.14 -43.97
CA ASN D 145 17.64 44.43 -45.18
C ASN D 145 16.59 45.24 -45.95
N PRO D 146 16.80 45.49 -47.27
CA PRO D 146 15.83 46.25 -48.07
C PRO D 146 14.58 45.44 -48.42
N ILE D 147 13.46 46.15 -48.61
CA ILE D 147 12.21 45.57 -49.08
C ILE D 147 11.73 46.37 -50.29
N ARG D 148 10.82 45.77 -51.06
CA ARG D 148 10.32 46.35 -52.30
C ARG D 148 9.37 47.50 -52.00
N ARG D 149 9.27 48.42 -52.97
CA ARG D 149 8.47 49.64 -52.85
C ARG D 149 7.03 49.35 -53.27
N VAL D 150 6.09 49.75 -52.43
CA VAL D 150 4.66 49.56 -52.69
C VAL D 150 3.98 50.92 -52.71
N PRO D 151 3.31 51.30 -53.82
CA PRO D 151 2.48 52.51 -53.85
C PRO D 151 1.19 52.39 -53.04
N ILE D 152 0.75 53.53 -52.46
CA ILE D 152 -0.44 53.60 -51.63
C ILE D 152 -1.46 54.51 -52.31
N ILE D 153 -2.69 54.00 -52.46
CA ILE D 153 -3.83 54.77 -52.96
C ILE D 153 -4.76 55.05 -51.79
N VAL D 154 -5.29 56.28 -51.73
CA VAL D 154 -6.05 56.77 -50.60
C VAL D 154 -7.34 57.42 -51.09
N THR D 155 -8.46 57.00 -50.50
CA THR D 155 -9.77 57.60 -50.70
C THR D 155 -10.06 58.51 -49.51
N GLY D 156 -10.90 59.53 -49.74
CA GLY D 156 -11.32 60.47 -48.71
C GLY D 156 -12.44 61.37 -49.19
N ASN D 157 -13.13 62.01 -48.23
CA ASN D 157 -14.24 62.91 -48.51
C ASN D 157 -13.75 64.35 -48.39
N ASP D 158 -12.86 64.59 -47.41
CA ASP D 158 -12.26 65.89 -47.14
C ASP D 158 -10.87 65.69 -46.56
N PHE D 159 -9.86 66.25 -47.24
CA PHE D 159 -8.48 66.10 -46.81
C PHE D 159 -8.07 67.25 -45.89
N SER D 160 -8.91 68.28 -45.82
CA SER D 160 -8.66 69.47 -45.01
C SER D 160 -8.47 69.09 -43.54
N THR D 161 -9.32 68.17 -43.07
CA THR D 161 -9.30 67.71 -41.68
C THR D 161 -8.34 66.53 -41.56
N LEU D 162 -7.04 66.84 -41.56
CA LEU D 162 -5.95 65.86 -41.61
C LEU D 162 -4.63 66.62 -41.45
N TYR D 163 -3.64 65.96 -40.84
CA TYR D 163 -2.38 66.59 -40.44
C TYR D 163 -1.67 67.13 -41.67
N ALA D 164 -1.30 68.42 -41.61
CA ALA D 164 -0.91 69.22 -42.77
C ALA D 164 0.36 68.70 -43.45
N PRO D 165 1.46 68.37 -42.71
CA PRO D 165 2.67 67.81 -43.32
C PRO D 165 2.53 66.50 -44.11
N LEU D 166 1.42 65.78 -43.88
CA LEU D 166 1.08 64.57 -44.62
C LEU D 166 0.54 64.93 -46.00
N ILE D 167 -0.02 66.14 -46.11
CA ILE D 167 -0.57 66.65 -47.36
C ILE D 167 0.34 67.74 -47.91
N ARG D 168 1.30 67.34 -48.74
CA ARG D 168 2.15 68.27 -49.49
C ARG D 168 2.54 67.64 -50.82
N ASP D 169 2.80 68.50 -51.81
CA ASP D 169 3.09 68.13 -53.19
C ASP D 169 4.13 67.00 -53.23
N GLY D 170 5.18 67.14 -52.42
CA GLY D 170 6.30 66.21 -52.40
C GLY D 170 5.91 64.83 -51.86
N ARG D 171 4.92 64.80 -50.96
CA ARG D 171 4.67 63.61 -50.16
C ARG D 171 3.43 62.86 -50.67
N MET D 172 2.56 63.56 -51.42
CA MET D 172 1.31 63.00 -51.89
C MET D 172 0.91 63.67 -53.20
N GLU D 173 0.48 62.84 -54.17
CA GLU D 173 -0.08 63.31 -55.42
C GLU D 173 -1.60 63.41 -55.24
N LYS D 174 -2.13 64.63 -55.46
CA LYS D 174 -3.52 64.94 -55.19
C LYS D 174 -4.32 64.90 -56.50
N PHE D 175 -5.52 64.31 -56.43
CA PHE D 175 -6.39 64.22 -57.58
C PHE D 175 -7.85 64.38 -57.15
N TYR D 176 -8.42 65.54 -57.49
CA TYR D 176 -9.82 65.85 -57.25
C TYR D 176 -10.67 65.26 -58.37
N TRP D 177 -11.79 64.61 -57.99
CA TRP D 177 -12.67 63.96 -58.94
C TRP D 177 -14.06 64.57 -58.91
N GLU D 178 -14.51 65.01 -60.09
CA GLU D 178 -15.86 65.53 -60.31
C GLU D 178 -16.23 65.29 -61.77
N PRO D 179 -17.13 64.32 -62.08
CA PRO D 179 -17.50 64.02 -63.47
C PRO D 179 -18.33 65.10 -64.14
N ASN D 180 -18.02 65.33 -65.43
CA ASN D 180 -18.71 66.31 -66.27
C ASN D 180 -19.87 65.64 -67.00
N ARG D 181 -20.44 66.34 -67.99
CA ARG D 181 -21.58 65.86 -68.76
C ARG D 181 -21.15 64.66 -69.62
N ASP D 182 -19.98 64.77 -70.26
CA ASP D 182 -19.46 63.74 -71.15
C ASP D 182 -19.15 62.48 -70.36
N ASP D 183 -18.59 62.65 -69.15
CA ASP D 183 -18.27 61.56 -68.23
C ASP D 183 -19.55 60.87 -67.79
N LYS D 184 -20.55 61.68 -67.39
CA LYS D 184 -21.84 61.18 -66.97
C LYS D 184 -22.46 60.32 -68.08
N VAL D 185 -22.53 60.88 -69.29
CA VAL D 185 -23.15 60.23 -70.44
C VAL D 185 -22.44 58.91 -70.73
N GLY D 186 -21.11 58.90 -70.60
CA GLY D 186 -20.29 57.72 -70.82
C GLY D 186 -20.60 56.61 -69.82
N ILE D 187 -20.65 56.97 -68.53
CA ILE D 187 -20.82 56.03 -67.42
C ILE D 187 -22.25 55.51 -67.42
N VAL D 188 -23.24 56.41 -67.50
CA VAL D 188 -24.64 56.06 -67.46
C VAL D 188 -24.98 55.23 -68.70
N GLY D 189 -24.31 55.53 -69.82
CA GLY D 189 -24.41 54.76 -71.05
C GLY D 189 -23.97 53.30 -70.86
N GLY D 190 -22.89 53.11 -70.12
CA GLY D 190 -22.31 51.79 -69.86
C GLY D 190 -23.17 50.94 -68.93
N ILE D 191 -23.92 51.60 -68.04
CA ILE D 191 -24.79 50.94 -67.07
C ILE D 191 -25.99 50.34 -67.80
N PHE D 192 -26.51 51.08 -68.80
CA PHE D 192 -27.71 50.69 -69.52
C PHE D 192 -27.38 50.20 -70.94
N ALA D 193 -26.14 49.71 -71.13
CA ALA D 193 -25.62 49.34 -72.43
C ALA D 193 -26.33 48.12 -72.99
N GLU D 194 -26.62 47.14 -72.11
CA GLU D 194 -27.23 45.87 -72.48
C GLU D 194 -28.73 46.05 -72.72
N ASP D 195 -29.31 47.09 -72.09
CA ASP D 195 -30.74 47.35 -72.09
C ASP D 195 -31.21 47.78 -73.47
N GLY D 196 -30.45 48.70 -74.09
CA GLY D 196 -30.73 49.15 -75.45
C GLY D 196 -31.54 50.44 -75.47
N LEU D 197 -30.84 51.57 -75.31
CA LEU D 197 -31.42 52.91 -75.41
C LEU D 197 -30.62 53.72 -76.42
N SER D 198 -31.31 54.64 -77.12
CA SER D 198 -30.70 55.53 -78.08
C SER D 198 -29.87 56.60 -77.36
N GLN D 199 -28.98 57.25 -78.12
CA GLN D 199 -28.09 58.27 -77.60
C GLN D 199 -28.88 59.43 -77.00
N ARG D 200 -29.93 59.85 -77.73
CA ARG D 200 -30.79 60.98 -77.36
C ARG D 200 -31.52 60.71 -76.05
N GLU D 201 -31.91 59.44 -75.85
CA GLU D 201 -32.63 58.99 -74.66
C GLU D 201 -31.74 59.05 -73.43
N ILE D 202 -30.46 58.68 -73.60
CA ILE D 202 -29.49 58.68 -72.52
C ILE D 202 -29.20 60.12 -72.09
N GLU D 203 -29.16 61.02 -73.07
CA GLU D 203 -28.94 62.45 -72.84
C GLU D 203 -30.05 63.01 -71.96
N GLN D 204 -31.30 62.59 -72.23
CA GLN D 204 -32.51 63.08 -71.58
C GLN D 204 -32.51 62.71 -70.10
N LEU D 205 -31.98 61.51 -69.79
CA LEU D 205 -31.98 60.95 -68.44
C LEU D 205 -31.02 61.74 -67.54
N VAL D 206 -29.92 62.22 -68.12
CA VAL D 206 -28.94 63.02 -67.41
C VAL D 206 -29.52 64.41 -67.15
N ASP D 207 -30.31 64.92 -68.12
CA ASP D 207 -30.88 66.26 -68.07
C ASP D 207 -32.01 66.35 -67.05
N THR D 208 -32.76 65.24 -66.90
CA THR D 208 -33.91 65.19 -66.00
C THR D 208 -33.43 65.31 -64.55
N PHE D 209 -32.35 64.59 -64.23
CA PHE D 209 -31.81 64.56 -62.88
C PHE D 209 -30.34 65.02 -62.89
N PRO D 210 -30.06 66.33 -63.11
CA PRO D 210 -28.69 66.79 -63.34
C PRO D 210 -27.79 66.79 -62.11
N LYS D 211 -28.37 67.11 -60.94
CA LYS D 211 -27.63 67.21 -59.70
C LYS D 211 -27.75 65.89 -58.93
N GLN D 212 -27.19 64.83 -59.53
CA GLN D 212 -27.28 63.50 -58.96
C GLN D 212 -25.94 62.76 -59.09
N SER D 213 -25.64 61.94 -58.08
CA SER D 213 -24.49 61.06 -58.03
C SER D 213 -24.68 59.89 -58.99
N ILE D 214 -23.61 59.10 -59.19
CA ILE D 214 -23.64 57.97 -60.10
C ILE D 214 -24.41 56.80 -59.44
N ASP D 215 -24.39 56.75 -58.11
CA ASP D 215 -25.04 55.69 -57.35
C ASP D 215 -26.56 55.76 -57.49
N PHE D 216 -27.06 56.96 -57.81
CA PHE D 216 -28.48 57.23 -57.98
C PHE D 216 -29.02 56.46 -59.19
N PHE D 217 -28.24 56.43 -60.27
CA PHE D 217 -28.64 55.79 -61.51
C PHE D 217 -28.57 54.28 -61.38
N SER D 218 -27.58 53.77 -60.64
CA SER D 218 -27.43 52.34 -60.42
C SER D 218 -28.55 51.79 -59.55
N ALA D 219 -29.06 52.65 -58.65
CA ALA D 219 -30.12 52.32 -57.70
C ALA D 219 -31.46 52.12 -58.42
N LEU D 220 -31.61 52.75 -59.59
CA LEU D 220 -32.79 52.64 -60.43
C LEU D 220 -33.00 51.19 -60.89
N ARG D 221 -31.90 50.54 -61.26
CA ARG D 221 -31.92 49.22 -61.88
C ARG D 221 -32.42 48.16 -60.90
N SER D 222 -32.09 48.34 -59.62
CA SER D 222 -32.51 47.43 -58.55
C SER D 222 -34.02 47.48 -58.36
N ARG D 223 -34.59 48.68 -58.53
CA ARG D 223 -36.00 48.94 -58.26
C ARG D 223 -36.89 48.28 -59.30
N ILE D 224 -36.36 48.07 -60.52
CA ILE D 224 -37.13 47.56 -61.63
C ILE D 224 -37.32 46.04 -61.48
N TYR D 225 -36.39 45.39 -60.79
CA TYR D 225 -36.40 43.94 -60.67
C TYR D 225 -37.37 43.45 -59.60
N ASP D 226 -37.97 44.39 -58.85
CA ASP D 226 -38.74 44.11 -57.65
C ASP D 226 -39.93 43.18 -57.94
N ILE D 227 -40.65 43.47 -59.03
CA ILE D 227 -41.92 42.82 -59.35
C ILE D 227 -41.71 41.32 -59.59
N GLN D 228 -40.65 40.99 -60.35
CA GLN D 228 -40.32 39.61 -60.69
C GLN D 228 -39.95 38.81 -59.43
N ILE D 229 -39.18 39.44 -58.53
CA ILE D 229 -38.68 38.80 -57.33
C ILE D 229 -39.83 38.57 -56.35
N ARG D 230 -40.73 39.56 -56.25
CA ARG D 230 -41.89 39.50 -55.38
C ARG D 230 -42.77 38.31 -55.75
N ASP D 231 -42.95 38.10 -57.06
CA ASP D 231 -43.79 37.05 -57.61
C ASP D 231 -43.17 35.68 -57.35
N PHE D 232 -41.83 35.63 -57.41
CA PHE D 232 -41.07 34.41 -57.18
C PHE D 232 -41.22 33.95 -55.72
N ILE D 233 -41.24 34.91 -54.79
CA ILE D 233 -41.31 34.65 -53.36
C ILE D 233 -42.68 34.05 -53.02
N HIS D 234 -43.73 34.53 -53.69
CA HIS D 234 -45.10 34.07 -53.46
C HIS D 234 -45.29 32.65 -53.96
N LYS D 235 -44.72 32.34 -55.14
CA LYS D 235 -44.86 31.05 -55.81
C LYS D 235 -44.21 29.94 -54.98
N VAL D 236 -43.03 30.24 -54.43
CA VAL D 236 -42.32 29.34 -53.54
C VAL D 236 -43.08 29.25 -52.22
N GLY D 237 -43.43 30.42 -51.67
CA GLY D 237 -44.05 30.52 -50.35
C GLY D 237 -43.04 30.98 -49.30
N PHE D 238 -43.52 31.77 -48.33
CA PHE D 238 -42.71 32.40 -47.30
C PHE D 238 -42.12 31.36 -46.37
N GLU D 239 -42.79 30.21 -46.24
CA GLU D 239 -42.46 29.18 -45.27
C GLU D 239 -41.13 28.52 -45.61
N ARG D 240 -40.80 28.47 -46.91
CA ARG D 240 -39.65 27.70 -47.37
C ARG D 240 -38.85 28.49 -48.41
N ILE D 241 -38.81 29.81 -48.26
CA ILE D 241 -38.07 30.66 -49.18
C ILE D 241 -36.57 30.63 -48.84
N SER D 242 -36.26 30.30 -47.59
CA SER D 242 -34.89 30.31 -47.09
C SER D 242 -34.13 29.06 -47.56
N LEU D 243 -34.84 27.92 -47.64
CA LEU D 243 -34.24 26.65 -48.02
C LEU D 243 -34.34 26.44 -49.53
N ARG D 244 -34.81 27.46 -50.24
CA ARG D 244 -34.99 27.42 -51.69
C ARG D 244 -34.01 28.35 -52.38
N VAL D 245 -33.18 29.03 -51.59
CA VAL D 245 -32.26 30.03 -52.12
C VAL D 245 -30.85 29.77 -51.58
N VAL D 246 -30.72 29.68 -50.26
CA VAL D 246 -29.42 29.60 -49.60
C VAL D 246 -28.75 28.28 -49.94
N ASN D 247 -29.47 27.17 -49.71
CA ASN D 247 -28.95 25.83 -49.98
C ASN D 247 -29.35 25.44 -51.40
N SER D 248 -28.71 26.09 -52.38
CA SER D 248 -28.94 25.83 -53.80
C SER D 248 -28.38 24.45 -54.15
N LEU D 249 -29.29 23.47 -54.24
CA LEU D 249 -28.95 22.09 -54.55
C LEU D 249 -29.34 21.79 -56.00
N GLU D 250 -30.37 22.46 -56.50
CA GLU D 250 -30.89 22.24 -57.84
C GLU D 250 -30.25 23.24 -58.80
N ALA D 251 -30.99 24.30 -59.12
CA ALA D 251 -30.57 25.36 -60.04
C ALA D 251 -31.24 26.67 -59.66
N PRO D 252 -30.46 27.78 -59.51
CA PRO D 252 -31.04 29.10 -59.22
C PRO D 252 -32.02 29.57 -60.31
N PRO D 253 -33.13 30.25 -59.93
CA PRO D 253 -34.12 30.73 -60.89
C PRO D 253 -33.60 31.84 -61.80
N GLU D 254 -34.25 32.00 -62.96
CA GLU D 254 -33.87 32.98 -63.96
C GLU D 254 -35.00 33.97 -64.14
N PHE D 255 -34.63 35.21 -64.49
CA PHE D 255 -35.57 36.30 -64.72
C PHE D 255 -35.37 36.88 -66.10
N LYS D 256 -36.49 37.10 -66.81
CA LYS D 256 -36.48 37.76 -68.12
C LYS D 256 -36.29 39.26 -67.92
N LYS D 257 -35.66 39.90 -68.92
CA LYS D 257 -35.32 41.31 -68.87
C LYS D 257 -36.61 42.15 -68.89
N PRO D 258 -36.83 43.00 -67.85
CA PRO D 258 -38.02 43.85 -67.79
C PRO D 258 -37.99 44.94 -68.86
N ASP D 259 -39.17 45.49 -69.17
CA ASP D 259 -39.33 46.53 -70.16
C ASP D 259 -38.59 47.79 -69.71
N PHE D 260 -37.64 48.24 -70.54
CA PHE D 260 -36.87 49.44 -70.24
C PHE D 260 -37.23 50.55 -71.23
N SER D 261 -37.96 51.54 -70.71
CA SER D 261 -38.34 52.73 -71.44
C SER D 261 -38.03 53.97 -70.60
N LEU D 262 -37.77 55.09 -71.28
CA LEU D 262 -37.42 56.35 -70.65
C LEU D 262 -38.55 56.82 -69.72
N ALA D 263 -39.81 56.57 -70.14
CA ALA D 263 -41.00 56.94 -69.39
C ALA D 263 -41.05 56.21 -68.06
N HIS D 264 -40.69 54.92 -68.08
CA HIS D 264 -40.71 54.06 -66.90
C HIS D 264 -39.56 54.40 -65.96
N LEU D 265 -38.42 54.81 -66.55
CA LEU D 265 -37.21 55.15 -65.81
C LEU D 265 -37.40 56.44 -65.02
N ILE D 266 -38.05 57.44 -65.66
CA ILE D 266 -38.29 58.75 -65.06
C ILE D 266 -39.21 58.59 -63.85
N GLU D 267 -40.24 57.75 -64.00
CA GLU D 267 -41.19 57.43 -62.94
C GLU D 267 -40.47 56.85 -61.74
N SER D 268 -39.55 55.91 -62.01
CA SER D 268 -38.74 55.24 -61.01
C SER D 268 -37.82 56.24 -60.30
N GLY D 269 -37.27 57.18 -61.07
CA GLY D 269 -36.36 58.20 -60.58
C GLY D 269 -37.02 59.14 -59.58
N ASN D 270 -38.28 59.51 -59.86
CA ASN D 270 -39.08 60.41 -59.04
C ASN D 270 -39.43 59.74 -57.71
N LEU D 271 -39.54 58.41 -57.74
CA LEU D 271 -39.91 57.58 -56.60
C LEU D 271 -38.74 57.47 -55.63
N VAL D 272 -37.52 57.47 -56.16
CA VAL D 272 -36.29 57.45 -55.36
C VAL D 272 -36.12 58.82 -54.71
N LEU D 273 -36.36 59.88 -55.49
CA LEU D 273 -36.29 61.26 -55.02
C LEU D 273 -37.26 61.47 -53.85
N GLY D 274 -38.46 60.90 -53.96
CA GLY D 274 -39.51 61.03 -52.97
C GLY D 274 -39.09 60.47 -51.61
N GLU D 275 -38.31 59.39 -51.64
CA GLU D 275 -37.84 58.71 -50.43
C GLU D 275 -36.72 59.50 -49.77
N GLN D 276 -35.91 60.19 -50.59
CA GLN D 276 -34.79 61.01 -50.14
C GLN D 276 -35.31 62.26 -49.42
N GLN D 277 -36.39 62.84 -49.97
CA GLN D 277 -36.98 64.07 -49.48
C GLN D 277 -37.68 63.84 -48.15
N ARG D 278 -38.19 62.61 -47.96
CA ARG D 278 -38.95 62.20 -46.79
C ARG D 278 -38.07 62.23 -45.53
N VAL D 279 -36.78 61.90 -45.71
CA VAL D 279 -35.80 61.86 -44.63
C VAL D 279 -35.38 63.27 -44.25
N ASP D 280 -35.20 64.13 -45.28
CA ASP D 280 -34.67 65.47 -45.13
C ASP D 280 -35.52 66.29 -44.16
N ASN D 281 -36.83 66.35 -44.44
CA ASN D 281 -37.78 67.09 -43.62
C ASN D 281 -38.07 66.32 -42.33
N SER E 1 -51.50 34.78 -34.65
CA SER E 1 -52.71 35.35 -35.33
C SER E 1 -52.56 36.86 -35.51
N TYR E 2 -51.31 37.34 -35.40
CA TYR E 2 -50.97 38.73 -35.60
C TYR E 2 -51.02 39.05 -37.10
N TYR E 3 -51.58 40.23 -37.42
CA TYR E 3 -51.61 40.73 -38.77
C TYR E 3 -50.29 41.44 -39.06
N ILE E 4 -49.62 41.01 -40.13
CA ILE E 4 -48.44 41.68 -40.66
C ILE E 4 -48.87 42.43 -41.91
N ALA E 5 -48.52 43.73 -41.96
CA ALA E 5 -48.93 44.61 -43.03
C ALA E 5 -48.22 44.25 -44.33
N PRO E 6 -48.97 43.95 -45.42
CA PRO E 6 -48.40 43.54 -46.71
C PRO E 6 -47.20 44.33 -47.23
N ARG E 7 -47.28 45.66 -47.14
CA ARG E 7 -46.20 46.54 -47.58
C ARG E 7 -44.92 46.21 -46.81
N PHE E 8 -45.05 46.07 -45.48
CA PHE E 8 -43.94 45.84 -44.57
C PHE E 8 -43.32 44.47 -44.84
N LEU E 9 -44.15 43.48 -45.19
CA LEU E 9 -43.69 42.12 -45.43
C LEU E 9 -43.02 42.02 -46.79
N ASP E 10 -43.54 42.74 -47.79
CA ASP E 10 -43.01 42.70 -49.14
C ASP E 10 -41.65 43.36 -49.20
N LYS E 11 -41.52 44.51 -48.52
CA LYS E 11 -40.31 45.33 -48.57
C LYS E 11 -39.14 44.59 -47.91
N LEU E 12 -39.42 43.88 -46.82
CA LEU E 12 -38.40 43.15 -46.07
C LEU E 12 -38.03 41.85 -46.78
N ALA E 13 -39.02 41.21 -47.43
CA ALA E 13 -38.84 39.93 -48.09
C ALA E 13 -37.89 40.08 -49.28
N VAL E 14 -38.13 41.12 -50.09
CA VAL E 14 -37.44 41.33 -51.35
C VAL E 14 -36.00 41.75 -51.09
N HIS E 15 -35.78 42.50 -50.00
CA HIS E 15 -34.45 43.00 -49.65
C HIS E 15 -33.50 41.86 -49.27
N ILE E 16 -34.02 40.87 -48.53
CA ILE E 16 -33.19 39.77 -48.07
C ILE E 16 -32.90 38.81 -49.23
N THR E 17 -33.94 38.47 -50.00
CA THR E 17 -33.84 37.53 -51.11
C THR E 17 -32.84 38.04 -52.16
N LYS E 18 -32.90 39.35 -52.44
CA LYS E 18 -32.16 39.96 -53.54
C LYS E 18 -30.66 39.97 -53.26
N ASN E 19 -30.28 39.91 -51.97
CA ASN E 19 -28.88 39.82 -51.54
C ASN E 19 -28.36 38.40 -51.76
N PHE E 20 -29.15 37.40 -51.37
CA PHE E 20 -28.78 36.00 -51.42
C PHE E 20 -28.79 35.47 -52.86
N LEU E 21 -29.63 36.06 -53.72
CA LEU E 21 -29.67 35.76 -55.14
C LEU E 21 -28.53 36.50 -55.85
N ASN E 22 -28.09 35.93 -56.97
CA ASN E 22 -27.05 36.52 -57.81
C ASN E 22 -27.60 36.78 -59.20
N ILE E 23 -27.80 38.07 -59.52
CA ILE E 23 -28.18 38.49 -60.85
C ILE E 23 -27.05 39.36 -61.40
N PRO E 24 -26.45 38.99 -62.57
CA PRO E 24 -25.33 39.73 -63.13
C PRO E 24 -25.72 41.08 -63.71
N GLY E 25 -24.94 42.12 -63.38
CA GLY E 25 -25.15 43.47 -63.87
C GLY E 25 -26.07 44.30 -62.99
N VAL E 26 -26.44 43.74 -61.83
CA VAL E 26 -27.30 44.41 -60.86
C VAL E 26 -26.53 44.56 -59.55
N ARG E 27 -26.43 45.82 -59.08
CA ARG E 27 -25.78 46.15 -57.83
C ARG E 27 -26.85 46.49 -56.80
N VAL E 28 -26.78 45.85 -55.63
CA VAL E 28 -27.84 45.94 -54.63
C VAL E 28 -27.31 46.51 -53.31
N PRO E 29 -28.09 47.39 -52.63
CA PRO E 29 -27.72 47.89 -51.31
C PRO E 29 -27.77 46.82 -50.22
N LEU E 30 -26.81 46.90 -49.30
CA LEU E 30 -26.65 45.93 -48.23
C LEU E 30 -27.59 46.26 -47.06
N ILE E 31 -27.71 47.56 -46.76
CA ILE E 31 -28.47 48.01 -45.59
C ILE E 31 -29.88 48.39 -46.01
N LEU E 32 -30.86 47.97 -45.20
CA LEU E 32 -32.22 48.49 -45.24
C LEU E 32 -32.48 49.24 -43.95
N GLY E 33 -32.92 50.49 -44.07
CA GLY E 33 -33.21 51.37 -42.94
C GLY E 33 -34.69 51.74 -42.89
N ILE E 34 -35.36 51.29 -41.81
CA ILE E 34 -36.77 51.56 -41.60
C ILE E 34 -36.90 52.64 -40.52
N HIS E 35 -37.62 53.73 -40.85
CA HIS E 35 -37.84 54.85 -39.96
C HIS E 35 -39.29 55.32 -40.03
N GLY E 36 -39.74 55.97 -38.95
CA GLY E 36 -41.11 56.49 -38.84
C GLY E 36 -41.34 57.21 -37.52
N ARG E 37 -42.38 56.78 -36.80
CA ARG E 37 -42.72 57.34 -35.50
C ARG E 37 -42.69 56.24 -34.45
N LYS E 38 -42.74 56.65 -33.18
CA LYS E 38 -42.69 55.73 -32.05
C LYS E 38 -43.98 54.92 -31.97
N GLY E 39 -43.81 53.59 -31.81
CA GLY E 39 -44.89 52.67 -31.50
C GLY E 39 -45.75 52.31 -32.71
N GLU E 40 -45.21 52.50 -33.91
CA GLU E 40 -45.94 52.19 -35.13
C GLU E 40 -45.71 50.73 -35.52
N GLY E 41 -44.63 50.14 -34.96
CA GLY E 41 -44.39 48.71 -35.05
C GLY E 41 -43.29 48.36 -36.06
N LYS E 42 -42.17 49.09 -36.00
CA LYS E 42 -41.02 48.84 -36.85
C LYS E 42 -40.32 47.56 -36.41
N THR E 43 -39.89 47.54 -35.13
CA THR E 43 -39.19 46.42 -34.54
C THR E 43 -40.09 45.18 -34.51
N PHE E 44 -41.38 45.39 -34.18
CA PHE E 44 -42.26 44.29 -33.85
C PHE E 44 -42.69 43.52 -35.10
N GLN E 45 -42.93 44.24 -36.21
CA GLN E 45 -43.36 43.62 -37.46
C GLN E 45 -42.18 42.94 -38.15
N CYS E 46 -40.96 43.35 -37.81
CA CYS E 46 -39.74 42.70 -38.25
C CYS E 46 -39.61 41.33 -37.60
N GLU E 47 -39.95 41.25 -36.30
CA GLU E 47 -39.81 40.04 -35.51
C GLU E 47 -40.80 38.98 -35.98
N LEU E 48 -42.01 39.42 -36.35
CA LEU E 48 -43.03 38.51 -36.88
C LEU E 48 -42.62 38.01 -38.25
N ALA E 49 -41.96 38.88 -39.02
CA ALA E 49 -41.51 38.59 -40.37
C ALA E 49 -40.35 37.58 -40.36
N PHE E 50 -39.47 37.68 -39.35
CA PHE E 50 -38.32 36.81 -39.26
C PHE E 50 -38.73 35.42 -38.77
N GLU E 51 -39.87 35.35 -38.05
CA GLU E 51 -40.34 34.11 -37.46
C GLU E 51 -41.17 33.33 -38.46
N LYS E 52 -41.89 34.05 -39.32
CA LYS E 52 -42.74 33.44 -40.35
C LYS E 52 -41.86 32.71 -41.36
N MET E 53 -40.78 33.36 -41.78
CA MET E 53 -39.84 32.84 -42.76
C MET E 53 -38.93 31.80 -42.12
N GLY E 54 -38.72 31.95 -40.80
CA GLY E 54 -37.85 31.07 -40.04
C GLY E 54 -36.39 31.31 -40.38
N ILE E 55 -35.89 32.50 -39.99
CA ILE E 55 -34.52 32.91 -40.25
C ILE E 55 -33.89 33.45 -38.97
N GLU E 56 -32.57 33.21 -38.82
CA GLU E 56 -31.80 33.54 -37.62
C GLU E 56 -31.50 35.04 -37.60
N VAL E 57 -31.56 35.62 -36.40
CA VAL E 57 -31.31 37.04 -36.19
C VAL E 57 -30.18 37.19 -35.18
N THR E 58 -29.17 38.00 -35.53
CA THR E 58 -28.17 38.47 -34.59
C THR E 58 -28.45 39.92 -34.25
N LEU E 59 -28.53 40.22 -32.94
CA LEU E 59 -28.99 41.52 -32.47
C LEU E 59 -27.83 42.31 -31.87
N ILE E 60 -27.73 43.58 -32.29
CA ILE E 60 -26.81 44.55 -31.73
C ILE E 60 -27.64 45.69 -31.15
N SER E 61 -27.38 46.04 -29.89
CA SER E 61 -28.09 47.13 -29.25
C SER E 61 -27.49 48.47 -29.63
N GLY E 62 -28.34 49.46 -29.86
CA GLY E 62 -27.93 50.80 -30.22
C GLY E 62 -27.16 51.49 -29.09
N GLY E 63 -27.48 51.11 -27.85
CA GLY E 63 -26.82 51.63 -26.66
C GLY E 63 -25.60 50.81 -26.29
N GLU E 64 -24.92 50.26 -27.30
CA GLU E 64 -23.72 49.46 -27.12
C GLU E 64 -22.62 49.97 -28.04
N LEU E 65 -22.93 51.01 -28.82
CA LEU E 65 -22.05 51.53 -29.86
C LEU E 65 -21.25 52.72 -29.32
N GLU E 66 -20.77 52.60 -28.08
CA GLU E 66 -19.87 53.54 -27.42
C GLU E 66 -19.36 52.89 -26.13
N SER E 67 -18.03 52.90 -25.96
CA SER E 67 -17.38 52.18 -24.87
C SER E 67 -16.21 53.01 -24.33
N PRO E 68 -15.79 52.79 -23.07
CA PRO E 68 -14.58 53.42 -22.53
C PRO E 68 -13.27 53.05 -23.22
N ASP E 69 -13.27 51.95 -23.99
CA ASP E 69 -12.14 51.55 -24.81
C ASP E 69 -12.33 52.11 -26.21
N ALA E 70 -11.24 52.63 -26.79
CA ALA E 70 -11.27 53.25 -28.10
C ALA E 70 -11.23 52.17 -29.19
N GLY E 71 -12.20 52.26 -30.11
CA GLY E 71 -12.27 51.38 -31.26
C GLY E 71 -12.86 50.00 -30.94
N ASP E 72 -13.40 49.86 -29.72
CA ASP E 72 -14.00 48.62 -29.26
C ASP E 72 -15.38 48.40 -29.87
N PRO E 73 -16.24 49.45 -30.06
CA PRO E 73 -17.50 49.28 -30.79
C PRO E 73 -17.30 49.07 -32.28
N ALA E 74 -16.15 49.53 -32.79
CA ALA E 74 -15.75 49.32 -34.17
C ALA E 74 -15.35 47.86 -34.38
N ARG E 75 -14.72 47.27 -33.36
CA ARG E 75 -14.32 45.88 -33.37
C ARG E 75 -15.54 44.97 -33.27
N LEU E 76 -16.58 45.43 -32.54
CA LEU E 76 -17.75 44.63 -32.24
C LEU E 76 -18.55 44.31 -33.49
N ILE E 77 -18.80 45.33 -34.32
CA ILE E 77 -19.59 45.18 -35.53
C ILE E 77 -18.87 44.24 -36.50
N ARG E 78 -17.54 44.39 -36.60
CA ARG E 78 -16.72 43.58 -37.49
C ARG E 78 -16.71 42.12 -37.03
N LEU E 79 -16.87 41.90 -35.72
CA LEU E 79 -16.87 40.55 -35.18
C LEU E 79 -18.22 39.88 -35.41
N ARG E 80 -19.32 40.62 -35.19
CA ARG E 80 -20.67 40.09 -35.29
C ARG E 80 -21.06 39.81 -36.73
N TYR E 81 -20.37 40.47 -37.67
CA TYR E 81 -20.64 40.26 -39.08
C TYR E 81 -20.06 38.93 -39.54
N ARG E 82 -18.86 38.61 -39.03
CA ARG E 82 -18.19 37.36 -39.33
C ARG E 82 -18.95 36.18 -38.71
N GLU E 83 -19.43 36.37 -37.47
CA GLU E 83 -20.16 35.36 -36.70
C GLU E 83 -21.42 34.94 -37.44
N THR E 84 -22.11 35.92 -38.04
CA THR E 84 -23.36 35.69 -38.76
C THR E 84 -23.07 35.01 -40.10
N ALA E 85 -21.90 35.35 -40.68
CA ALA E 85 -21.47 34.80 -41.96
C ALA E 85 -21.19 33.31 -41.84
N GLU E 86 -20.71 32.87 -40.66
CA GLU E 86 -20.40 31.49 -40.39
C GLU E 86 -21.66 30.65 -40.28
N LEU E 87 -22.75 31.25 -39.79
CA LEU E 87 -24.01 30.56 -39.56
C LEU E 87 -24.70 30.23 -40.88
N ILE E 88 -24.34 30.94 -41.94
CA ILE E 88 -24.88 30.67 -43.27
C ILE E 88 -24.21 29.41 -43.83
N LYS E 89 -22.89 29.31 -43.61
CA LYS E 89 -22.06 28.24 -44.13
C LYS E 89 -22.38 26.92 -43.44
N VAL E 90 -22.68 27.00 -42.13
CA VAL E 90 -22.86 25.82 -41.30
C VAL E 90 -24.30 25.32 -41.39
N ARG E 91 -25.26 26.18 -41.01
CA ARG E 91 -26.64 25.78 -40.82
C ARG E 91 -27.36 25.64 -42.16
N GLY E 92 -26.95 26.45 -43.15
CA GLY E 92 -27.49 26.37 -44.50
C GLY E 92 -28.89 26.98 -44.64
N LYS E 93 -29.06 28.18 -44.06
CA LYS E 93 -30.28 28.95 -44.15
C LYS E 93 -29.94 30.45 -44.04
N MET E 94 -30.91 31.31 -44.37
CA MET E 94 -30.72 32.75 -44.37
C MET E 94 -30.53 33.27 -42.95
N CYS E 95 -29.58 34.20 -42.79
CA CYS E 95 -29.27 34.83 -41.52
C CYS E 95 -29.16 36.34 -41.72
N VAL E 96 -29.56 37.10 -40.71
CA VAL E 96 -29.66 38.55 -40.81
C VAL E 96 -29.09 39.19 -39.54
N LEU E 97 -28.34 40.27 -39.74
CA LEU E 97 -27.86 41.13 -38.67
C LEU E 97 -28.83 42.30 -38.52
N MET E 98 -29.18 42.62 -37.27
CA MET E 98 -30.09 43.73 -36.98
C MET E 98 -29.49 44.63 -35.89
N ILE E 99 -29.33 45.91 -36.23
CA ILE E 99 -29.02 46.95 -35.25
C ILE E 99 -30.28 47.78 -35.00
N ASN E 100 -30.89 47.54 -33.84
CA ASN E 100 -32.09 48.24 -33.41
C ASN E 100 -31.70 49.54 -32.73
N ASP E 101 -32.29 50.64 -33.22
CA ASP E 101 -32.15 51.99 -32.69
C ASP E 101 -30.75 52.52 -32.96
N LEU E 102 -30.48 52.83 -34.23
CA LEU E 102 -29.19 53.34 -34.67
C LEU E 102 -29.09 54.84 -34.38
N ASP E 103 -30.25 55.50 -34.29
CA ASP E 103 -30.39 56.93 -34.12
C ASP E 103 -29.60 57.43 -32.92
N ALA E 104 -29.72 56.72 -31.79
CA ALA E 104 -29.12 57.12 -30.53
C ALA E 104 -27.71 56.55 -30.37
N GLY E 105 -27.28 55.76 -31.36
CA GLY E 105 -25.95 55.17 -31.36
C GLY E 105 -24.92 56.10 -32.01
N ALA E 106 -25.06 56.26 -33.33
CA ALA E 106 -24.09 56.99 -34.14
C ALA E 106 -24.65 58.35 -34.57
N GLY E 107 -25.60 58.86 -33.78
CA GLY E 107 -26.30 60.09 -34.10
C GLY E 107 -25.88 61.26 -33.21
N ARG E 108 -26.12 62.48 -33.71
CA ARG E 108 -25.76 63.71 -33.01
C ARG E 108 -27.01 64.57 -32.84
N PHE E 109 -27.46 64.71 -31.60
CA PHE E 109 -28.72 65.37 -31.26
C PHE E 109 -28.65 66.86 -31.61
N ASP E 110 -27.73 67.57 -30.97
CA ASP E 110 -27.56 69.01 -31.19
C ASP E 110 -26.12 69.31 -31.61
N GLU E 111 -25.82 70.60 -31.74
CA GLU E 111 -24.49 71.08 -32.07
C GLU E 111 -23.84 71.68 -30.82
N GLY E 112 -24.15 71.07 -29.67
CA GLY E 112 -23.61 71.52 -28.39
C GLY E 112 -23.15 70.35 -27.52
N THR E 113 -23.44 69.13 -27.96
CA THR E 113 -23.10 67.92 -27.22
C THR E 113 -21.69 67.47 -27.56
N GLN E 114 -20.90 67.22 -26.51
CA GLN E 114 -19.55 66.70 -26.63
C GLN E 114 -19.62 65.21 -26.99
N TYR E 115 -19.01 64.85 -28.13
CA TYR E 115 -18.93 63.47 -28.59
C TYR E 115 -17.47 62.99 -28.55
N THR E 116 -17.30 61.67 -28.73
CA THR E 116 -15.97 61.05 -28.77
C THR E 116 -15.66 60.60 -30.19
N VAL E 117 -14.65 59.73 -30.30
CA VAL E 117 -14.14 59.26 -31.58
C VAL E 117 -14.89 58.00 -32.02
N ASN E 118 -15.47 57.27 -31.06
CA ASN E 118 -16.15 56.02 -31.33
C ASN E 118 -17.31 56.22 -32.30
N THR E 119 -17.97 57.39 -32.21
CA THR E 119 -19.08 57.77 -33.06
C THR E 119 -18.61 57.88 -34.50
N GLN E 120 -17.42 58.47 -34.67
CA GLN E 120 -16.79 58.70 -35.96
C GLN E 120 -16.43 57.38 -36.64
N LEU E 121 -16.06 56.36 -35.84
CA LEU E 121 -15.57 55.09 -36.34
C LEU E 121 -16.71 54.15 -36.69
N VAL E 122 -17.81 54.21 -35.91
CA VAL E 122 -18.96 53.34 -36.10
C VAL E 122 -19.63 53.66 -37.44
N ASN E 123 -19.69 54.95 -37.79
CA ASN E 123 -20.18 55.38 -39.08
C ASN E 123 -19.31 54.80 -40.19
N ALA E 124 -17.99 54.88 -40.01
CA ALA E 124 -17.03 54.45 -41.02
C ALA E 124 -17.01 52.93 -41.17
N THR E 125 -17.25 52.19 -40.08
CA THR E 125 -17.17 50.74 -40.14
C THR E 125 -18.29 50.20 -41.00
N LEU E 126 -19.48 50.77 -40.85
CA LEU E 126 -20.66 50.35 -41.59
C LEU E 126 -20.54 50.75 -43.06
N MET E 127 -19.82 51.84 -43.34
CA MET E 127 -19.56 52.32 -44.69
C MET E 127 -18.78 51.27 -45.47
N ASN E 128 -17.75 50.72 -44.82
CA ASN E 128 -16.79 49.82 -45.44
C ASN E 128 -17.39 48.43 -45.61
N ILE E 129 -18.23 48.02 -44.65
CA ILE E 129 -18.89 46.73 -44.71
C ILE E 129 -19.89 46.72 -45.88
N ALA E 130 -20.58 47.86 -46.07
CA ALA E 130 -21.57 48.00 -47.13
C ALA E 130 -20.90 48.09 -48.50
N ASP E 131 -19.65 48.58 -48.53
CA ASP E 131 -18.87 48.64 -49.76
C ASP E 131 -18.34 47.25 -50.11
N ASN E 132 -17.66 46.61 -49.14
CA ASN E 132 -17.05 45.30 -49.32
C ASN E 132 -17.68 44.32 -48.34
N PRO E 133 -18.79 43.64 -48.71
CA PRO E 133 -19.46 42.68 -47.84
C PRO E 133 -18.68 41.37 -47.67
N THR E 134 -17.64 41.21 -48.50
CA THR E 134 -16.93 39.94 -48.65
C THR E 134 -15.61 39.95 -47.90
N ASP E 135 -14.97 41.14 -47.80
CA ASP E 135 -13.66 41.27 -47.18
C ASP E 135 -13.77 42.08 -45.89
N VAL E 136 -13.91 41.37 -44.77
CA VAL E 136 -13.89 41.96 -43.44
C VAL E 136 -12.75 41.30 -42.66
N GLN E 137 -11.80 42.13 -42.19
CA GLN E 137 -10.57 41.62 -41.62
C GLN E 137 -10.62 41.66 -40.10
N LEU E 138 -10.48 40.46 -39.50
CA LEU E 138 -10.32 40.28 -38.07
C LEU E 138 -8.91 40.75 -37.68
N PRO E 139 -8.76 41.58 -36.62
CA PRO E 139 -7.48 42.21 -36.29
C PRO E 139 -6.33 41.24 -36.01
N GLY E 140 -5.17 41.55 -36.62
CA GLY E 140 -3.98 40.71 -36.56
C GLY E 140 -3.42 40.44 -37.96
N SER E 141 -3.20 39.15 -38.25
CA SER E 141 -2.67 38.71 -39.53
C SER E 141 -3.76 38.76 -40.60
N TYR E 142 -3.35 39.19 -41.80
CA TYR E 142 -4.22 39.35 -42.95
C TYR E 142 -4.48 37.99 -43.60
N ASP E 143 -5.67 37.82 -44.16
CA ASP E 143 -6.04 36.63 -44.92
C ASP E 143 -7.02 37.00 -46.02
N SER E 144 -6.63 36.69 -47.26
CA SER E 144 -7.44 36.96 -48.45
C SER E 144 -8.24 35.71 -48.82
N ASN E 145 -9.34 35.50 -48.09
CA ASN E 145 -10.22 34.35 -48.28
C ASN E 145 -11.66 34.77 -48.01
N PRO E 146 -12.53 34.85 -49.05
CA PRO E 146 -13.87 35.44 -48.93
C PRO E 146 -14.83 34.72 -47.97
N ILE E 147 -15.76 35.52 -47.41
CA ILE E 147 -16.86 35.05 -46.58
C ILE E 147 -18.18 35.41 -47.28
N ARG E 148 -19.28 34.85 -46.77
CA ARG E 148 -20.60 35.05 -47.36
C ARG E 148 -21.09 36.47 -47.12
N ARG E 149 -21.93 36.95 -48.04
CA ARG E 149 -22.57 38.27 -47.95
C ARG E 149 -23.78 38.17 -47.03
N VAL E 150 -23.84 39.09 -46.04
CA VAL E 150 -24.89 39.10 -45.04
C VAL E 150 -25.62 40.45 -45.10
N PRO E 151 -26.98 40.44 -45.20
CA PRO E 151 -27.75 41.69 -45.17
C PRO E 151 -27.91 42.24 -43.74
N ILE E 152 -28.08 43.57 -43.63
CA ILE E 152 -28.22 44.26 -42.35
C ILE E 152 -29.51 45.08 -42.35
N ILE E 153 -30.30 44.96 -41.26
CA ILE E 153 -31.54 45.69 -41.09
C ILE E 153 -31.38 46.70 -39.95
N VAL E 154 -31.81 47.95 -40.19
CA VAL E 154 -31.57 49.08 -39.31
C VAL E 154 -32.88 49.79 -38.99
N THR E 155 -33.09 50.06 -37.70
CA THR E 155 -34.28 50.75 -37.20
C THR E 155 -33.85 52.10 -36.62
N GLY E 156 -34.72 53.09 -36.76
CA GLY E 156 -34.45 54.42 -36.25
C GLY E 156 -35.70 55.29 -36.19
N ASN E 157 -35.67 56.28 -35.29
CA ASN E 157 -36.73 57.27 -35.19
C ASN E 157 -36.45 58.38 -36.20
N ASP E 158 -35.17 58.76 -36.31
CA ASP E 158 -34.70 59.83 -37.17
C ASP E 158 -33.32 59.47 -37.72
N PHE E 159 -33.15 59.63 -39.04
CA PHE E 159 -31.86 59.39 -39.69
C PHE E 159 -31.20 60.70 -40.11
N SER E 160 -31.91 61.82 -39.89
CA SER E 160 -31.45 63.15 -40.26
C SER E 160 -30.19 63.52 -39.46
N THR E 161 -30.08 62.95 -38.25
CA THR E 161 -28.93 63.14 -37.39
C THR E 161 -28.03 61.90 -37.52
N LEU E 162 -27.38 61.79 -38.68
CA LEU E 162 -26.46 60.70 -38.99
C LEU E 162 -25.51 61.13 -40.11
N TYR E 163 -24.34 60.50 -40.17
CA TYR E 163 -23.29 60.84 -41.12
C TYR E 163 -23.80 60.66 -42.55
N ALA E 164 -23.58 61.69 -43.38
CA ALA E 164 -24.25 61.85 -44.66
C ALA E 164 -23.84 60.79 -45.68
N PRO E 165 -22.53 60.48 -45.88
CA PRO E 165 -22.14 59.41 -46.81
C PRO E 165 -22.71 58.02 -46.53
N LEU E 166 -23.13 57.79 -45.29
CA LEU E 166 -23.67 56.50 -44.88
C LEU E 166 -25.09 56.32 -45.43
N ILE E 167 -25.83 57.44 -45.53
CA ILE E 167 -27.15 57.43 -46.14
C ILE E 167 -27.02 57.93 -47.58
N ARG E 168 -27.11 56.99 -48.51
CA ARG E 168 -27.14 57.28 -49.95
C ARG E 168 -27.70 56.07 -50.67
N ASP E 169 -28.17 56.29 -51.90
CA ASP E 169 -28.90 55.29 -52.67
C ASP E 169 -28.11 54.00 -52.79
N GLY E 170 -26.80 54.14 -53.05
CA GLY E 170 -25.95 53.01 -53.35
C GLY E 170 -25.52 52.22 -52.11
N ARG E 171 -25.80 52.77 -50.92
CA ARG E 171 -25.27 52.19 -49.69
C ARG E 171 -26.41 51.69 -48.79
N MET E 172 -27.55 52.39 -48.82
CA MET E 172 -28.67 52.05 -47.96
C MET E 172 -29.99 52.29 -48.70
N GLU E 173 -30.82 51.24 -48.69
CA GLU E 173 -32.21 51.32 -49.16
C GLU E 173 -33.05 51.91 -48.03
N LYS E 174 -33.73 53.02 -48.33
CA LYS E 174 -34.53 53.75 -47.34
C LYS E 174 -35.99 53.35 -47.48
N PHE E 175 -36.66 53.23 -46.33
CA PHE E 175 -38.07 52.88 -46.26
C PHE E 175 -38.72 53.61 -45.08
N TYR E 176 -39.73 54.42 -45.39
CA TYR E 176 -40.46 55.20 -44.40
C TYR E 176 -41.80 54.53 -44.13
N TRP E 177 -42.07 54.30 -42.84
CA TRP E 177 -43.25 53.57 -42.40
C TRP E 177 -44.21 54.52 -41.68
N GLU E 178 -45.46 54.53 -42.16
CA GLU E 178 -46.57 55.21 -41.50
C GLU E 178 -47.85 54.48 -41.89
N PRO E 179 -48.48 53.73 -40.95
CA PRO E 179 -49.70 52.97 -41.24
C PRO E 179 -50.91 53.87 -41.51
N ASN E 180 -51.73 53.45 -42.48
CA ASN E 180 -52.95 54.13 -42.87
C ASN E 180 -54.12 53.56 -42.06
N ARG E 181 -55.35 53.96 -42.43
CA ARG E 181 -56.57 53.53 -41.76
C ARG E 181 -56.80 52.04 -41.97
N ASP E 182 -56.54 51.57 -43.21
CA ASP E 182 -56.74 50.18 -43.59
C ASP E 182 -55.74 49.28 -42.87
N ASP E 183 -54.51 49.77 -42.69
CA ASP E 183 -53.47 49.08 -41.94
C ASP E 183 -53.91 48.97 -40.47
N LYS E 184 -54.32 50.10 -39.90
CA LYS E 184 -54.74 50.19 -38.51
C LYS E 184 -55.87 49.19 -38.23
N VAL E 185 -56.92 49.24 -39.05
CA VAL E 185 -58.07 48.36 -38.95
C VAL E 185 -57.61 46.90 -38.91
N GLY E 186 -56.73 46.55 -39.85
CA GLY E 186 -56.21 45.20 -40.00
C GLY E 186 -55.42 44.73 -38.78
N ILE E 187 -54.54 45.60 -38.27
CA ILE E 187 -53.62 45.26 -37.19
C ILE E 187 -54.39 45.17 -35.87
N VAL E 188 -55.21 46.20 -35.59
CA VAL E 188 -56.00 46.28 -34.37
C VAL E 188 -57.02 45.12 -34.35
N GLY E 189 -57.57 44.81 -35.53
CA GLY E 189 -58.44 43.66 -35.72
C GLY E 189 -57.73 42.34 -35.41
N GLY E 190 -56.43 42.29 -35.71
CA GLY E 190 -55.61 41.12 -35.45
C GLY E 190 -55.39 40.88 -33.95
N ILE E 191 -55.32 42.00 -33.20
CA ILE E 191 -55.12 42.01 -31.76
C ILE E 191 -56.34 41.39 -31.07
N PHE E 192 -57.55 41.82 -31.49
CA PHE E 192 -58.80 41.46 -30.85
C PHE E 192 -59.53 40.38 -31.65
N ALA E 193 -58.76 39.54 -32.36
CA ALA E 193 -59.31 38.54 -33.27
C ALA E 193 -59.94 37.38 -32.49
N GLU E 194 -59.32 37.03 -31.35
CA GLU E 194 -59.75 35.93 -30.51
C GLU E 194 -60.87 36.38 -29.57
N ASP E 195 -61.03 37.70 -29.43
CA ASP E 195 -62.01 38.31 -28.55
C ASP E 195 -63.40 38.22 -29.16
N GLY E 196 -63.51 38.59 -30.44
CA GLY E 196 -64.74 38.47 -31.21
C GLY E 196 -65.56 39.75 -31.22
N LEU E 197 -65.21 40.65 -32.14
CA LEU E 197 -65.94 41.89 -32.38
C LEU E 197 -66.34 41.96 -33.86
N SER E 198 -67.45 42.67 -34.12
CA SER E 198 -67.91 42.94 -35.48
C SER E 198 -67.00 43.99 -36.14
N GLN E 199 -67.03 44.03 -37.48
CA GLN E 199 -66.19 44.90 -38.28
C GLN E 199 -66.47 46.36 -37.94
N ARG E 200 -67.76 46.70 -37.76
CA ARG E 200 -68.24 48.04 -37.47
C ARG E 200 -67.67 48.54 -36.14
N GLU E 201 -67.56 47.61 -35.17
CA GLU E 201 -67.09 47.92 -33.83
C GLU E 201 -65.59 48.20 -33.82
N ILE E 202 -64.85 47.48 -34.68
CA ILE E 202 -63.41 47.65 -34.83
C ILE E 202 -63.13 49.02 -35.44
N GLU E 203 -63.95 49.43 -36.42
CA GLU E 203 -63.84 50.71 -37.09
C GLU E 203 -63.98 51.84 -36.06
N GLN E 204 -64.92 51.67 -35.13
CA GLN E 204 -65.32 52.68 -34.16
C GLN E 204 -64.18 52.96 -33.18
N LEU E 205 -63.42 51.92 -32.84
CA LEU E 205 -62.31 52.00 -31.88
C LEU E 205 -61.18 52.85 -32.46
N VAL E 206 -60.96 52.72 -33.78
CA VAL E 206 -59.94 53.46 -34.50
C VAL E 206 -60.36 54.93 -34.61
N ASP E 207 -61.68 55.15 -34.79
CA ASP E 207 -62.26 56.47 -35.02
C ASP E 207 -62.21 57.30 -33.73
N THR E 208 -62.44 56.64 -32.58
CA THR E 208 -62.51 57.30 -31.28
C THR E 208 -61.14 57.88 -30.91
N PHE E 209 -60.08 57.10 -31.17
CA PHE E 209 -58.72 57.50 -30.88
C PHE E 209 -57.89 57.46 -32.16
N PRO E 210 -58.02 58.46 -33.07
CA PRO E 210 -57.37 58.40 -34.39
C PRO E 210 -55.88 58.74 -34.39
N LYS E 211 -55.46 59.61 -33.45
CA LYS E 211 -54.09 60.08 -33.35
C LYS E 211 -53.35 59.25 -32.30
N GLN E 212 -53.27 57.93 -32.55
CA GLN E 212 -52.65 57.01 -31.61
C GLN E 212 -51.80 55.99 -32.36
N SER E 213 -50.67 55.63 -31.74
CA SER E 213 -49.79 54.57 -32.20
C SER E 213 -50.41 53.21 -31.90
N ILE E 214 -49.82 52.16 -32.50
CA ILE E 214 -50.33 50.80 -32.38
C ILE E 214 -50.19 50.32 -30.93
N ASP E 215 -49.15 50.79 -30.24
CA ASP E 215 -48.81 50.35 -28.88
C ASP E 215 -49.96 50.64 -27.91
N PHE E 216 -50.72 51.69 -28.19
CA PHE E 216 -51.80 52.19 -27.36
C PHE E 216 -52.87 51.11 -27.19
N PHE E 217 -53.26 50.49 -28.31
CA PHE E 217 -54.34 49.52 -28.36
C PHE E 217 -53.94 48.22 -27.68
N SER E 218 -52.67 47.84 -27.81
CA SER E 218 -52.14 46.64 -27.16
C SER E 218 -52.09 46.84 -25.65
N ALA E 219 -51.88 48.10 -25.23
CA ALA E 219 -51.76 48.45 -23.82
C ALA E 219 -53.10 48.39 -23.11
N LEU E 220 -54.19 48.47 -23.88
CA LEU E 220 -55.54 48.33 -23.36
C LEU E 220 -55.72 46.97 -22.70
N ARG E 221 -55.24 45.93 -23.39
CA ARG E 221 -55.48 44.54 -23.05
C ARG E 221 -54.81 44.18 -21.72
N SER E 222 -53.65 44.79 -21.46
CA SER E 222 -52.89 44.59 -20.24
C SER E 222 -53.70 45.02 -19.02
N ARG E 223 -54.43 46.14 -19.16
CA ARG E 223 -55.15 46.76 -18.07
C ARG E 223 -56.37 45.95 -17.67
N ILE E 224 -56.90 45.15 -18.62
CA ILE E 224 -58.15 44.43 -18.44
C ILE E 224 -57.93 43.23 -17.50
N TYR E 225 -56.70 42.69 -17.51
CA TYR E 225 -56.37 41.48 -16.79
C TYR E 225 -56.03 41.74 -15.32
N ASP E 226 -56.03 43.02 -14.92
CA ASP E 226 -55.54 43.45 -13.61
C ASP E 226 -56.39 42.89 -12.47
N ILE E 227 -57.71 42.93 -12.63
CA ILE E 227 -58.66 42.59 -11.58
C ILE E 227 -58.46 41.14 -11.15
N GLN E 228 -58.35 40.25 -12.14
CA GLN E 228 -58.19 38.82 -11.92
C GLN E 228 -56.87 38.55 -11.18
N ILE E 229 -55.81 39.28 -11.58
CA ILE E 229 -54.47 39.08 -11.05
C ILE E 229 -54.41 39.58 -9.61
N ARG E 230 -55.08 40.71 -9.34
CA ARG E 230 -55.12 41.31 -8.01
C ARG E 230 -55.81 40.37 -7.03
N ASP E 231 -56.88 39.70 -7.49
CA ASP E 231 -57.67 38.78 -6.71
C ASP E 231 -56.84 37.54 -6.36
N PHE E 232 -56.03 37.10 -7.31
CA PHE E 232 -55.19 35.90 -7.17
C PHE E 232 -54.13 36.13 -6.10
N ILE E 233 -53.60 37.36 -6.01
CA ILE E 233 -52.52 37.69 -5.09
C ILE E 233 -53.06 37.67 -3.66
N HIS E 234 -54.31 38.11 -3.49
CA HIS E 234 -54.98 38.14 -2.19
C HIS E 234 -55.30 36.73 -1.69
N LYS E 235 -55.77 35.87 -2.60
CA LYS E 235 -56.20 34.52 -2.29
C LYS E 235 -55.02 33.67 -1.83
N VAL E 236 -53.87 33.87 -2.50
CA VAL E 236 -52.63 33.16 -2.18
C VAL E 236 -52.02 33.78 -0.92
N GLY E 237 -52.07 35.12 -0.85
CA GLY E 237 -51.49 35.85 0.28
C GLY E 237 -50.14 36.46 -0.09
N PHE E 238 -49.95 37.72 0.35
CA PHE E 238 -48.80 38.55 0.00
C PHE E 238 -47.50 37.95 0.51
N GLU E 239 -47.60 37.15 1.58
CA GLU E 239 -46.45 36.57 2.26
C GLU E 239 -45.72 35.57 1.37
N ARG E 240 -46.48 34.83 0.55
CA ARG E 240 -45.94 33.71 -0.23
C ARG E 240 -46.50 33.72 -1.65
N ILE E 241 -46.38 34.88 -2.33
CA ILE E 241 -46.81 35.02 -3.71
C ILE E 241 -45.69 34.58 -4.66
N SER E 242 -44.44 34.85 -4.25
CA SER E 242 -43.26 34.53 -5.03
C SER E 242 -43.16 33.02 -5.25
N LEU E 243 -43.39 32.26 -4.17
CA LEU E 243 -43.27 30.82 -4.16
C LEU E 243 -44.22 30.18 -5.17
N ARG E 244 -45.47 30.64 -5.18
CA ARG E 244 -46.50 30.05 -6.03
C ARG E 244 -46.18 30.26 -7.51
N VAL E 245 -45.71 31.47 -7.86
CA VAL E 245 -45.55 31.86 -9.26
C VAL E 245 -44.27 31.26 -9.81
N VAL E 246 -43.14 31.50 -9.11
CA VAL E 246 -41.82 31.19 -9.65
C VAL E 246 -41.50 29.70 -9.46
N ASN E 247 -41.60 29.21 -8.22
CA ASN E 247 -41.06 27.90 -7.87
C ASN E 247 -42.07 27.10 -7.04
N SER E 248 -43.03 26.46 -7.75
CA SER E 248 -44.10 25.70 -7.11
C SER E 248 -44.36 24.40 -7.87
N LEU E 249 -44.84 23.39 -7.14
CA LEU E 249 -45.13 22.08 -7.72
C LEU E 249 -46.60 21.96 -8.13
N GLU E 250 -47.19 23.09 -8.54
CA GLU E 250 -48.58 23.16 -8.97
C GLU E 250 -48.66 23.76 -10.37
N ALA E 251 -49.76 23.42 -11.07
CA ALA E 251 -50.04 23.88 -12.42
C ALA E 251 -50.30 25.39 -12.42
N PRO E 252 -49.67 26.18 -13.33
CA PRO E 252 -49.81 27.63 -13.34
C PRO E 252 -51.26 28.10 -13.49
N PRO E 253 -51.68 29.17 -12.78
CA PRO E 253 -53.09 29.57 -12.68
C PRO E 253 -53.73 29.91 -14.02
N GLU E 254 -55.05 29.68 -14.10
CA GLU E 254 -55.83 29.95 -15.31
C GLU E 254 -56.80 31.10 -15.04
N PHE E 255 -56.86 32.03 -15.98
CA PHE E 255 -57.72 33.20 -15.91
C PHE E 255 -58.78 33.11 -17.01
N LYS E 256 -60.06 33.21 -16.60
CA LYS E 256 -61.18 33.19 -17.53
C LYS E 256 -61.22 34.50 -18.30
N LYS E 257 -61.64 34.42 -19.57
CA LYS E 257 -61.66 35.54 -20.50
C LYS E 257 -62.63 36.61 -20.01
N PRO E 258 -62.15 37.84 -19.72
CA PRO E 258 -63.02 38.94 -19.29
C PRO E 258 -63.96 39.39 -20.41
N ASP E 259 -65.04 40.08 -20.02
CA ASP E 259 -66.04 40.58 -20.95
C ASP E 259 -65.44 41.69 -21.81
N PHE E 260 -65.45 41.47 -23.13
CA PHE E 260 -64.90 42.43 -24.07
C PHE E 260 -66.04 43.04 -24.88
N SER E 261 -66.31 44.32 -24.59
CA SER E 261 -67.27 45.12 -25.33
C SER E 261 -66.66 46.51 -25.61
N LEU E 262 -67.13 47.12 -26.70
CA LEU E 262 -66.63 48.40 -27.19
C LEU E 262 -66.72 49.49 -26.12
N ALA E 263 -67.82 49.47 -25.36
CA ALA E 263 -68.09 50.44 -24.31
C ALA E 263 -67.04 50.36 -23.21
N HIS E 264 -66.68 49.13 -22.82
CA HIS E 264 -65.71 48.89 -21.76
C HIS E 264 -64.30 49.25 -22.21
N LEU E 265 -64.01 49.02 -23.51
CA LEU E 265 -62.70 49.28 -24.08
C LEU E 265 -62.43 50.79 -24.15
N ILE E 266 -63.48 51.56 -24.50
CA ILE E 266 -63.41 53.02 -24.62
C ILE E 266 -63.19 53.63 -23.24
N GLU E 267 -63.83 53.03 -22.22
CA GLU E 267 -63.71 53.43 -20.83
C GLU E 267 -62.27 53.29 -20.35
N SER E 268 -61.64 52.16 -20.70
CA SER E 268 -60.27 51.86 -20.33
C SER E 268 -59.30 52.74 -21.13
N GLY E 269 -59.65 53.00 -22.40
CA GLY E 269 -58.85 53.80 -23.31
C GLY E 269 -58.72 55.25 -22.86
N ASN E 270 -59.81 55.78 -22.27
CA ASN E 270 -59.88 57.14 -21.78
C ASN E 270 -59.09 57.26 -20.48
N LEU E 271 -58.95 56.15 -19.77
CA LEU E 271 -58.22 56.05 -18.53
C LEU E 271 -56.71 56.11 -18.79
N VAL E 272 -56.29 55.58 -19.95
CA VAL E 272 -54.89 55.57 -20.35
C VAL E 272 -54.51 56.96 -20.87
N LEU E 273 -55.44 57.64 -21.55
CA LEU E 273 -55.23 58.99 -22.05
C LEU E 273 -55.09 59.98 -20.89
N GLY E 274 -55.85 59.72 -19.81
CA GLY E 274 -55.83 60.55 -18.61
C GLY E 274 -54.51 60.46 -17.86
N GLU E 275 -53.91 59.26 -17.88
CA GLU E 275 -52.64 58.96 -17.23
C GLU E 275 -51.50 59.64 -17.98
N GLN E 276 -51.62 59.68 -19.32
CA GLN E 276 -50.63 60.30 -20.19
C GLN E 276 -50.67 61.82 -20.03
N GLN E 277 -51.88 62.37 -19.83
CA GLN E 277 -52.11 63.80 -19.71
C GLN E 277 -51.58 64.31 -18.37
N ARG E 278 -51.55 63.42 -17.37
CA ARG E 278 -51.10 63.72 -16.02
C ARG E 278 -49.63 64.12 -16.03
N VAL E 279 -48.83 63.43 -16.85
CA VAL E 279 -47.40 63.70 -16.99
C VAL E 279 -47.20 64.91 -17.89
N ASP E 280 -48.08 65.06 -18.89
CA ASP E 280 -48.01 66.13 -19.87
C ASP E 280 -48.38 67.47 -19.21
N SER F 1 -44.83 47.73 11.61
CA SER F 1 -45.61 48.81 12.29
C SER F 1 -45.91 49.96 11.33
N TYR F 2 -45.12 50.03 10.25
CA TYR F 2 -45.25 51.07 9.24
C TYR F 2 -46.40 50.73 8.30
N TYR F 3 -47.25 51.74 8.04
CA TYR F 3 -48.42 51.60 7.19
C TYR F 3 -48.03 51.83 5.74
N ILE F 4 -48.23 50.80 4.92
CA ILE F 4 -48.15 50.92 3.48
C ILE F 4 -49.54 51.25 2.94
N ALA F 5 -49.60 52.20 2.02
CA ALA F 5 -50.85 52.59 1.38
C ALA F 5 -51.33 51.46 0.49
N PRO F 6 -52.59 50.98 0.63
CA PRO F 6 -53.10 49.87 -0.18
C PRO F 6 -53.05 50.08 -1.70
N ARG F 7 -53.15 51.35 -2.12
CA ARG F 7 -53.06 51.71 -3.52
C ARG F 7 -51.66 51.44 -4.06
N PHE F 8 -50.65 51.77 -3.23
CA PHE F 8 -49.24 51.67 -3.59
C PHE F 8 -48.83 50.20 -3.71
N LEU F 9 -49.30 49.37 -2.78
CA LEU F 9 -48.88 47.98 -2.70
C LEU F 9 -49.47 47.17 -3.85
N ASP F 10 -50.71 47.52 -4.24
CA ASP F 10 -51.43 46.80 -5.27
C ASP F 10 -50.86 47.10 -6.66
N LYS F 11 -50.33 48.32 -6.83
CA LYS F 11 -49.73 48.74 -8.08
C LYS F 11 -48.41 48.01 -8.31
N LEU F 12 -47.61 47.85 -7.24
CA LEU F 12 -46.33 47.16 -7.30
C LEU F 12 -46.53 45.67 -7.55
N ALA F 13 -47.41 45.04 -6.75
CA ALA F 13 -47.62 43.60 -6.74
C ALA F 13 -48.10 43.11 -8.11
N VAL F 14 -49.09 43.81 -8.68
CA VAL F 14 -49.70 43.43 -9.94
C VAL F 14 -48.72 43.61 -11.10
N HIS F 15 -47.81 44.58 -10.98
CA HIS F 15 -46.79 44.81 -11.99
C HIS F 15 -45.78 43.66 -12.03
N ILE F 16 -45.28 43.26 -10.85
CA ILE F 16 -44.24 42.24 -10.77
C ILE F 16 -44.81 40.87 -11.15
N THR F 17 -45.99 40.54 -10.60
CA THR F 17 -46.62 39.24 -10.81
C THR F 17 -46.88 39.00 -12.30
N LYS F 18 -47.40 40.04 -12.98
CA LYS F 18 -47.81 39.95 -14.37
C LYS F 18 -46.61 39.75 -15.27
N ASN F 19 -45.43 40.20 -14.82
CA ASN F 19 -44.19 40.02 -15.54
C ASN F 19 -43.71 38.58 -15.45
N PHE F 20 -44.04 37.91 -14.33
CA PHE F 20 -43.55 36.58 -14.04
C PHE F 20 -44.51 35.52 -14.57
N LEU F 21 -45.81 35.84 -14.61
CA LEU F 21 -46.81 34.99 -15.24
C LEU F 21 -46.66 35.09 -16.76
N ASN F 22 -46.95 33.99 -17.46
CA ASN F 22 -46.88 33.97 -18.92
C ASN F 22 -48.27 33.74 -19.50
N ILE F 23 -49.12 34.76 -19.37
CA ILE F 23 -50.45 34.76 -19.97
C ILE F 23 -50.29 34.92 -21.48
N PRO F 24 -50.77 33.96 -22.30
CA PRO F 24 -50.60 34.02 -23.76
C PRO F 24 -51.47 35.10 -24.40
N GLY F 25 -50.86 35.85 -25.33
CA GLY F 25 -51.55 36.81 -26.18
C GLY F 25 -51.44 38.25 -25.69
N VAL F 26 -50.88 38.43 -24.48
CA VAL F 26 -50.81 39.74 -23.85
C VAL F 26 -49.35 40.18 -23.81
N ARG F 27 -49.13 41.45 -24.18
CA ARG F 27 -47.83 42.11 -24.09
C ARG F 27 -47.83 43.00 -22.84
N VAL F 28 -46.79 42.87 -22.00
CA VAL F 28 -46.75 43.57 -20.73
C VAL F 28 -45.58 44.55 -20.69
N PRO F 29 -45.75 45.76 -20.08
CA PRO F 29 -44.64 46.69 -19.89
C PRO F 29 -43.68 46.23 -18.81
N LEU F 30 -42.37 46.35 -19.10
CA LEU F 30 -41.30 45.85 -18.26
C LEU F 30 -40.88 46.89 -17.23
N ILE F 31 -41.25 48.16 -17.46
CA ILE F 31 -40.88 49.22 -16.55
C ILE F 31 -42.14 49.82 -15.90
N LEU F 32 -42.12 49.93 -14.57
CA LEU F 32 -43.10 50.69 -13.82
C LEU F 32 -42.44 51.96 -13.32
N GLY F 33 -43.04 53.11 -13.67
CA GLY F 33 -42.47 54.42 -13.35
C GLY F 33 -43.33 55.17 -12.34
N ILE F 34 -42.73 55.42 -11.16
CA ILE F 34 -43.39 56.17 -10.10
C ILE F 34 -42.78 57.57 -10.06
N HIS F 35 -43.65 58.59 -10.11
CA HIS F 35 -43.21 59.97 -10.10
C HIS F 35 -44.16 60.82 -9.25
N GLY F 36 -43.64 61.94 -8.73
CA GLY F 36 -44.44 62.88 -7.96
C GLY F 36 -43.58 64.00 -7.36
N ARG F 37 -43.97 64.45 -6.16
CA ARG F 37 -43.24 65.46 -5.41
C ARG F 37 -42.16 64.80 -4.57
N LYS F 38 -41.11 65.57 -4.23
CA LYS F 38 -39.99 65.10 -3.46
C LYS F 38 -40.42 64.84 -2.02
N GLY F 39 -39.89 63.75 -1.44
CA GLY F 39 -40.05 63.44 -0.02
C GLY F 39 -41.43 62.88 0.33
N GLU F 40 -42.10 62.26 -0.64
CA GLU F 40 -43.46 61.76 -0.47
C GLU F 40 -43.45 60.28 -0.08
N GLY F 41 -42.27 59.65 -0.20
CA GLY F 41 -42.07 58.27 0.24
C GLY F 41 -42.18 57.27 -0.90
N LYS F 42 -41.60 57.61 -2.06
CA LYS F 42 -41.60 56.75 -3.23
C LYS F 42 -40.68 55.56 -3.01
N THR F 43 -39.47 55.83 -2.49
CA THR F 43 -38.46 54.82 -2.27
C THR F 43 -38.80 53.98 -1.03
N PHE F 44 -39.24 54.66 0.03
CA PHE F 44 -39.42 54.05 1.34
C PHE F 44 -40.52 53.00 1.30
N GLN F 45 -41.58 53.27 0.53
CA GLN F 45 -42.75 52.39 0.49
C GLN F 45 -42.48 51.16 -0.36
N CYS F 46 -41.51 51.27 -1.29
CA CYS F 46 -41.07 50.14 -2.08
C CYS F 46 -40.34 49.13 -1.20
N GLU F 47 -39.49 49.64 -0.30
CA GLU F 47 -38.64 48.82 0.57
C GLU F 47 -39.51 48.03 1.55
N LEU F 48 -40.61 48.65 2.01
CA LEU F 48 -41.59 47.99 2.85
C LEU F 48 -42.30 46.89 2.07
N ALA F 49 -42.59 47.18 0.79
CA ALA F 49 -43.33 46.27 -0.08
C ALA F 49 -42.47 45.06 -0.43
N PHE F 50 -41.17 45.27 -0.65
CA PHE F 50 -40.27 44.21 -1.07
C PHE F 50 -39.94 43.28 0.10
N GLU F 51 -40.00 43.82 1.33
CA GLU F 51 -39.74 43.07 2.54
C GLU F 51 -40.91 42.13 2.84
N LYS F 52 -42.13 42.62 2.55
CA LYS F 52 -43.36 41.88 2.81
C LYS F 52 -43.40 40.62 1.95
N MET F 53 -43.06 40.76 0.67
CA MET F 53 -43.08 39.67 -0.29
C MET F 53 -41.81 38.83 -0.18
N GLY F 54 -40.77 39.42 0.43
CA GLY F 54 -39.47 38.77 0.62
C GLY F 54 -38.74 38.57 -0.70
N ILE F 55 -38.64 39.65 -1.49
CA ILE F 55 -38.09 39.59 -2.84
C ILE F 55 -36.85 40.47 -2.92
N GLU F 56 -35.81 39.94 -3.59
CA GLU F 56 -34.48 40.53 -3.63
C GLU F 56 -34.45 41.74 -4.56
N VAL F 57 -33.72 42.78 -4.15
CA VAL F 57 -33.64 44.04 -4.88
C VAL F 57 -32.20 44.30 -5.32
N THR F 58 -32.07 44.73 -6.58
CA THR F 58 -30.80 45.18 -7.13
C THR F 58 -30.91 46.68 -7.41
N LEU F 59 -30.14 47.47 -6.65
CA LEU F 59 -30.25 48.92 -6.68
C LEU F 59 -29.18 49.53 -7.58
N ILE F 60 -29.57 50.59 -8.29
CA ILE F 60 -28.66 51.49 -8.98
C ILE F 60 -29.05 52.92 -8.59
N SER F 61 -28.07 53.65 -8.04
CA SER F 61 -28.26 55.03 -7.59
C SER F 61 -28.25 55.97 -8.79
N GLY F 62 -28.99 57.07 -8.65
CA GLY F 62 -29.17 58.06 -9.71
C GLY F 62 -27.93 58.90 -9.96
N GLY F 63 -27.08 59.03 -8.93
CA GLY F 63 -25.84 59.79 -9.04
C GLY F 63 -24.69 58.93 -9.57
N GLU F 64 -25.04 57.90 -10.36
CA GLU F 64 -24.09 56.96 -10.89
C GLU F 64 -24.20 56.90 -12.42
N LEU F 65 -25.24 57.55 -12.96
CA LEU F 65 -25.59 57.46 -14.36
C LEU F 65 -24.84 58.48 -15.20
N GLU F 66 -23.89 59.21 -14.58
CA GLU F 66 -23.06 60.15 -15.30
C GLU F 66 -21.63 60.11 -14.77
N SER F 67 -20.77 59.44 -15.54
CA SER F 67 -19.38 59.20 -15.17
C SER F 67 -18.44 59.89 -16.17
N PRO F 68 -17.16 60.13 -15.81
CA PRO F 68 -16.17 60.68 -16.75
C PRO F 68 -15.75 59.75 -17.88
N ASP F 69 -16.36 58.56 -17.95
CA ASP F 69 -16.11 57.60 -19.01
C ASP F 69 -17.35 57.46 -19.89
N ALA F 70 -17.12 57.45 -21.21
CA ALA F 70 -18.19 57.31 -22.20
C ALA F 70 -18.63 55.85 -22.27
N GLY F 71 -19.94 55.64 -22.05
CA GLY F 71 -20.56 54.32 -22.17
C GLY F 71 -20.57 53.54 -20.85
N ASP F 72 -19.87 54.06 -19.84
CA ASP F 72 -19.69 53.42 -18.55
C ASP F 72 -21.01 53.34 -17.77
N PRO F 73 -21.91 54.35 -17.79
CA PRO F 73 -23.25 54.20 -17.21
C PRO F 73 -24.15 53.21 -17.94
N ALA F 74 -23.95 53.07 -19.26
CA ALA F 74 -24.73 52.16 -20.09
C ALA F 74 -24.30 50.71 -19.85
N ARG F 75 -22.99 50.51 -19.66
CA ARG F 75 -22.42 49.18 -19.49
C ARG F 75 -22.82 48.59 -18.14
N LEU F 76 -23.02 49.47 -17.14
CA LEU F 76 -23.39 49.06 -15.79
C LEU F 76 -24.79 48.47 -15.76
N ILE F 77 -25.72 49.11 -16.49
CA ILE F 77 -27.10 48.67 -16.52
C ILE F 77 -27.18 47.23 -17.05
N ARG F 78 -26.46 46.95 -18.15
CA ARG F 78 -26.47 45.65 -18.76
C ARG F 78 -25.82 44.61 -17.84
N LEU F 79 -24.78 45.03 -17.11
CA LEU F 79 -24.03 44.16 -16.22
C LEU F 79 -24.89 43.77 -15.02
N ARG F 80 -25.66 44.72 -14.49
CA ARG F 80 -26.48 44.53 -13.31
C ARG F 80 -27.76 43.75 -13.66
N TYR F 81 -28.23 43.90 -14.89
CA TYR F 81 -29.41 43.20 -15.36
C TYR F 81 -29.11 41.70 -15.47
N ARG F 82 -27.92 41.37 -15.99
CA ARG F 82 -27.54 39.99 -16.19
C ARG F 82 -27.27 39.30 -14.85
N GLU F 83 -26.87 40.08 -13.84
CA GLU F 83 -26.61 39.57 -12.50
C GLU F 83 -27.92 39.20 -11.82
N THR F 84 -28.97 39.96 -12.11
CA THR F 84 -30.26 39.79 -11.46
C THR F 84 -31.03 38.65 -12.10
N ALA F 85 -30.78 38.43 -13.41
CA ALA F 85 -31.44 37.37 -14.16
C ALA F 85 -30.98 36.01 -13.64
N GLU F 86 -29.71 35.92 -13.24
CA GLU F 86 -29.14 34.69 -12.71
C GLU F 86 -29.66 34.41 -11.30
N LEU F 87 -29.96 35.46 -10.52
CA LEU F 87 -30.47 35.29 -9.17
C LEU F 87 -31.88 34.72 -9.19
N ILE F 88 -32.63 34.95 -10.27
CA ILE F 88 -33.94 34.34 -10.44
C ILE F 88 -33.75 32.85 -10.71
N LYS F 89 -32.69 32.51 -11.45
CA LYS F 89 -32.40 31.15 -11.85
C LYS F 89 -31.84 30.33 -10.68
N VAL F 90 -31.06 30.98 -9.81
CA VAL F 90 -30.31 30.29 -8.78
C VAL F 90 -31.13 30.25 -7.49
N ARG F 91 -31.47 31.42 -6.94
CA ARG F 91 -32.18 31.52 -5.67
C ARG F 91 -33.61 30.99 -5.83
N GLY F 92 -34.11 30.99 -7.07
CA GLY F 92 -35.45 30.50 -7.38
C GLY F 92 -36.52 31.30 -6.66
N LYS F 93 -36.46 32.63 -6.84
CA LYS F 93 -37.43 33.56 -6.29
C LYS F 93 -37.39 34.85 -7.11
N MET F 94 -38.39 35.71 -6.91
CA MET F 94 -38.57 36.93 -7.69
C MET F 94 -37.51 37.95 -7.29
N CYS F 95 -36.83 38.49 -8.31
CA CYS F 95 -35.83 39.53 -8.11
C CYS F 95 -36.17 40.72 -8.99
N VAL F 96 -35.87 41.93 -8.49
CA VAL F 96 -36.28 43.16 -9.14
C VAL F 96 -35.10 44.12 -9.19
N LEU F 97 -34.91 44.77 -10.34
CA LEU F 97 -33.95 45.85 -10.50
C LEU F 97 -34.65 47.19 -10.28
N MET F 98 -34.16 47.98 -9.32
CA MET F 98 -34.75 49.27 -9.04
C MET F 98 -33.72 50.39 -9.25
N ILE F 99 -34.00 51.25 -10.23
CA ILE F 99 -33.19 52.43 -10.50
C ILE F 99 -33.92 53.65 -9.94
N ASN F 100 -33.27 54.25 -8.95
CA ASN F 100 -33.87 55.33 -8.17
C ASN F 100 -33.29 56.67 -8.63
N ASP F 101 -34.19 57.61 -8.92
CA ASP F 101 -33.89 58.99 -9.30
C ASP F 101 -33.19 59.03 -10.66
N LEU F 102 -33.94 58.67 -11.72
CA LEU F 102 -33.43 58.57 -13.08
C LEU F 102 -33.40 59.95 -13.73
N ASP F 103 -34.16 60.90 -13.14
CA ASP F 103 -34.35 62.24 -13.66
C ASP F 103 -33.02 62.99 -13.72
N ALA F 104 -32.10 62.66 -12.81
CA ALA F 104 -30.82 63.36 -12.67
C ALA F 104 -29.84 62.95 -13.77
N GLY F 105 -29.89 61.68 -14.18
CA GLY F 105 -28.92 61.12 -15.12
C GLY F 105 -29.32 61.32 -16.58
N ALA F 106 -30.52 60.83 -16.94
CA ALA F 106 -30.98 60.78 -18.32
C ALA F 106 -31.83 62.00 -18.66
N GLY F 107 -31.99 62.92 -17.69
CA GLY F 107 -32.81 64.11 -17.85
C GLY F 107 -32.17 65.17 -18.75
N ARG F 108 -33.02 66.08 -19.25
CA ARG F 108 -32.61 67.17 -20.13
C ARG F 108 -33.47 68.40 -19.86
N PHE F 109 -33.01 69.28 -18.95
CA PHE F 109 -33.76 70.45 -18.54
C PHE F 109 -33.59 71.56 -19.56
N ASP F 110 -32.87 72.62 -19.16
CA ASP F 110 -32.62 73.80 -19.97
C ASP F 110 -31.59 73.48 -21.06
N GLU F 111 -31.45 74.40 -22.02
CA GLU F 111 -30.49 74.28 -23.10
C GLU F 111 -29.19 75.01 -22.75
N GLY F 112 -29.14 75.57 -21.54
CA GLY F 112 -28.00 76.32 -21.05
C GLY F 112 -26.90 75.41 -20.47
N THR F 113 -27.19 74.12 -20.36
CA THR F 113 -26.27 73.14 -19.80
C THR F 113 -25.60 72.37 -20.95
N GLN F 114 -24.43 71.77 -20.65
CA GLN F 114 -23.67 70.99 -21.61
C GLN F 114 -23.79 69.51 -21.26
N TYR F 115 -24.33 68.75 -22.22
CA TYR F 115 -24.57 67.32 -22.06
C TYR F 115 -23.53 66.54 -22.87
N THR F 116 -23.52 65.21 -22.70
CA THR F 116 -22.54 64.32 -23.30
C THR F 116 -23.24 63.17 -24.00
N VAL F 117 -22.46 62.18 -24.46
CA VAL F 117 -22.94 60.98 -25.14
C VAL F 117 -23.76 60.11 -24.18
N ASN F 118 -23.49 60.24 -22.87
CA ASN F 118 -24.01 59.30 -21.90
C ASN F 118 -25.53 59.45 -21.76
N THR F 119 -26.02 60.69 -21.87
CA THR F 119 -27.44 61.01 -21.79
C THR F 119 -28.19 60.24 -22.87
N GLN F 120 -27.61 60.25 -24.07
CA GLN F 120 -28.09 59.60 -25.27
C GLN F 120 -28.11 58.07 -25.10
N LEU F 121 -27.06 57.53 -24.45
CA LEU F 121 -26.81 56.10 -24.35
C LEU F 121 -27.68 55.46 -23.27
N VAL F 122 -27.91 56.17 -22.17
CA VAL F 122 -28.66 55.64 -21.05
C VAL F 122 -30.13 55.47 -21.47
N ASN F 123 -30.64 56.41 -22.26
CA ASN F 123 -31.97 56.32 -22.83
C ASN F 123 -32.04 55.17 -23.83
N ALA F 124 -30.98 55.00 -24.62
CA ALA F 124 -30.93 54.00 -25.68
C ALA F 124 -30.96 52.59 -25.11
N THR F 125 -30.22 52.38 -24.02
CA THR F 125 -30.04 51.07 -23.42
C THR F 125 -31.36 50.55 -22.85
N LEU F 126 -32.04 51.41 -22.09
CA LEU F 126 -33.27 51.04 -21.39
C LEU F 126 -34.39 50.68 -22.38
N MET F 127 -34.31 51.25 -23.60
CA MET F 127 -35.26 50.99 -24.66
C MET F 127 -35.12 49.56 -25.16
N ASN F 128 -33.87 49.11 -25.31
CA ASN F 128 -33.54 47.84 -25.94
C ASN F 128 -33.78 46.68 -24.98
N ILE F 129 -33.59 46.93 -23.68
CA ILE F 129 -33.86 45.92 -22.65
C ILE F 129 -35.37 45.68 -22.59
N ALA F 130 -36.14 46.77 -22.72
CA ALA F 130 -37.59 46.73 -22.67
C ALA F 130 -38.19 46.07 -23.91
N ASP F 131 -37.41 46.04 -25.01
CA ASP F 131 -37.82 45.40 -26.25
C ASP F 131 -37.44 43.92 -26.24
N ASN F 132 -36.19 43.63 -25.84
CA ASN F 132 -35.68 42.26 -25.77
C ASN F 132 -35.20 41.98 -24.33
N PRO F 133 -36.11 41.56 -23.41
CA PRO F 133 -35.71 41.25 -22.04
C PRO F 133 -34.93 39.94 -21.93
N THR F 134 -35.06 39.10 -22.97
CA THR F 134 -34.49 37.76 -23.01
C THR F 134 -33.14 37.76 -23.72
N ASP F 135 -32.80 38.87 -24.38
CA ASP F 135 -31.60 38.93 -25.22
C ASP F 135 -30.78 40.18 -24.87
N VAL F 136 -30.00 40.09 -23.80
CA VAL F 136 -29.09 41.15 -23.38
C VAL F 136 -27.67 40.59 -23.47
N GLN F 137 -26.79 41.33 -24.14
CA GLN F 137 -25.45 40.85 -24.44
C GLN F 137 -24.42 41.48 -23.51
N LEU F 138 -23.45 40.65 -23.12
CA LEU F 138 -22.24 41.05 -22.42
C LEU F 138 -21.16 41.28 -23.48
N PRO F 139 -20.27 42.30 -23.33
CA PRO F 139 -19.27 42.61 -24.35
C PRO F 139 -18.31 41.46 -24.61
N GLY F 140 -18.12 41.14 -25.90
CA GLY F 140 -17.30 40.02 -26.33
C GLY F 140 -18.02 39.14 -27.34
N SER F 141 -18.00 37.82 -27.09
CA SER F 141 -18.59 36.83 -27.98
C SER F 141 -20.09 36.74 -27.77
N TYR F 142 -20.82 36.73 -28.89
CA TYR F 142 -22.27 36.65 -28.91
C TYR F 142 -22.70 35.23 -28.56
N ASP F 143 -23.69 35.13 -27.65
CA ASP F 143 -24.33 33.88 -27.31
C ASP F 143 -25.85 34.02 -27.48
N SER F 144 -26.45 33.01 -28.10
CA SER F 144 -27.87 33.02 -28.42
C SER F 144 -28.65 32.20 -27.40
N ASN F 145 -28.16 32.19 -26.15
CA ASN F 145 -28.78 31.45 -25.07
C ASN F 145 -29.66 32.39 -24.25
N PRO F 146 -30.99 32.15 -24.18
CA PRO F 146 -31.92 33.05 -23.48
C PRO F 146 -31.74 33.09 -21.97
N ILE F 147 -32.09 34.24 -21.38
CA ILE F 147 -31.97 34.52 -19.96
C ILE F 147 -33.36 34.84 -19.38
N ARG F 148 -33.44 34.92 -18.05
CA ARG F 148 -34.70 35.16 -17.36
C ARG F 148 -35.09 36.63 -17.45
N ARG F 149 -36.40 36.86 -17.65
CA ARG F 149 -36.99 38.18 -17.77
C ARG F 149 -37.05 38.82 -16.38
N VAL F 150 -36.55 40.05 -16.27
CA VAL F 150 -36.47 40.77 -15.00
C VAL F 150 -37.25 42.08 -15.13
N PRO F 151 -38.20 42.38 -14.21
CA PRO F 151 -38.90 43.68 -14.22
C PRO F 151 -38.08 44.80 -13.59
N ILE F 152 -38.31 46.04 -14.07
CA ILE F 152 -37.57 47.23 -13.67
C ILE F 152 -38.53 48.23 -13.04
N ILE F 153 -38.14 48.78 -11.88
CA ILE F 153 -38.89 49.84 -11.22
C ILE F 153 -38.06 51.12 -11.27
N VAL F 154 -38.69 52.22 -11.71
CA VAL F 154 -37.98 53.47 -11.93
C VAL F 154 -38.68 54.61 -11.19
N THR F 155 -37.91 55.28 -10.33
CA THR F 155 -38.35 56.42 -9.55
C THR F 155 -37.81 57.70 -10.19
N GLY F 156 -38.63 58.75 -10.18
CA GLY F 156 -38.24 60.05 -10.70
C GLY F 156 -39.05 61.18 -10.08
N ASN F 157 -38.64 62.42 -10.38
CA ASN F 157 -39.33 63.62 -9.94
C ASN F 157 -40.20 64.15 -11.09
N ASP F 158 -39.73 63.92 -12.32
CA ASP F 158 -40.38 64.35 -13.55
C ASP F 158 -39.86 63.50 -14.72
N PHE F 159 -40.76 63.16 -15.65
CA PHE F 159 -40.39 62.37 -16.82
C PHE F 159 -40.57 63.19 -18.10
N SER F 160 -41.06 64.43 -17.97
CA SER F 160 -41.26 65.33 -19.10
C SER F 160 -39.93 65.60 -19.81
N THR F 161 -38.85 65.68 -19.02
CA THR F 161 -37.51 65.95 -19.52
C THR F 161 -36.76 64.63 -19.71
N LEU F 162 -37.24 63.83 -20.68
CA LEU F 162 -36.70 62.50 -20.96
C LEU F 162 -37.08 62.12 -22.39
N TYR F 163 -36.23 61.26 -23.01
CA TYR F 163 -36.36 60.92 -24.41
C TYR F 163 -37.71 60.27 -24.68
N ALA F 164 -38.40 60.77 -25.71
CA ALA F 164 -39.81 60.54 -25.94
C ALA F 164 -40.16 59.06 -26.12
N PRO F 165 -39.43 58.25 -26.93
CA PRO F 165 -39.70 56.82 -27.06
C PRO F 165 -39.63 55.97 -25.79
N LEU F 166 -38.93 56.45 -24.76
CA LEU F 166 -38.79 55.68 -23.53
C LEU F 166 -40.05 55.77 -22.68
N ILE F 167 -40.85 56.82 -22.91
CA ILE F 167 -42.15 56.98 -22.27
C ILE F 167 -43.22 56.75 -23.33
N ARG F 168 -43.73 55.52 -23.38
CA ARG F 168 -44.90 55.18 -24.16
C ARG F 168 -45.62 54.02 -23.47
N ASP F 169 -46.93 53.95 -23.69
CA ASP F 169 -47.80 53.01 -23.01
C ASP F 169 -47.27 51.59 -23.12
N GLY F 170 -46.70 51.26 -24.28
CA GLY F 170 -46.27 49.91 -24.58
C GLY F 170 -44.95 49.53 -23.93
N ARG F 171 -44.26 50.52 -23.33
CA ARG F 171 -42.91 50.33 -22.85
C ARG F 171 -42.81 50.62 -21.34
N MET F 172 -43.73 51.45 -20.84
CA MET F 172 -43.70 51.89 -19.45
C MET F 172 -45.12 52.16 -18.96
N GLU F 173 -45.43 51.64 -17.76
CA GLU F 173 -46.67 51.86 -17.04
C GLU F 173 -46.42 52.98 -16.03
N LYS F 174 -47.21 54.06 -16.14
CA LYS F 174 -46.96 55.29 -15.41
C LYS F 174 -47.85 55.36 -14.17
N PHE F 175 -47.28 55.87 -13.07
CA PHE F 175 -47.97 55.97 -11.79
C PHE F 175 -47.58 57.27 -11.09
N TYR F 176 -48.60 58.13 -10.90
CA TYR F 176 -48.41 59.44 -10.26
C TYR F 176 -48.83 59.33 -8.80
N TRP F 177 -47.86 59.52 -7.90
CA TRP F 177 -48.08 59.33 -6.48
C TRP F 177 -48.21 60.69 -5.78
N GLU F 178 -49.43 60.96 -5.33
CA GLU F 178 -49.78 62.14 -4.54
C GLU F 178 -50.61 61.68 -3.34
N PRO F 179 -50.02 61.62 -2.12
CA PRO F 179 -50.74 61.12 -0.94
C PRO F 179 -51.89 62.04 -0.55
N ASN F 180 -53.07 61.44 -0.39
CA ASN F 180 -54.29 62.16 -0.02
C ASN F 180 -54.38 62.24 1.50
N ARG F 181 -55.52 62.77 1.98
CA ARG F 181 -55.77 62.96 3.41
C ARG F 181 -55.80 61.60 4.12
N ASP F 182 -56.46 60.62 3.49
CA ASP F 182 -56.65 59.29 4.07
C ASP F 182 -55.34 58.53 4.13
N ASP F 183 -54.49 58.73 3.11
CA ASP F 183 -53.15 58.15 3.06
C ASP F 183 -52.30 58.75 4.19
N LYS F 184 -52.30 60.08 4.27
CA LYS F 184 -51.53 60.83 5.26
C LYS F 184 -51.88 60.38 6.67
N VAL F 185 -53.20 60.23 6.94
CA VAL F 185 -53.71 59.83 8.25
C VAL F 185 -53.16 58.46 8.62
N GLY F 186 -53.19 57.53 7.67
CA GLY F 186 -52.66 56.19 7.85
C GLY F 186 -51.17 56.18 8.16
N ILE F 187 -50.40 56.94 7.36
CA ILE F 187 -48.94 56.92 7.41
C ILE F 187 -48.47 57.60 8.70
N VAL F 188 -49.02 58.78 9.00
CA VAL F 188 -48.71 59.52 10.21
C VAL F 188 -49.11 58.68 11.42
N GLY F 189 -50.27 58.00 11.30
CA GLY F 189 -50.79 57.10 12.31
C GLY F 189 -49.92 55.85 12.53
N GLY F 190 -49.09 55.53 11.52
CA GLY F 190 -48.15 54.42 11.59
C GLY F 190 -46.85 54.81 12.29
N ILE F 191 -46.47 56.09 12.16
CA ILE F 191 -45.24 56.62 12.73
C ILE F 191 -45.41 56.74 14.26
N PHE F 192 -46.60 57.17 14.69
CA PHE F 192 -46.87 57.47 16.08
C PHE F 192 -47.75 56.38 16.71
N ALA F 193 -47.72 55.17 16.14
CA ALA F 193 -48.52 54.04 16.62
C ALA F 193 -48.02 53.55 17.97
N GLU F 194 -46.70 53.67 18.20
CA GLU F 194 -46.03 53.14 19.37
C GLU F 194 -46.21 54.06 20.57
N ASP F 195 -46.46 55.35 20.30
CA ASP F 195 -46.45 56.39 21.31
C ASP F 195 -47.76 56.38 22.09
N GLY F 196 -48.87 56.17 21.39
CA GLY F 196 -50.19 56.06 22.00
C GLY F 196 -51.00 57.33 21.84
N LEU F 197 -51.46 57.57 20.60
CA LEU F 197 -52.33 58.68 20.28
C LEU F 197 -53.62 58.15 19.66
N SER F 198 -54.74 58.79 20.02
CA SER F 198 -56.06 58.46 19.50
C SER F 198 -56.18 58.93 18.05
N GLN F 199 -57.15 58.34 17.34
CA GLN F 199 -57.38 58.60 15.92
C GLN F 199 -57.61 60.09 15.68
N ARG F 200 -58.46 60.69 16.53
CA ARG F 200 -58.90 62.08 16.41
C ARG F 200 -57.72 63.04 16.57
N GLU F 201 -56.74 62.65 17.40
CA GLU F 201 -55.57 63.45 17.69
C GLU F 201 -54.62 63.47 16.48
N ILE F 202 -54.58 62.33 15.77
CA ILE F 202 -53.74 62.17 14.59
C ILE F 202 -54.29 63.02 13.45
N GLU F 203 -55.63 63.11 13.37
CA GLU F 203 -56.34 63.89 12.36
C GLU F 203 -55.97 65.37 12.47
N GLN F 204 -55.86 65.86 13.71
CA GLN F 204 -55.64 67.26 14.04
C GLN F 204 -54.24 67.70 13.61
N LEU F 205 -53.26 66.80 13.77
CA LEU F 205 -51.86 67.05 13.46
C LEU F 205 -51.65 67.28 11.97
N VAL F 206 -52.41 66.54 11.14
CA VAL F 206 -52.35 66.63 9.69
C VAL F 206 -53.00 67.94 9.25
N ASP F 207 -54.08 68.32 9.94
CA ASP F 207 -54.86 69.52 9.61
C ASP F 207 -54.05 70.77 9.92
N THR F 208 -53.24 70.72 10.99
CA THR F 208 -52.42 71.83 11.44
C THR F 208 -51.36 72.16 10.40
N PHE F 209 -50.73 71.12 9.85
CA PHE F 209 -49.66 71.27 8.87
C PHE F 209 -50.01 70.51 7.59
N PRO F 210 -50.94 71.03 6.74
CA PRO F 210 -51.37 70.31 5.53
C PRO F 210 -50.38 70.34 4.37
N LYS F 211 -49.59 71.41 4.30
CA LYS F 211 -48.63 71.62 3.22
C LYS F 211 -47.26 71.08 3.63
N GLN F 212 -47.23 69.78 3.97
CA GLN F 212 -46.01 69.14 4.43
C GLN F 212 -45.88 67.75 3.82
N SER F 213 -44.62 67.31 3.68
CA SER F 213 -44.28 65.99 3.15
C SER F 213 -44.17 64.99 4.29
N ILE F 214 -44.14 63.70 3.93
CA ILE F 214 -44.12 62.59 4.88
C ILE F 214 -42.86 62.65 5.73
N ASP F 215 -41.76 63.11 5.13
CA ASP F 215 -40.47 63.20 5.82
C ASP F 215 -40.55 64.13 7.02
N PHE F 216 -41.36 65.19 6.90
CA PHE F 216 -41.48 66.24 7.90
C PHE F 216 -41.92 65.65 9.25
N PHE F 217 -42.90 64.73 9.21
CA PHE F 217 -43.45 64.15 10.42
C PHE F 217 -42.44 63.21 11.06
N SER F 218 -41.70 62.46 10.23
CA SER F 218 -40.70 61.53 10.71
C SER F 218 -39.47 62.27 11.23
N ALA F 219 -39.23 63.47 10.69
CA ALA F 219 -38.13 64.33 11.10
C ALA F 219 -38.49 65.04 12.42
N LEU F 220 -39.79 65.23 12.64
CA LEU F 220 -40.31 65.89 13.83
C LEU F 220 -40.08 65.00 15.05
N ARG F 221 -40.24 63.69 14.88
CA ARG F 221 -40.07 62.71 15.94
C ARG F 221 -38.62 62.68 16.42
N SER F 222 -37.68 62.80 15.48
CA SER F 222 -36.25 62.75 15.77
C SER F 222 -35.83 63.97 16.59
N ARG F 223 -36.46 65.11 16.32
CA ARG F 223 -36.17 66.37 17.01
C ARG F 223 -36.66 66.31 18.45
N ILE F 224 -37.80 65.66 18.68
CA ILE F 224 -38.39 65.49 20.00
C ILE F 224 -37.47 64.59 20.83
N TYR F 225 -36.86 63.59 20.18
CA TYR F 225 -36.09 62.56 20.85
C TYR F 225 -34.67 63.04 21.15
N ASP F 226 -34.14 63.95 20.31
CA ASP F 226 -32.75 64.39 20.40
C ASP F 226 -32.53 65.29 21.60
N ILE F 227 -33.52 66.14 21.91
CA ILE F 227 -33.46 67.03 23.06
C ILE F 227 -33.34 66.20 24.34
N GLN F 228 -34.16 65.13 24.42
CA GLN F 228 -34.27 64.26 25.57
C GLN F 228 -32.96 63.51 25.83
N ILE F 229 -32.32 63.04 24.76
CA ILE F 229 -31.09 62.26 24.86
C ILE F 229 -29.91 63.17 25.21
N ARG F 230 -29.95 64.44 24.75
CA ARG F 230 -28.88 65.39 24.98
C ARG F 230 -28.83 65.77 26.46
N ASP F 231 -30.02 65.94 27.07
CA ASP F 231 -30.16 66.32 28.46
C ASP F 231 -29.70 65.19 29.38
N PHE F 232 -29.97 63.95 28.98
CA PHE F 232 -29.61 62.75 29.72
C PHE F 232 -28.09 62.61 29.82
N ILE F 233 -27.39 63.00 28.74
CA ILE F 233 -25.94 62.92 28.66
C ILE F 233 -25.31 63.95 29.60
N HIS F 234 -25.95 65.12 29.71
CA HIS F 234 -25.48 66.21 30.55
C HIS F 234 -25.69 65.92 32.03
N LYS F 235 -26.83 65.30 32.38
CA LYS F 235 -27.21 65.00 33.75
C LYS F 235 -26.31 63.92 34.33
N VAL F 236 -26.03 62.87 33.54
CA VAL F 236 -25.22 61.75 33.97
C VAL F 236 -23.75 62.17 34.01
N GLY F 237 -23.33 62.94 33.00
CA GLY F 237 -21.97 63.46 32.91
C GLY F 237 -21.12 62.66 31.93
N PHE F 238 -20.14 63.33 31.32
CA PHE F 238 -19.30 62.76 30.28
C PHE F 238 -18.33 61.74 30.84
N GLU F 239 -17.92 61.92 32.11
CA GLU F 239 -16.88 61.14 32.74
C GLU F 239 -17.32 59.70 32.96
N ARG F 240 -18.60 59.52 33.32
CA ARG F 240 -19.15 58.21 33.67
C ARG F 240 -20.45 57.94 32.92
N ILE F 241 -20.41 58.15 31.60
CA ILE F 241 -21.56 57.93 30.73
C ILE F 241 -21.56 56.49 30.23
N SER F 242 -20.40 55.83 30.32
CA SER F 242 -20.22 54.47 29.82
C SER F 242 -20.61 53.42 30.88
N LEU F 243 -20.53 53.82 32.15
CA LEU F 243 -20.76 52.91 33.27
C LEU F 243 -22.25 52.66 33.45
N ARG F 244 -23.08 53.68 33.14
CA ARG F 244 -24.51 53.63 33.35
C ARG F 244 -25.25 53.41 32.02
N VAL F 245 -24.57 52.78 31.06
CA VAL F 245 -25.16 52.52 29.76
C VAL F 245 -24.93 51.06 29.36
N VAL F 246 -23.72 50.53 29.61
CA VAL F 246 -23.37 49.17 29.27
C VAL F 246 -24.21 48.19 30.09
N ASN F 247 -24.44 48.54 31.36
CA ASN F 247 -25.21 47.71 32.28
C ASN F 247 -26.09 48.60 33.16
N PRO F 252 -32.68 52.31 30.88
CA PRO F 252 -31.84 53.45 31.23
C PRO F 252 -32.39 54.18 32.45
N PRO F 253 -31.73 54.08 33.63
CA PRO F 253 -32.19 54.75 34.84
C PRO F 253 -32.19 56.27 34.71
N GLU F 254 -33.23 56.90 35.30
CA GLU F 254 -33.45 58.34 35.33
C GLU F 254 -33.41 58.91 33.92
N PHE F 255 -34.29 58.39 33.05
CA PHE F 255 -34.46 58.87 31.70
C PHE F 255 -35.95 59.06 31.43
N LYS F 256 -36.39 60.33 31.51
CA LYS F 256 -37.76 60.72 31.27
C LYS F 256 -38.10 60.44 29.81
N LYS F 257 -39.25 59.77 29.61
CA LYS F 257 -39.77 59.43 28.29
C LYS F 257 -40.06 60.71 27.51
N PRO F 258 -39.95 60.70 26.16
CA PRO F 258 -40.18 61.91 25.35
C PRO F 258 -41.60 62.44 25.51
N ASP F 259 -41.79 63.74 25.23
CA ASP F 259 -43.04 64.45 25.44
C ASP F 259 -44.19 63.70 24.77
N PHE F 260 -44.18 63.74 23.42
CA PHE F 260 -45.19 63.12 22.57
C PHE F 260 -46.60 63.52 23.00
N SER F 261 -46.90 64.82 22.85
CA SER F 261 -48.22 65.35 23.14
C SER F 261 -48.69 66.22 21.97
N LEU F 262 -49.98 66.09 21.63
CA LEU F 262 -50.61 66.77 20.51
C LEU F 262 -50.34 68.28 20.58
N ALA F 263 -50.49 68.84 21.79
CA ALA F 263 -50.31 70.26 22.04
C ALA F 263 -48.91 70.71 21.65
N HIS F 264 -47.91 69.88 21.97
CA HIS F 264 -46.50 70.18 21.72
C HIS F 264 -46.11 69.88 20.27
N LEU F 265 -46.71 68.82 19.70
CA LEU F 265 -46.38 68.37 18.35
C LEU F 265 -46.73 69.46 17.33
N ILE F 266 -47.61 70.39 17.74
CA ILE F 266 -47.95 71.57 16.97
C ILE F 266 -46.88 72.64 17.20
N GLU F 267 -46.52 72.85 18.47
CA GLU F 267 -45.59 73.87 18.92
C GLU F 267 -44.22 73.67 18.27
N SER F 268 -43.74 72.42 18.30
CA SER F 268 -42.44 72.05 17.77
C SER F 268 -42.40 72.17 16.25
N GLY F 269 -43.51 71.79 15.60
CA GLY F 269 -43.66 71.83 14.15
C GLY F 269 -43.65 73.27 13.61
N ASN F 270 -44.18 74.20 14.40
CA ASN F 270 -44.23 75.62 14.08
C ASN F 270 -42.82 76.20 14.11
N LEU F 271 -42.00 75.72 15.05
CA LEU F 271 -40.63 76.15 15.23
C LEU F 271 -39.77 75.72 14.04
N VAL F 272 -40.06 74.52 13.50
CA VAL F 272 -39.35 73.97 12.37
C VAL F 272 -39.64 74.80 11.11
N LEU F 273 -40.92 75.20 10.96
CA LEU F 273 -41.37 75.99 9.83
C LEU F 273 -40.78 77.39 9.88
N GLY F 274 -40.62 77.93 11.11
CA GLY F 274 -39.98 79.22 11.34
C GLY F 274 -38.50 79.22 10.96
N GLU F 275 -37.84 78.08 11.22
CA GLU F 275 -36.44 77.86 10.90
C GLU F 275 -36.27 77.75 9.38
N GLN F 276 -37.25 77.12 8.71
CA GLN F 276 -37.26 76.95 7.27
C GLN F 276 -37.47 78.29 6.57
N GLN F 277 -38.27 79.16 7.21
CA GLN F 277 -38.61 80.49 6.69
C GLN F 277 -37.42 81.43 6.82
N ARG F 278 -36.56 81.18 7.82
CA ARG F 278 -35.38 81.99 8.10
C ARG F 278 -34.40 81.90 6.95
N VAL F 279 -34.23 80.70 6.38
CA VAL F 279 -33.37 80.46 5.24
C VAL F 279 -34.04 81.03 3.99
N ASP F 280 -35.37 80.91 3.92
CA ASP F 280 -36.17 81.38 2.81
C ASP F 280 -36.23 82.92 2.82
N SER G 2 -19.97 68.34 -16.85
CA SER G 2 -19.59 66.92 -17.13
C SER G 2 -18.85 66.80 -18.47
N TYR G 3 -17.78 66.00 -18.46
CA TYR G 3 -16.94 65.77 -19.64
C TYR G 3 -16.47 64.31 -19.66
N ALA G 4 -17.00 63.54 -20.61
CA ALA G 4 -16.64 62.12 -20.75
C ALA G 4 -15.68 61.88 -21.90
N GLN G 5 -14.67 61.05 -21.63
CA GLN G 5 -13.62 60.76 -22.61
C GLN G 5 -13.38 59.26 -22.79
N THR G 6 -12.97 58.89 -24.00
CA THR G 6 -12.58 57.53 -24.34
C THR G 6 -11.05 57.47 -24.36
N LYS G 7 -10.49 56.33 -23.99
CA LYS G 7 -9.05 56.21 -23.81
C LYS G 7 -8.39 54.93 -24.33
N THR G 8 -7.10 55.04 -24.63
CA THR G 8 -6.21 53.90 -24.85
C THR G 8 -5.19 53.87 -23.71
N GLN G 9 -4.76 52.67 -23.34
CA GLN G 9 -3.92 52.50 -22.15
C GLN G 9 -2.74 51.56 -22.30
N THR G 10 -1.72 51.79 -21.49
CA THR G 10 -0.55 50.90 -21.36
C THR G 10 -0.65 50.10 -20.07
N LYS G 11 -0.13 48.87 -20.11
CA LYS G 11 -0.26 47.95 -18.98
C LYS G 11 1.10 47.56 -18.42
N SER G 12 1.21 47.62 -17.09
CA SER G 12 2.42 47.22 -16.38
C SER G 12 2.56 45.70 -16.30
N GLY G 13 1.49 45.02 -15.90
CA GLY G 13 1.46 43.55 -15.83
C GLY G 13 2.12 42.95 -14.62
N TYR G 14 1.92 41.65 -14.43
CA TYR G 14 2.51 40.88 -13.33
C TYR G 14 3.24 39.64 -13.81
N THR G 24 -12.95 31.78 -4.41
CA THR G 24 -11.95 30.75 -4.86
C THR G 24 -12.41 29.31 -4.55
N TYR G 25 -13.73 29.11 -4.50
CA TYR G 25 -14.34 27.79 -4.28
C TYR G 25 -15.63 27.58 -5.08
N TYR G 26 -16.38 28.66 -5.27
CA TYR G 26 -17.58 28.64 -6.11
C TYR G 26 -17.30 29.24 -7.49
N THR G 27 -17.25 28.36 -8.49
CA THR G 27 -16.98 28.75 -9.88
C THR G 27 -17.99 28.11 -10.83
N PRO G 28 -18.99 28.89 -11.29
CA PRO G 28 -20.04 28.38 -12.20
C PRO G 28 -19.58 28.20 -13.65
N ASP G 29 -18.43 28.76 -13.98
CA ASP G 29 -17.88 28.69 -15.35
C ASP G 29 -17.25 27.34 -15.67
N TYR G 30 -16.82 26.61 -14.64
CA TYR G 30 -16.16 25.30 -14.78
C TYR G 30 -17.06 24.25 -15.41
N THR G 31 -16.47 23.46 -16.31
CA THR G 31 -17.14 22.34 -16.94
C THR G 31 -16.52 21.03 -16.40
N PRO G 32 -17.37 20.10 -15.87
CA PRO G 32 -16.90 18.82 -15.32
C PRO G 32 -16.20 17.94 -16.35
N LYS G 33 -15.15 17.25 -15.89
CA LYS G 33 -14.36 16.34 -16.70
C LYS G 33 -14.95 14.93 -16.70
N ASP G 34 -14.51 14.11 -17.65
CA ASP G 34 -14.93 12.72 -17.76
C ASP G 34 -14.29 11.82 -16.70
N THR G 35 -13.20 12.31 -16.08
CA THR G 35 -12.51 11.61 -14.99
C THR G 35 -12.65 12.36 -13.66
N ASP G 36 -13.88 12.76 -13.35
CA ASP G 36 -14.20 13.46 -12.10
C ASP G 36 -15.28 12.75 -11.29
N ILE G 37 -15.18 12.88 -9.96
CA ILE G 37 -16.20 12.39 -9.05
C ILE G 37 -17.18 13.54 -8.75
N LEU G 38 -18.45 13.33 -9.10
CA LEU G 38 -19.49 14.34 -8.94
C LEU G 38 -20.45 13.95 -7.82
N ALA G 39 -20.95 14.96 -7.10
CA ALA G 39 -21.83 14.74 -5.95
C ALA G 39 -22.98 15.73 -5.90
N ALA G 40 -24.17 15.23 -5.54
CA ALA G 40 -25.37 16.04 -5.40
C ALA G 40 -25.80 16.14 -3.93
N PHE G 41 -25.89 17.37 -3.44
CA PHE G 41 -26.32 17.65 -2.06
C PHE G 41 -27.65 18.40 -2.02
N ARG G 42 -28.54 18.00 -1.11
CA ARG G 42 -29.75 18.74 -0.80
C ARG G 42 -29.45 19.62 0.41
N VAL G 43 -29.25 20.91 0.16
CA VAL G 43 -28.71 21.86 1.14
C VAL G 43 -29.81 22.72 1.76
N THR G 44 -29.78 22.84 3.09
CA THR G 44 -30.66 23.73 3.84
C THR G 44 -29.80 24.64 4.76
N PRO G 45 -29.68 25.94 4.40
CA PRO G 45 -28.90 26.87 5.22
C PRO G 45 -29.71 27.50 6.35
N GLN G 46 -29.02 28.12 7.30
CA GLN G 46 -29.63 28.88 8.38
C GLN G 46 -30.14 30.23 7.84
N PRO G 47 -31.19 30.82 8.49
CA PRO G 47 -31.70 32.14 8.07
C PRO G 47 -30.65 33.25 8.12
N GLY G 48 -30.53 34.00 7.03
CA GLY G 48 -29.55 35.08 6.88
C GLY G 48 -28.26 34.68 6.18
N VAL G 49 -28.29 33.54 5.49
CA VAL G 49 -27.14 33.02 4.73
C VAL G 49 -27.51 32.90 3.25
N PRO G 50 -26.69 33.52 2.36
CA PRO G 50 -26.92 33.43 0.90
C PRO G 50 -26.73 32.02 0.34
N PHE G 51 -27.38 31.77 -0.80
CA PHE G 51 -27.33 30.47 -1.50
C PHE G 51 -25.96 30.14 -2.07
N GLU G 52 -25.30 31.14 -2.65
CA GLU G 52 -23.96 30.98 -3.26
C GLU G 52 -22.87 30.86 -2.20
N GLU G 53 -23.08 31.50 -1.05
CA GLU G 53 -22.18 31.41 0.10
C GLU G 53 -22.26 30.03 0.75
N ALA G 54 -23.47 29.50 0.88
CA ALA G 54 -23.72 28.17 1.46
C ALA G 54 -23.15 27.04 0.61
N ALA G 55 -23.24 27.18 -0.71
CA ALA G 55 -22.70 26.20 -1.67
C ALA G 55 -21.17 26.19 -1.69
N ALA G 56 -20.57 27.37 -1.57
CA ALA G 56 -19.12 27.54 -1.50
C ALA G 56 -18.52 26.96 -0.22
N ALA G 57 -19.31 27.01 0.86
CA ALA G 57 -18.93 26.44 2.16
C ALA G 57 -18.91 24.92 2.15
N VAL G 58 -19.85 24.31 1.42
CA VAL G 58 -19.95 22.85 1.30
C VAL G 58 -18.80 22.28 0.47
N ALA G 59 -18.52 22.93 -0.67
CA ALA G 59 -17.42 22.55 -1.57
C ALA G 59 -16.04 22.67 -0.91
N ALA G 60 -15.88 23.65 -0.03
CA ALA G 60 -14.62 23.87 0.70
C ALA G 60 -14.41 22.83 1.81
N GLU G 61 -15.43 22.67 2.66
CA GLU G 61 -15.34 21.81 3.85
C GLU G 61 -15.30 20.31 3.56
N SER G 62 -15.77 19.91 2.37
CA SER G 62 -15.74 18.51 1.95
C SER G 62 -14.49 18.13 1.15
N SER G 63 -13.63 19.12 0.86
CA SER G 63 -12.41 18.90 0.07
C SER G 63 -11.13 19.12 0.87
N THR G 64 -10.69 20.39 0.97
CA THR G 64 -9.43 20.74 1.64
C THR G 64 -9.60 21.68 2.82
N GLY G 65 -10.67 22.48 2.80
CA GLY G 65 -10.90 23.53 3.78
C GLY G 65 -9.99 24.70 3.44
N THR G 66 -9.05 24.98 4.35
CA THR G 66 -7.98 25.97 4.15
C THR G 66 -8.46 27.34 3.64
N TRP G 67 -8.99 28.14 4.56
CA TRP G 67 -9.41 29.50 4.27
C TRP G 67 -8.25 30.49 4.38
N THR G 68 -7.38 30.26 5.37
CA THR G 68 -6.18 31.07 5.59
C THR G 68 -4.95 30.34 5.05
N THR G 69 -4.11 31.07 4.31
CA THR G 69 -2.90 30.53 3.70
C THR G 69 -1.73 30.60 4.68
N VAL G 70 -1.07 29.44 4.85
CA VAL G 70 0.12 29.30 5.72
C VAL G 70 1.34 29.07 4.83
N TRP G 71 2.54 29.13 5.42
CA TRP G 71 3.81 28.90 4.70
C TRP G 71 3.92 27.52 4.05
N THR G 72 3.28 26.52 4.68
CA THR G 72 3.22 25.16 4.14
C THR G 72 2.34 25.06 2.90
N ASP G 73 1.29 25.88 2.84
CA ASP G 73 0.31 25.90 1.75
C ASP G 73 0.88 26.47 0.45
N LEU G 74 1.88 27.34 0.57
CA LEU G 74 2.50 28.02 -0.57
C LEU G 74 3.55 27.15 -1.28
N LEU G 75 3.92 26.02 -0.66
CA LEU G 75 4.87 25.06 -1.23
C LEU G 75 4.20 24.03 -2.16
N THR G 76 2.90 24.22 -2.41
CA THR G 76 2.10 23.32 -3.26
C THR G 76 1.11 24.09 -4.14
N ASP G 77 0.58 23.40 -5.16
CA ASP G 77 -0.49 23.94 -6.01
C ASP G 77 -1.81 23.95 -5.26
N LEU G 78 -2.55 25.06 -5.39
CA LEU G 78 -3.82 25.23 -4.69
C LEU G 78 -5.04 24.88 -5.55
N ASP G 79 -4.91 25.08 -6.86
CA ASP G 79 -5.97 24.77 -7.83
C ASP G 79 -6.02 23.29 -8.24
N ARG G 80 -4.89 22.60 -8.10
CA ARG G 80 -4.75 21.19 -8.49
C ARG G 80 -5.63 20.27 -7.63
N TYR G 81 -5.51 20.40 -6.31
CA TYR G 81 -6.26 19.58 -5.37
C TYR G 81 -7.33 20.43 -4.67
N LYS G 82 -8.45 20.61 -5.36
CA LYS G 82 -9.54 21.47 -4.90
C LYS G 82 -10.87 21.08 -5.52
N GLY G 83 -11.86 20.84 -4.66
CA GLY G 83 -13.24 20.58 -5.08
C GLY G 83 -14.00 21.87 -5.27
N ARG G 84 -14.85 21.92 -6.31
CA ARG G 84 -15.58 23.14 -6.65
C ARG G 84 -17.05 22.91 -7.03
N CYS G 85 -17.89 23.85 -6.62
CA CYS G 85 -19.31 23.87 -6.97
C CYS G 85 -19.51 24.52 -8.34
N TYR G 86 -20.22 23.83 -9.23
CA TYR G 86 -20.41 24.30 -10.61
C TYR G 86 -21.86 24.58 -11.01
N ASP G 87 -22.82 24.10 -10.21
CA ASP G 87 -24.25 24.25 -10.51
C ASP G 87 -25.12 24.31 -9.27
N ILE G 88 -26.05 25.28 -9.25
CA ILE G 88 -27.07 25.40 -8.21
C ILE G 88 -28.45 25.34 -8.85
N GLU G 89 -29.30 24.46 -8.33
CA GLU G 89 -30.67 24.28 -8.80
C GLU G 89 -31.63 24.33 -7.60
N PRO G 90 -32.70 25.17 -7.70
CA PRO G 90 -33.69 25.24 -6.62
C PRO G 90 -34.63 24.04 -6.58
N VAL G 91 -35.05 23.66 -5.38
CA VAL G 91 -36.04 22.59 -5.19
C VAL G 91 -37.45 23.21 -5.30
N PRO G 92 -38.31 22.66 -6.20
CA PRO G 92 -39.67 23.20 -6.41
C PRO G 92 -40.58 23.09 -5.20
N GLY G 93 -41.32 24.16 -4.93
CA GLY G 93 -42.28 24.23 -3.82
C GLY G 93 -41.68 24.22 -2.43
N GLU G 94 -40.43 24.69 -2.32
CA GLU G 94 -39.70 24.72 -1.05
C GLU G 94 -38.98 26.05 -0.84
N ASP G 95 -38.94 26.49 0.42
CA ASP G 95 -38.18 27.68 0.82
C ASP G 95 -36.81 27.32 1.36
N ASN G 96 -35.82 28.13 1.01
CA ASN G 96 -34.38 27.91 1.31
C ASN G 96 -33.91 26.45 1.27
N GLN G 97 -34.14 25.81 0.12
CA GLN G 97 -33.64 24.45 -0.14
C GLN G 97 -33.25 24.30 -1.60
N PHE G 98 -32.00 23.86 -1.82
CA PHE G 98 -31.44 23.74 -3.17
C PHE G 98 -30.54 22.52 -3.37
N ILE G 99 -30.42 22.10 -4.62
CA ILE G 99 -29.50 21.01 -5.02
C ILE G 99 -28.17 21.63 -5.47
N ALA G 100 -27.09 21.24 -4.80
CA ALA G 100 -25.73 21.70 -5.11
C ALA G 100 -24.91 20.60 -5.79
N TYR G 101 -24.24 20.96 -6.88
CA TYR G 101 -23.41 20.05 -7.65
C TYR G 101 -21.93 20.37 -7.46
N ILE G 102 -21.17 19.37 -7.00
CA ILE G 102 -19.75 19.55 -6.68
C ILE G 102 -18.90 18.51 -7.42
N ALA G 103 -17.78 18.97 -7.99
CA ALA G 103 -16.85 18.11 -8.71
C ALA G 103 -15.53 17.95 -7.96
N TYR G 104 -15.01 16.72 -7.96
CA TYR G 104 -13.74 16.38 -7.31
C TYR G 104 -12.77 15.73 -8.30
N PRO G 105 -11.46 16.04 -8.21
CA PRO G 105 -10.45 15.40 -9.07
C PRO G 105 -10.21 13.93 -8.72
N LEU G 106 -9.78 13.15 -9.72
CA LEU G 106 -9.56 11.70 -9.60
C LEU G 106 -8.40 11.33 -8.66
N ASP G 107 -7.33 12.13 -8.70
CA ASP G 107 -6.11 11.85 -7.93
C ASP G 107 -6.15 12.32 -6.46
N LEU G 108 -7.38 12.39 -5.92
CA LEU G 108 -7.62 12.82 -4.54
C LEU G 108 -7.96 11.63 -3.63
N PHE G 109 -8.19 10.47 -4.26
CA PHE G 109 -8.71 9.29 -3.58
C PHE G 109 -7.85 8.04 -3.81
N GLU G 110 -7.87 7.14 -2.83
CA GLU G 110 -7.16 5.86 -2.90
C GLU G 110 -7.90 4.89 -3.82
N GLU G 111 -7.11 4.11 -4.57
CA GLU G 111 -7.66 3.11 -5.51
C GLU G 111 -8.20 1.90 -4.76
N GLY G 112 -9.40 1.47 -5.15
CA GLY G 112 -10.06 0.30 -4.60
C GLY G 112 -10.48 0.40 -3.14
N SER G 113 -10.85 1.61 -2.72
CA SER G 113 -11.23 1.87 -1.32
C SER G 113 -12.51 2.68 -1.22
N ILE G 114 -13.59 2.00 -0.81
CA ILE G 114 -14.87 2.66 -0.49
C ILE G 114 -14.72 3.43 0.82
N THR G 115 -13.98 2.85 1.76
CA THR G 115 -13.69 3.46 3.07
C THR G 115 -13.12 4.88 2.95
N ASN G 116 -12.12 5.05 2.08
CA ASN G 116 -11.43 6.34 1.91
C ASN G 116 -12.29 7.43 1.25
N VAL G 117 -12.98 7.06 0.16
CA VAL G 117 -13.85 8.00 -0.57
C VAL G 117 -15.04 8.45 0.28
N LEU G 118 -15.56 7.53 1.11
CA LEU G 118 -16.67 7.81 2.01
C LEU G 118 -16.24 8.71 3.19
N THR G 119 -15.01 8.54 3.66
CA THR G 119 -14.45 9.39 4.73
C THR G 119 -14.14 10.81 4.24
N SER G 120 -13.72 10.92 2.97
CA SER G 120 -13.35 12.20 2.37
C SER G 120 -14.55 13.11 2.10
N ILE G 121 -15.60 12.55 1.50
CA ILE G 121 -16.79 13.32 1.12
C ILE G 121 -17.65 13.72 2.33
N VAL G 122 -18.04 12.74 3.15
CA VAL G 122 -19.01 12.96 4.25
C VAL G 122 -18.35 13.03 5.65
N GLY G 123 -17.08 13.43 5.68
CA GLY G 123 -16.31 13.52 6.93
C GLY G 123 -16.70 14.65 7.86
N ASN G 124 -16.36 15.89 7.46
CA ASN G 124 -16.57 17.07 8.31
C ASN G 124 -17.44 18.16 7.68
N VAL G 125 -18.43 17.74 6.87
CA VAL G 125 -19.33 18.67 6.19
C VAL G 125 -20.76 18.67 6.78
N PHE G 126 -21.15 17.54 7.37
CA PHE G 126 -22.47 17.39 7.98
C PHE G 126 -22.59 18.07 9.33
N GLY G 127 -21.46 18.31 9.98
CA GLY G 127 -21.39 19.02 11.26
C GLY G 127 -21.02 20.49 11.16
N PHE G 128 -21.15 21.03 9.95
CA PHE G 128 -20.90 22.45 9.69
C PHE G 128 -22.03 23.28 10.28
N LYS G 129 -21.68 24.15 11.21
CA LYS G 129 -22.64 24.86 12.06
C LYS G 129 -23.54 25.89 11.35
N ALA G 130 -23.17 26.25 10.11
CA ALA G 130 -23.93 27.22 9.31
C ALA G 130 -25.05 26.60 8.44
N LEU G 131 -25.25 25.28 8.59
CA LEU G 131 -26.31 24.57 7.89
C LEU G 131 -27.27 23.89 8.87
N ARG G 132 -28.57 23.99 8.58
CA ARG G 132 -29.59 23.35 9.40
C ARG G 132 -29.69 21.85 9.10
N ALA G 133 -29.67 21.50 7.82
CA ALA G 133 -29.75 20.11 7.35
C ALA G 133 -29.02 19.91 6.03
N LEU G 134 -28.50 18.71 5.82
CA LEU G 134 -27.80 18.34 4.59
C LEU G 134 -28.06 16.87 4.25
N ARG G 135 -28.32 16.58 2.97
CA ARG G 135 -28.51 15.21 2.50
C ARG G 135 -27.79 14.96 1.17
N LEU G 136 -26.93 13.94 1.17
CA LEU G 136 -26.25 13.50 -0.05
C LEU G 136 -27.19 12.63 -0.88
N GLU G 137 -27.60 13.15 -2.04
CA GLU G 137 -28.59 12.49 -2.89
C GLU G 137 -27.99 11.42 -3.79
N ASP G 138 -26.96 11.78 -4.56
CA ASP G 138 -26.34 10.87 -5.53
C ASP G 138 -24.87 11.20 -5.80
N ILE G 139 -24.10 10.16 -6.15
CA ILE G 139 -22.68 10.28 -6.54
C ILE G 139 -22.45 9.66 -7.93
N ARG G 140 -21.78 10.40 -8.80
CA ARG G 140 -21.29 9.86 -10.07
C ARG G 140 -19.89 9.29 -9.89
N PHE G 141 -19.73 8.02 -10.26
CA PHE G 141 -18.41 7.38 -10.31
C PHE G 141 -17.93 7.31 -11.77
N PRO G 142 -16.69 7.78 -12.02
CA PRO G 142 -16.10 7.67 -13.37
C PRO G 142 -15.56 6.28 -13.67
N VAL G 143 -15.43 5.96 -14.95
CA VAL G 143 -14.94 4.66 -15.43
C VAL G 143 -13.52 4.35 -14.93
N ALA G 144 -12.66 5.37 -14.92
CA ALA G 144 -11.28 5.25 -14.45
C ALA G 144 -11.14 4.84 -12.98
N TYR G 145 -12.12 5.21 -12.16
CA TYR G 145 -12.12 4.86 -10.74
C TYR G 145 -12.82 3.51 -10.45
N ILE G 146 -13.75 3.13 -11.33
CA ILE G 146 -14.49 1.85 -11.21
C ILE G 146 -13.55 0.64 -11.45
N LYS G 147 -12.62 0.80 -12.39
CA LYS G 147 -11.70 -0.29 -12.78
C LYS G 147 -10.72 -0.72 -11.68
N THR G 148 -10.62 0.07 -10.61
CA THR G 148 -9.75 -0.23 -9.46
C THR G 148 -10.42 -1.16 -8.44
N PHE G 149 -11.73 -1.38 -8.61
CA PHE G 149 -12.52 -2.25 -7.73
C PHE G 149 -12.78 -3.62 -8.34
N GLN G 150 -12.90 -4.64 -7.48
CA GLN G 150 -13.25 -6.00 -7.89
C GLN G 150 -14.73 -6.08 -8.31
N GLY G 151 -15.59 -5.42 -7.55
CA GLY G 151 -17.04 -5.47 -7.77
C GLY G 151 -17.65 -6.70 -7.11
N PRO G 152 -18.81 -7.16 -7.64
CA PRO G 152 -19.42 -8.40 -7.12
C PRO G 152 -18.57 -9.63 -7.46
N PRO G 153 -18.44 -10.58 -6.51
CA PRO G 153 -17.64 -11.80 -6.72
C PRO G 153 -18.12 -12.68 -7.88
N HIS G 154 -19.42 -12.64 -8.21
CA HIS G 154 -19.98 -13.45 -9.29
C HIS G 154 -20.93 -12.68 -10.21
N GLY G 155 -21.94 -12.02 -9.65
CA GLY G 155 -22.95 -11.30 -10.44
C GLY G 155 -24.16 -12.15 -10.79
N ILE G 156 -25.15 -11.52 -11.42
CA ILE G 156 -26.46 -12.14 -11.74
C ILE G 156 -26.32 -13.32 -12.70
N GLN G 157 -25.62 -13.10 -13.81
CA GLN G 157 -25.44 -14.07 -14.90
C GLN G 157 -24.79 -15.38 -14.44
N VAL G 158 -23.69 -15.26 -13.70
CA VAL G 158 -22.92 -16.41 -13.20
C VAL G 158 -23.68 -17.18 -12.11
N GLU G 159 -24.42 -16.44 -11.27
CA GLU G 159 -25.25 -17.01 -10.19
C GLU G 159 -26.31 -17.99 -10.70
N ARG G 160 -27.02 -17.58 -11.76
CA ARG G 160 -28.04 -18.42 -12.39
C ARG G 160 -27.47 -19.65 -13.07
N ASP G 161 -26.26 -19.52 -13.64
CA ASP G 161 -25.58 -20.62 -14.31
C ASP G 161 -25.07 -21.69 -13.34
N LYS G 162 -24.59 -21.25 -12.16
CA LYS G 162 -24.15 -22.15 -11.09
C LYS G 162 -25.32 -22.90 -10.43
N LEU G 163 -26.45 -22.22 -10.29
CA LEU G 163 -27.65 -22.78 -9.64
C LEU G 163 -28.58 -23.54 -10.59
N ASN G 164 -28.41 -23.28 -11.89
CA ASN G 164 -29.24 -23.85 -12.97
C ASN G 164 -30.73 -23.48 -12.83
N LYS G 165 -30.99 -22.19 -12.62
CA LYS G 165 -32.34 -21.67 -12.37
C LYS G 165 -32.61 -20.43 -13.23
N TYR G 166 -33.47 -20.59 -14.24
CA TYR G 166 -33.87 -19.49 -15.14
C TYR G 166 -35.30 -19.57 -15.65
N GLY G 167 -35.90 -18.40 -15.85
CA GLY G 167 -37.28 -18.27 -16.33
C GLY G 167 -38.27 -17.79 -15.28
N ARG G 168 -37.74 -17.53 -14.08
CA ARG G 168 -38.56 -17.38 -12.87
C ARG G 168 -37.75 -16.61 -11.82
N PRO G 169 -38.42 -15.78 -10.99
CA PRO G 169 -37.75 -15.24 -9.80
C PRO G 169 -37.51 -16.30 -8.74
N LEU G 170 -36.42 -16.15 -7.99
CA LEU G 170 -36.06 -17.08 -6.91
C LEU G 170 -36.89 -16.85 -5.65
N LEU G 171 -37.10 -17.92 -4.87
CA LEU G 171 -37.88 -17.87 -3.64
C LEU G 171 -37.05 -18.11 -2.38
N GLY G 172 -37.40 -17.41 -1.31
CA GLY G 172 -36.70 -17.50 -0.04
C GLY G 172 -37.61 -17.47 1.17
N CYS G 173 -37.04 -17.73 2.35
CA CYS G 173 -37.76 -17.78 3.61
C CYS G 173 -36.86 -17.47 4.80
N THR G 174 -37.42 -16.80 5.81
CA THR G 174 -36.70 -16.49 7.04
C THR G 174 -37.33 -17.28 8.20
N ILE G 175 -36.48 -17.96 8.98
CA ILE G 175 -36.92 -18.81 10.09
C ILE G 175 -37.31 -17.95 11.31
N LYS G 176 -38.52 -18.22 11.83
CA LYS G 176 -39.08 -17.49 12.97
C LYS G 176 -39.29 -18.42 14.17
N PRO G 177 -39.08 -17.94 15.41
CA PRO G 177 -38.76 -16.53 15.73
C PRO G 177 -37.30 -16.14 15.47
N LYS G 178 -37.03 -14.83 15.56
CA LYS G 178 -35.68 -14.27 15.41
C LYS G 178 -34.66 -14.93 16.32
N LEU G 179 -35.03 -15.10 17.60
CA LEU G 179 -34.15 -15.74 18.60
C LEU G 179 -34.95 -16.67 19.52
N GLY G 180 -34.37 -17.81 19.87
CA GLY G 180 -34.99 -18.75 20.81
C GLY G 180 -34.76 -20.22 20.56
N LEU G 181 -34.93 -20.66 19.32
CA LEU G 181 -34.84 -22.07 18.93
C LEU G 181 -33.44 -22.68 19.09
N SER G 182 -33.40 -23.98 19.40
CA SER G 182 -32.15 -24.75 19.45
C SER G 182 -31.63 -25.05 18.04
N ALA G 183 -30.39 -25.54 17.96
CA ALA G 183 -29.75 -25.87 16.69
C ALA G 183 -30.45 -26.99 15.92
N LYS G 184 -30.96 -27.99 16.64
CA LYS G 184 -31.69 -29.12 16.06
C LYS G 184 -33.09 -28.70 15.56
N ASN G 185 -33.78 -27.89 16.37
CA ASN G 185 -35.10 -27.37 16.04
C ASN G 185 -35.06 -26.35 14.89
N TYR G 186 -33.92 -25.69 14.75
CA TYR G 186 -33.66 -24.76 13.65
C TYR G 186 -33.59 -25.50 12.32
N GLY G 187 -32.82 -26.58 12.28
CA GLY G 187 -32.66 -27.42 11.09
C GLY G 187 -33.91 -28.16 10.64
N ARG G 188 -34.78 -28.49 11.61
CA ARG G 188 -36.07 -29.13 11.35
C ARG G 188 -37.01 -28.20 10.57
N ALA G 189 -37.01 -26.92 10.93
CA ALA G 189 -37.77 -25.87 10.25
C ALA G 189 -37.22 -25.59 8.85
N VAL G 190 -35.90 -25.67 8.70
CA VAL G 190 -35.19 -25.45 7.44
C VAL G 190 -35.56 -26.53 6.40
N TYR G 191 -35.55 -27.79 6.85
CA TYR G 191 -35.89 -28.93 5.99
C TYR G 191 -37.33 -28.89 5.46
N GLU G 192 -38.28 -28.62 6.35
CA GLU G 192 -39.72 -28.60 6.01
C GLU G 192 -40.09 -27.50 5.00
N CYS G 193 -39.39 -26.37 5.06
CA CYS G 193 -39.58 -25.26 4.11
C CYS G 193 -39.04 -25.59 2.72
N LEU G 194 -37.86 -26.21 2.66
CA LEU G 194 -37.21 -26.56 1.39
C LEU G 194 -37.88 -27.73 0.68
N ARG G 195 -38.44 -28.65 1.48
CA ARG G 195 -39.23 -29.78 0.97
C ARG G 195 -40.49 -29.29 0.23
N GLY G 196 -41.12 -28.26 0.77
CA GLY G 196 -42.37 -27.70 0.23
C GLY G 196 -42.26 -27.05 -1.14
N GLY G 197 -41.12 -26.41 -1.41
CA GLY G 197 -40.85 -25.84 -2.73
C GLY G 197 -40.24 -24.45 -2.76
N LEU G 198 -39.29 -24.20 -1.87
CA LEU G 198 -38.53 -22.96 -1.86
C LEU G 198 -37.10 -23.22 -2.32
N ASP G 199 -36.45 -22.18 -2.85
CA ASP G 199 -35.06 -22.27 -3.32
C ASP G 199 -34.05 -22.05 -2.19
N PHE G 200 -34.33 -21.05 -1.34
CA PHE G 200 -33.43 -20.68 -0.25
C PHE G 200 -34.14 -20.56 1.10
N THR G 201 -33.34 -20.62 2.17
CA THR G 201 -33.77 -20.38 3.54
C THR G 201 -32.69 -19.54 4.20
N ASP G 203 -31.04 -17.10 7.70
CA ASP G 203 -30.93 -16.67 9.09
C ASP G 203 -31.29 -15.20 9.23
N ASP G 204 -31.79 -14.82 10.40
CA ASP G 204 -32.02 -13.40 10.74
C ASP G 204 -30.70 -12.67 10.94
N GLU G 205 -30.76 -11.34 10.79
CA GLU G 205 -29.58 -10.48 10.91
C GLU G 205 -28.93 -10.47 12.30
N ASN G 206 -29.72 -10.79 13.33
CA ASN G 206 -29.24 -10.82 14.71
C ASN G 206 -28.77 -12.19 15.23
N ILE G 207 -28.95 -13.24 14.41
CA ILE G 207 -28.43 -14.58 14.76
C ILE G 207 -26.94 -14.66 14.39
N ASN G 208 -26.10 -14.64 15.41
CA ASN G 208 -24.65 -14.81 15.23
C ASN G 208 -24.18 -16.08 15.93
N SER G 209 -23.91 -15.99 17.25
CA SER G 209 -23.52 -17.14 18.08
C SER G 209 -23.81 -16.83 19.55
N ALA G 210 -25.08 -16.95 19.92
CA ALA G 210 -25.55 -16.66 21.28
C ALA G 210 -25.58 -17.92 22.16
N PRO G 211 -25.50 -17.76 23.50
CA PRO G 211 -25.59 -18.86 24.48
C PRO G 211 -26.63 -19.97 24.22
N PHE G 212 -27.80 -19.62 23.67
CA PHE G 212 -28.84 -20.61 23.41
C PHE G 212 -28.58 -21.48 22.17
N GLN G 213 -27.80 -20.96 21.22
CA GLN G 213 -27.51 -21.62 19.94
C GLN G 213 -26.15 -21.18 19.38
N ARG G 214 -25.15 -22.06 19.49
CA ARG G 214 -23.79 -21.78 19.00
C ARG G 214 -23.69 -21.96 17.50
N TRP G 215 -22.77 -21.23 16.86
CA TRP G 215 -22.65 -21.22 15.40
C TRP G 215 -22.16 -22.53 14.78
N ARG G 216 -21.28 -23.24 15.48
CA ARG G 216 -20.77 -24.55 15.04
C ARG G 216 -21.90 -25.57 14.86
N ASP G 217 -22.83 -25.59 15.81
CA ASP G 217 -23.96 -26.51 15.81
C ASP G 217 -25.03 -26.16 14.76
N ARG G 218 -25.32 -24.86 14.62
CA ARG G 218 -26.27 -24.38 13.61
C ARG G 218 -25.84 -24.74 12.19
N PHE G 219 -24.54 -24.56 11.90
CA PHE G 219 -23.94 -24.87 10.60
C PHE G 219 -24.04 -26.35 10.23
N LEU G 220 -23.93 -27.23 11.23
CA LEU G 220 -23.94 -28.68 11.02
C LEU G 220 -25.33 -29.24 10.71
N PHE G 221 -26.31 -28.89 11.54
CA PHE G 221 -27.68 -29.39 11.39
C PHE G 221 -28.41 -28.85 10.16
N VAL G 222 -28.08 -27.61 9.77
CA VAL G 222 -28.63 -26.99 8.56
C VAL G 222 -28.10 -27.69 7.29
N ALA G 223 -26.82 -28.02 7.30
CA ALA G 223 -26.17 -28.76 6.20
C ALA G 223 -26.78 -30.14 5.97
N ASP G 224 -27.19 -30.80 7.06
CA ASP G 224 -27.89 -32.10 7.00
C ASP G 224 -29.32 -31.96 6.48
N ALA G 225 -29.96 -30.83 6.75
CA ALA G 225 -31.32 -30.53 6.30
C ALA G 225 -31.39 -30.26 4.79
N ILE G 226 -30.39 -29.54 4.26
CA ILE G 226 -30.29 -29.25 2.82
C ILE G 226 -30.06 -30.54 2.03
N THR G 227 -29.14 -31.38 2.53
CA THR G 227 -28.80 -32.66 1.91
C THR G 227 -30.02 -33.56 1.70
N LYS G 228 -30.89 -33.63 2.71
CA LYS G 228 -32.10 -34.43 2.67
C LYS G 228 -33.16 -33.87 1.72
N ALA G 229 -33.31 -32.53 1.72
CA ALA G 229 -34.28 -31.83 0.89
C ALA G 229 -33.93 -31.87 -0.60
N GLN G 230 -32.62 -31.74 -0.89
CA GLN G 230 -32.09 -31.82 -2.26
C GLN G 230 -32.30 -33.20 -2.87
N ALA G 231 -32.13 -34.23 -2.04
CA ALA G 231 -32.30 -35.63 -2.44
C ALA G 231 -33.74 -36.01 -2.79
N GLU G 232 -34.69 -35.38 -2.11
CA GLU G 232 -36.12 -35.68 -2.27
C GLU G 232 -36.75 -35.00 -3.49
N THR G 233 -36.44 -33.72 -3.70
CA THR G 233 -37.05 -32.91 -4.75
C THR G 233 -36.31 -32.96 -6.09
N GLY G 234 -35.00 -33.20 -6.04
CA GLY G 234 -34.15 -33.24 -7.24
C GLY G 234 -33.79 -31.87 -7.78
N GLU G 235 -33.82 -30.87 -6.90
CA GLU G 235 -33.45 -29.48 -7.23
C GLU G 235 -32.41 -28.98 -6.24
N ILE G 236 -31.51 -28.11 -6.72
CA ILE G 236 -30.46 -27.51 -5.89
C ILE G 236 -31.08 -26.61 -4.82
N LYS G 237 -30.78 -26.90 -3.56
CA LYS G 237 -31.24 -26.12 -2.41
C LYS G 237 -30.08 -25.43 -1.73
N GLY G 238 -30.36 -24.29 -1.09
CA GLY G 238 -29.35 -23.51 -0.38
C GLY G 238 -29.85 -22.83 0.88
N HIS G 239 -28.90 -22.33 1.67
CA HIS G 239 -29.20 -21.60 2.91
C HIS G 239 -28.14 -20.53 3.15
N TYR G 240 -28.58 -19.30 3.42
CA TYR G 240 -27.67 -18.20 3.73
C TYR G 240 -27.26 -18.29 5.21
N LEU G 241 -26.02 -18.71 5.44
CA LEU G 241 -25.46 -18.84 6.78
C LEU G 241 -24.82 -17.51 7.22
N ASN G 242 -25.17 -17.08 8.44
CA ASN G 242 -24.71 -15.79 8.95
C ASN G 242 -23.28 -15.86 9.47
N VAL G 243 -22.40 -15.08 8.84
CA VAL G 243 -20.95 -15.14 9.06
C VAL G 243 -20.46 -13.88 9.79
N THR G 244 -21.39 -12.98 10.12
CA THR G 244 -21.08 -11.74 10.86
C THR G 244 -20.51 -12.07 12.24
N ALA G 245 -19.37 -11.44 12.55
CA ALA G 245 -18.58 -11.74 13.75
C ALA G 245 -17.92 -10.48 14.34
N PRO G 246 -17.48 -10.52 15.63
CA PRO G 246 -16.75 -9.38 16.22
C PRO G 246 -15.42 -8.99 15.56
N THR G 247 -14.68 -9.96 15.03
CA THR G 247 -13.35 -9.68 14.43
C THR G 247 -13.21 -10.18 12.98
N CYS G 248 -12.21 -9.67 12.26
CA CYS G 248 -11.88 -10.13 10.89
C CYS G 248 -11.45 -11.60 10.89
N GLU G 249 -10.77 -12.03 11.96
CA GLU G 249 -10.30 -13.40 12.14
C GLU G 249 -11.44 -14.40 12.38
N GLU G 250 -12.37 -14.04 13.26
CA GLU G 250 -13.54 -14.87 13.61
C GLU G 250 -14.50 -15.02 12.43
N MET G 251 -14.65 -13.96 11.65
CA MET G 251 -15.49 -13.94 10.44
C MET G 251 -14.96 -14.92 9.38
N LEU G 252 -13.67 -14.83 9.07
CA LEU G 252 -13.04 -15.71 8.07
C LEU G 252 -12.96 -17.18 8.52
N LYS G 253 -12.95 -17.40 9.82
CA LYS G 253 -13.00 -18.73 10.42
C LYS G 253 -14.34 -19.41 10.19
N ARG G 254 -15.42 -18.64 10.37
CA ARG G 254 -16.80 -19.10 10.15
C ARG G 254 -17.10 -19.36 8.68
N ALA G 255 -16.52 -18.52 7.80
CA ALA G 255 -16.66 -18.67 6.35
C ALA G 255 -15.95 -19.92 5.83
N GLU G 256 -14.78 -20.23 6.40
CA GLU G 256 -13.98 -21.40 6.02
C GLU G 256 -14.67 -22.72 6.30
N TYR G 257 -15.42 -22.78 7.40
CA TYR G 257 -16.18 -23.97 7.78
C TYR G 257 -17.41 -24.22 6.89
N ALA G 258 -17.96 -23.14 6.34
CA ALA G 258 -19.04 -23.22 5.35
C ALA G 258 -18.54 -23.81 4.02
N LYS G 259 -17.31 -23.46 3.65
CA LYS G 259 -16.60 -24.04 2.50
C LYS G 259 -16.31 -25.53 2.74
N GLU G 260 -15.94 -25.86 3.98
CA GLU G 260 -15.63 -27.22 4.43
C GLU G 260 -16.85 -28.16 4.31
N LEU G 261 -18.04 -27.62 4.57
CA LEU G 261 -19.30 -28.36 4.51
C LEU G 261 -19.95 -28.36 3.11
N LYS G 262 -19.26 -27.74 2.15
CA LYS G 262 -19.70 -27.60 0.74
C LYS G 262 -21.02 -26.83 0.57
N GLN G 263 -21.06 -25.63 1.16
CA GLN G 263 -22.22 -24.73 1.09
C GLN G 263 -22.08 -23.75 -0.08
N PRO G 264 -23.17 -23.53 -0.85
CA PRO G 264 -23.10 -22.62 -1.99
C PRO G 264 -23.13 -21.12 -1.65
N ILE G 265 -23.72 -20.75 -0.51
CA ILE G 265 -24.03 -19.33 -0.23
C ILE G 265 -23.94 -18.92 1.26
N ILE G 266 -23.38 -17.73 1.51
CA ILE G 266 -23.25 -17.14 2.86
C ILE G 266 -23.76 -15.69 2.90
N MET G 267 -24.20 -15.24 4.09
CA MET G 267 -24.69 -13.86 4.27
C MET G 267 -23.87 -13.01 5.25
N HIS G 268 -23.93 -11.68 5.07
CA HIS G 268 -23.15 -10.72 5.86
C HIS G 268 -23.86 -9.37 5.94
N ASP G 269 -23.79 -8.73 7.11
CA ASP G 269 -24.39 -7.40 7.33
C ASP G 269 -23.32 -6.33 7.10
N TYR G 270 -23.40 -5.62 5.98
CA TYR G 270 -22.31 -4.75 5.52
C TYR G 270 -22.18 -3.40 6.24
N LEU G 271 -23.28 -2.87 6.75
CA LEU G 271 -23.29 -1.56 7.41
C LEU G 271 -22.89 -1.57 8.88
N THR G 272 -23.27 -2.64 9.59
CA THR G 272 -22.94 -2.79 11.02
C THR G 272 -21.50 -3.28 11.23
N ALA G 273 -21.05 -4.18 10.35
CA ALA G 273 -19.66 -4.68 10.39
C ALA G 273 -18.67 -3.69 9.78
N GLY G 274 -19.12 -2.95 8.75
CA GLY G 274 -18.30 -1.93 8.10
C GLY G 274 -17.77 -2.32 6.73
N PHE G 275 -17.39 -1.32 5.94
CA PHE G 275 -16.91 -1.51 4.57
C PHE G 275 -15.55 -2.20 4.47
N THR G 276 -14.72 -2.04 5.50
CA THR G 276 -13.40 -2.68 5.57
C THR G 276 -13.54 -4.22 5.68
N ALA G 277 -14.44 -4.65 6.55
CA ALA G 277 -14.75 -6.08 6.74
C ALA G 277 -15.48 -6.68 5.53
N ASN G 278 -16.31 -5.88 4.87
CA ASN G 278 -17.08 -6.32 3.70
C ASN G 278 -16.20 -6.57 2.48
N THR G 279 -15.24 -5.67 2.24
CA THR G 279 -14.29 -5.77 1.13
C THR G 279 -13.36 -6.98 1.30
N THR G 280 -13.02 -7.29 2.56
CA THR G 280 -12.21 -8.46 2.92
C THR G 280 -12.93 -9.78 2.57
N LEU G 281 -14.21 -9.87 2.93
CA LEU G 281 -15.01 -11.07 2.72
C LEU G 281 -15.38 -11.30 1.25
N ALA G 282 -15.60 -10.20 0.52
CA ALA G 282 -15.93 -10.24 -0.90
C ALA G 282 -14.80 -10.80 -1.77
N ARG G 283 -13.56 -10.50 -1.38
CA ARG G 283 -12.38 -11.02 -2.06
C ARG G 283 -12.16 -12.51 -1.77
N TRP G 284 -12.47 -12.92 -0.54
CA TRP G 284 -12.43 -14.33 -0.13
C TRP G 284 -13.47 -15.17 -0.88
N CYS G 285 -14.65 -14.59 -1.09
CA CYS G 285 -15.75 -15.22 -1.84
C CYS G 285 -15.39 -15.48 -3.31
N ARG G 286 -14.66 -14.55 -3.91
CA ARG G 286 -14.15 -14.66 -5.28
C ARG G 286 -13.10 -15.78 -5.40
N ASP G 287 -12.24 -15.88 -4.40
CA ASP G 287 -11.16 -16.87 -4.36
C ASP G 287 -11.64 -18.30 -4.13
N ASN G 288 -12.77 -18.46 -3.44
CA ASN G 288 -13.29 -19.78 -3.07
C ASN G 288 -14.57 -20.18 -3.81
N GLY G 289 -15.09 -19.26 -4.62
CA GLY G 289 -16.27 -19.51 -5.45
C GLY G 289 -17.56 -19.74 -4.66
N VAL G 290 -17.76 -18.89 -3.65
CA VAL G 290 -18.97 -18.93 -2.81
C VAL G 290 -19.78 -17.64 -3.07
N LEU G 291 -21.10 -17.79 -3.18
CA LEU G 291 -22.01 -16.66 -3.39
C LEU G 291 -22.21 -15.86 -2.10
N LEU G 292 -22.35 -14.54 -2.24
CA LEU G 292 -22.45 -13.62 -1.11
C LEU G 292 -23.78 -12.86 -1.07
N HIS G 293 -24.52 -13.04 0.02
CA HIS G 293 -25.78 -12.33 0.29
C HIS G 293 -25.49 -11.19 1.25
N ILE G 294 -26.12 -10.04 1.02
CA ILE G 294 -25.88 -8.83 1.82
C ILE G 294 -27.17 -8.31 2.45
N HIS G 295 -27.17 -8.18 3.77
CA HIS G 295 -28.29 -7.62 4.52
C HIS G 295 -28.00 -6.17 4.92
N ARG G 296 -28.98 -5.29 4.69
CA ARG G 296 -28.81 -3.85 4.91
C ARG G 296 -29.34 -3.36 6.28
N ALA G 297 -29.03 -4.11 7.33
CA ALA G 297 -29.39 -3.71 8.71
C ALA G 297 -28.76 -2.37 9.08
N MET G 298 -29.52 -1.55 9.82
CA MET G 298 -29.13 -0.21 10.27
C MET G 298 -29.08 0.86 9.15
N HIS G 299 -29.74 0.56 8.03
CA HIS G 299 -29.80 1.51 6.89
C HIS G 299 -30.71 2.70 7.16
N ALA G 300 -31.82 2.45 7.86
CA ALA G 300 -32.86 3.45 8.08
C ALA G 300 -32.53 4.48 9.19
N VAL G 301 -31.37 4.31 9.83
CA VAL G 301 -30.80 5.33 10.72
C VAL G 301 -30.22 6.46 9.86
N ILE G 302 -29.80 6.09 8.65
CA ILE G 302 -29.15 7.01 7.71
C ILE G 302 -30.11 7.51 6.60
N ASP G 303 -30.85 6.60 5.99
CA ASP G 303 -31.62 6.93 4.76
C ASP G 303 -33.14 7.17 4.89
N ARG G 304 -33.63 7.37 6.11
CA ARG G 304 -35.07 7.57 6.33
C ARG G 304 -35.54 8.98 5.98
N GLN G 305 -35.04 9.97 6.73
CA GLN G 305 -35.49 11.37 6.62
C GLN G 305 -34.98 12.00 5.32
N LYS G 306 -35.86 12.75 4.65
CA LYS G 306 -35.55 13.32 3.34
C LYS G 306 -34.79 14.66 3.38
N ASN G 307 -34.65 15.23 4.57
CA ASN G 307 -33.90 16.49 4.74
C ASN G 307 -32.46 16.30 5.21
N HIS G 308 -32.20 15.21 5.93
CA HIS G 308 -30.87 14.92 6.49
C HIS G 308 -30.48 13.44 6.33
N GLY G 309 -29.19 13.22 6.08
CA GLY G 309 -28.62 11.87 5.99
C GLY G 309 -27.93 11.55 4.66
N ILE G 310 -27.93 10.28 4.29
CA ILE G 310 -27.44 9.82 2.99
C ILE G 310 -28.48 8.85 2.43
N HIS G 311 -29.03 9.19 1.25
CA HIS G 311 -30.01 8.35 0.56
C HIS G 311 -29.43 6.97 0.22
N PHE G 312 -30.30 5.95 0.24
CA PHE G 312 -29.89 4.56 0.04
C PHE G 312 -29.18 4.28 -1.30
N ARG G 313 -29.55 5.00 -2.36
CA ARG G 313 -28.96 4.81 -3.70
C ARG G 313 -27.44 5.03 -3.76
N VAL G 314 -26.92 5.85 -2.85
CA VAL G 314 -25.47 6.06 -2.69
C VAL G 314 -24.84 4.81 -2.05
N LEU G 315 -25.46 4.35 -0.96
CA LEU G 315 -25.02 3.15 -0.22
C LEU G 315 -25.13 1.86 -1.04
N ALA G 316 -26.12 1.83 -1.94
CA ALA G 316 -26.34 0.73 -2.87
C ALA G 316 -25.25 0.68 -3.95
N LYS G 317 -24.87 1.85 -4.47
CA LYS G 317 -23.76 2.00 -5.42
C LYS G 317 -22.43 1.59 -4.80
N ALA G 318 -22.21 2.01 -3.54
CA ALA G 318 -20.99 1.69 -2.79
C ALA G 318 -20.82 0.21 -2.53
N LEU G 319 -21.94 -0.49 -2.32
CA LEU G 319 -21.94 -1.94 -2.10
C LEU G 319 -21.59 -2.72 -3.37
N ARG G 320 -22.08 -2.28 -4.52
CA ARG G 320 -21.79 -2.89 -5.81
C ARG G 320 -20.28 -2.87 -6.12
N LEU G 321 -19.63 -1.76 -5.78
CA LEU G 321 -18.18 -1.61 -5.92
C LEU G 321 -17.40 -2.44 -4.88
N SER G 322 -17.92 -2.50 -3.65
CA SER G 322 -17.29 -3.25 -2.55
C SER G 322 -17.40 -4.76 -2.72
N GLY G 323 -18.60 -5.24 -3.08
CA GLY G 323 -18.83 -6.66 -3.35
C GLY G 323 -20.11 -7.20 -2.75
N GLY G 324 -20.82 -8.00 -3.55
CA GLY G 324 -22.08 -8.64 -3.14
C GLY G 324 -22.90 -9.11 -4.32
N ASP G 325 -23.48 -10.31 -4.19
CA ASP G 325 -24.29 -10.91 -5.24
C ASP G 325 -25.80 -10.68 -5.07
N HIS G 326 -26.23 -10.56 -3.81
CA HIS G 326 -27.60 -10.18 -3.46
C HIS G 326 -27.60 -8.91 -2.61
N ILE G 327 -28.69 -8.14 -2.70
CA ILE G 327 -28.92 -6.96 -1.85
C ILE G 327 -30.42 -6.74 -1.60
N HIS G 328 -30.77 -6.47 -0.33
CA HIS G 328 -32.13 -6.11 0.05
C HIS G 328 -32.49 -4.73 -0.49
N THR G 329 -33.55 -4.68 -1.29
CA THR G 329 -34.04 -3.43 -1.90
C THR G 329 -35.30 -2.92 -1.20
N GLY G 330 -36.02 -3.84 -0.55
CA GLY G 330 -37.25 -3.52 0.18
C GLY G 330 -38.48 -3.64 -0.69
N THR G 331 -39.54 -4.20 -0.11
CA THR G 331 -40.84 -4.32 -0.77
C THR G 331 -41.52 -2.96 -0.88
N VAL G 332 -42.15 -2.70 -2.02
CA VAL G 332 -42.91 -1.47 -2.25
C VAL G 332 -44.17 -1.47 -1.36
N VAL G 333 -44.89 -2.58 -1.37
CA VAL G 333 -46.06 -2.78 -0.51
C VAL G 333 -45.76 -3.82 0.57
N GLY G 334 -45.38 -3.34 1.76
CA GLY G 334 -45.01 -4.20 2.89
C GLY G 334 -45.01 -3.47 4.22
N LYS G 335 -44.40 -4.12 5.22
CA LYS G 335 -44.34 -3.60 6.60
C LYS G 335 -43.37 -2.43 6.80
N LEU G 336 -42.42 -2.28 5.87
CA LEU G 336 -41.40 -1.23 5.93
C LEU G 336 -41.59 -0.18 4.81
N GLU G 337 -40.91 0.95 4.95
CA GLU G 337 -41.05 2.11 4.05
C GLU G 337 -40.39 1.89 2.69
N GLY G 338 -41.09 2.32 1.64
CA GLY G 338 -40.60 2.23 0.26
C GLY G 338 -41.49 2.93 -0.75
N GLU G 339 -40.91 3.84 -1.53
CA GLU G 339 -41.60 4.58 -2.58
C GLU G 339 -41.32 3.95 -3.94
N ARG G 340 -42.38 3.75 -4.73
CA ARG G 340 -42.33 3.02 -6.00
C ARG G 340 -41.38 3.65 -7.05
N GLY G 341 -41.53 4.95 -7.27
CA GLY G 341 -40.69 5.69 -8.23
C GLY G 341 -39.22 5.74 -7.86
N ILE G 342 -38.95 5.85 -6.56
CA ILE G 342 -37.59 5.84 -6.00
C ILE G 342 -36.95 4.45 -6.14
N THR G 343 -37.69 3.41 -5.74
CA THR G 343 -37.19 2.03 -5.74
C THR G 343 -36.81 1.54 -7.15
N MET G 344 -37.66 1.81 -8.13
CA MET G 344 -37.41 1.48 -9.54
C MET G 344 -36.14 2.13 -10.08
N GLY G 345 -35.79 3.29 -9.53
CA GLY G 345 -34.57 4.02 -9.87
C GLY G 345 -33.30 3.28 -9.52
N PHE G 346 -33.12 2.96 -8.24
CA PHE G 346 -31.90 2.28 -7.78
C PHE G 346 -31.85 0.76 -8.04
N VAL G 347 -32.99 0.16 -8.35
CA VAL G 347 -33.05 -1.24 -8.82
C VAL G 347 -32.39 -1.35 -10.20
N ASP G 348 -32.65 -0.39 -11.07
CA ASP G 348 -31.98 -0.26 -12.38
C ASP G 348 -30.49 0.04 -12.25
N LEU G 349 -30.13 0.85 -11.24
CA LEU G 349 -28.74 1.21 -10.94
C LEU G 349 -27.87 0.04 -10.48
N LEU G 350 -28.53 -1.00 -9.95
CA LEU G 350 -27.84 -2.19 -9.42
C LEU G 350 -27.75 -3.36 -10.40
N ARG G 351 -28.65 -3.36 -11.39
CA ARG G 351 -28.79 -4.47 -12.33
C ARG G 351 -28.21 -4.16 -13.72
N GLU G 352 -28.52 -2.98 -14.24
CA GLU G 352 -28.14 -2.59 -15.61
C GLU G 352 -26.69 -2.13 -15.73
N ASN G 353 -26.22 -2.06 -16.99
CA ASN G 353 -24.86 -1.61 -17.31
C ASN G 353 -24.77 -0.09 -17.50
N TYR G 354 -25.80 0.48 -18.12
CA TYR G 354 -25.87 1.91 -18.42
C TYR G 354 -27.24 2.47 -18.05
N VAL G 355 -27.25 3.52 -17.23
CA VAL G 355 -28.48 4.19 -16.81
C VAL G 355 -28.47 5.66 -17.20
N GLU G 356 -29.51 6.08 -17.92
CA GLU G 356 -29.69 7.47 -18.34
C GLU G 356 -30.23 8.33 -17.19
N GLN G 357 -29.95 9.64 -17.27
CA GLN G 357 -30.41 10.62 -16.28
C GLN G 357 -31.93 10.77 -16.26
N ASP G 358 -32.52 10.68 -15.07
CA ASP G 358 -33.96 10.83 -14.87
C ASP G 358 -34.25 11.47 -13.50
N LYS G 359 -34.77 12.70 -13.54
CA LYS G 359 -35.08 13.47 -12.34
C LYS G 359 -36.36 13.02 -11.63
N SER G 360 -37.27 12.41 -12.39
CA SER G 360 -38.53 11.90 -11.87
C SER G 360 -38.36 10.64 -11.01
N ARG G 361 -37.33 9.84 -11.33
CA ARG G 361 -37.01 8.62 -10.59
C ARG G 361 -35.93 8.83 -9.50
N GLY G 362 -35.27 9.98 -9.53
CA GLY G 362 -34.26 10.35 -8.54
C GLY G 362 -32.81 10.11 -8.95
N ILE G 363 -32.60 9.80 -10.23
CA ILE G 363 -31.27 9.56 -10.79
C ILE G 363 -30.70 10.89 -11.31
N TYR G 364 -29.81 11.48 -10.52
CA TYR G 364 -29.26 12.81 -10.79
C TYR G 364 -28.13 12.83 -11.84
N PHE G 365 -27.38 11.74 -11.93
CA PHE G 365 -26.25 11.63 -12.86
C PHE G 365 -26.36 10.42 -13.77
N THR G 366 -25.84 10.55 -14.99
CA THR G 366 -25.72 9.44 -15.92
C THR G 366 -24.56 8.53 -15.47
N GLN G 367 -24.91 7.32 -15.04
CA GLN G 367 -23.93 6.35 -14.53
C GLN G 367 -23.64 5.26 -15.55
N ASP G 368 -22.35 5.04 -15.77
CA ASP G 368 -21.85 3.98 -16.66
C ASP G 368 -20.93 3.05 -15.85
N TRP G 369 -21.30 1.77 -15.82
CA TRP G 369 -20.65 0.79 -14.95
C TRP G 369 -19.45 0.07 -15.58
N ALA G 370 -19.34 0.18 -16.91
CA ALA G 370 -18.24 -0.39 -17.72
C ALA G 370 -18.00 -1.89 -17.51
N SER G 371 -18.97 -2.68 -17.99
CA SER G 371 -18.93 -4.17 -18.00
C SER G 371 -18.71 -4.83 -16.63
N LEU G 372 -19.19 -4.17 -15.58
CA LEU G 372 -19.16 -4.71 -14.22
C LEU G 372 -20.48 -5.46 -13.96
N PRO G 373 -20.41 -6.67 -13.36
CA PRO G 373 -21.60 -7.51 -13.14
C PRO G 373 -22.67 -6.87 -12.25
N GLY G 374 -23.93 -7.18 -12.54
CA GLY G 374 -25.06 -6.68 -11.78
C GLY G 374 -25.27 -7.41 -10.45
N VAL G 375 -26.16 -6.85 -9.62
CA VAL G 375 -26.50 -7.43 -8.31
C VAL G 375 -28.01 -7.68 -8.27
N MET G 376 -28.40 -8.86 -7.79
CA MET G 376 -29.82 -9.24 -7.66
C MET G 376 -30.55 -8.46 -6.57
N ALA G 377 -31.82 -8.16 -6.82
CA ALA G 377 -32.68 -7.42 -5.89
C ALA G 377 -33.45 -8.37 -4.98
N VAL G 378 -33.43 -8.09 -3.68
CA VAL G 378 -34.13 -8.90 -2.68
C VAL G 378 -35.29 -8.11 -2.09
N ALA G 379 -36.51 -8.62 -2.32
CA ALA G 379 -37.73 -8.06 -1.74
C ALA G 379 -38.12 -8.84 -0.48
N SER G 380 -38.16 -8.14 0.65
CA SER G 380 -38.48 -8.76 1.95
C SER G 380 -39.21 -7.79 2.87
N GLY G 381 -40.09 -8.36 3.71
CA GLY G 381 -40.75 -7.61 4.78
C GLY G 381 -42.25 -7.48 4.68
N GLY G 382 -42.95 -8.38 5.39
CA GLY G 382 -44.41 -8.33 5.55
C GLY G 382 -45.21 -8.53 4.27
N ILE G 383 -44.90 -9.60 3.55
CA ILE G 383 -45.57 -9.92 2.28
C ILE G 383 -46.15 -11.34 2.27
N HIS G 384 -47.30 -11.48 1.61
CA HIS G 384 -48.01 -12.76 1.50
C HIS G 384 -48.47 -13.05 0.06
N VAL G 385 -49.33 -14.06 -0.10
CA VAL G 385 -49.75 -14.58 -1.41
C VAL G 385 -50.46 -13.58 -2.34
N TRP G 386 -51.12 -12.57 -1.75
CA TRP G 386 -51.85 -11.56 -2.52
C TRP G 386 -50.94 -10.48 -3.13
N HIS G 387 -49.76 -10.31 -2.56
CA HIS G 387 -48.77 -9.35 -3.06
C HIS G 387 -47.91 -9.91 -4.20
N MET G 388 -48.07 -11.21 -4.48
CA MET G 388 -47.33 -11.92 -5.53
C MET G 388 -47.43 -11.34 -6.96
N PRO G 389 -48.66 -11.00 -7.45
CA PRO G 389 -48.74 -10.44 -8.81
C PRO G 389 -48.12 -9.05 -8.96
N ALA G 390 -48.10 -8.28 -7.87
CA ALA G 390 -47.49 -6.95 -7.84
C ALA G 390 -45.96 -7.01 -7.85
N LEU G 391 -45.40 -7.95 -7.08
CA LEU G 391 -43.95 -8.12 -6.94
C LEU G 391 -43.27 -8.61 -8.22
N VAL G 392 -43.97 -9.45 -8.99
CA VAL G 392 -43.47 -9.96 -10.28
C VAL G 392 -43.40 -8.82 -11.30
N GLU G 393 -44.39 -7.93 -11.27
CA GLU G 393 -44.50 -6.79 -12.19
C GLU G 393 -43.43 -5.71 -11.94
N ILE G 394 -43.17 -5.41 -10.66
CA ILE G 394 -42.20 -4.38 -10.26
C ILE G 394 -40.75 -4.84 -10.49
N PHE G 395 -40.39 -6.00 -9.93
CA PHE G 395 -38.99 -6.45 -9.88
C PHE G 395 -38.54 -7.31 -11.07
N GLY G 396 -39.49 -7.87 -11.81
CA GLY G 396 -39.19 -8.67 -13.00
C GLY G 396 -38.74 -10.08 -12.68
N ASP G 397 -37.71 -10.54 -13.38
CA ASP G 397 -37.20 -11.92 -13.24
C ASP G 397 -35.94 -12.04 -12.37
N ASP G 398 -34.99 -11.14 -12.56
CA ASP G 398 -33.70 -11.16 -11.85
C ASP G 398 -33.83 -10.64 -10.41
N SER G 399 -34.61 -11.35 -9.61
CA SER G 399 -34.93 -10.96 -8.23
C SER G 399 -35.25 -12.14 -7.32
N VAL G 400 -35.02 -11.95 -6.02
CA VAL G 400 -35.35 -12.94 -4.99
C VAL G 400 -36.48 -12.39 -4.11
N LEU G 401 -37.52 -13.19 -3.90
CA LEU G 401 -38.64 -12.82 -3.03
C LEU G 401 -38.65 -13.69 -1.78
N GLN G 402 -38.71 -13.04 -0.62
CA GLN G 402 -38.60 -13.74 0.67
C GLN G 402 -39.84 -13.62 1.53
N PHE G 403 -40.24 -14.75 2.12
CA PHE G 403 -41.41 -14.84 2.99
C PHE G 403 -41.05 -15.45 4.33
N GLY G 404 -40.93 -14.59 5.35
CA GLY G 404 -40.62 -15.02 6.72
C GLY G 404 -41.86 -15.54 7.43
N GLY G 405 -42.77 -14.62 7.74
CA GLY G 405 -44.05 -14.95 8.37
C GLY G 405 -45.06 -15.56 7.41
N GLY G 406 -44.85 -15.36 6.10
CA GLY G 406 -45.73 -15.87 5.06
C GLY G 406 -45.69 -17.37 4.88
N THR G 407 -44.51 -17.96 5.08
CA THR G 407 -44.30 -19.40 4.95
C THR G 407 -44.68 -20.12 6.25
N LEU G 408 -44.21 -19.58 7.37
CA LEU G 408 -44.38 -20.18 8.71
C LEU G 408 -45.72 -19.84 9.37
N GLY G 409 -46.49 -18.95 8.76
CA GLY G 409 -47.79 -18.52 9.31
C GLY G 409 -49.00 -19.26 8.76
N HIS G 410 -48.75 -20.24 7.89
CA HIS G 410 -49.80 -21.07 7.29
C HIS G 410 -50.42 -22.00 8.36
N PRO G 411 -51.77 -22.18 8.32
CA PRO G 411 -52.46 -23.06 9.28
C PRO G 411 -52.07 -24.54 9.22
N TRP G 412 -51.44 -24.96 8.13
CA TRP G 412 -51.10 -26.37 7.90
C TRP G 412 -49.63 -26.71 8.18
N GLY G 413 -48.75 -25.72 8.08
CA GLY G 413 -47.32 -25.90 8.37
C GLY G 413 -46.37 -25.24 7.39
N ASN G 414 -45.09 -25.58 7.51
CA ASN G 414 -44.03 -25.04 6.64
C ASN G 414 -44.10 -25.58 5.21
N ALA G 415 -44.29 -26.90 5.08
CA ALA G 415 -44.36 -27.57 3.79
C ALA G 415 -45.58 -27.17 2.92
N PRO G 416 -46.80 -27.12 3.52
CA PRO G 416 -47.93 -26.60 2.73
C PRO G 416 -47.88 -25.08 2.53
N GLY G 417 -47.19 -24.37 3.42
CA GLY G 417 -46.98 -22.93 3.29
C GLY G 417 -46.06 -22.54 2.16
N ALA G 418 -45.01 -23.34 1.96
CA ALA G 418 -44.04 -23.17 0.88
C ALA G 418 -44.63 -23.48 -0.49
N THR G 419 -45.50 -24.49 -0.55
CA THR G 419 -46.17 -24.92 -1.78
C THR G 419 -47.19 -23.88 -2.25
N ALA G 420 -47.86 -23.23 -1.28
CA ALA G 420 -48.79 -22.13 -1.57
C ALA G 420 -48.10 -20.93 -2.22
N ASN G 421 -46.88 -20.63 -1.75
CA ASN G 421 -46.07 -19.55 -2.31
C ASN G 421 -45.48 -19.87 -3.69
N ARG G 422 -45.08 -21.13 -3.88
CA ARG G 422 -44.51 -21.59 -5.15
C ARG G 422 -45.57 -21.65 -6.26
N VAL G 423 -46.74 -22.20 -5.96
CA VAL G 423 -47.87 -22.32 -6.90
C VAL G 423 -48.35 -20.94 -7.39
N ALA G 424 -48.43 -19.99 -6.47
CA ALA G 424 -48.84 -18.61 -6.77
C ALA G 424 -47.88 -17.89 -7.72
N LEU G 425 -46.57 -18.10 -7.54
CA LEU G 425 -45.53 -17.49 -8.38
C LEU G 425 -45.49 -18.10 -9.79
N GLU G 426 -45.56 -19.44 -9.86
CA GLU G 426 -45.54 -20.17 -11.15
C GLU G 426 -46.72 -19.80 -12.04
N ALA G 427 -47.88 -19.58 -11.43
CA ALA G 427 -49.10 -19.15 -12.13
C ALA G 427 -49.00 -17.73 -12.69
N CYS G 428 -48.36 -16.84 -11.94
CA CYS G 428 -48.13 -15.45 -12.35
C CYS G 428 -47.13 -15.32 -13.51
N VAL G 429 -46.13 -16.21 -13.53
CA VAL G 429 -45.16 -16.31 -14.63
C VAL G 429 -45.84 -16.87 -15.88
N GLN G 430 -46.70 -17.88 -15.70
CA GLN G 430 -47.46 -18.50 -16.79
C GLN G 430 -48.33 -17.48 -17.54
N ALA G 431 -49.06 -16.66 -16.77
CA ALA G 431 -49.95 -15.63 -17.33
C ALA G 431 -49.20 -14.47 -18.00
N ARG G 432 -48.02 -14.16 -17.48
CA ARG G 432 -47.16 -13.08 -18.01
C ARG G 432 -46.57 -13.46 -19.39
N ASN G 433 -46.05 -14.68 -19.49
CA ASN G 433 -45.49 -15.20 -20.74
C ASN G 433 -46.55 -15.42 -21.82
N GLU G 434 -47.77 -15.75 -21.40
CA GLU G 434 -48.92 -15.93 -22.28
C GLU G 434 -49.41 -14.61 -22.90
N GLY G 435 -49.19 -13.50 -22.19
CA GLY G 435 -49.53 -12.17 -22.67
C GLY G 435 -50.74 -11.56 -21.98
N ARG G 436 -50.76 -11.62 -20.65
CA ARG G 436 -51.84 -11.06 -19.83
C ARG G 436 -51.28 -10.04 -18.85
N ASN G 437 -52.02 -8.96 -18.65
CA ASN G 437 -51.60 -7.86 -17.76
C ASN G 437 -51.79 -8.26 -16.29
N LEU G 438 -50.69 -8.24 -15.55
CA LEU G 438 -50.65 -8.67 -14.15
C LEU G 438 -51.14 -7.62 -13.14
N ALA G 439 -51.28 -6.38 -13.61
CA ALA G 439 -51.79 -5.29 -12.77
C ALA G 439 -53.32 -5.25 -12.71
N ARG G 440 -53.97 -5.68 -13.80
CA ARG G 440 -55.43 -5.68 -13.90
C ARG G 440 -56.06 -7.05 -13.64
N GLU G 441 -55.39 -8.11 -14.11
CA GLU G 441 -55.87 -9.49 -13.95
C GLU G 441 -55.13 -10.24 -12.83
N GLY G 442 -54.54 -9.49 -11.89
CA GLY G 442 -53.73 -10.04 -10.80
C GLY G 442 -54.49 -10.95 -9.84
N ASN G 443 -55.67 -10.51 -9.42
CA ASN G 443 -56.54 -11.27 -8.52
C ASN G 443 -57.16 -12.50 -9.18
N ASP G 444 -57.35 -12.43 -10.50
CA ASP G 444 -57.94 -13.51 -11.30
C ASP G 444 -57.03 -14.73 -11.43
N VAL G 445 -55.73 -14.48 -11.61
CA VAL G 445 -54.71 -15.54 -11.74
C VAL G 445 -54.53 -16.28 -10.41
N ILE G 446 -54.57 -15.54 -9.31
CA ILE G 446 -54.49 -16.10 -7.94
C ILE G 446 -55.67 -17.03 -7.64
N ARG G 447 -56.89 -16.58 -7.96
CA ARG G 447 -58.11 -17.36 -7.75
C ARG G 447 -58.22 -18.62 -8.60
N GLU G 448 -57.70 -18.55 -9.83
CA GLU G 448 -57.63 -19.71 -10.73
C GLU G 448 -56.63 -20.75 -10.24
N ALA G 449 -55.51 -20.28 -9.68
CA ALA G 449 -54.48 -21.15 -9.12
C ALA G 449 -54.90 -21.77 -7.78
N ALA G 450 -55.75 -21.06 -7.04
CA ALA G 450 -56.29 -21.52 -5.75
C ALA G 450 -57.34 -22.62 -5.92
N LYS G 451 -57.84 -22.79 -7.14
CA LYS G 451 -58.86 -23.78 -7.47
C LYS G 451 -58.30 -25.22 -7.51
N TRP G 452 -57.14 -25.39 -8.13
CA TRP G 452 -56.48 -26.71 -8.24
C TRP G 452 -55.43 -26.97 -7.16
N SER G 453 -55.18 -25.98 -6.30
CA SER G 453 -54.27 -26.11 -5.17
C SER G 453 -54.99 -25.81 -3.84
N PRO G 454 -55.21 -26.85 -3.01
CA PRO G 454 -55.87 -26.69 -1.71
C PRO G 454 -55.02 -25.91 -0.68
N GLU G 455 -53.70 -26.01 -0.82
CA GLU G 455 -52.75 -25.32 0.06
C GLU G 455 -52.78 -23.79 -0.10
N LEU G 456 -53.03 -23.35 -1.34
CA LEU G 456 -53.17 -21.93 -1.66
C LEU G 456 -54.54 -21.37 -1.26
N ALA G 457 -55.56 -22.22 -1.38
CA ALA G 457 -56.95 -21.86 -1.05
C ALA G 457 -57.17 -21.50 0.43
N VAL G 458 -56.41 -22.15 1.31
CA VAL G 458 -56.43 -21.88 2.75
C VAL G 458 -55.68 -20.59 3.08
N ALA G 459 -54.53 -20.39 2.42
CA ALA G 459 -53.67 -19.22 2.60
C ALA G 459 -54.34 -17.91 2.18
N CYS G 460 -55.16 -17.97 1.13
CA CYS G 460 -55.94 -16.83 0.65
C CYS G 460 -57.10 -16.48 1.59
N GLU G 461 -57.60 -17.47 2.31
CA GLU G 461 -58.68 -17.29 3.27
C GLU G 461 -58.20 -16.61 4.56
N LEU G 462 -56.97 -16.93 4.98
CA LEU G 462 -56.38 -16.37 6.20
C LEU G 462 -55.95 -14.91 6.01
N TRP G 463 -55.01 -14.69 5.08
CA TRP G 463 -54.59 -13.33 4.72
C TRP G 463 -55.36 -12.89 3.48
N LYS G 464 -56.13 -11.82 3.64
CA LYS G 464 -56.88 -11.19 2.53
C LYS G 464 -57.21 -9.73 2.84
N GLU G 465 -57.35 -9.43 4.13
CA GLU G 465 -57.69 -8.08 4.62
C GLU G 465 -56.44 -7.35 5.12
N ILE G 466 -55.32 -8.07 5.19
CA ILE G 466 -54.07 -7.56 5.79
C ILE G 466 -53.28 -6.75 4.75
N LYS G 467 -53.37 -5.43 4.86
CA LYS G 467 -52.71 -4.49 3.95
C LYS G 467 -52.13 -3.31 4.72
N PHE G 468 -50.87 -2.97 4.42
CA PHE G 468 -50.18 -1.86 5.07
C PHE G 468 -50.23 -0.60 4.19
N GLU G 469 -50.95 0.40 4.67
CA GLU G 469 -51.14 1.66 3.94
C GLU G 469 -50.90 2.88 4.84
N PHE G 470 -49.72 3.48 4.67
CA PHE G 470 -49.31 4.69 5.41
C PHE G 470 -48.62 5.69 4.49
N GLU G 471 -48.50 6.94 4.95
CA GLU G 471 -47.79 7.99 4.22
C GLU G 471 -46.27 7.81 4.33
N ALA G 472 -45.60 7.93 3.19
CA ALA G 472 -44.15 7.79 3.10
C ALA G 472 -43.43 9.12 3.37
N MET G 473 -42.31 9.05 4.08
CA MET G 473 -41.50 10.22 4.41
C MET G 473 -40.53 10.59 3.30
N ASP G 474 -39.82 9.59 2.78
CA ASP G 474 -38.90 9.76 1.64
C ASP G 474 -39.67 9.64 0.33
N THR G 475 -39.71 10.76 -0.41
CA THR G 475 -40.44 10.86 -1.68
C THR G 475 -39.68 11.72 -2.71
N VAL G 476 -40.17 11.71 -3.95
CA VAL G 476 -39.59 12.50 -5.05
C VAL G 476 -39.86 13.99 -4.84
N GLY H 13 -52.59 -24.43 22.35
CA GLY H 13 -53.32 -24.34 21.05
C GLY H 13 -52.71 -23.33 20.09
N TYR H 14 -52.78 -23.64 18.80
CA TYR H 14 -52.25 -22.78 17.74
C TYR H 14 -53.38 -22.03 17.01
N LYS H 15 -53.25 -20.71 16.98
CA LYS H 15 -54.19 -19.83 16.28
C LYS H 15 -53.42 -18.99 15.27
N ALA H 16 -53.85 -19.06 14.00
CA ALA H 16 -53.22 -18.34 12.91
C ALA H 16 -53.94 -17.03 12.60
N GLY H 17 -53.15 -16.00 12.27
CA GLY H 17 -53.68 -14.67 11.94
C GLY H 17 -52.80 -13.54 12.43
N VAL H 18 -53.36 -12.33 12.45
CA VAL H 18 -52.65 -11.13 12.89
C VAL H 18 -53.02 -10.78 14.33
N GLN H 19 -52.00 -10.75 15.18
CA GLN H 19 -52.14 -10.43 16.60
C GLN H 19 -51.67 -9.00 16.86
N ASP H 20 -52.33 -8.34 17.81
CA ASP H 20 -51.98 -6.98 18.23
C ASP H 20 -50.67 -6.98 19.03
N TYR H 21 -49.78 -6.06 18.71
CA TYR H 21 -48.46 -5.95 19.35
C TYR H 21 -48.51 -5.59 20.84
N ARG H 22 -49.57 -4.88 21.24
CA ARG H 22 -49.78 -4.43 22.62
C ARG H 22 -50.08 -5.58 23.60
N LEU H 23 -50.59 -6.69 23.07
CA LEU H 23 -51.09 -7.82 23.87
C LEU H 23 -50.04 -8.53 24.74
N THR H 24 -48.88 -8.85 24.16
CA THR H 24 -47.84 -9.62 24.86
C THR H 24 -46.42 -9.03 24.78
N TYR H 25 -46.32 -7.70 24.65
CA TYR H 25 -45.01 -7.02 24.58
C TYR H 25 -44.92 -5.78 25.47
N TYR H 26 -46.06 -5.21 25.84
CA TYR H 26 -46.10 -4.10 26.78
C TYR H 26 -46.58 -4.56 28.16
N THR H 27 -45.61 -4.68 29.08
CA THR H 27 -45.88 -5.08 30.46
C THR H 27 -45.31 -4.04 31.45
N PRO H 28 -46.21 -3.21 32.04
CA PRO H 28 -45.77 -2.16 32.98
C PRO H 28 -45.36 -2.69 34.36
N ASP H 29 -45.83 -3.88 34.72
CA ASP H 29 -45.56 -4.49 36.02
C ASP H 29 -44.14 -5.05 36.17
N TYR H 30 -43.47 -5.31 35.05
CA TYR H 30 -42.12 -5.86 35.02
C TYR H 30 -41.08 -4.93 35.65
N THR H 31 -40.19 -5.51 36.44
CA THR H 31 -39.07 -4.80 37.04
C THR H 31 -37.77 -5.33 36.42
N PRO H 32 -36.92 -4.43 35.88
CA PRO H 32 -35.67 -4.82 35.22
C PRO H 32 -34.66 -5.48 36.16
N LYS H 33 -34.12 -6.61 35.72
CA LYS H 33 -33.09 -7.35 36.45
C LYS H 33 -31.73 -6.65 36.38
N ASP H 34 -30.79 -7.08 37.22
CA ASP H 34 -29.43 -6.55 37.20
C ASP H 34 -28.65 -7.00 35.96
N THR H 35 -28.85 -8.25 35.56
CA THR H 35 -28.25 -8.79 34.33
C THR H 35 -29.23 -8.59 33.17
N ASP H 36 -29.26 -7.35 32.65
CA ASP H 36 -30.24 -6.92 31.67
C ASP H 36 -29.76 -5.69 30.91
N ILE H 37 -30.00 -5.66 29.60
CA ILE H 37 -29.67 -4.51 28.75
C ILE H 37 -30.89 -3.62 28.58
N LEU H 38 -30.73 -2.34 28.94
CA LEU H 38 -31.82 -1.35 28.91
C LEU H 38 -31.57 -0.28 27.87
N ALA H 39 -32.64 0.12 27.16
CA ALA H 39 -32.56 1.12 26.10
C ALA H 39 -33.64 2.20 26.25
N ALA H 40 -33.25 3.44 25.94
CA ALA H 40 -34.15 4.60 26.00
C ALA H 40 -34.39 5.20 24.61
N PHE H 41 -35.61 5.02 24.11
CA PHE H 41 -36.02 5.49 22.78
C PHE H 41 -36.90 6.73 22.85
N ARG H 42 -36.54 7.76 22.09
CA ARG H 42 -37.40 8.92 21.87
C ARG H 42 -38.28 8.64 20.65
N VAL H 43 -39.54 8.28 20.92
CA VAL H 43 -40.46 7.79 19.88
C VAL H 43 -41.45 8.89 19.47
N THR H 44 -41.61 9.05 18.15
CA THR H 44 -42.59 9.97 17.57
C THR H 44 -43.51 9.17 16.62
N PRO H 45 -44.74 8.84 17.09
CA PRO H 45 -45.63 8.00 16.27
C PRO H 45 -46.45 8.78 15.24
N GLN H 46 -46.99 8.04 14.26
CA GLN H 46 -47.95 8.57 13.28
C GLN H 46 -49.26 8.98 13.97
N PRO H 47 -49.94 10.05 13.47
CA PRO H 47 -51.22 10.47 14.04
C PRO H 47 -52.30 9.37 13.96
N GLY H 48 -52.95 9.11 15.09
CA GLY H 48 -53.97 8.07 15.22
C GLY H 48 -53.47 6.75 15.78
N VAL H 49 -52.19 6.71 16.16
CA VAL H 49 -51.55 5.51 16.72
C VAL H 49 -51.30 5.72 18.22
N PRO H 50 -51.75 4.75 19.07
CA PRO H 50 -51.52 4.81 20.52
C PRO H 50 -50.04 4.77 20.92
N PHE H 51 -49.75 5.38 22.07
CA PHE H 51 -48.41 5.42 22.68
C PHE H 51 -47.90 4.03 23.03
N GLU H 52 -48.82 3.18 23.48
CA GLU H 52 -48.52 1.81 23.91
C GLU H 52 -48.19 0.89 22.74
N GLU H 53 -48.89 1.08 21.62
CA GLU H 53 -48.68 0.30 20.40
C GLU H 53 -47.33 0.59 19.74
N ALA H 54 -46.98 1.88 19.68
CA ALA H 54 -45.69 2.33 19.11
C ALA H 54 -44.50 1.86 19.92
N ALA H 55 -44.64 1.87 21.25
CA ALA H 55 -43.60 1.39 22.16
C ALA H 55 -43.43 -0.13 22.10
N ALA H 56 -44.56 -0.85 21.99
CA ALA H 56 -44.57 -2.32 21.91
C ALA H 56 -43.99 -2.84 20.60
N ALA H 57 -44.20 -2.09 19.51
CA ALA H 57 -43.67 -2.44 18.19
C ALA H 57 -42.14 -2.33 18.11
N VAL H 58 -41.59 -1.30 18.75
CA VAL H 58 -40.13 -1.12 18.87
C VAL H 58 -39.54 -2.25 19.74
N ALA H 59 -40.23 -2.57 20.83
CA ALA H 59 -39.85 -3.65 21.74
C ALA H 59 -39.90 -5.03 21.09
N ALA H 60 -40.91 -5.24 20.24
CA ALA H 60 -41.10 -6.52 19.56
C ALA H 60 -40.14 -6.73 18.38
N GLU H 61 -40.15 -5.78 17.43
CA GLU H 61 -39.39 -5.89 16.18
C GLU H 61 -37.88 -6.05 16.37
N SER H 62 -37.34 -5.41 17.41
CA SER H 62 -35.92 -5.50 17.76
C SER H 62 -35.51 -6.90 18.25
N SER H 63 -36.40 -7.55 18.99
CA SER H 63 -36.13 -8.88 19.54
C SER H 63 -37.35 -9.81 19.51
N THR H 64 -37.26 -10.85 18.68
CA THR H 64 -38.29 -11.91 18.52
C THR H 64 -39.66 -11.41 18.03
N GLY H 65 -39.64 -10.48 17.08
CA GLY H 65 -40.86 -9.86 16.54
C GLY H 65 -41.15 -10.23 15.11
N THR H 66 -42.42 -10.59 14.86
CA THR H 66 -42.91 -10.91 13.52
C THR H 66 -44.36 -10.42 13.35
N TRP H 67 -44.67 -9.96 12.13
CA TRP H 67 -45.94 -9.29 11.82
C TRP H 67 -47.19 -10.17 11.98
N THR H 68 -47.03 -11.47 11.70
CA THR H 68 -48.09 -12.47 11.89
C THR H 68 -47.63 -13.60 12.83
N THR H 69 -48.59 -14.27 13.46
CA THR H 69 -48.32 -15.35 14.43
C THR H 69 -47.83 -16.62 13.72
N VAL H 70 -46.72 -17.16 14.22
CA VAL H 70 -46.09 -18.38 13.67
C VAL H 70 -46.17 -19.57 14.63
N TRP H 71 -46.26 -20.78 14.07
CA TRP H 71 -46.44 -22.01 14.86
C TRP H 71 -45.19 -22.48 15.61
N THR H 72 -44.02 -22.09 15.12
CA THR H 72 -42.72 -22.50 15.70
C THR H 72 -42.43 -21.79 17.03
N ASP H 73 -43.19 -20.73 17.32
CA ASP H 73 -43.13 -20.01 18.61
C ASP H 73 -43.54 -20.86 19.81
N LEU H 74 -44.33 -21.90 19.57
CA LEU H 74 -44.82 -22.79 20.62
C LEU H 74 -43.78 -23.81 21.12
N LEU H 75 -42.84 -24.18 20.26
CA LEU H 75 -41.75 -25.09 20.62
C LEU H 75 -40.73 -24.43 21.57
N THR H 76 -40.31 -23.21 21.21
CA THR H 76 -39.43 -22.40 22.06
C THR H 76 -40.22 -21.71 23.18
N ASP H 77 -39.51 -21.27 24.22
CA ASP H 77 -40.12 -20.51 25.31
C ASP H 77 -40.05 -19.01 25.00
N LEU H 78 -41.17 -18.46 24.53
CA LEU H 78 -41.25 -17.09 24.05
C LEU H 78 -41.09 -16.03 25.15
N ASP H 79 -41.65 -16.33 26.32
CA ASP H 79 -41.66 -15.39 27.47
C ASP H 79 -40.28 -15.09 28.06
N ARG H 80 -39.36 -16.05 27.93
CA ARG H 80 -38.02 -15.95 28.49
C ARG H 80 -37.09 -15.01 27.71
N TYR H 81 -37.21 -15.03 26.38
CA TYR H 81 -36.29 -14.31 25.50
C TYR H 81 -36.80 -12.97 24.97
N LYS H 82 -38.11 -12.73 25.08
CA LYS H 82 -38.73 -11.53 24.51
C LYS H 82 -38.35 -10.22 25.22
N GLY H 83 -38.15 -9.18 24.42
CA GLY H 83 -37.95 -7.82 24.92
C GLY H 83 -39.27 -7.16 25.24
N ARG H 84 -39.31 -6.40 26.33
CA ARG H 84 -40.54 -5.78 26.81
C ARG H 84 -40.38 -4.33 27.25
N CYS H 85 -41.42 -3.53 26.97
CA CYS H 85 -41.48 -2.14 27.40
C CYS H 85 -42.14 -2.05 28.77
N TYR H 86 -41.40 -1.54 29.75
CA TYR H 86 -41.83 -1.51 31.14
C TYR H 86 -42.31 -0.15 31.66
N ASP H 87 -41.87 0.92 30.99
CA ASP H 87 -42.23 2.28 31.40
C ASP H 87 -42.33 3.25 30.21
N ILE H 88 -43.42 4.01 30.19
CA ILE H 88 -43.64 5.08 29.22
C ILE H 88 -43.68 6.43 29.95
N GLU H 89 -42.77 7.32 29.57
CA GLU H 89 -42.67 8.66 30.12
C GLU H 89 -42.92 9.70 29.02
N PRO H 90 -43.92 10.58 29.22
CA PRO H 90 -44.18 11.63 28.22
C PRO H 90 -43.24 12.84 28.36
N VAL H 91 -42.82 13.39 27.22
CA VAL H 91 -41.92 14.54 27.16
C VAL H 91 -42.72 15.83 27.46
N PRO H 92 -42.27 16.63 28.45
CA PRO H 92 -42.97 17.88 28.83
C PRO H 92 -42.97 18.95 27.73
N GLY H 93 -44.16 19.52 27.49
CA GLY H 93 -44.35 20.56 26.49
C GLY H 93 -44.25 20.08 25.05
N GLU H 94 -44.52 18.80 24.82
CA GLU H 94 -44.42 18.18 23.50
C GLU H 94 -45.58 17.22 23.26
N ASP H 95 -46.29 17.44 22.15
CA ASP H 95 -47.40 16.58 21.74
C ASP H 95 -46.90 15.43 20.86
N ASN H 96 -47.37 14.22 21.18
CA ASN H 96 -46.97 12.96 20.53
C ASN H 96 -45.45 12.71 20.56
N GLN H 97 -44.88 12.88 21.76
CA GLN H 97 -43.45 12.66 22.01
C GLN H 97 -43.28 12.01 23.37
N PHE H 98 -42.79 10.77 23.38
CA PHE H 98 -42.60 10.00 24.61
C PHE H 98 -41.33 9.18 24.59
N ILE H 99 -40.78 8.94 25.78
CA ILE H 99 -39.62 8.07 25.96
C ILE H 99 -40.11 6.66 26.34
N ALA H 100 -39.64 5.67 25.59
CA ALA H 100 -39.96 4.26 25.86
C ALA H 100 -38.75 3.50 26.40
N TYR H 101 -38.95 2.85 27.54
CA TYR H 101 -37.90 2.09 28.21
C TYR H 101 -38.11 0.59 27.95
N ILE H 102 -37.12 -0.02 27.29
CA ILE H 102 -37.21 -1.43 26.89
C ILE H 102 -36.08 -2.27 27.53
N ALA H 103 -36.47 -3.41 28.10
CA ALA H 103 -35.54 -4.36 28.71
C ALA H 103 -35.27 -5.56 27.80
N TYR H 104 -34.00 -5.94 27.69
CA TYR H 104 -33.58 -7.12 26.93
C TYR H 104 -32.80 -8.10 27.83
N PRO H 105 -33.15 -9.41 27.78
CA PRO H 105 -32.40 -10.45 28.48
C PRO H 105 -30.95 -10.58 27.99
N LEU H 106 -30.06 -10.96 28.91
CA LEU H 106 -28.61 -11.04 28.65
C LEU H 106 -28.21 -12.14 27.66
N ASP H 107 -28.92 -13.27 27.71
CA ASP H 107 -28.57 -14.48 26.96
C ASP H 107 -28.69 -14.40 25.43
N LEU H 108 -29.47 -13.45 24.92
CA LEU H 108 -29.69 -13.33 23.47
C LEU H 108 -28.54 -12.64 22.70
N PHE H 109 -27.67 -11.93 23.43
CA PHE H 109 -26.53 -11.23 22.84
C PHE H 109 -25.25 -12.05 22.87
N GLU H 110 -24.42 -11.87 21.84
CA GLU H 110 -23.10 -12.53 21.74
C GLU H 110 -22.08 -11.86 22.66
N GLU H 111 -21.20 -12.68 23.24
CA GLU H 111 -20.16 -12.22 24.14
C GLU H 111 -19.03 -11.51 23.39
N GLY H 112 -18.69 -10.31 23.86
CA GLY H 112 -17.61 -9.50 23.31
C GLY H 112 -17.83 -9.01 21.89
N SER H 113 -19.08 -8.66 21.57
CA SER H 113 -19.44 -8.22 20.22
C SER H 113 -20.35 -6.99 20.23
N ILE H 114 -19.79 -5.86 19.81
CA ILE H 114 -20.54 -4.61 19.62
C ILE H 114 -21.42 -4.73 18.37
N THR H 115 -20.90 -5.43 17.36
CA THR H 115 -21.61 -5.68 16.10
C THR H 115 -23.00 -6.30 16.32
N ASN H 116 -23.10 -7.29 17.22
CA ASN H 116 -24.37 -7.97 17.53
C ASN H 116 -25.35 -7.06 18.27
N VAL H 117 -24.90 -6.42 19.35
CA VAL H 117 -25.75 -5.54 20.18
C VAL H 117 -26.29 -4.34 19.38
N LEU H 118 -25.54 -3.91 18.36
CA LEU H 118 -25.95 -2.86 17.45
C LEU H 118 -26.94 -3.37 16.40
N THR H 119 -26.68 -4.55 15.85
CA THR H 119 -27.55 -5.17 14.83
C THR H 119 -28.91 -5.60 15.41
N SER H 120 -28.91 -6.03 16.66
CA SER H 120 -30.13 -6.51 17.32
C SER H 120 -31.09 -5.37 17.71
N ILE H 121 -30.56 -4.37 18.43
CA ILE H 121 -31.38 -3.26 18.94
C ILE H 121 -31.75 -2.25 17.84
N VAL H 122 -30.74 -1.67 17.19
CA VAL H 122 -30.96 -0.63 16.16
C VAL H 122 -30.91 -1.18 14.71
N GLY H 123 -31.45 -2.38 14.53
CA GLY H 123 -31.46 -3.08 13.25
C GLY H 123 -32.43 -2.50 12.24
N ASN H 124 -33.72 -2.80 12.43
CA ASN H 124 -34.78 -2.35 11.51
C ASN H 124 -36.06 -1.81 12.18
N VAL H 125 -35.95 -1.40 13.45
CA VAL H 125 -37.04 -0.67 14.13
C VAL H 125 -37.21 0.73 13.56
N PHE H 126 -36.08 1.35 13.20
CA PHE H 126 -36.02 2.57 12.39
C PHE H 126 -36.50 2.20 10.98
N GLY H 127 -37.19 3.12 10.33
CA GLY H 127 -37.77 2.85 9.01
C GLY H 127 -39.03 2.03 9.09
N PHE H 128 -39.86 2.33 10.10
CA PHE H 128 -41.14 1.67 10.30
C PHE H 128 -42.26 2.59 9.82
N LYS H 129 -43.31 1.98 9.26
CA LYS H 129 -44.44 2.72 8.68
C LYS H 129 -45.33 3.38 9.76
N ALA H 130 -45.31 2.81 10.97
CA ALA H 130 -46.16 3.25 12.08
C ALA H 130 -45.63 4.48 12.85
N LEU H 131 -44.37 4.85 12.59
CA LEU H 131 -43.74 5.98 13.28
C LEU H 131 -42.87 6.82 12.36
N ARG H 132 -43.01 8.15 12.48
CA ARG H 132 -42.30 9.11 11.63
C ARG H 132 -40.82 9.29 11.98
N ALA H 133 -40.51 9.29 13.27
CA ALA H 133 -39.14 9.48 13.75
C ALA H 133 -38.82 8.58 14.95
N LEU H 134 -37.54 8.20 15.05
CA LEU H 134 -37.03 7.41 16.18
C LEU H 134 -35.60 7.82 16.51
N ARG H 135 -35.30 7.91 17.80
CA ARG H 135 -33.97 8.28 18.29
C ARG H 135 -33.62 7.51 19.57
N LEU H 136 -32.43 6.90 19.58
CA LEU H 136 -31.91 6.22 20.76
C LEU H 136 -31.10 7.21 21.61
N GLU H 137 -31.57 7.46 22.83
CA GLU H 137 -30.96 8.44 23.72
C GLU H 137 -29.82 7.88 24.57
N ASP H 138 -30.06 6.73 25.19
CA ASP H 138 -29.08 6.09 26.08
C ASP H 138 -29.22 4.57 26.12
N ILE H 139 -28.16 3.91 26.57
CA ILE H 139 -28.13 2.46 26.72
C ILE H 139 -27.41 2.09 28.03
N ARG H 140 -27.84 1.00 28.66
CA ARG H 140 -27.19 0.51 29.88
C ARG H 140 -26.62 -0.88 29.67
N PHE H 141 -25.31 -1.01 29.92
CA PHE H 141 -24.64 -2.30 29.90
C PHE H 141 -24.46 -2.83 31.33
N PRO H 142 -24.93 -4.07 31.59
CA PRO H 142 -24.70 -4.70 32.90
C PRO H 142 -23.25 -5.15 33.05
N VAL H 143 -22.82 -5.31 34.29
CA VAL H 143 -21.45 -5.74 34.63
C VAL H 143 -21.07 -7.07 33.96
N ALA H 144 -22.01 -8.03 33.99
CA ALA H 144 -21.83 -9.35 33.38
C ALA H 144 -21.50 -9.34 31.89
N TYR H 145 -22.05 -8.36 31.16
CA TYR H 145 -21.78 -8.21 29.73
C TYR H 145 -20.50 -7.43 29.44
N ILE H 146 -20.14 -6.52 30.35
CA ILE H 146 -18.93 -5.69 30.23
C ILE H 146 -17.66 -6.55 30.38
N LYS H 147 -17.72 -7.57 31.24
CA LYS H 147 -16.58 -8.45 31.52
C LYS H 147 -16.12 -9.31 30.33
N THR H 148 -17.00 -9.46 29.33
CA THR H 148 -16.69 -10.21 28.11
C THR H 148 -15.73 -9.45 27.18
N PHE H 149 -15.84 -8.12 27.16
CA PHE H 149 -15.02 -7.25 26.31
C PHE H 149 -13.60 -7.06 26.85
N GLN H 150 -12.67 -6.75 25.95
CA GLN H 150 -11.29 -6.39 26.31
C GLN H 150 -11.22 -4.95 26.85
N GLY H 151 -11.96 -4.04 26.22
CA GLY H 151 -11.94 -2.62 26.56
C GLY H 151 -10.81 -1.89 25.86
N PRO H 152 -10.38 -0.73 26.40
CA PRO H 152 -9.23 0.01 25.85
C PRO H 152 -7.93 -0.79 26.03
N PRO H 153 -7.02 -0.71 25.03
CA PRO H 153 -5.76 -1.50 25.06
C PRO H 153 -4.81 -1.13 26.20
N HIS H 154 -4.89 0.11 26.69
CA HIS H 154 -4.03 0.57 27.79
C HIS H 154 -4.79 1.39 28.84
N GLY H 155 -5.44 2.47 28.40
CA GLY H 155 -6.17 3.37 29.30
C GLY H 155 -5.36 4.60 29.70
N ILE H 156 -5.95 5.46 30.53
CA ILE H 156 -5.37 6.74 30.94
C ILE H 156 -4.09 6.57 31.79
N GLN H 157 -4.20 5.77 32.85
CA GLN H 157 -3.13 5.62 33.85
C GLN H 157 -1.87 4.94 33.31
N VAL H 158 -2.05 3.92 32.48
CA VAL H 158 -0.94 3.16 31.88
C VAL H 158 -0.21 4.01 30.83
N GLU H 159 -0.98 4.75 30.03
CA GLU H 159 -0.48 5.64 28.97
C GLU H 159 0.49 6.71 29.49
N ARG H 160 0.13 7.35 30.59
CA ARG H 160 0.95 8.39 31.22
C ARG H 160 2.27 7.84 31.77
N ASP H 161 2.24 6.59 32.23
CA ASP H 161 3.43 5.90 32.72
C ASP H 161 4.40 5.54 31.58
N LYS H 162 3.84 5.20 30.42
CA LYS H 162 4.62 4.87 29.22
C LYS H 162 5.25 6.11 28.57
N LEU H 163 4.52 7.23 28.60
CA LEU H 163 4.97 8.50 28.01
C LEU H 163 5.82 9.34 28.96
N ASN H 164 5.71 9.07 30.27
CA ASN H 164 6.40 9.79 31.35
C ASN H 164 5.99 11.28 31.42
N LYS H 165 4.68 11.51 31.40
CA LYS H 165 4.11 12.87 31.35
C LYS H 165 2.98 13.03 32.38
N TYR H 166 3.27 13.79 33.44
CA TYR H 166 2.34 13.97 34.56
C TYR H 166 2.10 15.44 34.88
N GLY H 167 0.85 15.76 35.23
CA GLY H 167 0.50 17.07 35.77
C GLY H 167 -0.35 17.98 34.89
N ARG H 168 -0.14 17.88 33.59
CA ARG H 168 -0.74 18.80 32.61
C ARG H 168 -1.49 18.06 31.50
N PRO H 169 -2.40 18.77 30.78
CA PRO H 169 -2.95 18.21 29.54
C PRO H 169 -1.90 18.11 28.44
N LEU H 170 -2.07 17.15 27.54
CA LEU H 170 -1.14 16.93 26.43
C LEU H 170 -1.46 17.81 25.22
N LEU H 171 -0.43 18.29 24.54
CA LEU H 171 -0.58 19.19 23.39
C LEU H 171 -0.33 18.51 22.05
N GLY H 172 -1.28 18.70 21.13
CA GLY H 172 -1.21 18.13 19.78
C GLY H 172 -1.30 19.16 18.68
N CYS H 173 -1.12 18.70 17.43
CA CYS H 173 -1.13 19.56 16.24
C CYS H 173 -1.48 18.77 14.99
N THR H 174 -2.34 19.35 14.15
CA THR H 174 -2.73 18.74 12.87
C THR H 174 -2.06 19.51 11.72
N ILE H 175 -1.41 18.78 10.82
CA ILE H 175 -0.66 19.36 9.70
C ILE H 175 -1.59 19.82 8.57
N LYS H 176 -1.45 21.08 8.17
CA LYS H 176 -2.22 21.67 7.07
C LYS H 176 -1.28 22.00 5.89
N PRO H 177 -1.72 21.84 4.63
CA PRO H 177 -3.08 21.43 4.26
C PRO H 177 -3.32 19.92 4.31
N LYS H 178 -4.59 19.53 4.25
CA LYS H 178 -5.01 18.12 4.34
C LYS H 178 -4.45 17.28 3.19
N LEU H 179 -4.55 17.80 1.97
CA LEU H 179 -4.09 17.10 0.77
C LEU H 179 -3.27 18.03 -0.12
N GLY H 180 -2.05 17.62 -0.44
CA GLY H 180 -1.16 18.38 -1.33
C GLY H 180 0.33 18.19 -1.16
N LEU H 181 0.80 18.13 0.08
CA LEU H 181 2.23 18.06 0.42
C LEU H 181 2.92 16.75 0.02
N SER H 182 4.23 16.84 -0.20
CA SER H 182 5.12 15.68 -0.42
C SER H 182 5.44 14.97 0.90
N ALA H 183 5.96 13.75 0.81
CA ALA H 183 6.40 12.97 1.97
C ALA H 183 7.59 13.60 2.71
N LYS H 184 8.50 14.21 1.95
CA LYS H 184 9.66 14.92 2.50
C LYS H 184 9.23 16.25 3.15
N ASN H 185 8.30 16.95 2.51
CA ASN H 185 7.76 18.20 3.02
C ASN H 185 6.86 18.00 4.24
N TYR H 186 6.15 16.88 4.28
CA TYR H 186 5.30 16.49 5.41
C TYR H 186 6.13 16.28 6.67
N GLY H 187 7.26 15.59 6.52
CA GLY H 187 8.18 15.31 7.62
C GLY H 187 8.90 16.53 8.19
N ARG H 188 9.14 17.52 7.34
CA ARG H 188 9.76 18.77 7.77
C ARG H 188 8.82 19.61 8.63
N ALA H 189 7.53 19.63 8.25
CA ALA H 189 6.48 20.30 9.02
C ALA H 189 6.23 19.62 10.37
N VAL H 190 6.38 18.29 10.41
CA VAL H 190 6.27 17.49 11.64
C VAL H 190 7.43 17.83 12.59
N TYR H 191 8.65 17.87 12.04
CA TYR H 191 9.87 18.16 12.82
C TYR H 191 9.83 19.54 13.49
N GLU H 192 9.36 20.55 12.77
CA GLU H 192 9.32 21.93 13.25
C GLU H 192 8.30 22.17 14.37
N CYS H 193 7.19 21.44 14.34
CA CYS H 193 6.17 21.51 15.39
C CYS H 193 6.62 20.86 16.69
N LEU H 194 7.25 19.68 16.58
CA LEU H 194 7.71 18.92 17.74
C LEU H 194 8.96 19.54 18.39
N ARG H 195 9.70 20.32 17.60
CA ARG H 195 10.88 21.06 18.06
C ARG H 195 10.53 22.17 19.03
N GLY H 196 9.38 22.82 18.79
CA GLY H 196 8.91 23.96 19.59
C GLY H 196 8.43 23.60 20.98
N GLY H 197 7.84 22.41 21.13
CA GLY H 197 7.41 21.90 22.43
C GLY H 197 6.03 21.27 22.49
N LEU H 198 5.62 20.64 21.38
CA LEU H 198 4.38 19.86 21.33
C LEU H 198 4.66 18.40 21.61
N ASP H 199 3.69 17.73 22.24
CA ASP H 199 3.81 16.30 22.56
C ASP H 199 3.58 15.43 21.32
N PHE H 200 2.43 15.62 20.67
CA PHE H 200 2.02 14.82 19.52
C PHE H 200 1.79 15.66 18.26
N THR H 201 1.89 15.01 17.10
CA THR H 201 1.42 15.55 15.82
C THR H 201 0.46 14.55 15.16
N ASP H 203 -1.96 13.09 11.70
CA ASP H 203 -2.40 12.93 10.31
C ASP H 203 -3.88 13.26 10.21
N ASP H 204 -4.27 13.98 9.15
CA ASP H 204 -5.67 14.26 8.87
C ASP H 204 -6.43 12.97 8.56
N GLU H 205 -7.70 12.94 8.97
CA GLU H 205 -8.55 11.74 8.86
C GLU H 205 -8.68 11.17 7.43
N ASN H 206 -8.60 12.05 6.44
CA ASN H 206 -8.73 11.68 5.03
C ASN H 206 -7.44 11.21 4.35
N ILE H 207 -6.28 11.45 4.98
CA ILE H 207 -4.99 10.95 4.47
C ILE H 207 -4.89 9.45 4.75
N ASN H 208 -4.77 8.66 3.68
CA ASN H 208 -4.53 7.22 3.77
C ASN H 208 -3.35 6.79 2.89
N SER H 209 -3.60 6.67 1.59
CA SER H 209 -2.56 6.34 0.61
C SER H 209 -2.89 6.94 -0.77
N ALA H 210 -2.69 8.25 -0.86
CA ALA H 210 -2.97 9.03 -2.07
C ALA H 210 -1.91 8.80 -3.17
N PRO H 211 -2.20 9.18 -4.43
CA PRO H 211 -1.18 9.10 -5.48
C PRO H 211 -0.01 10.06 -5.33
N PHE H 212 -0.23 11.22 -4.70
CA PHE H 212 0.84 12.22 -4.50
C PHE H 212 1.82 11.89 -3.38
N GLN H 213 1.31 11.27 -2.31
CA GLN H 213 2.16 10.69 -1.26
C GLN H 213 1.67 9.30 -0.85
N ARG H 214 2.55 8.32 -0.99
CA ARG H 214 2.27 6.93 -0.58
C ARG H 214 2.53 6.76 0.91
N TRP H 215 1.80 5.83 1.53
CA TRP H 215 1.82 5.66 2.99
C TRP H 215 3.19 5.25 3.56
N ARG H 216 3.88 4.35 2.86
CA ARG H 216 5.18 3.86 3.32
C ARG H 216 6.28 4.92 3.31
N ASP H 217 6.17 5.87 2.37
CA ASP H 217 7.03 7.05 2.34
C ASP H 217 6.76 7.98 3.52
N ARG H 218 5.47 8.21 3.79
CA ARG H 218 5.02 9.07 4.90
C ARG H 218 5.49 8.52 6.25
N PHE H 219 5.36 7.21 6.44
CA PHE H 219 5.78 6.51 7.66
C PHE H 219 7.29 6.59 7.91
N LEU H 220 8.07 6.66 6.82
CA LEU H 220 9.53 6.67 6.88
C LEU H 220 10.14 8.03 7.24
N PHE H 221 9.63 9.10 6.61
CA PHE H 221 10.15 10.45 6.83
C PHE H 221 9.67 11.10 8.14
N VAL H 222 8.47 10.70 8.59
CA VAL H 222 7.93 11.13 9.89
C VAL H 222 8.75 10.53 11.05
N ALA H 223 9.17 9.27 10.87
CA ALA H 223 10.03 8.57 11.82
C ALA H 223 11.40 9.26 12.02
N ASP H 224 11.95 9.83 10.94
CA ASP H 224 13.19 10.61 11.00
C ASP H 224 13.02 11.94 11.74
N ALA H 225 11.83 12.53 11.61
CA ALA H 225 11.49 13.80 12.25
C ALA H 225 11.38 13.67 13.77
N ILE H 226 10.75 12.59 14.23
CA ILE H 226 10.58 12.29 15.66
C ILE H 226 11.93 12.04 16.34
N THR H 227 12.79 11.27 15.67
CA THR H 227 14.13 10.92 16.16
C THR H 227 15.00 12.17 16.39
N LYS H 228 14.89 13.14 15.47
CA LYS H 228 15.64 14.40 15.55
C LYS H 228 15.06 15.35 16.61
N ALA H 229 13.74 15.36 16.76
CA ALA H 229 13.05 16.22 17.73
C ALA H 229 13.20 15.74 19.17
N GLN H 230 13.23 14.41 19.35
CA GLN H 230 13.40 13.78 20.67
C GLN H 230 14.82 13.98 21.21
N ALA H 231 15.81 13.86 20.33
CA ALA H 231 17.22 14.02 20.68
C ALA H 231 17.60 15.47 20.99
N GLU H 232 16.86 16.41 20.41
CA GLU H 232 17.11 17.84 20.60
C GLU H 232 16.49 18.38 21.88
N THR H 233 15.24 17.99 22.15
CA THR H 233 14.47 18.47 23.31
C THR H 233 14.75 17.68 24.59
N GLY H 234 14.99 16.38 24.44
CA GLY H 234 15.18 15.48 25.58
C GLY H 234 13.87 14.98 26.18
N GLU H 235 12.80 15.07 25.40
CA GLU H 235 11.45 14.62 25.80
C GLU H 235 10.89 13.64 24.77
N ILE H 236 10.04 12.72 25.23
CA ILE H 236 9.38 11.74 24.35
C ILE H 236 8.36 12.41 23.41
N LYS H 237 8.58 12.23 22.11
CA LYS H 237 7.71 12.76 21.07
C LYS H 237 7.00 11.64 20.32
N GLY H 238 5.86 11.96 19.72
CA GLY H 238 5.07 11.00 18.94
C GLY H 238 4.31 11.65 17.80
N HIS H 239 3.79 10.79 16.93
CA HIS H 239 2.97 11.20 15.78
C HIS H 239 1.90 10.15 15.50
N TYR H 240 0.66 10.60 15.31
CA TYR H 240 -0.44 9.70 14.98
C TYR H 240 -0.39 9.31 13.50
N LEU H 241 0.02 8.06 13.24
CA LEU H 241 0.11 7.53 11.87
C LEU H 241 -1.21 6.85 11.48
N ASN H 242 -1.82 7.35 10.41
CA ASN H 242 -3.13 6.87 9.96
C ASN H 242 -3.02 5.48 9.31
N VAL H 243 -3.70 4.52 9.92
CA VAL H 243 -3.60 3.10 9.57
C VAL H 243 -4.84 2.65 8.77
N THR H 244 -5.88 3.48 8.77
CA THR H 244 -7.15 3.22 8.05
C THR H 244 -6.90 2.77 6.60
N ALA H 245 -7.39 1.57 6.28
CA ALA H 245 -7.10 0.90 5.02
C ALA H 245 -8.34 0.20 4.43
N PRO H 246 -8.36 -0.07 3.10
CA PRO H 246 -9.50 -0.75 2.45
C PRO H 246 -9.85 -2.16 2.95
N THR H 247 -8.85 -2.94 3.37
CA THR H 247 -9.07 -4.32 3.84
C THR H 247 -8.47 -4.57 5.24
N CYS H 248 -8.88 -5.67 5.87
CA CYS H 248 -8.32 -6.10 7.17
C CYS H 248 -6.83 -6.46 7.08
N GLU H 249 -6.42 -7.01 5.94
CA GLU H 249 -5.03 -7.40 5.68
C GLU H 249 -4.10 -6.20 5.54
N GLU H 250 -4.54 -5.21 4.76
CA GLU H 250 -3.78 -3.97 4.53
C GLU H 250 -3.62 -3.15 5.82
N MET H 251 -4.68 -3.13 6.63
CA MET H 251 -4.71 -2.43 7.92
C MET H 251 -3.64 -2.96 8.88
N LEU H 252 -3.56 -4.28 9.01
CA LEU H 252 -2.58 -4.92 9.89
C LEU H 252 -1.15 -4.81 9.36
N LYS H 253 -1.02 -4.81 8.02
CA LYS H 253 0.26 -4.66 7.34
C LYS H 253 0.91 -3.30 7.62
N ARG H 254 0.08 -2.25 7.62
CA ARG H 254 0.53 -0.87 7.88
C ARG H 254 0.89 -0.65 9.35
N ALA H 255 0.15 -1.30 10.25
CA ALA H 255 0.41 -1.24 11.70
C ALA H 255 1.70 -1.97 12.09
N GLU H 256 1.99 -3.08 11.40
CA GLU H 256 3.21 -3.87 11.62
C GLU H 256 4.49 -3.08 11.32
N TYR H 257 4.45 -2.25 10.28
CA TYR H 257 5.57 -1.40 9.90
C TYR H 257 5.80 -0.26 10.88
N ALA H 258 4.72 0.21 11.50
CA ALA H 258 4.80 1.21 12.57
C ALA H 258 5.50 0.65 13.81
N LYS H 259 5.24 -0.63 14.12
CA LYS H 259 5.91 -1.36 15.19
C LYS H 259 7.39 -1.59 14.89
N GLU H 260 7.69 -1.86 13.61
CA GLU H 260 9.05 -2.07 13.11
C GLU H 260 9.93 -0.82 13.28
N LEU H 261 9.32 0.36 13.06
CA LEU H 261 10.02 1.65 13.22
C LEU H 261 10.02 2.17 14.67
N LYS H 262 9.50 1.35 15.59
CA LYS H 262 9.41 1.65 17.04
C LYS H 262 8.58 2.89 17.36
N GLN H 263 7.36 2.93 16.80
CA GLN H 263 6.45 4.07 16.97
C GLN H 263 5.47 3.85 18.11
N PRO H 264 5.28 4.86 18.98
CA PRO H 264 4.45 4.71 20.19
C PRO H 264 2.93 4.76 19.98
N ILE H 265 2.47 5.40 18.91
CA ILE H 265 1.03 5.67 18.71
C ILE H 265 0.57 5.61 17.24
N ILE H 266 -0.59 5.00 17.02
CA ILE H 266 -1.27 4.95 15.71
C ILE H 266 -2.73 5.43 15.81
N MET H 267 -3.31 5.88 14.69
CA MET H 267 -4.71 6.33 14.67
C MET H 267 -5.62 5.60 13.67
N HIS H 268 -6.94 5.61 13.97
CA HIS H 268 -7.95 4.89 13.17
C HIS H 268 -9.30 5.63 13.16
N ASP H 269 -10.04 5.45 12.07
CA ASP H 269 -11.41 6.00 11.92
C ASP H 269 -12.43 4.88 12.09
N TYR H 270 -13.07 4.83 13.26
CA TYR H 270 -13.91 3.68 13.64
C TYR H 270 -15.28 3.60 12.97
N LEU H 271 -15.91 4.74 12.72
CA LEU H 271 -17.26 4.79 12.15
C LEU H 271 -17.29 4.47 10.65
N THR H 272 -16.32 4.98 9.90
CA THR H 272 -16.24 4.77 8.45
C THR H 272 -15.72 3.37 8.09
N ALA H 273 -14.75 2.88 8.85
CA ALA H 273 -14.17 1.54 8.63
C ALA H 273 -15.01 0.41 9.22
N GLY H 274 -15.74 0.71 10.30
CA GLY H 274 -16.62 -0.26 10.95
C GLY H 274 -16.11 -0.77 12.28
N PHE H 275 -17.04 -1.29 13.09
CA PHE H 275 -16.73 -1.81 14.42
C PHE H 275 -15.92 -3.10 14.42
N THR H 276 -16.13 -3.94 13.41
CA THR H 276 -15.41 -5.21 13.26
C THR H 276 -13.91 -5.00 13.07
N ALA H 277 -13.55 -4.07 12.18
CA ALA H 277 -12.16 -3.73 11.90
C ALA H 277 -11.48 -3.00 13.07
N ASN H 278 -12.28 -2.28 13.87
CA ASN H 278 -11.77 -1.58 15.05
C ASN H 278 -11.42 -2.53 16.19
N THR H 279 -12.26 -3.53 16.40
CA THR H 279 -12.06 -4.55 17.45
C THR H 279 -10.82 -5.40 17.14
N THR H 280 -10.63 -5.71 15.85
CA THR H 280 -9.47 -6.45 15.34
C THR H 280 -8.16 -5.68 15.60
N LEU H 281 -8.20 -4.36 15.39
CA LEU H 281 -7.03 -3.50 15.61
C LEU H 281 -6.72 -3.25 17.08
N ALA H 282 -7.76 -3.10 17.90
CA ALA H 282 -7.62 -2.88 19.34
C ALA H 282 -6.95 -4.05 20.05
N ARG H 283 -7.27 -5.27 19.61
CA ARG H 283 -6.66 -6.50 20.13
C ARG H 283 -5.18 -6.63 19.74
N TRP H 284 -4.87 -6.18 18.52
CA TRP H 284 -3.50 -6.13 18.02
C TRP H 284 -2.65 -5.14 18.81
N CYS H 285 -3.24 -3.98 19.10
CA CYS H 285 -2.60 -2.90 19.89
C CYS H 285 -2.23 -3.34 21.30
N ARG H 286 -3.10 -4.15 21.92
CA ARG H 286 -2.85 -4.74 23.23
C ARG H 286 -1.67 -5.74 23.20
N ASP H 287 -1.61 -6.52 22.12
CA ASP H 287 -0.57 -7.55 21.95
C ASP H 287 0.83 -7.01 21.65
N ASN H 288 0.90 -5.83 21.04
CA ASN H 288 2.17 -5.23 20.63
C ASN H 288 2.58 -4.01 21.47
N GLY H 289 1.66 -3.55 22.33
CA GLY H 289 1.91 -2.40 23.22
C GLY H 289 1.96 -1.07 22.49
N VAL H 290 1.00 -0.87 21.58
CA VAL H 290 0.88 0.37 20.81
C VAL H 290 -0.39 1.10 21.24
N LEU H 291 -0.28 2.42 21.43
CA LEU H 291 -1.43 3.25 21.79
C LEU H 291 -2.29 3.57 20.57
N LEU H 292 -3.60 3.60 20.78
CA LEU H 292 -4.58 3.78 19.70
C LEU H 292 -5.43 5.05 19.83
N HIS H 293 -5.32 5.91 18.82
CA HIS H 293 -6.06 7.18 18.75
C HIS H 293 -7.26 7.03 17.82
N ILE H 294 -8.44 7.45 18.27
CA ILE H 294 -9.68 7.27 17.50
C ILE H 294 -10.27 8.59 17.02
N HIS H 295 -10.46 8.69 15.71
CA HIS H 295 -11.09 9.84 15.07
C HIS H 295 -12.58 9.54 14.81
N ARG H 296 -13.45 10.46 15.24
CA ARG H 296 -14.90 10.26 15.17
C ARG H 296 -15.55 10.74 13.86
N ALA H 297 -14.82 10.62 12.74
CA ALA H 297 -15.29 11.04 11.42
C ALA H 297 -16.63 10.39 11.06
N MET H 298 -17.51 11.19 10.47
CA MET H 298 -18.87 10.78 10.02
C MET H 298 -19.92 10.67 11.17
N HIS H 299 -19.59 11.22 12.34
CA HIS H 299 -20.51 11.17 13.49
C HIS H 299 -21.76 12.05 13.31
N ALA H 300 -21.56 13.20 12.64
CA ALA H 300 -22.59 14.23 12.49
C ALA H 300 -23.77 13.82 11.60
N VAL H 301 -23.57 12.79 10.78
CA VAL H 301 -24.62 12.20 9.94
C VAL H 301 -25.68 11.52 10.81
N ILE H 302 -25.26 10.99 11.97
CA ILE H 302 -26.12 10.24 12.88
C ILE H 302 -26.63 11.06 14.08
N ASP H 303 -25.73 11.81 14.74
CA ASP H 303 -26.04 12.47 16.03
C ASP H 303 -26.41 13.97 16.00
N ARG H 304 -26.74 14.49 14.81
CA ARG H 304 -27.05 15.92 14.67
C ARG H 304 -28.47 16.28 15.13
N GLN H 305 -29.46 15.62 14.54
CA GLN H 305 -30.87 15.97 14.73
C GLN H 305 -31.44 15.44 16.05
N LYS H 306 -32.15 16.30 16.77
CA LYS H 306 -32.70 15.98 18.10
C LYS H 306 -33.94 15.06 18.05
N ASN H 307 -34.42 14.76 16.85
CA ASN H 307 -35.60 13.92 16.66
C ASN H 307 -35.30 12.52 16.09
N HIS H 308 -34.14 12.38 15.45
CA HIS H 308 -33.80 11.14 14.72
C HIS H 308 -32.31 10.76 14.80
N GLY H 309 -32.05 9.46 14.86
CA GLY H 309 -30.69 8.92 14.84
C GLY H 309 -30.25 8.27 16.13
N ILE H 310 -28.94 8.36 16.41
CA ILE H 310 -28.34 7.84 17.64
C ILE H 310 -27.44 8.94 18.23
N HIS H 311 -27.70 9.31 19.50
CA HIS H 311 -26.89 10.29 20.23
C HIS H 311 -25.44 9.79 20.39
N PHE H 312 -24.50 10.73 20.40
CA PHE H 312 -23.07 10.41 20.49
C PHE H 312 -22.64 9.65 21.75
N ARG H 313 -23.37 9.83 22.85
CA ARG H 313 -23.07 9.13 24.12
C ARG H 313 -23.17 7.60 24.00
N VAL H 314 -24.06 7.12 23.12
CA VAL H 314 -24.20 5.70 22.82
C VAL H 314 -22.99 5.23 22.00
N LEU H 315 -22.59 6.06 21.02
CA LEU H 315 -21.42 5.79 20.17
C LEU H 315 -20.09 5.89 20.92
N ALA H 316 -20.07 6.70 21.99
CA ALA H 316 -18.90 6.83 22.87
C ALA H 316 -18.76 5.63 23.79
N LYS H 317 -19.88 5.11 24.29
CA LYS H 317 -19.92 3.91 25.14
C LYS H 317 -19.43 2.68 24.37
N ALA H 318 -19.87 2.56 23.11
CA ALA H 318 -19.47 1.48 22.21
C ALA H 318 -17.97 1.47 21.92
N LEU H 319 -17.36 2.66 21.89
CA LEU H 319 -15.93 2.81 21.64
C LEU H 319 -15.07 2.38 22.83
N ARG H 320 -15.56 2.63 24.05
CA ARG H 320 -14.88 2.18 25.27
C ARG H 320 -14.87 0.65 25.38
N LEU H 321 -15.94 0.00 24.93
CA LEU H 321 -16.04 -1.45 24.94
C LEU H 321 -15.23 -2.12 23.81
N SER H 322 -15.29 -1.53 22.61
CA SER H 322 -14.55 -2.03 21.43
C SER H 322 -13.04 -1.84 21.57
N GLY H 323 -12.61 -0.67 22.06
CA GLY H 323 -11.21 -0.38 22.31
C GLY H 323 -10.70 0.89 21.66
N GLY H 324 -10.03 1.71 22.46
CA GLY H 324 -9.44 2.98 22.02
C GLY H 324 -8.88 3.74 23.21
N ASP H 325 -7.69 4.30 23.04
CA ASP H 325 -6.99 5.02 24.12
C ASP H 325 -7.35 6.51 24.19
N HIS H 326 -7.54 7.13 23.02
CA HIS H 326 -8.04 8.51 22.91
C HIS H 326 -9.31 8.57 22.05
N ILE H 327 -10.21 9.48 22.39
CA ILE H 327 -11.44 9.73 21.60
C ILE H 327 -11.69 11.24 21.46
N HIS H 328 -12.13 11.65 20.28
CA HIS H 328 -12.54 13.03 20.01
C HIS H 328 -13.92 13.30 20.58
N THR H 329 -14.02 14.38 21.38
CA THR H 329 -15.25 14.72 22.10
C THR H 329 -15.90 16.00 21.58
N GLY H 330 -15.11 16.83 20.90
CA GLY H 330 -15.58 18.12 20.40
C GLY H 330 -15.18 19.27 21.31
N THR H 331 -15.10 20.46 20.72
CA THR H 331 -14.69 21.67 21.42
C THR H 331 -15.84 22.23 22.26
N VAL H 332 -15.48 22.85 23.40
CA VAL H 332 -16.41 23.61 24.21
C VAL H 332 -15.98 25.08 24.18
N VAL H 333 -16.75 25.90 23.44
CA VAL H 333 -16.52 27.34 23.33
C VAL H 333 -17.83 28.10 23.61
N GLY H 334 -18.83 27.89 22.76
CA GLY H 334 -20.14 28.52 22.89
C GLY H 334 -21.16 27.55 23.43
N LYS H 335 -22.05 27.09 22.55
CA LYS H 335 -23.11 26.09 22.84
C LYS H 335 -24.09 26.48 23.97
N LEU H 336 -24.18 27.79 24.26
CA LEU H 336 -24.95 28.35 25.38
C LEU H 336 -24.56 27.72 26.74
N GLU H 337 -25.55 27.41 27.57
CA GLU H 337 -25.32 26.77 28.88
C GLU H 337 -25.84 25.32 28.92
N GLY H 338 -26.93 25.07 28.21
CA GLY H 338 -27.59 23.76 28.17
C GLY H 338 -26.79 22.67 27.47
N GLU H 339 -26.30 22.97 26.27
CA GLU H 339 -25.55 22.01 25.45
C GLU H 339 -24.13 21.73 25.97
N ARG H 340 -23.63 22.60 26.84
CA ARG H 340 -22.35 22.41 27.51
C ARG H 340 -22.43 21.29 28.56
N GLY H 341 -23.59 21.18 29.21
CA GLY H 341 -23.86 20.13 30.20
C GLY H 341 -23.91 18.73 29.61
N ILE H 342 -24.39 18.63 28.38
CA ILE H 342 -24.46 17.36 27.63
C ILE H 342 -23.05 16.83 27.32
N THR H 343 -22.16 17.73 26.89
CA THR H 343 -20.76 17.39 26.59
C THR H 343 -20.04 16.82 27.81
N MET H 344 -20.18 17.50 28.95
CA MET H 344 -19.60 17.05 30.22
C MET H 344 -20.22 15.77 30.75
N GLY H 345 -21.43 15.46 30.27
CA GLY H 345 -22.12 14.22 30.56
C GLY H 345 -21.40 12.99 30.04
N PHE H 346 -21.16 12.95 28.73
CA PHE H 346 -20.48 11.81 28.12
C PHE H 346 -18.96 11.79 28.31
N VAL H 347 -18.37 12.95 28.60
CA VAL H 347 -16.94 13.05 28.92
C VAL H 347 -16.63 12.39 30.27
N ASP H 348 -17.47 12.65 31.27
CA ASP H 348 -17.40 11.97 32.57
C ASP H 348 -17.74 10.48 32.46
N LEU H 349 -18.56 10.13 31.47
CA LEU H 349 -19.00 8.76 31.20
C LEU H 349 -17.90 7.89 30.56
N LEU H 350 -16.91 8.55 29.95
CA LEU H 350 -15.76 7.89 29.32
C LEU H 350 -14.56 7.72 30.28
N ARG H 351 -14.47 8.61 31.27
CA ARG H 351 -13.30 8.68 32.16
C ARG H 351 -13.53 8.01 33.52
N GLU H 352 -14.70 8.20 34.11
CA GLU H 352 -15.00 7.72 35.47
C GLU H 352 -15.38 6.24 35.51
N ASN H 353 -15.13 5.61 36.67
CA ASN H 353 -15.49 4.21 36.91
C ASN H 353 -16.97 4.04 37.19
N TYR H 354 -17.56 4.98 37.93
CA TYR H 354 -18.96 4.94 38.31
C TYR H 354 -19.62 6.30 38.02
N VAL H 355 -20.71 6.26 37.25
CA VAL H 355 -21.45 7.46 36.87
C VAL H 355 -22.90 7.38 37.38
N GLU H 356 -23.26 8.32 38.24
CA GLU H 356 -24.59 8.43 38.82
C GLU H 356 -25.59 8.95 37.78
N GLN H 357 -26.85 8.52 37.90
CA GLN H 357 -27.95 8.95 37.03
C GLN H 357 -28.28 10.43 37.24
N ASP H 358 -28.28 11.18 36.13
CA ASP H 358 -28.58 12.62 36.15
C ASP H 358 -29.31 13.01 34.87
N LYS H 359 -30.59 13.37 35.02
CA LYS H 359 -31.48 13.67 33.89
C LYS H 359 -31.17 15.01 33.20
N SER H 360 -30.81 16.01 33.99
CA SER H 360 -30.45 17.35 33.49
C SER H 360 -29.17 17.35 32.66
N ARG H 361 -28.23 16.49 33.05
CA ARG H 361 -26.96 16.32 32.36
C ARG H 361 -27.13 15.59 31.02
N GLY H 362 -28.10 14.66 30.97
CA GLY H 362 -28.41 13.91 29.75
C GLY H 362 -28.37 12.39 29.89
N ILE H 363 -27.89 11.90 31.03
CA ILE H 363 -27.69 10.48 31.28
C ILE H 363 -28.96 9.85 31.88
N TYR H 364 -29.46 8.81 31.21
CA TYR H 364 -30.72 8.15 31.58
C TYR H 364 -30.55 6.96 32.54
N PHE H 365 -29.37 6.35 32.53
CA PHE H 365 -29.09 5.15 33.35
C PHE H 365 -27.81 5.29 34.16
N THR H 366 -27.80 4.67 35.34
CA THR H 366 -26.59 4.56 36.17
C THR H 366 -25.67 3.52 35.53
N GLN H 367 -24.52 3.98 35.03
CA GLN H 367 -23.55 3.12 34.39
C GLN H 367 -22.41 2.78 35.33
N ASP H 368 -22.13 1.47 35.45
CA ASP H 368 -21.07 0.96 36.30
C ASP H 368 -20.12 0.10 35.49
N TRP H 369 -18.86 0.53 35.39
CA TRP H 369 -17.80 -0.24 34.72
C TRP H 369 -17.04 -1.04 35.77
N ALA H 370 -16.77 -2.30 35.46
CA ALA H 370 -16.06 -3.19 36.38
C ALA H 370 -14.55 -3.11 36.18
N SER H 371 -13.94 -2.07 36.79
CA SER H 371 -12.50 -1.78 36.72
C SER H 371 -11.92 -1.64 35.30
N LEU H 372 -12.81 -1.34 34.35
CA LEU H 372 -12.44 -1.11 32.95
C LEU H 372 -11.80 0.27 32.81
N PRO H 373 -10.64 0.35 32.11
CA PRO H 373 -9.87 1.61 32.03
C PRO H 373 -10.61 2.73 31.30
N GLY H 374 -10.33 3.97 31.71
CA GLY H 374 -10.93 5.15 31.08
C GLY H 374 -10.25 5.56 29.79
N VAL H 375 -10.97 6.33 28.98
CA VAL H 375 -10.47 6.83 27.70
C VAL H 375 -10.23 8.34 27.80
N MET H 376 -9.03 8.77 27.39
CA MET H 376 -8.63 10.17 27.42
C MET H 376 -9.36 11.00 26.35
N ALA H 377 -9.92 12.14 26.77
CA ALA H 377 -10.74 12.99 25.89
C ALA H 377 -9.89 13.95 25.07
N VAL H 378 -10.21 14.04 23.77
CA VAL H 378 -9.52 14.96 22.85
C VAL H 378 -10.43 16.16 22.57
N ALA H 379 -9.97 17.34 22.97
CA ALA H 379 -10.66 18.60 22.71
C ALA H 379 -9.95 19.35 21.60
N SER H 380 -10.61 19.46 20.45
CA SER H 380 -10.02 20.05 19.25
C SER H 380 -11.08 20.68 18.34
N GLY H 381 -10.70 21.79 17.70
CA GLY H 381 -11.54 22.46 16.71
C GLY H 381 -11.71 23.94 16.94
N GLY H 382 -10.85 24.73 16.28
CA GLY H 382 -10.89 26.19 16.32
C GLY H 382 -10.57 26.80 17.67
N ILE H 383 -9.33 26.58 18.11
CA ILE H 383 -8.84 27.08 19.40
C ILE H 383 -7.45 27.71 19.33
N HIS H 384 -7.28 28.82 20.05
CA HIS H 384 -6.01 29.53 20.12
C HIS H 384 -5.56 29.78 21.58
N VAL H 385 -4.56 30.63 21.76
CA VAL H 385 -3.90 30.86 23.07
C VAL H 385 -4.80 31.45 24.17
N TRP H 386 -5.86 32.15 23.77
CA TRP H 386 -6.78 32.80 24.70
C TRP H 386 -7.86 31.86 25.25
N HIS H 387 -8.06 30.74 24.56
CA HIS H 387 -9.02 29.71 25.00
C HIS H 387 -8.44 28.77 26.06
N MET H 388 -7.13 28.92 26.34
CA MET H 388 -6.37 28.06 27.24
C MET H 388 -6.87 27.97 28.71
N PRO H 389 -7.21 29.11 29.37
CA PRO H 389 -7.66 28.99 30.77
C PRO H 389 -9.02 28.31 30.94
N ALA H 390 -9.89 28.44 29.94
CA ALA H 390 -11.21 27.80 29.96
C ALA H 390 -11.17 26.30 29.67
N LEU H 391 -10.40 25.91 28.65
CA LEU H 391 -10.25 24.50 28.26
C LEU H 391 -9.60 23.64 29.35
N VAL H 392 -8.59 24.21 30.02
CA VAL H 392 -7.89 23.55 31.14
C VAL H 392 -8.84 23.31 32.32
N GLU H 393 -9.68 24.30 32.61
CA GLU H 393 -10.63 24.23 33.72
C GLU H 393 -11.83 23.31 33.48
N ILE H 394 -12.36 23.33 32.24
CA ILE H 394 -13.51 22.51 31.86
C ILE H 394 -13.13 21.02 31.71
N PHE H 395 -12.11 20.74 30.89
CA PHE H 395 -11.70 19.37 30.58
C PHE H 395 -10.77 18.72 31.62
N GLY H 396 -10.21 19.54 32.52
CA GLY H 396 -9.34 19.06 33.60
C GLY H 396 -7.93 18.77 33.16
N ASP H 397 -7.31 17.79 33.81
CA ASP H 397 -5.91 17.42 33.55
C ASP H 397 -5.76 16.27 32.55
N ASP H 398 -6.61 15.25 32.69
CA ASP H 398 -6.56 14.06 31.82
C ASP H 398 -7.28 14.26 30.49
N SER H 399 -6.64 15.05 29.62
CA SER H 399 -7.17 15.40 28.30
C SER H 399 -6.06 15.78 27.32
N VAL H 400 -6.39 15.73 26.02
CA VAL H 400 -5.48 16.16 24.95
C VAL H 400 -6.09 17.36 24.23
N LEU H 401 -5.32 18.45 24.17
CA LEU H 401 -5.72 19.66 23.45
C LEU H 401 -4.95 19.79 22.14
N GLN H 402 -5.69 19.81 21.03
CA GLN H 402 -5.08 19.85 19.70
C GLN H 402 -5.36 21.14 18.95
N PHE H 403 -4.28 21.78 18.50
CA PHE H 403 -4.36 23.04 17.76
C PHE H 403 -3.99 22.81 16.29
N GLY H 404 -4.99 22.85 15.42
CA GLY H 404 -4.79 22.73 13.97
C GLY H 404 -4.25 24.01 13.40
N GLY H 405 -5.12 24.98 13.20
CA GLY H 405 -4.76 26.30 12.65
C GLY H 405 -4.09 27.24 13.64
N GLY H 406 -4.14 26.89 14.93
CA GLY H 406 -3.58 27.71 16.01
C GLY H 406 -2.06 27.74 16.05
N THR H 407 -1.44 26.58 15.87
CA THR H 407 0.02 26.44 15.92
C THR H 407 0.67 26.92 14.61
N LEU H 408 0.15 26.45 13.47
CA LEU H 408 0.71 26.72 12.15
C LEU H 408 0.57 28.19 11.72
N GLY H 409 -0.57 28.79 12.05
CA GLY H 409 -0.88 30.16 11.64
C GLY H 409 -0.14 31.29 12.36
N HIS H 410 0.92 30.93 13.09
CA HIS H 410 1.77 31.88 13.79
C HIS H 410 2.61 32.69 12.78
N PRO H 411 2.81 34.01 13.02
CA PRO H 411 3.56 34.88 12.09
C PRO H 411 5.04 34.52 11.88
N TRP H 412 5.60 33.70 12.77
CA TRP H 412 7.03 33.38 12.77
C TRP H 412 7.36 31.95 12.33
N GLY H 413 6.36 31.07 12.36
CA GLY H 413 6.52 29.67 11.94
C GLY H 413 5.94 28.65 12.90
N ASN H 414 6.28 27.39 12.67
CA ASN H 414 5.79 26.27 13.48
C ASN H 414 6.47 26.16 14.85
N ALA H 415 7.77 26.46 14.88
CA ALA H 415 8.58 26.36 16.10
C ALA H 415 8.26 27.42 17.17
N PRO H 416 8.12 28.72 16.79
CA PRO H 416 7.60 29.69 17.77
C PRO H 416 6.12 29.51 18.09
N GLY H 417 5.34 29.00 17.13
CA GLY H 417 3.91 28.73 17.32
C GLY H 417 3.61 27.67 18.34
N ALA H 418 4.49 26.67 18.43
CA ALA H 418 4.40 25.60 19.41
C ALA H 418 4.82 26.06 20.80
N THR H 419 5.84 26.91 20.85
CA THR H 419 6.39 27.46 22.11
C THR H 419 5.39 28.41 22.78
N ALA H 420 4.66 29.17 21.97
CA ALA H 420 3.61 30.07 22.45
C ALA H 420 2.46 29.32 23.15
N ASN H 421 2.05 28.19 22.55
CA ASN H 421 1.00 27.33 23.11
C ASN H 421 1.44 26.63 24.40
N ARG H 422 2.72 26.25 24.46
CA ARG H 422 3.29 25.53 25.60
C ARG H 422 3.43 26.42 26.85
N VAL H 423 3.88 27.66 26.63
CA VAL H 423 4.01 28.66 27.70
C VAL H 423 2.65 29.03 28.29
N ALA H 424 1.66 29.21 27.41
CA ALA H 424 0.28 29.54 27.80
C ALA H 424 -0.40 28.44 28.62
N LEU H 425 -0.12 27.18 28.28
CA LEU H 425 -0.66 26.03 29.02
C LEU H 425 -0.02 25.89 30.40
N GLU H 426 1.31 26.00 30.45
CA GLU H 426 2.06 25.80 31.69
C GLU H 426 1.87 26.91 32.72
N ALA H 427 1.58 28.12 32.24
CA ALA H 427 1.27 29.27 33.11
C ALA H 427 -0.09 29.11 33.81
N CYS H 428 -1.05 28.54 33.08
CA CYS H 428 -2.39 28.26 33.62
C CYS H 428 -2.40 27.11 34.63
N VAL H 429 -1.58 26.08 34.37
CA VAL H 429 -1.38 24.95 35.28
C VAL H 429 -0.72 25.43 36.59
N GLN H 430 0.27 26.30 36.46
CA GLN H 430 0.97 26.91 37.61
C GLN H 430 0.03 27.78 38.46
N ALA H 431 -0.85 28.54 37.81
CA ALA H 431 -1.81 29.42 38.48
C ALA H 431 -2.95 28.66 39.16
N ARG H 432 -3.35 27.54 38.56
CA ARG H 432 -4.41 26.68 39.09
C ARG H 432 -3.99 26.03 40.41
N ASN H 433 -2.74 25.55 40.46
CA ASN H 433 -2.18 24.89 41.64
C ASN H 433 -2.00 25.82 42.85
N GLU H 434 -1.73 27.09 42.58
CA GLU H 434 -1.55 28.11 43.62
C GLU H 434 -2.86 28.46 44.34
N GLY H 435 -3.96 28.48 43.60
CA GLY H 435 -5.28 28.78 44.15
C GLY H 435 -5.87 30.06 43.56
N ARG H 436 -5.95 30.10 42.23
CA ARG H 436 -6.51 31.24 41.50
C ARG H 436 -7.59 30.78 40.53
N ASN H 437 -8.72 31.48 40.54
CA ASN H 437 -9.83 31.17 39.65
C ASN H 437 -9.52 31.65 38.23
N LEU H 438 -9.57 30.72 37.28
CA LEU H 438 -9.23 30.99 35.89
C LEU H 438 -10.38 31.64 35.10
N ALA H 439 -11.51 31.84 35.77
CA ALA H 439 -12.65 32.60 35.24
C ALA H 439 -12.47 34.10 35.47
N ARG H 440 -11.85 34.45 36.60
CA ARG H 440 -11.69 35.84 37.02
C ARG H 440 -10.29 36.39 36.72
N GLU H 441 -9.28 35.52 36.80
CA GLU H 441 -7.87 35.91 36.66
C GLU H 441 -7.17 35.29 35.46
N GLY H 442 -7.92 34.58 34.62
CA GLY H 442 -7.40 33.85 33.46
C GLY H 442 -6.65 34.69 32.43
N ASN H 443 -7.23 35.84 32.09
CA ASN H 443 -6.62 36.79 31.15
C ASN H 443 -5.37 37.46 31.73
N ASP H 444 -5.36 37.65 33.04
CA ASP H 444 -4.23 38.26 33.76
C ASP H 444 -2.98 37.37 33.76
N VAL H 445 -3.18 36.05 33.77
CA VAL H 445 -2.10 35.06 33.74
C VAL H 445 -1.38 35.05 32.38
N ILE H 446 -2.16 35.08 31.30
CA ILE H 446 -1.65 35.09 29.92
C ILE H 446 -0.81 36.35 29.65
N ARG H 447 -1.29 37.50 30.14
CA ARG H 447 -0.57 38.78 30.03
C ARG H 447 0.73 38.83 30.84
N GLU H 448 0.74 38.19 32.01
CA GLU H 448 1.92 38.12 32.87
C GLU H 448 3.00 37.20 32.32
N ALA H 449 2.58 36.11 31.68
CA ALA H 449 3.49 35.15 31.04
C ALA H 449 4.13 35.70 29.77
N ALA H 450 3.43 36.62 29.11
CA ALA H 450 3.88 37.25 27.86
C ALA H 450 4.99 38.30 28.04
N LYS H 451 5.24 38.68 29.30
CA LYS H 451 6.25 39.70 29.63
C LYS H 451 7.70 39.21 29.45
N TRP H 452 7.91 37.90 29.62
CA TRP H 452 9.23 37.28 29.48
C TRP H 452 9.34 36.34 28.27
N SER H 453 8.20 35.98 27.68
CA SER H 453 8.16 35.15 26.48
C SER H 453 7.84 36.00 25.23
N PRO H 454 8.83 36.19 24.33
CA PRO H 454 8.64 36.98 23.10
C PRO H 454 7.72 36.29 22.09
N GLU H 455 7.74 34.96 22.08
CA GLU H 455 6.90 34.15 21.19
C GLU H 455 5.41 34.29 21.49
N LEU H 456 5.07 34.41 22.78
CA LEU H 456 3.69 34.56 23.23
C LEU H 456 3.15 35.97 22.99
N ALA H 457 4.02 36.97 23.12
CA ALA H 457 3.67 38.39 22.90
C ALA H 457 3.21 38.70 21.48
N VAL H 458 3.80 38.01 20.50
CA VAL H 458 3.43 38.10 19.09
C VAL H 458 2.09 37.40 18.84
N ALA H 459 1.90 36.24 19.49
CA ALA H 459 0.68 35.45 19.40
C ALA H 459 -0.55 36.15 20.00
N CYS H 460 -0.33 36.89 21.10
CA CYS H 460 -1.36 37.70 21.75
C CYS H 460 -1.77 38.93 20.93
N GLU H 461 -0.86 39.39 20.07
CA GLU H 461 -1.11 40.51 19.17
C GLU H 461 -2.00 40.10 17.99
N LEU H 462 -1.74 38.91 17.44
CA LEU H 462 -2.49 38.39 16.28
C LEU H 462 -3.90 37.96 16.66
N TRP H 463 -4.01 36.98 17.55
CA TRP H 463 -5.30 36.50 18.06
C TRP H 463 -5.75 37.36 19.23
N LYS H 464 -6.98 37.88 19.13
CA LYS H 464 -7.53 38.79 20.14
C LYS H 464 -8.26 38.04 21.25
N GLU H 465 -8.19 38.60 22.46
CA GLU H 465 -8.80 37.99 23.66
C GLU H 465 -10.33 37.98 23.61
N ILE H 466 -10.91 36.84 23.98
CA ILE H 466 -12.36 36.67 24.05
C ILE H 466 -12.81 36.34 25.47
N LYS H 467 -14.09 36.58 25.75
CA LYS H 467 -14.67 36.33 27.08
C LYS H 467 -15.60 35.12 27.09
N PHE H 468 -15.21 34.10 27.85
CA PHE H 468 -16.06 32.95 28.13
C PHE H 468 -17.01 33.27 29.29
N GLU H 469 -18.24 32.78 29.18
CA GLU H 469 -19.27 33.03 30.20
C GLU H 469 -19.60 31.76 31.00
N PHE H 470 -18.56 31.14 31.57
CA PHE H 470 -18.72 29.96 32.42
C PHE H 470 -18.71 30.31 33.91
N GLU H 471 -19.61 29.67 34.65
CA GLU H 471 -19.77 29.90 36.08
C GLU H 471 -19.93 28.59 36.85
N GLY I 13 53.37 -5.61 -18.37
CA GLY I 13 53.15 -4.13 -18.38
C GLY I 13 51.71 -3.73 -18.68
N TYR I 14 51.32 -2.56 -18.17
CA TYR I 14 49.99 -1.99 -18.40
C TYR I 14 50.05 -0.81 -19.36
N LYS I 15 49.38 -0.97 -20.50
CA LYS I 15 49.26 0.08 -21.51
C LYS I 15 47.81 0.53 -21.60
N ALA I 16 47.59 1.83 -21.39
CA ALA I 16 46.26 2.42 -21.47
C ALA I 16 46.06 3.12 -22.81
N GLY I 17 44.95 2.80 -23.46
CA GLY I 17 44.61 3.34 -24.77
C GLY I 17 43.58 2.50 -25.50
N VAL I 18 43.48 2.72 -26.81
CA VAL I 18 42.49 2.02 -27.64
C VAL I 18 43.15 0.86 -28.39
N GLN I 19 42.60 -0.32 -28.14
CA GLN I 19 43.07 -1.56 -28.74
C GLN I 19 42.08 -2.04 -29.78
N ASP I 20 42.61 -2.47 -30.93
CA ASP I 20 41.81 -3.05 -32.02
C ASP I 20 41.17 -4.36 -31.56
N TYR I 21 39.91 -4.55 -31.95
CA TYR I 21 39.16 -5.77 -31.59
C TYR I 21 39.69 -7.04 -32.28
N ARG I 22 40.39 -6.87 -33.40
CA ARG I 22 40.96 -7.97 -34.16
C ARG I 22 42.26 -8.52 -33.55
N LEU I 23 42.85 -7.78 -32.61
CA LEU I 23 44.17 -8.13 -32.04
C LEU I 23 44.21 -9.44 -31.26
N THR I 24 43.38 -9.56 -30.22
CA THR I 24 43.36 -10.77 -29.37
C THR I 24 41.96 -11.36 -29.17
N TYR I 25 41.18 -11.43 -30.25
CA TYR I 25 39.84 -12.02 -30.24
C TYR I 25 39.53 -12.89 -31.46
N TYR I 26 40.23 -12.62 -32.57
CA TYR I 26 40.13 -13.44 -33.77
C TYR I 26 41.36 -14.33 -33.92
N THR I 27 41.19 -15.59 -33.52
CA THR I 27 42.23 -16.62 -33.65
C THR I 27 41.72 -17.79 -34.49
N PRO I 28 42.16 -17.88 -35.76
CA PRO I 28 41.76 -18.98 -36.66
C PRO I 28 42.28 -20.36 -36.27
N ASP I 29 43.40 -20.40 -35.54
CA ASP I 29 44.07 -21.65 -35.17
C ASP I 29 43.36 -22.47 -34.09
N TYR I 30 42.59 -21.80 -33.23
CA TYR I 30 41.87 -22.43 -32.12
C TYR I 30 40.88 -23.50 -32.60
N THR I 31 40.89 -24.64 -31.92
CA THR I 31 39.98 -25.74 -32.18
C THR I 31 39.03 -25.89 -30.97
N PRO I 32 37.70 -25.90 -31.22
CA PRO I 32 36.71 -25.98 -30.14
C PRO I 32 36.80 -27.29 -29.35
N LYS I 33 36.75 -27.15 -28.02
CA LYS I 33 36.70 -28.28 -27.11
C LYS I 33 35.29 -28.91 -27.12
N ASP I 34 35.18 -30.11 -26.56
CA ASP I 34 33.88 -30.79 -26.43
C ASP I 34 32.95 -30.07 -25.44
N THR I 35 33.54 -29.56 -24.35
CA THR I 35 32.81 -28.80 -23.34
C THR I 35 32.89 -27.30 -23.66
N ASP I 36 32.19 -26.92 -24.73
CA ASP I 36 32.25 -25.57 -25.29
C ASP I 36 30.93 -25.23 -25.97
N ILE I 37 30.51 -23.96 -25.84
CA ILE I 37 29.28 -23.47 -26.47
C ILE I 37 29.63 -22.76 -27.77
N LEU I 38 29.06 -23.25 -28.87
CA LEU I 38 29.33 -22.74 -30.21
C LEU I 38 28.11 -22.08 -30.83
N ALA I 39 28.30 -20.89 -31.39
CA ALA I 39 27.22 -20.11 -31.98
C ALA I 39 27.55 -19.69 -33.41
N ALA I 40 26.55 -19.76 -34.28
CA ALA I 40 26.67 -19.35 -35.69
C ALA I 40 25.93 -18.04 -35.94
N PHE I 41 26.69 -16.99 -36.28
CA PHE I 41 26.15 -15.67 -36.56
C PHE I 41 26.24 -15.31 -38.04
N ARG I 42 25.10 -14.91 -38.62
CA ARG I 42 25.05 -14.32 -39.95
C ARG I 42 25.26 -12.81 -39.81
N VAL I 43 26.47 -12.36 -40.17
CA VAL I 43 26.90 -10.98 -39.92
C VAL I 43 26.93 -10.16 -41.22
N THR I 44 26.34 -8.98 -41.17
CA THR I 44 26.44 -7.98 -42.25
C THR I 44 27.05 -6.69 -41.67
N PRO I 45 28.32 -6.40 -42.01
CA PRO I 45 28.95 -5.18 -41.50
C PRO I 45 28.62 -3.93 -42.33
N GLN I 46 28.81 -2.76 -41.71
CA GLN I 46 28.73 -1.47 -42.39
C GLN I 46 29.88 -1.35 -43.43
N PRO I 47 29.68 -0.55 -44.51
CA PRO I 47 30.74 -0.41 -45.53
C PRO I 47 32.05 0.13 -44.97
N GLY I 48 33.16 -0.48 -45.40
CA GLY I 48 34.50 -0.10 -44.95
C GLY I 48 34.94 -0.76 -43.65
N VAL I 49 34.23 -1.81 -43.23
CA VAL I 49 34.55 -2.59 -42.04
C VAL I 49 34.98 -4.00 -42.45
N PRO I 50 36.17 -4.45 -41.98
CA PRO I 50 36.64 -5.82 -42.26
C PRO I 50 35.75 -6.88 -41.62
N PHE I 51 35.70 -8.04 -42.27
CA PHE I 51 34.91 -9.20 -41.82
C PHE I 51 35.37 -9.69 -40.45
N GLU I 52 36.69 -9.63 -40.23
CA GLU I 52 37.35 -10.07 -39.01
C GLU I 52 36.98 -9.17 -37.83
N GLU I 53 36.91 -7.86 -38.08
CA GLU I 53 36.56 -6.86 -37.06
C GLU I 53 35.12 -7.01 -36.55
N ALA I 54 34.18 -7.23 -37.48
CA ALA I 54 32.78 -7.46 -37.14
C ALA I 54 32.60 -8.76 -36.34
N ALA I 55 33.29 -9.82 -36.77
CA ALA I 55 33.27 -11.12 -36.10
C ALA I 55 33.93 -11.07 -34.73
N ALA I 56 35.06 -10.37 -34.65
CA ALA I 56 35.78 -10.17 -33.38
C ALA I 56 35.00 -9.34 -32.38
N ALA I 57 34.29 -8.32 -32.88
CA ALA I 57 33.43 -7.47 -32.04
C ALA I 57 32.26 -8.23 -31.42
N VAL I 58 31.61 -9.08 -32.21
CA VAL I 58 30.50 -9.93 -31.74
C VAL I 58 31.03 -10.92 -30.67
N ALA I 59 32.17 -11.54 -30.96
CA ALA I 59 32.85 -12.46 -30.05
C ALA I 59 33.30 -11.79 -28.74
N ALA I 60 33.93 -10.62 -28.88
CA ALA I 60 34.43 -9.85 -27.74
C ALA I 60 33.31 -9.27 -26.89
N GLU I 61 32.41 -8.51 -27.53
CA GLU I 61 31.33 -7.79 -26.83
C GLU I 61 30.36 -8.69 -26.07
N SER I 62 30.09 -9.88 -26.61
CA SER I 62 29.22 -10.86 -25.94
C SER I 62 29.81 -11.39 -24.63
N SER I 63 31.13 -11.61 -24.60
CA SER I 63 31.82 -12.11 -23.42
C SER I 63 33.16 -11.43 -23.19
N THR I 64 33.23 -10.65 -22.11
CA THR I 64 34.46 -9.96 -21.63
C THR I 64 35.04 -8.92 -22.60
N GLY I 65 34.16 -8.16 -23.24
CA GLY I 65 34.55 -7.15 -24.22
C GLY I 65 34.26 -5.73 -23.80
N THR I 66 35.27 -4.89 -23.94
CA THR I 66 35.21 -3.47 -23.57
C THR I 66 35.84 -2.59 -24.66
N TRP I 67 35.31 -1.37 -24.82
CA TRP I 67 35.72 -0.46 -25.90
C TRP I 67 37.13 0.10 -25.75
N THR I 68 37.59 0.19 -24.50
CA THR I 68 38.96 0.63 -24.17
C THR I 68 39.60 -0.31 -23.15
N THR I 69 40.94 -0.35 -23.14
CA THR I 69 41.73 -1.23 -22.27
C THR I 69 41.57 -0.86 -20.79
N VAL I 70 41.27 -1.87 -19.97
CA VAL I 70 41.16 -1.71 -18.52
C VAL I 70 42.31 -2.39 -17.78
N TRP I 71 42.77 -1.78 -16.69
CA TRP I 71 43.89 -2.30 -15.89
C TRP I 71 43.52 -3.56 -15.11
N THR I 72 42.23 -3.68 -14.79
CA THR I 72 41.67 -4.78 -13.99
C THR I 72 41.75 -6.13 -14.72
N ASP I 73 41.87 -6.08 -16.05
CA ASP I 73 42.05 -7.25 -16.92
C ASP I 73 43.29 -8.11 -16.60
N LEU I 74 44.32 -7.47 -16.06
CA LEU I 74 45.61 -8.13 -15.81
C LEU I 74 45.62 -9.03 -14.59
N LEU I 75 44.80 -8.70 -13.59
CA LEU I 75 44.65 -9.51 -12.37
C LEU I 75 43.90 -10.82 -12.63
N THR I 76 42.89 -10.76 -13.49
CA THR I 76 42.18 -11.96 -13.96
C THR I 76 42.92 -12.60 -15.14
N ASP I 77 42.61 -13.86 -15.43
CA ASP I 77 43.17 -14.54 -16.59
C ASP I 77 42.22 -14.38 -17.78
N LEU I 78 42.51 -13.37 -18.61
CA LEU I 78 41.65 -13.02 -19.75
C LEU I 78 41.58 -14.12 -20.80
N ASP I 79 42.72 -14.77 -21.07
CA ASP I 79 42.84 -15.82 -22.09
C ASP I 79 41.90 -17.01 -21.89
N ARG I 80 41.69 -17.39 -20.62
CA ARG I 80 40.84 -18.52 -20.25
C ARG I 80 39.34 -18.24 -20.46
N TYR I 81 38.91 -17.03 -20.12
CA TYR I 81 37.48 -16.68 -20.11
C TYR I 81 36.96 -15.96 -21.36
N LYS I 82 37.85 -15.67 -22.31
CA LYS I 82 37.45 -14.94 -23.54
C LYS I 82 36.87 -15.84 -24.63
N GLY I 83 35.79 -15.33 -25.24
CA GLY I 83 35.19 -15.95 -26.42
C GLY I 83 35.95 -15.55 -27.66
N ARG I 84 36.16 -16.51 -28.56
CA ARG I 84 36.94 -16.27 -29.77
C ARG I 84 36.29 -16.81 -31.03
N CYS I 85 36.53 -16.13 -32.16
CA CYS I 85 36.04 -16.54 -33.47
C CYS I 85 37.09 -17.36 -34.20
N TYR I 86 36.82 -18.65 -34.38
CA TYR I 86 37.79 -19.60 -34.94
C TYR I 86 37.71 -19.79 -36.47
N ASP I 87 36.53 -19.56 -37.04
CA ASP I 87 36.36 -19.68 -38.49
C ASP I 87 35.36 -18.68 -39.07
N ILE I 88 35.69 -18.17 -40.25
CA ILE I 88 34.82 -17.25 -41.01
C ILE I 88 34.46 -17.91 -42.35
N GLU I 89 33.16 -18.02 -42.62
CA GLU I 89 32.64 -18.58 -43.86
C GLU I 89 31.76 -17.55 -44.60
N PRO I 90 32.12 -17.20 -45.85
CA PRO I 90 31.31 -16.24 -46.61
C PRO I 90 30.09 -16.88 -47.28
N VAL I 91 28.96 -16.17 -47.25
CA VAL I 91 27.69 -16.61 -47.85
C VAL I 91 27.78 -16.45 -49.39
N PRO I 92 27.45 -17.53 -50.15
CA PRO I 92 27.50 -17.49 -51.61
C PRO I 92 26.50 -16.52 -52.25
N GLY I 93 26.99 -15.73 -53.21
CA GLY I 93 26.17 -14.75 -53.94
C GLY I 93 25.72 -13.54 -53.14
N GLU I 94 26.40 -13.31 -52.01
CA GLU I 94 26.06 -12.22 -51.09
C GLU I 94 27.30 -11.40 -50.73
N ASP I 95 27.28 -10.12 -51.10
CA ASP I 95 28.36 -9.19 -50.78
C ASP I 95 28.24 -8.72 -49.33
N ASN I 96 29.37 -8.72 -48.63
CA ASN I 96 29.48 -8.40 -47.20
C ASN I 96 28.56 -9.23 -46.30
N GLN I 97 28.45 -10.52 -46.62
CA GLN I 97 27.67 -11.47 -45.84
C GLN I 97 28.52 -12.69 -45.54
N PHE I 98 28.71 -12.96 -44.26
CA PHE I 98 29.54 -14.07 -43.79
C PHE I 98 28.99 -14.71 -42.52
N ILE I 99 29.26 -16.00 -42.36
CA ILE I 99 28.91 -16.75 -41.17
C ILE I 99 30.13 -16.80 -40.23
N ALA I 100 29.92 -16.35 -38.99
CA ALA I 100 30.96 -16.36 -37.97
C ALA I 100 30.68 -17.42 -36.91
N TYR I 101 31.71 -18.16 -36.53
CA TYR I 101 31.62 -19.22 -35.53
C TYR I 101 32.39 -18.81 -34.28
N ILE I 102 31.70 -18.74 -33.14
CA ILE I 102 32.29 -18.26 -31.89
C ILE I 102 32.19 -19.35 -30.79
N ALA I 103 33.29 -19.52 -30.05
CA ALA I 103 33.38 -20.48 -28.94
C ALA I 103 33.34 -19.79 -27.58
N TYR I 104 32.53 -20.32 -26.67
CA TYR I 104 32.42 -19.81 -25.29
C TYR I 104 32.74 -20.89 -24.26
N PRO I 105 33.69 -20.60 -23.33
CA PRO I 105 34.00 -21.53 -22.23
C PRO I 105 32.79 -21.89 -21.37
N LEU I 106 32.69 -23.16 -21.00
CA LEU I 106 31.54 -23.71 -20.27
C LEU I 106 31.31 -23.07 -18.90
N ASP I 107 32.41 -22.73 -18.23
CA ASP I 107 32.39 -22.26 -16.85
C ASP I 107 31.62 -20.96 -16.59
N LEU I 108 31.70 -20.00 -17.52
CA LEU I 108 31.10 -18.67 -17.30
C LEU I 108 29.57 -18.64 -17.14
N PHE I 109 28.87 -19.56 -17.82
CA PHE I 109 27.41 -19.65 -17.78
C PHE I 109 26.90 -20.29 -16.48
N GLU I 110 25.75 -19.81 -16.00
CA GLU I 110 25.08 -20.37 -14.83
C GLU I 110 24.39 -21.69 -15.19
N GLU I 111 24.45 -22.63 -14.25
CA GLU I 111 23.92 -23.99 -14.43
C GLU I 111 22.39 -24.00 -14.33
N GLY I 112 21.75 -24.56 -15.35
CA GLY I 112 20.30 -24.73 -15.38
C GLY I 112 19.50 -23.46 -15.65
N SER I 113 20.16 -22.43 -16.19
CA SER I 113 19.53 -21.14 -16.47
C SER I 113 19.59 -20.78 -17.95
N ILE I 114 18.41 -20.75 -18.59
CA ILE I 114 18.26 -20.29 -19.98
C ILE I 114 18.48 -18.78 -20.05
N THR I 115 18.02 -18.07 -19.02
CA THR I 115 18.16 -16.61 -18.93
C THR I 115 19.61 -16.16 -19.10
N ASN I 116 20.53 -16.77 -18.34
CA ASN I 116 21.96 -16.41 -18.41
C ASN I 116 22.58 -16.66 -19.80
N VAL I 117 22.32 -17.83 -20.39
CA VAL I 117 22.84 -18.15 -21.74
C VAL I 117 22.24 -17.21 -22.83
N LEU I 118 20.97 -16.84 -22.66
CA LEU I 118 20.30 -15.91 -23.56
C LEU I 118 20.78 -14.46 -23.35
N THR I 119 20.90 -14.05 -22.08
CA THR I 119 21.34 -12.68 -21.73
C THR I 119 22.83 -12.43 -22.04
N SER I 120 23.64 -13.49 -22.02
CA SER I 120 25.08 -13.36 -22.25
C SER I 120 25.44 -13.24 -23.73
N ILE I 121 24.97 -14.21 -24.53
CA ILE I 121 25.30 -14.28 -25.96
C ILE I 121 24.62 -13.16 -26.76
N VAL I 122 23.28 -13.10 -26.69
CA VAL I 122 22.51 -12.10 -27.45
C VAL I 122 22.10 -10.87 -26.61
N GLY I 123 22.97 -10.50 -25.66
CA GLY I 123 22.73 -9.41 -24.72
C GLY I 123 22.61 -8.04 -25.34
N ASN I 124 23.70 -7.55 -25.93
CA ASN I 124 23.72 -6.25 -26.61
C ASN I 124 24.61 -6.19 -27.85
N VAL I 125 24.92 -7.36 -28.42
CA VAL I 125 25.72 -7.46 -29.66
C VAL I 125 24.98 -6.92 -30.88
N PHE I 126 23.65 -7.10 -30.89
CA PHE I 126 22.77 -6.48 -31.87
C PHE I 126 22.66 -4.99 -31.55
N GLY I 127 22.32 -4.18 -32.55
CA GLY I 127 22.20 -2.74 -32.36
C GLY I 127 23.54 -2.04 -32.20
N PHE I 128 24.57 -2.64 -32.79
CA PHE I 128 25.91 -2.08 -32.81
C PHE I 128 26.02 -1.11 -33.99
N LYS I 129 26.76 -0.02 -33.78
CA LYS I 129 26.95 1.00 -34.83
C LYS I 129 27.66 0.44 -36.07
N ALA I 130 28.54 -0.53 -35.85
CA ALA I 130 29.41 -1.10 -36.89
C ALA I 130 28.75 -2.15 -37.80
N LEU I 131 27.58 -2.65 -37.43
CA LEU I 131 26.86 -3.65 -38.25
C LEU I 131 25.37 -3.37 -38.40
N ARG I 132 24.88 -3.52 -39.62
CA ARG I 132 23.48 -3.23 -39.96
C ARG I 132 22.48 -4.30 -39.51
N ALA I 133 22.83 -5.57 -39.73
CA ALA I 133 21.96 -6.70 -39.43
C ALA I 133 22.76 -7.87 -38.86
N LEU I 134 22.20 -8.47 -37.81
CA LEU I 134 22.79 -9.65 -37.18
C LEU I 134 21.71 -10.71 -36.96
N ARG I 135 22.06 -11.96 -37.25
CA ARG I 135 21.16 -13.09 -37.04
C ARG I 135 21.90 -14.30 -36.47
N LEU I 136 21.31 -14.92 -35.45
CA LEU I 136 21.81 -16.16 -34.89
C LEU I 136 21.11 -17.34 -35.54
N GLU I 137 21.87 -18.15 -36.28
CA GLU I 137 21.31 -19.27 -37.02
C GLU I 137 21.20 -20.54 -36.19
N ASP I 138 22.27 -20.89 -35.46
CA ASP I 138 22.28 -22.10 -34.63
C ASP I 138 23.17 -21.94 -33.39
N ILE I 139 22.86 -22.76 -32.38
CA ILE I 139 23.61 -22.82 -31.12
C ILE I 139 23.92 -24.29 -30.77
N ARG I 140 25.09 -24.52 -30.19
CA ARG I 140 25.49 -25.86 -29.76
C ARG I 140 25.61 -25.95 -28.25
N PHE I 141 24.92 -26.92 -27.67
CA PHE I 141 25.01 -27.21 -26.24
C PHE I 141 25.82 -28.47 -25.97
N PRO I 142 26.86 -28.38 -25.13
CA PRO I 142 27.64 -29.56 -24.72
C PRO I 142 26.86 -30.43 -23.73
N VAL I 143 27.20 -31.72 -23.71
CA VAL I 143 26.57 -32.72 -22.82
C VAL I 143 26.56 -32.26 -21.36
N ALA I 144 27.70 -31.77 -20.89
CA ALA I 144 27.88 -31.29 -19.51
C ALA I 144 26.93 -30.18 -19.09
N TYR I 145 26.66 -29.24 -20.00
CA TYR I 145 25.71 -28.16 -19.75
C TYR I 145 24.25 -28.62 -19.79
N ILE I 146 23.94 -29.53 -20.71
CA ILE I 146 22.59 -30.11 -20.87
C ILE I 146 22.12 -30.82 -19.60
N LYS I 147 23.04 -31.49 -18.92
CA LYS I 147 22.74 -32.29 -17.72
C LYS I 147 22.16 -31.50 -16.54
N THR I 148 22.53 -30.23 -16.42
CA THR I 148 22.09 -29.35 -15.31
C THR I 148 20.59 -29.04 -15.37
N PHE I 149 20.06 -28.93 -16.59
CA PHE I 149 18.64 -28.64 -16.82
C PHE I 149 17.78 -29.88 -16.55
N GLN I 150 16.59 -29.65 -16.02
CA GLN I 150 15.60 -30.69 -15.77
C GLN I 150 15.06 -31.29 -17.09
N GLY I 151 14.86 -30.41 -18.08
CA GLY I 151 14.26 -30.80 -19.36
C GLY I 151 12.75 -30.90 -19.26
N PRO I 152 12.11 -31.60 -20.22
CA PRO I 152 10.66 -31.78 -20.19
C PRO I 152 10.20 -32.56 -18.95
N PRO I 153 9.06 -32.15 -18.35
CA PRO I 153 8.54 -32.81 -17.14
C PRO I 153 8.21 -34.29 -17.33
N HIS I 154 7.71 -34.66 -18.52
CA HIS I 154 7.33 -36.04 -18.81
C HIS I 154 7.93 -36.59 -20.12
N GLY I 155 7.75 -35.84 -21.21
CA GLY I 155 8.22 -36.26 -22.53
C GLY I 155 7.21 -37.14 -23.25
N ILE I 156 7.53 -37.48 -24.50
CA ILE I 156 6.62 -38.23 -25.40
C ILE I 156 6.20 -39.60 -24.87
N GLN I 157 7.19 -40.41 -24.47
CA GLN I 157 6.99 -41.80 -24.05
C GLN I 157 6.16 -41.94 -22.76
N VAL I 158 6.49 -41.12 -21.76
CA VAL I 158 5.78 -41.12 -20.47
C VAL I 158 4.35 -40.58 -20.64
N GLU I 159 4.21 -39.56 -21.49
CA GLU I 159 2.91 -38.95 -21.78
C GLU I 159 1.91 -39.95 -22.36
N ARG I 160 2.34 -40.70 -23.38
CA ARG I 160 1.51 -41.73 -24.03
C ARG I 160 1.04 -42.83 -23.08
N ASP I 161 1.89 -43.17 -22.11
CA ASP I 161 1.58 -44.16 -21.08
C ASP I 161 0.51 -43.67 -20.10
N LYS I 162 0.63 -42.40 -19.68
CA LYS I 162 -0.36 -41.76 -18.80
C LYS I 162 -1.68 -41.49 -19.52
N LEU I 163 -1.60 -41.14 -20.81
CA LEU I 163 -2.78 -40.89 -21.65
C LEU I 163 -3.45 -42.15 -22.18
N ASN I 164 -2.69 -43.26 -22.24
CA ASN I 164 -3.19 -44.58 -22.69
C ASN I 164 -3.56 -44.61 -24.20
N LYS I 165 -2.84 -43.82 -25.00
CA LYS I 165 -3.12 -43.67 -26.44
C LYS I 165 -1.88 -43.97 -27.29
N TYR I 166 -2.02 -44.95 -28.20
CA TYR I 166 -0.91 -45.41 -29.04
C TYR I 166 -1.35 -45.62 -30.49
N GLY I 167 -0.41 -45.43 -31.43
CA GLY I 167 -0.61 -45.82 -32.83
C GLY I 167 -1.03 -44.76 -33.82
N ARG I 168 -1.40 -43.59 -33.31
CA ARG I 168 -1.93 -42.50 -34.14
C ARG I 168 -1.56 -41.12 -33.57
N PRO I 169 -1.57 -40.07 -34.42
CA PRO I 169 -1.47 -38.69 -33.91
C PRO I 169 -2.70 -38.28 -33.09
N LEU I 170 -2.52 -37.32 -32.20
CA LEU I 170 -3.59 -36.84 -31.33
C LEU I 170 -4.37 -35.70 -31.98
N LEU I 171 -5.65 -35.59 -31.65
CA LEU I 171 -6.53 -34.56 -32.21
C LEU I 171 -6.94 -33.50 -31.20
N GLY I 172 -6.83 -32.25 -31.62
CA GLY I 172 -7.18 -31.10 -30.79
C GLY I 172 -8.11 -30.12 -31.45
N CYS I 173 -8.67 -29.23 -30.63
CA CYS I 173 -9.57 -28.17 -31.09
C CYS I 173 -9.39 -26.91 -30.26
N THR I 174 -9.64 -25.76 -30.90
CA THR I 174 -9.56 -24.46 -30.25
C THR I 174 -10.93 -23.78 -30.35
N ILE I 175 -11.41 -23.28 -29.20
CA ILE I 175 -12.74 -22.66 -29.09
C ILE I 175 -12.74 -21.27 -29.74
N LYS I 176 -13.76 -21.01 -30.57
CA LYS I 176 -13.93 -19.72 -31.26
C LYS I 176 -15.34 -19.15 -31.00
N PRO I 177 -15.49 -17.82 -30.88
CA PRO I 177 -14.40 -16.83 -31.02
C PRO I 177 -13.44 -16.83 -29.83
N LYS I 178 -12.28 -16.20 -30.02
CA LYS I 178 -11.29 -16.06 -28.98
C LYS I 178 -11.86 -15.35 -27.76
N LEU I 179 -12.40 -14.15 -27.96
CA LEU I 179 -12.96 -13.36 -26.87
C LEU I 179 -14.44 -13.06 -27.11
N GLY I 180 -15.24 -13.17 -26.05
CA GLY I 180 -16.66 -12.86 -26.10
C GLY I 180 -17.57 -13.83 -25.37
N LEU I 181 -17.26 -15.12 -25.47
CA LEU I 181 -18.10 -16.20 -24.91
C LEU I 181 -18.14 -16.21 -23.39
N SER I 182 -19.31 -16.53 -22.85
CA SER I 182 -19.53 -16.73 -21.41
C SER I 182 -18.85 -18.02 -20.94
N ALA I 183 -18.66 -18.12 -19.62
CA ALA I 183 -18.10 -19.33 -18.99
C ALA I 183 -18.97 -20.58 -19.21
N LYS I 184 -20.29 -20.38 -19.15
CA LYS I 184 -21.27 -21.44 -19.37
C LYS I 184 -21.29 -21.92 -20.83
N ASN I 185 -21.22 -20.96 -21.77
CA ASN I 185 -21.18 -21.25 -23.20
C ASN I 185 -19.88 -21.89 -23.64
N TYR I 186 -18.79 -21.47 -23.00
CA TYR I 186 -17.45 -22.02 -23.23
C TYR I 186 -17.44 -23.52 -22.91
N GLY I 187 -17.97 -23.88 -21.74
CA GLY I 187 -18.06 -25.27 -21.29
C GLY I 187 -18.95 -26.14 -22.15
N ARG I 188 -20.02 -25.56 -22.69
CA ARG I 188 -20.92 -26.25 -23.61
C ARG I 188 -20.23 -26.60 -24.93
N ALA I 189 -19.47 -25.64 -25.47
CA ALA I 189 -18.70 -25.80 -26.70
C ALA I 189 -17.55 -26.80 -26.53
N VAL I 190 -16.91 -26.78 -25.35
CA VAL I 190 -15.85 -27.72 -24.97
C VAL I 190 -16.40 -29.15 -24.90
N TYR I 191 -17.60 -29.28 -24.33
CA TYR I 191 -18.29 -30.58 -24.20
C TYR I 191 -18.60 -31.23 -25.55
N GLU I 192 -19.19 -30.45 -26.46
CA GLU I 192 -19.64 -30.94 -27.77
C GLU I 192 -18.49 -31.43 -28.65
N CYS I 193 -17.36 -30.74 -28.61
CA CYS I 193 -16.16 -31.12 -29.36
C CYS I 193 -15.55 -32.43 -28.87
N LEU I 194 -15.49 -32.59 -27.55
CA LEU I 194 -14.96 -33.81 -26.92
C LEU I 194 -15.88 -35.01 -27.11
N ARG I 195 -17.19 -34.75 -27.16
CA ARG I 195 -18.22 -35.77 -27.41
C ARG I 195 -18.08 -36.40 -28.79
N GLY I 196 -17.81 -35.57 -29.80
CA GLY I 196 -17.70 -36.01 -31.20
C GLY I 196 -16.50 -36.87 -31.52
N GLY I 197 -15.52 -36.91 -30.62
CA GLY I 197 -14.38 -37.81 -30.74
C GLY I 197 -12.98 -37.22 -30.70
N LEU I 198 -12.88 -35.93 -30.39
CA LEU I 198 -11.59 -35.25 -30.26
C LEU I 198 -10.94 -35.57 -28.92
N ASP I 199 -9.61 -35.74 -28.96
CA ASP I 199 -8.83 -36.09 -27.77
C ASP I 199 -8.61 -34.93 -26.81
N PHE I 200 -8.31 -33.75 -27.36
CA PHE I 200 -8.02 -32.57 -26.55
C PHE I 200 -8.79 -31.34 -27.03
N THR I 201 -8.99 -30.41 -26.10
CA THR I 201 -9.53 -29.08 -26.40
C THR I 201 -8.64 -28.01 -25.77
N ASP I 203 -7.67 -23.73 -24.87
CA ASP I 203 -7.96 -22.30 -24.72
C ASP I 203 -7.11 -21.48 -25.69
N ASP I 204 -7.66 -20.36 -26.15
CA ASP I 204 -6.90 -19.41 -26.95
C ASP I 204 -5.82 -18.75 -26.11
N GLU I 205 -4.68 -18.47 -26.75
CA GLU I 205 -3.50 -17.91 -26.09
C GLU I 205 -3.76 -16.56 -25.38
N ASN I 206 -4.67 -15.77 -25.96
CA ASN I 206 -5.01 -14.44 -25.43
C ASN I 206 -5.97 -14.46 -24.24
N ILE I 207 -6.76 -15.53 -24.11
CA ILE I 207 -7.69 -15.71 -22.98
C ILE I 207 -6.91 -15.97 -21.69
N ASN I 208 -7.14 -15.13 -20.70
CA ASN I 208 -6.63 -15.33 -19.35
C ASN I 208 -7.77 -15.16 -18.34
N SER I 209 -7.97 -13.94 -17.85
CA SER I 209 -9.05 -13.62 -16.91
C SER I 209 -9.67 -12.26 -17.25
N ALA I 210 -10.47 -12.26 -18.31
CA ALA I 210 -11.18 -11.07 -18.78
C ALA I 210 -12.38 -10.73 -17.88
N PRO I 211 -12.82 -9.45 -17.84
CA PRO I 211 -14.04 -9.02 -17.15
C PRO I 211 -15.33 -9.77 -17.48
N PHE I 212 -15.51 -10.18 -18.74
CA PHE I 212 -16.72 -10.92 -19.13
C PHE I 212 -16.72 -12.39 -18.67
N GLN I 213 -15.54 -13.03 -18.68
CA GLN I 213 -15.38 -14.38 -18.13
C GLN I 213 -14.15 -14.53 -17.23
N ARG I 214 -14.39 -14.81 -15.96
CA ARG I 214 -13.32 -15.00 -14.98
C ARG I 214 -12.72 -16.39 -15.07
N TRP I 215 -11.44 -16.49 -14.70
CA TRP I 215 -10.69 -17.76 -14.85
C TRP I 215 -11.25 -18.90 -13.99
N ARG I 216 -11.66 -18.60 -12.77
CA ARG I 216 -12.21 -19.60 -11.85
C ARG I 216 -13.53 -20.20 -12.34
N ASP I 217 -14.36 -19.36 -12.97
CA ASP I 217 -15.62 -19.80 -13.59
C ASP I 217 -15.38 -20.74 -14.77
N ARG I 218 -14.41 -20.38 -15.62
CA ARG I 218 -14.03 -21.20 -16.78
C ARG I 218 -13.55 -22.59 -16.36
N PHE I 219 -12.68 -22.63 -15.36
CA PHE I 219 -12.08 -23.87 -14.83
C PHE I 219 -13.12 -24.87 -14.30
N LEU I 220 -14.15 -24.34 -13.64
CA LEU I 220 -15.21 -25.15 -13.04
C LEU I 220 -16.18 -25.74 -14.07
N PHE I 221 -16.59 -24.92 -15.04
CA PHE I 221 -17.52 -25.36 -16.09
C PHE I 221 -16.88 -26.31 -17.10
N VAL I 222 -15.60 -26.10 -17.39
CA VAL I 222 -14.82 -26.97 -18.28
C VAL I 222 -14.61 -28.36 -17.64
N ALA I 223 -14.33 -28.38 -16.33
CA ALA I 223 -14.18 -29.63 -15.58
C ALA I 223 -15.42 -30.54 -15.63
N ASP I 224 -16.61 -29.94 -15.58
CA ASP I 224 -17.88 -30.65 -15.74
C ASP I 224 -18.06 -31.21 -17.15
N ALA I 225 -17.62 -30.45 -18.14
CA ALA I 225 -17.69 -30.84 -19.56
C ALA I 225 -16.80 -32.04 -19.87
N ILE I 226 -15.60 -32.06 -19.30
CA ILE I 226 -14.65 -33.17 -19.46
C ILE I 226 -15.19 -34.44 -18.82
N THR I 227 -15.73 -34.32 -17.61
CA THR I 227 -16.32 -35.43 -16.85
C THR I 227 -17.44 -36.15 -17.61
N LYS I 228 -18.33 -35.37 -18.21
CA LYS I 228 -19.48 -35.89 -18.97
C LYS I 228 -19.06 -36.55 -20.29
N ALA I 229 -18.15 -35.90 -21.01
CA ALA I 229 -17.66 -36.38 -22.31
C ALA I 229 -16.80 -37.64 -22.21
N GLN I 230 -15.97 -37.71 -21.15
CA GLN I 230 -15.13 -38.89 -20.87
C GLN I 230 -16.00 -40.12 -20.60
N ALA I 231 -17.03 -39.93 -19.79
CA ALA I 231 -17.95 -41.01 -19.39
C ALA I 231 -18.82 -41.52 -20.54
N GLU I 232 -19.17 -40.63 -21.46
CA GLU I 232 -20.01 -40.95 -22.61
C GLU I 232 -19.28 -41.79 -23.66
N THR I 233 -18.09 -41.34 -24.06
CA THR I 233 -17.27 -42.00 -25.09
C THR I 233 -16.47 -43.18 -24.55
N GLY I 234 -16.25 -43.20 -23.24
CA GLY I 234 -15.44 -44.24 -22.59
C GLY I 234 -13.95 -44.13 -22.87
N GLU I 235 -13.49 -42.90 -23.12
CA GLU I 235 -12.10 -42.60 -23.44
C GLU I 235 -11.61 -41.40 -22.63
N ILE I 236 -10.30 -41.36 -22.36
CA ILE I 236 -9.67 -40.25 -21.61
C ILE I 236 -9.73 -38.94 -22.42
N LYS I 237 -10.28 -37.91 -21.78
CA LYS I 237 -10.39 -36.58 -22.37
C LYS I 237 -9.68 -35.53 -21.52
N GLY I 238 -9.10 -34.54 -22.19
CA GLY I 238 -8.42 -33.44 -21.53
C GLY I 238 -8.69 -32.10 -22.19
N HIS I 239 -8.52 -31.04 -21.42
CA HIS I 239 -8.61 -29.67 -21.90
C HIS I 239 -7.42 -28.86 -21.38
N TYR I 240 -6.70 -28.20 -22.30
CA TYR I 240 -5.59 -27.32 -21.93
C TYR I 240 -6.14 -26.07 -21.27
N LEU I 241 -5.74 -25.84 -20.02
CA LEU I 241 -6.16 -24.64 -19.28
C LEU I 241 -5.03 -23.62 -19.26
N ASN I 242 -5.36 -22.39 -19.67
CA ASN I 242 -4.38 -21.32 -19.77
C ASN I 242 -4.02 -20.76 -18.39
N VAL I 243 -2.78 -21.02 -17.99
CA VAL I 243 -2.27 -20.69 -16.66
C VAL I 243 -1.48 -19.37 -16.69
N THR I 244 -1.32 -18.81 -17.90
CA THR I 244 -0.63 -17.53 -18.12
C THR I 244 -1.27 -16.42 -17.29
N ALA I 245 -0.44 -15.75 -16.49
CA ALA I 245 -0.89 -14.80 -15.48
C ALA I 245 0.02 -13.58 -15.33
N PRO I 246 -0.51 -12.46 -14.78
CA PRO I 246 0.27 -11.23 -14.52
C PRO I 246 1.48 -11.37 -13.61
N THR I 247 1.36 -12.17 -12.54
CA THR I 247 2.45 -12.38 -11.56
C THR I 247 2.78 -13.87 -11.40
N CYS I 248 3.95 -14.14 -10.81
CA CYS I 248 4.38 -15.51 -10.51
C CYS I 248 3.48 -16.23 -9.49
N GLU I 249 2.94 -15.47 -8.53
CA GLU I 249 2.00 -16.00 -7.53
C GLU I 249 0.64 -16.36 -8.13
N GLU I 250 0.15 -15.51 -9.04
CA GLU I 250 -1.12 -15.73 -9.74
C GLU I 250 -1.06 -16.94 -10.66
N MET I 251 0.09 -17.16 -11.29
CA MET I 251 0.36 -18.33 -12.14
C MET I 251 0.29 -19.62 -11.34
N LEU I 252 0.99 -19.65 -10.20
CA LEU I 252 1.02 -20.83 -9.33
C LEU I 252 -0.35 -21.16 -8.73
N LYS I 253 -1.10 -20.12 -8.35
CA LYS I 253 -2.45 -20.25 -7.80
C LYS I 253 -3.44 -20.90 -8.78
N ARG I 254 -3.35 -20.53 -10.05
CA ARG I 254 -4.18 -21.09 -11.11
C ARG I 254 -3.84 -22.55 -11.40
N ALA I 255 -2.56 -22.88 -11.32
CA ALA I 255 -2.07 -24.25 -11.47
C ALA I 255 -2.52 -25.14 -10.32
N GLU I 256 -2.50 -24.59 -9.09
CA GLU I 256 -2.95 -25.30 -7.89
C GLU I 256 -4.41 -25.73 -7.96
N TYR I 257 -5.26 -24.86 -8.50
CA TYR I 257 -6.70 -25.11 -8.62
C TYR I 257 -7.03 -26.17 -9.68
N ALA I 258 -6.25 -26.18 -10.76
CA ALA I 258 -6.36 -27.20 -11.80
C ALA I 258 -5.95 -28.59 -11.29
N LYS I 259 -4.93 -28.62 -10.44
CA LYS I 259 -4.49 -29.85 -9.74
C LYS I 259 -5.57 -30.35 -8.77
N GLU I 260 -6.23 -29.42 -8.08
CA GLU I 260 -7.34 -29.69 -7.16
C GLU I 260 -8.53 -30.34 -7.88
N LEU I 261 -8.80 -29.91 -9.11
CA LEU I 261 -9.86 -30.45 -9.95
C LEU I 261 -9.46 -31.71 -10.73
N LYS I 262 -8.25 -32.21 -10.46
CA LYS I 262 -7.68 -33.44 -11.07
C LYS I 262 -7.45 -33.34 -12.59
N GLN I 263 -7.11 -32.15 -13.07
CA GLN I 263 -6.91 -31.91 -14.49
C GLN I 263 -5.56 -32.42 -15.00
N PRO I 264 -5.58 -33.24 -16.08
CA PRO I 264 -4.36 -33.87 -16.63
C PRO I 264 -3.34 -32.93 -17.27
N ILE I 265 -3.81 -31.86 -17.92
CA ILE I 265 -2.94 -30.99 -18.74
C ILE I 265 -3.28 -29.49 -18.61
N ILE I 266 -2.23 -28.66 -18.62
CA ILE I 266 -2.33 -27.19 -18.62
C ILE I 266 -1.46 -26.56 -19.72
N MET I 267 -1.76 -25.31 -20.09
CA MET I 267 -0.97 -24.58 -21.10
C MET I 267 -0.42 -23.23 -20.64
N HIS I 268 0.70 -22.82 -21.25
CA HIS I 268 1.41 -21.58 -20.90
C HIS I 268 2.14 -21.02 -22.12
N ASP I 269 2.33 -19.70 -22.13
CA ASP I 269 3.07 -19.01 -23.20
C ASP I 269 4.43 -18.56 -22.69
N TYR I 270 5.49 -19.21 -23.15
CA TYR I 270 6.85 -19.01 -22.64
C TYR I 270 7.53 -17.70 -23.05
N LEU I 271 7.25 -17.23 -24.26
CA LEU I 271 7.94 -16.04 -24.80
C LEU I 271 7.39 -14.71 -24.28
N THR I 272 6.08 -14.62 -24.10
CA THR I 272 5.46 -13.41 -23.56
C THR I 272 5.61 -13.31 -22.04
N ALA I 273 5.46 -14.43 -21.34
CA ALA I 273 5.62 -14.49 -19.88
C ALA I 273 7.08 -14.52 -19.44
N GLY I 274 7.96 -15.07 -20.28
CA GLY I 274 9.40 -15.11 -20.01
C GLY I 274 9.92 -16.48 -19.62
N PHE I 275 11.24 -16.67 -19.73
CA PHE I 275 11.89 -17.94 -19.41
C PHE I 275 11.94 -18.25 -17.92
N THR I 276 12.02 -17.21 -17.10
CA THR I 276 12.03 -17.33 -15.63
C THR I 276 10.71 -17.93 -15.12
N ALA I 277 9.60 -17.41 -15.64
CA ALA I 277 8.25 -17.90 -15.30
C ALA I 277 8.01 -19.33 -15.82
N ASN I 278 8.56 -19.65 -17.00
CA ASN I 278 8.38 -20.95 -17.63
C ASN I 278 9.14 -22.07 -16.90
N THR I 279 10.35 -21.75 -16.42
CA THR I 279 11.19 -22.69 -15.67
C THR I 279 10.55 -23.05 -14.31
N THR I 280 9.99 -22.04 -13.65
CA THR I 280 9.26 -22.20 -12.38
C THR I 280 8.06 -23.14 -12.52
N LEU I 281 7.29 -22.95 -13.60
CA LEU I 281 6.11 -23.77 -13.88
C LEU I 281 6.47 -25.22 -14.26
N ALA I 282 7.52 -25.37 -15.07
CA ALA I 282 7.98 -26.70 -15.51
C ALA I 282 8.44 -27.60 -14.35
N ARG I 283 9.04 -26.97 -13.33
CA ARG I 283 9.44 -27.68 -12.10
C ARG I 283 8.23 -28.09 -11.28
N TRP I 284 7.24 -27.20 -11.18
CA TRP I 284 5.98 -27.47 -10.49
C TRP I 284 5.20 -28.60 -11.17
N CYS I 285 5.13 -28.55 -12.51
CA CYS I 285 4.43 -29.55 -13.32
C CYS I 285 4.99 -30.95 -13.13
N ARG I 286 6.33 -31.05 -13.03
CA ARG I 286 7.04 -32.29 -12.76
C ARG I 286 6.69 -32.86 -11.37
N ASP I 287 6.66 -31.98 -10.37
CA ASP I 287 6.35 -32.36 -8.98
C ASP I 287 4.92 -32.87 -8.77
N ASN I 288 3.98 -32.37 -9.57
CA ASN I 288 2.57 -32.74 -9.43
C ASN I 288 2.08 -33.74 -10.49
N GLY I 289 2.95 -34.07 -11.44
CA GLY I 289 2.62 -35.00 -12.52
C GLY I 289 1.56 -34.49 -13.48
N VAL I 290 1.70 -33.22 -13.89
CA VAL I 290 0.78 -32.56 -14.80
C VAL I 290 1.49 -32.25 -16.11
N LEU I 291 0.86 -32.63 -17.23
CA LEU I 291 1.39 -32.38 -18.57
C LEU I 291 1.34 -30.89 -18.94
N LEU I 292 2.37 -30.42 -19.63
CA LEU I 292 2.52 -29.00 -19.96
C LEU I 292 2.57 -28.70 -21.46
N HIS I 293 1.61 -27.90 -21.92
CA HIS I 293 1.50 -27.50 -23.32
C HIS I 293 2.07 -26.08 -23.50
N ILE I 294 2.89 -25.89 -24.53
CA ILE I 294 3.55 -24.61 -24.77
C ILE I 294 3.07 -23.97 -26.07
N HIS I 295 2.60 -22.73 -25.98
CA HIS I 295 2.19 -21.93 -27.13
C HIS I 295 3.28 -20.88 -27.41
N ARG I 296 3.74 -20.85 -28.65
CA ARG I 296 4.82 -19.93 -29.08
C ARG I 296 4.28 -18.60 -29.60
N ALA I 297 3.52 -17.90 -28.75
CA ALA I 297 2.99 -16.58 -29.06
C ALA I 297 4.13 -15.56 -29.13
N MET I 298 4.03 -14.65 -30.10
CA MET I 298 5.01 -13.57 -30.34
C MET I 298 6.37 -14.07 -30.84
N HIS I 299 6.40 -15.27 -31.41
CA HIS I 299 7.63 -15.85 -31.96
C HIS I 299 8.06 -15.16 -33.26
N ALA I 300 7.09 -14.89 -34.12
CA ALA I 300 7.30 -14.43 -35.49
C ALA I 300 7.99 -13.07 -35.60
N VAL I 301 7.83 -12.22 -34.58
CA VAL I 301 8.53 -10.94 -34.49
C VAL I 301 10.06 -11.13 -34.59
N ILE I 302 10.57 -12.07 -33.80
CA ILE I 302 12.00 -12.36 -33.71
C ILE I 302 12.52 -13.16 -34.91
N ASP I 303 11.81 -14.22 -35.30
CA ASP I 303 12.34 -15.20 -36.28
C ASP I 303 11.90 -15.06 -37.75
N ARG I 304 11.10 -14.03 -38.06
CA ARG I 304 10.57 -13.84 -39.43
C ARG I 304 11.65 -13.53 -40.46
N GLN I 305 12.44 -12.49 -40.20
CA GLN I 305 13.39 -11.96 -41.18
C GLN I 305 14.69 -12.73 -41.24
N LYS I 306 15.17 -12.97 -42.45
CA LYS I 306 16.39 -13.75 -42.70
C LYS I 306 17.69 -12.98 -42.41
N ASN I 307 17.61 -11.66 -42.34
CA ASN I 307 18.78 -10.83 -42.08
C ASN I 307 18.97 -10.50 -40.59
N HIS I 308 17.88 -10.45 -39.84
CA HIS I 308 17.90 -10.02 -38.44
C HIS I 308 17.07 -10.93 -37.51
N GLY I 309 17.51 -11.04 -36.27
CA GLY I 309 16.79 -11.80 -35.24
C GLY I 309 17.41 -13.12 -34.85
N ILE I 310 16.62 -13.98 -34.21
CA ILE I 310 17.02 -15.32 -33.80
C ILE I 310 16.09 -16.33 -34.47
N HIS I 311 16.67 -17.29 -35.19
CA HIS I 311 15.90 -18.38 -35.82
C HIS I 311 15.17 -19.21 -34.78
N PHE I 312 13.99 -19.73 -35.15
CA PHE I 312 13.12 -20.48 -34.23
C PHE I 312 13.75 -21.75 -33.64
N ARG I 313 14.67 -22.38 -34.39
CA ARG I 313 15.39 -23.58 -33.92
C ARG I 313 16.15 -23.38 -32.60
N VAL I 314 16.73 -22.18 -32.44
CA VAL I 314 17.44 -21.80 -31.21
C VAL I 314 16.46 -21.64 -30.06
N LEU I 315 15.30 -21.05 -30.35
CA LEU I 315 14.20 -20.88 -29.38
C LEU I 315 13.53 -22.20 -29.03
N ALA I 316 13.50 -23.13 -29.99
CA ALA I 316 12.99 -24.49 -29.79
C ALA I 316 13.87 -25.29 -28.83
N LYS I 317 15.19 -25.26 -29.08
CA LYS I 317 16.20 -25.91 -28.21
C LYS I 317 16.15 -25.37 -26.77
N ALA I 318 15.98 -24.05 -26.66
CA ALA I 318 15.87 -23.36 -25.37
C ALA I 318 14.64 -23.80 -24.58
N LEU I 319 13.56 -24.10 -25.29
CA LEU I 319 12.32 -24.58 -24.68
C LEU I 319 12.45 -25.99 -24.10
N ARG I 320 13.20 -26.85 -24.80
CA ARG I 320 13.43 -28.22 -24.35
C ARG I 320 14.24 -28.28 -23.05
N LEU I 321 15.22 -27.40 -22.91
CA LEU I 321 16.02 -27.29 -21.69
C LEU I 321 15.24 -26.64 -20.54
N SER I 322 14.41 -25.64 -20.86
CA SER I 322 13.51 -25.00 -19.90
C SER I 322 12.43 -25.97 -19.42
N GLY I 323 11.89 -26.74 -20.36
CA GLY I 323 10.93 -27.80 -20.05
C GLY I 323 9.52 -27.54 -20.55
N GLY I 324 9.07 -28.40 -21.46
CA GLY I 324 7.71 -28.39 -21.97
C GLY I 324 7.39 -29.70 -22.66
N ASP I 325 6.19 -30.22 -22.44
CA ASP I 325 5.77 -31.49 -23.03
C ASP I 325 5.33 -31.39 -24.50
N HIS I 326 4.60 -30.32 -24.83
CA HIS I 326 4.19 -30.05 -26.23
C HIS I 326 4.72 -28.70 -26.71
N ILE I 327 5.02 -28.61 -28.00
CA ILE I 327 5.45 -27.37 -28.65
C ILE I 327 4.77 -27.19 -30.02
N HIS I 328 4.44 -25.95 -30.36
CA HIS I 328 3.88 -25.61 -31.66
C HIS I 328 4.99 -25.45 -32.70
N THR I 329 4.99 -26.37 -33.66
CA THR I 329 5.99 -26.39 -34.73
C THR I 329 5.50 -25.58 -35.94
N GLY I 330 4.19 -25.43 -36.03
CA GLY I 330 3.55 -24.73 -37.15
C GLY I 330 3.31 -25.65 -38.32
N THR I 331 2.18 -25.45 -38.99
CA THR I 331 1.81 -26.23 -40.17
C THR I 331 2.62 -25.76 -41.38
N VAL I 332 3.09 -26.73 -42.17
CA VAL I 332 3.81 -26.45 -43.42
C VAL I 332 2.84 -25.82 -44.43
N VAL I 333 1.64 -26.42 -44.53
CA VAL I 333 0.55 -25.88 -45.34
C VAL I 333 -0.52 -25.25 -44.43
N GLY I 334 -0.75 -23.96 -44.62
CA GLY I 334 -1.71 -23.22 -43.79
C GLY I 334 -1.54 -21.71 -43.83
N LYS I 335 -2.31 -21.03 -42.98
CA LYS I 335 -2.40 -19.56 -42.94
C LYS I 335 -1.17 -18.85 -42.35
N LEU I 336 -0.33 -19.59 -41.62
CA LEU I 336 0.90 -19.05 -41.06
C LEU I 336 2.12 -19.61 -41.79
N GLU I 337 3.22 -18.85 -41.77
CA GLU I 337 4.42 -19.16 -42.54
C GLU I 337 5.13 -20.43 -42.10
N GLY I 338 5.45 -21.27 -43.08
CA GLY I 338 6.15 -22.54 -42.87
C GLY I 338 7.02 -22.91 -44.05
N GLU I 339 8.05 -23.71 -43.77
CA GLU I 339 8.99 -24.18 -44.79
C GLU I 339 9.35 -25.63 -44.52
N ARG I 340 8.99 -26.52 -45.46
CA ARG I 340 9.14 -27.97 -45.29
C ARG I 340 10.54 -28.42 -44.81
N GLY I 341 11.57 -28.01 -45.55
CA GLY I 341 12.96 -28.34 -45.21
C GLY I 341 13.40 -27.82 -43.86
N ILE I 342 13.04 -26.56 -43.57
CA ILE I 342 13.33 -25.90 -42.30
C ILE I 342 12.52 -26.51 -41.15
N THR I 343 11.21 -26.67 -41.36
CA THR I 343 10.30 -27.30 -40.38
C THR I 343 10.86 -28.67 -39.97
N MET I 344 10.96 -29.59 -40.93
CA MET I 344 11.56 -30.92 -40.72
C MET I 344 12.94 -30.89 -40.04
N GLY I 345 13.68 -29.81 -40.28
CA GLY I 345 14.98 -29.58 -39.64
C GLY I 345 14.94 -29.51 -38.14
N PHE I 346 14.25 -28.49 -37.62
CA PHE I 346 14.13 -28.30 -36.17
C PHE I 346 13.11 -29.22 -35.50
N VAL I 347 12.17 -29.75 -36.28
CA VAL I 347 11.14 -30.69 -35.76
C VAL I 347 11.78 -32.02 -35.39
N ASP I 348 12.66 -32.53 -36.26
CA ASP I 348 13.45 -33.73 -35.98
C ASP I 348 14.51 -33.52 -34.89
N LEU I 349 14.72 -32.27 -34.49
CA LEU I 349 15.70 -31.95 -33.45
C LEU I 349 15.15 -32.12 -32.03
N LEU I 350 13.90 -31.70 -31.83
CA LEU I 350 13.23 -31.78 -30.53
C LEU I 350 12.82 -33.20 -30.13
N ARG I 351 12.51 -34.01 -31.14
CA ARG I 351 12.06 -35.39 -30.94
C ARG I 351 13.20 -36.40 -30.85
N GLU I 352 14.22 -36.24 -31.69
CA GLU I 352 15.35 -37.18 -31.74
C GLU I 352 16.38 -36.93 -30.65
N ASN I 353 16.97 -38.03 -30.17
CA ASN I 353 18.01 -38.03 -29.15
C ASN I 353 19.36 -37.55 -29.71
N TYR I 354 19.62 -37.89 -30.97
CA TYR I 354 20.86 -37.53 -31.66
C TYR I 354 20.54 -37.03 -33.07
N VAL I 355 21.05 -35.83 -33.38
CA VAL I 355 20.83 -35.21 -34.69
C VAL I 355 22.17 -34.88 -35.37
N GLU I 356 22.36 -35.48 -36.55
CA GLU I 356 23.54 -35.25 -37.39
C GLU I 356 23.49 -33.87 -38.03
N GLN I 357 24.67 -33.27 -38.22
CA GLN I 357 24.82 -31.96 -38.86
C GLN I 357 24.41 -32.01 -40.34
N ASP I 358 23.57 -31.06 -40.74
CA ASP I 358 23.06 -30.98 -42.11
C ASP I 358 22.86 -29.52 -42.54
N LYS I 359 23.64 -29.12 -43.54
CA LYS I 359 23.67 -27.73 -44.05
C LYS I 359 22.41 -27.33 -44.81
N SER I 360 21.94 -28.22 -45.69
CA SER I 360 20.73 -28.00 -46.52
C SER I 360 19.45 -27.91 -45.68
N ARG I 361 19.43 -28.68 -44.59
CA ARG I 361 18.32 -28.70 -43.63
C ARG I 361 18.32 -27.45 -42.75
N GLY I 362 19.46 -26.76 -42.69
CA GLY I 362 19.61 -25.54 -41.91
C GLY I 362 20.33 -25.72 -40.58
N ILE I 363 20.71 -26.95 -40.28
CA ILE I 363 21.34 -27.29 -38.99
C ILE I 363 22.88 -27.20 -39.09
N TYR I 364 23.43 -26.19 -38.42
CA TYR I 364 24.86 -25.88 -38.48
C TYR I 364 25.73 -26.70 -37.52
N PHE I 365 25.10 -27.42 -36.59
CA PHE I 365 25.81 -28.18 -35.57
C PHE I 365 25.19 -29.55 -35.28
N THR I 366 26.05 -30.50 -34.87
CA THR I 366 25.60 -31.79 -34.34
C THR I 366 25.15 -31.60 -32.89
N GLN I 367 23.88 -31.88 -32.64
CA GLN I 367 23.31 -31.75 -31.30
C GLN I 367 23.11 -33.12 -30.67
N ASP I 368 23.64 -33.26 -29.45
CA ASP I 368 23.59 -34.51 -28.71
C ASP I 368 22.92 -34.28 -27.36
N TRP I 369 21.82 -34.99 -27.13
CA TRP I 369 21.11 -34.94 -25.86
C TRP I 369 21.43 -36.21 -25.06
N ALA I 370 21.70 -36.05 -23.77
CA ALA I 370 22.05 -37.20 -22.92
C ALA I 370 20.84 -37.70 -22.13
N SER I 371 20.17 -38.70 -22.69
CA SER I 371 18.95 -39.31 -22.14
C SER I 371 17.84 -38.31 -21.78
N LEU I 372 17.68 -37.30 -22.63
CA LEU I 372 16.64 -36.30 -22.45
C LEU I 372 15.41 -36.64 -23.29
N PRO I 373 14.21 -36.64 -22.66
CA PRO I 373 12.95 -36.97 -23.35
C PRO I 373 12.60 -35.99 -24.46
N GLY I 374 11.94 -36.50 -25.51
CA GLY I 374 11.52 -35.69 -26.65
C GLY I 374 10.30 -34.85 -26.37
N VAL I 375 10.13 -33.80 -27.17
CA VAL I 375 8.97 -32.91 -27.07
C VAL I 375 8.05 -33.15 -28.27
N MET I 376 6.77 -33.37 -27.99
CA MET I 376 5.75 -33.63 -28.99
C MET I 376 5.50 -32.41 -29.88
N ALA I 377 5.37 -32.66 -31.19
CA ALA I 377 5.13 -31.61 -32.19
C ALA I 377 3.64 -31.30 -32.32
N VAL I 378 3.30 -30.02 -32.29
CA VAL I 378 1.91 -29.57 -32.46
C VAL I 378 1.78 -28.80 -33.77
N ALA I 379 0.91 -29.30 -34.66
CA ALA I 379 0.65 -28.67 -35.95
C ALA I 379 -0.76 -28.07 -35.98
N SER I 380 -0.80 -26.74 -35.92
CA SER I 380 -2.05 -25.98 -35.95
C SER I 380 -1.88 -24.62 -36.60
N GLY I 381 -2.85 -24.23 -37.42
CA GLY I 381 -2.86 -22.92 -38.08
C GLY I 381 -3.54 -22.90 -39.43
N GLY I 382 -4.89 -22.93 -39.40
CA GLY I 382 -5.71 -22.86 -40.60
C GLY I 382 -5.64 -24.11 -41.46
N ILE I 383 -6.05 -25.23 -40.89
CA ILE I 383 -6.01 -26.53 -41.57
C ILE I 383 -7.37 -27.23 -41.50
N HIS I 384 -7.83 -27.73 -42.66
CA HIS I 384 -9.12 -28.42 -42.76
C HIS I 384 -8.96 -29.94 -42.98
N VAL I 385 -10.03 -30.59 -43.45
CA VAL I 385 -10.07 -32.05 -43.63
C VAL I 385 -9.16 -32.58 -44.75
N TRP I 386 -8.97 -31.77 -45.78
CA TRP I 386 -8.15 -32.12 -46.94
C TRP I 386 -6.64 -32.13 -46.65
N HIS I 387 -6.24 -31.36 -45.65
CA HIS I 387 -4.83 -31.24 -45.26
C HIS I 387 -4.33 -32.40 -44.38
N MET I 388 -5.27 -33.20 -43.87
CA MET I 388 -4.98 -34.36 -43.00
C MET I 388 -3.87 -35.32 -43.53
N PRO I 389 -3.97 -35.81 -44.80
CA PRO I 389 -2.93 -36.74 -45.30
C PRO I 389 -1.54 -36.12 -45.45
N ALA I 390 -1.49 -34.85 -45.87
CA ALA I 390 -0.21 -34.13 -46.04
C ALA I 390 0.49 -33.86 -44.71
N LEU I 391 -0.29 -33.59 -43.66
CA LEU I 391 0.23 -33.34 -42.32
C LEU I 391 0.71 -34.62 -41.63
N VAL I 392 -0.06 -35.70 -41.78
CA VAL I 392 0.24 -37.01 -41.14
C VAL I 392 1.57 -37.60 -41.63
N GLU I 393 1.80 -37.56 -42.95
CA GLU I 393 3.02 -38.10 -43.57
C GLU I 393 4.28 -37.32 -43.16
N ILE I 394 4.18 -35.99 -43.16
CA ILE I 394 5.30 -35.10 -42.81
C ILE I 394 5.63 -35.13 -41.31
N PHE I 395 4.62 -34.92 -40.47
CA PHE I 395 4.82 -34.85 -39.02
C PHE I 395 4.97 -36.21 -38.33
N GLY I 396 4.43 -37.26 -38.93
CA GLY I 396 4.55 -38.62 -38.41
C GLY I 396 3.50 -38.98 -37.36
N ASP I 397 3.75 -40.09 -36.65
CA ASP I 397 2.84 -40.59 -35.62
C ASP I 397 2.86 -39.77 -34.33
N ASP I 398 4.05 -39.33 -33.92
CA ASP I 398 4.22 -38.57 -32.67
C ASP I 398 4.02 -37.07 -32.85
N SER I 399 2.75 -36.69 -33.06
CA SER I 399 2.35 -35.29 -33.25
C SER I 399 0.90 -35.05 -32.82
N VAL I 400 0.58 -33.79 -32.56
CA VAL I 400 -0.80 -33.37 -32.28
C VAL I 400 -1.27 -32.42 -33.40
N LEU I 401 -2.43 -32.73 -33.96
CA LEU I 401 -3.06 -31.87 -34.97
C LEU I 401 -4.26 -31.18 -34.35
N GLN I 402 -4.25 -29.84 -34.38
CA GLN I 402 -5.31 -29.04 -33.77
C GLN I 402 -6.08 -28.23 -34.80
N PHE I 403 -7.41 -28.35 -34.74
CA PHE I 403 -8.31 -27.69 -35.69
C PHE I 403 -9.32 -26.82 -34.93
N GLY I 404 -9.08 -25.51 -34.96
CA GLY I 404 -9.97 -24.54 -34.32
C GLY I 404 -11.14 -24.21 -35.21
N GLY I 405 -10.85 -23.55 -36.33
CA GLY I 405 -11.86 -23.16 -37.32
C GLY I 405 -12.52 -24.34 -38.01
N GLY I 406 -11.72 -25.38 -38.30
CA GLY I 406 -12.17 -26.57 -39.00
C GLY I 406 -13.23 -27.40 -38.30
N THR I 407 -13.07 -27.58 -36.98
CA THR I 407 -14.01 -28.36 -36.19
C THR I 407 -15.34 -27.62 -35.96
N LEU I 408 -15.25 -26.37 -35.49
CA LEU I 408 -16.42 -25.56 -35.16
C LEU I 408 -17.13 -24.99 -36.39
N GLY I 409 -16.42 -24.93 -37.52
CA GLY I 409 -16.96 -24.38 -38.77
C GLY I 409 -17.84 -25.31 -39.59
N HIS I 410 -17.98 -26.56 -39.13
CA HIS I 410 -18.86 -27.55 -39.75
C HIS I 410 -20.32 -27.07 -39.73
N PRO I 411 -21.07 -27.28 -40.85
CA PRO I 411 -22.48 -26.82 -40.93
C PRO I 411 -23.41 -27.46 -39.89
N TRP I 412 -23.14 -28.71 -39.52
CA TRP I 412 -24.01 -29.48 -38.63
C TRP I 412 -23.72 -29.24 -37.14
N GLY I 413 -22.49 -28.82 -36.84
CA GLY I 413 -22.09 -28.49 -35.46
C GLY I 413 -20.72 -29.02 -35.06
N ASN I 414 -20.44 -28.95 -33.75
CA ASN I 414 -19.15 -29.34 -33.19
C ASN I 414 -18.94 -30.86 -33.17
N ALA I 415 -19.96 -31.59 -32.73
CA ALA I 415 -19.92 -33.06 -32.68
C ALA I 415 -19.76 -33.75 -34.06
N PRO I 416 -20.51 -33.31 -35.10
CA PRO I 416 -20.25 -33.85 -36.44
C PRO I 416 -18.91 -33.43 -37.04
N GLY I 417 -18.46 -32.22 -36.72
CA GLY I 417 -17.15 -31.71 -37.16
C GLY I 417 -15.99 -32.48 -36.55
N ALA I 418 -16.14 -32.83 -35.28
CA ALA I 418 -15.17 -33.67 -34.55
C ALA I 418 -15.14 -35.11 -35.09
N THR I 419 -16.30 -35.62 -35.49
CA THR I 419 -16.44 -36.95 -36.08
C THR I 419 -15.75 -37.02 -37.45
N ALA I 420 -15.93 -35.98 -38.25
CA ALA I 420 -15.33 -35.87 -39.58
C ALA I 420 -13.80 -35.86 -39.55
N ASN I 421 -13.22 -35.13 -38.59
CA ASN I 421 -11.78 -35.07 -38.38
C ASN I 421 -11.20 -36.40 -37.89
N ARG I 422 -11.96 -37.08 -37.01
CA ARG I 422 -11.56 -38.38 -36.45
C ARG I 422 -11.57 -39.48 -37.51
N VAL I 423 -12.61 -39.51 -38.33
CA VAL I 423 -12.74 -40.47 -39.44
C VAL I 423 -11.60 -40.30 -40.46
N ALA I 424 -11.32 -39.04 -40.82
CA ALA I 424 -10.24 -38.71 -41.77
C ALA I 424 -8.85 -39.14 -41.30
N LEU I 425 -8.56 -38.95 -40.00
CA LEU I 425 -7.28 -39.35 -39.41
C LEU I 425 -7.14 -40.87 -39.33
N GLU I 426 -8.18 -41.55 -38.86
CA GLU I 426 -8.15 -43.01 -38.68
C GLU I 426 -8.11 -43.77 -40.00
N ALA I 427 -8.72 -43.21 -41.05
CA ALA I 427 -8.65 -43.77 -42.41
C ALA I 427 -7.25 -43.63 -43.00
N CYS I 428 -6.59 -42.51 -42.71
CA CYS I 428 -5.22 -42.25 -43.16
C CYS I 428 -4.18 -43.13 -42.47
N VAL I 429 -4.34 -43.35 -41.17
CA VAL I 429 -3.47 -44.22 -40.37
C VAL I 429 -3.58 -45.69 -40.83
N GLN I 430 -4.82 -46.14 -41.06
CA GLN I 430 -5.12 -47.47 -41.57
C GLN I 430 -4.47 -47.72 -42.94
N ALA I 431 -4.64 -46.78 -43.86
CA ALA I 431 -4.12 -46.87 -45.23
C ALA I 431 -2.58 -46.81 -45.27
N ARG I 432 -2.00 -46.03 -44.37
CA ARG I 432 -0.54 -45.94 -44.20
C ARG I 432 0.05 -47.27 -43.73
N ASN I 433 -0.61 -47.90 -42.75
CA ASN I 433 -0.20 -49.19 -42.19
C ASN I 433 -0.17 -50.33 -43.21
N GLU I 434 -1.10 -50.30 -44.17
CA GLU I 434 -1.20 -51.31 -45.22
C GLU I 434 -0.03 -51.28 -46.21
N GLY I 435 0.44 -50.07 -46.52
CA GLY I 435 1.56 -49.88 -47.46
C GLY I 435 1.19 -49.04 -48.66
N ARG I 436 0.38 -47.99 -48.42
CA ARG I 436 -0.06 -47.07 -49.46
C ARG I 436 0.53 -45.70 -49.22
N ASN I 437 1.11 -45.11 -50.27
CA ASN I 437 1.69 -43.76 -50.21
C ASN I 437 0.58 -42.72 -50.05
N LEU I 438 0.73 -41.89 -49.01
CA LEU I 438 -0.24 -40.84 -48.71
C LEU I 438 -0.14 -39.64 -49.64
N ALA I 439 1.04 -39.42 -50.21
CA ALA I 439 1.26 -38.34 -51.18
C ALA I 439 0.60 -38.63 -52.53
N ARG I 440 0.68 -39.89 -52.96
CA ARG I 440 0.10 -40.34 -54.23
C ARG I 440 -1.40 -40.62 -54.14
N GLU I 441 -1.83 -41.20 -53.01
CA GLU I 441 -3.21 -41.66 -52.85
C GLU I 441 -4.00 -40.92 -51.76
N GLY I 442 -3.52 -39.74 -51.38
CA GLY I 442 -4.14 -38.91 -50.34
C GLY I 442 -5.57 -38.50 -50.62
N ASN I 443 -5.83 -38.06 -51.85
CA ASN I 443 -7.18 -37.73 -52.32
C ASN I 443 -8.11 -38.93 -52.30
N ASP I 444 -7.61 -40.08 -52.75
CA ASP I 444 -8.38 -41.32 -52.82
C ASP I 444 -8.86 -41.82 -51.46
N VAL I 445 -7.98 -41.81 -50.47
CA VAL I 445 -8.27 -42.25 -49.10
C VAL I 445 -9.38 -41.41 -48.46
N ILE I 446 -9.26 -40.08 -48.58
CA ILE I 446 -10.26 -39.12 -48.06
C ILE I 446 -11.60 -39.27 -48.79
N ARG I 447 -11.55 -39.42 -50.11
CA ARG I 447 -12.75 -39.57 -50.95
C ARG I 447 -13.49 -40.89 -50.69
N GLU I 448 -12.76 -41.99 -50.55
CA GLU I 448 -13.36 -43.31 -50.33
C GLU I 448 -13.90 -43.50 -48.90
N ALA I 449 -13.38 -42.72 -47.96
CA ALA I 449 -13.86 -42.72 -46.57
C ALA I 449 -15.12 -41.88 -46.40
N ALA I 450 -15.39 -41.01 -47.38
CA ALA I 450 -16.55 -40.12 -47.37
C ALA I 450 -17.80 -40.73 -48.04
N LYS I 451 -17.79 -42.06 -48.20
CA LYS I 451 -18.90 -42.80 -48.79
C LYS I 451 -19.81 -43.42 -47.72
N TRP I 452 -19.21 -43.86 -46.62
CA TRP I 452 -19.94 -44.51 -45.52
C TRP I 452 -20.17 -43.59 -44.31
N SER I 453 -19.65 -42.36 -44.39
CA SER I 453 -19.86 -41.34 -43.36
C SER I 453 -20.37 -40.03 -43.97
N PRO I 454 -21.62 -39.62 -43.61
CA PRO I 454 -22.22 -38.37 -44.11
C PRO I 454 -21.49 -37.10 -43.67
N GLU I 455 -20.96 -37.10 -42.44
CA GLU I 455 -20.29 -35.92 -41.86
C GLU I 455 -19.04 -35.49 -42.64
N LEU I 456 -18.21 -36.47 -43.02
CA LEU I 456 -16.99 -36.23 -43.81
C LEU I 456 -17.32 -35.72 -45.22
N ALA I 457 -18.40 -36.24 -45.80
CA ALA I 457 -18.87 -35.85 -47.14
C ALA I 457 -19.28 -34.37 -47.22
N VAL I 458 -19.95 -33.89 -46.17
CA VAL I 458 -20.39 -32.49 -46.07
C VAL I 458 -19.20 -31.55 -45.85
N ALA I 459 -18.27 -31.95 -44.99
CA ALA I 459 -17.06 -31.18 -44.67
C ALA I 459 -16.12 -31.03 -45.88
N CYS I 460 -16.04 -32.08 -46.70
CA CYS I 460 -15.23 -32.09 -47.92
C CYS I 460 -15.79 -31.14 -48.98
N GLU I 461 -17.11 -31.10 -49.09
CA GLU I 461 -17.82 -30.25 -50.06
C GLU I 461 -17.69 -28.76 -49.73
N LEU I 462 -17.65 -28.44 -48.44
CA LEU I 462 -17.58 -27.05 -47.96
C LEU I 462 -16.22 -26.39 -48.19
N TRP I 463 -15.14 -27.11 -47.91
CA TRP I 463 -13.77 -26.54 -47.92
C TRP I 463 -12.84 -27.06 -49.02
N LYS I 464 -13.41 -27.46 -50.16
CA LYS I 464 -12.62 -27.96 -51.29
C LYS I 464 -11.75 -26.88 -51.94
N GLU I 465 -12.31 -25.69 -52.10
CA GLU I 465 -11.66 -24.59 -52.82
C GLU I 465 -10.53 -23.88 -52.07
N ILE I 466 -10.59 -23.89 -50.74
CA ILE I 466 -9.69 -23.09 -49.90
C ILE I 466 -8.27 -23.66 -49.84
N LYS I 467 -7.30 -22.81 -50.19
CA LYS I 467 -5.88 -23.13 -50.18
C LYS I 467 -5.06 -21.90 -49.81
N PHE I 468 -4.03 -22.09 -48.99
CA PHE I 468 -3.12 -21.03 -48.58
C PHE I 468 -1.77 -21.21 -49.25
N GLU I 469 -1.51 -20.39 -50.27
CA GLU I 469 -0.27 -20.45 -51.05
C GLU I 469 0.36 -19.08 -51.25
N PHE I 470 1.44 -18.82 -50.52
CA PHE I 470 2.21 -17.58 -50.62
C PHE I 470 3.71 -17.82 -50.45
N GLU I 471 4.51 -16.85 -50.90
CA GLU I 471 5.98 -16.89 -50.80
C GLU I 471 6.44 -16.71 -49.35
N ALA I 472 7.51 -17.43 -48.99
CA ALA I 472 8.09 -17.39 -47.65
C ALA I 472 9.27 -16.42 -47.58
N MET I 473 9.30 -15.61 -46.52
CA MET I 473 10.35 -14.60 -46.33
C MET I 473 11.68 -15.21 -45.88
N ASP I 474 11.61 -16.22 -45.02
CA ASP I 474 12.78 -16.97 -44.56
C ASP I 474 13.03 -18.19 -45.45
N THR I 475 14.21 -18.22 -46.05
CA THR I 475 14.68 -19.31 -46.91
C THR I 475 16.12 -19.66 -46.51
N VAL I 476 16.60 -20.82 -46.95
CA VAL I 476 17.97 -21.30 -46.66
C VAL I 476 19.01 -20.52 -47.50
N GLY J 13 -29.92 -15.73 -39.23
CA GLY J 13 -29.55 -16.99 -39.92
C GLY J 13 -28.08 -17.34 -39.81
N TYR J 14 -27.78 -18.64 -39.89
CA TYR J 14 -26.41 -19.15 -39.86
C TYR J 14 -25.97 -19.64 -41.24
N LYS J 15 -24.94 -18.98 -41.77
CA LYS J 15 -24.33 -19.36 -43.04
C LYS J 15 -22.91 -19.84 -42.80
N ALA J 16 -22.64 -21.08 -43.23
CA ALA J 16 -21.32 -21.70 -43.10
C ALA J 16 -20.55 -21.61 -44.41
N GLY J 17 -19.32 -21.12 -44.32
CA GLY J 17 -18.45 -20.94 -45.47
C GLY J 17 -17.32 -19.96 -45.20
N VAL J 18 -16.72 -19.47 -46.28
CA VAL J 18 -15.58 -18.56 -46.17
C VAL J 18 -16.01 -17.11 -46.40
N GLN J 19 -15.75 -16.29 -45.39
CA GLN J 19 -16.10 -14.88 -45.37
C GLN J 19 -14.84 -14.04 -45.54
N ASP J 20 -14.93 -13.03 -46.39
CA ASP J 20 -13.86 -12.07 -46.62
C ASP J 20 -13.58 -11.27 -45.34
N TYR J 21 -12.30 -11.04 -45.06
CA TYR J 21 -11.88 -10.28 -43.86
C TYR J 21 -12.25 -8.79 -43.93
N ARG J 22 -12.45 -8.27 -45.14
CA ARG J 22 -12.82 -6.87 -45.36
C ARG J 22 -14.31 -6.58 -45.10
N LEU J 23 -15.12 -7.64 -44.98
CA LEU J 23 -16.57 -7.50 -44.87
C LEU J 23 -17.06 -6.78 -43.61
N THR J 24 -16.71 -7.31 -42.44
CA THR J 24 -17.15 -6.74 -41.15
C THR J 24 -16.00 -6.51 -40.16
N TYR J 25 -14.89 -5.96 -40.66
CA TYR J 25 -13.73 -5.62 -39.82
C TYR J 25 -13.08 -4.29 -40.19
N TYR J 26 -13.28 -3.86 -41.44
CA TYR J 26 -12.81 -2.56 -41.90
C TYR J 26 -13.99 -1.58 -42.01
N THR J 27 -14.13 -0.74 -40.98
CA THR J 27 -15.14 0.31 -40.94
C THR J 27 -14.48 1.67 -40.77
N PRO J 28 -14.42 2.48 -41.86
CA PRO J 28 -13.82 3.82 -41.82
C PRO J 28 -14.61 4.85 -41.00
N ASP J 29 -15.92 4.62 -40.85
CA ASP J 29 -16.82 5.56 -40.18
C ASP J 29 -16.67 5.62 -38.65
N TYR J 30 -16.22 4.52 -38.05
CA TYR J 30 -16.05 4.39 -36.60
C TYR J 30 -15.07 5.42 -36.04
N THR J 31 -15.46 6.04 -34.93
CA THR J 31 -14.65 7.02 -34.20
C THR J 31 -14.25 6.40 -32.84
N PRO J 32 -12.94 6.38 -32.52
CA PRO J 32 -12.45 5.78 -31.27
C PRO J 32 -12.97 6.47 -30.03
N LYS J 33 -13.42 5.67 -29.06
CA LYS J 33 -13.85 6.14 -27.75
C LYS J 33 -12.63 6.52 -26.90
N ASP J 34 -12.86 7.22 -25.80
CA ASP J 34 -11.80 7.58 -24.86
C ASP J 34 -11.24 6.36 -24.13
N THR J 35 -12.13 5.43 -23.79
CA THR J 35 -11.77 4.17 -23.13
C THR J 35 -11.54 3.08 -24.19
N ASP J 36 -10.45 3.23 -24.93
CA ASP J 36 -10.14 2.39 -26.09
C ASP J 36 -8.63 2.31 -26.29
N ILE J 37 -8.16 1.13 -26.69
CA ILE J 37 -6.74 0.90 -26.97
C ILE J 37 -6.49 1.02 -28.47
N LEU J 38 -5.59 1.94 -28.83
CA LEU J 38 -5.28 2.24 -30.23
C LEU J 38 -3.84 1.88 -30.57
N ALA J 39 -3.68 1.18 -31.70
CA ALA J 39 -2.38 0.71 -32.16
C ALA J 39 -2.09 1.15 -33.60
N ALA J 40 -0.84 1.54 -33.85
CA ALA J 40 -0.39 1.94 -35.18
C ALA J 40 0.54 0.88 -35.77
N PHE J 41 0.09 0.27 -36.87
CA PHE J 41 0.85 -0.77 -37.57
C PHE J 41 1.36 -0.30 -38.92
N ARG J 42 2.66 -0.46 -39.15
CA ARG J 42 3.28 -0.26 -40.46
C ARG J 42 3.21 -1.58 -41.22
N VAL J 43 2.28 -1.65 -42.17
CA VAL J 43 1.95 -2.91 -42.87
C VAL J 43 2.50 -2.91 -44.29
N THR J 44 3.17 -4.01 -44.65
CA THR J 44 3.59 -4.27 -46.03
C THR J 44 2.96 -5.60 -46.50
N PRO J 45 1.94 -5.52 -47.39
CA PRO J 45 1.31 -6.75 -47.88
C PRO J 45 2.07 -7.42 -49.02
N GLN J 46 1.80 -8.70 -49.24
CA GLN J 46 2.27 -9.44 -50.42
C GLN J 46 1.63 -8.87 -51.69
N PRO J 47 2.30 -9.01 -52.86
CA PRO J 47 1.73 -8.48 -54.13
C PRO J 47 0.37 -9.08 -54.48
N GLY J 48 -0.55 -8.22 -54.90
CA GLY J 48 -1.92 -8.62 -55.26
C GLY J 48 -2.89 -8.69 -54.09
N VAL J 49 -2.50 -8.11 -52.96
CA VAL J 49 -3.35 -8.04 -51.77
C VAL J 49 -3.73 -6.58 -51.50
N PRO J 50 -5.05 -6.30 -51.36
CA PRO J 50 -5.54 -4.95 -51.03
C PRO J 50 -5.07 -4.48 -49.66
N PHE J 51 -4.92 -3.16 -49.52
CA PHE J 51 -4.49 -2.51 -48.28
C PHE J 51 -5.50 -2.77 -47.15
N GLU J 52 -6.77 -2.78 -47.52
CA GLU J 52 -7.88 -2.98 -46.60
C GLU J 52 -7.90 -4.40 -46.03
N GLU J 53 -7.60 -5.37 -46.88
CA GLU J 53 -7.55 -6.79 -46.49
C GLU J 53 -6.44 -7.10 -45.48
N ALA J 54 -5.24 -6.54 -45.72
CA ALA J 54 -4.11 -6.67 -44.81
C ALA J 54 -4.39 -6.01 -43.44
N ALA J 55 -4.98 -4.81 -43.49
CA ALA J 55 -5.36 -4.06 -42.29
C ALA J 55 -6.49 -4.74 -41.52
N ALA J 56 -7.48 -5.26 -42.24
CA ALA J 56 -8.60 -5.99 -41.65
C ALA J 56 -8.17 -7.31 -41.03
N ALA J 57 -7.21 -7.99 -41.67
CA ALA J 57 -6.64 -9.25 -41.16
C ALA J 57 -5.89 -9.06 -39.84
N VAL J 58 -5.07 -8.00 -39.75
CA VAL J 58 -4.34 -7.66 -38.52
C VAL J 58 -5.33 -7.32 -37.39
N ALA J 59 -6.35 -6.51 -37.72
CA ALA J 59 -7.42 -6.14 -36.79
C ALA J 59 -8.24 -7.34 -36.33
N ALA J 60 -8.65 -8.18 -37.28
CA ALA J 60 -9.45 -9.37 -37.00
C ALA J 60 -8.67 -10.43 -36.23
N GLU J 61 -7.53 -10.84 -36.77
CA GLU J 61 -6.73 -11.93 -36.21
C GLU J 61 -6.21 -11.68 -34.78
N SER J 62 -5.90 -10.43 -34.47
CA SER J 62 -5.46 -10.04 -33.12
C SER J 62 -6.56 -10.21 -32.07
N SER J 63 -7.80 -9.90 -32.44
CA SER J 63 -8.94 -10.00 -31.53
C SER J 63 -10.20 -10.54 -32.22
N THR J 64 -10.59 -11.77 -31.83
CA THR J 64 -11.81 -12.46 -32.28
C THR J 64 -11.86 -12.78 -33.79
N GLY J 65 -10.72 -13.19 -34.34
CA GLY J 65 -10.58 -13.47 -35.76
C GLY J 65 -10.33 -14.93 -36.07
N THR J 66 -11.12 -15.46 -37.01
CA THR J 66 -11.03 -16.85 -37.45
C THR J 66 -11.10 -16.96 -38.97
N TRP J 67 -10.41 -17.96 -39.53
CA TRP J 67 -10.28 -18.13 -40.98
C TRP J 67 -11.57 -18.53 -41.70
N THR J 68 -12.46 -19.20 -40.96
CA THR J 68 -13.79 -19.59 -41.46
C THR J 68 -14.88 -19.24 -40.43
N THR J 69 -16.12 -19.07 -40.92
CA THR J 69 -17.27 -18.69 -40.08
C THR J 69 -17.65 -19.79 -39.09
N VAL J 70 -17.79 -19.41 -37.82
CA VAL J 70 -18.22 -20.31 -36.75
C VAL J 70 -19.64 -19.99 -36.28
N TRP J 71 -20.40 -21.02 -35.93
CA TRP J 71 -21.79 -20.88 -35.48
C TRP J 71 -21.89 -20.26 -34.07
N THR J 72 -20.84 -20.47 -33.28
CA THR J 72 -20.75 -20.03 -31.88
C THR J 72 -20.70 -18.49 -31.77
N ASP J 73 -20.30 -17.83 -32.85
CA ASP J 73 -20.27 -16.36 -32.98
C ASP J 73 -21.62 -15.68 -32.75
N LEU J 74 -22.71 -16.37 -33.07
CA LEU J 74 -24.06 -15.80 -33.03
C LEU J 74 -24.63 -15.68 -31.61
N LEU J 75 -24.21 -16.56 -30.71
CA LEU J 75 -24.63 -16.53 -29.31
C LEU J 75 -23.99 -15.38 -28.54
N THR J 76 -22.73 -15.09 -28.84
CA THR J 76 -22.04 -13.92 -28.30
C THR J 76 -22.33 -12.68 -29.16
N ASP J 77 -22.09 -11.50 -28.61
CA ASP J 77 -22.24 -10.25 -29.34
C ASP J 77 -20.90 -9.86 -29.97
N LEU J 78 -20.73 -10.25 -31.25
CA LEU J 78 -19.47 -10.06 -31.98
C LEU J 78 -19.13 -8.57 -32.18
N ASP J 79 -20.14 -7.77 -32.49
CA ASP J 79 -19.98 -6.32 -32.75
C ASP J 79 -19.34 -5.53 -31.62
N ARG J 80 -19.68 -5.89 -30.38
CA ARG J 80 -19.15 -5.23 -29.18
C ARG J 80 -17.67 -5.53 -28.91
N TYR J 81 -17.27 -6.78 -29.12
CA TYR J 81 -15.92 -7.25 -28.76
C TYR J 81 -14.89 -7.25 -29.90
N LYS J 82 -15.31 -6.90 -31.12
CA LYS J 82 -14.40 -6.92 -32.26
C LYS J 82 -13.55 -5.67 -32.42
N GLY J 83 -12.27 -5.89 -32.73
CA GLY J 83 -11.35 -4.82 -33.09
C GLY J 83 -11.52 -4.42 -34.54
N ARG J 84 -11.49 -3.13 -34.81
CA ARG J 84 -11.71 -2.60 -36.16
C ARG J 84 -10.68 -1.56 -36.59
N CYS J 85 -10.42 -1.52 -37.90
CA CYS J 85 -9.51 -0.55 -38.49
C CYS J 85 -10.31 0.65 -39.03
N TYR J 86 -10.12 1.81 -38.38
CA TYR J 86 -10.90 3.00 -38.68
C TYR J 86 -10.28 3.95 -39.71
N ASP J 87 -8.95 3.93 -39.84
CA ASP J 87 -8.25 4.77 -40.82
C ASP J 87 -7.01 4.11 -41.40
N ILE J 88 -6.81 4.33 -42.69
CA ILE J 88 -5.61 3.86 -43.43
C ILE J 88 -4.85 5.06 -43.98
N GLU J 89 -3.57 5.15 -43.62
CA GLU J 89 -2.68 6.22 -44.09
C GLU J 89 -1.48 5.64 -44.85
N PRO J 90 -1.29 6.04 -46.14
CA PRO J 90 -0.15 5.53 -46.90
C PRO J 90 1.15 6.29 -46.63
N VAL J 91 2.25 5.54 -46.54
CA VAL J 91 3.60 6.08 -46.30
C VAL J 91 4.11 6.77 -47.57
N PRO J 92 4.58 8.03 -47.47
CA PRO J 92 5.10 8.77 -48.64
C PRO J 92 6.36 8.17 -49.25
N GLY J 93 6.37 8.06 -50.58
CA GLY J 93 7.51 7.53 -51.34
C GLY J 93 7.74 6.03 -51.19
N GLU J 94 6.73 5.32 -50.70
CA GLU J 94 6.81 3.88 -50.45
C GLU J 94 5.62 3.15 -51.06
N ASP J 95 5.93 2.25 -52.00
CA ASP J 95 4.93 1.41 -52.65
C ASP J 95 4.54 0.25 -51.75
N ASN J 96 3.23 0.01 -51.64
CA ASN J 96 2.63 -1.00 -50.75
C ASN J 96 3.04 -0.86 -49.28
N GLN J 97 3.12 0.38 -48.81
CA GLN J 97 3.43 0.68 -47.42
C GLN J 97 2.39 1.66 -46.88
N PHE J 98 1.70 1.24 -45.83
CA PHE J 98 0.64 2.02 -45.21
C PHE J 98 0.59 1.84 -43.70
N ILE J 99 0.15 2.87 -43.00
CA ILE J 99 -0.07 2.86 -41.56
C ILE J 99 -1.54 2.54 -41.29
N ALA J 100 -1.78 1.50 -40.50
CA ALA J 100 -3.12 1.08 -40.11
C ALA J 100 -3.37 1.39 -38.63
N TYR J 101 -4.56 1.94 -38.36
CA TYR J 101 -4.98 2.31 -37.01
C TYR J 101 -6.11 1.39 -36.55
N ILE J 102 -5.89 0.67 -35.46
CA ILE J 102 -6.86 -0.32 -34.96
C ILE J 102 -7.30 0.00 -33.53
N ALA J 103 -8.61 -0.12 -33.28
CA ALA J 103 -9.22 0.12 -31.97
C ALA J 103 -9.63 -1.18 -31.28
N TYR J 104 -9.28 -1.30 -30.00
CA TYR J 104 -9.65 -2.46 -29.18
C TYR J 104 -10.46 -2.04 -27.94
N PRO J 105 -11.65 -2.67 -27.73
CA PRO J 105 -12.46 -2.43 -26.53
C PRO J 105 -11.70 -2.71 -25.23
N LEU J 106 -11.90 -1.83 -24.25
CA LEU J 106 -11.18 -1.87 -22.96
C LEU J 106 -11.42 -3.16 -22.16
N ASP J 107 -12.65 -3.67 -22.25
CA ASP J 107 -13.10 -4.80 -21.43
C ASP J 107 -12.35 -6.12 -21.62
N LEU J 108 -11.95 -6.43 -22.86
CA LEU J 108 -11.33 -7.73 -23.17
C LEU J 108 -9.98 -8.01 -22.48
N PHE J 109 -9.20 -6.97 -22.24
CA PHE J 109 -7.88 -7.08 -21.61
C PHE J 109 -7.97 -7.28 -20.10
N GLU J 110 -7.05 -8.06 -19.55
CA GLU J 110 -6.94 -8.26 -18.10
C GLU J 110 -6.32 -7.03 -17.43
N GLU J 111 -6.83 -6.72 -16.24
CA GLU J 111 -6.42 -5.54 -15.47
C GLU J 111 -5.06 -5.75 -14.80
N GLY J 112 -4.15 -4.82 -15.05
CA GLY J 112 -2.82 -4.83 -14.44
C GLY J 112 -1.85 -5.85 -15.00
N SER J 113 -2.14 -6.36 -16.20
CA SER J 113 -1.30 -7.36 -16.85
C SER J 113 -0.75 -6.90 -18.20
N ILE J 114 0.57 -6.74 -18.25
CA ILE J 114 1.28 -6.41 -19.50
C ILE J 114 1.28 -7.63 -20.42
N THR J 115 1.39 -8.82 -19.83
CA THR J 115 1.40 -10.07 -20.58
C THR J 115 0.18 -10.19 -21.49
N ASN J 116 -1.03 -9.99 -20.95
CA ASN J 116 -2.27 -10.09 -21.73
C ASN J 116 -2.33 -9.10 -22.89
N VAL J 117 -2.00 -7.83 -22.64
CA VAL J 117 -2.00 -6.79 -23.70
C VAL J 117 -0.94 -7.07 -24.79
N LEU J 118 0.20 -7.61 -24.37
CA LEU J 118 1.27 -8.02 -25.29
C LEU J 118 0.90 -9.29 -26.07
N THR J 119 0.36 -10.30 -25.37
CA THR J 119 -0.02 -11.58 -25.97
C THR J 119 -1.24 -11.47 -26.90
N SER J 120 -2.12 -10.50 -26.64
CA SER J 120 -3.34 -10.33 -27.44
C SER J 120 -3.10 -9.60 -28.76
N ILE J 121 -2.48 -8.42 -28.69
CA ILE J 121 -2.24 -7.58 -29.87
C ILE J 121 -1.19 -8.19 -30.80
N VAL J 122 0.02 -8.44 -30.28
CA VAL J 122 1.14 -8.95 -31.09
C VAL J 122 1.33 -10.48 -30.93
N GLY J 123 0.21 -11.19 -30.74
CA GLY J 123 0.19 -12.63 -30.49
C GLY J 123 0.70 -13.48 -31.64
N ASN J 124 -0.02 -13.46 -32.75
CA ASN J 124 0.37 -14.21 -33.95
C ASN J 124 0.01 -13.51 -35.27
N VAL J 125 -0.18 -12.18 -35.22
CA VAL J 125 -0.46 -11.38 -36.42
C VAL J 125 0.74 -11.26 -37.36
N PHE J 126 1.94 -11.26 -36.76
CA PHE J 126 3.21 -11.38 -37.50
C PHE J 126 3.34 -12.82 -37.99
N GLY J 127 4.13 -13.02 -39.05
CA GLY J 127 4.32 -14.35 -39.62
C GLY J 127 3.11 -14.87 -40.36
N PHE J 128 2.32 -13.94 -40.89
CA PHE J 128 1.16 -14.25 -41.71
C PHE J 128 1.60 -14.44 -43.15
N LYS J 129 0.98 -15.39 -43.85
CA LYS J 129 1.30 -15.68 -45.25
C LYS J 129 1.06 -14.48 -46.18
N ALA J 130 0.05 -13.68 -45.83
CA ALA J 130 -0.41 -12.56 -46.66
C ALA J 130 0.43 -11.27 -46.56
N LEU J 131 1.32 -11.18 -45.56
CA LEU J 131 2.16 -9.99 -45.41
C LEU J 131 3.63 -10.30 -45.09
N ARG J 132 4.53 -9.59 -45.77
CA ARG J 132 5.97 -9.83 -45.66
C ARG J 132 6.60 -9.26 -44.36
N ALA J 133 6.22 -8.04 -44.01
CA ALA J 133 6.78 -7.33 -42.85
C ALA J 133 5.71 -6.56 -42.10
N LEU J 134 5.74 -6.65 -40.78
CA LEU J 134 4.84 -5.92 -39.91
C LEU J 134 5.62 -5.26 -38.78
N ARG J 135 5.28 -4.01 -38.47
CA ARG J 135 5.90 -3.27 -37.38
C ARG J 135 4.87 -2.46 -36.60
N LEU J 136 4.97 -2.53 -35.28
CA LEU J 136 4.13 -1.72 -34.40
C LEU J 136 4.89 -0.46 -33.99
N GLU J 137 4.38 0.69 -34.44
CA GLU J 137 5.05 1.97 -34.21
C GLU J 137 4.70 2.60 -32.87
N ASP J 138 3.40 2.63 -32.54
CA ASP J 138 2.93 3.22 -31.28
C ASP J 138 1.67 2.54 -30.74
N ILE J 139 1.48 2.66 -29.43
CA ILE J 139 0.32 2.14 -28.72
C ILE J 139 -0.27 3.24 -27.81
N ARG J 140 -1.59 3.26 -27.67
CA ARG J 140 -2.27 4.21 -26.80
C ARG J 140 -2.97 3.51 -25.64
N PHE J 141 -2.66 3.96 -24.43
CA PHE J 141 -3.32 3.47 -23.22
C PHE J 141 -4.31 4.50 -22.68
N PRO J 142 -5.58 4.09 -22.47
CA PRO J 142 -6.57 4.96 -21.84
C PRO J 142 -6.33 5.09 -20.33
N VAL J 143 -6.80 6.20 -19.77
CA VAL J 143 -6.67 6.52 -18.33
C VAL J 143 -7.17 5.37 -17.44
N ALA J 144 -8.34 4.83 -17.78
CA ALA J 144 -8.98 3.73 -17.05
C ALA J 144 -8.12 2.46 -16.94
N TYR J 145 -7.41 2.13 -18.02
CA TYR J 145 -6.52 0.97 -18.04
C TYR J 145 -5.22 1.21 -17.27
N ILE J 146 -4.69 2.43 -17.38
CA ILE J 146 -3.45 2.85 -16.69
C ILE J 146 -3.57 2.72 -15.17
N LYS J 147 -4.75 3.06 -14.65
CA LYS J 147 -5.03 3.06 -13.20
C LYS J 147 -4.84 1.72 -12.49
N THR J 148 -5.10 0.63 -13.20
CA THR J 148 -5.01 -0.74 -12.65
C THR J 148 -3.58 -1.15 -12.29
N PHE J 149 -2.61 -0.67 -13.07
CA PHE J 149 -1.19 -0.94 -12.86
C PHE J 149 -0.65 -0.14 -11.69
N GLN J 150 0.27 -0.75 -10.95
CA GLN J 150 0.97 -0.10 -9.84
C GLN J 150 1.90 1.02 -10.33
N GLY J 151 2.55 0.78 -11.46
CA GLY J 151 3.54 1.70 -12.02
C GLY J 151 4.89 1.57 -11.32
N PRO J 152 5.77 2.59 -11.44
CA PRO J 152 7.08 2.58 -10.77
C PRO J 152 6.94 2.52 -9.24
N PRO J 153 7.81 1.74 -8.57
CA PRO J 153 7.75 1.61 -7.10
C PRO J 153 7.96 2.92 -6.35
N HIS J 154 8.82 3.80 -6.88
CA HIS J 154 9.13 5.08 -6.24
C HIS J 154 9.00 6.28 -7.18
N GLY J 155 9.66 6.20 -8.33
CA GLY J 155 9.68 7.31 -9.30
C GLY J 155 10.79 8.32 -9.02
N ILE J 156 10.94 9.29 -9.91
CA ILE J 156 12.03 10.28 -9.86
C ILE J 156 12.05 11.12 -8.58
N GLN J 157 10.91 11.70 -8.23
CA GLN J 157 10.78 12.64 -7.11
C GLN J 157 11.03 12.00 -5.75
N VAL J 158 10.44 10.82 -5.52
CA VAL J 158 10.61 10.06 -4.27
C VAL J 158 12.04 9.54 -4.14
N GLU J 159 12.62 9.11 -5.26
CA GLU J 159 13.99 8.60 -5.32
C GLU J 159 15.02 9.64 -4.86
N ARG J 160 14.92 10.85 -5.40
CA ARG J 160 15.82 11.96 -5.05
C ARG J 160 15.76 12.34 -3.58
N ASP J 161 14.57 12.21 -2.98
CA ASP J 161 14.36 12.49 -1.55
C ASP J 161 15.02 11.44 -0.66
N LYS J 162 14.89 10.16 -1.04
CA LYS J 162 15.54 9.04 -0.34
C LYS J 162 17.06 9.05 -0.53
N LEU J 163 17.51 9.43 -1.72
CA LEU J 163 18.94 9.52 -2.05
C LEU J 163 19.62 10.79 -1.54
N ASN J 164 18.83 11.83 -1.29
CA ASN J 164 19.30 13.14 -0.76
C ASN J 164 20.21 13.91 -1.76
N LYS J 165 19.95 13.74 -3.05
CA LYS J 165 20.76 14.33 -4.12
C LYS J 165 19.92 15.17 -5.09
N TYR J 166 20.27 16.45 -5.22
CA TYR J 166 19.52 17.41 -6.05
C TYR J 166 20.45 18.31 -6.88
N GLY J 167 19.96 18.73 -8.05
CA GLY J 167 20.62 19.77 -8.85
C GLY J 167 21.51 19.34 -9.99
N ARG J 168 21.79 18.05 -10.07
CA ARG J 168 22.71 17.50 -11.07
C ARG J 168 22.33 16.07 -11.50
N PRO J 169 22.77 15.63 -12.69
CA PRO J 169 22.64 14.22 -13.06
C PRO J 169 23.50 13.31 -12.17
N LEU J 170 23.11 12.04 -12.07
CA LEU J 170 23.81 11.06 -11.25
C LEU J 170 24.90 10.34 -12.06
N LEU J 171 25.96 9.94 -11.37
CA LEU J 171 27.10 9.27 -12.01
C LEU J 171 27.21 7.80 -11.63
N GLY J 172 27.40 6.96 -12.65
CA GLY J 172 27.53 5.52 -12.48
C GLY J 172 28.76 4.93 -13.14
N CYS J 173 29.05 3.69 -12.78
CA CYS J 173 30.19 2.93 -13.33
C CYS J 173 29.85 1.45 -13.43
N THR J 174 30.44 0.80 -14.42
CA THR J 174 30.27 -0.64 -14.63
C THR J 174 31.64 -1.33 -14.54
N ILE J 175 31.71 -2.39 -13.75
CA ILE J 175 32.95 -3.13 -13.49
C ILE J 175 33.36 -3.97 -14.71
N LYS J 176 34.64 -3.87 -15.09
CA LYS J 176 35.20 -4.61 -16.23
C LYS J 176 36.45 -5.39 -15.79
N PRO J 177 36.70 -6.59 -16.34
CA PRO J 177 35.86 -7.23 -17.37
C PRO J 177 34.54 -7.75 -16.83
N LYS J 178 33.61 -8.05 -17.74
CA LYS J 178 32.31 -8.61 -17.39
C LYS J 178 32.46 -9.91 -16.61
N LEU J 179 33.18 -10.88 -17.19
CA LEU J 179 33.36 -12.18 -16.56
C LEU J 179 34.84 -12.47 -16.33
N GLY J 180 35.16 -13.03 -15.17
CA GLY J 180 36.53 -13.41 -14.83
C GLY J 180 36.97 -13.08 -13.42
N LEU J 181 36.59 -11.89 -12.94
CA LEU J 181 37.02 -11.39 -11.63
C LEU J 181 36.47 -12.16 -10.44
N SER J 182 37.32 -12.31 -9.42
CA SER J 182 36.95 -12.91 -8.13
C SER J 182 36.00 -12.00 -7.35
N ALA J 183 35.32 -12.57 -6.36
CA ALA J 183 34.43 -11.82 -5.48
C ALA J 183 35.18 -10.75 -4.65
N LYS J 184 36.38 -11.10 -4.21
CA LYS J 184 37.26 -10.19 -3.46
C LYS J 184 37.77 -9.03 -4.32
N ASN J 185 38.16 -9.34 -5.56
CA ASN J 185 38.64 -8.35 -6.52
C ASN J 185 37.52 -7.41 -7.01
N TYR J 186 36.33 -7.99 -7.16
CA TYR J 186 35.13 -7.25 -7.54
C TYR J 186 34.83 -6.15 -6.53
N GLY J 187 34.83 -6.52 -5.25
CA GLY J 187 34.59 -5.58 -4.15
C GLY J 187 35.63 -4.50 -4.01
N ARG J 188 36.89 -4.82 -4.33
CA ARG J 188 37.99 -3.86 -4.32
C ARG J 188 37.81 -2.80 -5.42
N ALA J 189 37.44 -3.25 -6.61
CA ALA J 189 37.18 -2.37 -7.76
C ALA J 189 35.94 -1.49 -7.54
N VAL J 190 34.91 -2.07 -6.90
CA VAL J 190 33.69 -1.34 -6.52
C VAL J 190 34.01 -0.24 -5.51
N TYR J 191 34.88 -0.56 -4.54
CA TYR J 191 35.31 0.40 -3.51
C TYR J 191 36.04 1.61 -4.08
N GLU J 192 37.01 1.36 -4.96
CA GLU J 192 37.87 2.41 -5.54
C GLU J 192 37.11 3.42 -6.40
N CYS J 193 36.12 2.94 -7.16
CA CYS J 193 35.25 3.79 -7.99
C CYS J 193 34.37 4.70 -7.15
N LEU J 194 33.80 4.15 -6.08
CA LEU J 194 32.93 4.91 -5.16
C LEU J 194 33.71 5.92 -4.33
N ARG J 195 34.96 5.60 -4.02
CA ARG J 195 35.87 6.46 -3.27
C ARG J 195 36.23 7.74 -4.04
N GLY J 196 36.43 7.59 -5.36
CA GLY J 196 36.81 8.70 -6.24
C GLY J 196 35.73 9.74 -6.48
N GLY J 197 34.49 9.40 -6.16
CA GLY J 197 33.38 10.35 -6.20
C GLY J 197 32.16 9.99 -7.01
N LEU J 198 32.09 8.74 -7.50
CA LEU J 198 30.92 8.26 -8.24
C LEU J 198 29.78 7.89 -7.30
N ASP J 199 28.56 8.22 -7.73
CA ASP J 199 27.35 7.98 -6.93
C ASP J 199 26.92 6.51 -6.88
N PHE J 200 26.98 5.84 -8.03
CA PHE J 200 26.54 4.46 -8.15
C PHE J 200 27.57 3.58 -8.87
N THR J 201 27.51 2.28 -8.57
CA THR J 201 28.27 1.26 -9.28
C THR J 201 27.32 0.13 -9.70
N ASP J 203 26.58 -3.86 -11.63
CA ASP J 203 26.94 -5.18 -12.13
C ASP J 203 26.62 -5.27 -13.62
N ASP J 204 27.43 -6.03 -14.35
CA ASP J 204 27.15 -6.32 -15.76
C ASP J 204 25.91 -7.20 -15.87
N GLU J 205 25.12 -6.98 -16.92
CA GLU J 205 23.86 -7.67 -17.17
C GLU J 205 23.98 -9.20 -17.24
N ASN J 206 25.13 -9.68 -17.74
CA ASN J 206 25.39 -11.11 -17.90
C ASN J 206 25.82 -11.83 -16.62
N ILE J 207 26.37 -11.07 -15.66
CA ILE J 207 26.78 -11.63 -14.35
C ILE J 207 25.55 -11.99 -13.52
N ASN J 208 25.49 -13.25 -13.12
CA ASN J 208 24.47 -13.72 -12.17
C ASN J 208 25.16 -14.51 -11.06
N SER J 209 25.29 -15.84 -11.25
CA SER J 209 25.97 -16.70 -10.29
C SER J 209 26.82 -17.75 -11.02
N ALA J 210 27.95 -17.29 -11.53
CA ALA J 210 28.91 -18.13 -12.24
C ALA J 210 29.72 -19.02 -11.28
N PRO J 211 30.24 -20.18 -11.76
CA PRO J 211 31.15 -21.04 -10.99
C PRO J 211 32.38 -20.37 -10.35
N PHE J 212 32.98 -19.40 -11.04
CA PHE J 212 34.16 -18.69 -10.49
C PHE J 212 33.81 -17.70 -9.37
N GLN J 213 32.67 -17.02 -9.49
CA GLN J 213 32.16 -16.14 -8.42
C GLN J 213 30.67 -16.35 -8.14
N ARG J 214 30.38 -16.79 -6.92
CA ARG J 214 29.00 -17.04 -6.48
C ARG J 214 28.33 -15.75 -6.04
N TRP J 215 27.01 -15.69 -6.20
CA TRP J 215 26.23 -14.48 -5.93
C TRP J 215 26.28 -14.02 -4.47
N ARG J 216 26.23 -14.97 -3.54
CA ARG J 216 26.28 -14.66 -2.11
C ARG J 216 27.61 -14.04 -1.67
N ASP J 217 28.71 -14.52 -2.28
CA ASP J 217 30.04 -13.96 -2.05
C ASP J 217 30.17 -12.53 -2.56
N ARG J 218 29.65 -12.27 -3.76
CA ARG J 218 29.64 -10.93 -4.35
C ARG J 218 28.88 -9.92 -3.49
N PHE J 219 27.70 -10.31 -3.03
CA PHE J 219 26.81 -9.48 -2.20
C PHE J 219 27.45 -9.03 -0.89
N LEU J 220 28.21 -9.94 -0.26
CA LEU J 220 28.87 -9.69 1.02
C LEU J 220 30.09 -8.76 0.91
N PHE J 221 30.93 -8.99 -0.10
CA PHE J 221 32.12 -8.17 -0.33
C PHE J 221 31.81 -6.76 -0.84
N VAL J 222 30.76 -6.65 -1.66
CA VAL J 222 30.28 -5.36 -2.18
C VAL J 222 29.70 -4.50 -1.04
N ALA J 223 28.95 -5.13 -0.14
CA ALA J 223 28.37 -4.45 1.04
C ALA J 223 29.42 -3.79 1.94
N ASP J 224 30.57 -4.46 2.11
CA ASP J 224 31.72 -3.92 2.85
C ASP J 224 32.36 -2.73 2.13
N ALA J 225 32.42 -2.81 0.80
CA ALA J 225 32.98 -1.75 -0.04
C ALA J 225 32.15 -0.46 0.00
N ILE J 226 30.81 -0.61 -0.01
CA ILE J 226 29.88 0.51 0.09
C ILE J 226 30.00 1.20 1.45
N THR J 227 30.04 0.39 2.52
CA THR J 227 30.17 0.88 3.90
C THR J 227 31.41 1.75 4.13
N LYS J 228 32.55 1.31 3.59
CA LYS J 228 33.83 2.02 3.72
C LYS J 228 33.87 3.31 2.89
N ALA J 229 33.37 3.25 1.65
CA ALA J 229 33.37 4.38 0.73
C ALA J 229 32.39 5.49 1.13
N GLN J 230 31.23 5.10 1.66
CA GLN J 230 30.23 6.03 2.18
C GLN J 230 30.77 6.83 3.37
N ALA J 231 31.44 6.13 4.29
CA ALA J 231 32.01 6.73 5.49
C ALA J 231 33.19 7.67 5.21
N GLU J 232 33.96 7.36 4.17
CA GLU J 232 35.13 8.15 3.78
C GLU J 232 34.77 9.48 3.13
N THR J 233 33.87 9.44 2.15
CA THR J 233 33.44 10.62 1.40
C THR J 233 32.36 11.44 2.12
N GLY J 234 31.65 10.79 3.04
CA GLY J 234 30.56 11.42 3.79
C GLY J 234 29.30 11.64 2.95
N GLU J 235 29.11 10.79 1.95
CA GLU J 235 27.99 10.86 1.01
C GLU J 235 27.36 9.47 0.82
N ILE J 236 26.06 9.44 0.51
CA ILE J 236 25.33 8.19 0.27
C ILE J 236 25.84 7.50 -1.01
N LYS J 237 26.21 6.22 -0.87
CA LYS J 237 26.69 5.40 -1.97
C LYS J 237 25.83 4.14 -2.13
N GLY J 238 25.67 3.72 -3.39
CA GLY J 238 24.91 2.51 -3.71
C GLY J 238 25.55 1.70 -4.82
N HIS J 239 25.23 0.41 -4.84
CA HIS J 239 25.65 -0.49 -5.89
C HIS J 239 24.46 -1.32 -6.37
N TYR J 240 24.22 -1.31 -7.68
CA TYR J 240 23.15 -2.12 -8.28
C TYR J 240 23.54 -3.59 -8.23
N LEU J 241 22.73 -4.39 -7.54
CA LEU J 241 22.96 -5.83 -7.44
C LEU J 241 22.04 -6.58 -8.39
N ASN J 242 22.63 -7.45 -9.22
CA ASN J 242 21.88 -8.19 -10.24
C ASN J 242 21.10 -9.32 -9.60
N VAL J 243 19.78 -9.18 -9.63
CA VAL J 243 18.84 -10.10 -8.97
C VAL J 243 18.27 -11.11 -10.00
N THR J 244 18.65 -10.94 -11.26
CA THR J 244 18.24 -11.82 -12.37
C THR J 244 18.63 -13.28 -12.07
N ALA J 245 17.64 -14.16 -12.13
CA ALA J 245 17.79 -15.55 -11.67
C ALA J 245 17.03 -16.55 -12.54
N PRO J 246 17.44 -17.86 -12.50
CA PRO J 246 16.77 -18.94 -13.25
C PRO J 246 15.28 -19.16 -12.93
N THR J 247 14.91 -19.06 -11.65
CA THR J 247 13.51 -19.27 -11.20
C THR J 247 12.98 -18.06 -10.43
N CYS J 248 11.64 -18.00 -10.28
CA CYS J 248 10.99 -16.95 -9.49
C CYS J 248 11.34 -16.98 -8.00
N GLU J 249 11.56 -18.18 -7.46
CA GLU J 249 12.00 -18.36 -6.07
C GLU J 249 13.43 -17.89 -5.82
N GLU J 250 14.32 -18.18 -6.78
CA GLU J 250 15.72 -17.79 -6.72
C GLU J 250 15.89 -16.27 -6.80
N MET J 251 15.03 -15.64 -7.60
CA MET J 251 14.98 -14.18 -7.76
C MET J 251 14.58 -13.50 -6.44
N LEU J 252 13.51 -13.99 -5.81
CA LEU J 252 13.04 -13.45 -4.54
C LEU J 252 14.03 -13.64 -3.40
N LYS J 253 14.70 -14.79 -3.37
CA LYS J 253 15.72 -15.11 -2.36
C LYS J 253 16.92 -14.17 -2.40
N ARG J 254 17.36 -13.80 -3.60
CA ARG J 254 18.47 -12.87 -3.81
C ARG J 254 18.10 -11.44 -3.39
N ALA J 255 16.85 -11.07 -3.65
CA ALA J 255 16.30 -9.78 -3.22
C ALA J 255 16.18 -9.68 -1.71
N GLU J 256 15.75 -10.79 -1.06
CA GLU J 256 15.63 -10.87 0.40
C GLU J 256 16.95 -10.62 1.12
N TYR J 257 18.03 -11.18 0.57
CA TYR J 257 19.37 -11.06 1.16
C TYR J 257 19.96 -9.66 1.02
N ALA J 258 19.64 -8.99 -0.09
CA ALA J 258 20.03 -7.59 -0.32
C ALA J 258 19.32 -6.64 0.65
N LYS J 259 18.04 -6.94 0.94
CA LYS J 259 17.24 -6.23 1.93
C LYS J 259 17.80 -6.43 3.34
N GLU J 260 18.25 -7.65 3.64
CA GLU J 260 18.89 -8.02 4.90
C GLU J 260 20.19 -7.23 5.15
N LEU J 261 20.95 -6.99 4.08
CA LEU J 261 22.18 -6.21 4.13
C LEU J 261 21.97 -4.69 4.03
N LYS J 262 20.70 -4.27 4.03
CA LYS J 262 20.28 -2.86 4.01
C LYS J 262 20.64 -2.11 2.70
N GLN J 263 20.64 -2.83 1.59
CA GLN J 263 21.04 -2.27 0.30
C GLN J 263 19.93 -1.42 -0.33
N PRO J 264 20.26 -0.17 -0.73
CA PRO J 264 19.28 0.79 -1.28
C PRO J 264 18.70 0.44 -2.65
N ILE J 265 19.49 -0.18 -3.52
CA ILE J 265 19.11 -0.38 -4.93
C ILE J 265 19.54 -1.75 -5.50
N ILE J 266 18.66 -2.33 -6.34
CA ILE J 266 18.92 -3.59 -7.05
C ILE J 266 18.61 -3.45 -8.56
N MET J 267 19.16 -4.35 -9.38
CA MET J 267 18.90 -4.35 -10.83
C MET J 267 18.36 -5.67 -11.38
N HIS J 268 17.63 -5.58 -12.49
CA HIS J 268 16.98 -6.72 -13.15
C HIS J 268 16.81 -6.48 -14.64
N ASP J 269 16.80 -7.56 -15.41
CA ASP J 269 16.60 -7.52 -16.87
C ASP J 269 15.20 -8.01 -17.22
N TYR J 270 14.34 -7.08 -17.65
CA TYR J 270 12.92 -7.38 -17.87
C TYR J 270 12.61 -8.20 -19.12
N LEU J 271 13.37 -7.99 -20.21
CA LEU J 271 13.08 -8.64 -21.49
C LEU J 271 13.53 -10.10 -21.58
N THR J 272 14.68 -10.41 -20.99
CA THR J 272 15.18 -11.80 -20.97
C THR J 272 14.46 -12.65 -19.92
N ALA J 273 14.21 -12.07 -18.75
CA ALA J 273 13.51 -12.77 -17.66
C ALA J 273 11.99 -12.82 -17.86
N GLY J 274 11.45 -11.83 -18.56
CA GLY J 274 10.01 -11.78 -18.86
C GLY J 274 9.24 -10.76 -18.05
N PHE J 275 8.05 -10.40 -18.54
CA PHE J 275 7.19 -9.41 -17.89
C PHE J 275 6.54 -9.92 -16.60
N THR J 276 6.27 -11.21 -16.55
CA THR J 276 5.69 -11.87 -15.36
C THR J 276 6.64 -11.78 -14.16
N ALA J 277 7.92 -12.07 -14.40
CA ALA J 277 8.97 -11.98 -13.38
C ALA J 277 9.24 -10.54 -12.93
N ASN J 278 9.15 -9.60 -13.88
CA ASN J 278 9.40 -8.18 -13.61
C ASN J 278 8.31 -7.53 -12.76
N THR J 279 7.05 -7.91 -13.01
CA THR J 279 5.89 -7.41 -12.26
C THR J 279 5.92 -7.89 -10.80
N THR J 280 6.30 -9.15 -10.61
CA THR J 280 6.46 -9.76 -9.28
C THR J 280 7.52 -9.03 -8.45
N LEU J 281 8.65 -8.70 -9.07
CA LEU J 281 9.75 -8.00 -8.42
C LEU J 281 9.40 -6.54 -8.08
N ALA J 282 8.72 -5.87 -9.01
CA ALA J 282 8.31 -4.47 -8.84
C ALA J 282 7.36 -4.27 -7.66
N ARG J 283 6.49 -5.25 -7.43
CA ARG J 283 5.58 -5.26 -6.28
C ARG J 283 6.34 -5.48 -4.97
N TRP J 284 7.31 -6.39 -5.00
CA TRP J 284 8.17 -6.66 -3.85
C TRP J 284 9.02 -5.44 -3.48
N CYS J 285 9.58 -4.78 -4.50
CA CYS J 285 10.43 -3.59 -4.33
C CYS J 285 9.69 -2.44 -3.66
N ARG J 286 8.42 -2.27 -4.04
CA ARG J 286 7.52 -1.28 -3.45
C ARG J 286 7.26 -1.56 -1.97
N ASP J 287 7.00 -2.84 -1.65
CA ASP J 287 6.71 -3.28 -0.29
C ASP J 287 7.88 -3.12 0.69
N ASN J 288 9.10 -3.23 0.17
CA ASN J 288 10.31 -3.15 1.00
C ASN J 288 11.06 -1.82 0.90
N GLY J 289 10.58 -0.94 0.02
CA GLY J 289 11.18 0.38 -0.19
C GLY J 289 12.58 0.32 -0.79
N VAL J 290 12.73 -0.51 -1.82
CA VAL J 290 14.01 -0.69 -2.52
C VAL J 290 13.89 -0.19 -3.95
N LEU J 291 14.84 0.63 -4.37
CA LEU J 291 14.90 1.18 -5.72
C LEU J 291 15.26 0.11 -6.75
N LEU J 292 14.62 0.20 -7.92
CA LEU J 292 14.77 -0.83 -8.97
C LEU J 292 15.31 -0.29 -10.29
N HIS J 293 16.46 -0.83 -10.70
CA HIS J 293 17.13 -0.45 -11.94
C HIS J 293 16.85 -1.48 -13.03
N ILE J 294 16.51 -1.01 -14.23
CA ILE J 294 16.14 -1.90 -15.33
C ILE J 294 17.15 -1.82 -16.48
N HIS J 295 17.68 -2.97 -16.87
CA HIS J 295 18.58 -3.11 -18.02
C HIS J 295 17.81 -3.71 -19.18
N ARG J 296 17.85 -3.03 -20.33
CA ARG J 296 17.12 -3.46 -21.54
C ARG J 296 17.97 -4.39 -22.43
N ALA J 297 18.42 -5.50 -21.86
CA ALA J 297 19.17 -6.53 -22.59
C ALA J 297 18.27 -7.21 -23.61
N MET J 298 18.83 -7.50 -24.79
CA MET J 298 18.15 -8.17 -25.90
C MET J 298 17.02 -7.33 -26.54
N HIS J 299 17.08 -6.01 -26.36
CA HIS J 299 16.09 -5.09 -26.94
C HIS J 299 16.27 -4.94 -28.45
N ALA J 300 17.52 -4.83 -28.88
CA ALA J 300 17.89 -4.49 -30.26
C ALA J 300 17.45 -5.51 -31.31
N VAL J 301 17.30 -6.77 -30.92
CA VAL J 301 16.77 -7.83 -31.79
C VAL J 301 15.39 -7.45 -32.34
N ILE J 302 14.52 -7.00 -31.43
CA ILE J 302 13.13 -6.65 -31.75
C ILE J 302 13.01 -5.28 -32.45
N ASP J 303 13.70 -4.27 -31.92
CA ASP J 303 13.47 -2.87 -32.37
C ASP J 303 14.44 -2.27 -33.40
N ARG J 304 15.41 -3.05 -33.88
CA ARG J 304 16.43 -2.56 -34.82
C ARG J 304 15.88 -2.18 -36.18
N GLN J 305 15.17 -3.10 -36.82
CA GLN J 305 14.74 -2.93 -38.20
C GLN J 305 13.47 -2.11 -38.34
N LYS J 306 13.46 -1.22 -39.32
CA LYS J 306 12.35 -0.29 -39.56
C LYS J 306 11.13 -0.94 -40.24
N ASN J 307 11.33 -2.11 -40.85
CA ASN J 307 10.25 -2.82 -41.53
C ASN J 307 9.53 -3.85 -40.63
N HIS J 308 10.26 -4.41 -39.66
CA HIS J 308 9.75 -5.49 -38.83
C HIS J 308 10.06 -5.30 -37.34
N GLY J 309 9.17 -5.80 -36.49
CA GLY J 309 9.36 -5.79 -35.04
C GLY J 309 8.50 -4.79 -34.28
N ILE J 310 8.91 -4.49 -33.04
CA ILE J 310 8.22 -3.53 -32.18
C ILE J 310 9.22 -2.44 -31.81
N HIS J 311 8.86 -1.18 -32.08
CA HIS J 311 9.67 -0.01 -31.71
C HIS J 311 9.86 0.06 -30.19
N PHE J 312 11.03 0.55 -29.76
CA PHE J 312 11.38 0.61 -28.34
C PHE J 312 10.44 1.45 -27.47
N ARG J 313 9.81 2.47 -28.06
CA ARG J 313 8.84 3.32 -27.35
C ARG J 313 7.66 2.56 -26.73
N VAL J 314 7.20 1.53 -27.44
CA VAL J 314 6.13 0.64 -26.99
C VAL J 314 6.61 -0.21 -25.82
N LEU J 315 7.86 -0.69 -25.90
CA LEU J 315 8.50 -1.46 -24.85
C LEU J 315 8.85 -0.60 -23.62
N ALA J 316 9.12 0.69 -23.86
CA ALA J 316 9.37 1.67 -22.80
C ALA J 316 8.11 1.94 -21.98
N LYS J 317 6.99 2.20 -22.69
CA LYS J 317 5.68 2.41 -22.06
C LYS J 317 5.23 1.20 -21.24
N ALA J 318 5.49 0.00 -21.77
CA ALA J 318 5.18 -1.26 -21.11
C ALA J 318 5.96 -1.44 -19.81
N LEU J 319 7.19 -0.95 -19.79
CA LEU J 319 8.05 -1.00 -18.60
C LEU J 319 7.55 -0.09 -17.48
N ARG J 320 7.03 1.09 -17.84
CA ARG J 320 6.49 2.04 -16.88
C ARG J 320 5.25 1.50 -16.15
N LEU J 321 4.40 0.80 -16.88
CA LEU J 321 3.21 0.16 -16.30
C LEU J 321 3.57 -1.08 -15.46
N SER J 322 4.55 -1.85 -15.92
CA SER J 322 5.09 -3.00 -15.18
C SER J 322 5.80 -2.55 -13.90
N GLY J 323 6.57 -1.47 -14.00
CA GLY J 323 7.21 -0.84 -12.85
C GLY J 323 8.72 -0.95 -12.84
N GLY J 324 9.38 0.20 -12.93
CA GLY J 324 10.83 0.30 -12.80
C GLY J 324 11.24 1.74 -12.52
N ASP J 325 12.20 1.91 -11.62
CA ASP J 325 12.67 3.26 -11.25
C ASP J 325 13.63 3.88 -12.27
N HIS J 326 14.55 3.09 -12.81
CA HIS J 326 15.49 3.53 -13.84
C HIS J 326 15.35 2.70 -15.12
N ILE J 327 15.57 3.34 -16.26
CA ILE J 327 15.56 2.68 -17.57
C ILE J 327 16.71 3.16 -18.46
N HIS J 328 17.29 2.24 -19.23
CA HIS J 328 18.33 2.57 -20.20
C HIS J 328 17.72 3.11 -21.50
N THR J 329 17.98 4.39 -21.75
CA THR J 329 17.47 5.07 -22.94
C THR J 329 18.46 4.97 -24.09
N GLY J 330 19.73 4.73 -23.76
CA GLY J 330 20.80 4.66 -24.74
C GLY J 330 21.37 6.03 -25.05
N THR J 331 22.69 6.08 -25.23
CA THR J 331 23.38 7.31 -25.59
C THR J 331 23.15 7.64 -27.07
N VAL J 332 22.91 8.92 -27.35
CA VAL J 332 22.76 9.42 -28.72
C VAL J 332 24.10 9.31 -29.45
N VAL J 333 25.16 9.73 -28.77
CA VAL J 333 26.55 9.57 -29.25
C VAL J 333 27.25 8.45 -28.49
N GLY J 334 27.69 7.42 -29.21
CA GLY J 334 28.33 6.26 -28.61
C GLY J 334 28.35 5.02 -29.48
N LYS J 335 28.83 3.92 -28.89
CA LYS J 335 29.05 2.64 -29.61
C LYS J 335 27.77 1.87 -29.98
N LEU J 336 26.64 2.20 -29.35
CA LEU J 336 25.35 1.60 -29.68
C LEU J 336 24.45 2.59 -30.40
N GLU J 337 23.52 2.06 -31.21
CA GLU J 337 22.68 2.86 -32.10
C GLU J 337 21.71 3.79 -31.36
N GLY J 338 21.70 5.04 -31.79
CA GLY J 338 20.82 6.07 -31.24
C GLY J 338 20.43 7.11 -32.26
N GLU J 339 19.30 7.76 -32.03
CA GLU J 339 18.76 8.79 -32.92
C GLU J 339 18.18 9.91 -32.09
N ARG J 340 18.74 11.12 -32.21
CA ARG J 340 18.39 12.27 -31.37
C ARG J 340 16.88 12.56 -31.31
N GLY J 341 16.25 12.72 -32.46
CA GLY J 341 14.82 12.98 -32.56
C GLY J 341 13.95 11.88 -31.98
N ILE J 342 14.32 10.63 -32.28
CA ILE J 342 13.64 9.43 -31.76
C ILE J 342 13.88 9.26 -30.25
N THR J 343 15.15 9.35 -29.83
CA THR J 343 15.54 9.27 -28.41
C THR J 343 14.72 10.27 -27.60
N MET J 344 14.88 11.57 -27.90
CA MET J 344 14.11 12.65 -27.25
C MET J 344 12.59 12.43 -27.28
N GLY J 345 12.12 11.72 -28.29
CA GLY J 345 10.71 11.34 -28.42
C GLY J 345 10.19 10.49 -27.29
N PHE J 346 10.73 9.29 -27.17
CA PHE J 346 10.32 8.35 -26.13
C PHE J 346 10.89 8.67 -24.75
N VAL J 347 12.00 9.42 -24.70
CA VAL J 347 12.64 9.83 -23.44
C VAL J 347 11.75 10.83 -22.70
N ASP J 348 11.22 11.81 -23.43
CA ASP J 348 10.26 12.76 -22.89
C ASP J 348 8.90 12.15 -22.57
N LEU J 349 8.69 10.90 -22.98
CA LEU J 349 7.44 10.19 -22.74
C LEU J 349 7.38 9.53 -21.37
N LEU J 350 8.51 8.93 -20.94
CA LEU J 350 8.61 8.25 -19.65
C LEU J 350 8.68 9.20 -18.47
N ARG J 351 9.26 10.38 -18.69
CA ARG J 351 9.44 11.38 -17.65
C ARG J 351 8.25 12.33 -17.47
N GLU J 352 7.65 12.73 -18.59
CA GLU J 352 6.53 13.68 -18.56
C GLU J 352 5.20 13.02 -18.25
N ASN J 353 4.36 13.76 -17.53
CA ASN J 353 3.01 13.35 -17.15
C ASN J 353 2.04 13.39 -18.33
N TYR J 354 2.24 14.36 -19.23
CA TYR J 354 1.40 14.55 -20.40
C TYR J 354 2.27 14.83 -21.63
N VAL J 355 2.05 14.05 -22.68
CA VAL J 355 2.83 14.17 -23.93
C VAL J 355 1.90 14.40 -25.11
N GLU J 356 2.10 15.54 -25.78
CA GLU J 356 1.36 15.93 -26.99
C GLU J 356 1.81 15.09 -28.19
N GLN J 357 0.86 14.81 -29.09
CA GLN J 357 1.11 14.05 -30.32
C GLN J 357 2.02 14.81 -31.26
N ASP J 358 3.07 14.14 -31.75
CA ASP J 358 4.06 14.72 -32.65
C ASP J 358 4.57 13.70 -33.66
N LYS J 359 4.29 13.96 -34.94
CA LYS J 359 4.61 13.05 -36.05
C LYS J 359 6.10 12.97 -36.37
N SER J 360 6.76 14.13 -36.39
CA SER J 360 8.20 14.24 -36.69
C SER J 360 9.07 13.58 -35.62
N ARG J 361 8.60 13.67 -34.37
CA ARG J 361 9.25 13.06 -33.21
C ARG J 361 9.06 11.53 -33.18
N GLY J 362 8.07 11.05 -33.93
CA GLY J 362 7.76 9.63 -34.03
C GLY J 362 6.58 9.17 -33.19
N ILE J 363 5.97 10.10 -32.46
CA ILE J 363 4.87 9.79 -31.54
C ILE J 363 3.51 9.93 -32.24
N TYR J 364 2.87 8.79 -32.47
CA TYR J 364 1.61 8.73 -33.22
C TYR J 364 0.35 9.01 -32.39
N PHE J 365 0.51 9.06 -31.06
CA PHE J 365 -0.63 9.25 -30.14
C PHE J 365 -0.33 10.19 -28.98
N THR J 366 -1.37 10.87 -28.50
CA THR J 366 -1.30 11.63 -27.25
C THR J 366 -1.41 10.66 -26.07
N GLN J 367 -0.38 10.62 -25.25
CA GLN J 367 -0.35 9.75 -24.08
C GLN J 367 -0.56 10.56 -22.80
N ASP J 368 -1.52 10.11 -22.00
CA ASP J 368 -1.90 10.78 -20.77
C ASP J 368 -1.76 9.80 -19.60
N TRP J 369 -0.92 10.15 -18.63
CA TRP J 369 -0.75 9.37 -17.42
C TRP J 369 -1.48 10.06 -16.27
N ALA J 370 -2.20 9.28 -15.46
CA ALA J 370 -2.97 9.85 -14.36
C ALA J 370 -2.22 9.72 -13.03
N SER J 371 -1.50 10.79 -12.68
CA SER J 371 -0.65 10.88 -11.48
C SER J 371 0.34 9.72 -11.31
N LEU J 372 0.93 9.30 -12.42
CA LEU J 372 1.92 8.23 -12.41
C LEU J 372 3.33 8.83 -12.41
N PRO J 373 4.19 8.37 -11.47
CA PRO J 373 5.57 8.87 -11.35
C PRO J 373 6.43 8.58 -12.59
N GLY J 374 7.37 9.48 -12.86
CA GLY J 374 8.28 9.34 -14.00
C GLY J 374 9.39 8.35 -13.77
N VAL J 375 9.97 7.85 -14.86
CA VAL J 375 11.09 6.92 -14.82
C VAL J 375 12.37 7.64 -15.26
N MET J 376 13.40 7.54 -14.44
CA MET J 376 14.71 8.18 -14.68
C MET J 376 15.41 7.58 -15.91
N ALA J 377 16.00 8.47 -16.72
CA ALA J 377 16.72 8.07 -17.93
C ALA J 377 18.17 7.71 -17.63
N VAL J 378 18.61 6.56 -18.16
CA VAL J 378 20.00 6.12 -18.00
C VAL J 378 20.70 6.13 -19.35
N ALA J 379 21.77 6.92 -19.43
CA ALA J 379 22.58 7.05 -20.65
C ALA J 379 23.95 6.40 -20.46
N SER J 380 24.12 5.24 -21.10
CA SER J 380 25.36 4.46 -21.03
C SER J 380 25.60 3.68 -22.31
N GLY J 381 26.85 3.67 -22.78
CA GLY J 381 27.24 2.91 -23.96
C GLY J 381 28.40 3.51 -24.74
N GLY J 382 29.60 3.38 -24.19
CA GLY J 382 30.83 3.84 -24.83
C GLY J 382 30.95 5.36 -24.87
N ILE J 383 30.99 5.96 -23.69
CA ILE J 383 31.06 7.42 -23.54
C ILE J 383 32.21 7.83 -22.62
N HIS J 384 33.00 8.79 -23.06
CA HIS J 384 34.16 9.29 -22.29
C HIS J 384 33.93 10.70 -21.72
N VAL J 385 35.01 11.38 -21.34
CA VAL J 385 34.95 12.71 -20.70
C VAL J 385 34.48 13.84 -21.61
N TRP J 386 34.79 13.72 -22.91
CA TRP J 386 34.43 14.71 -23.92
C TRP J 386 32.94 14.73 -24.26
N HIS J 387 32.27 13.60 -24.05
CA HIS J 387 30.85 13.45 -24.35
C HIS J 387 29.92 14.03 -23.26
N MET J 388 30.50 14.35 -22.10
CA MET J 388 29.77 14.90 -20.95
C MET J 388 28.86 16.12 -21.27
N PRO J 389 29.37 17.18 -21.94
CA PRO J 389 28.50 18.33 -22.23
C PRO J 389 27.35 18.05 -23.20
N ALA J 390 27.60 17.20 -24.20
CA ALA J 390 26.59 16.82 -25.18
C ALA J 390 25.46 15.99 -24.58
N LEU J 391 25.81 15.12 -23.63
CA LEU J 391 24.85 14.27 -22.92
C LEU J 391 24.00 15.05 -21.92
N VAL J 392 24.64 15.95 -21.17
CA VAL J 392 23.99 16.76 -20.12
C VAL J 392 22.88 17.66 -20.69
N GLU J 393 23.18 18.34 -21.80
CA GLU J 393 22.22 19.25 -22.45
C GLU J 393 21.00 18.52 -23.03
N ILE J 394 21.25 17.38 -23.67
CA ILE J 394 20.19 16.57 -24.30
C ILE J 394 19.31 15.86 -23.27
N PHE J 395 19.95 15.13 -22.34
CA PHE J 395 19.22 14.33 -21.34
C PHE J 395 18.66 15.15 -20.17
N GLY J 396 19.28 16.29 -19.88
CA GLY J 396 18.82 17.18 -18.81
C GLY J 396 19.34 16.82 -17.43
N ASP J 397 18.72 17.40 -16.41
CA ASP J 397 19.11 17.18 -15.01
C ASP J 397 18.68 15.83 -14.45
N ASP J 398 17.49 15.37 -14.83
CA ASP J 398 16.94 14.10 -14.33
C ASP J 398 17.37 12.90 -15.17
N SER J 399 18.66 12.56 -15.07
CA SER J 399 19.25 11.42 -15.78
C SER J 399 20.45 10.84 -15.03
N VAL J 400 20.80 9.58 -15.36
CA VAL J 400 22.00 8.93 -14.85
C VAL J 400 22.96 8.67 -16.01
N LEU J 401 24.20 9.09 -15.85
CA LEU J 401 25.26 8.82 -16.83
C LEU J 401 26.21 7.77 -16.26
N GLN J 402 26.35 6.66 -16.99
CA GLN J 402 27.18 5.55 -16.54
C GLN J 402 28.38 5.30 -17.46
N PHE J 403 29.56 5.23 -16.84
CA PHE J 403 30.83 5.07 -17.56
C PHE J 403 31.56 3.83 -17.07
N GLY J 404 31.50 2.75 -17.86
CA GLY J 404 32.18 1.50 -17.54
C GLY J 404 33.63 1.55 -17.95
N GLY J 405 33.86 1.61 -19.26
CA GLY J 405 35.20 1.69 -19.84
C GLY J 405 35.93 2.97 -19.50
N GLY J 406 35.20 4.09 -19.50
CA GLY J 406 35.74 5.43 -19.23
C GLY J 406 36.35 5.64 -17.86
N THR J 407 35.69 5.12 -16.82
CA THR J 407 36.17 5.26 -15.45
C THR J 407 37.39 4.36 -15.16
N LEU J 408 37.27 3.08 -15.49
CA LEU J 408 38.32 2.08 -15.21
C LEU J 408 39.50 2.16 -16.19
N GLY J 409 39.28 2.78 -17.34
CA GLY J 409 40.31 2.90 -18.38
C GLY J 409 41.32 4.03 -18.19
N HIS J 410 41.14 4.82 -17.13
CA HIS J 410 42.07 5.90 -16.75
C HIS J 410 43.45 5.32 -16.43
N PRO J 411 44.54 5.99 -16.88
CA PRO J 411 45.92 5.49 -16.65
C PRO J 411 46.32 5.38 -15.19
N TRP J 412 45.78 6.26 -14.35
CA TRP J 412 46.16 6.36 -12.94
C TRP J 412 45.34 5.42 -12.04
N GLY J 413 44.15 5.04 -12.49
CA GLY J 413 43.30 4.09 -11.77
C GLY J 413 41.84 4.48 -11.69
N ASN J 414 41.09 3.76 -10.85
CA ASN J 414 39.65 3.95 -10.69
C ASN J 414 39.28 5.24 -9.97
N ALA J 415 39.97 5.52 -8.86
CA ALA J 415 39.74 6.75 -8.07
C ALA J 415 40.04 8.05 -8.83
N PRO J 416 41.17 8.14 -9.57
CA PRO J 416 41.38 9.34 -10.40
C PRO J 416 40.42 9.44 -11.60
N GLY J 417 40.03 8.30 -12.16
CA GLY J 417 39.05 8.24 -13.25
C GLY J 417 37.67 8.70 -12.82
N ALA J 418 37.29 8.34 -11.61
CA ALA J 418 36.04 8.76 -10.98
C ALA J 418 36.04 10.26 -10.66
N THR J 419 37.20 10.77 -10.25
CA THR J 419 37.40 12.20 -9.96
C THR J 419 37.27 13.05 -11.23
N ALA J 420 37.86 12.57 -12.32
CA ALA J 420 37.83 13.24 -13.63
C ALA J 420 36.41 13.39 -14.18
N ASN J 421 35.60 12.32 -14.05
CA ASN J 421 34.20 12.34 -14.46
C ASN J 421 33.34 13.26 -13.60
N ARG J 422 33.62 13.29 -12.29
CA ARG J 422 32.89 14.14 -11.35
C ARG J 422 33.18 15.62 -11.57
N VAL J 423 34.45 15.96 -11.78
CA VAL J 423 34.88 17.32 -12.09
C VAL J 423 34.23 17.84 -13.38
N ALA J 424 34.25 17.01 -14.43
CA ALA J 424 33.66 17.33 -15.73
C ALA J 424 32.15 17.61 -15.67
N LEU J 425 31.42 16.81 -14.89
CA LEU J 425 29.97 16.99 -14.72
C LEU J 425 29.64 18.26 -13.92
N GLU J 426 30.35 18.46 -12.81
CA GLU J 426 30.09 19.61 -11.92
C GLU J 426 30.47 20.95 -12.54
N ALA J 427 31.49 20.94 -13.40
CA ALA J 427 31.88 22.13 -14.18
C ALA J 427 30.84 22.49 -15.25
N CYS J 428 30.24 21.46 -15.85
CA CYS J 428 29.18 21.63 -16.85
C CYS J 428 27.87 22.14 -16.26
N VAL J 429 27.50 21.62 -15.09
CA VAL J 429 26.30 22.03 -14.35
C VAL J 429 26.42 23.50 -13.90
N GLN J 430 27.59 23.86 -13.37
CA GLN J 430 27.91 25.23 -12.95
C GLN J 430 27.79 26.23 -14.10
N ALA J 431 28.42 25.89 -15.24
CA ALA J 431 28.43 26.73 -16.43
C ALA J 431 27.04 26.88 -17.09
N ARG J 432 26.25 25.81 -17.02
CA ARG J 432 24.86 25.81 -17.49
C ARG J 432 23.99 26.77 -16.65
N ASN J 433 24.17 26.71 -15.34
CA ASN J 433 23.44 27.55 -14.38
C ASN J 433 23.65 29.05 -14.59
N GLU J 434 24.87 29.43 -14.98
CA GLU J 434 25.25 30.82 -15.21
C GLU J 434 24.56 31.44 -16.43
N GLY J 435 24.38 30.63 -17.49
CA GLY J 435 23.73 31.07 -18.72
C GLY J 435 24.62 30.95 -19.94
N ARG J 436 25.38 29.86 -19.99
CA ARG J 436 26.30 29.57 -21.10
C ARG J 436 25.80 28.35 -21.86
N ASN J 437 25.74 28.47 -23.19
CA ASN J 437 25.33 27.36 -24.06
C ASN J 437 26.40 26.28 -24.07
N LEU J 438 25.97 25.05 -23.76
CA LEU J 438 26.87 23.89 -23.70
C LEU J 438 27.26 23.37 -25.09
N ALA J 439 26.42 23.63 -26.09
CA ALA J 439 26.70 23.24 -27.48
C ALA J 439 27.80 24.11 -28.09
N ARG J 440 27.73 25.41 -27.80
CA ARG J 440 28.69 26.39 -28.32
C ARG J 440 30.01 26.40 -27.54
N GLU J 441 29.91 26.26 -26.22
CA GLU J 441 31.06 26.42 -25.32
C GLU J 441 31.47 25.13 -24.59
N GLY J 442 31.01 23.98 -25.09
CA GLY J 442 31.28 22.67 -24.49
C GLY J 442 32.75 22.31 -24.37
N ASN J 443 33.50 22.56 -25.45
CA ASN J 443 34.95 22.36 -25.48
C ASN J 443 35.68 23.26 -24.49
N ASP J 444 35.25 24.53 -24.41
CA ASP J 444 35.84 25.53 -23.53
C ASP J 444 35.72 25.19 -22.05
N VAL J 445 34.52 24.76 -21.63
CA VAL J 445 34.24 24.39 -20.23
C VAL J 445 35.10 23.21 -19.76
N ILE J 446 35.19 22.17 -20.60
CA ILE J 446 36.01 20.97 -20.33
C ILE J 446 37.51 21.33 -20.29
N ARG J 447 37.95 22.14 -21.24
CA ARG J 447 39.35 22.58 -21.35
C ARG J 447 39.79 23.47 -20.18
N GLU J 448 38.94 24.42 -19.78
CA GLU J 448 39.25 25.35 -18.69
C GLU J 448 39.18 24.72 -17.30
N ALA J 449 38.44 23.61 -17.18
CA ALA J 449 38.36 22.85 -15.94
C ALA J 449 39.54 21.89 -15.77
N ALA J 450 40.25 21.63 -16.87
CA ALA J 450 41.43 20.74 -16.89
C ALA J 450 42.75 21.48 -16.60
N LYS J 451 42.66 22.68 -16.04
CA LYS J 451 43.82 23.49 -15.68
C LYS J 451 44.19 23.37 -14.20
N TRP J 452 43.16 23.23 -13.35
CA TRP J 452 43.34 23.12 -11.90
C TRP J 452 43.20 21.68 -11.37
N SER J 453 42.90 20.74 -12.27
CA SER J 453 42.80 19.32 -11.93
C SER J 453 43.65 18.48 -12.88
N PRO J 454 44.70 17.80 -12.35
CA PRO J 454 45.58 16.94 -13.16
C PRO J 454 44.89 15.72 -13.77
N GLU J 455 43.94 15.13 -13.03
CA GLU J 455 43.22 13.91 -13.45
C GLU J 455 42.43 14.09 -14.74
N LEU J 456 41.71 15.22 -14.84
CA LEU J 456 40.93 15.56 -16.03
C LEU J 456 41.80 15.83 -17.25
N ALA J 457 42.97 16.45 -17.03
CA ALA J 457 43.94 16.76 -18.07
C ALA J 457 44.52 15.51 -18.74
N VAL J 458 44.79 14.48 -17.94
CA VAL J 458 45.32 13.19 -18.42
C VAL J 458 44.24 12.42 -19.19
N ALA J 459 43.02 12.41 -18.67
CA ALA J 459 41.87 11.74 -19.30
C ALA J 459 41.48 12.33 -20.65
N CYS J 460 41.59 13.66 -20.77
CA CYS J 460 41.32 14.39 -22.01
C CYS J 460 42.34 14.09 -23.10
N GLU J 461 43.62 13.97 -22.70
CA GLU J 461 44.71 13.67 -23.61
C GLU J 461 44.63 12.25 -24.19
N LEU J 462 44.15 11.31 -23.38
CA LEU J 462 44.05 9.90 -23.76
C LEU J 462 42.97 9.60 -24.80
N TRP J 463 41.78 10.20 -24.63
CA TRP J 463 40.61 9.87 -25.45
C TRP J 463 40.11 10.99 -26.37
N LYS J 464 41.02 11.85 -26.82
CA LYS J 464 40.67 12.97 -27.72
C LYS J 464 40.23 12.48 -29.11
N GLU J 465 40.95 11.49 -29.65
CA GLU J 465 40.73 11.01 -31.02
C GLU J 465 39.49 10.15 -31.25
N ILE J 466 39.04 9.45 -30.20
CA ILE J 466 37.97 8.45 -30.31
C ILE J 466 36.59 9.06 -30.50
N LYS J 467 35.93 8.63 -31.57
CA LYS J 467 34.59 9.05 -31.95
C LYS J 467 33.83 7.90 -32.62
N PHE J 468 32.56 7.76 -32.28
CA PHE J 468 31.68 6.74 -32.86
C PHE J 468 30.67 7.40 -33.81
N GLU J 469 30.91 7.26 -35.10
CA GLU J 469 30.07 7.86 -36.14
C GLU J 469 29.72 6.87 -37.25
N PHE J 470 28.47 6.41 -37.24
CA PHE J 470 27.94 5.50 -38.25
C PHE J 470 26.47 5.78 -38.56
N GLU J 471 26.01 5.28 -39.71
CA GLU J 471 24.63 5.43 -40.16
C GLU J 471 23.67 4.56 -39.34
N ALA J 472 22.48 5.11 -39.08
CA ALA J 472 21.44 4.44 -38.31
C ALA J 472 20.44 3.72 -39.20
N MET J 473 20.10 2.48 -38.82
CA MET J 473 19.17 1.65 -39.60
C MET J 473 17.71 2.08 -39.46
N ASP J 474 17.34 2.48 -38.24
CA ASP J 474 16.01 3.00 -37.94
C ASP J 474 15.98 4.52 -38.08
N THR J 475 15.11 5.00 -38.97
CA THR J 475 14.90 6.42 -39.23
C THR J 475 13.37 6.66 -39.28
N VAL J 476 12.97 7.93 -39.20
CA VAL J 476 11.55 8.34 -39.24
C VAL J 476 11.00 8.23 -40.69
N GLY K 13 49.74 -33.10 42.00
CA GLY K 13 50.93 -32.55 41.30
C GLY K 13 50.90 -32.80 39.80
N TYR K 14 51.35 -31.80 39.04
CA TYR K 14 51.39 -31.87 37.58
C TYR K 14 52.78 -32.26 37.07
N LYS K 15 52.82 -33.31 36.25
CA LYS K 15 54.05 -33.80 35.63
C LYS K 15 53.88 -33.84 34.11
N ALA K 16 54.61 -32.96 33.43
CA ALA K 16 54.58 -32.87 31.97
C ALA K 16 55.55 -33.87 31.34
N GLY K 17 55.07 -34.56 30.29
CA GLY K 17 55.86 -35.56 29.58
C GLY K 17 55.02 -36.63 28.92
N VAL K 18 55.65 -37.77 28.63
CA VAL K 18 55.00 -38.88 27.95
C VAL K 18 54.83 -40.06 28.92
N GLN K 19 53.57 -40.45 29.12
CA GLN K 19 53.20 -41.52 30.03
C GLN K 19 52.83 -42.78 29.26
N ASP K 20 53.15 -43.93 29.83
CA ASP K 20 52.85 -45.24 29.24
C ASP K 20 51.37 -45.56 29.34
N TYR K 21 50.79 -46.08 28.25
CA TYR K 21 49.36 -46.41 28.15
C TYR K 21 48.91 -47.53 29.10
N ARG K 22 49.85 -48.43 29.44
CA ARG K 22 49.60 -49.57 30.32
C ARG K 22 49.37 -49.19 31.78
N LEU K 23 49.92 -48.04 32.19
CA LEU K 23 49.94 -47.60 33.59
C LEU K 23 48.57 -47.35 34.23
N THR K 24 47.72 -46.59 33.55
CA THR K 24 46.42 -46.16 34.10
C THR K 24 45.19 -46.44 33.21
N TYR K 25 45.29 -47.48 32.38
CA TYR K 25 44.18 -47.88 31.49
C TYR K 25 43.88 -49.39 31.48
N TYR K 26 44.87 -50.19 31.87
CA TYR K 26 44.69 -51.63 32.03
C TYR K 26 44.57 -52.02 33.50
N THR K 27 43.37 -52.43 33.90
CA THR K 27 43.08 -52.89 35.26
C THR K 27 42.33 -54.24 35.21
N PRO K 28 43.01 -55.34 35.57
CA PRO K 28 42.40 -56.69 35.54
C PRO K 28 41.42 -56.93 36.70
N ASP K 29 41.56 -56.16 37.77
CA ASP K 29 40.78 -56.32 39.01
C ASP K 29 39.34 -55.80 38.91
N TYR K 30 39.08 -54.92 37.93
CA TYR K 30 37.78 -54.28 37.72
C TYR K 30 36.70 -55.28 37.31
N THR K 31 35.52 -55.12 37.92
CA THR K 31 34.33 -55.92 37.62
C THR K 31 33.30 -55.02 36.90
N PRO K 32 32.78 -55.46 35.73
CA PRO K 32 31.81 -54.67 34.96
C PRO K 32 30.48 -54.45 35.67
N LYS K 33 30.02 -53.20 35.64
CA LYS K 33 28.73 -52.80 36.22
C LYS K 33 27.57 -53.16 35.29
N ASP K 34 26.35 -53.12 35.82
CA ASP K 34 25.14 -53.46 35.05
C ASP K 34 24.74 -52.36 34.06
N THR K 35 25.06 -51.11 34.40
CA THR K 35 24.84 -49.96 33.51
C THR K 35 26.17 -49.57 32.86
N ASP K 36 26.61 -50.40 31.92
CA ASP K 36 27.92 -50.29 31.28
C ASP K 36 27.89 -50.89 29.88
N ILE K 37 28.69 -50.32 28.98
CA ILE K 37 28.79 -50.82 27.60
C ILE K 37 30.09 -51.63 27.42
N LEU K 38 29.93 -52.89 27.05
CA LEU K 38 31.05 -53.82 26.87
C LEU K 38 31.25 -54.18 25.40
N ALA K 39 32.52 -54.27 24.99
CA ALA K 39 32.89 -54.60 23.62
C ALA K 39 33.99 -55.66 23.57
N ALA K 40 33.90 -56.55 22.59
CA ALA K 40 34.89 -57.60 22.36
C ALA K 40 35.72 -57.32 21.11
N PHE K 41 37.02 -57.09 21.31
CA PHE K 41 37.95 -56.78 20.22
C PHE K 41 38.96 -57.89 19.98
N ARG K 42 39.07 -58.32 18.72
CA ARG K 42 40.11 -59.27 18.29
C ARG K 42 41.31 -58.47 17.79
N VAL K 43 42.38 -58.48 18.59
CA VAL K 43 43.55 -57.61 18.37
C VAL K 43 44.74 -58.38 17.79
N THR K 44 45.42 -57.75 16.83
CA THR K 44 46.66 -58.28 16.25
C THR K 44 47.72 -57.16 16.28
N PRO K 45 48.66 -57.23 17.26
CA PRO K 45 49.65 -56.15 17.40
C PRO K 45 50.89 -56.34 16.51
N GLN K 46 51.62 -55.25 16.29
CA GLN K 46 52.92 -55.26 15.61
C GLN K 46 53.95 -56.06 16.42
N PRO K 47 54.90 -56.76 15.74
CA PRO K 47 55.95 -57.50 16.47
C PRO K 47 56.84 -56.58 17.31
N GLY K 48 56.97 -56.92 18.60
CA GLY K 48 57.72 -56.12 19.57
C GLY K 48 56.86 -55.29 20.50
N VAL K 49 55.54 -55.44 20.38
CA VAL K 49 54.57 -54.71 21.21
C VAL K 49 53.86 -55.71 22.14
N PRO K 50 53.85 -55.44 23.47
CA PRO K 50 53.16 -56.30 24.45
C PRO K 50 51.65 -56.37 24.24
N PHE K 51 51.06 -57.48 24.74
CA PHE K 51 49.61 -57.73 24.68
C PHE K 51 48.80 -56.70 25.46
N GLU K 52 49.32 -56.32 26.62
CA GLU K 52 48.65 -55.39 27.53
C GLU K 52 48.69 -53.95 27.02
N GLU K 53 49.77 -53.57 26.35
CA GLU K 53 49.95 -52.24 25.78
C GLU K 53 49.00 -52.00 24.59
N ALA K 54 48.85 -53.01 23.75
CA ALA K 54 47.94 -52.97 22.59
C ALA K 54 46.47 -52.86 23.03
N ALA K 55 46.11 -53.62 24.07
CA ALA K 55 44.76 -53.62 24.63
C ALA K 55 44.42 -52.30 25.34
N ALA K 56 45.38 -51.75 26.07
CA ALA K 56 45.23 -50.48 26.79
C ALA K 56 45.14 -49.28 25.85
N ALA K 57 45.85 -49.36 24.71
CA ALA K 57 45.83 -48.31 23.69
C ALA K 57 44.46 -48.19 23.01
N VAL K 58 43.82 -49.33 22.76
CA VAL K 58 42.46 -49.39 22.22
C VAL K 58 41.46 -48.85 23.25
N ALA K 59 41.65 -49.25 24.51
CA ALA K 59 40.83 -48.78 25.63
C ALA K 59 40.95 -47.28 25.90
N ALA K 60 42.16 -46.74 25.69
CA ALA K 60 42.42 -45.31 25.91
C ALA K 60 41.95 -44.44 24.74
N GLU K 61 42.41 -44.75 23.52
CA GLU K 61 42.17 -43.91 22.34
C GLU K 61 40.68 -43.79 21.94
N SER K 62 39.89 -44.80 22.29
CA SER K 62 38.44 -44.78 22.06
C SER K 62 37.71 -43.80 22.98
N SER K 63 38.16 -43.71 24.24
CA SER K 63 37.55 -42.83 25.24
C SER K 63 38.57 -42.21 26.19
N THR K 64 38.71 -40.88 26.09
CA THR K 64 39.60 -40.05 26.94
C THR K 64 41.10 -40.42 26.84
N GLY K 65 41.59 -40.51 25.61
CA GLY K 65 42.98 -40.91 25.35
C GLY K 65 43.78 -39.89 24.57
N THR K 66 45.00 -39.66 25.03
CA THR K 66 45.94 -38.71 24.40
C THR K 66 47.38 -39.22 24.49
N TRP K 67 48.18 -38.92 23.46
CA TRP K 67 49.56 -39.43 23.34
C TRP K 67 50.54 -38.86 24.39
N THR K 68 50.24 -37.67 24.88
CA THR K 68 51.03 -37.02 25.95
C THR K 68 50.12 -36.48 27.06
N THR K 69 50.66 -36.42 28.29
CA THR K 69 49.92 -35.99 29.47
C THR K 69 49.58 -34.50 29.43
N VAL K 70 48.30 -34.18 29.64
CA VAL K 70 47.79 -32.80 29.62
C VAL K 70 47.38 -32.33 31.01
N TRP K 71 47.52 -31.03 31.28
CA TRP K 71 47.23 -30.44 32.59
C TRP K 71 45.74 -30.33 32.91
N THR K 72 44.92 -30.29 31.86
CA THR K 72 43.47 -30.13 31.98
C THR K 72 42.79 -31.41 32.52
N ASP K 73 43.53 -32.52 32.51
CA ASP K 73 43.11 -33.80 33.11
C ASP K 73 42.87 -33.71 34.61
N LEU K 74 43.62 -32.85 35.30
CA LEU K 74 43.55 -32.70 36.75
C LEU K 74 42.32 -31.93 37.23
N LEU K 75 41.74 -31.12 36.33
CA LEU K 75 40.50 -30.38 36.61
C LEU K 75 39.28 -31.31 36.64
N THR K 76 39.23 -32.26 35.71
CA THR K 76 38.17 -33.28 35.65
C THR K 76 38.52 -34.51 36.48
N ASP K 77 37.52 -35.37 36.71
CA ASP K 77 37.74 -36.66 37.36
C ASP K 77 37.95 -37.74 36.29
N LEU K 78 39.22 -38.06 36.04
CA LEU K 78 39.63 -38.97 34.97
C LEU K 78 39.21 -40.42 35.21
N ASP K 79 39.23 -40.85 36.48
CA ASP K 79 38.92 -42.23 36.87
C ASP K 79 37.47 -42.64 36.63
N ARG K 80 36.57 -41.66 36.65
CA ARG K 80 35.13 -41.89 36.45
C ARG K 80 34.77 -42.14 34.97
N TYR K 81 35.38 -41.36 34.07
CA TYR K 81 35.00 -41.35 32.65
C TYR K 81 35.85 -42.26 31.74
N LYS K 82 36.96 -42.78 32.26
CA LYS K 82 37.88 -43.60 31.46
C LYS K 82 37.35 -45.00 31.14
N GLY K 83 37.60 -45.43 29.91
CA GLY K 83 37.31 -46.79 29.47
C GLY K 83 38.50 -47.70 29.79
N ARG K 84 38.21 -48.89 30.32
CA ARG K 84 39.26 -49.79 30.79
C ARG K 84 39.12 -51.22 30.25
N CYS K 85 40.27 -51.87 30.05
CA CYS K 85 40.33 -53.27 29.66
C CYS K 85 40.48 -54.14 30.91
N TYR K 86 39.54 -55.07 31.09
CA TYR K 86 39.48 -55.88 32.32
C TYR K 86 39.90 -57.35 32.14
N ASP K 87 39.82 -57.86 30.91
CA ASP K 87 40.16 -59.25 30.62
C ASP K 87 40.85 -59.40 29.26
N ILE K 88 42.01 -60.08 29.27
CA ILE K 88 42.73 -60.46 28.05
C ILE K 88 42.70 -61.98 27.91
N GLU K 89 42.14 -62.45 26.80
CA GLU K 89 42.02 -63.88 26.49
C GLU K 89 42.72 -64.18 25.16
N PRO K 90 43.76 -65.04 25.18
CA PRO K 90 44.46 -65.39 23.93
C PRO K 90 43.67 -66.35 23.03
N VAL K 91 43.79 -66.14 21.72
CA VAL K 91 43.12 -66.97 20.71
C VAL K 91 43.95 -68.26 20.49
N PRO K 92 43.31 -69.45 20.64
CA PRO K 92 44.00 -70.74 20.49
C PRO K 92 44.53 -71.02 19.09
N GLY K 93 45.77 -71.52 19.02
CA GLY K 93 46.44 -71.86 17.77
C GLY K 93 46.85 -70.67 16.92
N GLU K 94 46.99 -69.51 17.55
CA GLU K 94 47.32 -68.25 16.87
C GLU K 94 48.32 -67.43 17.67
N ASP K 95 49.42 -67.04 17.01
CA ASP K 95 50.44 -66.19 17.61
C ASP K 95 50.12 -64.73 17.39
N ASN K 96 50.29 -63.92 18.44
CA ASN K 96 49.93 -62.49 18.49
C ASN K 96 48.46 -62.22 18.12
N GLN K 97 47.56 -62.97 18.74
CA GLN K 97 46.12 -62.85 18.52
C GLN K 97 45.39 -63.07 19.85
N PHE K 98 44.62 -62.06 20.27
CA PHE K 98 43.89 -62.10 21.53
C PHE K 98 42.58 -61.33 21.52
N ILE K 99 41.62 -61.84 22.31
CA ILE K 99 40.32 -61.19 22.52
C ILE K 99 40.41 -60.28 23.74
N ALA K 100 40.14 -58.99 23.52
CA ALA K 100 40.14 -58.00 24.59
C ALA K 100 38.72 -57.56 24.93
N TYR K 101 38.45 -57.40 26.22
CA TYR K 101 37.16 -56.94 26.74
C TYR K 101 37.32 -55.54 27.33
N ILE K 102 36.58 -54.58 26.80
CA ILE K 102 36.69 -53.19 27.23
C ILE K 102 35.34 -52.66 27.74
N ALA K 103 35.34 -52.11 28.95
CA ALA K 103 34.16 -51.55 29.60
C ALA K 103 34.08 -50.03 29.46
N TYR K 104 32.89 -49.52 29.15
CA TYR K 104 32.64 -48.09 28.97
C TYR K 104 31.49 -47.60 29.87
N PRO K 105 31.74 -46.53 30.66
CA PRO K 105 30.67 -45.92 31.49
C PRO K 105 29.51 -45.37 30.66
N LEU K 106 28.30 -45.47 31.21
CA LEU K 106 27.06 -45.10 30.52
C LEU K 106 26.92 -43.59 30.25
N ASP K 107 27.45 -42.77 31.15
CA ASP K 107 27.25 -41.32 31.14
C ASP K 107 27.89 -40.54 29.97
N LEU K 108 28.90 -41.13 29.33
CA LEU K 108 29.65 -40.45 28.26
C LEU K 108 28.96 -40.47 26.89
N PHE K 109 28.01 -41.39 26.71
CA PHE K 109 27.29 -41.55 25.44
C PHE K 109 25.99 -40.74 25.40
N GLU K 110 25.64 -40.24 24.20
CA GLU K 110 24.39 -39.50 23.98
C GLU K 110 23.18 -40.42 23.91
N GLU K 111 22.06 -39.95 24.45
CA GLU K 111 20.82 -40.73 24.52
C GLU K 111 20.15 -40.85 23.16
N GLY K 112 19.80 -42.09 22.81
CA GLY K 112 19.08 -42.41 21.57
C GLY K 112 19.81 -42.07 20.28
N SER K 113 21.13 -42.24 20.29
CA SER K 113 21.98 -41.95 19.14
C SER K 113 22.94 -43.10 18.83
N ILE K 114 22.74 -43.72 17.66
CA ILE K 114 23.64 -44.75 17.15
C ILE K 114 24.96 -44.11 16.68
N THR K 115 24.87 -42.92 16.10
CA THR K 115 26.01 -42.17 15.56
C THR K 115 27.10 -41.93 16.62
N ASN K 116 26.70 -41.51 17.83
CA ASN K 116 27.64 -41.23 18.92
C ASN K 116 28.37 -42.49 19.40
N VAL K 117 27.63 -43.56 19.67
CA VAL K 117 28.22 -44.83 20.14
C VAL K 117 29.12 -45.49 19.09
N LEU K 118 28.84 -45.21 17.81
CA LEU K 118 29.65 -45.66 16.68
C LEU K 118 30.94 -44.83 16.56
N THR K 119 30.81 -43.51 16.61
CA THR K 119 31.94 -42.58 16.48
C THR K 119 32.90 -42.67 17.67
N SER K 120 32.37 -42.99 18.86
CA SER K 120 33.18 -43.09 20.08
C SER K 120 34.06 -44.34 20.08
N ILE K 121 33.46 -45.51 19.91
CA ILE K 121 34.16 -46.79 20.04
C ILE K 121 35.03 -47.11 18.81
N VAL K 122 34.41 -47.17 17.63
CA VAL K 122 35.12 -47.55 16.39
C VAL K 122 35.57 -46.33 15.55
N GLY K 123 35.90 -45.24 16.24
CA GLY K 123 36.29 -43.98 15.61
C GLY K 123 37.64 -43.99 14.94
N ASN K 124 38.70 -43.98 15.74
CA ASN K 124 40.07 -43.93 15.21
C ASN K 124 41.08 -44.87 15.91
N VAL K 125 40.56 -45.89 16.60
CA VAL K 125 41.40 -46.98 17.16
C VAL K 125 41.96 -47.87 16.04
N PHE K 126 41.17 -48.04 14.98
CA PHE K 126 41.62 -48.66 13.73
C PHE K 126 42.58 -47.70 13.05
N GLY K 127 43.53 -48.24 12.30
CA GLY K 127 44.54 -47.42 11.62
C GLY K 127 45.59 -46.86 12.56
N PHE K 128 45.83 -47.58 13.65
CA PHE K 128 46.89 -47.27 14.60
C PHE K 128 48.18 -47.93 14.11
N LYS K 129 49.29 -47.21 14.24
CA LYS K 129 50.61 -47.69 13.81
C LYS K 129 51.08 -48.92 14.60
N ALA K 130 50.65 -48.99 15.87
CA ALA K 130 51.07 -50.02 16.82
C ALA K 130 50.44 -51.41 16.61
N LEU K 131 49.37 -51.48 15.83
CA LEU K 131 48.70 -52.76 15.54
C LEU K 131 48.26 -52.91 14.08
N ARG K 132 48.45 -54.12 13.55
CA ARG K 132 48.24 -54.41 12.12
C ARG K 132 46.78 -54.63 11.70
N ALA K 133 46.02 -55.36 12.51
CA ALA K 133 44.63 -55.70 12.21
C ALA K 133 43.75 -55.76 13.47
N LEU K 134 42.56 -55.16 13.37
CA LEU K 134 41.61 -55.10 14.49
C LEU K 134 40.19 -55.43 14.02
N ARG K 135 39.46 -56.18 14.85
CA ARG K 135 38.07 -56.57 14.54
C ARG K 135 37.16 -56.50 15.77
N LEU K 136 36.03 -55.81 15.62
CA LEU K 136 34.99 -55.77 16.65
C LEU K 136 34.03 -56.94 16.45
N GLU K 137 34.03 -57.85 17.42
CA GLU K 137 33.23 -59.07 17.35
C GLU K 137 31.81 -58.89 17.88
N ASP K 138 31.68 -58.32 19.08
CA ASP K 138 30.38 -58.14 19.73
C ASP K 138 30.32 -56.92 20.64
N ILE K 139 29.10 -56.36 20.75
CA ILE K 139 28.81 -55.24 21.65
C ILE K 139 27.62 -55.60 22.57
N ARG K 140 27.69 -55.14 23.82
CA ARG K 140 26.61 -55.34 24.78
C ARG K 140 26.00 -53.99 25.20
N PHE K 141 24.72 -53.82 24.90
CA PHE K 141 23.96 -52.64 25.31
C PHE K 141 23.21 -52.90 26.63
N PRO K 142 23.34 -51.97 27.60
CA PRO K 142 22.59 -52.10 28.86
C PRO K 142 21.14 -51.65 28.72
N VAL K 143 20.29 -52.14 29.63
CA VAL K 143 18.84 -51.88 29.65
C VAL K 143 18.53 -50.39 29.83
N ALA K 144 19.35 -49.71 30.62
CA ALA K 144 19.28 -48.25 30.81
C ALA K 144 19.50 -47.44 29.53
N TYR K 145 20.34 -47.96 28.63
CA TYR K 145 20.65 -47.30 27.36
C TYR K 145 19.66 -47.65 26.24
N ILE K 146 19.11 -48.87 26.26
CA ILE K 146 18.16 -49.34 25.25
C ILE K 146 16.84 -48.54 25.29
N LYS K 147 16.39 -48.21 26.49
CA LYS K 147 15.12 -47.49 26.72
C LYS K 147 15.05 -46.07 26.14
N THR K 148 16.20 -45.47 25.87
CA THR K 148 16.29 -44.13 25.25
C THR K 148 15.90 -44.15 23.76
N PHE K 149 16.12 -45.29 23.10
CA PHE K 149 15.80 -45.48 21.68
C PHE K 149 14.31 -45.77 21.45
N GLN K 150 13.84 -45.44 20.25
CA GLN K 150 12.48 -45.79 19.82
C GLN K 150 12.36 -47.27 19.45
N GLY K 151 13.38 -47.78 18.78
CA GLY K 151 13.38 -49.15 18.26
C GLY K 151 12.64 -49.27 16.94
N PRO K 152 12.18 -50.49 16.58
CA PRO K 152 11.36 -50.69 15.37
C PRO K 152 10.03 -49.93 15.44
N PRO K 153 9.53 -49.42 14.28
CA PRO K 153 8.27 -48.67 14.25
C PRO K 153 7.04 -49.52 14.57
N HIS K 154 7.12 -50.83 14.33
CA HIS K 154 6.01 -51.75 14.60
C HIS K 154 6.47 -53.07 15.23
N GLY K 155 7.35 -53.79 14.56
CA GLY K 155 7.81 -55.11 15.01
C GLY K 155 7.02 -56.23 14.37
N ILE K 156 7.43 -57.47 14.66
CA ILE K 156 6.86 -58.69 14.04
C ILE K 156 5.34 -58.84 14.29
N GLN K 157 4.96 -58.77 15.57
CA GLN K 157 3.60 -59.08 16.04
C GLN K 157 2.54 -58.07 15.56
N VAL K 158 2.90 -56.79 15.53
CA VAL K 158 2.01 -55.72 15.06
C VAL K 158 1.89 -55.74 13.53
N GLU K 159 2.97 -56.11 12.85
CA GLU K 159 3.03 -56.22 11.39
C GLU K 159 2.08 -57.29 10.83
N ARG K 160 2.06 -58.46 11.47
CA ARG K 160 1.19 -59.57 11.05
C ARG K 160 -0.29 -59.25 11.23
N ASP K 161 -0.61 -58.49 12.28
CA ASP K 161 -1.97 -58.07 12.58
C ASP K 161 -2.54 -57.09 11.55
N LYS K 162 -1.68 -56.17 11.07
CA LYS K 162 -2.06 -55.19 10.06
C LYS K 162 -2.19 -55.80 8.66
N LEU K 163 -1.30 -56.74 8.35
CA LEU K 163 -1.30 -57.46 7.06
C LEU K 163 -2.34 -58.59 7.00
N ASN K 164 -2.78 -59.05 8.18
CA ASN K 164 -3.72 -60.17 8.35
C ASN K 164 -3.19 -61.49 7.75
N LYS K 165 -1.98 -61.88 8.19
CA LYS K 165 -1.29 -63.06 7.66
C LYS K 165 -0.62 -63.87 8.78
N TYR K 166 -1.08 -65.11 8.95
CA TYR K 166 -0.60 -65.99 10.02
C TYR K 166 -0.32 -67.41 9.52
N GLY K 167 0.62 -68.08 10.19
CA GLY K 167 0.85 -69.52 9.99
C GLY K 167 1.98 -69.94 9.05
N ARG K 168 2.47 -68.98 8.25
CA ARG K 168 3.45 -69.26 7.22
C ARG K 168 4.48 -68.13 7.05
N PRO K 169 5.66 -68.44 6.45
CA PRO K 169 6.56 -67.37 5.99
C PRO K 169 5.96 -66.55 4.85
N LEU K 170 6.41 -65.30 4.72
CA LEU K 170 5.96 -64.40 3.66
C LEU K 170 6.82 -64.54 2.40
N LEU K 171 6.21 -64.30 1.24
CA LEU K 171 6.91 -64.44 -0.05
C LEU K 171 7.07 -63.12 -0.79
N GLY K 172 8.25 -62.93 -1.39
CA GLY K 172 8.59 -61.72 -2.11
C GLY K 172 9.28 -61.96 -3.44
N CYS K 173 9.36 -60.89 -4.24
CA CYS K 173 9.97 -60.94 -5.58
C CYS K 173 10.64 -59.61 -5.94
N THR K 174 11.82 -59.70 -6.54
CA THR K 174 12.57 -58.53 -7.00
C THR K 174 12.56 -58.49 -8.52
N ILE K 175 12.21 -57.32 -9.08
CA ILE K 175 12.06 -57.13 -10.53
C ILE K 175 13.43 -57.05 -11.22
N LYS K 176 13.58 -57.82 -12.31
CA LYS K 176 14.81 -57.88 -13.11
C LYS K 176 14.50 -57.54 -14.58
N PRO K 177 15.38 -56.81 -15.28
CA PRO K 177 16.70 -56.37 -14.79
C PRO K 177 16.64 -55.22 -13.80
N LYS K 178 17.75 -55.00 -13.10
CA LYS K 178 17.88 -53.94 -12.09
C LYS K 178 17.70 -52.55 -12.70
N LEU K 179 18.24 -52.35 -13.90
CA LEU K 179 18.17 -51.06 -14.60
C LEU K 179 17.84 -51.26 -16.07
N GLY K 180 16.96 -50.43 -16.60
CA GLY K 180 16.61 -50.46 -18.02
C GLY K 180 15.14 -50.34 -18.37
N LEU K 181 14.28 -50.94 -17.55
CA LEU K 181 12.82 -50.97 -17.79
C LEU K 181 12.12 -49.63 -17.63
N SER K 182 11.06 -49.45 -18.41
CA SER K 182 10.17 -48.27 -18.33
C SER K 182 9.30 -48.33 -17.07
N ALA K 183 8.76 -47.18 -16.69
CA ALA K 183 7.87 -47.05 -15.54
C ALA K 183 6.54 -47.81 -15.72
N LYS K 184 6.04 -47.85 -16.95
CA LYS K 184 4.85 -48.62 -17.31
C LYS K 184 5.14 -50.13 -17.34
N ASN K 185 6.26 -50.52 -17.96
CA ASN K 185 6.70 -51.91 -18.04
C ASN K 185 7.09 -52.49 -16.68
N TYR K 186 7.58 -51.64 -15.79
CA TYR K 186 7.89 -52.00 -14.41
C TYR K 186 6.63 -52.40 -13.66
N GLY K 187 5.56 -51.61 -13.83
CA GLY K 187 4.27 -51.86 -13.20
C GLY K 187 3.55 -53.09 -13.70
N ARG K 188 3.77 -53.46 -14.97
CA ARG K 188 3.18 -54.65 -15.57
C ARG K 188 3.78 -55.92 -14.99
N ALA K 189 5.10 -55.92 -14.78
CA ALA K 189 5.83 -57.02 -14.18
C ALA K 189 5.49 -57.19 -12.68
N VAL K 190 5.23 -56.06 -12.01
CA VAL K 190 4.79 -56.04 -10.60
C VAL K 190 3.40 -56.69 -10.47
N TYR K 191 2.49 -56.30 -11.36
CA TYR K 191 1.12 -56.82 -11.38
C TYR K 191 1.05 -58.35 -11.59
N GLU K 192 1.80 -58.85 -12.57
CA GLU K 192 1.81 -60.28 -12.93
C GLU K 192 2.35 -61.19 -11.83
N CYS K 193 3.33 -60.70 -11.06
CA CYS K 193 3.92 -61.44 -9.94
C CYS K 193 2.97 -61.56 -8.75
N LEU K 194 2.29 -60.45 -8.43
CA LEU K 194 1.33 -60.40 -7.32
C LEU K 194 0.07 -61.22 -7.59
N ARG K 195 -0.32 -61.29 -8.86
CA ARG K 195 -1.48 -62.05 -9.34
C ARG K 195 -1.32 -63.56 -9.11
N GLY K 196 -0.10 -64.06 -9.27
CA GLY K 196 0.22 -65.48 -9.14
C GLY K 196 0.16 -66.03 -7.72
N GLY K 197 0.40 -65.17 -6.74
CA GLY K 197 0.25 -65.55 -5.33
C GLY K 197 1.35 -65.15 -4.37
N LEU K 198 2.11 -64.10 -4.73
CA LEU K 198 3.13 -63.55 -3.84
C LEU K 198 2.55 -62.41 -3.01
N ASP K 199 3.05 -62.27 -1.79
CA ASP K 199 2.61 -61.23 -0.86
C ASP K 199 3.20 -59.85 -1.17
N PHE K 200 4.51 -59.81 -1.41
CA PHE K 200 5.24 -58.57 -1.68
C PHE K 200 6.01 -58.59 -3.00
N THR K 201 6.29 -57.40 -3.51
CA THR K 201 7.27 -57.19 -4.59
C THR K 201 8.24 -56.06 -4.20
N ASP K 203 11.64 -53.27 -5.10
CA ASP K 203 12.59 -52.49 -5.92
C ASP K 203 14.02 -52.90 -5.58
N ASP K 204 14.89 -52.89 -6.59
CA ASP K 204 16.32 -53.13 -6.39
C ASP K 204 16.96 -52.00 -5.58
N GLU K 205 18.02 -52.34 -4.85
CA GLU K 205 18.72 -51.38 -3.98
C GLU K 205 19.39 -50.21 -4.72
N ASN K 206 19.64 -50.40 -6.02
CA ASN K 206 20.26 -49.35 -6.85
C ASN K 206 19.25 -48.44 -7.58
N ILE K 207 17.99 -48.85 -7.64
CA ILE K 207 16.93 -48.02 -8.24
C ILE K 207 16.55 -46.88 -7.30
N ASN K 208 16.71 -45.65 -7.79
CA ASN K 208 16.25 -44.46 -7.09
C ASN K 208 15.39 -43.62 -8.03
N SER K 209 16.03 -42.75 -8.82
CA SER K 209 15.34 -41.94 -9.83
C SER K 209 16.26 -41.61 -11.01
N ALA K 210 16.52 -42.63 -11.83
CA ALA K 210 17.41 -42.52 -12.98
C ALA K 210 16.73 -41.82 -14.17
N PRO K 211 17.54 -41.21 -15.08
CA PRO K 211 17.08 -40.62 -16.35
C PRO K 211 16.09 -41.43 -17.20
N PHE K 212 16.18 -42.76 -17.17
CA PHE K 212 15.25 -43.60 -17.95
C PHE K 212 13.85 -43.74 -17.34
N GLN K 213 13.78 -43.89 -16.01
CA GLN K 213 12.50 -43.87 -15.28
C GLN K 213 12.56 -43.08 -13.96
N ARG K 214 11.73 -42.04 -13.89
CA ARG K 214 11.67 -41.14 -12.73
C ARG K 214 10.82 -41.73 -11.61
N TRP K 215 11.15 -41.35 -10.37
CA TRP K 215 10.54 -41.94 -9.17
C TRP K 215 9.03 -41.74 -9.04
N ARG K 216 8.54 -40.55 -9.38
CA ARG K 216 7.12 -40.21 -9.26
C ARG K 216 6.26 -40.95 -10.31
N ASP K 217 6.86 -41.28 -11.44
CA ASP K 217 6.22 -42.14 -12.45
C ASP K 217 6.12 -43.58 -11.98
N ARG K 218 7.21 -44.12 -11.43
CA ARG K 218 7.27 -45.49 -10.89
C ARG K 218 6.23 -45.70 -9.78
N PHE K 219 6.16 -44.73 -8.85
CA PHE K 219 5.22 -44.76 -7.71
C PHE K 219 3.75 -44.84 -8.14
N LEU K 220 3.41 -44.13 -9.22
CA LEU K 220 2.04 -44.04 -9.73
C LEU K 220 1.55 -45.35 -10.38
N PHE K 221 2.35 -45.92 -11.28
CA PHE K 221 2.00 -47.14 -12.00
C PHE K 221 2.01 -48.40 -11.13
N VAL K 222 2.89 -48.42 -10.13
CA VAL K 222 2.96 -49.51 -9.15
C VAL K 222 1.70 -49.53 -8.28
N ALA K 223 1.22 -48.35 -7.91
CA ALA K 223 -0.02 -48.19 -7.14
C ALA K 223 -1.26 -48.71 -7.88
N ASP K 224 -1.27 -48.56 -9.21
CA ASP K 224 -2.31 -49.14 -10.07
C ASP K 224 -2.24 -50.65 -10.15
N ALA K 225 -1.01 -51.19 -10.12
CA ALA K 225 -0.76 -52.62 -10.20
C ALA K 225 -1.25 -53.38 -8.97
N ILE K 226 -1.02 -52.81 -7.79
CA ILE K 226 -1.44 -53.41 -6.52
C ILE K 226 -2.97 -53.43 -6.40
N THR K 227 -3.61 -52.31 -6.76
CA THR K 227 -5.07 -52.15 -6.67
C THR K 227 -5.83 -53.20 -7.50
N LYS K 228 -5.31 -53.51 -8.70
CA LYS K 228 -5.90 -54.53 -9.58
C LYS K 228 -5.66 -55.95 -9.06
N ALA K 229 -4.44 -56.20 -8.55
CA ALA K 229 -4.04 -57.51 -8.04
C ALA K 229 -4.75 -57.89 -6.73
N GLN K 230 -4.95 -56.89 -5.87
CA GLN K 230 -5.63 -57.07 -4.58
C GLN K 230 -7.10 -57.45 -4.77
N ALA K 231 -7.76 -56.79 -5.72
CA ALA K 231 -9.17 -57.03 -6.04
C ALA K 231 -9.40 -58.36 -6.76
N GLU K 232 -8.39 -58.84 -7.48
CA GLU K 232 -8.47 -60.09 -8.24
C GLU K 232 -8.29 -61.33 -7.35
N THR K 233 -7.27 -61.30 -6.50
CA THR K 233 -6.95 -62.41 -5.60
C THR K 233 -7.82 -62.43 -4.34
N GLY K 234 -8.08 -61.26 -3.78
CA GLY K 234 -8.83 -61.12 -2.53
C GLY K 234 -7.95 -61.14 -1.29
N GLU K 235 -6.64 -60.97 -1.48
CA GLU K 235 -5.66 -60.89 -0.40
C GLU K 235 -4.96 -59.53 -0.43
N ILE K 236 -4.44 -59.11 0.73
CA ILE K 236 -3.72 -57.83 0.86
C ILE K 236 -2.35 -57.91 0.17
N LYS K 237 -2.15 -57.03 -0.82
CA LYS K 237 -0.91 -56.98 -1.61
C LYS K 237 -0.10 -55.72 -1.31
N GLY K 238 1.20 -55.79 -1.56
CA GLY K 238 2.11 -54.66 -1.33
C GLY K 238 3.37 -54.67 -2.19
N HIS K 239 4.01 -53.51 -2.26
CA HIS K 239 5.28 -53.34 -2.97
C HIS K 239 6.18 -52.38 -2.19
N TYR K 240 7.42 -52.80 -1.91
CA TYR K 240 8.39 -51.94 -1.22
C TYR K 240 8.85 -50.85 -2.18
N LEU K 241 8.58 -49.59 -1.83
CA LEU K 241 9.01 -48.44 -2.64
C LEU K 241 10.29 -47.86 -2.09
N ASN K 242 11.31 -47.79 -2.95
CA ASN K 242 12.63 -47.30 -2.57
C ASN K 242 12.62 -45.78 -2.40
N VAL K 243 12.91 -45.35 -1.17
CA VAL K 243 12.79 -43.96 -0.75
C VAL K 243 14.18 -43.29 -0.76
N THR K 244 15.24 -44.11 -0.77
CA THR K 244 16.64 -43.66 -0.78
C THR K 244 16.89 -42.50 -1.75
N ALA K 245 17.41 -41.40 -1.19
CA ALA K 245 17.55 -40.12 -1.89
C ALA K 245 18.85 -39.39 -1.51
N PRO K 246 19.33 -38.44 -2.35
CA PRO K 246 20.55 -37.67 -2.04
C PRO K 246 20.49 -36.75 -0.80
N THR K 247 19.32 -36.20 -0.50
CA THR K 247 19.13 -35.32 0.67
C THR K 247 17.99 -35.76 1.58
N CYS K 248 18.01 -35.31 2.83
CA CYS K 248 16.96 -35.58 3.83
C CYS K 248 15.59 -35.01 3.46
N GLU K 249 15.58 -33.86 2.79
CA GLU K 249 14.35 -33.24 2.28
C GLU K 249 13.69 -34.05 1.18
N GLU K 250 14.53 -34.59 0.28
CA GLU K 250 14.09 -35.41 -0.85
C GLU K 250 13.58 -36.77 -0.38
N MET K 251 14.24 -37.31 0.65
CA MET K 251 13.88 -38.58 1.27
C MET K 251 12.47 -38.52 1.88
N LEU K 252 12.20 -37.45 2.63
CA LEU K 252 10.90 -37.25 3.27
C LEU K 252 9.78 -36.92 2.27
N LYS K 253 10.13 -36.23 1.19
CA LYS K 253 9.20 -35.87 0.12
C LYS K 253 8.69 -37.09 -0.66
N ARG K 254 9.57 -38.07 -0.86
CA ARG K 254 9.22 -39.33 -1.53
C ARG K 254 8.35 -40.22 -0.65
N ALA K 255 8.60 -40.17 0.66
CA ALA K 255 7.84 -40.92 1.66
C ALA K 255 6.41 -40.39 1.80
N GLU K 256 6.27 -39.06 1.76
CA GLU K 256 4.96 -38.38 1.85
C GLU K 256 4.02 -38.76 0.72
N TYR K 257 4.57 -38.94 -0.48
CA TYR K 257 3.78 -39.33 -1.65
C TYR K 257 3.32 -40.79 -1.59
N ALA K 258 4.15 -41.65 -0.99
CA ALA K 258 3.79 -43.04 -0.73
C ALA K 258 2.63 -43.15 0.27
N LYS K 259 2.62 -42.24 1.25
CA LYS K 259 1.52 -42.09 2.22
C LYS K 259 0.23 -41.62 1.52
N GLU K 260 0.39 -40.71 0.56
CA GLU K 260 -0.70 -40.13 -0.22
C GLU K 260 -1.45 -41.15 -1.09
N LEU K 261 -0.71 -42.13 -1.61
CA LEU K 261 -1.27 -43.20 -2.44
C LEU K 261 -1.80 -44.39 -1.61
N LYS K 262 -1.70 -44.27 -0.29
CA LYS K 262 -2.11 -45.30 0.68
C LYS K 262 -1.33 -46.61 0.53
N GLN K 263 -0.01 -46.50 0.64
CA GLN K 263 0.89 -47.66 0.55
C GLN K 263 1.27 -48.15 1.96
N PRO K 264 1.22 -49.48 2.18
CA PRO K 264 1.53 -50.04 3.51
C PRO K 264 3.02 -50.06 3.87
N ILE K 265 3.91 -50.20 2.88
CA ILE K 265 5.32 -50.50 3.12
C ILE K 265 6.29 -49.76 2.18
N ILE K 266 7.42 -49.30 2.75
CA ILE K 266 8.53 -48.67 2.00
C ILE K 266 9.89 -49.27 2.40
N MET K 267 10.91 -49.09 1.55
CA MET K 267 12.27 -49.61 1.83
C MET K 267 13.37 -48.54 1.81
N HIS K 268 14.46 -48.82 2.52
CA HIS K 268 15.59 -47.88 2.68
C HIS K 268 16.93 -48.62 2.87
N ASP K 269 18.01 -48.00 2.39
CA ASP K 269 19.37 -48.56 2.52
C ASP K 269 20.15 -47.84 3.62
N TYR K 270 20.23 -48.47 4.79
CA TYR K 270 20.72 -47.81 6.01
C TYR K 270 22.23 -47.56 6.07
N LEU K 271 23.01 -48.38 5.36
CA LEU K 271 24.48 -48.28 5.40
C LEU K 271 25.09 -47.27 4.44
N THR K 272 24.48 -47.12 3.27
CA THR K 272 24.93 -46.14 2.27
C THR K 272 24.44 -44.73 2.58
N ALA K 273 23.19 -44.62 3.02
CA ALA K 273 22.59 -43.34 3.40
C ALA K 273 23.07 -42.84 4.77
N GLY K 274 23.36 -43.77 5.68
CA GLY K 274 23.82 -43.46 7.03
C GLY K 274 22.75 -43.61 8.09
N PHE K 275 23.18 -43.65 9.35
CA PHE K 275 22.29 -43.86 10.49
C PHE K 275 21.42 -42.65 10.83
N THR K 276 21.95 -41.44 10.59
CA THR K 276 21.23 -40.18 10.81
C THR K 276 19.99 -40.08 9.91
N ALA K 277 20.14 -40.45 8.65
CA ALA K 277 19.02 -40.51 7.70
C ALA K 277 18.04 -41.63 8.03
N ASN K 278 18.56 -42.75 8.54
CA ASN K 278 17.77 -43.93 8.88
C ASN K 278 16.90 -43.73 10.13
N THR K 279 17.43 -43.00 11.11
CA THR K 279 16.72 -42.69 12.35
C THR K 279 15.60 -41.67 12.10
N THR K 280 15.84 -40.75 11.16
CA THR K 280 14.87 -39.74 10.73
C THR K 280 13.62 -40.40 10.11
N LEU K 281 13.85 -41.36 9.22
CA LEU K 281 12.78 -42.06 8.51
C LEU K 281 12.02 -43.04 9.43
N ALA K 282 12.71 -43.61 10.40
CA ALA K 282 12.12 -44.53 11.38
C ALA K 282 11.10 -43.83 12.29
N ARG K 283 11.42 -42.60 12.69
CA ARG K 283 10.53 -41.76 13.50
C ARG K 283 9.31 -41.30 12.71
N TRP K 284 9.51 -41.05 11.41
CA TRP K 284 8.42 -40.70 10.49
C TRP K 284 7.47 -41.87 10.27
N CYS K 285 8.02 -43.08 10.12
CA CYS K 285 7.24 -44.31 9.91
C CYS K 285 6.30 -44.64 11.05
N ARG K 286 6.74 -44.37 12.28
CA ARG K 286 5.95 -44.56 13.49
C ARG K 286 4.75 -43.60 13.53
N ASP K 287 5.00 -42.34 13.18
CA ASP K 287 3.99 -41.27 13.21
C ASP K 287 2.90 -41.38 12.12
N ASN K 288 3.21 -42.11 11.04
CA ASN K 288 2.30 -42.24 9.89
C ASN K 288 1.75 -43.66 9.68
N GLY K 289 2.32 -44.63 10.40
CA GLY K 289 1.87 -46.02 10.36
C GLY K 289 2.24 -46.75 9.08
N VAL K 290 3.49 -46.61 8.67
CA VAL K 290 4.03 -47.25 7.46
C VAL K 290 5.12 -48.23 7.87
N LEU K 291 5.06 -49.44 7.31
CA LEU K 291 6.07 -50.47 7.55
C LEU K 291 7.39 -50.16 6.82
N LEU K 292 8.51 -50.50 7.45
CA LEU K 292 9.84 -50.13 6.96
C LEU K 292 10.77 -51.32 6.73
N HIS K 293 11.02 -51.60 5.45
CA HIS K 293 11.96 -52.64 5.01
C HIS K 293 13.37 -52.04 4.96
N ILE K 294 14.36 -52.84 5.35
CA ILE K 294 15.75 -52.38 5.38
C ILE K 294 16.66 -53.28 4.55
N HIS K 295 17.35 -52.68 3.59
CA HIS K 295 18.35 -53.36 2.76
C HIS K 295 19.75 -53.07 3.29
N ARG K 296 20.57 -54.11 3.38
CA ARG K 296 21.93 -54.02 3.92
C ARG K 296 23.00 -53.94 2.81
N ALA K 297 22.80 -53.02 1.87
CA ALA K 297 23.76 -52.77 0.79
C ALA K 297 25.08 -52.22 1.35
N MET K 298 26.18 -52.66 0.75
CA MET K 298 27.55 -52.27 1.14
C MET K 298 27.98 -52.77 2.53
N HIS K 299 27.38 -53.88 2.98
CA HIS K 299 27.72 -54.48 4.28
C HIS K 299 29.02 -55.29 4.22
N ALA K 300 29.20 -56.03 3.12
CA ALA K 300 30.30 -56.98 2.94
C ALA K 300 31.68 -56.35 2.73
N VAL K 301 31.71 -55.01 2.61
CA VAL K 301 32.94 -54.23 2.62
C VAL K 301 33.55 -54.27 4.03
N ILE K 302 32.67 -54.27 5.04
CA ILE K 302 33.05 -54.20 6.45
C ILE K 302 33.20 -55.59 7.10
N ASP K 303 32.27 -56.51 6.83
CA ASP K 303 32.14 -57.76 7.60
C ASP K 303 32.68 -59.07 6.99
N ARG K 304 33.34 -58.98 5.83
CA ARG K 304 33.84 -60.17 5.13
C ARG K 304 35.04 -60.82 5.83
N GLN K 305 36.09 -60.03 6.05
CA GLN K 305 37.39 -60.55 6.53
C GLN K 305 37.38 -60.85 8.02
N LYS K 306 38.01 -61.97 8.39
CA LYS K 306 38.06 -62.46 9.76
C LYS K 306 39.10 -61.73 10.64
N ASN K 307 39.99 -60.97 10.01
CA ASN K 307 41.07 -60.27 10.72
C ASN K 307 40.80 -58.77 10.94
N HIS K 308 39.98 -58.17 10.08
CA HIS K 308 39.73 -56.73 10.11
C HIS K 308 38.27 -56.39 9.82
N GLY K 309 37.76 -55.36 10.51
CA GLY K 309 36.41 -54.85 10.28
C GLY K 309 35.45 -55.00 11.45
N ILE K 310 34.16 -54.85 11.16
CA ILE K 310 33.08 -55.01 12.13
C ILE K 310 32.19 -56.16 11.68
N HIS K 311 31.98 -57.14 12.56
CA HIS K 311 31.07 -58.28 12.33
C HIS K 311 29.62 -57.80 12.15
N PHE K 312 28.85 -58.54 11.36
CA PHE K 312 27.46 -58.17 11.05
C PHE K 312 26.51 -58.14 12.25
N ARG K 313 26.77 -58.97 13.26
CA ARG K 313 25.95 -59.03 14.48
C ARG K 313 25.88 -57.70 15.25
N VAL K 314 26.95 -56.91 15.15
CA VAL K 314 27.01 -55.55 15.72
C VAL K 314 26.11 -54.62 14.90
N LEU K 315 26.24 -54.69 13.58
CA LEU K 315 25.44 -53.88 12.64
C LEU K 315 23.95 -54.24 12.64
N ALA K 316 23.65 -55.49 12.99
CA ALA K 316 22.27 -55.96 13.14
C ALA K 316 21.63 -55.43 14.43
N LYS K 317 22.41 -55.41 15.51
CA LYS K 317 21.99 -54.83 16.80
C LYS K 317 21.78 -53.33 16.70
N ALA K 318 22.62 -52.66 15.92
CA ALA K 318 22.53 -51.22 15.68
C ALA K 318 21.26 -50.82 14.91
N LEU K 319 20.81 -51.70 14.02
CA LEU K 319 19.60 -51.46 13.23
C LEU K 319 18.32 -51.58 14.07
N ARG K 320 18.30 -52.53 15.02
CA ARG K 320 17.15 -52.73 15.91
C ARG K 320 16.87 -51.50 16.78
N LEU K 321 17.95 -50.85 17.24
CA LEU K 321 17.84 -49.63 18.04
C LEU K 321 17.48 -48.40 17.19
N SER K 322 18.08 -48.31 16.00
CA SER K 322 17.84 -47.21 15.05
C SER K 322 16.42 -47.23 14.49
N GLY K 323 15.93 -48.43 14.19
CA GLY K 323 14.56 -48.63 13.71
C GLY K 323 14.47 -49.32 12.36
N GLY K 324 13.55 -50.29 12.29
CA GLY K 324 13.30 -51.06 11.07
C GLY K 324 12.43 -52.27 11.35
N ASP K 325 11.52 -52.57 10.42
CA ASP K 325 10.60 -53.70 10.56
C ASP K 325 11.12 -55.01 9.96
N HIS K 326 11.84 -54.90 8.84
CA HIS K 326 12.50 -56.05 8.20
C HIS K 326 14.00 -55.82 8.10
N ILE K 327 14.76 -56.92 7.99
CA ILE K 327 16.21 -56.88 7.77
C ILE K 327 16.68 -58.11 6.99
N HIS K 328 17.55 -57.89 6.01
CA HIS K 328 18.19 -58.97 5.25
C HIS K 328 19.25 -59.65 6.11
N THR K 329 19.10 -60.96 6.27
CA THR K 329 20.01 -61.78 7.07
C THR K 329 20.95 -62.60 6.21
N GLY K 330 20.55 -62.83 4.95
CA GLY K 330 21.33 -63.60 3.99
C GLY K 330 21.01 -65.08 4.06
N THR K 331 20.85 -65.69 2.89
CA THR K 331 20.58 -67.12 2.77
C THR K 331 21.82 -67.95 3.13
N VAL K 332 21.58 -69.05 3.84
CA VAL K 332 22.65 -69.99 4.23
C VAL K 332 23.21 -70.69 2.98
N VAL K 333 22.30 -71.13 2.11
CA VAL K 333 22.65 -71.70 0.80
C VAL K 333 22.25 -70.73 -0.33
N GLY K 334 23.24 -70.24 -1.06
CA GLY K 334 23.03 -69.26 -2.13
C GLY K 334 24.30 -68.63 -2.68
N LYS K 335 24.11 -67.66 -3.57
CA LYS K 335 25.20 -67.02 -4.33
C LYS K 335 26.10 -66.07 -3.52
N LEU K 336 25.66 -65.71 -2.31
CA LEU K 336 26.45 -64.87 -1.40
C LEU K 336 26.82 -65.63 -0.11
N GLU K 337 27.84 -65.13 0.60
CA GLU K 337 28.41 -65.81 1.77
C GLU K 337 27.43 -65.94 2.94
N GLY K 338 27.44 -67.11 3.58
CA GLY K 338 26.60 -67.41 4.73
C GLY K 338 27.03 -68.67 5.45
N GLU K 339 27.25 -68.55 6.77
CA GLU K 339 27.63 -69.66 7.63
C GLU K 339 26.51 -69.99 8.62
N ARG K 340 26.12 -71.26 8.67
CA ARG K 340 24.94 -71.72 9.42
C ARG K 340 24.96 -71.39 10.93
N GLY K 341 26.07 -71.70 11.59
CA GLY K 341 26.24 -71.42 13.02
C GLY K 341 26.30 -69.94 13.35
N ILE K 342 26.90 -69.17 12.46
CA ILE K 342 27.02 -67.71 12.59
C ILE K 342 25.68 -67.01 12.31
N THR K 343 25.01 -67.43 11.24
CA THR K 343 23.71 -66.85 10.82
C THR K 343 22.64 -67.04 11.89
N MET K 344 22.47 -68.28 12.36
CA MET K 344 21.52 -68.63 13.43
C MET K 344 21.80 -67.89 14.75
N GLY K 345 23.04 -67.42 14.91
CA GLY K 345 23.45 -66.59 16.04
C GLY K 345 22.78 -65.23 16.07
N PHE K 346 22.99 -64.45 15.01
CA PHE K 346 22.43 -63.08 14.94
C PHE K 346 20.96 -63.01 14.53
N VAL K 347 20.43 -64.09 13.93
CA VAL K 347 19.00 -64.18 13.58
C VAL K 347 18.15 -64.29 14.86
N ASP K 348 18.55 -65.17 15.78
CA ASP K 348 17.91 -65.31 17.09
C ASP K 348 18.14 -64.08 17.98
N LEU K 349 19.17 -63.31 17.66
CA LEU K 349 19.54 -62.09 18.39
C LEU K 349 18.69 -60.87 17.98
N LEU K 350 18.05 -60.97 16.81
CA LEU K 350 17.15 -59.93 16.29
C LEU K 350 15.68 -60.15 16.64
N ARG K 351 15.29 -61.43 16.71
CA ARG K 351 13.89 -61.82 16.89
C ARG K 351 13.48 -62.02 18.35
N GLU K 352 14.36 -62.60 19.15
CA GLU K 352 14.04 -62.97 20.55
C GLU K 352 14.21 -61.81 21.54
N ASN K 353 13.62 -61.98 22.72
CA ASN K 353 13.68 -61.00 23.80
C ASN K 353 14.92 -61.15 24.69
N TYR K 354 15.31 -62.40 24.94
CA TYR K 354 16.47 -62.72 25.77
C TYR K 354 17.36 -63.75 25.08
N VAL K 355 18.65 -63.42 24.96
CA VAL K 355 19.63 -64.28 24.29
C VAL K 355 20.79 -64.61 25.24
N GLU K 356 20.96 -65.90 25.50
CA GLU K 356 22.02 -66.42 26.36
C GLU K 356 23.39 -66.38 25.65
N GLN K 357 24.46 -66.24 26.44
CA GLN K 357 25.84 -66.22 25.95
C GLN K 357 26.24 -67.60 25.41
N ASP K 358 26.77 -67.61 24.18
CA ASP K 358 27.20 -68.84 23.51
C ASP K 358 28.44 -68.61 22.66
N LYS K 359 29.56 -69.17 23.10
CA LYS K 359 30.88 -68.95 22.49
C LYS K 359 31.07 -69.66 21.15
N SER K 360 30.52 -70.87 21.02
CA SER K 360 30.57 -71.66 19.79
C SER K 360 29.72 -71.04 18.68
N ARG K 361 28.60 -70.45 19.06
CA ARG K 361 27.67 -69.78 18.15
C ARG K 361 28.23 -68.44 17.66
N GLY K 362 29.02 -67.79 18.51
CA GLY K 362 29.67 -66.52 18.18
C GLY K 362 29.31 -65.35 19.07
N ILE K 363 28.33 -65.55 19.95
CA ILE K 363 27.81 -64.49 20.82
C ILE K 363 28.63 -64.40 22.11
N TYR K 364 29.36 -63.29 22.26
CA TYR K 364 30.30 -63.09 23.37
C TYR K 364 29.66 -62.56 24.65
N PHE K 365 28.48 -61.95 24.53
CA PHE K 365 27.78 -61.34 25.67
C PHE K 365 26.31 -61.76 25.76
N THR K 366 25.76 -61.75 26.98
CA THR K 366 24.34 -61.98 27.21
C THR K 366 23.56 -60.68 26.94
N GLN K 367 22.67 -60.73 25.95
CA GLN K 367 21.87 -59.57 25.55
C GLN K 367 20.43 -59.68 26.06
N ASP K 368 19.95 -58.57 26.64
CA ASP K 368 18.60 -58.48 27.16
C ASP K 368 17.92 -57.20 26.65
N TRP K 369 16.85 -57.37 25.89
CA TRP K 369 16.05 -56.26 25.37
C TRP K 369 14.85 -56.03 26.29
N ALA K 370 14.61 -54.77 26.63
CA ALA K 370 13.53 -54.41 27.56
C ALA K 370 12.18 -54.27 26.84
N SER K 371 11.55 -55.42 26.58
CA SER K 371 10.25 -55.53 25.87
C SER K 371 10.23 -54.86 24.48
N LEU K 372 11.42 -54.69 23.89
CA LEU K 372 11.58 -54.08 22.57
C LEU K 372 11.16 -55.08 21.49
N PRO K 373 10.36 -54.63 20.49
CA PRO K 373 9.84 -55.51 19.43
C PRO K 373 10.93 -56.11 18.54
N GLY K 374 10.68 -57.32 18.06
CA GLY K 374 11.62 -58.03 17.19
C GLY K 374 11.56 -57.57 15.75
N VAL K 375 12.64 -57.81 15.02
CA VAL K 375 12.75 -57.46 13.61
C VAL K 375 12.71 -58.73 12.76
N MET K 376 11.84 -58.73 11.74
CA MET K 376 11.59 -59.88 10.88
C MET K 376 12.74 -60.15 9.91
N ALA K 377 13.20 -61.40 9.87
CA ALA K 377 14.32 -61.82 9.03
C ALA K 377 13.93 -61.99 7.56
N VAL K 378 14.80 -61.55 6.66
CA VAL K 378 14.59 -61.69 5.22
C VAL K 378 15.70 -62.54 4.61
N ALA K 379 15.31 -63.63 3.95
CA ALA K 379 16.24 -64.52 3.26
C ALA K 379 16.15 -64.34 1.74
N SER K 380 17.22 -63.78 1.16
CA SER K 380 17.28 -63.49 -0.28
C SER K 380 18.70 -63.60 -0.83
N GLY K 381 18.80 -64.01 -2.10
CA GLY K 381 20.08 -64.07 -2.81
C GLY K 381 20.39 -65.41 -3.45
N GLY K 382 19.84 -65.61 -4.65
CA GLY K 382 20.11 -66.81 -5.46
C GLY K 382 19.52 -68.08 -4.91
N ILE K 383 18.20 -68.12 -4.79
CA ILE K 383 17.46 -69.28 -4.28
C ILE K 383 16.31 -69.69 -5.19
N HIS K 384 16.16 -71.00 -5.39
CA HIS K 384 15.08 -71.57 -6.22
C HIS K 384 14.14 -72.50 -5.43
N VAL K 385 13.24 -73.19 -6.14
CA VAL K 385 12.21 -74.06 -5.53
C VAL K 385 12.75 -75.24 -4.70
N TRP K 386 13.96 -75.69 -5.01
CA TRP K 386 14.59 -76.81 -4.31
C TRP K 386 15.14 -76.44 -2.93
N HIS K 387 15.50 -75.17 -2.77
CA HIS K 387 16.03 -74.65 -1.50
C HIS K 387 14.95 -74.38 -0.45
N MET K 388 13.68 -74.52 -0.85
CA MET K 388 12.50 -74.24 0.01
C MET K 388 12.47 -74.97 1.37
N PRO K 389 12.64 -76.33 1.41
CA PRO K 389 12.56 -76.99 2.72
C PRO K 389 13.74 -76.70 3.65
N ALA K 390 14.90 -76.41 3.07
CA ALA K 390 16.09 -76.01 3.83
C ALA K 390 15.93 -74.62 4.46
N LEU K 391 15.31 -73.71 3.71
CA LEU K 391 15.05 -72.33 4.17
C LEU K 391 13.96 -72.23 5.23
N VAL K 392 12.94 -73.08 5.12
CA VAL K 392 11.80 -73.10 6.05
C VAL K 392 12.23 -73.62 7.44
N GLU K 393 13.03 -74.69 7.45
CA GLU K 393 13.52 -75.31 8.68
C GLU K 393 14.51 -74.43 9.46
N ILE K 394 15.41 -73.75 8.74
CA ILE K 394 16.43 -72.89 9.34
C ILE K 394 15.81 -71.57 9.85
N PHE K 395 15.12 -70.85 8.97
CA PHE K 395 14.61 -69.50 9.26
C PHE K 395 13.26 -69.47 10.00
N GLY K 396 12.62 -70.63 10.13
CA GLY K 396 11.38 -70.76 10.89
C GLY K 396 10.16 -70.19 10.18
N ASP K 397 9.19 -69.72 10.98
CA ASP K 397 7.93 -69.19 10.47
C ASP K 397 7.92 -67.66 10.31
N ASP K 398 8.49 -66.95 11.29
CA ASP K 398 8.54 -65.49 11.27
C ASP K 398 9.70 -64.99 10.40
N SER K 399 9.51 -65.09 9.08
CA SER K 399 10.52 -64.76 8.09
C SER K 399 9.92 -64.44 6.72
N VAL K 400 10.69 -63.73 5.89
CA VAL K 400 10.33 -63.43 4.50
C VAL K 400 11.32 -64.12 3.58
N LEU K 401 10.81 -64.80 2.56
CA LEU K 401 11.66 -65.48 1.57
C LEU K 401 11.45 -64.85 0.19
N GLN K 402 12.52 -64.29 -0.36
CA GLN K 402 12.46 -63.51 -1.59
C GLN K 402 13.17 -64.15 -2.78
N PHE K 403 12.44 -64.25 -3.89
CA PHE K 403 12.93 -64.87 -5.13
C PHE K 403 12.93 -63.84 -6.26
N GLY K 404 14.12 -63.34 -6.59
CA GLY K 404 14.29 -62.38 -7.68
C GLY K 404 14.27 -63.06 -9.02
N GLY K 405 15.40 -63.69 -9.38
CA GLY K 405 15.53 -64.45 -10.63
C GLY K 405 14.72 -65.73 -10.66
N GLY K 406 14.39 -66.26 -9.48
CA GLY K 406 13.63 -67.51 -9.34
C GLY K 406 12.19 -67.47 -9.82
N THR K 407 11.54 -66.32 -9.67
CA THR K 407 10.15 -66.13 -10.10
C THR K 407 10.07 -65.74 -11.58
N LEU K 408 10.87 -64.74 -11.96
CA LEU K 408 10.87 -64.18 -13.32
C LEU K 408 11.53 -65.11 -14.35
N GLY K 409 12.42 -65.98 -13.90
CA GLY K 409 13.14 -66.93 -14.76
C GLY K 409 12.37 -68.21 -15.09
N HIS K 410 11.08 -68.23 -14.78
CA HIS K 410 10.19 -69.34 -15.11
C HIS K 410 9.89 -69.35 -16.62
N PRO K 411 9.87 -70.54 -17.25
CA PRO K 411 9.61 -70.67 -18.70
C PRO K 411 8.26 -70.15 -19.20
N TRP K 412 7.26 -70.14 -18.31
CA TRP K 412 5.88 -69.81 -18.67
C TRP K 412 5.49 -68.36 -18.38
N GLY K 413 6.27 -67.71 -17.52
CA GLY K 413 6.02 -66.31 -17.13
C GLY K 413 6.03 -66.07 -15.63
N ASN K 414 5.67 -64.85 -15.25
CA ASN K 414 5.71 -64.40 -13.85
C ASN K 414 4.63 -65.03 -12.97
N ALA K 415 3.41 -65.08 -13.48
CA ALA K 415 2.26 -65.64 -12.74
C ALA K 415 2.36 -67.16 -12.45
N PRO K 416 2.75 -68.00 -13.45
CA PRO K 416 3.01 -69.41 -13.12
C PRO K 416 4.25 -69.61 -12.25
N GLY K 417 5.23 -68.72 -12.37
CA GLY K 417 6.44 -68.72 -11.53
C GLY K 417 6.15 -68.39 -10.08
N ALA K 418 5.16 -67.51 -9.87
CA ALA K 418 4.70 -67.13 -8.54
C ALA K 418 3.90 -68.25 -7.88
N THR K 419 3.08 -68.94 -8.67
CA THR K 419 2.26 -70.07 -8.22
C THR K 419 3.14 -71.28 -7.85
N ALA K 420 4.21 -71.47 -8.60
CA ALA K 420 5.22 -72.52 -8.32
C ALA K 420 5.91 -72.31 -6.96
N ASN K 421 6.20 -71.05 -6.62
CA ASN K 421 6.80 -70.70 -5.33
C ASN K 421 5.81 -70.82 -4.16
N ARG K 422 4.55 -70.46 -4.40
CA ARG K 422 3.51 -70.46 -3.37
C ARG K 422 3.07 -71.86 -2.96
N VAL K 423 2.93 -72.75 -3.95
CA VAL K 423 2.56 -74.15 -3.72
C VAL K 423 3.67 -74.89 -2.96
N ALA K 424 4.93 -74.65 -3.35
CA ALA K 424 6.10 -75.26 -2.71
C ALA K 424 6.22 -74.90 -1.23
N LEU K 425 5.87 -73.66 -0.88
CA LEU K 425 5.88 -73.20 0.52
C LEU K 425 4.74 -73.84 1.33
N GLU K 426 3.52 -73.80 0.79
CA GLU K 426 2.32 -74.28 1.48
C GLU K 426 2.29 -75.80 1.67
N ALA K 427 2.96 -76.54 0.78
CA ALA K 427 3.15 -77.98 0.93
C ALA K 427 4.16 -78.31 2.03
N CYS K 428 5.23 -77.52 2.12
CA CYS K 428 6.27 -77.69 3.14
C CYS K 428 5.78 -77.31 4.55
N VAL K 429 4.91 -76.30 4.61
CA VAL K 429 4.27 -75.87 5.88
C VAL K 429 3.31 -76.95 6.39
N GLN K 430 2.50 -77.50 5.49
CA GLN K 430 1.55 -78.58 5.79
C GLN K 430 2.24 -79.84 6.29
N ALA K 431 3.36 -80.20 5.65
CA ALA K 431 4.15 -81.38 6.02
C ALA K 431 4.85 -81.24 7.37
N ARG K 432 5.28 -80.01 7.69
CA ARG K 432 5.92 -79.68 8.97
C ARG K 432 4.93 -79.80 10.14
N ASN K 433 3.70 -79.33 9.92
CA ASN K 433 2.64 -79.34 10.94
C ASN K 433 2.17 -80.75 11.33
N GLU K 434 2.25 -81.68 10.38
CA GLU K 434 1.87 -83.08 10.60
C GLU K 434 2.87 -83.84 11.47
N GLY K 435 4.15 -83.58 11.26
CA GLY K 435 5.23 -84.22 12.02
C GLY K 435 6.20 -84.96 11.13
N ARG K 436 6.73 -84.25 10.13
CA ARG K 436 7.70 -84.82 9.18
C ARG K 436 8.94 -83.93 9.12
N ASN K 437 10.11 -84.56 9.14
CA ASN K 437 11.40 -83.86 9.09
C ASN K 437 11.65 -83.30 7.69
N LEU K 438 11.96 -82.01 7.63
CA LEU K 438 12.23 -81.31 6.36
C LEU K 438 13.68 -81.48 5.89
N ALA K 439 14.55 -81.98 6.76
CA ALA K 439 15.92 -82.32 6.42
C ALA K 439 16.03 -83.69 5.77
N ARG K 440 15.20 -84.62 6.25
CA ARG K 440 15.19 -86.01 5.76
C ARG K 440 14.26 -86.22 4.57
N GLU K 441 13.10 -85.56 4.59
CA GLU K 441 12.06 -85.75 3.58
C GLU K 441 11.81 -84.50 2.71
N GLY K 442 12.81 -83.61 2.65
CA GLY K 442 12.72 -82.36 1.88
C GLY K 442 12.58 -82.54 0.38
N ASN K 443 13.31 -83.51 -0.16
CA ASN K 443 13.22 -83.88 -1.58
C ASN K 443 11.88 -84.53 -1.93
N ASP K 444 11.34 -85.29 -0.98
CA ASP K 444 10.10 -86.05 -1.17
C ASP K 444 8.84 -85.19 -1.23
N VAL K 445 8.78 -84.17 -0.37
CA VAL K 445 7.63 -83.24 -0.29
C VAL K 445 7.48 -82.42 -1.57
N ILE K 446 8.60 -81.90 -2.08
CA ILE K 446 8.65 -81.10 -3.31
C ILE K 446 8.27 -81.95 -4.54
N ARG K 447 8.75 -83.19 -4.57
CA ARG K 447 8.49 -84.13 -5.67
C ARG K 447 7.02 -84.58 -5.76
N GLU K 448 6.40 -84.86 -4.61
CA GLU K 448 5.00 -85.30 -4.55
C GLU K 448 3.99 -84.18 -4.80
N ALA K 449 4.39 -82.94 -4.52
CA ALA K 449 3.56 -81.75 -4.76
C ALA K 449 3.56 -81.35 -6.24
N ALA K 450 4.61 -81.74 -6.96
CA ALA K 450 4.77 -81.45 -8.39
C ALA K 450 3.90 -82.32 -9.30
N LYS K 451 3.25 -83.33 -8.73
CA LYS K 451 2.38 -84.26 -9.47
C LYS K 451 1.02 -83.65 -9.83
N TRP K 452 0.47 -82.85 -8.92
CA TRP K 452 -0.85 -82.23 -9.11
C TRP K 452 -0.82 -80.76 -9.55
N SER K 453 0.40 -80.21 -9.66
CA SER K 453 0.60 -78.85 -10.20
C SER K 453 1.69 -78.86 -11.28
N PRO K 454 1.31 -78.56 -12.54
CA PRO K 454 2.26 -78.54 -13.67
C PRO K 454 3.33 -77.45 -13.59
N GLU K 455 3.00 -76.32 -12.95
CA GLU K 455 3.91 -75.18 -12.80
C GLU K 455 5.16 -75.51 -11.99
N LEU K 456 4.97 -76.27 -10.91
CA LEU K 456 6.07 -76.71 -10.05
C LEU K 456 6.94 -77.77 -10.73
N ALA K 457 6.30 -78.61 -11.55
CA ALA K 457 6.98 -79.69 -12.30
C ALA K 457 7.98 -79.17 -13.33
N VAL K 458 7.64 -78.05 -13.98
CA VAL K 458 8.50 -77.41 -14.98
C VAL K 458 9.67 -76.67 -14.30
N ALA K 459 9.37 -75.99 -13.18
CA ALA K 459 10.37 -75.26 -12.39
C ALA K 459 11.42 -76.16 -11.74
N CYS K 460 11.02 -77.38 -11.38
CA CYS K 460 11.90 -78.39 -10.79
C CYS K 460 12.91 -78.96 -11.79
N GLU K 461 12.48 -79.10 -13.04
CA GLU K 461 13.30 -79.65 -14.12
C GLU K 461 14.39 -78.68 -14.56
N LEU K 462 14.12 -77.38 -14.44
CA LEU K 462 15.01 -76.32 -14.92
C LEU K 462 16.22 -76.07 -14.02
N TRP K 463 15.98 -75.97 -12.70
CA TRP K 463 17.03 -75.66 -11.74
C TRP K 463 17.42 -76.84 -10.83
N LYS K 464 17.48 -78.03 -11.43
CA LYS K 464 17.87 -79.25 -10.71
C LYS K 464 19.37 -79.32 -10.44
N GLU K 465 20.17 -78.96 -11.44
CA GLU K 465 21.64 -79.04 -11.39
C GLU K 465 22.32 -77.94 -10.57
N ILE K 466 21.68 -76.78 -10.49
CA ILE K 466 22.30 -75.56 -9.95
C ILE K 466 22.44 -75.58 -8.42
N LYS K 467 23.70 -75.46 -7.97
CA LYS K 467 24.06 -75.44 -6.56
C LYS K 467 25.28 -74.55 -6.34
N PHE K 468 25.22 -73.71 -5.31
CA PHE K 468 26.32 -72.80 -4.95
C PHE K 468 27.09 -73.35 -3.75
N GLU K 469 28.31 -73.82 -3.99
CA GLU K 469 29.17 -74.42 -2.96
C GLU K 469 30.61 -73.89 -3.02
N PHE K 470 30.94 -73.02 -2.07
CA PHE K 470 32.27 -72.43 -1.95
C PHE K 470 32.69 -72.24 -0.48
N GLU K 471 34.00 -72.14 -0.26
CA GLU K 471 34.57 -71.94 1.08
C GLU K 471 34.33 -70.51 1.59
N ALA K 472 33.93 -70.41 2.86
CA ALA K 472 33.69 -69.13 3.51
C ALA K 472 34.96 -68.58 4.16
N MET K 473 35.15 -67.27 4.06
CA MET K 473 36.35 -66.60 4.60
C MET K 473 36.22 -66.24 6.09
N ASP K 474 35.00 -65.94 6.52
CA ASP K 474 34.70 -65.68 7.93
C ASP K 474 34.27 -66.97 8.63
N THR K 475 35.06 -67.37 9.62
CA THR K 475 34.84 -68.61 10.37
C THR K 475 34.97 -68.35 11.88
N VAL K 476 34.45 -69.26 12.71
CA VAL K 476 34.52 -69.16 14.17
C VAL K 476 35.95 -69.39 14.67
N GLY L 13 14.23 -64.44 -29.83
CA GLY L 13 13.91 -65.75 -29.18
C GLY L 13 14.26 -65.77 -27.71
N TYR L 14 13.37 -66.38 -26.91
CA TYR L 14 13.55 -66.49 -25.46
C TYR L 14 14.01 -67.90 -25.07
N LYS L 15 15.14 -67.94 -24.35
CA LYS L 15 15.71 -69.19 -23.84
C LYS L 15 15.82 -69.12 -22.32
N ALA L 16 15.14 -70.05 -21.65
CA ALA L 16 15.16 -70.14 -20.19
C ALA L 16 16.22 -71.12 -19.70
N GLY L 17 17.01 -70.68 -18.73
CA GLY L 17 18.09 -71.48 -18.17
C GLY L 17 19.17 -70.65 -17.50
N VAL L 18 20.36 -71.23 -17.37
CA VAL L 18 21.49 -70.55 -16.72
C VAL L 18 22.61 -70.24 -17.73
N GLN L 19 22.86 -68.95 -17.89
CA GLN L 19 23.86 -68.42 -18.82
C GLN L 19 25.15 -68.09 -18.09
N ASP L 20 26.27 -68.32 -18.78
CA ASP L 20 27.60 -67.99 -18.26
C ASP L 20 27.80 -66.47 -18.28
N TYR L 21 28.39 -65.94 -17.20
CA TYR L 21 28.65 -64.50 -17.06
C TYR L 21 29.66 -63.94 -18.07
N ARG L 22 30.57 -64.81 -18.53
CA ARG L 22 31.64 -64.46 -19.47
C ARG L 22 31.13 -64.14 -20.88
N LEU L 23 29.99 -64.71 -21.25
CA LEU L 23 29.45 -64.64 -22.62
C LEU L 23 29.12 -63.24 -23.14
N THR L 24 28.36 -62.46 -22.36
CA THR L 24 27.87 -61.15 -22.80
C THR L 24 28.17 -59.99 -21.84
N TYR L 25 29.28 -60.10 -21.09
CA TYR L 25 29.70 -59.04 -20.16
C TYR L 25 31.19 -58.68 -20.25
N TYR L 26 32.01 -59.62 -20.72
CA TYR L 26 33.43 -59.39 -20.94
C TYR L 26 33.71 -59.12 -22.42
N THR L 27 33.94 -57.85 -22.74
CA THR L 27 34.24 -57.40 -24.10
C THR L 27 35.56 -56.62 -24.14
N PRO L 28 36.65 -57.26 -24.63
CA PRO L 28 37.97 -56.62 -24.70
C PRO L 28 38.08 -55.53 -25.78
N ASP L 29 37.22 -55.61 -26.79
CA ASP L 29 37.23 -54.68 -27.93
C ASP L 29 36.71 -53.28 -27.60
N TYR L 30 35.88 -53.18 -26.56
CA TYR L 30 35.23 -51.93 -26.15
C TYR L 30 36.22 -50.85 -25.72
N THR L 31 35.99 -49.64 -26.21
CA THR L 31 36.77 -48.45 -25.87
C THR L 31 35.88 -47.52 -25.02
N PRO L 32 36.40 -47.04 -23.86
CA PRO L 32 35.62 -46.16 -22.97
C PRO L 32 35.25 -44.81 -23.61
N LYS L 33 34.00 -44.40 -23.41
CA LYS L 33 33.50 -43.10 -23.86
C LYS L 33 33.93 -42.00 -22.88
N ASP L 34 33.82 -40.75 -23.33
CA ASP L 34 34.16 -39.58 -22.50
C ASP L 34 33.12 -39.31 -21.41
N THR L 35 31.87 -39.67 -21.69
CA THR L 35 30.78 -39.58 -20.71
C THR L 35 30.48 -40.98 -20.16
N ASP L 36 31.42 -41.48 -19.35
CA ASP L 36 31.39 -42.85 -18.83
C ASP L 36 32.11 -42.93 -17.48
N ILE L 37 31.56 -43.72 -16.57
CA ILE L 37 32.14 -43.92 -15.24
C ILE L 37 33.01 -45.18 -15.22
N LEU L 38 34.29 -44.98 -14.92
CA LEU L 38 35.28 -46.07 -14.92
C LEU L 38 35.73 -46.42 -13.50
N ALA L 39 35.90 -47.72 -13.26
CA ALA L 39 36.29 -48.23 -11.94
C ALA L 39 37.43 -49.25 -12.04
N ALA L 40 38.34 -49.19 -11.07
CA ALA L 40 39.46 -50.12 -10.97
C ALA L 40 39.28 -51.04 -9.75
N PHE L 41 39.28 -52.35 -10.00
CA PHE L 41 39.08 -53.35 -8.96
C PHE L 41 40.27 -54.29 -8.85
N ARG L 42 40.79 -54.45 -7.63
CA ARG L 42 41.81 -55.44 -7.31
C ARG L 42 41.10 -56.73 -6.88
N VAL L 43 41.14 -57.73 -7.76
CA VAL L 43 40.33 -58.95 -7.60
C VAL L 43 41.19 -60.14 -7.17
N THR L 44 40.64 -60.95 -6.26
CA THR L 44 41.24 -62.22 -5.83
C THR L 44 40.17 -63.32 -5.91
N PRO L 45 40.17 -64.12 -7.00
CA PRO L 45 39.15 -65.17 -7.16
C PRO L 45 39.47 -66.44 -6.38
N GLN L 46 38.43 -67.26 -6.15
CA GLN L 46 38.58 -68.59 -5.55
C GLN L 46 39.33 -69.52 -6.51
N PRO L 47 40.18 -70.43 -5.97
CA PRO L 47 40.91 -71.41 -6.81
C PRO L 47 39.97 -72.30 -7.62
N GLY L 48 40.19 -72.33 -8.94
CA GLY L 48 39.34 -73.07 -9.87
C GLY L 48 38.41 -72.19 -10.70
N VAL L 49 38.47 -70.88 -10.48
CA VAL L 49 37.66 -69.90 -11.21
C VAL L 49 38.58 -69.05 -12.10
N PRO L 50 38.26 -68.97 -13.42
CA PRO L 50 39.03 -68.14 -14.37
C PRO L 50 39.02 -66.64 -14.05
N PHE L 51 40.04 -65.95 -14.55
CA PHE L 51 40.22 -64.50 -14.40
C PHE L 51 39.09 -63.70 -15.05
N GLU L 52 38.64 -64.19 -16.21
CA GLU L 52 37.60 -63.53 -17.01
C GLU L 52 36.21 -63.65 -16.37
N GLU L 53 35.92 -64.81 -15.79
CA GLU L 53 34.65 -65.06 -15.08
C GLU L 53 34.48 -64.19 -13.83
N ALA L 54 35.58 -64.05 -13.08
CA ALA L 54 35.63 -63.19 -11.90
C ALA L 54 35.43 -61.71 -12.27
N ALA L 55 36.05 -61.30 -13.38
CA ALA L 55 35.94 -59.93 -13.89
C ALA L 55 34.55 -59.61 -14.44
N ALA L 56 33.93 -60.60 -15.10
CA ALA L 56 32.59 -60.46 -15.68
C ALA L 56 31.49 -60.40 -14.62
N ALA L 57 31.67 -61.16 -13.54
CA ALA L 57 30.71 -61.23 -12.43
C ALA L 57 30.61 -59.92 -11.65
N VAL L 58 31.76 -59.27 -11.42
CA VAL L 58 31.82 -57.95 -10.78
C VAL L 58 31.16 -56.89 -11.67
N ALA L 59 31.42 -56.99 -12.98
CA ALA L 59 30.82 -56.11 -13.98
C ALA L 59 29.31 -56.30 -14.14
N ALA L 60 28.85 -57.54 -13.99
CA ALA L 60 27.43 -57.88 -14.14
C ALA L 60 26.62 -57.55 -12.88
N GLU L 61 27.03 -58.10 -11.73
CA GLU L 61 26.29 -57.99 -10.47
C GLU L 61 26.10 -56.54 -9.97
N SER L 62 27.06 -55.67 -10.29
CA SER L 62 26.98 -54.24 -9.96
C SER L 62 25.92 -53.51 -10.78
N SER L 63 25.80 -53.85 -12.07
CA SER L 63 24.85 -53.21 -12.98
C SER L 63 24.22 -54.18 -13.97
N THR L 64 22.90 -54.39 -13.81
CA THR L 64 22.06 -55.24 -14.68
C THR L 64 22.53 -56.71 -14.73
N GLY L 65 22.64 -57.33 -13.57
CA GLY L 65 23.11 -58.70 -13.45
C GLY L 65 22.19 -59.59 -12.64
N THR L 66 21.94 -60.79 -13.17
CA THR L 66 21.09 -61.79 -12.52
C THR L 66 21.64 -63.21 -12.77
N TRP L 67 21.44 -64.10 -11.80
CA TRP L 67 22.01 -65.46 -11.83
C TRP L 67 21.40 -66.38 -12.89
N THR L 68 20.15 -66.10 -13.26
CA THR L 68 19.44 -66.84 -14.33
C THR L 68 18.76 -65.87 -15.32
N THR L 69 18.64 -66.31 -16.57
CA THR L 69 18.09 -65.49 -17.67
C THR L 69 16.59 -65.26 -17.50
N VAL L 70 16.19 -63.98 -17.59
CA VAL L 70 14.78 -63.56 -17.44
C VAL L 70 14.20 -63.03 -18.77
N TRP L 71 12.89 -63.19 -18.92
CA TRP L 71 12.19 -62.80 -20.17
C TRP L 71 11.99 -61.29 -20.32
N THR L 72 12.05 -60.56 -19.20
CA THR L 72 11.85 -59.11 -19.18
C THR L 72 13.08 -58.35 -19.70
N ASP L 73 14.19 -59.06 -19.86
CA ASP L 73 15.43 -58.54 -20.48
C ASP L 73 15.27 -58.20 -21.96
N LEU L 74 14.34 -58.88 -22.63
CA LEU L 74 14.12 -58.72 -24.08
C LEU L 74 13.29 -57.48 -24.43
N LEU L 75 12.47 -57.02 -23.48
CA LEU L 75 11.68 -55.78 -23.65
C LEU L 75 12.56 -54.54 -23.58
N THR L 76 13.59 -54.58 -22.73
CA THR L 76 14.58 -53.51 -22.61
C THR L 76 15.77 -53.74 -23.56
N ASP L 77 16.51 -52.67 -23.85
CA ASP L 77 17.74 -52.76 -24.64
C ASP L 77 18.92 -53.00 -23.70
N LEU L 78 19.31 -54.28 -23.59
CA LEU L 78 20.31 -54.73 -22.60
C LEU L 78 21.73 -54.23 -22.88
N ASP L 79 22.07 -54.09 -24.16
CA ASP L 79 23.41 -53.68 -24.61
C ASP L 79 23.76 -52.22 -24.28
N ARG L 80 22.73 -51.38 -24.19
CA ARG L 80 22.87 -49.95 -23.90
C ARG L 80 23.21 -49.68 -22.42
N TYR L 81 22.62 -50.45 -21.52
CA TYR L 81 22.68 -50.19 -20.08
C TYR L 81 23.69 -51.04 -19.28
N LYS L 82 24.19 -52.12 -19.89
CA LYS L 82 25.09 -53.05 -19.21
C LYS L 82 26.49 -52.49 -18.94
N GLY L 83 27.05 -52.86 -17.79
CA GLY L 83 28.43 -52.54 -17.43
C GLY L 83 29.36 -53.65 -17.89
N ARG L 84 30.47 -53.27 -18.54
CA ARG L 84 31.37 -54.25 -19.15
C ARG L 84 32.84 -54.08 -18.75
N CYS L 85 33.55 -55.20 -18.70
CA CYS L 85 34.99 -55.23 -18.42
C CYS L 85 35.76 -55.19 -19.75
N TYR L 86 36.59 -54.17 -19.91
CA TYR L 86 37.31 -53.94 -21.17
C TYR L 86 38.79 -54.32 -21.16
N ASP L 87 39.40 -54.33 -19.98
CA ASP L 87 40.81 -54.71 -19.83
C ASP L 87 41.11 -55.40 -18.51
N ILE L 88 41.87 -56.50 -18.60
CA ILE L 88 42.37 -57.24 -17.44
C ILE L 88 43.90 -57.13 -17.40
N GLU L 89 44.40 -56.62 -16.27
CA GLU L 89 45.83 -56.44 -16.05
C GLU L 89 46.28 -57.23 -14.80
N PRO L 90 47.20 -58.21 -14.97
CA PRO L 90 47.67 -58.99 -13.81
C PRO L 90 48.67 -58.23 -12.93
N VAL L 91 48.59 -58.47 -11.63
CA VAL L 91 49.48 -57.85 -10.64
C VAL L 91 50.81 -58.62 -10.59
N PRO L 92 51.95 -57.91 -10.78
CA PRO L 92 53.29 -58.53 -10.79
C PRO L 92 53.69 -59.13 -9.43
N GLY L 93 54.25 -60.35 -9.48
CA GLY L 93 54.70 -61.08 -8.30
C GLY L 93 53.58 -61.58 -7.40
N GLU L 94 52.40 -61.79 -7.98
CA GLU L 94 51.20 -62.22 -7.26
C GLU L 94 50.38 -63.20 -8.10
N ASP L 95 50.11 -64.37 -7.51
CA ASP L 95 49.27 -65.39 -8.13
C ASP L 95 47.81 -65.18 -7.75
N ASN L 96 46.92 -65.33 -8.74
CA ASN L 96 45.48 -65.06 -8.63
C ASN L 96 45.14 -63.64 -8.11
N GLN L 97 45.83 -62.65 -8.69
CA GLN L 97 45.64 -61.24 -8.35
C GLN L 97 45.72 -60.41 -9.63
N PHE L 98 44.63 -59.70 -9.93
CA PHE L 98 44.53 -58.91 -11.15
C PHE L 98 43.68 -57.65 -11.00
N ILE L 99 44.03 -56.62 -11.77
CA ILE L 99 43.30 -55.36 -11.82
C ILE L 99 42.28 -55.41 -12.96
N ALA L 100 41.01 -55.22 -12.62
CA ALA L 100 39.92 -55.18 -13.60
C ALA L 100 39.46 -53.75 -13.84
N TYR L 101 39.16 -53.44 -15.10
CA TYR L 101 38.63 -52.13 -15.50
C TYR L 101 37.22 -52.29 -16.04
N ILE L 102 36.26 -51.64 -15.38
CA ILE L 102 34.83 -51.75 -15.74
C ILE L 102 34.27 -50.37 -16.10
N ALA L 103 33.59 -50.30 -17.24
CA ALA L 103 32.96 -49.08 -17.73
C ALA L 103 31.43 -49.10 -17.53
N TYR L 104 30.90 -48.01 -16.96
CA TYR L 104 29.47 -47.87 -16.70
C TYR L 104 28.86 -46.70 -17.49
N PRO L 105 27.72 -46.93 -18.17
CA PRO L 105 26.99 -45.87 -18.87
C PRO L 105 26.50 -44.76 -17.94
N LEU L 106 26.56 -43.51 -18.40
CA LEU L 106 26.22 -42.31 -17.61
C LEU L 106 24.75 -42.27 -17.18
N ASP L 107 23.87 -42.81 -18.04
CA ASP L 107 22.42 -42.69 -17.89
C ASP L 107 21.77 -43.45 -16.72
N LEU L 108 22.48 -44.43 -16.15
CA LEU L 108 21.92 -45.26 -15.08
C LEU L 108 22.03 -44.66 -13.66
N PHE L 109 22.91 -43.67 -13.51
CA PHE L 109 23.12 -43.00 -12.22
C PHE L 109 22.23 -41.77 -12.05
N GLU L 110 21.81 -41.52 -10.81
CA GLU L 110 21.03 -40.32 -10.47
C GLU L 110 21.93 -39.08 -10.40
N GLU L 111 21.35 -37.94 -10.76
CA GLU L 111 22.06 -36.66 -10.79
C GLU L 111 22.25 -36.08 -9.39
N GLY L 112 23.48 -35.68 -9.09
CA GLY L 112 23.84 -35.06 -7.81
C GLY L 112 23.68 -35.94 -6.59
N SER L 113 23.94 -37.23 -6.75
CA SER L 113 23.78 -38.21 -5.67
C SER L 113 25.00 -39.12 -5.54
N ILE L 114 25.70 -38.98 -4.41
CA ILE L 114 26.81 -39.87 -4.05
C ILE L 114 26.27 -41.22 -3.56
N THR L 115 25.08 -41.19 -2.95
CA THR L 115 24.41 -42.39 -2.43
C THR L 115 24.18 -43.43 -3.54
N ASN L 116 23.66 -42.99 -4.68
CA ASN L 116 23.37 -43.88 -5.83
C ASN L 116 24.63 -44.50 -6.43
N VAL L 117 25.64 -43.68 -6.71
CA VAL L 117 26.90 -44.15 -7.30
C VAL L 117 27.68 -45.12 -6.38
N LEU L 118 27.47 -44.97 -5.07
CA LEU L 118 28.03 -45.88 -4.07
C LEU L 118 27.23 -47.18 -3.98
N THR L 119 25.89 -47.07 -3.86
CA THR L 119 24.99 -48.23 -3.73
C THR L 119 24.97 -49.13 -4.99
N SER L 120 25.18 -48.52 -6.16
CA SER L 120 25.21 -49.27 -7.41
C SER L 120 26.50 -50.07 -7.60
N ILE L 121 27.64 -49.41 -7.43
CA ILE L 121 28.96 -50.00 -7.71
C ILE L 121 29.44 -50.95 -6.60
N VAL L 122 29.49 -50.46 -5.36
CA VAL L 122 29.96 -51.27 -4.22
C VAL L 122 28.81 -51.85 -3.36
N GLY L 123 27.70 -52.17 -4.03
CA GLY L 123 26.48 -52.65 -3.39
C GLY L 123 26.56 -54.04 -2.79
N ASN L 124 26.59 -55.06 -3.67
CA ASN L 124 26.64 -56.46 -3.24
C ASN L 124 27.62 -57.35 -4.01
N VAL L 125 28.53 -56.73 -4.76
CA VAL L 125 29.63 -57.44 -5.45
C VAL L 125 30.65 -58.01 -4.46
N PHE L 126 30.88 -57.29 -3.36
CA PHE L 126 31.63 -57.77 -2.21
C PHE L 126 30.80 -58.84 -1.51
N GLY L 127 31.46 -59.83 -0.93
CA GLY L 127 30.77 -60.95 -0.27
C GLY L 127 30.17 -61.93 -1.25
N PHE L 128 30.80 -62.06 -2.42
CA PHE L 128 30.44 -63.04 -3.43
C PHE L 128 31.17 -64.34 -3.12
N LYS L 129 30.51 -65.48 -3.37
CA LYS L 129 31.08 -66.80 -3.07
C LYS L 129 32.26 -67.17 -3.98
N ALA L 130 32.25 -66.64 -5.19
CA ALA L 130 33.26 -66.95 -6.22
C ALA L 130 34.61 -66.25 -6.04
N LEU L 131 34.67 -65.24 -5.17
CA LEU L 131 35.91 -64.50 -4.90
C LEU L 131 36.11 -64.19 -3.42
N ARG L 132 37.35 -64.35 -2.97
CA ARG L 132 37.70 -64.21 -1.54
C ARG L 132 37.87 -62.77 -1.04
N ALA L 133 38.55 -61.94 -1.84
CA ALA L 133 38.81 -60.54 -1.47
C ALA L 133 38.76 -59.60 -2.67
N LEU L 134 38.13 -58.45 -2.47
CA LEU L 134 37.98 -57.43 -3.50
C LEU L 134 38.29 -56.05 -2.92
N ARG L 135 38.89 -55.19 -3.75
CA ARG L 135 39.23 -53.82 -3.35
C ARG L 135 39.05 -52.84 -4.52
N LEU L 136 38.27 -51.79 -4.27
CA LEU L 136 38.12 -50.68 -5.21
C LEU L 136 39.26 -49.69 -5.02
N GLU L 137 40.14 -49.61 -6.02
CA GLU L 137 41.37 -48.82 -5.93
C GLU L 137 41.19 -47.36 -6.34
N ASP L 138 40.48 -47.13 -7.44
CA ASP L 138 40.21 -45.79 -7.96
C ASP L 138 38.91 -45.76 -8.77
N ILE L 139 38.35 -44.56 -8.92
CA ILE L 139 37.13 -44.32 -9.71
C ILE L 139 37.29 -43.04 -10.54
N ARG L 140 36.71 -43.02 -11.73
CA ARG L 140 36.77 -41.84 -12.61
C ARG L 140 35.39 -41.23 -12.85
N PHE L 141 35.26 -39.97 -12.48
CA PHE L 141 34.04 -39.19 -12.74
C PHE L 141 34.22 -38.33 -13.99
N PRO L 142 33.28 -38.45 -14.97
CA PRO L 142 33.33 -37.59 -16.15
C PRO L 142 32.86 -36.17 -15.84
N VAL L 143 33.25 -35.22 -16.69
CA VAL L 143 32.89 -33.80 -16.55
C VAL L 143 31.37 -33.59 -16.53
N ALA L 144 30.66 -34.33 -17.38
CA ALA L 144 29.19 -34.28 -17.47
C ALA L 144 28.46 -34.66 -16.18
N TYR L 145 29.03 -35.59 -15.42
CA TYR L 145 28.45 -36.03 -14.15
C TYR L 145 28.81 -35.11 -12.98
N ILE L 146 30.03 -34.57 -13.00
CA ILE L 146 30.53 -33.65 -11.95
C ILE L 146 29.69 -32.36 -11.88
N LYS L 147 29.23 -31.89 -13.05
CA LYS L 147 28.45 -30.64 -13.16
C LYS L 147 27.10 -30.64 -12.43
N THR L 148 26.55 -31.82 -12.16
CA THR L 148 25.29 -31.96 -11.43
C THR L 148 25.44 -31.67 -9.92
N PHE L 149 26.64 -31.91 -9.39
CA PHE L 149 26.94 -31.72 -7.97
C PHE L 149 27.23 -30.26 -7.63
N GLN L 150 26.95 -29.90 -6.38
CA GLN L 150 27.23 -28.56 -5.86
C GLN L 150 28.73 -28.37 -5.60
N GLY L 151 29.38 -29.39 -5.04
CA GLY L 151 30.78 -29.33 -4.65
C GLY L 151 30.94 -28.71 -3.26
N PRO L 152 32.16 -28.25 -2.92
CA PRO L 152 32.39 -27.56 -1.64
C PRO L 152 31.64 -26.23 -1.58
N PRO L 153 31.16 -25.83 -0.38
CA PRO L 153 30.36 -24.60 -0.26
C PRO L 153 31.13 -23.31 -0.58
N HIS L 154 32.44 -23.32 -0.33
CA HIS L 154 33.28 -22.12 -0.51
C HIS L 154 34.59 -22.40 -1.26
N GLY L 155 35.30 -23.45 -0.84
CA GLY L 155 36.60 -23.80 -1.43
C GLY L 155 37.76 -23.04 -0.81
N ILE L 156 38.96 -23.30 -1.32
CA ILE L 156 40.22 -22.75 -0.78
C ILE L 156 40.29 -21.21 -0.88
N GLN L 157 40.06 -20.69 -2.07
CA GLN L 157 40.26 -19.27 -2.40
C GLN L 157 39.30 -18.31 -1.70
N VAL L 158 38.01 -18.69 -1.65
CA VAL L 158 36.97 -17.89 -0.99
C VAL L 158 37.15 -17.90 0.53
N GLU L 159 37.57 -19.05 1.06
CA GLU L 159 37.84 -19.25 2.49
C GLU L 159 38.91 -18.30 3.04
N ARG L 160 40.02 -18.18 2.30
CA ARG L 160 41.14 -17.32 2.69
C ARG L 160 40.79 -15.84 2.66
N ASP L 161 39.87 -15.46 1.77
CA ASP L 161 39.40 -14.08 1.65
C ASP L 161 38.44 -13.71 2.78
N LYS L 162 37.57 -14.64 3.16
CA LYS L 162 36.62 -14.45 4.26
C LYS L 162 37.30 -14.39 5.62
N LEU L 163 38.38 -15.16 5.78
CA LEU L 163 39.16 -15.21 7.02
C LEU L 163 40.29 -14.17 7.06
N ASN L 164 40.63 -13.62 5.89
CA ASN L 164 41.70 -12.62 5.69
C ASN L 164 43.07 -13.10 6.18
N LYS L 165 43.50 -14.25 5.64
CA LYS L 165 44.74 -14.91 6.04
C LYS L 165 45.50 -15.43 4.82
N TYR L 166 46.72 -14.93 4.63
CA TYR L 166 47.56 -15.29 3.47
C TYR L 166 49.02 -15.52 3.84
N GLY L 167 49.69 -16.41 3.09
CA GLY L 167 51.14 -16.58 3.18
C GLY L 167 51.66 -17.77 3.96
N ARG L 168 50.80 -18.36 4.80
CA ARG L 168 51.19 -19.43 5.72
C ARG L 168 50.12 -20.51 5.85
N PRO L 169 50.49 -21.73 6.28
CA PRO L 169 49.49 -22.71 6.70
C PRO L 169 48.76 -22.27 7.97
N LEU L 170 47.51 -22.71 8.12
CA LEU L 170 46.70 -22.35 9.30
C LEU L 170 46.99 -23.29 10.47
N LEU L 171 46.84 -22.78 11.69
CA LEU L 171 47.10 -23.54 12.91
C LEU L 171 45.82 -23.88 13.68
N GLY L 172 45.78 -25.09 14.22
CA GLY L 172 44.63 -25.60 14.97
C GLY L 172 45.00 -26.37 16.22
N CYS L 173 44.00 -26.60 17.07
CA CYS L 173 44.17 -27.32 18.33
C CYS L 173 42.89 -28.06 18.73
N THR L 174 43.06 -29.22 19.35
CA THR L 174 41.95 -30.02 19.87
C THR L 174 42.00 -30.05 21.39
N ILE L 175 40.86 -29.79 22.02
CA ILE L 175 40.71 -29.74 23.48
C ILE L 175 40.77 -31.14 24.08
N LYS L 176 41.59 -31.31 25.12
CA LYS L 176 41.78 -32.60 25.81
C LYS L 176 41.58 -32.42 27.32
N PRO L 177 41.01 -33.41 28.03
CA PRO L 177 40.61 -34.72 27.49
C PRO L 177 39.36 -34.67 26.59
N LYS L 178 39.14 -35.73 25.83
CA LYS L 178 38.01 -35.84 24.90
C LYS L 178 36.66 -35.72 25.60
N LEU L 179 36.55 -36.34 26.78
CA LEU L 179 35.32 -36.32 27.57
C LEU L 179 35.64 -36.10 29.05
N GLY L 180 34.77 -35.35 29.73
CA GLY L 180 34.91 -35.09 31.16
C GLY L 180 34.83 -33.64 31.59
N LEU L 181 35.28 -32.74 30.72
CA LEU L 181 35.29 -31.30 31.01
C LEU L 181 33.91 -30.66 30.98
N SER L 182 33.70 -29.72 31.89
CA SER L 182 32.45 -28.93 31.97
C SER L 182 32.36 -27.93 30.84
N ALA L 183 31.15 -27.41 30.61
CA ALA L 183 30.90 -26.38 29.59
C ALA L 183 31.66 -25.07 29.86
N LYS L 184 31.82 -24.72 31.13
CA LYS L 184 32.58 -23.54 31.55
C LYS L 184 34.08 -23.75 31.39
N ASN L 185 34.57 -24.92 31.82
CA ASN L 185 35.99 -25.29 31.72
C ASN L 185 36.46 -25.48 30.29
N TYR L 186 35.56 -25.97 29.44
CA TYR L 186 35.80 -26.16 28.01
C TYR L 186 36.09 -24.84 27.30
N GLY L 187 35.29 -23.82 27.61
CA GLY L 187 35.46 -22.47 27.06
C GLY L 187 36.67 -21.73 27.60
N ARG L 188 37.08 -22.09 28.82
CA ARG L 188 38.29 -21.54 29.44
C ARG L 188 39.54 -22.07 28.73
N ALA L 189 39.51 -23.35 28.34
CA ALA L 189 40.59 -23.98 27.59
C ALA L 189 40.68 -23.48 26.15
N VAL L 190 39.52 -23.21 25.54
CA VAL L 190 39.43 -22.63 24.19
C VAL L 190 40.06 -21.24 24.16
N TYR L 191 39.73 -20.43 25.18
CA TYR L 191 40.23 -19.05 25.29
C TYR L 191 41.75 -18.94 25.35
N GLU L 192 42.37 -19.74 26.21
CA GLU L 192 43.82 -19.72 26.45
C GLU L 192 44.65 -20.14 25.24
N CYS L 193 44.10 -21.05 24.43
CA CYS L 193 44.74 -21.48 23.18
C CYS L 193 44.72 -20.42 22.10
N LEU L 194 43.56 -19.77 21.92
CA LEU L 194 43.38 -18.71 20.91
C LEU L 194 44.11 -17.42 21.27
N ARG L 195 44.30 -17.20 22.58
CA ARG L 195 45.05 -16.06 23.11
C ARG L 195 46.53 -16.11 22.74
N GLY L 196 47.11 -17.31 22.83
CA GLY L 196 48.54 -17.55 22.58
C GLY L 196 48.98 -17.29 21.16
N GLY L 197 48.14 -17.70 20.20
CA GLY L 197 48.41 -17.45 18.78
C GLY L 197 48.08 -18.56 17.81
N LEU L 198 46.97 -19.25 18.06
CA LEU L 198 46.41 -20.23 17.12
C LEU L 198 45.22 -19.63 16.41
N ASP L 199 45.01 -20.07 15.16
CA ASP L 199 43.90 -19.58 14.35
C ASP L 199 42.56 -20.24 14.68
N PHE L 200 42.59 -21.57 14.86
CA PHE L 200 41.40 -22.37 15.14
C PHE L 200 41.51 -23.25 16.37
N THR L 201 40.37 -23.56 16.97
CA THR L 201 40.23 -24.63 17.97
C THR L 201 39.14 -25.62 17.52
N ASP L 203 36.47 -29.16 18.45
CA ASP L 203 35.81 -30.19 19.26
C ASP L 203 36.25 -31.58 18.78
N ASP L 204 36.39 -32.51 19.72
CA ASP L 204 36.65 -33.92 19.38
C ASP L 204 35.48 -34.52 18.63
N GLU L 205 35.78 -35.50 17.78
CA GLU L 205 34.78 -36.17 16.93
C GLU L 205 33.64 -36.86 17.70
N ASN L 206 33.95 -37.31 18.92
CA ASN L 206 32.97 -38.01 19.77
C ASN L 206 32.13 -37.08 20.68
N ILE L 207 32.51 -35.80 20.75
CA ILE L 207 31.73 -34.80 21.49
C ILE L 207 30.48 -34.41 20.69
N ASN L 208 29.31 -34.66 21.28
CA ASN L 208 28.04 -34.23 20.70
C ASN L 208 27.17 -33.52 21.74
N SER L 209 26.46 -34.28 22.59
CA SER L 209 25.62 -33.74 23.65
C SER L 209 25.43 -34.75 24.80
N ALA L 210 26.52 -35.02 25.51
CA ALA L 210 26.52 -35.95 26.64
C ALA L 210 25.91 -35.33 27.91
N PRO L 211 25.38 -36.17 28.83
CA PRO L 211 24.85 -35.74 30.14
C PRO L 211 25.71 -34.74 30.95
N PHE L 212 27.04 -34.87 30.91
CA PHE L 212 27.91 -33.98 31.70
C PHE L 212 28.09 -32.57 31.14
N GLN L 213 28.05 -32.44 29.81
CA GLN L 213 27.96 -31.13 29.14
C GLN L 213 27.04 -31.15 27.91
N ARG L 214 25.96 -30.39 27.99
CA ARG L 214 24.96 -30.31 26.91
C ARG L 214 25.43 -29.36 25.81
N TRP L 215 24.99 -29.63 24.58
CA TRP L 215 25.48 -28.93 23.38
C TRP L 215 25.24 -27.42 23.37
N ARG L 216 24.06 -27.00 23.83
CA ARG L 216 23.68 -25.59 23.83
C ARG L 216 24.47 -24.75 24.84
N ASP L 217 24.92 -25.40 25.91
CA ASP L 217 25.81 -24.79 26.90
C ASP L 217 27.21 -24.58 26.35
N ARG L 218 27.75 -25.61 25.67
CA ARG L 218 29.08 -25.56 25.05
C ARG L 218 29.17 -24.48 23.97
N PHE L 219 28.10 -24.33 23.19
CA PHE L 219 28.00 -23.33 22.11
C PHE L 219 28.06 -21.90 22.63
N LEU L 220 27.40 -21.66 23.77
CA LEU L 220 27.31 -20.33 24.38
C LEU L 220 28.62 -19.86 25.03
N PHE L 221 29.29 -20.76 25.76
CA PHE L 221 30.53 -20.44 26.46
C PHE L 221 31.74 -20.30 25.54
N VAL L 222 31.78 -21.10 24.47
CA VAL L 222 32.84 -21.03 23.46
C VAL L 222 32.75 -19.72 22.65
N ALA L 223 31.52 -19.28 22.38
CA ALA L 223 31.24 -18.00 21.70
C ALA L 223 31.76 -16.80 22.49
N ASP L 224 31.69 -16.88 23.82
CA ASP L 224 32.24 -15.86 24.72
C ASP L 224 33.77 -15.84 24.71
N ALA L 225 34.38 -17.01 24.52
CA ALA L 225 35.84 -17.16 24.48
C ALA L 225 36.45 -16.62 23.20
N ILE L 226 35.76 -16.80 22.08
CA ILE L 226 36.21 -16.30 20.76
C ILE L 226 36.17 -14.77 20.74
N THR L 227 35.10 -14.19 21.28
CA THR L 227 34.89 -12.75 21.34
C THR L 227 35.99 -12.03 22.14
N LYS L 228 36.43 -12.64 23.24
CA LYS L 228 37.48 -12.08 24.10
C LYS L 228 38.87 -12.17 23.46
N ALA L 229 39.18 -13.32 22.87
CA ALA L 229 40.48 -13.58 22.25
C ALA L 229 40.73 -12.78 20.97
N GLN L 230 39.67 -12.58 20.19
CA GLN L 230 39.70 -11.79 18.95
C GLN L 230 40.01 -10.32 19.23
N ALA L 231 39.36 -9.76 20.26
CA ALA L 231 39.55 -8.37 20.68
C ALA L 231 40.92 -8.11 21.31
N GLU L 232 41.49 -9.15 21.92
CA GLU L 232 42.77 -9.06 22.61
C GLU L 232 43.98 -9.13 21.67
N THR L 233 43.85 -9.91 20.59
CA THR L 233 44.94 -10.12 19.62
C THR L 233 44.82 -9.27 18.35
N GLY L 234 43.58 -8.98 17.94
CA GLY L 234 43.30 -8.19 16.74
C GLY L 234 43.26 -9.01 15.45
N GLU L 235 43.15 -10.33 15.60
CA GLU L 235 43.06 -11.27 14.46
C GLU L 235 41.78 -12.08 14.55
N ILE L 236 41.26 -12.50 13.40
CA ILE L 236 40.05 -13.33 13.31
C ILE L 236 40.31 -14.73 13.88
N LYS L 237 39.51 -15.09 14.88
CA LYS L 237 39.60 -16.39 15.55
C LYS L 237 38.32 -17.20 15.37
N GLY L 238 38.46 -18.53 15.37
CA GLY L 238 37.32 -19.43 15.20
C GLY L 238 37.43 -20.74 15.98
N HIS L 239 36.32 -21.46 16.03
CA HIS L 239 36.23 -22.76 16.69
C HIS L 239 35.25 -23.66 15.92
N TYR L 240 35.68 -24.89 15.62
CA TYR L 240 34.81 -25.86 14.94
C TYR L 240 33.84 -26.46 15.95
N LEU L 241 32.56 -26.12 15.80
CA LEU L 241 31.51 -26.66 16.66
C LEU L 241 30.91 -27.91 16.02
N ASN L 242 30.87 -29.00 16.78
CA ASN L 242 30.38 -30.29 16.29
C ASN L 242 28.86 -30.31 16.21
N VAL L 243 28.36 -30.48 14.99
CA VAL L 243 26.93 -30.38 14.67
C VAL L 243 26.34 -31.79 14.38
N THR L 244 27.18 -32.82 14.48
CA THR L 244 26.78 -34.22 14.29
C THR L 244 25.70 -34.62 15.31
N ALA L 245 24.57 -35.10 14.79
CA ALA L 245 23.37 -35.33 15.61
C ALA L 245 22.65 -36.66 15.27
N PRO L 246 21.82 -37.17 16.20
CA PRO L 246 21.03 -38.40 15.95
C PRO L 246 20.05 -38.33 14.77
N THR L 247 19.44 -37.17 14.54
CA THR L 247 18.47 -36.98 13.45
C THR L 247 18.79 -35.76 12.57
N CYS L 248 18.19 -35.73 11.37
CA CYS L 248 18.35 -34.62 10.42
C CYS L 248 17.77 -33.28 10.91
N GLU L 249 16.72 -33.36 11.73
CA GLU L 249 16.12 -32.17 12.36
C GLU L 249 17.02 -31.61 13.46
N GLU L 250 17.58 -32.51 14.27
CA GLU L 250 18.49 -32.16 15.36
C GLU L 250 19.81 -31.57 14.85
N MET L 251 20.24 -32.03 13.67
CA MET L 251 21.45 -31.52 13.01
C MET L 251 21.26 -30.07 12.56
N LEU L 252 20.18 -29.81 11.82
CA LEU L 252 19.87 -28.46 11.31
C LEU L 252 19.54 -27.46 12.40
N LYS L 253 19.00 -27.95 13.52
CA LYS L 253 18.69 -27.14 14.70
C LYS L 253 19.96 -26.60 15.38
N ARG L 254 20.99 -27.44 15.44
CA ARG L 254 22.28 -27.07 16.02
C ARG L 254 23.05 -26.10 15.12
N ALA L 255 22.89 -26.27 13.81
CA ALA L 255 23.52 -25.40 12.80
C ALA L 255 22.95 -23.99 12.84
N GLU L 256 21.62 -23.89 13.01
CA GLU L 256 20.90 -22.61 13.09
C GLU L 256 21.38 -21.72 14.24
N TYR L 257 21.67 -22.34 15.38
CA TYR L 257 22.12 -21.62 16.58
C TYR L 257 23.56 -21.10 16.47
N ALA L 258 24.38 -21.81 15.70
CA ALA L 258 25.75 -21.39 15.38
C ALA L 258 25.76 -20.13 14.51
N LYS L 259 24.82 -20.07 13.56
CA LYS L 259 24.59 -18.87 12.72
C LYS L 259 24.07 -17.69 13.55
N GLU L 260 23.24 -18.01 14.54
CA GLU L 260 22.67 -17.02 15.46
C GLU L 260 23.73 -16.34 16.34
N LEU L 261 24.77 -17.08 16.70
CA LEU L 261 25.90 -16.58 17.49
C LEU L 261 27.02 -15.99 16.61
N LYS L 262 26.74 -15.89 15.31
CA LYS L 262 27.66 -15.33 14.28
C LYS L 262 29.00 -16.07 14.20
N GLN L 263 28.92 -17.40 14.13
CA GLN L 263 30.10 -18.26 14.05
C GLN L 263 30.52 -18.52 12.60
N PRO L 264 31.83 -18.42 12.31
CA PRO L 264 32.33 -18.62 10.94
C PRO L 264 32.38 -20.08 10.47
N ILE L 265 32.58 -21.03 11.39
CA ILE L 265 32.89 -22.42 11.01
C ILE L 265 32.22 -23.48 11.90
N ILE L 266 31.72 -24.55 11.27
CA ILE L 266 31.16 -25.72 11.95
C ILE L 266 31.81 -27.02 11.44
N MET L 267 31.73 -28.10 12.23
CA MET L 267 32.28 -29.40 11.80
C MET L 267 31.24 -30.55 11.79
N HIS L 268 31.57 -31.61 11.04
CA HIS L 268 30.69 -32.77 10.86
C HIS L 268 31.46 -34.04 10.51
N ASP L 269 30.92 -35.18 10.92
CA ASP L 269 31.50 -36.51 10.62
C ASP L 269 30.70 -37.17 9.49
N TYR L 270 31.32 -37.28 8.31
CA TYR L 270 30.59 -37.67 7.09
C TYR L 270 30.35 -39.17 6.90
N LEU L 271 31.23 -40.00 7.47
CA LEU L 271 31.13 -41.46 7.31
C LEU L 271 30.22 -42.15 8.33
N THR L 272 30.20 -41.64 9.57
CA THR L 272 29.36 -42.20 10.64
C THR L 272 27.91 -41.71 10.54
N ALA L 273 27.72 -40.46 10.15
CA ALA L 273 26.38 -39.88 9.95
C ALA L 273 25.79 -40.24 8.59
N GLY L 274 26.64 -40.36 7.58
CA GLY L 274 26.23 -40.78 6.24
C GLY L 274 26.20 -39.67 5.19
N PHE L 275 26.19 -40.09 3.93
CA PHE L 275 26.25 -39.17 2.78
C PHE L 275 24.99 -38.34 2.55
N THR L 276 23.85 -38.90 2.92
CA THR L 276 22.55 -38.20 2.81
C THR L 276 22.50 -37.00 3.78
N ALA L 277 22.97 -37.22 5.01
CA ALA L 277 23.06 -36.17 6.03
C ALA L 277 24.10 -35.09 5.71
N ASN L 278 25.22 -35.51 5.10
CA ASN L 278 26.31 -34.58 4.76
C ASN L 278 25.97 -33.63 3.61
N THR L 279 25.29 -34.15 2.58
CA THR L 279 24.85 -33.35 1.43
C THR L 279 23.82 -32.29 1.84
N THR L 280 22.93 -32.67 2.76
CA THR L 280 21.91 -31.76 3.33
C THR L 280 22.57 -30.57 4.03
N LEU L 281 23.59 -30.84 4.84
CA LEU L 281 24.32 -29.81 5.58
C LEU L 281 25.19 -28.93 4.67
N ALA L 282 25.79 -29.54 3.63
CA ALA L 282 26.62 -28.80 2.66
C ALA L 282 25.82 -27.77 1.87
N ARG L 283 24.58 -28.11 1.52
CA ARG L 283 23.66 -27.20 0.84
C ARG L 283 23.19 -26.06 1.73
N TRP L 284 23.03 -26.36 3.02
CA TRP L 284 22.68 -25.37 4.05
C TRP L 284 23.82 -24.38 4.25
N CYS L 285 25.06 -24.89 4.27
CA CYS L 285 26.26 -24.08 4.49
C CYS L 285 26.51 -23.06 3.38
N ARG L 286 26.17 -23.44 2.14
CA ARG L 286 26.25 -22.56 0.98
C ARG L 286 25.28 -21.38 1.09
N ASP L 287 24.06 -21.66 1.54
CA ASP L 287 22.99 -20.67 1.66
C ASP L 287 23.13 -19.70 2.84
N ASN L 288 23.93 -20.08 3.84
CA ASN L 288 24.13 -19.27 5.05
C ASN L 288 25.54 -18.68 5.18
N GLY L 289 26.42 -19.02 4.23
CA GLY L 289 27.79 -18.50 4.19
C GLY L 289 28.66 -18.93 5.34
N VAL L 290 28.50 -20.20 5.75
CA VAL L 290 29.26 -20.79 6.87
C VAL L 290 30.22 -21.85 6.33
N LEU L 291 31.44 -21.83 6.84
CA LEU L 291 32.47 -22.81 6.45
C LEU L 291 32.26 -24.15 7.15
N LEU L 292 32.59 -25.23 6.43
CA LEU L 292 32.34 -26.60 6.90
C LEU L 292 33.63 -27.42 6.99
N HIS L 293 33.85 -28.00 8.18
CA HIS L 293 35.02 -28.84 8.46
C HIS L 293 34.60 -30.31 8.53
N ILE L 294 35.33 -31.18 7.83
CA ILE L 294 34.96 -32.59 7.74
C ILE L 294 35.98 -33.50 8.45
N HIS L 295 35.47 -34.30 9.38
CA HIS L 295 36.27 -35.31 10.10
C HIS L 295 36.01 -36.67 9.49
N ARG L 296 37.11 -37.40 9.20
CA ARG L 296 37.03 -38.72 8.56
C ARG L 296 37.07 -39.88 9.57
N ALA L 297 36.26 -39.76 10.62
CA ALA L 297 36.11 -40.82 11.63
C ALA L 297 35.55 -42.10 11.00
N MET L 298 36.06 -43.24 11.45
CA MET L 298 35.66 -44.60 11.00
C MET L 298 36.13 -44.94 9.57
N HIS L 299 37.13 -44.22 9.06
CA HIS L 299 37.67 -44.45 7.72
C HIS L 299 38.53 -45.73 7.65
N ALA L 300 39.35 -45.94 8.69
CA ALA L 300 40.36 -47.00 8.72
C ALA L 300 39.79 -48.42 8.81
N VAL L 301 38.51 -48.54 9.18
CA VAL L 301 37.77 -49.81 9.15
C VAL L 301 37.65 -50.30 7.69
N ILE L 302 37.55 -49.34 6.77
CA ILE L 302 37.35 -49.61 5.34
C ILE L 302 38.68 -49.71 4.57
N ASP L 303 39.60 -48.77 4.82
CA ASP L 303 40.76 -48.55 3.95
C ASP L 303 42.14 -49.07 4.40
N ARG L 304 42.19 -49.78 5.54
CA ARG L 304 43.47 -50.26 6.10
C ARG L 304 44.14 -51.35 5.26
N GLN L 305 43.41 -52.43 5.01
CA GLN L 305 43.97 -53.63 4.36
C GLN L 305 44.14 -53.48 2.86
N LYS L 306 45.24 -54.01 2.34
CA LYS L 306 45.60 -53.90 0.92
C LYS L 306 44.82 -54.87 0.00
N ASN L 307 44.17 -55.85 0.60
CA ASN L 307 43.44 -56.88 -0.17
C ASN L 307 41.92 -56.67 -0.22
N HIS L 308 41.38 -55.96 0.77
CA HIS L 308 39.93 -55.78 0.91
C HIS L 308 39.51 -54.36 1.29
N GLY L 309 38.35 -53.94 0.81
CA GLY L 309 37.74 -52.65 1.17
C GLY L 309 37.67 -51.63 0.06
N ILE L 310 37.65 -50.36 0.45
CA ILE L 310 37.68 -49.22 -0.48
C ILE L 310 38.85 -48.31 -0.06
N HIS L 311 39.71 -47.97 -1.01
CA HIS L 311 40.81 -47.03 -0.77
C HIS L 311 40.27 -45.63 -0.45
N PHE L 312 41.01 -44.90 0.40
CA PHE L 312 40.61 -43.57 0.85
C PHE L 312 40.44 -42.53 -0.27
N ARG L 313 41.27 -42.63 -1.32
CA ARG L 313 41.21 -41.71 -2.47
C ARG L 313 39.85 -41.69 -3.18
N VAL L 314 39.15 -42.82 -3.15
CA VAL L 314 37.78 -42.94 -3.65
C VAL L 314 36.82 -42.17 -2.73
N LEU L 315 37.00 -42.35 -1.42
CA LEU L 315 36.20 -41.67 -0.40
C LEU L 315 36.54 -40.18 -0.29
N ALA L 316 37.74 -39.80 -0.74
CA ALA L 316 38.16 -38.40 -0.83
C ALA L 316 37.43 -37.68 -1.98
N LYS L 317 37.37 -38.34 -3.13
CA LYS L 317 36.66 -37.84 -4.32
C LYS L 317 35.15 -37.71 -4.09
N ALA L 318 34.58 -38.66 -3.35
CA ALA L 318 33.17 -38.67 -2.99
C ALA L 318 32.78 -37.49 -2.10
N LEU L 319 33.72 -37.05 -1.25
CA LEU L 319 33.52 -35.91 -0.36
C LEU L 319 33.55 -34.57 -1.09
N ARG L 320 34.45 -34.44 -2.08
CA ARG L 320 34.58 -33.21 -2.87
C ARG L 320 33.31 -32.91 -3.69
N LEU L 321 32.60 -33.96 -4.09
CA LEU L 321 31.31 -33.82 -4.78
C LEU L 321 30.14 -33.60 -3.82
N SER L 322 30.21 -34.24 -2.64
CA SER L 322 29.18 -34.10 -1.60
C SER L 322 29.21 -32.73 -0.94
N GLY L 323 30.41 -32.22 -0.68
CA GLY L 323 30.61 -30.90 -0.08
C GLY L 323 31.46 -30.93 1.18
N GLY L 324 32.35 -29.94 1.30
CA GLY L 324 33.24 -29.81 2.45
C GLY L 324 34.40 -28.89 2.13
N ASP L 325 34.68 -27.95 3.04
CA ASP L 325 35.76 -26.98 2.85
C ASP L 325 37.12 -27.48 3.33
N HIS L 326 37.13 -28.23 4.43
CA HIS L 326 38.34 -28.88 4.96
C HIS L 326 38.17 -30.40 5.01
N ILE L 327 39.27 -31.12 4.83
CA ILE L 327 39.29 -32.59 4.95
C ILE L 327 40.57 -33.08 5.64
N HIS L 328 40.43 -34.05 6.53
CA HIS L 328 41.56 -34.72 7.17
C HIS L 328 42.22 -35.70 6.20
N THR L 329 43.52 -35.51 5.99
CA THR L 329 44.31 -36.34 5.06
C THR L 329 45.25 -37.27 5.82
N GLY L 330 45.53 -36.93 7.07
CA GLY L 330 46.43 -37.69 7.93
C GLY L 330 47.87 -37.21 7.80
N THR L 331 48.57 -37.19 8.93
CA THR L 331 49.99 -36.85 8.98
C THR L 331 50.82 -38.00 8.41
N VAL L 332 51.85 -37.65 7.64
CA VAL L 332 52.78 -38.64 7.08
C VAL L 332 53.65 -39.23 8.20
N VAL L 333 54.17 -38.36 9.06
CA VAL L 333 54.83 -38.76 10.31
C VAL L 333 53.91 -38.48 11.51
N GLY L 334 53.51 -39.53 12.19
CA GLY L 334 52.58 -39.42 13.33
C GLY L 334 52.10 -40.74 13.90
N LYS L 335 51.20 -40.65 14.88
CA LYS L 335 50.69 -41.81 15.62
C LYS L 335 49.74 -42.73 14.82
N LEU L 336 49.22 -42.23 13.71
CA LEU L 336 48.34 -42.99 12.83
C LEU L 336 49.01 -43.27 11.47
N GLU L 337 48.48 -44.26 10.73
CA GLU L 337 49.08 -44.76 9.49
C GLU L 337 49.10 -43.72 8.36
N GLY L 338 50.21 -43.70 7.62
CA GLY L 338 50.41 -42.81 6.48
C GLY L 338 51.60 -43.20 5.62
N GLU L 339 51.46 -43.00 4.31
CA GLU L 339 52.49 -43.32 3.32
C GLU L 339 52.69 -42.14 2.37
N ARG L 340 53.95 -41.67 2.26
CA ARG L 340 54.29 -40.42 1.55
C ARG L 340 53.87 -40.39 0.07
N GLY L 341 54.15 -41.47 -0.66
CA GLY L 341 53.78 -41.59 -2.08
C GLY L 341 52.28 -41.63 -2.31
N ILE L 342 51.58 -42.32 -1.40
CA ILE L 342 50.12 -42.45 -1.45
C ILE L 342 49.43 -41.14 -1.03
N THR L 343 49.89 -40.54 0.07
CA THR L 343 49.31 -39.30 0.62
C THR L 343 49.39 -38.15 -0.38
N MET L 344 50.59 -37.90 -0.91
CA MET L 344 50.81 -36.85 -1.93
C MET L 344 49.99 -37.08 -3.21
N GLY L 345 49.56 -38.32 -3.41
CA GLY L 345 48.64 -38.69 -4.50
C GLY L 345 47.28 -38.05 -4.36
N PHE L 346 46.56 -38.40 -3.28
CA PHE L 346 45.21 -37.89 -3.07
C PHE L 346 45.11 -36.46 -2.55
N VAL L 347 46.19 -35.96 -1.93
CA VAL L 347 46.27 -34.55 -1.47
C VAL L 347 46.27 -33.60 -2.67
N ASP L 348 47.06 -33.93 -3.69
CA ASP L 348 47.06 -33.20 -4.96
C ASP L 348 45.78 -33.42 -5.77
N LEU L 349 45.10 -34.53 -5.50
CA LEU L 349 43.85 -34.88 -6.18
C LEU L 349 42.63 -34.11 -5.67
N LEU L 350 42.72 -33.62 -4.42
CA LEU L 350 41.67 -32.83 -3.79
C LEU L 350 41.82 -31.32 -4.02
N ARG L 351 43.06 -30.87 -4.19
CA ARG L 351 43.41 -29.46 -4.30
C ARG L 351 43.47 -28.93 -5.73
N GLU L 352 44.05 -29.72 -6.63
CA GLU L 352 44.30 -29.27 -8.01
C GLU L 352 43.09 -29.41 -8.94
N ASN L 353 43.10 -28.63 -10.01
CA ASN L 353 42.06 -28.65 -11.04
C ASN L 353 42.19 -29.84 -11.98
N TYR L 354 43.44 -30.14 -12.37
CA TYR L 354 43.73 -31.22 -13.33
C TYR L 354 44.86 -32.12 -12.81
N VAL L 355 44.56 -33.40 -12.70
CA VAL L 355 45.51 -34.41 -12.18
C VAL L 355 45.80 -35.47 -13.24
N GLU L 356 47.09 -35.59 -13.58
CA GLU L 356 47.58 -36.56 -14.57
C GLU L 356 47.66 -37.96 -13.97
N GLN L 357 47.50 -38.98 -14.84
CA GLN L 357 47.59 -40.40 -14.45
C GLN L 357 49.02 -40.78 -14.06
N ASP L 358 49.15 -41.37 -12.87
CA ASP L 358 50.45 -41.80 -12.34
C ASP L 358 50.31 -43.11 -11.55
N LYS L 359 50.92 -44.17 -12.08
CA LYS L 359 50.80 -45.53 -11.54
C LYS L 359 51.60 -45.75 -10.26
N SER L 360 52.78 -45.15 -10.18
CA SER L 360 53.67 -45.23 -9.01
C SER L 360 53.10 -44.47 -7.80
N ARG L 361 52.40 -43.37 -8.08
CA ARG L 361 51.75 -42.55 -7.06
C ARG L 361 50.46 -43.21 -6.54
N GLY L 362 49.83 -44.01 -7.38
CA GLY L 362 48.62 -44.77 -7.02
C GLY L 362 47.36 -44.40 -7.79
N ILE L 363 47.46 -43.37 -8.64
CA ILE L 363 46.31 -42.84 -9.39
C ILE L 363 46.17 -43.56 -10.74
N TYR L 364 45.09 -44.32 -10.87
CA TYR L 364 44.85 -45.17 -12.05
C TYR L 364 44.17 -44.44 -13.22
N PHE L 365 43.54 -43.30 -12.94
CA PHE L 365 42.79 -42.54 -13.95
C PHE L 365 43.13 -41.05 -13.96
N THR L 366 43.06 -40.44 -15.14
CA THR L 366 43.21 -39.00 -15.30
C THR L 366 41.92 -38.31 -14.88
N GLN L 367 41.97 -37.59 -13.76
CA GLN L 367 40.80 -36.90 -13.22
C GLN L 367 40.85 -35.41 -13.56
N ASP L 368 39.73 -34.93 -14.11
CA ASP L 368 39.55 -33.52 -14.43
C ASP L 368 38.30 -33.00 -13.71
N TRP L 369 38.43 -31.82 -13.12
CA TRP L 369 37.32 -31.15 -12.43
C TRP L 369 36.94 -29.90 -13.21
N ALA L 370 35.65 -29.74 -13.51
CA ALA L 370 35.16 -28.60 -14.28
C ALA L 370 35.02 -27.33 -13.42
N SER L 371 36.16 -26.68 -13.18
CA SER L 371 36.28 -25.45 -12.36
C SER L 371 35.63 -25.55 -10.96
N LEU L 372 35.63 -26.77 -10.42
CA LEU L 372 35.12 -27.03 -9.07
C LEU L 372 36.20 -26.64 -8.05
N PRO L 373 35.81 -25.93 -6.96
CA PRO L 373 36.77 -25.46 -5.96
C PRO L 373 37.44 -26.59 -5.18
N GLY L 374 38.70 -26.37 -4.79
CA GLY L 374 39.48 -27.35 -4.03
C GLY L 374 39.14 -27.42 -2.56
N VAL L 375 39.65 -28.46 -1.89
CA VAL L 375 39.42 -28.69 -0.46
C VAL L 375 40.77 -28.59 0.27
N MET L 376 40.77 -27.84 1.37
CA MET L 376 41.99 -27.64 2.18
C MET L 376 42.34 -28.89 2.99
N ALA L 377 43.62 -29.27 2.94
CA ALA L 377 44.12 -30.49 3.59
C ALA L 377 44.47 -30.27 5.06
N VAL L 378 43.93 -31.14 5.93
CA VAL L 378 44.17 -31.05 7.38
C VAL L 378 45.14 -32.17 7.82
N ALA L 379 46.26 -31.76 8.41
CA ALA L 379 47.27 -32.68 8.93
C ALA L 379 47.23 -32.73 10.46
N SER L 380 46.70 -33.84 11.00
CA SER L 380 46.52 -34.02 12.44
C SER L 380 46.73 -35.47 12.86
N GLY L 381 47.35 -35.67 14.02
CA GLY L 381 47.55 -37.00 14.59
C GLY L 381 48.93 -37.25 15.17
N GLY L 382 49.14 -36.81 16.42
CA GLY L 382 50.36 -37.06 17.17
C GLY L 382 51.59 -36.36 16.63
N ILE L 383 51.50 -35.03 16.52
CA ILE L 383 52.58 -34.20 15.98
C ILE L 383 53.00 -33.09 16.96
N HIS L 384 54.31 -32.84 17.01
CA HIS L 384 54.89 -31.82 17.89
C HIS L 384 55.79 -30.83 17.12
N VAL L 385 56.50 -29.98 17.85
CA VAL L 385 57.31 -28.87 17.30
C VAL L 385 58.44 -29.28 16.34
N TRP L 386 58.96 -30.50 16.51
CA TRP L 386 60.05 -31.02 15.67
C TRP L 386 59.60 -31.50 14.28
N HIS L 387 58.31 -31.83 14.16
CA HIS L 387 57.73 -32.27 12.88
C HIS L 387 57.32 -31.11 11.97
N MET L 388 57.46 -29.87 12.46
CA MET L 388 57.06 -28.65 11.76
C MET L 388 57.72 -28.41 10.38
N PRO L 389 59.06 -28.57 10.24
CA PRO L 389 59.65 -28.36 8.91
C PRO L 389 59.30 -29.45 7.88
N ALA L 390 59.04 -30.66 8.36
CA ALA L 390 58.61 -31.77 7.51
C ALA L 390 57.19 -31.58 6.98
N LEU L 391 56.28 -31.13 7.85
CA LEU L 391 54.88 -30.91 7.49
C LEU L 391 54.68 -29.73 6.52
N VAL L 392 55.51 -28.70 6.68
CA VAL L 392 55.45 -27.48 5.86
C VAL L 392 55.87 -27.75 4.40
N GLU L 393 56.96 -28.51 4.24
CA GLU L 393 57.50 -28.85 2.92
C GLU L 393 56.61 -29.82 2.13
N ILE L 394 56.03 -30.79 2.85
CA ILE L 394 55.19 -31.83 2.23
C ILE L 394 53.81 -31.29 1.84
N PHE L 395 53.09 -30.74 2.81
CA PHE L 395 51.71 -30.28 2.61
C PHE L 395 51.57 -28.90 1.94
N GLY L 396 52.64 -28.11 1.97
CA GLY L 396 52.69 -26.81 1.30
C GLY L 396 52.14 -25.67 2.14
N ASP L 397 51.41 -24.77 1.48
CA ASP L 397 50.87 -23.56 2.10
C ASP L 397 49.35 -23.60 2.32
N ASP L 398 48.62 -24.22 1.40
CA ASP L 398 47.16 -24.37 1.50
C ASP L 398 46.78 -25.61 2.33
N SER L 399 47.10 -25.55 3.62
CA SER L 399 46.85 -26.64 4.56
C SER L 399 46.62 -26.14 5.99
N VAL L 400 45.99 -26.99 6.81
CA VAL L 400 45.78 -26.71 8.23
C VAL L 400 46.50 -27.75 9.06
N LEU L 401 47.40 -27.29 9.94
CA LEU L 401 48.14 -28.16 10.85
C LEU L 401 47.57 -28.08 12.26
N GLN L 402 47.16 -29.23 12.79
CA GLN L 402 46.45 -29.30 14.08
C GLN L 402 47.21 -30.08 15.15
N PHE L 403 47.40 -29.44 16.30
CA PHE L 403 48.09 -30.03 17.45
C PHE L 403 47.17 -30.10 18.66
N GLY L 404 46.72 -31.31 18.98
CA GLY L 404 45.86 -31.54 20.15
C GLY L 404 46.69 -31.60 21.42
N GLY L 405 47.43 -32.69 21.59
CA GLY L 405 48.30 -32.89 22.75
C GLY L 405 49.56 -32.03 22.75
N GLY L 406 49.99 -31.62 21.55
CA GLY L 406 51.20 -30.80 21.38
C GLY L 406 51.12 -29.38 21.91
N THR L 407 49.90 -28.85 22.02
CA THR L 407 49.65 -27.51 22.54
C THR L 407 49.41 -27.52 24.06
N LEU L 408 48.50 -28.41 24.49
CA LEU L 408 48.07 -28.49 25.89
C LEU L 408 49.07 -29.23 26.80
N GLY L 409 50.00 -29.97 26.18
CA GLY L 409 51.03 -30.72 26.91
C GLY L 409 52.28 -29.94 27.23
N HIS L 410 52.25 -28.62 27.00
CA HIS L 410 53.35 -27.72 27.33
C HIS L 410 53.47 -27.56 28.85
N PRO L 411 54.72 -27.54 29.38
CA PRO L 411 54.96 -27.40 30.83
C PRO L 411 54.49 -26.08 31.48
N TRP L 412 54.15 -25.09 30.64
CA TRP L 412 53.78 -23.76 31.11
C TRP L 412 52.29 -23.45 30.94
N GLY L 413 51.63 -24.15 30.01
CA GLY L 413 50.20 -23.98 29.75
C GLY L 413 49.84 -23.85 28.28
N ASN L 414 48.58 -23.52 28.03
CA ASN L 414 48.03 -23.41 26.67
C ASN L 414 48.56 -22.21 25.90
N ALA L 415 48.62 -21.06 26.57
CA ALA L 415 49.07 -19.80 25.97
C ALA L 415 50.55 -19.79 25.54
N PRO L 416 51.48 -20.33 26.37
CA PRO L 416 52.85 -20.51 25.87
C PRO L 416 53.00 -21.65 24.88
N GLY L 417 52.13 -22.66 24.98
CA GLY L 417 52.10 -23.80 24.05
C GLY L 417 51.68 -23.42 22.65
N ALA L 418 50.75 -22.45 22.56
CA ALA L 418 50.28 -21.90 21.29
C ALA L 418 51.34 -21.02 20.63
N THR L 419 52.03 -20.22 21.45
CA THR L 419 53.09 -19.32 21.00
C THR L 419 54.27 -20.10 20.44
N ALA L 420 54.61 -21.22 21.09
CA ALA L 420 55.69 -22.12 20.66
C ALA L 420 55.49 -22.68 19.26
N ASN L 421 54.25 -23.07 18.94
CA ASN L 421 53.89 -23.58 17.62
C ASN L 421 53.86 -22.49 16.54
N ARG L 422 53.38 -21.30 16.91
CA ARG L 422 53.28 -20.16 15.99
C ARG L 422 54.65 -19.59 15.60
N VAL L 423 55.58 -19.55 16.56
CA VAL L 423 56.96 -19.12 16.33
C VAL L 423 57.68 -20.12 15.42
N ALA L 424 57.48 -21.41 15.68
CA ALA L 424 58.06 -22.51 14.89
C ALA L 424 57.60 -22.50 13.43
N LEU L 425 56.31 -22.23 13.20
CA LEU L 425 55.74 -22.20 11.85
C LEU L 425 56.26 -21.00 11.03
N GLU L 426 56.19 -19.81 11.62
CA GLU L 426 56.58 -18.57 10.94
C GLU L 426 58.09 -18.44 10.70
N ALA L 427 58.88 -19.14 11.52
CA ALA L 427 60.33 -19.25 11.31
C ALA L 427 60.66 -20.16 10.13
N CYS L 428 59.85 -21.19 9.93
CA CYS L 428 59.97 -22.11 8.79
C CYS L 428 59.53 -21.48 7.48
N VAL L 429 58.42 -20.74 7.51
CA VAL L 429 57.87 -20.03 6.34
C VAL L 429 58.83 -18.95 5.84
N GLN L 430 59.45 -18.23 6.77
CA GLN L 430 60.46 -17.21 6.47
C GLN L 430 61.68 -17.82 5.78
N ALA L 431 62.17 -18.94 6.30
CA ALA L 431 63.35 -19.64 5.77
C ALA L 431 63.11 -20.25 4.39
N ARG L 432 61.87 -20.68 4.13
CA ARG L 432 61.46 -21.22 2.83
C ARG L 432 61.45 -20.14 1.73
N ASN L 433 60.93 -18.97 2.07
CA ASN L 433 60.84 -17.82 1.15
C ASN L 433 62.21 -17.23 0.78
N GLU L 434 63.17 -17.35 1.70
CA GLU L 434 64.54 -16.87 1.49
C GLU L 434 65.31 -17.71 0.46
N GLY L 435 65.08 -19.02 0.49
CA GLY L 435 65.75 -19.96 -0.41
C GLY L 435 66.63 -20.94 0.34
N ARG L 436 66.05 -21.59 1.35
CA ARG L 436 66.72 -22.59 2.17
C ARG L 436 65.89 -23.88 2.20
N ASN L 437 66.58 -25.01 2.06
CA ASN L 437 65.94 -26.33 2.05
C ASN L 437 65.51 -26.74 3.46
N LEU L 438 64.23 -27.05 3.60
CA LEU L 438 63.64 -27.44 4.89
C LEU L 438 63.90 -28.91 5.25
N ALA L 439 64.29 -29.71 4.25
CA ALA L 439 64.67 -31.10 4.44
C ALA L 439 66.11 -31.24 4.95
N ARG L 440 66.96 -30.27 4.57
CA ARG L 440 68.37 -30.26 4.93
C ARG L 440 68.67 -29.42 6.18
N GLU L 441 68.00 -28.27 6.29
CA GLU L 441 68.24 -27.32 7.38
C GLU L 441 67.05 -27.20 8.35
N GLY L 442 66.23 -28.26 8.40
CA GLY L 442 65.03 -28.30 9.25
C GLY L 442 65.29 -28.21 10.75
N ASN L 443 66.30 -28.96 11.21
CA ASN L 443 66.74 -28.94 12.61
C ASN L 443 67.37 -27.61 13.00
N ASP L 444 68.09 -26.98 12.07
CA ASP L 444 68.78 -25.72 12.30
C ASP L 444 67.85 -24.53 12.52
N VAL L 445 66.79 -24.45 11.70
CA VAL L 445 65.80 -23.36 11.74
C VAL L 445 65.04 -23.34 13.08
N ILE L 446 64.62 -24.52 13.54
CA ILE L 446 63.94 -24.69 14.84
C ILE L 446 64.88 -24.34 16.00
N ARG L 447 66.15 -24.75 15.89
CA ARG L 447 67.16 -24.51 16.93
C ARG L 447 67.58 -23.04 17.04
N GLU L 448 67.71 -22.36 15.90
CA GLU L 448 68.10 -20.93 15.88
C GLU L 448 66.98 -19.98 16.32
N ALA L 449 65.73 -20.42 16.16
CA ALA L 449 64.55 -19.68 16.61
C ALA L 449 64.31 -19.84 18.11
N ALA L 450 64.84 -20.92 18.68
CA ALA L 450 64.70 -21.25 20.09
C ALA L 450 65.66 -20.48 21.02
N LYS L 451 66.41 -19.55 20.44
CA LYS L 451 67.35 -18.69 21.19
C LYS L 451 66.69 -17.43 21.73
N TRP L 452 65.80 -16.83 20.93
CA TRP L 452 65.12 -15.58 21.28
C TRP L 452 63.70 -15.76 21.82
N SER L 453 63.23 -17.01 21.86
CA SER L 453 61.93 -17.35 22.44
C SER L 453 62.07 -18.47 23.48
N PRO L 454 61.81 -18.17 24.78
CA PRO L 454 61.89 -19.16 25.85
C PRO L 454 60.81 -20.25 25.79
N GLU L 455 59.66 -19.91 25.19
CA GLU L 455 58.53 -20.85 25.03
C GLU L 455 58.87 -22.04 24.12
N LEU L 456 59.61 -21.76 23.04
CA LEU L 456 60.03 -22.78 22.08
C LEU L 456 61.16 -23.66 22.62
N ALA L 457 62.02 -23.07 23.47
CA ALA L 457 63.16 -23.76 24.08
C ALA L 457 62.74 -24.91 25.02
N VAL L 458 61.67 -24.67 25.78
CA VAL L 458 61.13 -25.66 26.74
C VAL L 458 60.42 -26.81 26.02
N ALA L 459 59.65 -26.46 24.98
CA ALA L 459 58.90 -27.44 24.17
C ALA L 459 59.81 -28.39 23.38
N CYS L 460 60.95 -27.88 22.91
CA CYS L 460 61.96 -28.66 22.18
C CYS L 460 62.67 -29.67 23.08
N GLU L 461 62.91 -29.29 24.33
CA GLU L 461 63.57 -30.13 25.32
C GLU L 461 62.70 -31.32 25.77
N LEU L 462 61.39 -31.12 25.77
CA LEU L 462 60.42 -32.11 26.25
C LEU L 462 60.19 -33.26 25.27
N TRP L 463 59.91 -32.92 24.00
CA TRP L 463 59.53 -33.89 22.98
C TRP L 463 60.64 -34.24 21.97
N LYS L 464 61.88 -34.26 22.44
CA LYS L 464 63.05 -34.56 21.60
C LYS L 464 63.15 -36.05 21.23
N GLU L 465 62.91 -36.91 22.22
CA GLU L 465 63.07 -38.36 22.06
C GLU L 465 61.93 -39.06 21.30
N ILE L 466 60.74 -38.44 21.30
CA ILE L 466 59.52 -39.06 20.76
C ILE L 466 59.50 -39.11 19.23
N LYS L 467 59.36 -40.33 18.70
CA LYS L 467 59.25 -40.58 17.26
C LYS L 467 58.40 -41.82 17.01
N PHE L 468 57.41 -41.68 16.12
CA PHE L 468 56.52 -42.77 15.73
C PHE L 468 57.01 -43.40 14.42
N GLU L 469 57.59 -44.61 14.53
CA GLU L 469 58.12 -45.34 13.37
C GLU L 469 57.66 -46.80 13.37
N PHE L 470 56.72 -47.10 12.48
CA PHE L 470 56.16 -48.45 12.32
C PHE L 470 55.88 -48.78 10.85
N GLU L 471 55.81 -50.07 10.55
CA GLU L 471 55.54 -50.57 9.20
C GLU L 471 54.08 -50.36 8.80
N ALA L 472 53.88 -49.88 7.57
CA ALA L 472 52.54 -49.65 7.01
C ALA L 472 52.00 -50.90 6.32
N MET L 473 50.70 -51.14 6.51
CA MET L 473 50.02 -52.31 5.93
C MET L 473 49.60 -52.09 4.47
N ASP L 474 49.21 -50.86 4.15
CA ASP L 474 48.85 -50.46 2.78
C ASP L 474 50.09 -49.96 2.04
N THR L 475 50.40 -50.63 0.93
CA THR L 475 51.57 -50.32 0.10
C THR L 475 51.15 -50.29 -1.38
N VAL L 476 51.99 -49.69 -2.24
CA VAL L 476 51.75 -49.60 -3.68
C VAL L 476 51.93 -50.97 -4.34
N GLY M 13 0.22 8.09 58.06
CA GLY M 13 1.57 7.84 58.64
C GLY M 13 2.00 6.38 58.53
N TYR M 14 3.32 6.18 58.44
CA TYR M 14 3.91 4.84 58.35
C TYR M 14 4.44 4.37 59.69
N LYS M 15 4.04 3.15 60.07
CA LYS M 15 4.48 2.50 61.30
C LYS M 15 5.07 1.13 60.97
N ALA M 16 6.32 0.93 61.34
CA ALA M 16 7.03 -0.34 61.11
C ALA M 16 6.95 -1.24 62.35
N GLY M 17 6.73 -2.53 62.10
CA GLY M 17 6.62 -3.53 63.16
C GLY M 17 5.71 -4.68 62.79
N VAL M 18 5.16 -5.34 63.81
CA VAL M 18 4.27 -6.49 63.61
C VAL M 18 2.84 -6.15 64.08
N GLN M 19 1.91 -6.23 63.14
CA GLN M 19 0.50 -5.95 63.37
C GLN M 19 -0.29 -7.25 63.53
N ASP M 20 -1.27 -7.23 64.44
CA ASP M 20 -2.16 -8.36 64.68
C ASP M 20 -3.13 -8.54 63.51
N TYR M 21 -3.31 -9.79 63.08
CA TYR M 21 -4.16 -10.14 61.93
C TYR M 21 -5.65 -9.81 62.12
N ARG M 22 -6.10 -9.82 63.37
CA ARG M 22 -7.50 -9.58 63.76
C ARG M 22 -7.97 -8.14 63.51
N LEU M 23 -7.01 -7.20 63.55
CA LEU M 23 -7.31 -5.76 63.55
C LEU M 23 -7.99 -5.22 62.28
N THR M 24 -7.44 -5.55 61.11
CA THR M 24 -7.93 -5.01 59.83
C THR M 24 -8.30 -6.05 58.76
N TYR M 25 -8.71 -7.24 59.22
CA TYR M 25 -9.13 -8.31 58.31
C TYR M 25 -10.47 -8.97 58.68
N TYR M 26 -10.78 -8.97 59.97
CA TYR M 26 -12.06 -9.49 60.47
C TYR M 26 -13.07 -8.34 60.68
N THR M 27 -14.05 -8.28 59.78
CA THR M 27 -15.13 -7.29 59.85
C THR M 27 -16.51 -7.97 59.81
N PRO M 28 -17.19 -8.04 60.98
CA PRO M 28 -18.51 -8.69 61.06
C PRO M 28 -19.64 -7.86 60.43
N ASP M 29 -19.42 -6.56 60.32
CA ASP M 29 -20.43 -5.61 59.83
C ASP M 29 -20.59 -5.60 58.31
N TYR M 30 -19.62 -6.19 57.60
CA TYR M 30 -19.61 -6.23 56.14
C TYR M 30 -20.69 -7.16 55.57
N THR M 31 -21.33 -6.68 54.50
CA THR M 31 -22.35 -7.44 53.78
C THR M 31 -21.84 -7.70 52.34
N PRO M 32 -21.80 -8.99 51.92
CA PRO M 32 -21.24 -9.38 50.61
C PRO M 32 -21.98 -8.78 49.41
N LYS M 33 -21.21 -8.37 48.41
CA LYS M 33 -21.75 -7.83 47.15
C LYS M 33 -22.15 -8.97 46.21
N ASP M 34 -22.92 -8.63 45.16
CA ASP M 34 -23.34 -9.61 44.16
C ASP M 34 -22.22 -10.01 43.21
N THR M 35 -21.27 -9.09 42.99
CA THR M 35 -20.08 -9.34 42.18
C THR M 35 -18.90 -9.65 43.10
N ASP M 36 -18.96 -10.80 43.76
CA ASP M 36 -18.02 -11.18 44.80
C ASP M 36 -17.89 -12.70 44.89
N ILE M 37 -16.66 -13.18 45.13
CA ILE M 37 -16.39 -14.61 45.29
C ILE M 37 -16.39 -14.99 46.76
N LEU M 38 -17.25 -15.93 47.13
CA LEU M 38 -17.44 -16.35 48.52
C LEU M 38 -16.97 -17.78 48.76
N ALA M 39 -16.32 -18.00 49.91
CA ALA M 39 -15.75 -19.31 50.27
C ALA M 39 -16.08 -19.70 51.71
N ALA M 40 -16.37 -20.98 51.91
CA ALA M 40 -16.66 -21.54 53.23
C ALA M 40 -15.54 -22.49 53.69
N PHE M 41 -14.87 -22.10 54.77
CA PHE M 41 -13.77 -22.87 55.36
C PHE M 41 -14.16 -23.50 56.69
N ARG M 42 -13.84 -24.78 56.85
CA ARG M 42 -13.98 -25.50 58.11
C ARG M 42 -12.62 -25.49 58.83
N VAL M 43 -12.50 -24.65 59.85
CA VAL M 43 -11.20 -24.34 60.47
C VAL M 43 -11.03 -25.04 61.82
N THR M 44 -9.85 -25.62 62.01
CA THR M 44 -9.44 -26.27 63.27
C THR M 44 -8.12 -25.63 63.76
N PRO M 45 -8.21 -24.68 64.73
CA PRO M 45 -7.00 -23.99 65.20
C PRO M 45 -6.22 -24.75 66.28
N GLN M 46 -4.94 -24.40 66.43
CA GLN M 46 -4.08 -24.90 67.49
C GLN M 46 -4.54 -24.41 68.87
N PRO M 47 -4.25 -25.17 69.95
CA PRO M 47 -4.60 -24.75 71.32
C PRO M 47 -3.96 -23.42 71.73
N GLY M 48 -4.80 -22.51 72.24
CA GLY M 48 -4.36 -21.18 72.65
C GLY M 48 -4.51 -20.09 71.60
N VAL M 49 -5.14 -20.44 70.47
CA VAL M 49 -5.38 -19.50 69.36
C VAL M 49 -6.88 -19.18 69.29
N PRO M 50 -7.24 -17.87 69.35
CA PRO M 50 -8.64 -17.43 69.24
C PRO M 50 -9.28 -17.75 67.89
N PHE M 51 -10.61 -17.85 67.88
CA PHE M 51 -11.41 -18.16 66.70
C PHE M 51 -11.32 -17.08 65.62
N GLU M 52 -11.23 -15.82 66.06
CA GLU M 52 -11.17 -14.66 65.16
C GLU M 52 -9.84 -14.53 64.43
N GLU M 53 -8.74 -14.79 65.15
CA GLU M 53 -7.38 -14.72 64.60
C GLU M 53 -7.13 -15.80 63.54
N ALA M 54 -7.60 -17.02 63.82
CA ALA M 54 -7.51 -18.15 62.88
C ALA M 54 -8.29 -17.88 61.60
N ALA M 55 -9.48 -17.30 61.73
CA ALA M 55 -10.33 -16.92 60.61
C ALA M 55 -9.76 -15.76 59.79
N ALA M 56 -9.19 -14.77 60.49
CA ALA M 56 -8.60 -13.59 59.85
C ALA M 56 -7.31 -13.92 59.07
N ALA M 57 -6.50 -14.83 59.61
CA ALA M 57 -5.25 -15.26 59.00
C ALA M 57 -5.46 -15.98 57.66
N VAL M 58 -6.52 -16.78 57.58
CA VAL M 58 -6.91 -17.47 56.33
C VAL M 58 -7.37 -16.44 55.29
N ALA M 59 -8.18 -15.47 55.73
CA ALA M 59 -8.66 -14.36 54.90
C ALA M 59 -7.53 -13.44 54.42
N ALA M 60 -6.53 -13.23 55.28
CA ALA M 60 -5.40 -12.36 54.97
C ALA M 60 -4.38 -13.02 54.05
N GLU M 61 -3.90 -14.21 54.41
CA GLU M 61 -2.83 -14.90 53.68
C GLU M 61 -3.24 -15.34 52.26
N SER M 62 -4.54 -15.57 52.06
CA SER M 62 -5.08 -15.90 50.73
C SER M 62 -5.10 -14.69 49.78
N SER M 63 -5.29 -13.49 50.35
CA SER M 63 -5.38 -12.26 49.56
C SER M 63 -4.81 -11.04 50.28
N THR M 64 -3.68 -10.55 49.74
CA THR M 64 -2.99 -9.31 50.18
C THR M 64 -2.53 -9.32 51.66
N GLY M 65 -1.96 -10.44 52.07
CA GLY M 65 -1.49 -10.63 53.45
C GLY M 65 0.01 -10.81 53.58
N THR M 66 0.53 -10.30 54.69
CA THR M 66 1.97 -10.40 55.01
C THR M 66 2.17 -10.39 56.54
N TRP M 67 3.21 -11.12 56.99
CA TRP M 67 3.48 -11.32 58.42
C TRP M 67 3.92 -10.06 59.18
N THR M 68 4.44 -9.08 58.43
CA THR M 68 4.84 -7.78 58.97
C THR M 68 4.33 -6.62 58.08
N THR M 69 4.14 -5.45 58.70
CA THR M 69 3.65 -4.25 57.99
C THR M 69 4.71 -3.68 57.05
N VAL M 70 4.31 -3.42 55.81
CA VAL M 70 5.19 -2.88 54.75
C VAL M 70 4.74 -1.50 54.26
N TRP M 71 5.71 -0.67 53.88
CA TRP M 71 5.46 0.72 53.47
C TRP M 71 4.74 0.86 52.12
N THR M 72 4.87 -0.15 51.27
CA THR M 72 4.31 -0.16 49.91
C THR M 72 2.78 -0.29 49.91
N ASP M 73 2.23 -0.73 51.05
CA ASP M 73 0.78 -0.81 51.28
C ASP M 73 0.07 0.54 51.24
N LEU M 74 0.80 1.60 51.62
CA LEU M 74 0.26 2.96 51.67
C LEU M 74 0.13 3.62 50.30
N LEU M 75 0.87 3.11 49.31
CA LEU M 75 0.76 3.57 47.92
C LEU M 75 -0.52 3.06 47.25
N THR M 76 -0.86 1.79 47.50
CA THR M 76 -2.11 1.18 47.00
C THR M 76 -3.29 1.44 47.95
N ASP M 77 -4.50 1.17 47.46
CA ASP M 77 -5.70 1.25 48.29
C ASP M 77 -6.01 -0.14 48.87
N LEU M 78 -5.58 -0.35 50.12
CA LEU M 78 -5.65 -1.65 50.79
C LEU M 78 -7.07 -2.12 51.07
N ASP M 79 -7.97 -1.18 51.37
CA ASP M 79 -9.36 -1.47 51.75
C ASP M 79 -10.22 -2.01 50.60
N ARG M 80 -9.85 -1.69 49.36
CA ARG M 80 -10.57 -2.12 48.17
C ARG M 80 -10.26 -3.57 47.78
N TYR M 81 -9.01 -3.97 47.92
CA TYR M 81 -8.51 -5.26 47.41
C TYR M 81 -8.44 -6.39 48.44
N LYS M 82 -8.58 -6.06 49.72
CA LYS M 82 -8.46 -7.06 50.80
C LYS M 82 -9.66 -8.01 50.89
N GLY M 83 -9.37 -9.27 51.20
CA GLY M 83 -10.39 -10.27 51.50
C GLY M 83 -10.69 -10.29 52.98
N ARG M 84 -11.97 -10.33 53.33
CA ARG M 84 -12.39 -10.21 54.72
C ARG M 84 -13.35 -11.31 55.19
N CYS M 85 -13.26 -11.64 56.48
CA CYS M 85 -14.14 -12.62 57.12
C CYS M 85 -15.34 -11.89 57.72
N TYR M 86 -16.54 -12.26 57.28
CA TYR M 86 -17.77 -11.56 57.67
C TYR M 86 -18.69 -12.31 58.64
N ASP M 87 -18.55 -13.63 58.71
CA ASP M 87 -19.38 -14.45 59.60
C ASP M 87 -18.62 -15.68 60.13
N ILE M 88 -18.67 -15.88 61.44
CA ILE M 88 -18.11 -17.06 62.09
C ILE M 88 -19.24 -17.87 62.72
N GLU M 89 -19.36 -19.13 62.29
CA GLU M 89 -20.38 -20.05 62.78
C GLU M 89 -19.72 -21.29 63.40
N PRO M 90 -20.01 -21.56 64.69
CA PRO M 90 -19.44 -22.76 65.35
C PRO M 90 -20.12 -24.07 64.94
N VAL M 91 -19.33 -25.13 64.82
CA VAL M 91 -19.82 -26.47 64.47
C VAL M 91 -20.36 -27.16 65.72
N PRO M 92 -21.63 -27.64 65.67
CA PRO M 92 -22.29 -28.29 66.82
C PRO M 92 -21.65 -29.62 67.24
N GLY M 93 -21.51 -29.82 68.54
CA GLY M 93 -20.90 -31.02 69.13
C GLY M 93 -19.42 -31.16 68.89
N GLU M 94 -18.74 -30.03 68.69
CA GLU M 94 -17.31 -29.99 68.38
C GLU M 94 -16.61 -28.84 69.09
N ASP M 95 -15.47 -29.15 69.70
CA ASP M 95 -14.61 -28.14 70.35
C ASP M 95 -13.48 -27.75 69.40
N ASN M 96 -13.24 -26.44 69.31
CA ASN M 96 -12.27 -25.82 68.38
C ASN M 96 -12.50 -26.23 66.91
N GLN M 97 -13.76 -26.08 66.49
CA GLN M 97 -14.18 -26.35 65.11
C GLN M 97 -15.27 -25.35 64.72
N PHE M 98 -15.02 -24.60 63.65
CA PHE M 98 -15.94 -23.56 63.17
C PHE M 98 -15.92 -23.35 61.66
N ILE M 99 -17.04 -22.83 61.14
CA ILE M 99 -17.16 -22.45 59.73
C ILE M 99 -16.85 -20.96 59.60
N ALA M 100 -15.92 -20.64 58.70
CA ALA M 100 -15.55 -19.26 58.39
C ALA M 100 -15.99 -18.87 56.98
N TYR M 101 -16.61 -17.70 56.87
CA TYR M 101 -17.09 -17.16 55.60
C TYR M 101 -16.23 -15.99 55.15
N ILE M 102 -15.62 -16.12 53.96
CA ILE M 102 -14.69 -15.11 53.44
C ILE M 102 -15.13 -14.61 52.06
N ALA M 103 -15.15 -13.27 51.92
CA ALA M 103 -15.53 -12.59 50.68
C ALA M 103 -14.30 -12.02 49.97
N TYR M 104 -14.22 -12.27 48.66
CA TYR M 104 -13.12 -11.77 47.82
C TYR M 104 -13.65 -10.90 46.68
N PRO M 105 -13.10 -9.67 46.52
CA PRO M 105 -13.46 -8.76 45.41
C PRO M 105 -13.20 -9.36 44.03
N LEU M 106 -14.07 -9.05 43.08
CA LEU M 106 -14.05 -9.61 41.72
C LEU M 106 -12.79 -9.25 40.91
N ASP M 107 -12.29 -8.04 41.13
CA ASP M 107 -11.20 -7.46 40.32
C ASP M 107 -9.81 -8.10 40.47
N LEU M 108 -9.59 -8.82 41.57
CA LEU M 108 -8.27 -9.41 41.84
C LEU M 108 -7.98 -10.74 41.11
N PHE M 109 -9.01 -11.31 40.47
CA PHE M 109 -8.87 -12.58 39.74
C PHE M 109 -8.75 -12.37 38.23
N GLU M 110 -8.12 -13.33 37.55
CA GLU M 110 -7.98 -13.32 36.09
C GLU M 110 -9.23 -13.87 35.41
N GLU M 111 -9.56 -13.30 34.24
CA GLU M 111 -10.75 -13.68 33.47
C GLU M 111 -10.55 -15.01 32.73
N GLY M 112 -11.48 -15.94 32.96
CA GLY M 112 -11.49 -17.25 32.29
C GLY M 112 -10.32 -18.16 32.64
N SER M 113 -9.91 -18.12 33.91
CA SER M 113 -8.80 -18.93 34.39
C SER M 113 -9.10 -19.57 35.75
N ILE M 114 -9.24 -20.89 35.75
CA ILE M 114 -9.42 -21.69 36.97
C ILE M 114 -8.11 -21.75 37.76
N THR M 115 -6.99 -21.76 37.03
CA THR M 115 -5.65 -21.78 37.62
C THR M 115 -5.44 -20.66 38.64
N ASN M 116 -5.81 -19.43 38.27
CA ASN M 116 -5.65 -18.25 39.13
C ASN M 116 -6.55 -18.29 40.38
N VAL M 117 -7.83 -18.63 40.22
CA VAL M 117 -8.77 -18.71 41.35
C VAL M 117 -8.40 -19.83 42.34
N LEU M 118 -7.80 -20.91 41.83
CA LEU M 118 -7.32 -22.02 42.64
C LEU M 118 -6.02 -21.67 43.37
N THR M 119 -5.09 -21.01 42.67
CA THR M 119 -3.80 -20.59 43.24
C THR M 119 -3.97 -19.46 44.27
N SER M 120 -5.01 -18.64 44.10
CA SER M 120 -5.25 -17.51 45.00
C SER M 120 -5.83 -17.93 46.35
N ILE M 121 -6.94 -18.67 46.33
CA ILE M 121 -7.67 -19.06 47.54
C ILE M 121 -6.97 -20.20 48.30
N VAL M 122 -6.74 -21.33 47.63
CA VAL M 122 -6.13 -22.51 48.26
C VAL M 122 -4.62 -22.66 47.95
N GLY M 123 -3.93 -21.52 47.94
CA GLY M 123 -2.50 -21.46 47.62
C GLY M 123 -1.61 -21.98 48.72
N ASN M 124 -1.55 -21.25 49.84
CA ASN M 124 -0.68 -21.60 50.96
C ASN M 124 -1.28 -21.33 52.35
N VAL M 125 -2.61 -21.19 52.41
CA VAL M 125 -3.33 -21.05 53.69
C VAL M 125 -3.34 -22.35 54.49
N PHE M 126 -3.29 -23.48 53.76
CA PHE M 126 -3.03 -24.80 54.35
C PHE M 126 -1.54 -24.87 54.67
N GLY M 127 -1.19 -25.67 55.69
CA GLY M 127 0.20 -25.82 56.11
C GLY M 127 0.70 -24.68 56.99
N PHE M 128 -0.24 -23.91 57.53
CA PHE M 128 0.05 -22.85 58.48
C PHE M 128 0.32 -23.47 59.85
N LYS M 129 1.27 -22.88 60.59
CA LYS M 129 1.66 -23.36 61.91
C LYS M 129 0.58 -23.16 62.97
N ALA M 130 -0.23 -22.11 62.80
CA ALA M 130 -1.26 -21.71 63.75
C ALA M 130 -2.53 -22.57 63.72
N LEU M 131 -2.67 -23.41 62.70
CA LEU M 131 -3.83 -24.32 62.58
C LEU M 131 -3.44 -25.74 62.18
N ARG M 132 -4.15 -26.72 62.73
CA ARG M 132 -3.86 -28.14 62.51
C ARG M 132 -4.52 -28.73 61.25
N ALA M 133 -5.77 -28.33 61.00
CA ALA M 133 -6.54 -28.81 59.85
C ALA M 133 -7.38 -27.70 59.22
N LEU M 134 -7.52 -27.76 57.91
CA LEU M 134 -8.34 -26.81 57.14
C LEU M 134 -9.04 -27.52 55.99
N ARG M 135 -10.30 -27.16 55.74
CA ARG M 135 -11.10 -27.74 54.67
C ARG M 135 -12.00 -26.72 53.98
N LEU M 136 -11.94 -26.70 52.65
CA LEU M 136 -12.83 -25.87 51.83
C LEU M 136 -14.07 -26.68 51.44
N GLU M 137 -15.22 -26.26 52.00
CA GLU M 137 -16.48 -26.99 51.83
C GLU M 137 -17.27 -26.58 50.58
N ASP M 138 -17.36 -25.28 50.33
CA ASP M 138 -18.07 -24.74 49.15
C ASP M 138 -17.49 -23.41 48.67
N ILE M 139 -17.68 -23.14 47.38
CA ILE M 139 -17.25 -21.89 46.73
C ILE M 139 -18.39 -21.33 45.86
N ARG M 140 -18.57 -20.02 45.89
CA ARG M 140 -19.59 -19.35 45.08
C ARG M 140 -18.95 -18.50 43.97
N PHE M 141 -19.43 -18.72 42.74
CA PHE M 141 -19.03 -17.91 41.60
C PHE M 141 -20.15 -16.95 41.20
N PRO M 142 -19.83 -15.64 41.08
CA PRO M 142 -20.82 -14.67 40.63
C PRO M 142 -21.08 -14.77 39.13
N VAL M 143 -22.27 -14.32 38.71
CA VAL M 143 -22.71 -14.34 37.30
C VAL M 143 -21.71 -13.64 36.37
N ALA M 144 -21.21 -12.49 36.82
CA ALA M 144 -20.23 -11.68 36.07
C ALA M 144 -18.92 -12.41 35.76
N TYR M 145 -18.47 -13.26 36.69
CA TYR M 145 -17.23 -14.05 36.51
C TYR M 145 -17.44 -15.26 35.62
N ILE M 146 -18.62 -15.88 35.70
CA ILE M 146 -18.99 -17.07 34.91
C ILE M 146 -19.00 -16.79 33.40
N LYS M 147 -19.40 -15.57 33.05
CA LYS M 147 -19.50 -15.13 31.64
C LYS M 147 -18.17 -15.09 30.88
N THR M 148 -17.06 -14.97 31.59
CA THR M 148 -15.72 -14.96 30.98
C THR M 148 -15.29 -16.37 30.51
N PHE M 149 -15.75 -17.39 31.21
CA PHE M 149 -15.45 -18.79 30.89
C PHE M 149 -16.24 -19.29 29.69
N GLN M 150 -15.69 -20.28 28.98
CA GLN M 150 -16.37 -20.95 27.87
C GLN M 150 -17.39 -21.97 28.37
N GLY M 151 -17.02 -22.71 29.42
CA GLY M 151 -17.85 -23.78 29.98
C GLY M 151 -17.70 -25.07 29.18
N PRO M 152 -18.72 -25.97 29.27
CA PRO M 152 -18.71 -27.23 28.52
C PRO M 152 -18.77 -27.00 27.00
N PRO M 153 -18.07 -27.84 26.20
CA PRO M 153 -18.04 -27.68 24.74
C PRO M 153 -19.38 -27.89 24.05
N HIS M 154 -20.27 -28.70 24.64
CA HIS M 154 -21.56 -29.05 24.03
C HIS M 154 -22.77 -29.03 24.97
N GLY M 155 -22.64 -29.69 26.12
CA GLY M 155 -23.73 -29.79 27.09
C GLY M 155 -24.66 -30.96 26.83
N ILE M 156 -25.58 -31.21 27.77
CA ILE M 156 -26.50 -32.38 27.75
C ILE M 156 -27.41 -32.38 26.51
N GLN M 157 -28.02 -31.23 26.22
CA GLN M 157 -29.04 -31.09 25.18
C GLN M 157 -28.51 -31.26 23.75
N VAL M 158 -27.34 -30.67 23.48
CA VAL M 158 -26.68 -30.77 22.17
C VAL M 158 -26.11 -32.17 21.94
N GLU M 159 -25.63 -32.80 23.02
CA GLU M 159 -25.07 -34.16 22.98
C GLU M 159 -26.08 -35.22 22.56
N ARG M 160 -27.29 -35.13 23.11
CA ARG M 160 -28.39 -36.05 22.75
C ARG M 160 -28.88 -35.85 21.32
N ASP M 161 -28.78 -34.60 20.84
CA ASP M 161 -29.15 -34.26 19.45
C ASP M 161 -28.16 -34.80 18.43
N LYS M 162 -26.87 -34.77 18.78
CA LYS M 162 -25.80 -35.29 17.91
C LYS M 162 -25.75 -36.82 17.89
N LEU M 163 -26.01 -37.44 19.04
CA LEU M 163 -26.04 -38.90 19.18
C LEU M 163 -27.35 -39.54 18.73
N ASN M 164 -28.43 -38.74 18.74
CA ASN M 164 -29.80 -39.18 18.42
C ASN M 164 -30.31 -40.30 19.35
N LYS M 165 -30.25 -40.03 20.67
CA LYS M 165 -30.64 -40.97 21.71
C LYS M 165 -31.45 -40.27 22.82
N TYR M 166 -32.72 -40.64 22.92
CA TYR M 166 -33.66 -40.01 23.87
C TYR M 166 -34.43 -41.03 24.69
N GLY M 167 -34.79 -40.66 25.92
CA GLY M 167 -35.70 -41.47 26.76
C GLY M 167 -35.08 -42.18 27.95
N ARG M 168 -33.86 -42.65 27.76
CA ARG M 168 -33.20 -43.53 28.73
C ARG M 168 -31.82 -43.02 29.13
N PRO M 169 -31.25 -43.55 30.25
CA PRO M 169 -29.82 -43.37 30.50
C PRO M 169 -28.96 -44.13 29.48
N LEU M 170 -27.73 -43.67 29.28
CA LEU M 170 -26.79 -44.28 28.34
C LEU M 170 -25.97 -45.39 29.00
N LEU M 171 -25.52 -46.37 28.20
CA LEU M 171 -24.77 -47.52 28.71
C LEU M 171 -23.34 -47.58 28.17
N GLY M 172 -22.42 -47.96 29.05
CA GLY M 172 -21.00 -48.04 28.71
C GLY M 172 -20.27 -49.22 29.32
N CYS M 173 -19.04 -49.46 28.84
CA CYS M 173 -18.21 -50.56 29.30
C CYS M 173 -16.74 -50.17 29.32
N THR M 174 -16.02 -50.69 30.32
CA THR M 174 -14.57 -50.50 30.43
C THR M 174 -13.89 -51.84 30.19
N ILE M 175 -12.90 -51.85 29.28
CA ILE M 175 -12.19 -53.06 28.86
C ILE M 175 -11.23 -53.54 29.97
N LYS M 176 -11.32 -54.83 30.29
CA LYS M 176 -10.49 -55.46 31.32
C LYS M 176 -9.74 -56.68 30.75
N PRO M 177 -8.48 -56.94 31.14
CA PRO M 177 -7.76 -56.19 32.18
C PRO M 177 -7.28 -54.81 31.73
N LYS M 178 -6.92 -53.97 32.70
CA LYS M 178 -6.46 -52.60 32.45
C LYS M 178 -5.21 -52.54 31.57
N LEU M 179 -4.25 -53.43 31.86
CA LEU M 179 -2.98 -53.48 31.13
C LEU M 179 -2.62 -54.91 30.76
N GLY M 180 -2.04 -55.08 29.57
CA GLY M 180 -1.58 -56.40 29.11
C GLY M 180 -2.02 -56.81 27.72
N LEU M 181 -3.23 -56.42 27.32
CA LEU M 181 -3.82 -56.78 26.03
C LEU M 181 -3.14 -56.09 24.84
N SER M 182 -3.05 -56.81 23.73
CA SER M 182 -2.54 -56.28 22.46
C SER M 182 -3.55 -55.31 21.83
N ALA M 183 -3.09 -54.56 20.83
CA ALA M 183 -3.94 -53.62 20.09
C ALA M 183 -5.08 -54.31 19.33
N LYS M 184 -4.79 -55.49 18.79
CA LYS M 184 -5.76 -56.30 18.03
C LYS M 184 -6.81 -56.95 18.95
N ASN M 185 -6.35 -57.50 20.08
CA ASN M 185 -7.23 -58.12 21.07
C ASN M 185 -8.10 -57.10 21.83
N TYR M 186 -7.61 -55.87 21.91
CA TYR M 186 -8.36 -54.75 22.48
C TYR M 186 -9.56 -54.42 21.60
N GLY M 187 -9.33 -54.30 20.29
CA GLY M 187 -10.37 -54.01 19.30
C GLY M 187 -11.42 -55.09 19.16
N ARG M 188 -11.00 -56.34 19.33
CA ARG M 188 -11.92 -57.49 19.32
C ARG M 188 -12.90 -57.43 20.49
N ALA M 189 -12.38 -57.13 21.68
CA ALA M 189 -13.21 -56.96 22.89
C ALA M 189 -14.12 -55.74 22.81
N VAL M 190 -13.62 -54.67 22.19
CA VAL M 190 -14.40 -53.44 21.93
C VAL M 190 -15.58 -53.75 21.01
N TYR M 191 -15.32 -54.52 19.95
CA TYR M 191 -16.34 -54.92 18.98
C TYR M 191 -17.47 -55.77 19.59
N GLU M 192 -17.11 -56.74 20.41
CA GLU M 192 -18.06 -57.67 21.03
C GLU M 192 -19.01 -57.01 22.04
N CYS M 193 -18.51 -55.99 22.74
CA CYS M 193 -19.32 -55.20 23.68
C CYS M 193 -20.35 -54.32 22.97
N LEU M 194 -19.93 -53.70 21.87
CA LEU M 194 -20.80 -52.80 21.09
C LEU M 194 -21.86 -53.56 20.28
N ARG M 195 -21.52 -54.79 19.89
CA ARG M 195 -22.43 -55.68 19.16
C ARG M 195 -23.62 -56.12 20.01
N GLY M 196 -23.37 -56.33 21.31
CA GLY M 196 -24.38 -56.80 22.27
C GLY M 196 -25.53 -55.84 22.51
N GLY M 197 -25.20 -54.55 22.67
CA GLY M 197 -26.21 -53.51 22.88
C GLY M 197 -25.79 -52.27 23.67
N LEU M 198 -24.49 -52.15 23.95
CA LEU M 198 -23.95 -50.98 24.65
C LEU M 198 -23.77 -49.79 23.71
N ASP M 199 -23.92 -48.59 24.26
CA ASP M 199 -23.75 -47.34 23.49
C ASP M 199 -22.28 -46.96 23.34
N PHE M 200 -21.55 -46.98 24.45
CA PHE M 200 -20.14 -46.59 24.50
C PHE M 200 -19.24 -47.70 25.02
N THR M 201 -17.95 -47.59 24.71
CA THR M 201 -16.89 -48.36 25.35
C THR M 201 -15.78 -47.40 25.78
N ASP M 203 -11.67 -46.60 27.48
CA ASP M 203 -10.29 -46.89 27.88
C ASP M 203 -10.10 -46.63 29.37
N ASP M 204 -9.29 -47.46 30.02
CA ASP M 204 -8.90 -47.24 31.42
C ASP M 204 -8.05 -45.99 31.55
N GLU M 205 -8.16 -45.32 32.70
CA GLU M 205 -7.46 -44.07 32.99
C GLU M 205 -5.93 -44.14 32.88
N ASN M 206 -5.38 -45.33 33.09
CA ASN M 206 -3.92 -45.56 33.04
C ASN M 206 -3.39 -46.01 31.67
N ILE M 207 -4.29 -46.32 30.73
CA ILE M 207 -3.90 -46.62 29.34
C ILE M 207 -3.56 -45.32 28.61
N ASN M 208 -2.31 -45.20 28.18
CA ASN M 208 -1.85 -44.05 27.39
C ASN M 208 -1.08 -44.50 26.16
N SER M 209 0.20 -44.86 26.34
CA SER M 209 1.06 -45.38 25.26
C SER M 209 2.19 -46.24 25.82
N ALA M 210 1.84 -47.45 26.23
CA ALA M 210 2.79 -48.40 26.82
C ALA M 210 3.57 -49.20 25.75
N PRO M 211 4.76 -49.73 26.11
CA PRO M 211 5.55 -50.65 25.27
C PRO M 211 4.81 -51.83 24.62
N PHE M 212 3.82 -52.39 25.31
CA PHE M 212 3.06 -53.54 24.78
C PHE M 212 1.96 -53.17 23.77
N GLN M 213 1.34 -52.00 23.95
CA GLN M 213 0.42 -51.43 22.96
C GLN M 213 0.56 -49.92 22.82
N ARG M 214 1.03 -49.49 21.65
CA ARG M 214 1.23 -48.07 21.35
C ARG M 214 -0.09 -47.44 20.92
N TRP M 215 -0.25 -46.14 21.22
CA TRP M 215 -1.52 -45.43 21.04
C TRP M 215 -2.07 -45.44 19.61
N ARG M 216 -1.20 -45.23 18.63
CA ARG M 216 -1.61 -45.13 17.23
C ARG M 216 -2.15 -46.44 16.65
N ASP M 217 -1.65 -47.56 17.17
CA ASP M 217 -2.17 -48.89 16.82
C ASP M 217 -3.56 -49.14 17.41
N ARG M 218 -3.73 -48.78 18.69
CA ARG M 218 -5.02 -48.90 19.40
C ARG M 218 -6.11 -48.07 18.72
N PHE M 219 -5.77 -46.83 18.36
CA PHE M 219 -6.69 -45.88 17.72
C PHE M 219 -7.25 -46.40 16.38
N LEU M 220 -6.39 -47.09 15.63
CA LEU M 220 -6.74 -47.64 14.32
C LEU M 220 -7.67 -48.85 14.39
N PHE M 221 -7.35 -49.81 15.27
CA PHE M 221 -8.12 -51.04 15.43
C PHE M 221 -9.48 -50.83 16.09
N VAL M 222 -9.56 -49.88 17.02
CA VAL M 222 -10.81 -49.49 17.69
C VAL M 222 -11.78 -48.85 16.67
N ALA M 223 -11.24 -48.03 15.76
CA ALA M 223 -12.01 -47.41 14.69
C ALA M 223 -12.66 -48.42 13.74
N ASP M 224 -11.95 -49.51 13.44
CA ASP M 224 -12.49 -50.63 12.65
C ASP M 224 -13.59 -51.39 13.38
N ALA M 225 -13.46 -51.50 14.70
CA ALA M 225 -14.42 -52.20 15.55
C ALA M 225 -15.75 -51.46 15.68
N ILE M 226 -15.70 -50.13 15.72
CA ILE M 226 -16.89 -49.28 15.77
C ILE M 226 -17.67 -49.36 14.45
N THR M 227 -16.94 -49.24 13.34
CA THR M 227 -17.50 -49.28 11.98
C THR M 227 -18.31 -50.54 11.70
N LYS M 228 -17.77 -51.69 12.13
CA LYS M 228 -18.42 -52.99 11.97
C LYS M 228 -19.67 -53.13 12.85
N ALA M 229 -19.58 -52.64 14.09
CA ALA M 229 -20.67 -52.72 15.07
C ALA M 229 -21.83 -51.78 14.75
N GLN M 230 -21.52 -50.61 14.20
CA GLN M 230 -22.52 -49.62 13.79
C GLN M 230 -23.38 -50.13 12.63
N ALA M 231 -22.72 -50.74 11.64
CA ALA M 231 -23.38 -51.30 10.45
C ALA M 231 -24.22 -52.53 10.75
N GLU M 232 -23.80 -53.31 11.75
CA GLU M 232 -24.47 -54.55 12.13
C GLU M 232 -25.75 -54.29 12.93
N THR M 233 -25.67 -53.41 13.92
CA THR M 233 -26.80 -53.09 14.80
C THR M 233 -27.77 -52.09 14.18
N GLY M 234 -27.23 -51.07 13.51
CA GLY M 234 -28.02 -49.97 12.94
C GLY M 234 -28.13 -48.75 13.83
N GLU M 235 -27.37 -48.75 14.92
CA GLU M 235 -27.34 -47.65 15.90
C GLU M 235 -25.98 -46.96 15.89
N ILE M 236 -25.94 -45.70 16.36
CA ILE M 236 -24.69 -44.95 16.48
C ILE M 236 -23.86 -45.48 17.65
N LYS M 237 -22.61 -45.85 17.36
CA LYS M 237 -21.68 -46.42 18.34
C LYS M 237 -20.46 -45.53 18.52
N GLY M 238 -19.85 -45.61 19.71
CA GLY M 238 -18.66 -44.82 20.04
C GLY M 238 -17.74 -45.46 21.07
N HIS M 239 -16.55 -44.86 21.22
CA HIS M 239 -15.54 -45.31 22.16
C HIS M 239 -14.71 -44.11 22.64
N TYR M 240 -14.56 -43.97 23.96
CA TYR M 240 -13.72 -42.89 24.52
C TYR M 240 -12.24 -43.24 24.37
N LEU M 241 -11.54 -42.46 23.55
CA LEU M 241 -10.11 -42.66 23.31
C LEU M 241 -9.28 -41.77 24.22
N ASN M 242 -8.42 -42.40 25.03
CA ASN M 242 -7.62 -41.69 26.03
C ASN M 242 -6.52 -40.85 25.39
N VAL M 243 -6.68 -39.54 25.52
CA VAL M 243 -5.84 -38.54 24.84
C VAL M 243 -4.70 -38.05 25.76
N THR M 244 -4.85 -38.28 27.07
CA THR M 244 -3.88 -37.89 28.11
C THR M 244 -2.43 -38.26 27.74
N ALA M 245 -1.55 -37.26 27.80
CA ALA M 245 -0.19 -37.35 27.28
C ALA M 245 0.83 -36.60 28.17
N PRO M 246 2.15 -36.90 28.02
CA PRO M 246 3.19 -36.20 28.81
C PRO M 246 3.35 -34.70 28.53
N THR M 247 3.08 -34.27 27.30
CA THR M 247 3.18 -32.85 26.92
C THR M 247 1.92 -32.33 26.22
N CYS M 248 1.78 -31.01 26.16
CA CYS M 248 0.66 -30.33 25.48
C CYS M 248 0.66 -30.51 23.96
N GLU M 249 1.84 -30.71 23.37
CA GLU M 249 1.99 -30.98 21.94
C GLU M 249 1.52 -32.39 21.58
N GLU M 250 1.90 -33.37 22.40
CA GLU M 250 1.53 -34.77 22.22
C GLU M 250 0.03 -35.01 22.44
N MET M 251 -0.55 -34.26 23.37
CA MET M 251 -1.98 -34.32 23.68
C MET M 251 -2.84 -33.85 22.50
N LEU M 252 -2.46 -32.71 21.91
CA LEU M 252 -3.16 -32.15 20.75
C LEU M 252 -2.94 -32.95 19.47
N LYS M 253 -1.80 -33.63 19.39
CA LYS M 253 -1.44 -34.50 18.26
C LYS M 253 -2.33 -35.76 18.21
N ARG M 254 -2.59 -36.34 19.38
CA ARG M 254 -3.44 -37.54 19.51
C ARG M 254 -4.91 -37.24 19.23
N ALA M 255 -5.36 -36.05 19.62
CA ALA M 255 -6.72 -35.57 19.38
C ALA M 255 -6.99 -35.33 17.88
N GLU M 256 -5.97 -34.84 17.18
CA GLU M 256 -6.04 -34.59 15.72
C GLU M 256 -6.26 -35.87 14.91
N TYR M 257 -5.61 -36.96 15.34
CA TYR M 257 -5.74 -38.26 14.69
C TYR M 257 -7.10 -38.91 14.92
N ALA M 258 -7.69 -38.66 16.09
CA ALA M 258 -9.05 -39.08 16.41
C ALA M 258 -10.07 -38.32 15.55
N LYS M 259 -9.81 -37.03 15.32
CA LYS M 259 -10.60 -36.19 14.42
C LYS M 259 -10.50 -36.69 12.98
N GLU M 260 -9.30 -37.14 12.59
CA GLU M 260 -9.00 -37.67 11.26
C GLU M 260 -9.76 -38.98 10.96
N LEU M 261 -9.98 -39.79 11.99
CA LEU M 261 -10.71 -41.07 11.88
C LEU M 261 -12.22 -40.93 12.07
N LYS M 262 -12.69 -39.68 12.17
CA LYS M 262 -14.12 -39.33 12.34
C LYS M 262 -14.74 -39.90 13.63
N GLN M 263 -14.02 -39.71 14.73
CA GLN M 263 -14.45 -40.22 16.04
C GLN M 263 -15.27 -39.17 16.81
N PRO M 264 -16.46 -39.58 17.32
CA PRO M 264 -17.35 -38.63 17.99
C PRO M 264 -16.92 -38.18 19.40
N ILE M 265 -16.08 -38.97 20.08
CA ILE M 265 -15.77 -38.75 21.50
C ILE M 265 -14.34 -39.15 21.93
N ILE M 266 -13.73 -38.32 22.79
CA ILE M 266 -12.42 -38.59 23.42
C ILE M 266 -12.47 -38.33 24.94
N MET M 267 -11.55 -38.95 25.68
CA MET M 267 -11.49 -38.78 27.15
C MET M 267 -10.17 -38.23 27.68
N HIS M 268 -10.23 -37.60 28.87
CA HIS M 268 -9.09 -36.93 29.49
C HIS M 268 -9.19 -36.95 31.01
N ASP M 269 -8.03 -37.07 31.67
CA ASP M 269 -7.94 -37.01 33.13
C ASP M 269 -7.51 -35.61 33.53
N TYR M 270 -8.43 -34.85 34.14
CA TYR M 270 -8.23 -33.42 34.37
C TYR M 270 -7.33 -33.04 35.54
N LEU M 271 -7.35 -33.84 36.61
CA LEU M 271 -6.58 -33.54 37.83
C LEU M 271 -5.11 -33.93 37.74
N THR M 272 -4.81 -35.08 37.15
CA THR M 272 -3.43 -35.56 36.99
C THR M 272 -2.64 -34.80 35.92
N ALA M 273 -3.33 -34.37 34.87
CA ALA M 273 -2.75 -33.57 33.80
C ALA M 273 -2.75 -32.07 34.12
N GLY M 274 -3.74 -31.62 34.90
CA GLY M 274 -3.85 -30.23 35.34
C GLY M 274 -4.90 -29.43 34.60
N PHE M 275 -5.33 -28.33 35.22
CA PHE M 275 -6.37 -27.46 34.67
C PHE M 275 -5.95 -26.69 33.42
N THR M 276 -4.66 -26.37 33.32
CA THR M 276 -4.08 -25.66 32.17
C THR M 276 -4.20 -26.49 30.88
N ALA M 277 -3.84 -27.77 30.97
CA ALA M 277 -3.93 -28.71 29.85
C ALA M 277 -5.40 -29.03 29.47
N ASN M 278 -6.26 -29.10 30.48
CA ASN M 278 -7.67 -29.42 30.28
C ASN M 278 -8.46 -28.30 29.59
N THR M 279 -8.13 -27.05 29.94
CA THR M 279 -8.74 -25.87 29.33
C THR M 279 -8.31 -25.72 27.86
N THR M 280 -7.07 -26.09 27.57
CA THR M 280 -6.53 -26.13 26.21
C THR M 280 -7.32 -27.12 25.33
N LEU M 281 -7.60 -28.31 25.87
CA LEU M 281 -8.32 -29.36 25.16
C LEU M 281 -9.81 -29.05 24.97
N ALA M 282 -10.41 -28.41 25.98
CA ALA M 282 -11.84 -28.05 25.96
C ALA M 282 -12.16 -26.98 24.89
N ARG M 283 -11.20 -26.10 24.63
CA ARG M 283 -11.31 -25.11 23.56
C ARG M 283 -11.14 -25.76 22.19
N TRP M 284 -10.22 -26.72 22.09
CA TRP M 284 -10.00 -27.51 20.88
C TRP M 284 -11.26 -28.28 20.48
N CYS M 285 -11.87 -28.96 21.46
CA CYS M 285 -13.07 -29.77 21.25
C CYS M 285 -14.29 -28.98 20.78
N ARG M 286 -14.39 -27.72 21.22
CA ARG M 286 -15.40 -26.77 20.76
C ARG M 286 -15.21 -26.43 19.27
N ASP M 287 -13.96 -26.23 18.86
CA ASP M 287 -13.59 -25.83 17.50
C ASP M 287 -13.60 -26.97 16.48
N ASN M 288 -13.79 -28.20 16.95
CA ASN M 288 -13.80 -29.39 16.08
C ASN M 288 -15.07 -30.23 16.18
N GLY M 289 -15.91 -29.92 17.18
CA GLY M 289 -17.18 -30.61 17.40
C GLY M 289 -17.01 -32.03 17.94
N VAL M 290 -16.05 -32.20 18.84
CA VAL M 290 -15.75 -33.49 19.47
C VAL M 290 -16.21 -33.44 20.93
N LEU M 291 -16.92 -34.48 21.36
CA LEU M 291 -17.41 -34.59 22.74
C LEU M 291 -16.28 -35.01 23.69
N LEU M 292 -16.33 -34.48 24.91
CA LEU M 292 -15.24 -34.67 25.87
C LEU M 292 -15.70 -35.33 27.19
N HIS M 293 -15.14 -36.51 27.44
CA HIS M 293 -15.41 -37.30 28.65
C HIS M 293 -14.30 -37.04 29.68
N ILE M 294 -14.68 -36.81 30.92
CA ILE M 294 -13.72 -36.45 31.97
C ILE M 294 -13.67 -37.51 33.08
N HIS M 295 -12.49 -38.07 33.29
CA HIS M 295 -12.22 -39.03 34.36
C HIS M 295 -11.62 -38.29 35.55
N ARG M 296 -12.14 -38.57 36.74
CA ARG M 296 -11.71 -37.89 37.97
C ARG M 296 -10.68 -38.69 38.79
N ALA M 297 -9.62 -39.16 38.11
CA ALA M 297 -8.53 -39.88 38.77
C ALA M 297 -7.79 -38.95 39.75
N MET M 298 -7.33 -39.54 40.86
CA MET M 298 -6.60 -38.84 41.94
C MET M 298 -7.45 -37.85 42.75
N HIS M 299 -8.77 -37.96 42.68
CA HIS M 299 -9.69 -37.08 43.42
C HIS M 299 -9.74 -37.40 44.92
N ALA M 300 -9.70 -38.70 45.24
CA ALA M 300 -9.89 -39.19 46.61
C ALA M 300 -8.69 -38.94 47.54
N VAL M 301 -7.58 -38.47 46.98
CA VAL M 301 -6.43 -37.99 47.75
C VAL M 301 -6.81 -36.67 48.44
N ILE M 302 -7.63 -35.87 47.76
CA ILE M 302 -8.00 -34.53 48.22
C ILE M 302 -9.33 -34.51 49.01
N ASP M 303 -10.33 -35.27 48.55
CA ASP M 303 -11.70 -35.18 49.12
C ASP M 303 -12.16 -36.31 50.07
N ARG M 304 -11.23 -37.13 50.56
CA ARG M 304 -11.59 -38.25 51.43
C ARG M 304 -11.93 -37.82 52.86
N GLN M 305 -10.97 -37.16 53.52
CA GLN M 305 -11.08 -36.84 54.94
C GLN M 305 -11.97 -35.64 55.23
N LYS M 306 -12.74 -35.74 56.30
CA LYS M 306 -13.70 -34.71 56.71
C LYS M 306 -13.06 -33.50 57.40
N ASN M 307 -11.81 -33.65 57.84
CA ASN M 307 -11.11 -32.59 58.56
C ASN M 307 -10.17 -31.75 57.68
N HIS M 308 -9.65 -32.35 56.61
CA HIS M 308 -8.65 -31.72 55.75
C HIS M 308 -8.89 -31.95 54.26
N GLY M 309 -8.57 -30.95 53.44
CA GLY M 309 -8.64 -31.04 51.98
C GLY M 309 -9.66 -30.13 51.32
N ILE M 310 -10.03 -30.48 50.09
CA ILE M 310 -11.07 -29.77 49.33
C ILE M 310 -12.16 -30.78 48.96
N HIS M 311 -13.41 -30.46 49.31
CA HIS M 311 -14.58 -31.28 48.96
C HIS M 311 -14.78 -31.32 47.45
N PHE M 312 -15.30 -32.45 46.95
CA PHE M 312 -15.49 -32.68 45.52
C PHE M 312 -16.45 -31.70 44.82
N ARG M 313 -17.42 -31.16 45.54
CA ARG M 313 -18.38 -30.19 44.98
C ARG M 313 -17.71 -28.89 44.44
N VAL M 314 -16.56 -28.53 45.02
CA VAL M 314 -15.73 -27.43 44.53
C VAL M 314 -15.04 -27.84 43.22
N LEU M 315 -14.51 -29.06 43.20
CA LEU M 315 -13.85 -29.63 42.01
C LEU M 315 -14.82 -29.90 40.85
N ALA M 316 -16.07 -30.20 41.19
CA ALA M 316 -17.14 -30.37 40.21
C ALA M 316 -17.55 -29.04 39.56
N LYS M 317 -17.59 -27.97 40.37
CA LYS M 317 -17.85 -26.61 39.89
C LYS M 317 -16.70 -26.09 39.03
N ALA M 318 -15.48 -26.44 39.41
CA ALA M 318 -14.27 -26.03 38.69
C ALA M 318 -14.15 -26.67 37.32
N LEU M 319 -14.64 -27.91 37.19
CA LEU M 319 -14.64 -28.64 35.93
C LEU M 319 -15.69 -28.11 34.93
N ARG M 320 -16.87 -27.74 35.45
CA ARG M 320 -17.94 -27.17 34.62
C ARG M 320 -17.51 -25.84 33.98
N LEU M 321 -16.74 -25.04 34.71
CA LEU M 321 -16.19 -23.79 34.20
C LEU M 321 -15.03 -23.99 33.23
N SER M 322 -14.17 -24.98 33.53
CA SER M 322 -13.01 -25.32 32.68
C SER M 322 -13.44 -25.92 31.34
N GLY M 323 -14.36 -26.88 31.39
CA GLY M 323 -14.88 -27.54 30.19
C GLY M 323 -14.93 -29.05 30.32
N GLY M 324 -16.04 -29.64 29.86
CA GLY M 324 -16.24 -31.10 29.88
C GLY M 324 -17.70 -31.45 29.70
N ASP M 325 -17.97 -32.46 28.87
CA ASP M 325 -19.35 -32.89 28.58
C ASP M 325 -19.88 -33.97 29.53
N HIS M 326 -18.99 -34.85 29.98
CA HIS M 326 -19.31 -35.86 31.00
C HIS M 326 -18.40 -35.69 32.21
N ILE M 327 -18.89 -36.11 33.38
CA ILE M 327 -18.10 -36.16 34.61
C ILE M 327 -18.50 -37.35 35.47
N HIS M 328 -17.50 -38.04 36.03
CA HIS M 328 -17.74 -39.14 36.96
C HIS M 328 -18.19 -38.60 38.30
N THR M 329 -19.36 -39.06 38.74
CA THR M 329 -19.99 -38.62 39.99
C THR M 329 -19.90 -39.68 41.08
N GLY M 330 -19.58 -40.91 40.67
CA GLY M 330 -19.43 -42.05 41.58
C GLY M 330 -20.78 -42.66 41.96
N THR M 331 -20.80 -43.99 42.01
CA THR M 331 -21.99 -44.74 42.41
C THR M 331 -22.25 -44.62 43.91
N VAL M 332 -23.52 -44.57 44.28
CA VAL M 332 -23.95 -44.56 45.69
C VAL M 332 -23.68 -45.93 46.32
N VAL M 333 -24.06 -46.99 45.60
CA VAL M 333 -23.73 -48.37 45.96
C VAL M 333 -22.68 -48.94 45.01
N GLY M 334 -21.53 -49.30 45.57
CA GLY M 334 -20.40 -49.82 44.79
C GLY M 334 -19.11 -49.95 45.59
N LYS M 335 -18.03 -50.28 44.88
CA LYS M 335 -16.73 -50.56 45.50
C LYS M 335 -15.97 -49.34 46.04
N LEU M 336 -16.40 -48.14 45.61
CA LEU M 336 -15.79 -46.88 46.06
C LEU M 336 -16.78 -46.05 46.89
N GLU M 337 -16.23 -45.16 47.73
CA GLU M 337 -16.99 -44.38 48.71
C GLU M 337 -17.97 -43.39 48.07
N GLY M 338 -19.17 -43.32 48.66
CA GLY M 338 -20.23 -42.43 48.20
C GLY M 338 -21.39 -42.35 49.17
N GLU M 339 -21.86 -41.12 49.42
CA GLU M 339 -22.98 -40.85 50.32
C GLU M 339 -24.15 -40.24 49.56
N ARG M 340 -25.34 -40.81 49.74
CA ARG M 340 -26.55 -40.47 48.96
C ARG M 340 -26.93 -38.98 49.00
N GLY M 341 -26.95 -38.40 50.21
CA GLY M 341 -27.27 -36.98 50.41
C GLY M 341 -26.25 -36.03 49.80
N ILE M 342 -24.97 -36.36 50.01
CA ILE M 342 -23.84 -35.61 49.47
C ILE M 342 -23.76 -35.70 47.94
N THR M 343 -23.92 -36.92 47.41
CA THR M 343 -23.88 -37.18 45.95
C THR M 343 -24.95 -36.38 45.22
N MET M 344 -26.22 -36.56 45.62
CA MET M 344 -27.37 -35.83 45.05
C MET M 344 -27.23 -34.31 45.14
N GLY M 345 -26.42 -33.84 46.09
CA GLY M 345 -26.09 -32.43 46.26
C GLY M 345 -25.37 -31.85 45.05
N PHE M 346 -24.18 -32.37 44.76
CA PHE M 346 -23.38 -31.87 43.64
C PHE M 346 -23.80 -32.37 42.26
N VAL M 347 -24.56 -33.48 42.23
CA VAL M 347 -25.15 -34.01 40.98
C VAL M 347 -26.19 -33.02 40.42
N ASP M 348 -27.08 -32.55 41.29
CA ASP M 348 -28.08 -31.54 40.95
C ASP M 348 -27.48 -30.13 40.76
N LEU M 349 -26.19 -30.00 41.06
CA LEU M 349 -25.45 -28.75 40.93
C LEU M 349 -24.71 -28.66 39.58
N LEU M 350 -24.40 -29.82 39.00
CA LEU M 350 -23.73 -29.93 37.70
C LEU M 350 -24.71 -29.88 36.52
N ARG M 351 -25.96 -30.31 36.76
CA ARG M 351 -26.98 -30.43 35.72
C ARG M 351 -27.93 -29.22 35.65
N GLU M 352 -28.45 -28.80 36.79
CA GLU M 352 -29.47 -27.74 36.87
C GLU M 352 -28.92 -26.33 36.63
N ASN M 353 -29.81 -25.42 36.25
CA ASN M 353 -29.49 -24.02 36.00
C ASN M 353 -29.43 -23.18 37.27
N TYR M 354 -30.33 -23.46 38.20
CA TYR M 354 -30.46 -22.71 39.45
C TYR M 354 -30.58 -23.67 40.63
N VAL M 355 -29.70 -23.50 41.61
CA VAL M 355 -29.65 -24.36 42.81
C VAL M 355 -29.83 -23.50 44.07
N GLU M 356 -30.85 -23.86 44.85
CA GLU M 356 -31.15 -23.22 46.13
C GLU M 356 -30.22 -23.73 47.24
N GLN M 357 -29.91 -22.86 48.20
CA GLN M 357 -29.07 -23.18 49.36
C GLN M 357 -29.75 -24.21 50.27
N ASP M 358 -29.01 -25.28 50.58
CA ASP M 358 -29.50 -26.36 51.44
C ASP M 358 -28.38 -26.93 52.32
N LYS M 359 -28.48 -26.67 53.62
CA LYS M 359 -27.44 -27.03 54.60
C LYS M 359 -27.35 -28.53 54.88
N SER M 360 -28.51 -29.20 54.92
CA SER M 360 -28.59 -30.65 55.15
C SER M 360 -28.04 -31.46 53.98
N ARG M 361 -28.18 -30.91 52.77
CA ARG M 361 -27.66 -31.51 51.54
C ARG M 361 -26.15 -31.29 51.40
N GLY M 362 -25.64 -30.22 52.01
CA GLY M 362 -24.22 -29.89 52.00
C GLY M 362 -23.83 -28.63 51.25
N ILE M 363 -24.84 -27.96 50.68
CA ILE M 363 -24.64 -26.76 49.86
C ILE M 363 -24.71 -25.51 50.73
N TYR M 364 -23.62 -24.73 50.74
CA TYR M 364 -23.48 -23.56 51.61
C TYR M 364 -23.90 -22.24 50.96
N PHE M 365 -23.81 -22.17 49.63
CA PHE M 365 -24.16 -20.96 48.87
C PHE M 365 -25.16 -21.22 47.75
N THR M 366 -26.02 -20.24 47.49
CA THR M 366 -26.94 -20.26 46.36
C THR M 366 -26.15 -20.03 45.05
N GLN M 367 -26.15 -21.04 44.19
CA GLN M 367 -25.41 -20.98 42.92
C GLN M 367 -26.34 -20.75 41.73
N ASP M 368 -25.93 -19.83 40.87
CA ASP M 368 -26.68 -19.47 39.68
C ASP M 368 -25.74 -19.47 38.46
N TRP M 369 -26.13 -20.26 37.44
CA TRP M 369 -25.40 -20.33 36.18
C TRP M 369 -26.16 -19.55 35.12
N ALA M 370 -25.47 -18.64 34.44
CA ALA M 370 -26.09 -17.77 33.43
C ALA M 370 -26.19 -18.48 32.08
N SER M 371 -27.24 -19.31 31.94
CA SER M 371 -27.52 -20.11 30.72
C SER M 371 -26.37 -21.03 30.27
N LEU M 372 -25.47 -21.36 31.20
CA LEU M 372 -24.33 -22.24 30.94
C LEU M 372 -24.81 -23.70 30.93
N PRO M 373 -24.44 -24.46 29.87
CA PRO M 373 -24.87 -25.85 29.67
C PRO M 373 -24.49 -26.80 30.81
N GLY M 374 -25.33 -27.81 31.02
CA GLY M 374 -25.10 -28.82 32.07
C GLY M 374 -24.15 -29.92 31.66
N VAL M 375 -23.53 -30.54 32.65
CA VAL M 375 -22.59 -31.65 32.45
C VAL M 375 -23.26 -32.95 32.86
N MET M 376 -23.18 -33.95 31.98
CA MET M 376 -23.79 -35.28 32.19
C MET M 376 -23.08 -36.06 33.29
N ALA M 377 -23.85 -36.75 34.12
CA ALA M 377 -23.32 -37.54 35.24
C ALA M 377 -22.98 -38.96 34.82
N VAL M 378 -21.82 -39.45 35.29
CA VAL M 378 -21.37 -40.81 34.97
C VAL M 378 -21.24 -41.62 36.27
N ALA M 379 -21.99 -42.71 36.34
CA ALA M 379 -21.97 -43.63 37.49
C ALA M 379 -21.19 -44.90 37.16
N SER M 380 -20.09 -45.13 37.87
CA SER M 380 -19.21 -46.27 37.65
C SER M 380 -18.49 -46.71 38.93
N GLY M 381 -18.20 -48.01 39.02
CA GLY M 381 -17.42 -48.57 40.13
C GLY M 381 -18.05 -49.76 40.82
N GLY M 382 -17.87 -50.94 40.23
CA GLY M 382 -18.28 -52.21 40.82
C GLY M 382 -19.79 -52.42 40.91
N ILE M 383 -20.47 -52.21 39.79
CA ILE M 383 -21.93 -52.37 39.71
C ILE M 383 -22.35 -53.51 38.76
N HIS M 384 -23.36 -54.25 39.18
CA HIS M 384 -23.92 -55.36 38.39
C HIS M 384 -25.42 -55.17 38.08
N VAL M 385 -26.06 -56.21 37.55
CA VAL M 385 -27.47 -56.16 37.09
C VAL M 385 -28.51 -55.87 38.19
N TRP M 386 -28.19 -56.25 39.43
CA TRP M 386 -29.08 -56.05 40.57
C TRP M 386 -29.16 -54.60 41.05
N HIS M 387 -28.10 -53.83 40.80
CA HIS M 387 -28.03 -52.41 41.18
C HIS M 387 -28.74 -51.47 40.20
N MET M 388 -29.25 -52.02 39.09
CA MET M 388 -29.89 -51.26 38.00
C MET M 388 -31.09 -50.39 38.41
N PRO M 389 -32.09 -50.92 39.17
CA PRO M 389 -33.25 -50.07 39.51
C PRO M 389 -32.96 -48.99 40.54
N ALA M 390 -31.92 -49.22 41.37
CA ALA M 390 -31.47 -48.24 42.37
C ALA M 390 -30.78 -47.05 41.71
N LEU M 391 -29.95 -47.32 40.70
CA LEU M 391 -29.20 -46.28 39.97
C LEU M 391 -30.08 -45.40 39.08
N VAL M 392 -31.08 -46.02 38.45
CA VAL M 392 -32.02 -45.33 37.56
C VAL M 392 -32.90 -44.33 38.32
N GLU M 393 -33.33 -44.73 39.52
CA GLU M 393 -34.16 -43.88 40.38
C GLU M 393 -33.41 -42.69 40.99
N ILE M 394 -32.15 -42.93 41.36
CA ILE M 394 -31.31 -41.90 42.00
C ILE M 394 -30.74 -40.90 40.98
N PHE M 395 -30.02 -41.41 39.97
CA PHE M 395 -29.34 -40.56 38.98
C PHE M 395 -30.28 -39.95 37.93
N GLY M 396 -31.39 -40.63 37.66
CA GLY M 396 -32.40 -40.14 36.71
C GLY M 396 -32.19 -40.58 35.28
N ASP M 397 -32.63 -39.74 34.34
CA ASP M 397 -32.58 -40.04 32.90
C ASP M 397 -31.33 -39.52 32.20
N ASP M 398 -30.86 -38.35 32.60
CA ASP M 398 -29.68 -37.72 32.01
C ASP M 398 -28.38 -38.14 32.71
N SER M 399 -28.06 -39.43 32.58
CA SER M 399 -26.88 -40.05 33.18
C SER M 399 -26.34 -41.19 32.33
N VAL M 400 -25.06 -41.52 32.53
CA VAL M 400 -24.41 -42.66 31.87
C VAL M 400 -24.03 -43.70 32.93
N LEU M 401 -24.45 -44.94 32.70
CA LEU M 401 -24.16 -46.05 33.60
C LEU M 401 -23.15 -46.99 32.95
N GLN M 402 -22.01 -47.17 33.60
CA GLN M 402 -20.90 -47.93 33.03
C GLN M 402 -20.55 -49.21 33.80
N PHE M 403 -20.44 -50.31 33.05
CA PHE M 403 -20.18 -51.63 33.61
C PHE M 403 -18.87 -52.21 33.06
N GLY M 404 -17.81 -52.14 33.86
CA GLY M 404 -16.51 -52.68 33.49
C GLY M 404 -16.48 -54.19 33.65
N GLY M 405 -16.38 -54.64 34.90
CA GLY M 405 -16.40 -56.06 35.24
C GLY M 405 -17.73 -56.75 34.99
N GLY M 406 -18.81 -55.98 35.13
CA GLY M 406 -20.18 -56.48 34.97
C GLY M 406 -20.57 -57.01 33.60
N THR M 407 -19.93 -56.46 32.55
CA THR M 407 -20.20 -56.88 31.17
C THR M 407 -19.28 -58.03 30.74
N LEU M 408 -17.99 -57.88 30.98
CA LEU M 408 -16.98 -58.85 30.55
C LEU M 408 -16.94 -60.12 31.41
N GLY M 409 -17.40 -60.01 32.65
CA GLY M 409 -17.42 -61.12 33.61
C GLY M 409 -18.60 -62.08 33.49
N HIS M 410 -19.40 -61.88 32.44
CA HIS M 410 -20.53 -62.77 32.11
C HIS M 410 -20.02 -64.12 31.62
N PRO M 411 -20.62 -65.24 32.10
CA PRO M 411 -20.18 -66.60 31.75
C PRO M 411 -20.24 -66.96 30.26
N TRP M 412 -21.08 -66.26 29.50
CA TRP M 412 -21.30 -66.54 28.08
C TRP M 412 -20.48 -65.64 27.14
N GLY M 413 -19.94 -64.54 27.68
CA GLY M 413 -19.10 -63.62 26.91
C GLY M 413 -19.55 -62.18 26.97
N ASN M 414 -18.95 -61.35 26.12
CA ASN M 414 -19.23 -59.90 26.08
C ASN M 414 -20.57 -59.58 25.42
N ALA M 415 -20.87 -60.25 24.31
CA ALA M 415 -22.11 -60.04 23.55
C ALA M 415 -23.39 -60.42 24.32
N PRO M 416 -23.42 -61.58 25.03
CA PRO M 416 -24.57 -61.82 25.90
C PRO M 416 -24.55 -60.97 27.18
N GLY M 417 -23.36 -60.57 27.63
CA GLY M 417 -23.19 -59.70 28.79
C GLY M 417 -23.74 -58.30 28.60
N ALA M 418 -23.56 -57.77 27.38
CA ALA M 418 -24.08 -56.46 27.00
C ALA M 418 -25.60 -56.48 26.79
N THR M 419 -26.11 -57.59 26.26
CA THR M 419 -27.56 -57.78 26.04
C THR M 419 -28.31 -57.92 27.36
N ALA M 420 -27.65 -58.51 28.36
CA ALA M 420 -28.20 -58.65 29.71
C ALA M 420 -28.41 -57.29 30.39
N ASN M 421 -27.41 -56.40 30.28
CA ASN M 421 -27.48 -55.05 30.82
C ASN M 421 -28.51 -54.17 30.10
N ARG M 422 -28.59 -54.31 28.78
CA ARG M 422 -29.50 -53.53 27.93
C ARG M 422 -30.97 -53.85 28.20
N VAL M 423 -31.28 -55.14 28.35
CA VAL M 423 -32.64 -55.61 28.68
C VAL M 423 -33.06 -55.09 30.06
N ALA M 424 -32.16 -55.20 31.04
CA ALA M 424 -32.38 -54.77 32.42
C ALA M 424 -32.69 -53.27 32.57
N LEU M 425 -32.00 -52.44 31.77
CA LEU M 425 -32.24 -50.99 31.76
C LEU M 425 -33.60 -50.63 31.13
N GLU M 426 -33.87 -51.21 29.96
CA GLU M 426 -35.10 -50.93 29.20
C GLU M 426 -36.36 -51.48 29.90
N ALA M 427 -36.19 -52.49 30.74
CA ALA M 427 -37.26 -53.00 31.60
C ALA M 427 -37.58 -52.03 32.74
N CYS M 428 -36.54 -51.39 33.28
CA CYS M 428 -36.66 -50.40 34.36
C CYS M 428 -37.28 -49.09 33.89
N VAL M 429 -36.90 -48.66 32.68
CA VAL M 429 -37.42 -47.43 32.05
C VAL M 429 -38.92 -47.57 31.74
N GLN M 430 -39.30 -48.73 31.21
CA GLN M 430 -40.69 -49.06 30.88
C GLN M 430 -41.58 -49.11 32.12
N ALA M 431 -41.08 -49.74 33.19
CA ALA M 431 -41.81 -49.85 34.46
C ALA M 431 -41.99 -48.51 35.17
N ARG M 432 -41.00 -47.62 35.02
CA ARG M 432 -41.03 -46.26 35.56
C ARG M 432 -42.10 -45.41 34.87
N ASN M 433 -42.16 -45.50 33.54
CA ASN M 433 -43.09 -44.73 32.71
C ASN M 433 -44.57 -45.11 32.91
N GLU M 434 -44.80 -46.37 33.31
CA GLU M 434 -46.17 -46.86 33.59
C GLU M 434 -46.73 -46.30 34.90
N GLY M 435 -45.87 -46.16 35.90
CA GLY M 435 -46.26 -45.65 37.22
C GLY M 435 -46.03 -46.67 38.33
N ARG M 436 -44.81 -47.21 38.37
CA ARG M 436 -44.41 -48.18 39.39
C ARG M 436 -43.14 -47.71 40.10
N ASN M 437 -43.15 -47.81 41.42
CA ASN M 437 -42.01 -47.41 42.25
C ASN M 437 -40.89 -48.44 42.13
N LEU M 438 -39.70 -47.95 41.78
CA LEU M 438 -38.52 -48.79 41.59
C LEU M 438 -37.80 -49.10 42.91
N ALA M 439 -38.17 -48.39 43.97
CA ALA M 439 -37.66 -48.64 45.32
C ALA M 439 -38.40 -49.81 45.98
N ARG M 440 -39.70 -49.92 45.68
CA ARG M 440 -40.56 -50.97 46.23
C ARG M 440 -40.59 -52.24 45.38
N GLU M 441 -40.57 -52.06 44.06
CA GLU M 441 -40.71 -53.15 43.09
C GLU M 441 -39.46 -53.37 42.23
N GLY M 442 -38.29 -53.03 42.78
CA GLY M 442 -37.00 -53.14 42.07
C GLY M 442 -36.60 -54.57 41.76
N ASN M 443 -36.74 -55.46 42.74
CA ASN M 443 -36.44 -56.89 42.58
C ASN M 443 -37.45 -57.59 41.66
N ASP M 444 -38.69 -57.12 41.65
CA ASP M 444 -39.79 -57.73 40.88
C ASP M 444 -39.63 -57.57 39.37
N VAL M 445 -39.25 -56.37 38.93
CA VAL M 445 -39.09 -56.04 37.50
C VAL M 445 -37.92 -56.81 36.87
N ILE M 446 -36.80 -56.88 37.60
CA ILE M 446 -35.60 -57.63 37.18
C ILE M 446 -35.89 -59.13 37.06
N ARG M 447 -36.64 -59.67 38.02
CA ARG M 447 -36.99 -61.09 38.07
C ARG M 447 -37.98 -61.50 36.96
N GLU M 448 -38.95 -60.63 36.67
CA GLU M 448 -39.96 -60.90 35.63
C GLU M 448 -39.42 -60.76 34.20
N ALA M 449 -38.38 -59.93 34.04
CA ALA M 449 -37.70 -59.74 32.75
C ALA M 449 -36.73 -60.88 32.44
N ALA M 450 -36.29 -61.57 33.49
CA ALA M 450 -35.35 -62.71 33.38
C ALA M 450 -36.03 -64.02 32.93
N LYS M 451 -37.36 -63.97 32.75
CA LYS M 451 -38.15 -65.13 32.33
C LYS M 451 -38.09 -65.37 30.82
N TRP M 452 -38.11 -64.28 30.05
CA TRP M 452 -38.09 -64.33 28.58
C TRP M 452 -36.72 -64.11 27.93
N SER M 453 -35.73 -63.76 28.76
CA SER M 453 -34.34 -63.60 28.32
C SER M 453 -33.38 -64.50 29.11
N PRO M 454 -32.74 -65.48 28.43
CA PRO M 454 -31.78 -66.39 29.07
C PRO M 454 -30.48 -65.72 29.55
N GLU M 455 -30.08 -64.64 28.86
CA GLU M 455 -28.86 -63.88 29.18
C GLU M 455 -28.93 -63.20 30.55
N LEU M 456 -30.11 -62.69 30.89
CA LEU M 456 -30.35 -62.03 32.17
C LEU M 456 -30.49 -63.04 33.32
N ALA M 457 -31.05 -64.21 33.01
CA ALA M 457 -31.24 -65.29 33.99
C ALA M 457 -29.93 -65.88 34.51
N VAL M 458 -28.92 -65.93 33.64
CA VAL M 458 -27.57 -66.40 33.99
C VAL M 458 -26.84 -65.34 34.84
N ALA M 459 -26.95 -64.08 34.43
CA ALA M 459 -26.30 -62.95 35.10
C ALA M 459 -26.82 -62.68 36.52
N CYS M 460 -28.11 -62.92 36.72
CA CYS M 460 -28.77 -62.76 38.03
C CYS M 460 -28.31 -63.80 39.05
N GLU M 461 -28.09 -65.02 38.58
CA GLU M 461 -27.69 -66.16 39.42
C GLU M 461 -26.25 -66.04 39.93
N LEU M 462 -25.39 -65.40 39.14
CA LEU M 462 -23.96 -65.29 39.43
C LEU M 462 -23.63 -64.24 40.50
N TRP M 463 -24.23 -63.05 40.39
CA TRP M 463 -23.94 -61.92 41.27
C TRP M 463 -25.09 -61.59 42.25
N LYS M 464 -25.71 -62.62 42.79
CA LYS M 464 -26.82 -62.47 43.75
C LYS M 464 -26.31 -62.08 45.15
N GLU M 465 -25.28 -62.77 45.61
CA GLU M 465 -24.75 -62.63 46.97
C GLU M 465 -23.88 -61.38 47.19
N ILE M 466 -23.36 -60.81 46.11
CA ILE M 466 -22.36 -59.74 46.16
C ILE M 466 -22.98 -58.38 46.51
N LYS M 467 -22.49 -57.80 47.60
CA LYS M 467 -22.93 -56.48 48.09
C LYS M 467 -21.79 -55.77 48.80
N PHE M 468 -21.59 -54.50 48.45
CA PHE M 468 -20.56 -53.65 49.06
C PHE M 468 -21.20 -52.75 50.13
N GLU M 469 -20.90 -53.03 51.40
CA GLU M 469 -21.45 -52.28 52.54
C GLU M 469 -20.38 -51.97 53.58
N PHE M 470 -19.96 -50.70 53.62
CA PHE M 470 -18.98 -50.21 54.59
C PHE M 470 -19.31 -48.79 55.07
N GLU M 471 -18.74 -48.42 56.22
CA GLU M 471 -18.93 -47.10 56.81
C GLU M 471 -18.16 -46.01 56.04
N ALA M 472 -18.85 -44.90 55.77
CA ALA M 472 -18.26 -43.76 55.05
C ALA M 472 -17.51 -42.84 56.00
N MET M 473 -16.37 -42.33 55.53
CA MET M 473 -15.52 -41.42 56.32
C MET M 473 -15.95 -39.96 56.22
N ASP M 474 -16.45 -39.57 55.04
CA ASP M 474 -16.99 -38.22 54.82
C ASP M 474 -18.48 -38.18 55.15
N THR M 475 -18.83 -37.36 56.13
CA THR M 475 -20.21 -37.23 56.60
C THR M 475 -20.56 -35.73 56.77
N VAL M 476 -21.85 -35.43 56.75
CA VAL M 476 -22.37 -34.06 56.91
C VAL M 476 -22.14 -33.57 58.35
N GLY N 13 -8.32 -73.28 31.98
CA GLY N 13 -9.79 -73.29 32.15
C GLY N 13 -10.34 -71.97 32.66
N TYR N 14 -11.55 -71.64 32.21
CA TYR N 14 -12.24 -70.41 32.62
C TYR N 14 -13.32 -70.68 33.66
N LYS N 15 -13.24 -69.95 34.78
CA LYS N 15 -14.21 -70.02 35.86
C LYS N 15 -14.74 -68.62 36.17
N ALA N 16 -16.05 -68.43 35.95
CA ALA N 16 -16.72 -67.16 36.19
C ALA N 16 -17.24 -67.05 37.63
N GLY N 17 -17.02 -65.88 38.23
CA GLY N 17 -17.45 -65.61 39.60
C GLY N 17 -16.63 -64.52 40.28
N VAL N 18 -16.58 -64.58 41.61
CA VAL N 18 -15.85 -63.59 42.41
C VAL N 18 -14.68 -64.25 43.14
N GLN N 19 -13.48 -63.77 42.84
CA GLN N 19 -12.23 -64.30 43.39
C GLN N 19 -11.69 -63.40 44.50
N ASP N 20 -11.05 -64.03 45.49
CA ASP N 20 -10.41 -63.33 46.60
C ASP N 20 -9.14 -62.62 46.12
N TYR N 21 -8.94 -61.38 46.57
CA TYR N 21 -7.78 -60.57 46.18
C TYR N 21 -6.44 -61.09 46.72
N ARG N 22 -6.50 -61.80 47.84
CA ARG N 22 -5.33 -62.38 48.51
C ARG N 22 -4.70 -63.54 47.73
N LEU N 23 -5.50 -64.22 46.91
CA LEU N 23 -5.10 -65.47 46.23
C LEU N 23 -3.92 -65.35 45.26
N THR N 24 -3.97 -64.37 44.35
CA THR N 24 -2.97 -64.23 43.29
C THR N 24 -2.38 -62.81 43.16
N TYR N 25 -2.27 -62.10 44.27
CA TYR N 25 -1.71 -60.74 44.30
C TYR N 25 -0.74 -60.49 45.45
N TYR N 26 -0.86 -61.27 46.53
CA TYR N 26 0.07 -61.21 47.65
C TYR N 26 1.03 -62.40 47.61
N THR N 27 2.29 -62.10 47.28
CA THR N 27 3.35 -63.09 47.20
C THR N 27 4.58 -62.65 48.01
N PRO N 28 4.79 -63.25 49.22
CA PRO N 28 5.90 -62.87 50.10
C PRO N 28 7.27 -63.36 49.63
N ASP N 29 7.27 -64.39 48.78
CA ASP N 29 8.50 -65.02 48.28
C ASP N 29 9.22 -64.22 47.19
N TYR N 30 8.49 -63.31 46.54
CA TYR N 30 9.01 -62.49 45.44
C TYR N 30 10.11 -61.53 45.89
N THR N 31 11.16 -61.45 45.07
CA THR N 31 12.29 -60.55 45.29
C THR N 31 12.27 -59.46 44.20
N PRO N 32 12.33 -58.17 44.61
CA PRO N 32 12.28 -57.04 43.66
C PRO N 32 13.45 -57.01 42.67
N LYS N 33 13.12 -56.81 41.40
CA LYS N 33 14.11 -56.69 40.33
C LYS N 33 14.75 -55.30 40.33
N ASP N 34 15.88 -55.16 39.63
CA ASP N 34 16.60 -53.89 39.53
C ASP N 34 15.91 -52.89 38.61
N THR N 35 15.17 -53.42 37.63
CA THR N 35 14.36 -52.61 36.71
C THR N 35 12.88 -52.69 37.09
N ASP N 36 12.56 -52.18 38.28
CA ASP N 36 11.24 -52.28 38.90
C ASP N 36 10.92 -51.06 39.74
N ILE N 37 9.68 -50.57 39.62
CA ILE N 37 9.19 -49.43 40.40
C ILE N 37 8.56 -49.93 41.70
N LEU N 38 9.07 -49.42 42.82
CA LEU N 38 8.64 -49.83 44.15
C LEU N 38 7.97 -48.69 44.89
N ALA N 39 6.87 -49.01 45.58
CA ALA N 39 6.10 -48.03 46.37
C ALA N 39 5.89 -48.49 47.80
N ALA N 40 5.88 -47.51 48.72
CA ALA N 40 5.62 -47.76 50.14
C ALA N 40 4.34 -47.05 50.60
N PHE N 41 3.34 -47.85 50.92
CA PHE N 41 2.02 -47.36 51.36
C PHE N 41 1.83 -47.54 52.87
N ARG N 42 1.27 -46.51 53.51
CA ARG N 42 0.82 -46.60 54.90
C ARG N 42 -0.70 -46.83 54.88
N VAL N 43 -1.11 -48.04 55.25
CA VAL N 43 -2.50 -48.48 55.10
C VAL N 43 -3.22 -48.56 56.46
N THR N 44 -4.47 -48.09 56.48
CA THR N 44 -5.36 -48.20 57.63
C THR N 44 -6.67 -48.87 57.20
N PRO N 45 -6.80 -50.20 57.44
CA PRO N 45 -8.00 -50.91 56.98
C PRO N 45 -9.21 -50.75 57.91
N GLN N 46 -10.40 -50.98 57.35
CA GLN N 46 -11.65 -51.01 58.12
C GLN N 46 -11.68 -52.21 59.07
N PRO N 47 -12.27 -52.06 60.27
CA PRO N 47 -12.33 -53.16 61.25
C PRO N 47 -13.07 -54.40 60.73
N GLY N 48 -12.38 -55.55 60.76
CA GLY N 48 -12.88 -56.81 60.22
C GLY N 48 -12.25 -57.22 58.91
N VAL N 49 -11.26 -56.46 58.45
CA VAL N 49 -10.53 -56.73 57.21
C VAL N 49 -9.07 -57.07 57.54
N PRO N 50 -8.57 -58.24 57.04
CA PRO N 50 -7.18 -58.66 57.26
C PRO N 50 -6.14 -57.74 56.61
N PHE N 51 -4.93 -57.77 57.16
CA PHE N 51 -3.79 -56.98 56.68
C PHE N 51 -3.38 -57.34 55.25
N GLU N 52 -3.45 -58.63 54.93
CA GLU N 52 -3.05 -59.16 53.63
C GLU N 52 -4.03 -58.78 52.52
N GLU N 53 -5.32 -58.79 52.83
CA GLU N 53 -6.39 -58.42 51.90
C GLU N 53 -6.35 -56.93 51.53
N ALA N 54 -6.09 -56.09 52.54
CA ALA N 54 -5.95 -54.64 52.34
C ALA N 54 -4.74 -54.30 51.46
N ALA N 55 -3.61 -54.98 51.70
CA ALA N 55 -2.40 -54.80 50.91
C ALA N 55 -2.54 -55.36 49.48
N ALA N 56 -3.30 -56.45 49.34
CA ALA N 56 -3.56 -57.08 48.04
C ALA N 56 -4.47 -56.23 47.16
N ALA N 57 -5.46 -55.58 47.78
CA ALA N 57 -6.41 -54.71 47.08
C ALA N 57 -5.77 -53.44 46.52
N VAL N 58 -4.80 -52.89 47.25
CA VAL N 58 -4.02 -51.73 46.80
C VAL N 58 -3.11 -52.13 45.62
N ALA N 59 -2.46 -53.29 45.76
CA ALA N 59 -1.59 -53.86 44.73
C ALA N 59 -2.34 -54.26 43.46
N ALA N 60 -3.56 -54.75 43.62
CA ALA N 60 -4.40 -55.18 42.50
C ALA N 60 -5.04 -54.01 41.75
N GLU N 61 -5.80 -53.18 42.46
CA GLU N 61 -6.59 -52.10 41.85
C GLU N 61 -5.75 -51.05 41.10
N SER N 62 -4.51 -50.83 41.55
CA SER N 62 -3.57 -49.91 40.89
C SER N 62 -3.08 -50.43 39.55
N SER N 63 -2.90 -51.75 39.43
CA SER N 63 -2.43 -52.38 38.20
C SER N 63 -3.06 -53.76 37.93
N THR N 64 -3.84 -53.83 36.86
CA THR N 64 -4.52 -55.06 36.35
C THR N 64 -5.56 -55.68 37.30
N GLY N 65 -6.23 -54.84 38.09
CA GLY N 65 -7.20 -55.30 39.09
C GLY N 65 -8.65 -55.01 38.76
N THR N 66 -9.51 -56.00 39.02
CA THR N 66 -10.96 -55.90 38.80
C THR N 66 -11.73 -56.74 39.83
N TRP N 67 -12.94 -56.28 40.17
CA TRP N 67 -13.75 -56.87 41.24
C TRP N 67 -14.28 -58.29 40.97
N THR N 68 -14.43 -58.62 39.69
CA THR N 68 -14.85 -59.96 39.26
C THR N 68 -13.94 -60.52 38.15
N THR N 69 -13.86 -61.84 38.06
CA THR N 69 -13.01 -62.54 37.08
C THR N 69 -13.53 -62.36 35.65
N VAL N 70 -12.63 -61.96 34.75
CA VAL N 70 -12.95 -61.75 33.34
C VAL N 70 -12.22 -62.75 32.44
N TRP N 71 -12.86 -63.14 31.33
CA TRP N 71 -12.36 -64.16 30.41
C TRP N 71 -11.16 -63.71 29.57
N THR N 72 -11.04 -62.41 29.39
CA THR N 72 -9.99 -61.79 28.56
C THR N 72 -8.60 -61.85 29.22
N ASP N 73 -8.60 -62.16 30.53
CA ASP N 73 -7.36 -62.37 31.31
C ASP N 73 -6.51 -63.52 30.80
N LEU N 74 -7.15 -64.55 30.25
CA LEU N 74 -6.49 -65.77 29.78
C LEU N 74 -5.74 -65.58 28.46
N LEU N 75 -6.17 -64.60 27.67
CA LEU N 75 -5.51 -64.26 26.40
C LEU N 75 -4.16 -63.58 26.61
N THR N 76 -4.08 -62.73 27.63
CA THR N 76 -2.83 -62.07 28.02
C THR N 76 -2.06 -62.89 29.07
N ASP N 77 -0.79 -62.54 29.28
CA ASP N 77 0.03 -63.16 30.33
C ASP N 77 -0.08 -62.33 31.61
N LEU N 78 -1.03 -62.72 32.47
CA LEU N 78 -1.36 -61.97 33.68
C LEU N 78 -0.22 -61.91 34.71
N ASP N 79 0.55 -63.00 34.80
CA ASP N 79 1.64 -63.14 35.76
C ASP N 79 2.84 -62.20 35.53
N ARG N 80 2.99 -61.74 34.29
CA ARG N 80 4.07 -60.84 33.89
C ARG N 80 3.77 -59.38 34.22
N TYR N 81 2.51 -58.98 34.05
CA TYR N 81 2.10 -57.56 34.13
C TYR N 81 1.47 -57.12 35.46
N LYS N 82 1.14 -58.08 36.32
CA LYS N 82 0.49 -57.78 37.61
C LYS N 82 1.45 -57.18 38.64
N GLY N 83 0.91 -56.24 39.43
CA GLY N 83 1.61 -55.68 40.58
C GLY N 83 1.39 -56.56 41.79
N ARG N 84 2.45 -56.74 42.59
CA ARG N 84 2.39 -57.64 43.75
C ARG N 84 2.99 -57.04 45.02
N CYS N 85 2.39 -57.39 46.15
CA CYS N 85 2.89 -57.02 47.47
C CYS N 85 3.82 -58.11 47.98
N TYR N 86 5.07 -57.73 48.30
CA TYR N 86 6.10 -58.68 48.71
C TYR N 86 6.44 -58.68 50.21
N ASP N 87 6.14 -57.57 50.89
CA ASP N 87 6.45 -57.42 52.31
C ASP N 87 5.41 -56.58 53.05
N ILE N 88 5.04 -57.04 54.26
CA ILE N 88 4.18 -56.28 55.17
C ILE N 88 4.92 -56.04 56.49
N GLU N 89 5.06 -54.76 56.84
CA GLU N 89 5.75 -54.33 58.05
C GLU N 89 4.79 -53.54 58.95
N PRO N 90 4.48 -54.05 60.16
CA PRO N 90 3.54 -53.35 61.05
C PRO N 90 4.15 -52.14 61.76
N VAL N 91 3.36 -51.08 61.88
CA VAL N 91 3.79 -49.82 62.51
C VAL N 91 3.79 -49.99 64.04
N PRO N 92 4.93 -49.68 64.71
CA PRO N 92 5.05 -49.81 66.17
C PRO N 92 4.16 -48.82 66.95
N GLY N 93 3.49 -49.34 67.98
CA GLY N 93 2.58 -48.56 68.83
C GLY N 93 1.29 -48.13 68.15
N GLU N 94 0.90 -48.89 67.12
CA GLU N 94 -0.30 -48.59 66.33
C GLU N 94 -1.07 -49.86 65.97
N ASP N 95 -2.37 -49.84 66.25
CA ASP N 95 -3.28 -50.94 65.90
C ASP N 95 -3.95 -50.66 64.55
N ASN N 96 -4.04 -51.70 63.72
CA ASN N 96 -4.55 -51.62 62.34
C ASN N 96 -3.80 -50.57 61.48
N GLN N 97 -2.47 -50.64 61.53
CA GLN N 97 -1.59 -49.75 60.77
C GLN N 97 -0.36 -50.54 60.35
N PHE N 98 -0.11 -50.59 59.04
CA PHE N 98 1.01 -51.33 58.45
C PHE N 98 1.58 -50.68 57.19
N ILE N 99 2.85 -50.95 56.93
CA ILE N 99 3.54 -50.48 55.73
C ILE N 99 3.54 -51.58 54.69
N ALA N 100 2.98 -51.28 53.51
CA ALA N 100 2.92 -52.22 52.39
C ALA N 100 3.94 -51.86 51.31
N TYR N 101 4.66 -52.88 50.83
CA TYR N 101 5.65 -52.71 49.77
C TYR N 101 5.17 -53.41 48.50
N ILE N 102 4.95 -52.63 47.45
CA ILE N 102 4.42 -53.15 46.18
C ILE N 102 5.42 -52.93 45.04
N ALA N 103 5.63 -53.98 44.25
CA ALA N 103 6.49 -53.94 43.06
C ALA N 103 5.65 -53.79 41.78
N TYR N 104 6.15 -52.97 40.87
CA TYR N 104 5.51 -52.74 39.56
C TYR N 104 6.52 -52.97 38.42
N PRO N 105 6.17 -53.84 37.44
CA PRO N 105 7.02 -54.06 36.27
C PRO N 105 7.21 -52.79 35.44
N LEU N 106 8.42 -52.64 34.87
CA LEU N 106 8.82 -51.44 34.11
C LEU N 106 8.02 -51.22 32.82
N ASP N 107 7.58 -52.31 32.20
CA ASP N 107 6.95 -52.29 30.87
C ASP N 107 5.55 -51.66 30.78
N LEU N 108 4.87 -51.49 31.92
CA LEU N 108 3.50 -50.96 31.92
C LEU N 108 3.39 -49.42 31.94
N PHE N 109 4.50 -48.74 32.24
CA PHE N 109 4.55 -47.28 32.30
C PHE N 109 5.04 -46.65 30.99
N GLU N 110 4.52 -45.46 30.68
CA GLU N 110 4.94 -44.69 29.51
C GLU N 110 6.28 -44.00 29.77
N GLU N 111 7.10 -43.90 28.72
CA GLU N 111 8.43 -43.29 28.79
C GLU N 111 8.33 -41.76 28.84
N GLY N 112 9.02 -41.17 29.83
CA GLY N 112 9.09 -39.73 30.01
C GLY N 112 7.78 -39.05 30.42
N SER N 113 6.92 -39.80 31.11
CA SER N 113 5.61 -39.30 31.51
C SER N 113 5.37 -39.47 33.01
N ILE N 114 5.32 -38.33 33.72
CA ILE N 114 4.97 -38.29 35.14
C ILE N 114 3.47 -38.55 35.30
N THR N 115 2.68 -38.03 34.35
CA THR N 115 1.22 -38.19 34.34
C THR N 115 0.80 -39.66 34.40
N ASN N 116 1.47 -40.52 33.63
CA ASN N 116 1.20 -41.96 33.60
C ASN N 116 1.55 -42.66 34.92
N VAL N 117 2.75 -42.39 35.45
CA VAL N 117 3.21 -42.99 36.72
C VAL N 117 2.37 -42.54 37.93
N LEU N 118 1.75 -41.36 37.81
CA LEU N 118 0.86 -40.83 38.84
C LEU N 118 -0.55 -41.40 38.74
N THR N 119 -1.12 -41.40 37.52
CA THR N 119 -2.48 -41.91 37.26
C THR N 119 -2.61 -43.43 37.50
N SER N 120 -1.52 -44.16 37.29
CA SER N 120 -1.52 -45.61 37.48
C SER N 120 -1.52 -46.01 38.96
N ILE N 121 -0.58 -45.46 39.72
CA ILE N 121 -0.35 -45.85 41.12
C ILE N 121 -1.39 -45.23 42.08
N VAL N 122 -1.51 -43.90 42.06
CA VAL N 122 -2.42 -43.19 42.98
C VAL N 122 -3.75 -42.75 42.31
N GLY N 123 -4.20 -43.56 41.35
CA GLY N 123 -5.39 -43.26 40.55
C GLY N 123 -6.71 -43.36 41.28
N ASN N 124 -7.04 -44.56 41.77
CA ASN N 124 -8.30 -44.80 42.47
C ASN N 124 -8.25 -45.82 43.62
N VAL N 125 -7.04 -46.17 44.08
CA VAL N 125 -6.86 -47.00 45.29
C VAL N 125 -7.30 -46.26 46.56
N PHE N 126 -7.07 -44.95 46.57
CA PHE N 126 -7.64 -44.03 47.56
C PHE N 126 -9.15 -43.96 47.31
N GLY N 127 -9.92 -43.82 48.39
CA GLY N 127 -11.38 -43.78 48.29
C GLY N 127 -12.00 -45.15 48.07
N PHE N 128 -11.33 -46.17 48.60
CA PHE N 128 -11.82 -47.54 48.60
C PHE N 128 -12.61 -47.76 49.89
N LYS N 129 -13.73 -48.47 49.78
CA LYS N 129 -14.63 -48.73 50.91
C LYS N 129 -14.00 -49.58 52.02
N ALA N 130 -13.05 -50.45 51.62
CA ALA N 130 -12.41 -51.41 52.52
C ALA N 130 -11.33 -50.82 53.45
N LEU N 131 -10.86 -49.61 53.14
CA LEU N 131 -9.84 -48.93 53.96
C LEU N 131 -10.16 -47.46 54.22
N ARG N 132 -10.02 -47.04 55.47
CA ARG N 132 -10.38 -45.69 55.91
C ARG N 132 -9.38 -44.59 55.52
N ALA N 133 -8.10 -44.94 55.50
CA ALA N 133 -7.02 -44.00 55.16
C ALA N 133 -5.87 -44.68 54.43
N LEU N 134 -5.21 -43.93 53.56
CA LEU N 134 -4.04 -44.39 52.81
C LEU N 134 -3.06 -43.24 52.59
N ARG N 135 -1.76 -43.54 52.68
CA ARG N 135 -0.70 -42.54 52.46
C ARG N 135 0.51 -43.12 51.73
N LEU N 136 0.82 -42.54 50.58
CA LEU N 136 2.03 -42.90 49.83
C LEU N 136 3.23 -42.16 50.41
N GLU N 137 4.11 -42.92 51.06
CA GLU N 137 5.26 -42.36 51.77
C GLU N 137 6.47 -42.11 50.87
N ASP N 138 6.91 -43.15 50.15
CA ASP N 138 8.10 -43.06 49.30
C ASP N 138 8.02 -43.97 48.08
N ILE N 139 8.60 -43.49 46.98
CA ILE N 139 8.59 -44.19 45.69
C ILE N 139 10.03 -44.36 45.16
N ARG N 140 10.30 -45.47 44.48
CA ARG N 140 11.62 -45.74 43.92
C ARG N 140 11.60 -45.86 42.39
N PHE N 141 12.39 -45.01 41.75
CA PHE N 141 12.58 -45.05 40.30
C PHE N 141 13.89 -45.77 39.95
N PRO N 142 13.83 -46.77 39.05
CA PRO N 142 15.04 -47.43 38.57
C PRO N 142 15.81 -46.55 37.58
N VAL N 143 17.08 -46.88 37.37
CA VAL N 143 17.97 -46.15 36.44
C VAL N 143 17.43 -46.17 35.00
N ALA N 144 16.89 -47.32 34.59
CA ALA N 144 16.31 -47.51 33.24
C ALA N 144 15.13 -46.59 32.93
N TYR N 145 14.34 -46.24 33.95
CA TYR N 145 13.19 -45.35 33.79
C TYR N 145 13.56 -43.87 33.85
N ILE N 146 14.53 -43.53 34.71
CA ILE N 146 15.04 -42.15 34.85
C ILE N 146 15.67 -41.62 33.55
N LYS N 147 16.32 -42.51 32.80
CA LYS N 147 17.01 -42.15 31.55
C LYS N 147 16.11 -41.66 30.40
N THR N 148 14.81 -41.97 30.48
CA THR N 148 13.83 -41.51 29.49
C THR N 148 13.45 -40.04 29.65
N PHE N 149 13.59 -39.53 30.88
CA PHE N 149 13.23 -38.14 31.22
C PHE N 149 14.34 -37.15 30.90
N GLN N 150 13.96 -35.90 30.62
CA GLN N 150 14.90 -34.82 30.39
C GLN N 150 15.59 -34.37 31.67
N GLY N 151 14.81 -34.29 32.75
CA GLY N 151 15.28 -33.75 34.03
C GLY N 151 15.28 -32.23 34.03
N PRO N 152 16.04 -31.60 34.95
CA PRO N 152 16.15 -30.14 34.99
C PRO N 152 16.79 -29.57 33.72
N PRO N 153 16.35 -28.37 33.26
CA PRO N 153 16.91 -27.75 32.05
C PRO N 153 18.38 -27.40 32.16
N HIS N 154 18.85 -27.05 33.36
CA HIS N 154 20.23 -26.62 33.58
C HIS N 154 20.90 -27.28 34.79
N GLY N 155 20.23 -27.22 35.95
CA GLY N 155 20.76 -27.76 37.20
C GLY N 155 21.63 -26.77 37.95
N ILE N 156 22.15 -27.21 39.11
CA ILE N 156 22.93 -26.36 40.03
C ILE N 156 24.23 -25.84 39.42
N GLN N 157 25.03 -26.76 38.85
CA GLN N 157 26.39 -26.46 38.37
C GLN N 157 26.43 -25.55 37.15
N VAL N 158 25.49 -25.73 36.22
CA VAL N 158 25.40 -24.91 35.01
C VAL N 158 24.88 -23.49 35.34
N GLU N 159 23.89 -23.43 36.23
CA GLU N 159 23.27 -22.18 36.69
C GLU N 159 24.27 -21.18 37.28
N ARG N 160 25.15 -21.68 38.16
CA ARG N 160 26.19 -20.86 38.80
C ARG N 160 27.24 -20.34 37.83
N ASP N 161 27.46 -21.08 36.74
CA ASP N 161 28.38 -20.65 35.67
C ASP N 161 27.79 -19.51 34.84
N LYS N 162 26.49 -19.59 34.56
CA LYS N 162 25.77 -18.56 33.79
C LYS N 162 25.55 -17.27 34.58
N LEU N 163 25.27 -17.41 35.88
CA LEU N 163 25.06 -16.27 36.78
C LEU N 163 26.36 -15.67 37.32
N ASN N 164 27.46 -16.43 37.21
CA ASN N 164 28.80 -16.03 37.65
C ASN N 164 28.87 -15.70 39.17
N LYS N 165 28.24 -16.58 39.97
CA LYS N 165 28.12 -16.38 41.41
C LYS N 165 28.54 -17.65 42.18
N TYR N 166 29.62 -17.52 42.96
CA TYR N 166 30.19 -18.65 43.73
C TYR N 166 30.51 -18.25 45.17
N GLY N 167 30.46 -19.23 46.07
CA GLY N 167 30.93 -19.06 47.45
C GLY N 167 29.87 -18.91 48.53
N ARG N 168 28.66 -18.52 48.14
CA ARG N 168 27.59 -18.16 49.08
C ARG N 168 26.21 -18.62 48.58
N PRO N 169 25.21 -18.72 49.49
CA PRO N 169 23.81 -18.83 49.05
C PRO N 169 23.32 -17.57 48.35
N LEU N 170 22.32 -17.72 47.48
CA LEU N 170 21.74 -16.60 46.74
C LEU N 170 20.61 -15.92 47.54
N LEU N 171 20.44 -14.62 47.32
CA LEU N 171 19.40 -13.85 48.02
C LEU N 171 18.28 -13.38 47.11
N GLY N 172 17.05 -13.44 47.65
CA GLY N 172 15.85 -13.07 46.91
C GLY N 172 14.83 -12.31 47.75
N CYS N 173 13.84 -11.75 47.06
CA CYS N 173 12.76 -10.97 47.69
C CYS N 173 11.44 -11.15 46.97
N THR N 174 10.34 -11.04 47.73
CA THR N 174 8.99 -11.09 47.18
C THR N 174 8.31 -9.74 47.39
N ILE N 175 7.72 -9.20 46.32
CA ILE N 175 7.06 -7.88 46.34
C ILE N 175 5.73 -7.94 47.11
N LYS N 176 5.55 -7.02 48.05
CA LYS N 176 4.33 -6.93 48.86
C LYS N 176 3.72 -5.52 48.75
N PRO N 177 2.39 -5.37 48.71
CA PRO N 177 1.41 -6.47 48.84
C PRO N 177 1.31 -7.38 47.61
N LYS N 178 0.71 -8.55 47.80
CA LYS N 178 0.54 -9.55 46.75
C LYS N 178 -0.29 -9.02 45.58
N LEU N 179 -1.35 -8.29 45.88
CA LEU N 179 -2.24 -7.71 44.87
C LEU N 179 -2.58 -6.27 45.20
N GLY N 180 -2.65 -5.42 44.17
CA GLY N 180 -3.03 -4.01 44.34
C GLY N 180 -2.16 -2.99 43.63
N LEU N 181 -0.86 -3.27 43.55
CA LEU N 181 0.12 -2.34 42.95
C LEU N 181 0.00 -2.21 41.43
N SER N 182 0.23 -0.99 40.94
CA SER N 182 0.31 -0.68 39.51
C SER N 182 1.59 -1.26 38.90
N ALA N 183 1.58 -1.43 37.58
CA ALA N 183 2.74 -1.93 36.83
C ALA N 183 3.98 -1.04 36.97
N LYS N 184 3.76 0.27 37.04
CA LYS N 184 4.83 1.26 37.24
C LYS N 184 5.38 1.24 38.67
N ASN N 185 4.47 1.12 39.65
CA ASN N 185 4.84 1.04 41.07
C ASN N 185 5.53 -0.28 41.42
N TYR N 186 5.14 -1.35 40.72
CA TYR N 186 5.73 -2.67 40.87
C TYR N 186 7.20 -2.66 40.47
N GLY N 187 7.50 -2.02 39.35
CA GLY N 187 8.88 -1.88 38.84
C GLY N 187 9.77 -1.02 39.71
N ARG N 188 9.18 -0.02 40.36
CA ARG N 188 9.90 0.87 41.29
C ARG N 188 10.39 0.09 42.52
N ALA N 189 9.52 -0.77 43.05
CA ALA N 189 9.83 -1.63 44.19
C ALA N 189 10.87 -2.70 43.85
N VAL N 190 10.82 -3.20 42.62
CA VAL N 190 11.79 -4.17 42.08
C VAL N 190 13.19 -3.52 42.02
N TYR N 191 13.25 -2.30 41.48
CA TYR N 191 14.51 -1.57 41.34
C TYR N 191 15.21 -1.27 42.67
N GLU N 192 14.43 -0.83 43.66
CA GLU N 192 14.95 -0.46 44.98
C GLU N 192 15.52 -1.65 45.77
N CYS N 193 14.99 -2.84 45.54
CA CYS N 193 15.49 -4.07 46.15
C CYS N 193 16.82 -4.51 45.57
N LEU N 194 16.92 -4.55 44.24
CA LEU N 194 18.12 -5.01 43.54
C LEU N 194 19.30 -4.05 43.67
N ARG N 195 18.99 -2.76 43.83
CA ARG N 195 19.98 -1.71 44.09
C ARG N 195 20.73 -1.93 45.41
N GLY N 196 19.99 -2.37 46.43
CA GLY N 196 20.53 -2.61 47.77
C GLY N 196 21.58 -3.69 47.83
N GLY N 197 21.28 -4.84 47.23
CA GLY N 197 22.24 -5.94 47.11
C GLY N 197 21.70 -7.36 47.03
N LEU N 198 20.44 -7.49 46.61
CA LEU N 198 19.82 -8.81 46.41
C LEU N 198 20.05 -9.29 44.98
N ASP N 199 20.18 -10.61 44.83
CA ASP N 199 20.43 -11.23 43.53
C ASP N 199 19.16 -11.30 42.67
N PHE N 200 18.05 -11.70 43.29
CA PHE N 200 16.77 -11.88 42.59
C PHE N 200 15.61 -11.16 43.28
N THR N 201 14.56 -10.93 42.49
CA THR N 201 13.25 -10.54 43.00
C THR N 201 12.19 -11.48 42.40
N ASP N 203 7.84 -12.52 41.68
CA ASP N 203 6.39 -12.32 41.65
C ASP N 203 5.71 -13.33 42.57
N ASP N 204 4.62 -12.91 43.21
CA ASP N 204 3.79 -13.81 44.03
C ASP N 204 3.11 -14.87 43.17
N GLU N 205 2.84 -16.02 43.78
CA GLU N 205 2.21 -17.16 43.10
C GLU N 205 0.84 -16.88 42.48
N ASN N 206 0.11 -15.91 43.06
CA ASN N 206 -1.22 -15.54 42.59
C ASN N 206 -1.25 -14.45 41.50
N ILE N 207 -0.12 -13.75 41.30
CA ILE N 207 0.00 -12.73 40.25
C ILE N 207 0.12 -13.37 38.87
N ASN N 208 -0.86 -13.11 38.01
CA ASN N 208 -0.82 -13.55 36.62
C ASN N 208 -1.11 -12.40 35.65
N SER N 209 -2.39 -12.07 35.47
CA SER N 209 -2.83 -10.96 34.60
C SER N 209 -4.19 -10.41 35.05
N ALA N 210 -4.16 -9.67 36.16
CA ALA N 210 -5.36 -9.09 36.76
C ALA N 210 -5.79 -7.77 36.08
N PRO N 211 -7.08 -7.38 36.19
CA PRO N 211 -7.59 -6.08 35.75
C PRO N 211 -6.80 -4.81 36.15
N PHE N 212 -6.24 -4.78 37.36
CA PHE N 212 -5.48 -3.61 37.81
C PHE N 212 -4.07 -3.50 37.20
N GLN N 213 -3.43 -4.65 36.95
CA GLN N 213 -2.15 -4.70 36.23
C GLN N 213 -2.05 -5.87 35.24
N ARG N 214 -1.93 -5.53 33.97
CA ARG N 214 -1.83 -6.52 32.89
C ARG N 214 -0.40 -7.04 32.79
N TRP N 215 -0.26 -8.30 32.38
CA TRP N 215 1.03 -8.99 32.39
C TRP N 215 2.10 -8.35 31.50
N ARG N 216 1.70 -7.88 30.31
CA ARG N 216 2.63 -7.30 29.34
C ARG N 216 3.18 -5.93 29.78
N ASP N 217 2.41 -5.23 30.61
CA ASP N 217 2.85 -3.99 31.25
C ASP N 217 3.88 -4.26 32.33
N ARG N 218 3.62 -5.28 33.17
CA ARG N 218 4.52 -5.69 34.25
C ARG N 218 5.89 -6.14 33.72
N PHE N 219 5.88 -6.92 32.64
CA PHE N 219 7.08 -7.47 32.00
C PHE N 219 7.99 -6.36 31.45
N LEU N 220 7.38 -5.31 30.92
CA LEU N 220 8.10 -4.17 30.32
C LEU N 220 8.82 -3.29 31.36
N PHE N 221 8.13 -2.95 32.44
CA PHE N 221 8.67 -2.06 33.48
C PHE N 221 9.71 -2.72 34.38
N VAL N 222 9.54 -4.02 34.63
CA VAL N 222 10.51 -4.83 35.41
C VAL N 222 11.85 -4.94 34.66
N ALA N 223 11.77 -5.13 33.34
CA ALA N 223 12.96 -5.17 32.46
C ALA N 223 13.79 -3.88 32.51
N ASP N 224 13.11 -2.74 32.63
CA ASP N 224 13.76 -1.42 32.81
C ASP N 224 14.41 -1.27 34.19
N ALA N 225 13.78 -1.87 35.20
CA ALA N 225 14.25 -1.82 36.58
C ALA N 225 15.54 -2.63 36.80
N ILE N 226 15.64 -3.77 36.12
CA ILE N 226 16.84 -4.62 36.18
C ILE N 226 18.01 -3.96 35.46
N THR N 227 17.74 -3.40 34.26
CA THR N 227 18.73 -2.73 33.42
C THR N 227 19.46 -1.60 34.16
N LYS N 228 18.71 -0.81 34.93
CA LYS N 228 19.27 0.28 35.74
C LYS N 228 20.09 -0.24 36.93
N ALA N 229 19.54 -1.25 37.63
CA ALA N 229 20.16 -1.84 38.82
C ALA N 229 21.45 -2.60 38.53
N GLN N 230 21.50 -3.30 37.40
CA GLN N 230 22.68 -4.06 36.97
C GLN N 230 23.86 -3.15 36.61
N ALA N 231 23.56 -2.06 35.89
CA ALA N 231 24.58 -1.08 35.48
C ALA N 231 25.12 -0.24 36.64
N GLU N 232 24.30 -0.08 37.68
CA GLU N 232 24.66 0.72 38.85
C GLU N 232 25.60 -0.05 39.79
N THR N 233 25.22 -1.28 40.14
CA THR N 233 25.97 -2.12 41.09
C THR N 233 27.19 -2.79 40.45
N GLY N 234 27.03 -3.24 39.20
CA GLY N 234 28.08 -3.98 38.48
C GLY N 234 27.98 -5.49 38.64
N GLU N 235 26.80 -5.97 39.04
CA GLU N 235 26.53 -7.40 39.26
C GLU N 235 25.29 -7.82 38.49
N ILE N 236 25.25 -9.10 38.08
CA ILE N 236 24.10 -9.66 37.33
C ILE N 236 22.85 -9.76 38.22
N LYS N 237 21.78 -9.14 37.76
CA LYS N 237 20.50 -9.12 38.48
C LYS N 237 19.40 -9.80 37.67
N GLY N 238 18.41 -10.35 38.38
CA GLY N 238 17.27 -11.02 37.75
C GLY N 238 15.96 -10.84 38.48
N HIS N 239 14.88 -11.32 37.85
CA HIS N 239 13.54 -11.30 38.42
C HIS N 239 12.74 -12.47 37.83
N TYR N 240 12.17 -13.31 38.70
CA TYR N 240 11.34 -14.43 38.25
C TYR N 240 9.98 -13.91 37.79
N LEU N 241 9.73 -13.95 36.48
CA LEU N 241 8.46 -13.53 35.91
C LEU N 241 7.47 -14.68 35.85
N ASN N 242 6.28 -14.47 36.40
CA ASN N 242 5.25 -15.53 36.48
C ASN N 242 4.60 -15.80 35.13
N VAL N 243 4.79 -17.01 34.65
CA VAL N 243 4.39 -17.43 33.30
C VAL N 243 3.07 -18.23 33.33
N THR N 244 2.66 -18.62 34.54
CA THR N 244 1.41 -19.39 34.76
C THR N 244 0.19 -18.72 34.12
N ALA N 245 -0.48 -19.47 33.25
CA ALA N 245 -1.55 -18.95 32.40
C ALA N 245 -2.72 -19.96 32.22
N PRO N 246 -3.93 -19.46 31.84
CA PRO N 246 -5.11 -20.32 31.62
C PRO N 246 -4.94 -21.48 30.62
N THR N 247 -4.24 -21.24 29.52
CA THR N 247 -4.03 -22.26 28.47
C THR N 247 -2.55 -22.48 28.17
N CYS N 248 -2.25 -23.60 27.49
CA CYS N 248 -0.88 -23.92 27.05
C CYS N 248 -0.32 -22.95 26.01
N GLU N 249 -1.19 -22.35 25.21
CA GLU N 249 -0.80 -21.34 24.22
C GLU N 249 -0.42 -20.00 24.86
N GLU N 250 -1.24 -19.56 25.82
CA GLU N 250 -1.02 -18.32 26.56
C GLU N 250 0.23 -18.38 27.45
N MET N 251 0.52 -19.59 27.95
CA MET N 251 1.71 -19.87 28.75
C MET N 251 3.00 -19.68 27.93
N LEU N 252 3.05 -20.31 26.76
CA LEU N 252 4.19 -20.20 25.84
C LEU N 252 4.37 -18.80 25.28
N LYS N 253 3.26 -18.08 25.11
CA LYS N 253 3.24 -16.72 24.58
C LYS N 253 3.89 -15.71 25.54
N ARG N 254 3.68 -15.91 26.84
CA ARG N 254 4.29 -15.08 27.88
C ARG N 254 5.77 -15.37 28.06
N ALA N 255 6.16 -16.63 27.87
CA ALA N 255 7.55 -17.07 27.95
C ALA N 255 8.39 -16.51 26.80
N GLU N 256 7.79 -16.44 25.61
CA GLU N 256 8.43 -15.90 24.41
C GLU N 256 8.81 -14.42 24.55
N TYR N 257 7.94 -13.65 25.20
CA TYR N 257 8.16 -12.23 25.41
C TYR N 257 9.24 -11.92 26.44
N ALA N 258 9.38 -12.81 27.43
CA ALA N 258 10.47 -12.77 28.40
C ALA N 258 11.83 -13.05 27.73
N LYS N 259 11.82 -13.97 26.76
CA LYS N 259 13.00 -14.27 25.93
C LYS N 259 13.36 -13.08 25.04
N GLU N 260 12.34 -12.40 24.52
CA GLU N 260 12.51 -11.22 23.66
C GLU N 260 13.13 -10.03 24.39
N LEU N 261 12.81 -9.88 25.67
CA LEU N 261 13.37 -8.83 26.53
C LEU N 261 14.72 -9.20 27.13
N LYS N 262 15.22 -10.40 26.78
CA LYS N 262 16.50 -10.95 27.23
C LYS N 262 16.57 -11.18 28.76
N GLN N 263 15.54 -11.85 29.28
CA GLN N 263 15.45 -12.16 30.71
C GLN N 263 16.04 -13.53 31.02
N PRO N 264 16.90 -13.63 32.06
CA PRO N 264 17.56 -14.90 32.38
C PRO N 264 16.67 -15.97 33.05
N ILE N 265 15.60 -15.56 33.74
CA ILE N 265 14.82 -16.49 34.58
C ILE N 265 13.30 -16.22 34.59
N ILE N 266 12.52 -17.29 34.54
CA ILE N 266 11.04 -17.26 34.69
C ILE N 266 10.55 -18.27 35.73
N MET N 267 9.35 -18.03 36.29
CA MET N 267 8.77 -18.93 37.29
C MET N 267 7.41 -19.54 36.89
N HIS N 268 7.06 -20.65 37.54
CA HIS N 268 5.83 -21.41 37.25
C HIS N 268 5.35 -22.18 38.48
N ASP N 269 4.02 -22.34 38.59
CA ASP N 269 3.40 -23.15 39.63
C ASP N 269 3.02 -24.51 39.04
N TYR N 270 3.71 -25.57 39.46
CA TYR N 270 3.57 -26.88 38.83
C TYR N 270 2.32 -27.68 39.21
N LEU N 271 1.91 -27.58 40.48
CA LEU N 271 0.80 -28.38 40.99
C LEU N 271 -0.58 -27.88 40.55
N THR N 272 -0.78 -26.56 40.58
CA THR N 272 -2.05 -25.94 40.18
C THR N 272 -2.28 -25.96 38.67
N ALA N 273 -1.19 -25.81 37.91
CA ALA N 273 -1.24 -25.86 36.44
C ALA N 273 -1.22 -27.30 35.91
N GLY N 274 -0.57 -28.19 36.65
CA GLY N 274 -0.47 -29.61 36.28
C GLY N 274 0.87 -30.00 35.70
N PHE N 275 1.12 -31.30 35.67
CA PHE N 275 2.38 -31.85 35.19
C PHE N 275 2.56 -31.81 33.66
N THR N 276 1.45 -31.89 32.93
CA THR N 276 1.45 -31.80 31.46
C THR N 276 1.97 -30.45 30.97
N ALA N 277 1.52 -29.38 31.62
CA ALA N 277 1.96 -28.02 31.32
C ALA N 277 3.41 -27.76 31.74
N ASN N 278 3.79 -28.31 32.90
CA ASN N 278 5.13 -28.13 33.47
C ASN N 278 6.22 -28.84 32.66
N THR N 279 5.89 -30.00 32.10
CA THR N 279 6.79 -30.76 31.23
C THR N 279 7.05 -29.99 29.91
N THR N 280 5.99 -29.38 29.38
CA THR N 280 6.04 -28.57 28.15
C THR N 280 6.98 -27.37 28.30
N LEU N 281 6.88 -26.67 29.43
CA LEU N 281 7.65 -25.45 29.70
C LEU N 281 9.13 -25.74 29.97
N ALA N 282 9.41 -26.84 30.67
CA ALA N 282 10.78 -27.26 30.99
C ALA N 282 11.57 -27.67 29.76
N ARG N 283 10.89 -28.25 28.77
CA ARG N 283 11.48 -28.59 27.47
C ARG N 283 11.78 -27.33 26.66
N TRP N 284 10.88 -26.35 26.75
CA TRP N 284 11.04 -25.05 26.10
C TRP N 284 12.21 -24.27 26.71
N CYS N 285 12.34 -24.35 28.04
CA CYS N 285 13.42 -23.70 28.79
C CYS N 285 14.81 -24.21 28.40
N ARG N 286 14.89 -25.50 28.10
CA ARG N 286 16.11 -26.15 27.61
C ARG N 286 16.50 -25.63 26.21
N ASP N 287 15.51 -25.51 25.33
CA ASP N 287 15.73 -25.07 23.95
C ASP N 287 16.12 -23.60 23.80
N ASN N 288 15.69 -22.76 24.74
CA ASN N 288 15.91 -21.32 24.67
C ASN N 288 16.95 -20.79 25.66
N GLY N 289 17.41 -21.67 26.56
CA GLY N 289 18.44 -21.33 27.55
C GLY N 289 17.96 -20.40 28.65
N VAL N 290 16.77 -20.69 29.19
CA VAL N 290 16.16 -19.89 30.25
C VAL N 290 16.05 -20.74 31.53
N LEU N 291 16.45 -20.16 32.66
CA LEU N 291 16.36 -20.82 33.98
C LEU N 291 14.91 -20.85 34.48
N LEU N 292 14.56 -21.91 35.21
CA LEU N 292 13.17 -22.14 35.64
C LEU N 292 12.99 -22.35 37.15
N HIS N 293 12.30 -21.39 37.77
CA HIS N 293 11.97 -21.41 39.19
C HIS N 293 10.59 -22.03 39.39
N ILE N 294 10.45 -22.91 40.39
CA ILE N 294 9.20 -23.64 40.61
C ILE N 294 8.60 -23.34 41.99
N HIS N 295 7.38 -22.82 41.98
CA HIS N 295 6.60 -22.59 43.21
C HIS N 295 5.69 -23.78 43.50
N ARG N 296 5.68 -24.22 44.76
CA ARG N 296 4.89 -25.38 45.18
C ARG N 296 3.56 -24.98 45.84
N ALA N 297 2.80 -24.14 45.14
CA ALA N 297 1.46 -23.73 45.59
C ALA N 297 0.52 -24.93 45.63
N MET N 298 -0.32 -24.97 46.66
CA MET N 298 -1.35 -26.01 46.86
C MET N 298 -0.77 -27.39 47.26
N HIS N 299 0.46 -27.40 47.78
CA HIS N 299 1.12 -28.65 48.21
C HIS N 299 0.56 -29.18 49.54
N ALA N 300 0.29 -28.26 50.47
CA ALA N 300 -0.08 -28.60 51.84
C ALA N 300 -1.50 -29.19 51.99
N VAL N 301 -2.28 -29.11 50.92
CA VAL N 301 -3.59 -29.77 50.83
C VAL N 301 -3.38 -31.29 50.79
N ILE N 302 -2.30 -31.72 50.15
CA ILE N 302 -1.97 -33.14 49.93
C ILE N 302 -1.08 -33.71 51.06
N ASP N 303 -0.02 -33.01 51.43
CA ASP N 303 1.04 -33.57 52.30
C ASP N 303 0.99 -33.27 53.81
N ARG N 304 -0.06 -32.59 54.27
CA ARG N 304 -0.15 -32.17 55.68
C ARG N 304 -0.34 -33.32 56.67
N GLN N 305 -1.39 -34.11 56.46
CA GLN N 305 -1.82 -35.12 57.42
C GLN N 305 -0.95 -36.39 57.39
N LYS N 306 -0.71 -36.96 58.56
CA LYS N 306 0.15 -38.13 58.73
C LYS N 306 -0.54 -39.45 58.34
N ASN N 307 -1.87 -39.44 58.24
CA ASN N 307 -2.64 -40.64 57.93
C ASN N 307 -3.07 -40.77 56.47
N HIS N 308 -3.30 -39.62 55.81
CA HIS N 308 -3.82 -39.58 54.44
C HIS N 308 -3.04 -38.62 53.54
N GLY N 309 -3.02 -38.92 52.24
CA GLY N 309 -2.39 -38.06 51.23
C GLY N 309 -1.14 -38.64 50.61
N ILE N 310 -0.32 -37.77 50.01
CA ILE N 310 0.99 -38.14 49.46
C ILE N 310 2.04 -37.23 50.10
N HIS N 311 3.08 -37.83 50.67
CA HIS N 311 4.21 -37.09 51.25
C HIS N 311 4.93 -36.25 50.19
N PHE N 312 5.46 -35.10 50.60
CA PHE N 312 6.14 -34.16 49.70
C PHE N 312 7.38 -34.72 48.99
N ARG N 313 8.10 -35.63 49.64
CA ARG N 313 9.30 -36.25 49.05
C ARG N 313 9.03 -36.94 47.70
N VAL N 314 7.82 -37.48 47.54
CA VAL N 314 7.36 -38.07 46.28
C VAL N 314 7.13 -36.95 45.25
N LEU N 315 6.49 -35.86 45.69
CA LEU N 315 6.22 -34.70 44.83
C LEU N 315 7.50 -33.94 44.44
N ALA N 316 8.51 -34.01 45.31
CA ALA N 316 9.84 -33.46 45.04
C ALA N 316 10.56 -34.29 43.99
N LYS N 317 10.52 -35.62 44.14
CA LYS N 317 11.10 -36.58 43.19
C LYS N 317 10.50 -36.44 41.79
N ALA N 318 9.19 -36.28 41.73
CA ALA N 318 8.44 -36.15 40.46
C ALA N 318 8.77 -34.86 39.72
N LEU N 319 9.07 -33.80 40.47
CA LEU N 319 9.44 -32.50 39.89
C LEU N 319 10.82 -32.52 39.24
N ARG N 320 11.77 -33.24 39.87
CA ARG N 320 13.14 -33.38 39.36
C ARG N 320 13.16 -34.09 37.99
N LEU N 321 12.30 -35.10 37.84
CA LEU N 321 12.15 -35.82 36.57
C LEU N 321 11.45 -34.99 35.50
N SER N 322 10.42 -34.25 35.90
CA SER N 322 9.65 -33.38 34.99
C SER N 322 10.44 -32.17 34.51
N GLY N 323 11.21 -31.56 35.42
CA GLY N 323 12.07 -30.41 35.09
C GLY N 323 11.87 -29.22 36.00
N GLY N 324 12.98 -28.59 36.38
CA GLY N 324 12.98 -27.41 37.24
C GLY N 324 14.34 -27.15 37.82
N ASP N 325 14.77 -25.88 37.83
CA ASP N 325 16.08 -25.48 38.32
C ASP N 325 16.10 -25.10 39.80
N HIS N 326 15.03 -24.45 40.27
CA HIS N 326 14.81 -24.18 41.70
C HIS N 326 13.52 -24.83 42.18
N ILE N 327 13.48 -25.16 43.48
CA ILE N 327 12.28 -25.70 44.13
C ILE N 327 12.17 -25.17 45.57
N HIS N 328 10.95 -24.80 45.97
CA HIS N 328 10.68 -24.43 47.35
C HIS N 328 10.65 -25.67 48.23
N THR N 329 11.46 -25.65 49.29
CA THR N 329 11.56 -26.76 50.24
C THR N 329 10.92 -26.41 51.58
N GLY N 330 10.81 -25.10 51.85
CA GLY N 330 10.22 -24.60 53.08
C GLY N 330 11.25 -24.43 54.18
N THR N 331 11.13 -23.32 54.91
CA THR N 331 11.99 -23.04 56.07
C THR N 331 11.66 -23.97 57.23
N VAL N 332 12.69 -24.38 57.98
CA VAL N 332 12.51 -25.19 59.19
C VAL N 332 11.91 -24.32 60.30
N VAL N 333 12.49 -23.14 60.50
CA VAL N 333 11.94 -22.12 61.39
C VAL N 333 11.25 -21.01 60.59
N GLY N 334 9.93 -20.87 60.80
CA GLY N 334 9.14 -19.89 60.07
C GLY N 334 7.63 -20.06 60.19
N LYS N 335 6.90 -19.27 59.40
CA LYS N 335 5.43 -19.19 59.47
C LYS N 335 4.67 -20.42 58.95
N LEU N 336 5.34 -21.24 58.13
CA LEU N 336 4.74 -22.47 57.60
C LEU N 336 5.44 -23.73 58.12
N GLU N 337 4.73 -24.87 58.06
CA GLU N 337 5.16 -26.13 58.69
C GLU N 337 6.44 -26.72 58.10
N GLY N 338 7.29 -27.24 58.99
CA GLY N 338 8.55 -27.87 58.63
C GLY N 338 9.17 -28.65 59.78
N GLU N 339 9.76 -29.80 59.46
CA GLU N 339 10.42 -30.68 60.42
C GLU N 339 11.86 -30.94 59.96
N ARG N 340 12.82 -30.63 60.83
CA ARG N 340 14.26 -30.68 60.49
C ARG N 340 14.75 -32.03 59.95
N GLY N 341 14.35 -33.12 60.61
CA GLY N 341 14.71 -34.48 60.19
C GLY N 341 14.12 -34.88 58.85
N ILE N 342 12.86 -34.49 58.63
CA ILE N 342 12.14 -34.74 57.38
C ILE N 342 12.67 -33.86 56.25
N THR N 343 12.87 -32.57 56.53
CA THR N 343 13.33 -31.57 55.55
C THR N 343 14.71 -31.94 54.98
N MET N 344 15.69 -32.16 55.86
CA MET N 344 17.04 -32.58 55.48
C MET N 344 17.06 -33.90 54.69
N GLY N 345 15.99 -34.67 54.81
CA GLY N 345 15.78 -35.90 54.04
C GLY N 345 15.59 -35.66 52.56
N PHE N 346 14.55 -34.91 52.20
CA PHE N 346 14.25 -34.64 50.79
C PHE N 346 15.11 -33.55 50.14
N VAL N 347 15.73 -32.70 50.96
CA VAL N 347 16.66 -31.66 50.47
C VAL N 347 17.96 -32.30 49.95
N ASP N 348 18.50 -33.25 50.71
CA ASP N 348 19.65 -34.06 50.28
C ASP N 348 19.31 -35.03 49.14
N LEU N 349 18.02 -35.29 48.96
CA LEU N 349 17.52 -36.19 47.93
C LEU N 349 17.41 -35.52 46.55
N LEU N 350 17.24 -34.19 46.55
CA LEU N 350 17.13 -33.39 45.32
C LEU N 350 18.49 -32.89 44.82
N ARG N 351 19.45 -32.76 45.74
CA ARG N 351 20.77 -32.17 45.44
C ARG N 351 21.86 -33.19 45.14
N GLU N 352 21.82 -34.35 45.79
CA GLU N 352 22.85 -35.39 45.65
C GLU N 352 22.55 -36.38 44.53
N ASN N 353 23.62 -37.02 44.03
CA ASN N 353 23.54 -38.03 42.98
C ASN N 353 23.10 -39.40 43.51
N TYR N 354 23.57 -39.74 44.71
CA TYR N 354 23.27 -41.03 45.34
C TYR N 354 22.88 -40.84 46.81
N VAL N 355 21.72 -41.38 47.17
CA VAL N 355 21.16 -41.26 48.52
C VAL N 355 20.95 -42.66 49.13
N GLU N 356 21.59 -42.88 50.27
CA GLU N 356 21.48 -44.14 51.02
C GLU N 356 20.16 -44.20 51.80
N GLN N 357 19.64 -45.42 51.97
CA GLN N 357 18.40 -45.67 52.72
C GLN N 357 18.55 -45.34 54.21
N ASP N 358 17.65 -44.51 54.71
CA ASP N 358 17.65 -44.07 56.10
C ASP N 358 16.21 -43.97 56.64
N LYS N 359 15.89 -44.86 57.58
CA LYS N 359 14.54 -45.01 58.12
C LYS N 359 14.13 -43.89 59.08
N SER N 360 15.07 -43.43 59.90
CA SER N 360 14.86 -42.33 60.85
C SER N 360 14.68 -40.97 60.14
N ARG N 361 15.35 -40.82 59.01
CA ARG N 361 15.27 -39.62 58.17
C ARG N 361 13.97 -39.58 57.35
N GLY N 362 13.41 -40.76 57.07
CA GLY N 362 12.15 -40.88 56.34
C GLY N 362 12.27 -41.52 54.96
N ILE N 363 13.49 -41.86 54.56
CA ILE N 363 13.77 -42.42 53.23
C ILE N 363 13.68 -43.95 53.26
N TYR N 364 12.64 -44.48 52.62
CA TYR N 364 12.34 -45.92 52.61
C TYR N 364 13.12 -46.72 51.56
N PHE N 365 13.60 -46.02 50.52
CA PHE N 365 14.31 -46.67 49.40
C PHE N 365 15.61 -45.98 49.04
N THR N 366 16.59 -46.77 48.62
CA THR N 366 17.86 -46.26 48.09
C THR N 366 17.63 -45.70 46.68
N GLN N 367 17.72 -44.39 46.55
CA GLN N 367 17.50 -43.71 45.27
C GLN N 367 18.81 -43.38 44.59
N ASP N 368 18.91 -43.79 43.32
CA ASP N 368 20.10 -43.57 42.52
C ASP N 368 19.73 -42.83 41.24
N TRP N 369 20.35 -41.67 41.04
CA TRP N 369 20.17 -40.86 39.84
C TRP N 369 21.36 -41.06 38.90
N ALA N 370 21.08 -41.21 37.61
CA ALA N 370 22.12 -41.48 36.62
C ALA N 370 22.65 -40.19 35.98
N SER N 371 23.60 -39.57 36.70
CA SER N 371 24.25 -38.29 36.31
C SER N 371 23.30 -37.11 36.07
N LEU N 372 22.07 -37.24 36.58
CA LEU N 372 21.04 -36.21 36.45
C LEU N 372 21.34 -35.02 37.37
N PRO N 373 21.24 -33.78 36.86
CA PRO N 373 21.61 -32.57 37.62
C PRO N 373 20.73 -32.30 38.84
N GLY N 374 21.33 -31.72 39.87
CA GLY N 374 20.62 -31.38 41.11
C GLY N 374 19.76 -30.14 40.98
N VAL N 375 18.78 -30.03 41.88
CA VAL N 375 17.87 -28.89 41.90
C VAL N 375 18.13 -28.06 43.17
N MET N 376 18.28 -26.75 42.98
CA MET N 376 18.57 -25.81 44.06
C MET N 376 17.38 -25.65 45.01
N ALA N 377 17.66 -25.69 46.31
CA ALA N 377 16.63 -25.59 47.35
C ALA N 377 16.34 -24.13 47.72
N VAL N 378 15.05 -23.82 47.89
CA VAL N 378 14.61 -22.46 48.23
C VAL N 378 13.99 -22.42 49.63
N ALA N 379 14.60 -21.65 50.52
CA ALA N 379 14.09 -21.44 51.88
C ALA N 379 13.37 -20.09 51.99
N SER N 380 12.05 -20.17 52.09
CA SER N 380 11.17 -18.99 52.12
C SER N 380 9.97 -19.22 53.04
N GLY N 381 9.51 -18.14 53.67
CA GLY N 381 8.31 -18.17 54.51
C GLY N 381 8.48 -17.63 55.92
N GLY N 382 8.43 -16.31 56.03
CA GLY N 382 8.44 -15.62 57.33
C GLY N 382 9.75 -15.67 58.08
N ILE N 383 10.82 -15.25 57.40
CA ILE N 383 12.17 -15.25 57.98
C ILE N 383 12.81 -13.85 57.97
N HIS N 384 13.49 -13.52 59.07
CA HIS N 384 14.18 -12.24 59.23
C HIS N 384 15.69 -12.39 59.44
N VAL N 385 16.34 -11.31 59.87
CA VAL N 385 17.82 -11.26 60.02
C VAL N 385 18.41 -12.18 61.09
N TRP N 386 17.62 -12.51 62.11
CA TRP N 386 18.05 -13.39 63.21
C TRP N 386 18.08 -14.87 62.84
N HIS N 387 17.26 -15.25 61.86
CA HIS N 387 17.20 -16.64 61.38
C HIS N 387 18.34 -17.01 60.43
N MET N 388 19.13 -16.02 60.02
CA MET N 388 20.21 -16.17 59.04
C MET N 388 21.27 -17.26 59.34
N PRO N 389 21.85 -17.29 60.57
CA PRO N 389 22.88 -18.31 60.82
C PRO N 389 22.35 -19.74 60.93
N ALA N 390 21.08 -19.87 61.34
CA ALA N 390 20.40 -21.16 61.42
C ALA N 390 20.11 -21.73 60.04
N LEU N 391 19.73 -20.86 59.10
CA LEU N 391 19.42 -21.24 57.72
C LEU N 391 20.66 -21.66 56.92
N VAL N 392 21.75 -20.93 57.12
CA VAL N 392 23.03 -21.15 56.41
C VAL N 392 23.64 -22.52 56.77
N GLU N 393 23.59 -22.88 58.04
CA GLU N 393 24.12 -24.15 58.54
C GLU N 393 23.29 -25.37 58.09
N ILE N 394 21.96 -25.20 58.05
CA ILE N 394 21.03 -26.27 57.66
C ILE N 394 21.06 -26.52 56.14
N PHE N 395 20.82 -25.47 55.36
CA PHE N 395 20.67 -25.58 53.90
C PHE N 395 21.99 -25.58 53.12
N GLY N 396 23.07 -25.16 53.77
CA GLY N 396 24.42 -25.15 53.16
C GLY N 396 24.67 -23.99 52.22
N ASP N 397 25.49 -24.23 51.20
CA ASP N 397 25.87 -23.21 50.23
C ASP N 397 24.96 -23.17 48.99
N ASP N 398 24.64 -24.35 48.45
CA ASP N 398 23.82 -24.45 47.23
C ASP N 398 22.32 -24.33 47.51
N SER N 399 21.90 -23.11 47.82
CA SER N 399 20.52 -22.79 48.17
C SER N 399 20.20 -21.31 47.91
N VAL N 400 18.90 -20.99 47.87
CA VAL N 400 18.43 -19.60 47.77
C VAL N 400 17.60 -19.27 49.02
N LEU N 401 17.95 -18.16 49.67
CA LEU N 401 17.20 -17.66 50.82
C LEU N 401 16.40 -16.42 50.40
N GLN N 402 15.09 -16.45 50.65
CA GLN N 402 14.20 -15.39 50.21
C GLN N 402 13.46 -14.69 51.36
N PHE N 403 13.45 -13.36 51.30
CA PHE N 403 12.84 -12.52 52.33
C PHE N 403 11.85 -11.55 51.70
N GLY N 404 10.57 -11.83 51.89
CA GLY N 404 9.49 -10.97 51.40
C GLY N 404 9.29 -9.78 52.31
N GLY N 405 8.65 -10.03 53.45
CA GLY N 405 8.40 -9.01 54.48
C GLY N 405 9.65 -8.55 55.22
N GLY N 406 10.66 -9.41 55.26
CA GLY N 406 11.94 -9.11 55.91
C GLY N 406 12.77 -8.03 55.23
N THR N 407 12.57 -7.87 53.92
CA THR N 407 13.27 -6.85 53.12
C THR N 407 12.49 -5.53 53.11
N LEU N 408 11.22 -5.59 52.71
CA LEU N 408 10.37 -4.41 52.53
C LEU N 408 9.90 -3.79 53.84
N GLY N 409 9.85 -4.61 54.89
CA GLY N 409 9.37 -4.17 56.22
C GLY N 409 10.39 -3.43 57.06
N HIS N 410 11.54 -3.12 56.47
CA HIS N 410 12.58 -2.31 57.11
C HIS N 410 12.10 -0.86 57.25
N PRO N 411 12.35 -0.22 58.42
CA PRO N 411 11.91 1.16 58.69
C PRO N 411 12.46 2.24 57.75
N TRP N 412 13.55 1.93 57.05
CA TRP N 412 14.24 2.88 56.17
C TRP N 412 13.95 2.67 54.68
N GLY N 413 13.30 1.55 54.34
CA GLY N 413 12.92 1.25 52.96
C GLY N 413 13.46 -0.06 52.42
N ASN N 414 13.40 -0.22 51.09
CA ASN N 414 13.84 -1.44 50.42
C ASN N 414 15.35 -1.56 50.32
N ALA N 415 16.01 -0.49 49.88
CA ALA N 415 17.46 -0.47 49.68
C ALA N 415 18.31 -0.63 50.96
N PRO N 416 17.91 0.01 52.10
CA PRO N 416 18.60 -0.34 53.34
C PRO N 416 18.23 -1.71 53.89
N GLY N 417 17.01 -2.18 53.58
CA GLY N 417 16.56 -3.52 53.96
C GLY N 417 17.28 -4.63 53.22
N ALA N 418 17.59 -4.38 51.95
CA ALA N 418 18.34 -5.30 51.10
C ALA N 418 19.81 -5.39 51.47
N THR N 419 20.36 -4.26 51.95
CA THR N 419 21.74 -4.19 52.44
C THR N 419 21.88 -4.94 53.77
N ALA N 420 20.85 -4.84 54.61
CA ALA N 420 20.82 -5.49 55.93
C ALA N 420 20.91 -7.01 55.85
N ASN N 421 20.20 -7.61 54.89
CA ASN N 421 20.24 -9.06 54.64
C ASN N 421 21.58 -9.50 54.04
N ARG N 422 22.09 -8.71 53.10
CA ARG N 422 23.35 -9.00 52.39
C ARG N 422 24.57 -8.96 53.32
N VAL N 423 24.56 -8.02 54.26
CA VAL N 423 25.62 -7.90 55.28
C VAL N 423 25.57 -9.10 56.24
N ALA N 424 24.35 -9.47 56.67
CA ALA N 424 24.14 -10.61 57.58
C ALA N 424 24.57 -11.97 57.00
N LEU N 425 24.33 -12.16 55.70
CA LEU N 425 24.70 -13.41 55.02
C LEU N 425 26.21 -13.53 54.80
N GLU N 426 26.83 -12.45 54.32
CA GLU N 426 28.27 -12.43 54.02
C GLU N 426 29.15 -12.46 55.29
N ALA N 427 28.62 -11.97 56.41
CA ALA N 427 29.30 -12.05 57.71
C ALA N 427 29.30 -13.48 58.26
N CYS N 428 28.23 -14.22 57.98
CA CYS N 428 28.09 -15.61 58.42
C CYS N 428 28.91 -16.59 57.57
N VAL N 429 28.98 -16.33 56.26
CA VAL N 429 29.78 -17.13 55.32
C VAL N 429 31.28 -16.97 55.63
N GLN N 430 31.69 -15.74 55.93
CA GLN N 430 33.07 -15.44 56.35
C GLN N 430 33.45 -16.17 57.64
N ALA N 431 32.54 -16.13 58.62
CA ALA N 431 32.76 -16.77 59.94
C ALA N 431 32.80 -18.29 59.86
N ARG N 432 31.99 -18.86 58.96
CA ARG N 432 31.96 -20.31 58.71
C ARG N 432 33.28 -20.81 58.10
N ASN N 433 33.82 -20.06 57.15
CA ASN N 433 35.08 -20.37 56.48
C ASN N 433 36.30 -20.30 57.38
N GLU N 434 36.23 -19.44 58.40
CA GLU N 434 37.30 -19.25 59.38
C GLU N 434 37.47 -20.45 60.33
N GLY N 435 36.35 -21.08 60.68
CA GLY N 435 36.33 -22.21 61.60
C GLY N 435 35.58 -21.89 62.88
N ARG N 436 34.36 -21.40 62.72
CA ARG N 436 33.48 -21.05 63.84
C ARG N 436 32.12 -21.73 63.66
N ASN N 437 31.58 -22.25 64.76
CA ASN N 437 30.27 -22.91 64.73
C ASN N 437 29.15 -21.88 64.73
N LEU N 438 28.25 -22.03 63.76
CA LEU N 438 27.10 -21.12 63.61
C LEU N 438 25.93 -21.46 64.54
N ALA N 439 25.95 -22.66 65.10
CA ALA N 439 24.96 -23.09 66.08
C ALA N 439 25.27 -22.57 67.49
N ARG N 440 26.56 -22.31 67.73
CA ARG N 440 27.05 -21.83 69.04
C ARG N 440 27.28 -20.32 69.08
N GLU N 441 27.78 -19.77 67.97
CA GLU N 441 28.15 -18.36 67.88
C GLU N 441 27.29 -17.57 66.89
N GLY N 442 26.07 -18.07 66.64
CA GLY N 442 25.13 -17.45 65.69
C GLY N 442 24.67 -16.05 66.05
N ASN N 443 24.40 -15.84 67.35
CA ASN N 443 24.02 -14.53 67.88
C ASN N 443 25.19 -13.54 67.89
N ASP N 444 26.40 -14.05 68.12
CA ASP N 444 27.61 -13.23 68.22
C ASP N 444 28.06 -12.62 66.89
N VAL N 445 27.98 -13.40 65.81
CA VAL N 445 28.38 -12.96 64.46
C VAL N 445 27.46 -11.84 63.95
N ILE N 446 26.16 -11.99 64.18
CA ILE N 446 25.15 -10.98 63.82
C ILE N 446 25.33 -9.68 64.63
N ARG N 447 25.57 -9.84 65.93
CA ARG N 447 25.74 -8.70 66.86
C ARG N 447 27.01 -7.89 66.59
N GLU N 448 28.12 -8.57 66.26
CA GLU N 448 29.40 -7.91 65.98
C GLU N 448 29.46 -7.24 64.61
N ALA N 449 28.62 -7.72 63.67
CA ALA N 449 28.50 -7.13 62.34
C ALA N 449 27.59 -5.90 62.35
N ALA N 450 26.73 -5.80 63.37
CA ALA N 450 25.80 -4.68 63.55
C ALA N 450 26.43 -3.44 64.19
N LYS N 451 27.75 -3.47 64.39
CA LYS N 451 28.50 -2.35 64.98
C LYS N 451 29.01 -1.36 63.93
N TRP N 452 29.41 -1.88 62.77
CA TRP N 452 29.94 -1.05 61.67
C TRP N 452 28.90 -0.75 60.58
N SER N 453 27.73 -1.38 60.66
CA SER N 453 26.63 -1.14 59.73
C SER N 453 25.37 -0.65 60.46
N PRO N 454 24.88 0.57 60.13
CA PRO N 454 23.67 1.12 60.75
C PRO N 454 22.37 0.43 60.32
N GLU N 455 22.33 -0.06 59.09
CA GLU N 455 21.14 -0.71 58.51
C GLU N 455 20.79 -2.03 59.20
N LEU N 456 21.82 -2.79 59.59
CA LEU N 456 21.65 -4.05 60.30
C LEU N 456 21.23 -3.84 61.76
N ALA N 457 21.74 -2.78 62.38
CA ALA N 457 21.44 -2.42 63.77
C ALA N 457 19.97 -2.05 64.01
N VAL N 458 19.37 -1.40 63.01
CA VAL N 458 17.95 -1.01 63.04
C VAL N 458 17.04 -2.25 62.87
N ALA N 459 17.40 -3.12 61.93
CA ALA N 459 16.63 -4.33 61.63
C ALA N 459 16.64 -5.36 62.76
N CYS N 460 17.75 -5.42 63.49
CA CYS N 460 17.92 -6.32 64.64
C CYS N 460 17.01 -5.97 65.82
N GLU N 461 16.85 -4.66 66.04
CA GLU N 461 16.02 -4.13 67.13
C GLU N 461 14.52 -4.35 66.90
N LEU N 462 14.11 -4.35 65.64
CA LEU N 462 12.71 -4.45 65.25
C LEU N 462 12.12 -5.86 65.40
N TRP N 463 12.81 -6.87 64.86
CA TRP N 463 12.33 -8.25 64.83
C TRP N 463 13.04 -9.18 65.84
N LYS N 464 13.39 -8.63 67.01
CA LYS N 464 14.07 -9.39 68.07
C LYS N 464 13.13 -10.37 68.78
N GLU N 465 11.90 -9.92 69.07
CA GLU N 465 10.92 -10.69 69.84
C GLU N 465 10.21 -11.79 69.06
N ILE N 466 10.14 -11.64 67.74
CA ILE N 466 9.32 -12.51 66.87
C ILE N 466 9.94 -13.91 66.69
N LYS N 467 9.15 -14.92 67.04
CA LYS N 467 9.52 -16.33 66.90
C LYS N 467 8.28 -17.18 66.64
N PHE N 468 8.37 -18.03 65.61
CA PHE N 468 7.28 -18.94 65.24
C PHE N 468 7.54 -20.34 65.79
N GLU N 469 6.82 -20.67 66.87
CA GLU N 469 6.97 -21.96 67.55
C GLU N 469 5.63 -22.66 67.77
N PHE N 470 5.38 -23.69 66.96
CA PHE N 470 4.15 -24.49 67.03
C PHE N 470 4.42 -25.98 66.77
N GLU N 471 3.50 -26.83 67.21
CA GLU N 471 3.58 -28.28 67.04
C GLU N 471 3.28 -28.68 65.59
N ALA N 472 4.14 -29.56 65.05
CA ALA N 472 3.99 -30.08 63.69
C ALA N 472 3.10 -31.32 63.66
N MET N 473 2.23 -31.38 62.65
CA MET N 473 1.28 -32.49 62.49
C MET N 473 1.92 -33.74 61.88
N ASP N 474 2.78 -33.53 60.88
CA ASP N 474 3.52 -34.62 60.24
C ASP N 474 4.81 -34.92 61.01
N THR N 475 4.91 -36.17 61.48
CA THR N 475 6.04 -36.64 62.27
C THR N 475 6.50 -38.01 61.76
N VAL N 476 7.74 -38.40 62.09
CA VAL N 476 8.31 -39.70 61.71
C VAL N 476 7.64 -40.84 62.48
N MET O 1 -23.61 -72.60 26.85
CA MET O 1 -23.32 -71.31 26.16
C MET O 1 -24.17 -71.16 24.89
N GLN O 2 -24.50 -69.91 24.57
CA GLN O 2 -25.24 -69.57 23.35
C GLN O 2 -24.65 -68.37 22.62
N THR O 3 -24.65 -68.44 21.29
CA THR O 3 -24.18 -67.36 20.43
C THR O 3 -25.33 -66.39 20.14
N LEU O 4 -25.04 -65.10 20.30
CA LEU O 4 -26.02 -64.04 20.06
C LEU O 4 -26.28 -63.85 18.56
N PRO O 5 -27.57 -63.95 18.15
CA PRO O 5 -27.93 -63.78 16.73
C PRO O 5 -27.85 -62.31 16.29
N LYS O 6 -27.50 -62.11 15.02
CA LYS O 6 -27.38 -60.76 14.44
C LYS O 6 -28.76 -60.20 14.10
N GLU O 7 -29.10 -59.09 14.74
CA GLU O 7 -30.40 -58.45 14.58
C GLU O 7 -30.24 -56.92 14.47
N ARG O 8 -31.04 -56.31 13.60
CA ARG O 8 -31.07 -54.86 13.44
C ARG O 8 -31.99 -54.23 14.47
N ARG O 9 -31.44 -53.31 15.26
CA ARG O 9 -32.15 -52.69 16.38
C ARG O 9 -32.61 -51.26 16.06
N TYR O 10 -33.58 -50.77 16.83
CA TYR O 10 -34.24 -49.49 16.57
C TYR O 10 -34.32 -48.60 17.82
N GLU O 11 -33.15 -48.26 18.35
CA GLU O 11 -32.98 -47.40 19.54
C GLU O 11 -33.75 -47.85 20.79
N THR O 12 -34.55 -46.96 21.37
CA THR O 12 -35.24 -47.19 22.66
C THR O 12 -36.37 -48.22 22.51
N LEU O 13 -36.47 -49.09 23.53
CA LEU O 13 -37.53 -50.12 23.68
C LEU O 13 -37.51 -51.25 22.63
N SER O 14 -36.46 -51.31 21.81
CA SER O 14 -36.34 -52.29 20.73
C SER O 14 -35.98 -53.70 21.21
N TYR O 15 -35.33 -53.77 22.37
CA TYR O 15 -34.87 -55.05 22.95
C TYR O 15 -35.98 -55.82 23.66
N LEU O 16 -36.99 -55.09 24.13
CA LEU O 16 -38.21 -55.69 24.70
C LEU O 16 -39.08 -56.30 23.59
N PRO O 17 -39.87 -57.35 23.91
CA PRO O 17 -40.85 -57.93 22.96
C PRO O 17 -41.82 -56.89 22.38
N PRO O 18 -42.21 -57.04 21.08
CA PRO O 18 -43.04 -56.06 20.34
C PRO O 18 -44.22 -55.53 21.16
N LEU O 19 -44.38 -54.21 21.17
CA LEU O 19 -45.34 -53.52 22.03
C LEU O 19 -46.79 -53.70 21.59
N THR O 20 -47.65 -54.02 22.55
CA THR O 20 -49.09 -54.14 22.36
C THR O 20 -49.72 -52.74 22.33
N ASP O 21 -50.93 -52.64 21.77
CA ASP O 21 -51.70 -51.38 21.70
C ASP O 21 -52.03 -50.79 23.08
N VAL O 22 -52.10 -51.66 24.09
CA VAL O 22 -52.28 -51.26 25.49
C VAL O 22 -50.99 -50.60 26.02
N GLN O 23 -49.84 -51.19 25.66
CA GLN O 23 -48.52 -50.70 26.09
C GLN O 23 -48.14 -49.35 25.47
N ILE O 24 -48.54 -49.13 24.22
CA ILE O 24 -48.32 -47.86 23.51
C ILE O 24 -49.16 -46.74 24.14
N GLU O 25 -50.40 -47.07 24.51
CA GLU O 25 -51.34 -46.15 25.17
C GLU O 25 -50.79 -45.63 26.51
N LYS O 26 -50.10 -46.50 27.25
CA LYS O 26 -49.50 -46.17 28.54
C LYS O 26 -48.29 -45.25 28.41
N GLN O 27 -47.49 -45.47 27.36
CA GLN O 27 -46.28 -44.67 27.07
C GLN O 27 -46.62 -43.26 26.61
N VAL O 28 -47.71 -43.13 25.84
CA VAL O 28 -48.21 -41.84 25.36
C VAL O 28 -48.87 -41.06 26.50
N GLN O 29 -49.54 -41.79 27.40
CA GLN O 29 -50.12 -41.21 28.63
C GLN O 29 -49.08 -40.57 29.54
N TYR O 30 -47.89 -41.17 29.58
CA TYR O 30 -46.73 -40.64 30.31
C TYR O 30 -46.29 -39.27 29.78
N ILE O 31 -46.29 -39.11 28.45
CA ILE O 31 -45.92 -37.86 27.78
C ILE O 31 -46.87 -36.71 28.17
N LEU O 32 -48.17 -36.99 28.16
CA LEU O 32 -49.21 -36.00 28.45
C LEU O 32 -49.31 -35.61 29.92
N SER O 33 -49.09 -36.58 30.82
CA SER O 33 -49.14 -36.36 32.27
C SER O 33 -47.99 -35.47 32.78
N GLN O 34 -46.85 -35.54 32.11
CA GLN O 34 -45.69 -34.67 32.40
C GLN O 34 -45.91 -33.25 31.85
N GLY O 35 -46.61 -33.16 30.71
CA GLY O 35 -46.91 -31.89 30.07
C GLY O 35 -46.16 -31.63 28.77
N TYR O 36 -45.66 -32.70 28.15
CA TYR O 36 -44.93 -32.61 26.88
C TYR O 36 -45.86 -32.77 25.67
N ILE O 37 -45.41 -32.24 24.53
CA ILE O 37 -46.19 -32.22 23.29
C ILE O 37 -45.86 -33.48 22.46
N PRO O 38 -46.90 -34.30 22.15
CA PRO O 38 -46.68 -35.50 21.32
C PRO O 38 -46.79 -35.25 19.81
N ALA O 39 -45.87 -35.86 19.06
CA ALA O 39 -45.84 -35.73 17.60
C ALA O 39 -45.52 -37.05 16.89
N VAL O 40 -46.05 -37.19 15.67
CA VAL O 40 -45.86 -38.38 14.84
C VAL O 40 -44.91 -38.08 13.69
N GLU O 41 -43.93 -38.97 13.49
CA GLU O 41 -42.94 -38.85 12.41
C GLU O 41 -42.87 -40.14 11.59
N PHE O 42 -42.59 -40.01 10.30
CA PHE O 42 -42.46 -41.16 9.40
C PHE O 42 -41.26 -41.07 8.47
N ASN O 43 -40.73 -42.22 8.07
CA ASN O 43 -39.58 -42.31 7.17
C ASN O 43 -39.62 -43.57 6.30
N GLU O 44 -39.03 -43.47 5.12
CA GLU O 44 -38.94 -44.56 4.16
C GLU O 44 -37.91 -45.62 4.60
N VAL O 45 -36.72 -45.16 4.99
CA VAL O 45 -35.60 -46.03 5.38
C VAL O 45 -35.09 -45.62 6.77
N SER O 46 -34.76 -46.62 7.60
CA SER O 46 -34.17 -46.40 8.92
C SER O 46 -32.65 -46.58 8.89
N GLU O 47 -31.93 -45.47 9.04
CA GLU O 47 -30.46 -45.45 9.02
C GLU O 47 -29.89 -44.65 10.20
N PRO O 48 -28.72 -45.08 10.75
CA PRO O 48 -28.10 -44.34 11.87
C PRO O 48 -27.53 -42.98 11.49
N THR O 49 -27.17 -42.80 10.22
CA THR O 49 -26.56 -41.56 9.71
C THR O 49 -27.58 -40.41 9.66
N GLU O 50 -28.77 -40.69 9.13
CA GLU O 50 -29.85 -39.69 9.03
C GLU O 50 -30.49 -39.38 10.38
N LEU O 51 -30.71 -38.10 10.64
CA LEU O 51 -31.27 -37.65 11.93
C LEU O 51 -32.56 -36.81 11.81
N TYR O 52 -33.07 -36.68 10.59
CA TYR O 52 -34.38 -36.06 10.36
C TYR O 52 -35.38 -37.02 9.71
N TRP O 53 -36.56 -37.09 10.32
CA TRP O 53 -37.70 -37.85 9.79
C TRP O 53 -38.79 -36.87 9.41
N THR O 54 -39.52 -37.19 8.34
CA THR O 54 -40.61 -36.34 7.83
C THR O 54 -41.78 -36.30 8.82
N LEU O 55 -42.15 -35.08 9.21
CA LEU O 55 -43.22 -34.84 10.18
C LEU O 55 -44.60 -35.06 9.59
N TRP O 56 -45.44 -35.75 10.35
CA TRP O 56 -46.83 -36.01 9.98
C TRP O 56 -47.74 -34.92 10.55
N LYS O 57 -48.30 -34.11 9.64
CA LYS O 57 -49.11 -32.92 9.95
C LYS O 57 -48.34 -31.89 10.80
N LEU O 58 -48.78 -31.68 12.04
CA LEU O 58 -48.12 -30.80 13.01
C LEU O 58 -48.05 -31.47 14.39
N PRO O 59 -47.13 -30.99 15.28
CA PRO O 59 -47.18 -31.45 16.68
C PRO O 59 -48.52 -31.13 17.33
N LEU O 60 -49.05 -32.09 18.09
CA LEU O 60 -50.37 -31.96 18.70
C LEU O 60 -50.29 -31.12 19.98
N PHE O 61 -50.40 -29.81 19.82
CA PHE O 61 -50.28 -28.85 20.93
C PHE O 61 -51.48 -28.89 21.88
N GLY O 62 -52.66 -29.19 21.33
CA GLY O 62 -53.90 -29.25 22.11
C GLY O 62 -54.46 -30.66 22.21
N ALA O 63 -53.71 -31.54 22.87
CA ALA O 63 -54.13 -32.92 23.09
C ALA O 63 -54.63 -33.12 24.53
N LYS O 64 -55.87 -33.58 24.65
CA LYS O 64 -56.51 -33.80 25.94
C LYS O 64 -56.36 -35.24 26.44
N THR O 65 -56.47 -36.19 25.52
CA THR O 65 -56.43 -37.63 25.83
C THR O 65 -55.44 -38.35 24.91
N SER O 66 -54.92 -39.49 25.39
CA SER O 66 -54.00 -40.36 24.64
C SER O 66 -54.65 -41.05 23.43
N ARG O 67 -55.98 -41.06 23.39
CA ARG O 67 -56.76 -41.62 22.28
C ARG O 67 -56.59 -40.81 21.00
N GLU O 68 -56.46 -39.49 21.13
CA GLU O 68 -56.29 -38.56 20.01
C GLU O 68 -54.96 -38.75 19.27
N VAL O 69 -53.92 -39.12 20.04
CA VAL O 69 -52.59 -39.41 19.49
C VAL O 69 -52.59 -40.73 18.73
N LEU O 70 -53.25 -41.74 19.30
CA LEU O 70 -53.40 -43.07 18.67
C LEU O 70 -54.21 -43.05 17.38
N ALA O 71 -55.15 -42.10 17.29
CA ALA O 71 -55.94 -41.86 16.08
C ALA O 71 -55.10 -41.29 14.93
N GLU O 72 -54.11 -40.47 15.28
CA GLU O 72 -53.18 -39.87 14.31
C GLU O 72 -52.15 -40.87 13.79
N VAL O 73 -51.78 -41.84 14.64
CA VAL O 73 -50.86 -42.92 14.27
C VAL O 73 -51.53 -43.87 13.27
N GLN O 74 -52.79 -44.20 13.52
CA GLN O 74 -53.59 -45.08 12.65
C GLN O 74 -53.82 -44.52 11.24
N SER O 75 -54.00 -43.20 11.15
CA SER O 75 -54.19 -42.50 9.88
C SER O 75 -52.93 -42.48 9.02
N CYS O 76 -51.78 -42.29 9.67
CA CYS O 76 -50.47 -42.32 9.01
C CYS O 76 -50.08 -43.73 8.57
N ARG O 77 -50.49 -44.72 9.35
CA ARG O 77 -50.24 -46.14 9.08
C ARG O 77 -51.03 -46.64 7.87
N SER O 78 -52.30 -46.24 7.78
CA SER O 78 -53.17 -46.56 6.64
C SER O 78 -52.74 -45.89 5.34
N GLN O 79 -52.20 -44.67 5.48
CA GLN O 79 -51.68 -43.90 4.34
C GLN O 79 -50.35 -44.44 3.84
N TYR O 80 -49.42 -44.70 4.78
CA TYR O 80 -48.10 -45.24 4.47
C TYR O 80 -47.87 -46.61 5.12
N PRO O 81 -48.16 -47.71 4.38
CA PRO O 81 -47.92 -49.05 4.92
C PRO O 81 -46.45 -49.46 4.90
N GLY O 82 -45.70 -49.00 3.90
CA GLY O 82 -44.29 -49.35 3.72
C GLY O 82 -43.29 -48.38 4.33
N HIS O 83 -43.76 -47.58 5.30
CA HIS O 83 -42.92 -46.60 6.00
C HIS O 83 -42.78 -46.92 7.48
N TYR O 84 -41.61 -46.60 8.04
CA TYR O 84 -41.39 -46.63 9.49
C TYR O 84 -42.13 -45.45 10.13
N ILE O 85 -42.74 -45.69 11.29
CA ILE O 85 -43.49 -44.65 12.02
C ILE O 85 -43.08 -44.65 13.49
N ARG O 86 -42.73 -43.46 14.00
CA ARG O 86 -42.34 -43.27 15.41
C ARG O 86 -43.08 -42.12 16.09
N VAL O 87 -43.18 -42.21 17.43
CA VAL O 87 -43.83 -41.19 18.26
C VAL O 87 -42.78 -40.47 19.10
N VAL O 88 -42.78 -39.14 19.05
CA VAL O 88 -41.83 -38.30 19.80
C VAL O 88 -42.53 -37.36 20.79
N GLY O 89 -41.78 -36.89 21.79
CA GLY O 89 -42.30 -35.98 22.81
C GLY O 89 -41.41 -34.77 23.04
N PHE O 90 -41.89 -33.60 22.61
CA PHE O 90 -41.14 -32.34 22.73
C PHE O 90 -41.34 -31.65 24.08
N ASP O 91 -40.23 -31.21 24.68
CA ASP O 91 -40.23 -30.36 25.86
C ASP O 91 -39.92 -28.93 25.44
N ASN O 92 -40.71 -27.98 25.91
CA ASN O 92 -40.59 -26.57 25.53
C ASN O 92 -39.67 -25.73 26.42
N ILE O 93 -39.53 -26.15 27.68
CA ILE O 93 -38.67 -25.45 28.65
C ILE O 93 -37.19 -25.81 28.44
N LYS O 94 -36.89 -27.11 28.42
CA LYS O 94 -35.52 -27.61 28.22
C LYS O 94 -35.07 -27.59 26.76
N GLN O 95 -36.04 -27.52 25.84
CA GLN O 95 -35.80 -27.53 24.38
C GLN O 95 -35.03 -28.77 23.92
N CYS O 96 -35.56 -29.94 24.28
CA CYS O 96 -34.99 -31.25 23.93
C CYS O 96 -36.07 -32.32 24.01
N GLN O 97 -36.00 -33.28 23.07
CA GLN O 97 -36.93 -34.41 23.03
C GLN O 97 -36.74 -35.33 24.24
N ILE O 98 -37.85 -35.76 24.82
CA ILE O 98 -37.83 -36.56 26.04
C ILE O 98 -37.92 -38.06 25.74
N LEU O 99 -38.85 -38.43 24.87
CA LEU O 99 -39.04 -39.83 24.50
C LEU O 99 -39.14 -40.01 22.98
N SER O 100 -38.60 -41.12 22.48
CA SER O 100 -38.67 -41.48 21.06
C SER O 100 -38.68 -43.00 20.90
N PHE O 101 -39.78 -43.53 20.35
CA PHE O 101 -39.96 -44.97 20.14
C PHE O 101 -40.75 -45.31 18.88
N ILE O 102 -40.35 -46.39 18.21
CA ILE O 102 -40.96 -46.83 16.95
C ILE O 102 -42.20 -47.70 17.20
N VAL O 103 -43.30 -47.34 16.54
CA VAL O 103 -44.58 -48.07 16.66
C VAL O 103 -44.89 -49.00 15.48
N HIS O 104 -44.39 -48.65 14.30
CA HIS O 104 -44.65 -49.40 13.06
C HIS O 104 -43.40 -49.65 12.22
N LYS O 105 -43.34 -50.85 11.66
CA LYS O 105 -42.29 -51.26 10.71
C LYS O 105 -42.93 -51.61 9.36
N PRO O 106 -42.20 -51.42 8.23
CA PRO O 106 -42.77 -51.71 6.90
C PRO O 106 -43.26 -53.15 6.77
N SER O 107 -44.53 -53.28 6.37
CA SER O 107 -45.23 -54.58 6.30
C SER O 107 -44.70 -55.46 5.17
N ARG O 108 -43.90 -56.46 5.56
CA ARG O 108 -43.24 -57.44 4.67
C ARG O 108 -42.36 -56.81 3.58
N MET P 1 51.88 8.77 -12.32
CA MET P 1 50.70 8.33 -11.49
C MET P 1 50.62 9.07 -10.17
N GLN P 2 49.40 9.29 -9.70
CA GLN P 2 49.14 9.96 -8.43
C GLN P 2 48.00 9.32 -7.65
N THR P 3 48.23 9.08 -6.36
CA THR P 3 47.23 8.52 -5.46
C THR P 3 46.33 9.63 -4.94
N LEU P 4 45.02 9.39 -4.97
CA LEU P 4 44.02 10.36 -4.56
C LEU P 4 43.98 10.54 -3.04
N PRO P 5 44.04 11.80 -2.54
CA PRO P 5 43.99 12.07 -1.10
C PRO P 5 42.59 11.91 -0.52
N LYS P 6 42.53 11.47 0.73
CA LYS P 6 41.26 11.25 1.42
C LYS P 6 40.68 12.59 1.90
N GLU P 7 39.54 12.98 1.33
CA GLU P 7 38.89 14.25 1.63
C GLU P 7 37.38 14.08 1.72
N ARG P 8 36.78 14.70 2.74
CA ARG P 8 35.34 14.65 2.97
C ARG P 8 34.62 15.63 2.04
N ARG P 9 33.54 15.15 1.43
CA ARG P 9 32.78 15.92 0.43
C ARG P 9 31.39 16.30 0.90
N TYR P 10 30.80 17.30 0.24
CA TYR P 10 29.54 17.91 0.67
C TYR P 10 28.55 18.07 -0.48
N GLU P 11 28.12 16.92 -1.03
CA GLU P 11 27.16 16.83 -2.14
C GLU P 11 27.55 17.63 -3.40
N THR P 12 26.62 18.45 -3.91
CA THR P 12 26.77 19.18 -5.17
C THR P 12 27.75 20.36 -5.04
N LEU P 13 28.58 20.53 -6.08
CA LEU P 13 29.55 21.64 -6.22
C LEU P 13 30.68 21.68 -5.17
N SER P 14 30.92 20.54 -4.52
CA SER P 14 31.96 20.41 -3.49
C SER P 14 33.33 20.03 -4.06
N TYR P 15 33.36 19.57 -5.31
CA TYR P 15 34.60 19.17 -6.00
C TYR P 15 35.29 20.35 -6.68
N LEU P 16 34.51 21.36 -7.06
CA LEU P 16 35.01 22.61 -7.61
C LEU P 16 35.72 23.42 -6.51
N PRO P 17 36.72 24.26 -6.88
CA PRO P 17 37.40 25.15 -5.92
C PRO P 17 36.42 26.08 -5.17
N PRO P 18 36.69 26.39 -3.88
CA PRO P 18 35.76 27.14 -3.00
C PRO P 18 35.10 28.34 -3.68
N LEU P 19 33.77 28.41 -3.57
CA LEU P 19 32.95 29.39 -4.28
C LEU P 19 33.12 30.82 -3.74
N THR P 20 33.39 31.74 -4.66
CA THR P 20 33.51 33.17 -4.36
C THR P 20 32.11 33.76 -4.21
N ASP P 21 32.02 34.94 -3.55
CA ASP P 21 30.76 35.65 -3.33
C ASP P 21 30.03 36.04 -4.63
N VAL P 22 30.79 36.21 -5.71
CA VAL P 22 30.26 36.46 -7.06
C VAL P 22 29.60 35.18 -7.61
N GLN P 23 30.25 34.05 -7.40
CA GLN P 23 29.77 32.73 -7.87
C GLN P 23 28.50 32.28 -7.17
N ILE P 24 28.40 32.54 -5.86
CA ILE P 24 27.21 32.23 -5.06
C ILE P 24 26.03 33.11 -5.50
N GLU P 25 26.32 34.38 -5.80
CA GLU P 25 25.34 35.34 -6.32
C GLU P 25 24.72 34.89 -7.64
N LYS P 26 25.53 34.27 -8.50
CA LYS P 26 25.10 33.75 -9.80
C LYS P 26 24.24 32.49 -9.68
N GLN P 27 24.54 31.66 -8.67
CA GLN P 27 23.79 30.43 -8.39
C GLN P 27 22.41 30.72 -7.79
N VAL P 28 22.32 31.75 -6.95
CA VAL P 28 21.06 32.20 -6.35
C VAL P 28 20.19 32.88 -7.41
N GLN P 29 20.82 33.63 -8.32
CA GLN P 29 20.15 34.27 -9.47
C GLN P 29 19.45 33.25 -10.37
N TYR P 30 20.07 32.07 -10.52
CA TYR P 30 19.51 30.94 -11.25
C TYR P 30 18.20 30.43 -10.63
N ILE P 31 18.16 30.37 -9.30
CA ILE P 31 16.99 29.91 -8.53
C ILE P 31 15.78 30.84 -8.72
N LEU P 32 16.04 32.15 -8.69
CA LEU P 32 14.99 33.16 -8.85
C LEU P 32 14.48 33.31 -10.28
N SER P 33 15.38 33.10 -11.26
CA SER P 33 15.04 33.16 -12.69
C SER P 33 14.10 32.04 -13.13
N GLN P 34 14.29 30.85 -12.55
CA GLN P 34 13.43 29.69 -12.80
C GLN P 34 12.07 29.85 -12.11
N GLY P 35 12.06 30.55 -10.99
CA GLY P 35 10.83 30.81 -10.21
C GLY P 35 10.66 29.94 -8.98
N TYR P 36 11.78 29.43 -8.47
CA TYR P 36 11.77 28.61 -7.25
C TYR P 36 11.92 29.48 -6.00
N ILE P 37 11.41 28.97 -4.87
CA ILE P 37 11.44 29.68 -3.59
C ILE P 37 12.76 29.35 -2.86
N PRO P 38 13.59 30.39 -2.60
CA PRO P 38 14.86 30.18 -1.88
C PRO P 38 14.68 30.09 -0.37
N ALA P 39 15.43 29.18 0.26
CA ALA P 39 15.39 28.99 1.72
C ALA P 39 16.76 28.61 2.30
N VAL P 40 17.00 29.02 3.53
CA VAL P 40 18.27 28.81 4.23
C VAL P 40 18.13 27.76 5.34
N GLU P 41 19.05 26.80 5.34
CA GLU P 41 19.10 25.74 6.36
C GLU P 41 20.47 25.69 7.04
N PHE P 42 20.48 25.31 8.32
CA PHE P 42 21.72 25.16 9.09
C PHE P 42 21.72 23.92 9.98
N ASN P 43 22.92 23.36 10.19
CA ASN P 43 23.10 22.13 10.97
C ASN P 43 24.45 22.11 11.69
N GLU P 44 24.45 21.46 12.85
CA GLU P 44 25.65 21.33 13.70
C GLU P 44 26.65 20.32 13.12
N VAL P 45 26.14 19.20 12.62
CA VAL P 45 26.96 18.10 12.10
C VAL P 45 26.58 17.80 10.64
N SER P 46 27.58 17.48 9.82
CA SER P 46 27.36 17.03 8.44
C SER P 46 27.51 15.50 8.34
N GLU P 47 26.37 14.81 8.27
CA GLU P 47 26.33 13.35 8.19
C GLU P 47 25.45 12.86 7.02
N PRO P 48 25.85 11.76 6.35
CA PRO P 48 25.02 11.18 5.28
C PRO P 48 23.72 10.54 5.75
N THR P 49 23.70 10.12 7.02
CA THR P 49 22.53 9.46 7.63
C THR P 49 21.37 10.43 7.85
N GLU P 50 21.66 11.59 8.45
CA GLU P 50 20.65 12.63 8.69
C GLU P 50 20.29 13.38 7.41
N LEU P 51 19.00 13.62 7.22
CA LEU P 51 18.49 14.28 6.02
C LEU P 51 17.67 15.56 6.32
N TYR P 52 17.49 15.86 7.60
CA TYR P 52 16.85 17.11 8.01
C TYR P 52 17.83 18.09 8.63
N TRP P 53 17.76 19.33 8.15
CA TRP P 53 18.52 20.46 8.68
C TRP P 53 17.53 21.48 9.21
N THR P 54 17.87 22.11 10.34
CA THR P 54 17.01 23.11 10.98
C THR P 54 16.87 24.36 10.10
N LEU P 55 15.63 24.70 9.80
CA LEU P 55 15.30 25.83 8.93
C LEU P 55 15.58 27.18 9.60
N TRP P 56 16.21 28.07 8.85
CA TRP P 56 16.49 29.43 9.30
C TRP P 56 15.30 30.34 8.93
N LYS P 57 14.62 30.83 9.97
CA LYS P 57 13.39 31.64 9.86
C LYS P 57 12.28 30.92 9.07
N LEU P 58 11.97 31.40 7.87
CA LEU P 58 10.97 30.80 6.98
C LEU P 58 11.43 30.84 5.52
N PRO P 59 10.78 30.07 4.61
CA PRO P 59 11.12 30.22 3.19
C PRO P 59 10.82 31.62 2.67
N LEU P 60 11.70 32.14 1.81
CA LEU P 60 11.57 33.49 1.26
C LEU P 60 10.63 33.50 0.05
N PHE P 61 9.34 33.65 0.33
CA PHE P 61 8.30 33.61 -0.71
C PHE P 61 8.27 34.85 -1.59
N GLY P 62 8.60 36.00 -0.99
CA GLY P 62 8.61 37.28 -1.70
C GLY P 62 10.01 37.86 -1.81
N ALA P 63 10.84 37.22 -2.65
CA ALA P 63 12.20 37.68 -2.92
C ALA P 63 12.30 38.19 -4.36
N LYS P 64 12.65 39.47 -4.50
CA LYS P 64 12.75 40.14 -5.79
C LYS P 64 14.18 40.12 -6.36
N THR P 65 15.17 40.22 -5.45
CA THR P 65 16.58 40.30 -5.83
C THR P 65 17.41 39.27 -5.05
N SER P 66 18.51 38.82 -5.66
CA SER P 66 19.45 37.87 -5.05
C SER P 66 20.22 38.42 -3.84
N ARG P 67 20.25 39.74 -3.71
CA ARG P 67 20.87 40.44 -2.58
C ARG P 67 20.12 40.19 -1.26
N GLU P 68 18.81 40.04 -1.35
CA GLU P 68 17.94 39.74 -0.20
C GLU P 68 18.23 38.35 0.40
N VAL P 69 18.59 37.40 -0.45
CA VAL P 69 18.94 36.03 -0.05
C VAL P 69 20.30 36.00 0.65
N LEU P 70 21.30 36.65 0.05
CA LEU P 70 22.66 36.73 0.60
C LEU P 70 22.74 37.45 1.94
N ALA P 71 21.85 38.44 2.13
CA ALA P 71 21.71 39.16 3.40
C ALA P 71 21.17 38.26 4.53
N GLU P 72 20.33 37.30 4.16
CA GLU P 72 19.80 36.30 5.11
C GLU P 72 20.83 35.23 5.47
N VAL P 73 21.75 34.95 4.55
CA VAL P 73 22.85 34.02 4.79
C VAL P 73 23.86 34.63 5.78
N GLN P 74 24.18 35.91 5.59
CA GLN P 74 25.09 36.67 6.46
C GLN P 74 24.57 36.81 7.90
N SER P 75 23.25 36.88 8.05
CA SER P 75 22.60 36.97 9.36
C SER P 75 22.74 35.66 10.15
N CYS P 76 22.57 34.53 9.46
CA CYS P 76 22.73 33.19 10.06
C CYS P 76 24.20 32.87 10.36
N ARG P 77 25.09 33.32 9.48
CA ARG P 77 26.54 33.10 9.60
C ARG P 77 27.15 33.82 10.81
N SER P 78 26.72 35.07 11.03
CA SER P 78 27.15 35.87 12.17
C SER P 78 26.60 35.33 13.50
N GLN P 79 25.39 34.78 13.45
CA GLN P 79 24.73 34.17 14.62
C GLN P 79 25.34 32.80 14.94
N TYR P 80 25.53 31.96 13.93
CA TYR P 80 26.12 30.63 14.08
C TYR P 80 27.43 30.50 13.27
N PRO P 81 28.58 30.85 13.87
CA PRO P 81 29.87 30.74 13.18
C PRO P 81 30.37 29.30 13.01
N GLY P 82 29.95 28.40 13.90
CA GLY P 82 30.42 27.01 13.90
C GLY P 82 29.45 25.98 13.33
N HIS P 83 28.43 26.45 12.62
CA HIS P 83 27.44 25.60 11.98
C HIS P 83 27.60 25.59 10.46
N TYR P 84 27.28 24.45 9.85
CA TYR P 84 27.17 24.32 8.39
C TYR P 84 25.91 25.04 7.92
N ILE P 85 26.00 25.75 6.79
CA ILE P 85 24.87 26.49 6.23
C ILE P 85 24.72 26.16 4.74
N ARG P 86 23.50 25.82 4.32
CA ARG P 86 23.19 25.56 2.92
C ARG P 86 21.98 26.33 2.39
N VAL P 87 21.92 26.50 1.07
CA VAL P 87 20.81 27.18 0.39
C VAL P 87 20.00 26.14 -0.40
N VAL P 88 18.69 26.09 -0.15
CA VAL P 88 17.78 25.19 -0.87
C VAL P 88 16.76 25.95 -1.73
N GLY P 89 16.23 25.27 -2.74
CA GLY P 89 15.24 25.84 -3.65
C GLY P 89 14.03 24.94 -3.85
N PHE P 90 12.90 25.35 -3.28
CA PHE P 90 11.64 24.61 -3.40
C PHE P 90 10.89 24.94 -4.69
N ASP P 91 10.40 23.90 -5.36
CA ASP P 91 9.47 24.03 -6.47
C ASP P 91 8.08 23.61 -5.98
N ASN P 92 7.07 24.39 -6.36
CA ASN P 92 5.68 24.14 -5.93
C ASN P 92 4.92 23.18 -6.84
N ILE P 93 5.16 23.27 -8.15
CA ILE P 93 4.46 22.47 -9.17
C ILE P 93 4.91 21.01 -9.16
N LYS P 94 6.24 20.80 -9.22
CA LYS P 94 6.83 19.46 -9.13
C LYS P 94 6.80 18.90 -7.72
N GLN P 95 6.75 19.80 -6.73
CA GLN P 95 6.77 19.47 -5.29
C GLN P 95 8.05 18.68 -4.92
N CYS P 96 9.19 19.29 -5.21
CA CYS P 96 10.51 18.71 -5.01
C CYS P 96 11.57 19.82 -4.97
N GLN P 97 12.64 19.57 -4.21
CA GLN P 97 13.81 20.45 -4.19
C GLN P 97 14.59 20.32 -5.50
N ILE P 98 15.03 21.46 -6.03
CA ILE P 98 15.70 21.49 -7.33
C ILE P 98 17.21 21.74 -7.19
N LEU P 99 17.59 22.66 -6.31
CA LEU P 99 19.00 22.94 -6.05
C LEU P 99 19.30 23.06 -4.56
N SER P 100 20.40 22.43 -4.14
CA SER P 100 20.88 22.45 -2.75
C SER P 100 22.41 22.43 -2.72
N PHE P 101 22.99 23.49 -2.18
CA PHE P 101 24.45 23.65 -2.08
C PHE P 101 24.90 24.38 -0.82
N ILE P 102 26.03 23.92 -0.26
CA ILE P 102 26.60 24.47 0.98
C ILE P 102 27.38 25.76 0.72
N VAL P 103 27.10 26.77 1.54
CA VAL P 103 27.72 28.09 1.44
C VAL P 103 28.71 28.44 2.56
N HIS P 104 28.58 27.77 3.69
CA HIS P 104 29.46 27.98 4.86
C HIS P 104 29.80 26.68 5.58
N LYS P 105 31.05 26.61 6.05
CA LYS P 105 31.56 25.50 6.87
C LYS P 105 32.06 26.04 8.21
N PRO P 106 32.06 25.22 9.29
CA PRO P 106 32.53 25.70 10.60
C PRO P 106 33.95 26.24 10.58
N SER P 107 34.10 27.49 11.02
CA SER P 107 35.38 28.19 11.03
C SER P 107 36.29 27.69 12.15
N ARG P 108 37.41 27.09 11.74
CA ARG P 108 38.42 26.48 12.63
C ARG P 108 37.85 25.42 13.59
N MET Q 1 -56.33 -30.18 8.30
CA MET Q 1 -54.89 -30.15 7.91
C MET Q 1 -54.53 -31.31 6.98
N GLN Q 2 -53.57 -31.05 6.08
CA GLN Q 2 -53.06 -32.05 5.16
C GLN Q 2 -51.53 -32.06 5.08
N THR Q 3 -50.98 -33.25 4.82
CA THR Q 3 -49.55 -33.43 4.64
C THR Q 3 -49.24 -33.46 3.14
N LEU Q 4 -48.23 -32.69 2.74
CA LEU Q 4 -47.80 -32.61 1.34
C LEU Q 4 -47.13 -33.92 0.89
N PRO Q 5 -47.64 -34.52 -0.22
CA PRO Q 5 -47.06 -35.75 -0.75
C PRO Q 5 -45.69 -35.50 -1.41
N LYS Q 6 -44.79 -36.47 -1.25
CA LYS Q 6 -43.44 -36.38 -1.80
C LYS Q 6 -43.44 -36.55 -3.32
N GLU Q 7 -42.87 -35.57 -4.00
CA GLU Q 7 -42.83 -35.53 -5.46
C GLU Q 7 -41.50 -34.93 -5.95
N ARG Q 8 -41.09 -35.34 -7.14
CA ARG Q 8 -39.88 -34.83 -7.78
C ARG Q 8 -40.23 -33.67 -8.72
N ARG Q 9 -39.56 -32.54 -8.53
CA ARG Q 9 -39.83 -31.32 -9.30
C ARG Q 9 -38.75 -31.06 -10.36
N TYR Q 10 -39.13 -30.31 -11.39
CA TYR Q 10 -38.30 -30.10 -12.57
C TYR Q 10 -38.19 -28.61 -12.94
N GLU Q 11 -37.56 -27.84 -12.05
CA GLU Q 11 -37.37 -26.39 -12.20
C GLU Q 11 -38.66 -25.59 -12.41
N THR Q 12 -38.68 -24.71 -13.41
CA THR Q 12 -39.81 -23.84 -13.72
C THR Q 12 -40.98 -24.63 -14.31
N LEU Q 13 -42.19 -24.24 -13.91
CA LEU Q 13 -43.49 -24.75 -14.44
C LEU Q 13 -43.84 -26.21 -14.07
N SER Q 14 -43.08 -26.79 -13.14
CA SER Q 14 -43.31 -28.16 -12.68
C SER Q 14 -44.53 -28.29 -11.76
N TYR Q 15 -44.86 -27.21 -11.06
CA TYR Q 15 -45.93 -27.18 -10.06
C TYR Q 15 -47.33 -27.04 -10.66
N LEU Q 16 -47.42 -26.31 -11.76
CA LEU Q 16 -48.65 -26.15 -12.52
C LEU Q 16 -49.07 -27.48 -13.17
N PRO Q 17 -50.38 -27.66 -13.48
CA PRO Q 17 -50.84 -28.85 -14.21
C PRO Q 17 -50.09 -29.05 -15.53
N PRO Q 18 -49.84 -30.32 -15.95
CA PRO Q 18 -49.04 -30.63 -17.15
C PRO Q 18 -49.51 -29.83 -18.37
N LEU Q 19 -48.56 -29.20 -19.05
CA LEU Q 19 -48.85 -28.24 -20.12
C LEU Q 19 -49.42 -28.88 -21.38
N THR Q 20 -50.54 -28.33 -21.83
CA THR Q 20 -51.19 -28.71 -23.09
C THR Q 20 -50.35 -28.17 -24.27
N ASP Q 21 -50.54 -28.76 -25.45
CA ASP Q 21 -49.84 -28.34 -26.68
C ASP Q 21 -50.04 -26.87 -27.04
N VAL Q 22 -51.22 -26.33 -26.73
CA VAL Q 22 -51.54 -24.91 -26.91
C VAL Q 22 -50.68 -24.04 -25.99
N GLN Q 23 -50.52 -24.49 -24.73
CA GLN Q 23 -49.74 -23.76 -23.72
C GLN Q 23 -48.25 -23.67 -24.05
N ILE Q 24 -47.69 -24.75 -24.63
CA ILE Q 24 -46.31 -24.78 -25.12
C ILE Q 24 -46.12 -23.76 -26.26
N GLU Q 25 -47.05 -23.77 -27.23
CA GLU Q 25 -47.09 -22.84 -28.36
C GLU Q 25 -47.08 -21.37 -27.90
N LYS Q 26 -47.81 -21.07 -26.83
CA LYS Q 26 -47.87 -19.73 -26.24
C LYS Q 26 -46.55 -19.31 -25.58
N GLN Q 27 -45.88 -20.27 -24.95
CA GLN Q 27 -44.56 -20.04 -24.31
C GLN Q 27 -43.45 -19.88 -25.34
N VAL Q 28 -43.54 -20.65 -26.43
CA VAL Q 28 -42.60 -20.57 -27.56
C VAL Q 28 -42.76 -19.24 -28.30
N GLN Q 29 -44.01 -18.79 -28.47
CA GLN Q 29 -44.34 -17.51 -29.07
C GLN Q 29 -43.72 -16.32 -28.32
N TYR Q 30 -43.70 -16.44 -26.98
CA TYR Q 30 -43.08 -15.44 -26.10
C TYR Q 30 -41.59 -15.22 -26.41
N ILE Q 31 -40.85 -16.34 -26.52
CA ILE Q 31 -39.41 -16.32 -26.84
C ILE Q 31 -39.12 -15.61 -28.18
N LEU Q 32 -39.96 -15.91 -29.18
CA LEU Q 32 -39.83 -15.35 -30.53
C LEU Q 32 -40.22 -13.86 -30.61
N SER Q 33 -41.27 -13.49 -29.87
CA SER Q 33 -41.72 -12.08 -29.79
C SER Q 33 -40.67 -11.19 -29.13
N GLN Q 34 -39.95 -11.75 -28.17
CA GLN Q 34 -38.82 -11.09 -27.51
C GLN Q 34 -37.60 -11.00 -28.44
N GLY Q 35 -37.47 -11.97 -29.34
CA GLY Q 35 -36.37 -12.03 -30.30
C GLY Q 35 -35.23 -12.95 -29.90
N TYR Q 36 -35.44 -13.73 -28.83
CA TYR Q 36 -34.45 -14.70 -28.36
C TYR Q 36 -34.44 -15.95 -29.24
N ILE Q 37 -33.32 -16.69 -29.21
CA ILE Q 37 -33.12 -17.87 -30.04
C ILE Q 37 -33.61 -19.14 -29.30
N PRO Q 38 -34.60 -19.85 -29.87
CA PRO Q 38 -35.10 -21.10 -29.27
C PRO Q 38 -34.18 -22.29 -29.54
N ALA Q 39 -34.10 -23.19 -28.58
CA ALA Q 39 -33.28 -24.41 -28.70
C ALA Q 39 -33.89 -25.60 -27.95
N VAL Q 40 -33.61 -26.80 -28.48
CA VAL Q 40 -34.12 -28.06 -27.91
C VAL Q 40 -32.94 -28.87 -27.35
N GLU Q 41 -33.08 -29.33 -26.11
CA GLU Q 41 -32.07 -30.15 -25.44
C GLU Q 41 -32.69 -31.39 -24.81
N PHE Q 42 -31.94 -32.49 -24.80
CA PHE Q 42 -32.42 -33.77 -24.26
C PHE Q 42 -31.38 -34.49 -23.41
N ASN Q 43 -31.87 -35.23 -22.41
CA ASN Q 43 -31.00 -35.98 -21.48
C ASN Q 43 -31.62 -37.31 -21.05
N GLU Q 44 -30.74 -38.26 -20.76
CA GLU Q 44 -31.11 -39.61 -20.32
C GLU Q 44 -31.75 -39.62 -18.93
N VAL Q 45 -31.11 -38.92 -17.98
CA VAL Q 45 -31.56 -38.84 -16.59
C VAL Q 45 -31.65 -37.36 -16.20
N SER Q 46 -32.57 -37.04 -15.26
CA SER Q 46 -32.68 -35.70 -14.69
C SER Q 46 -32.08 -35.65 -13.28
N GLU Q 47 -30.99 -34.89 -13.13
CA GLU Q 47 -30.30 -34.73 -11.85
C GLU Q 47 -29.96 -33.26 -11.56
N PRO Q 48 -29.97 -32.85 -10.27
CA PRO Q 48 -29.60 -31.48 -9.88
C PRO Q 48 -28.11 -31.14 -10.13
N THR Q 49 -27.24 -32.12 -9.98
CA THR Q 49 -25.78 -31.94 -10.13
C THR Q 49 -25.37 -31.60 -11.58
N GLU Q 50 -25.90 -32.35 -12.54
CA GLU Q 50 -25.61 -32.15 -13.96
C GLU Q 50 -26.26 -30.86 -14.49
N LEU Q 51 -25.45 -30.05 -15.16
CA LEU Q 51 -25.90 -28.78 -15.72
C LEU Q 51 -25.82 -28.74 -17.25
N TYR Q 52 -25.38 -29.86 -17.85
CA TYR Q 52 -25.33 -29.99 -19.30
C TYR Q 52 -26.22 -31.10 -19.84
N TRP Q 53 -27.07 -30.73 -20.79
CA TRP Q 53 -27.89 -31.68 -21.55
C TRP Q 53 -27.42 -31.63 -23.00
N THR Q 54 -27.49 -32.79 -23.67
CA THR Q 54 -27.08 -32.91 -25.07
C THR Q 54 -27.98 -32.05 -25.97
N LEU Q 55 -27.35 -31.15 -26.72
CA LEU Q 55 -28.04 -30.25 -27.63
C LEU Q 55 -28.54 -31.01 -28.85
N TRP Q 56 -29.82 -30.84 -29.15
CA TRP Q 56 -30.45 -31.43 -30.34
C TRP Q 56 -30.26 -30.49 -31.53
N LYS Q 57 -29.60 -31.02 -32.57
CA LYS Q 57 -29.22 -30.27 -33.78
C LYS Q 57 -28.37 -29.03 -33.45
N LEU Q 58 -28.87 -27.85 -33.84
CA LEU Q 58 -28.28 -26.56 -33.48
C LEU Q 58 -29.36 -25.64 -32.94
N PRO Q 59 -28.98 -24.56 -32.18
CA PRO Q 59 -29.99 -23.57 -31.81
C PRO Q 59 -30.59 -22.94 -33.06
N LEU Q 60 -31.92 -22.86 -33.11
CA LEU Q 60 -32.64 -22.37 -34.28
C LEU Q 60 -32.56 -20.86 -34.39
N PHE Q 61 -31.47 -20.38 -35.01
CA PHE Q 61 -31.23 -18.94 -35.22
C PHE Q 61 -32.26 -18.34 -36.18
N GLY Q 62 -32.56 -19.09 -37.24
CA GLY Q 62 -33.58 -18.71 -38.22
C GLY Q 62 -34.91 -19.37 -37.91
N ALA Q 63 -35.79 -18.62 -37.24
CA ALA Q 63 -37.12 -19.09 -36.92
C ALA Q 63 -38.17 -18.03 -37.26
N LYS Q 64 -39.04 -18.38 -38.21
CA LYS Q 64 -40.11 -17.49 -38.67
C LYS Q 64 -41.33 -17.55 -37.76
N THR Q 65 -41.71 -18.76 -37.36
CA THR Q 65 -42.94 -19.01 -36.58
C THR Q 65 -42.69 -20.11 -35.52
N SER Q 66 -43.55 -20.13 -34.50
CA SER Q 66 -43.51 -21.12 -33.40
C SER Q 66 -43.71 -22.57 -33.82
N ARG Q 67 -44.39 -22.77 -34.96
CA ARG Q 67 -44.66 -24.11 -35.52
C ARG Q 67 -43.38 -24.90 -35.84
N GLU Q 68 -42.35 -24.19 -36.31
CA GLU Q 68 -41.04 -24.78 -36.64
C GLU Q 68 -40.35 -25.39 -35.42
N VAL Q 69 -40.47 -24.72 -34.28
CA VAL Q 69 -39.91 -25.18 -32.99
C VAL Q 69 -40.63 -26.47 -32.55
N LEU Q 70 -41.95 -26.47 -32.64
CA LEU Q 70 -42.79 -27.62 -32.25
C LEU Q 70 -42.54 -28.86 -33.11
N ALA Q 71 -42.26 -28.64 -34.39
CA ALA Q 71 -41.90 -29.71 -35.34
C ALA Q 71 -40.58 -30.38 -34.98
N GLU Q 72 -39.63 -29.60 -34.46
CA GLU Q 72 -38.33 -30.10 -34.03
C GLU Q 72 -38.40 -30.85 -32.69
N VAL Q 73 -39.33 -30.41 -31.83
CA VAL Q 73 -39.62 -31.09 -30.55
C VAL Q 73 -40.19 -32.50 -30.81
N GLN Q 74 -41.12 -32.59 -31.76
CA GLN Q 74 -41.74 -33.85 -32.19
C GLN Q 74 -40.73 -34.86 -32.74
N SER Q 75 -39.75 -34.36 -33.49
CA SER Q 75 -38.69 -35.18 -34.08
C SER Q 75 -37.77 -35.81 -33.04
N CYS Q 76 -37.39 -35.01 -32.03
CA CYS Q 76 -36.56 -35.48 -30.92
C CYS Q 76 -37.31 -36.45 -30.00
N ARG Q 77 -38.62 -36.22 -29.86
CA ARG Q 77 -39.51 -37.06 -29.02
C ARG Q 77 -39.74 -38.45 -29.63
N SER Q 78 -39.99 -38.50 -30.93
CA SER Q 78 -40.20 -39.75 -31.66
C SER Q 78 -38.92 -40.59 -31.77
N GLN Q 79 -37.79 -39.89 -31.92
CA GLN Q 79 -36.46 -40.53 -31.98
C GLN Q 79 -36.03 -41.11 -30.62
N TYR Q 80 -36.29 -40.36 -29.55
CA TYR Q 80 -35.94 -40.77 -28.19
C TYR Q 80 -37.19 -40.79 -27.30
N PRO Q 81 -37.84 -41.96 -27.15
CA PRO Q 81 -39.04 -42.06 -26.30
C PRO Q 81 -38.75 -41.97 -24.80
N GLY Q 82 -37.56 -42.41 -24.39
CA GLY Q 82 -37.19 -42.47 -22.98
C GLY Q 82 -36.38 -41.31 -22.42
N HIS Q 83 -36.00 -40.38 -23.28
CA HIS Q 83 -35.19 -39.22 -22.88
C HIS Q 83 -36.06 -38.01 -22.51
N TYR Q 84 -35.64 -37.31 -21.45
CA TYR Q 84 -36.23 -36.03 -21.06
C TYR Q 84 -35.94 -34.98 -22.13
N ILE Q 85 -36.94 -34.19 -22.50
CA ILE Q 85 -36.77 -33.13 -23.50
C ILE Q 85 -37.20 -31.78 -22.93
N ARG Q 86 -36.33 -30.79 -23.06
CA ARG Q 86 -36.61 -29.42 -22.61
C ARG Q 86 -36.40 -28.37 -23.71
N VAL Q 87 -37.08 -27.24 -23.57
CA VAL Q 87 -36.96 -26.11 -24.49
C VAL Q 87 -36.27 -24.95 -23.76
N VAL Q 88 -35.17 -24.46 -24.34
CA VAL Q 88 -34.42 -23.33 -23.78
C VAL Q 88 -34.37 -22.13 -24.74
N GLY Q 89 -34.26 -20.93 -24.17
CA GLY Q 89 -34.11 -19.70 -24.95
C GLY Q 89 -32.83 -18.98 -24.64
N PHE Q 90 -32.06 -18.63 -25.68
CA PHE Q 90 -30.80 -17.91 -25.54
C PHE Q 90 -30.92 -16.43 -25.89
N ASP Q 91 -30.37 -15.58 -25.02
CA ASP Q 91 -30.28 -14.14 -25.27
C ASP Q 91 -28.82 -13.77 -25.55
N ASN Q 92 -28.60 -13.13 -26.69
CA ASN Q 92 -27.24 -12.79 -27.16
C ASN Q 92 -26.60 -11.58 -26.48
N ILE Q 93 -27.42 -10.57 -26.18
CA ILE Q 93 -26.95 -9.32 -25.55
C ILE Q 93 -26.54 -9.54 -24.08
N LYS Q 94 -27.43 -10.13 -23.30
CA LYS Q 94 -27.19 -10.39 -21.88
C LYS Q 94 -26.31 -11.63 -21.64
N GLN Q 95 -26.23 -12.50 -22.66
CA GLN Q 95 -25.45 -13.74 -22.64
C GLN Q 95 -25.91 -14.72 -21.54
N CYS Q 96 -27.24 -14.83 -21.41
CA CYS Q 96 -27.86 -15.66 -20.39
C CYS Q 96 -29.20 -16.22 -20.87
N GLN Q 97 -29.54 -17.41 -20.39
CA GLN Q 97 -30.80 -18.08 -20.72
C GLN Q 97 -31.99 -17.40 -20.03
N ILE Q 98 -32.99 -17.04 -20.81
CA ILE Q 98 -34.16 -16.32 -20.30
C ILE Q 98 -35.26 -17.27 -19.81
N LEU Q 99 -35.54 -18.32 -20.58
CA LEU Q 99 -36.55 -19.30 -20.19
C LEU Q 99 -36.11 -20.74 -20.48
N SER Q 100 -36.43 -21.63 -19.54
CA SER Q 100 -36.16 -23.07 -19.66
C SER Q 100 -37.29 -23.88 -19.03
N PHE Q 101 -37.86 -24.80 -19.81
CA PHE Q 101 -38.97 -25.66 -19.36
C PHE Q 101 -38.99 -27.03 -20.04
N ILE Q 102 -39.48 -28.04 -19.31
CA ILE Q 102 -39.54 -29.43 -19.78
C ILE Q 102 -40.87 -29.74 -20.48
N VAL Q 103 -40.76 -30.27 -21.70
CA VAL Q 103 -41.93 -30.65 -22.51
C VAL Q 103 -42.21 -32.16 -22.56
N HIS Q 104 -41.18 -32.97 -22.25
CA HIS Q 104 -41.30 -34.42 -22.30
C HIS Q 104 -40.54 -35.15 -21.20
N LYS Q 105 -41.16 -36.22 -20.70
CA LYS Q 105 -40.63 -37.05 -19.62
C LYS Q 105 -40.43 -38.50 -20.10
N PRO Q 106 -39.70 -39.36 -19.32
CA PRO Q 106 -39.49 -40.74 -19.78
C PRO Q 106 -40.80 -41.52 -19.79
N SER Q 107 -41.28 -41.81 -21.00
CA SER Q 107 -42.57 -42.47 -21.23
C SER Q 107 -42.58 -43.90 -20.67
N ARG Q 108 -43.06 -44.01 -19.43
CA ARG Q 108 -43.10 -45.26 -18.65
C ARG Q 108 -41.74 -45.95 -18.49
N MET R 1 58.00 -21.22 35.52
CA MET R 1 56.83 -20.88 34.65
C MET R 1 56.72 -19.37 34.40
N GLN R 2 56.22 -19.02 33.23
CA GLN R 2 55.98 -17.62 32.84
C GLN R 2 54.61 -17.40 32.23
N THR R 3 54.07 -16.20 32.44
CA THR R 3 52.80 -15.78 31.84
C THR R 3 53.08 -14.94 30.60
N LEU R 4 52.39 -15.27 29.50
CA LEU R 4 52.53 -14.56 28.22
C LEU R 4 51.94 -13.15 28.32
N PRO R 5 52.76 -12.11 27.97
CA PRO R 5 52.29 -10.73 27.99
C PRO R 5 51.31 -10.45 26.85
N LYS R 6 50.31 -9.61 27.13
CA LYS R 6 49.28 -9.24 26.15
C LYS R 6 49.85 -8.31 25.08
N GLU R 7 49.69 -8.72 23.83
CA GLU R 7 50.21 -7.99 22.68
C GLU R 7 49.24 -8.09 21.49
N ARG R 8 49.27 -7.07 20.63
CA ARG R 8 48.46 -7.04 19.42
C ARG R 8 49.27 -7.56 18.23
N ARG R 9 48.70 -8.55 17.54
CA ARG R 9 49.38 -9.20 16.41
C ARG R 9 48.82 -8.74 15.06
N TYR R 10 49.64 -8.89 14.01
CA TYR R 10 49.36 -8.34 12.69
C TYR R 10 49.56 -9.40 11.60
N GLU R 11 48.73 -10.44 11.63
CA GLU R 11 48.76 -11.57 10.69
C GLU R 11 50.12 -12.29 10.61
N THR R 12 50.61 -12.51 9.38
CA THR R 12 51.86 -13.21 9.12
C THR R 12 53.09 -12.37 9.51
N LEU R 13 54.10 -13.04 10.07
CA LEU R 13 55.42 -12.48 10.43
C LEU R 13 55.44 -11.48 11.62
N SER R 14 54.32 -11.38 12.33
CA SER R 14 54.22 -10.49 13.50
C SER R 14 54.97 -11.00 14.73
N TYR R 15 55.13 -12.32 14.82
CA TYR R 15 55.74 -13.00 15.97
C TYR R 15 57.27 -12.95 15.98
N LEU R 16 57.85 -13.01 14.78
CA LEU R 16 59.29 -12.88 14.58
C LEU R 16 59.78 -11.45 14.94
N PRO R 17 61.07 -11.29 15.31
CA PRO R 17 61.64 -9.95 15.54
C PRO R 17 61.43 -9.01 14.34
N PRO R 18 61.21 -7.70 14.60
CA PRO R 18 60.90 -6.72 13.54
C PRO R 18 61.88 -6.80 12.37
N LEU R 19 61.33 -6.87 11.16
CA LEU R 19 62.11 -7.16 9.95
C LEU R 19 63.04 -6.03 9.53
N THR R 20 64.31 -6.39 9.33
CA THR R 20 65.34 -5.48 8.81
C THR R 20 65.08 -5.23 7.32
N ASP R 21 65.62 -4.13 6.79
CA ASP R 21 65.49 -3.75 5.37
C ASP R 21 65.98 -4.84 4.40
N VAL R 22 67.00 -5.59 4.80
CA VAL R 22 67.52 -6.74 4.05
C VAL R 22 66.48 -7.85 3.97
N GLN R 23 65.81 -8.11 5.10
CA GLN R 23 64.79 -9.16 5.20
C GLN R 23 63.57 -8.90 4.33
N ILE R 24 63.15 -7.62 4.24
CA ILE R 24 62.06 -7.19 3.36
C ILE R 24 62.44 -7.43 1.89
N GLU R 25 63.65 -7.02 1.51
CA GLU R 25 64.21 -7.22 0.17
C GLU R 25 64.20 -8.71 -0.25
N LYS R 26 64.51 -9.59 0.68
CA LYS R 26 64.49 -11.05 0.46
C LYS R 26 63.07 -11.59 0.23
N GLN R 27 62.10 -11.05 0.97
CA GLN R 27 60.68 -11.42 0.85
C GLN R 27 60.07 -10.89 -0.45
N VAL R 28 60.48 -9.68 -0.85
CA VAL R 28 60.05 -9.06 -2.11
C VAL R 28 60.62 -9.82 -3.31
N GLN R 29 61.88 -10.24 -3.19
CA GLN R 29 62.56 -11.04 -4.21
C GLN R 29 61.85 -12.38 -4.47
N TYR R 30 61.30 -12.98 -3.42
CA TYR R 30 60.51 -14.21 -3.50
C TYR R 30 59.29 -14.06 -4.41
N ILE R 31 58.52 -12.98 -4.20
CA ILE R 31 57.31 -12.66 -4.99
C ILE R 31 57.65 -12.53 -6.48
N LEU R 32 58.76 -11.85 -6.77
CA LEU R 32 59.21 -11.62 -8.16
C LEU R 32 59.77 -12.86 -8.84
N SER R 33 60.49 -13.69 -8.08
CA SER R 33 61.04 -14.96 -8.58
C SER R 33 59.92 -15.95 -8.93
N GLN R 34 58.83 -15.89 -8.18
CA GLN R 34 57.62 -16.66 -8.46
C GLN R 34 56.86 -16.13 -9.68
N GLY R 35 56.97 -14.82 -9.91
CA GLY R 35 56.30 -14.15 -11.03
C GLY R 35 55.01 -13.45 -10.66
N TYR R 36 54.70 -13.37 -9.37
CA TYR R 36 53.51 -12.69 -8.87
C TYR R 36 53.70 -11.16 -8.89
N ILE R 37 52.58 -10.44 -8.91
CA ILE R 37 52.58 -8.98 -8.99
C ILE R 37 52.60 -8.35 -7.59
N PRO R 38 53.66 -7.56 -7.28
CA PRO R 38 53.74 -6.88 -5.98
C PRO R 38 52.88 -5.63 -5.91
N ALA R 39 52.32 -5.35 -4.73
CA ALA R 39 51.49 -4.17 -4.50
C ALA R 39 51.63 -3.62 -3.08
N VAL R 40 51.44 -2.31 -2.95
CA VAL R 40 51.54 -1.59 -1.68
C VAL R 40 50.16 -1.07 -1.27
N GLU R 41 49.77 -1.34 -0.03
CA GLU R 41 48.49 -0.88 0.54
C GLU R 41 48.69 -0.25 1.90
N PHE R 42 47.88 0.76 2.21
CA PHE R 42 47.98 1.51 3.45
C PHE R 42 46.62 1.79 4.09
N ASN R 43 46.59 1.85 5.43
CA ASN R 43 45.36 2.10 6.19
C ASN R 43 45.62 2.93 7.45
N GLU R 44 44.59 3.68 7.85
CA GLU R 44 44.62 4.55 9.02
C GLU R 44 44.68 3.75 10.33
N VAL R 45 43.81 2.74 10.45
CA VAL R 45 43.70 1.90 11.64
C VAL R 45 43.80 0.43 11.21
N SER R 46 44.32 -0.42 12.09
CA SER R 46 44.36 -1.88 11.87
C SER R 46 43.28 -2.59 12.70
N GLU R 47 42.32 -3.19 12.00
CA GLU R 47 41.20 -3.92 12.64
C GLU R 47 40.96 -5.27 11.96
N PRO R 48 40.52 -6.29 12.74
CA PRO R 48 40.18 -7.61 12.18
C PRO R 48 38.96 -7.61 11.25
N THR R 49 37.98 -6.74 11.53
CA THR R 49 36.72 -6.66 10.78
C THR R 49 36.93 -6.15 9.35
N GLU R 50 37.71 -5.08 9.21
CA GLU R 50 38.00 -4.48 7.90
C GLU R 50 38.94 -5.35 7.07
N LEU R 51 38.53 -5.60 5.82
CA LEU R 51 39.31 -6.43 4.90
C LEU R 51 39.81 -5.65 3.68
N TYR R 52 39.52 -4.35 3.65
CA TYR R 52 39.99 -3.47 2.58
C TYR R 52 40.89 -2.34 3.09
N TRP R 53 42.08 -2.26 2.49
CA TRP R 53 43.02 -1.17 2.70
C TRP R 53 43.14 -0.38 1.41
N THR R 54 43.33 0.94 1.53
CA THR R 54 43.47 1.82 0.36
C THR R 54 44.73 1.46 -0.43
N LEU R 55 44.53 1.16 -1.71
CA LEU R 55 45.62 0.80 -2.62
C LEU R 55 46.45 2.02 -2.98
N TRP R 56 47.76 1.88 -2.80
CA TRP R 56 48.72 2.93 -3.16
C TRP R 56 49.11 2.79 -4.63
N LYS R 57 48.84 3.85 -5.39
CA LYS R 57 49.03 3.90 -6.87
C LYS R 57 48.27 2.77 -7.58
N LEU R 58 49.00 1.92 -8.29
CA LEU R 58 48.46 0.72 -8.93
C LEU R 58 49.35 -0.49 -8.58
N PRO R 59 48.84 -1.73 -8.72
CA PRO R 59 49.73 -2.88 -8.57
C PRO R 59 50.84 -2.82 -9.62
N LEU R 60 52.08 -3.02 -9.19
CA LEU R 60 53.24 -2.89 -10.07
C LEU R 60 53.38 -4.12 -10.97
N PHE R 61 52.67 -4.07 -12.11
CA PHE R 61 52.68 -5.15 -13.11
C PHE R 61 54.05 -5.27 -13.77
N GLY R 62 54.65 -4.12 -14.07
CA GLY R 62 56.00 -4.05 -14.64
C GLY R 62 57.03 -3.80 -13.56
N ALA R 63 57.68 -4.88 -13.11
CA ALA R 63 58.73 -4.80 -12.10
C ALA R 63 59.94 -5.63 -12.52
N LYS R 64 61.06 -4.94 -12.74
CA LYS R 64 62.31 -5.57 -13.14
C LYS R 64 63.08 -6.14 -11.96
N THR R 65 63.15 -5.36 -10.87
CA THR R 65 63.94 -5.70 -9.68
C THR R 65 63.19 -5.30 -8.39
N SER R 66 63.59 -5.91 -7.27
CA SER R 66 63.03 -5.65 -5.94
C SER R 66 63.21 -4.22 -5.42
N ARG R 67 64.24 -3.53 -5.93
CA ARG R 67 64.55 -2.14 -5.56
C ARG R 67 63.41 -1.16 -5.87
N GLU R 68 62.73 -1.40 -7.00
CA GLU R 68 61.58 -0.59 -7.43
C GLU R 68 60.42 -0.62 -6.45
N VAL R 69 60.16 -1.80 -5.88
CA VAL R 69 59.12 -2.01 -4.86
C VAL R 69 59.46 -1.24 -3.59
N LEU R 70 60.71 -1.33 -3.15
CA LEU R 70 61.21 -0.66 -1.93
C LEU R 70 61.17 0.86 -2.04
N ALA R 71 61.43 1.38 -3.24
CA ALA R 71 61.34 2.81 -3.53
C ALA R 71 59.90 3.34 -3.42
N GLU R 72 58.93 2.51 -3.79
CA GLU R 72 57.50 2.85 -3.69
C GLU R 72 56.99 2.78 -2.24
N VAL R 73 57.56 1.86 -1.46
CA VAL R 73 57.26 1.74 -0.02
C VAL R 73 57.73 2.99 0.73
N GLN R 74 58.94 3.47 0.40
CA GLN R 74 59.52 4.68 0.98
C GLN R 74 58.69 5.94 0.70
N SER R 75 58.13 6.02 -0.51
CA SER R 75 57.29 7.14 -0.94
C SER R 75 55.98 7.22 -0.16
N CYS R 76 55.34 6.07 0.05
CA CYS R 76 54.10 5.97 0.83
C CYS R 76 54.33 6.24 2.32
N ARG R 77 55.51 5.82 2.82
CA ARG R 77 55.90 5.99 4.22
C ARG R 77 56.20 7.46 4.57
N SER R 78 56.93 8.14 3.70
CA SER R 78 57.25 9.57 3.87
C SER R 78 56.02 10.47 3.75
N GLN R 79 55.11 10.09 2.85
CA GLN R 79 53.85 10.81 2.63
C GLN R 79 52.88 10.65 3.80
N TYR R 80 52.79 9.41 4.33
CA TYR R 80 51.91 9.09 5.44
C TYR R 80 52.71 8.50 6.61
N PRO R 81 53.13 9.34 7.58
CA PRO R 81 53.91 8.85 8.74
C PRO R 81 53.07 8.02 9.72
N GLY R 82 51.78 8.30 9.81
CA GLY R 82 50.89 7.66 10.79
C GLY R 82 50.06 6.49 10.30
N HIS R 83 50.14 6.18 9.01
CA HIS R 83 49.39 5.09 8.40
C HIS R 83 50.17 3.78 8.39
N TYR R 84 49.47 2.68 8.67
CA TYR R 84 50.00 1.32 8.53
C TYR R 84 50.25 1.04 7.05
N ILE R 85 51.41 0.44 6.74
CA ILE R 85 51.75 0.10 5.35
C ILE R 85 52.07 -1.41 5.26
N ARG R 86 51.43 -2.07 4.30
CA ARG R 86 51.68 -3.49 4.02
C ARG R 86 52.02 -3.77 2.56
N VAL R 87 52.72 -4.88 2.34
CA VAL R 87 53.08 -5.36 0.99
C VAL R 87 52.30 -6.63 0.69
N VAL R 88 51.57 -6.61 -0.43
CA VAL R 88 50.79 -7.78 -0.88
C VAL R 88 51.25 -8.28 -2.25
N GLY R 89 51.05 -9.59 -2.50
CA GLY R 89 51.37 -10.20 -3.79
C GLY R 89 50.14 -10.84 -4.42
N PHE R 90 49.88 -10.50 -5.68
CA PHE R 90 48.73 -11.03 -6.42
C PHE R 90 49.15 -12.11 -7.41
N ASP R 91 48.41 -13.23 -7.40
CA ASP R 91 48.58 -14.31 -8.38
C ASP R 91 47.39 -14.30 -9.34
N ASN R 92 47.69 -14.23 -10.64
CA ASN R 92 46.66 -14.11 -11.68
C ASN R 92 45.95 -15.42 -12.04
N ILE R 93 46.70 -16.53 -12.02
CA ILE R 93 46.18 -17.86 -12.37
C ILE R 93 45.22 -18.38 -11.30
N LYS R 94 45.68 -18.40 -10.05
CA LYS R 94 44.88 -18.89 -8.92
C LYS R 94 43.84 -17.87 -8.42
N GLN R 95 44.06 -16.60 -8.78
CA GLN R 95 43.18 -15.48 -8.41
C GLN R 95 43.09 -15.27 -6.88
N CYS R 96 44.25 -15.40 -6.22
CA CYS R 96 44.35 -15.30 -4.77
C CYS R 96 45.69 -14.72 -4.35
N GLN R 97 45.70 -14.01 -3.22
CA GLN R 97 46.91 -13.42 -2.65
C GLN R 97 47.79 -14.49 -2.03
N ILE R 98 49.06 -14.49 -2.43
CA ILE R 98 50.02 -15.51 -1.97
C ILE R 98 50.73 -15.08 -0.68
N LEU R 99 51.16 -13.82 -0.62
CA LEU R 99 51.83 -13.30 0.58
C LEU R 99 51.38 -11.89 0.94
N SER R 100 51.23 -11.65 2.24
CA SER R 100 50.85 -10.34 2.79
C SER R 100 51.57 -10.12 4.12
N PHE R 101 52.30 -9.00 4.22
CA PHE R 101 53.04 -8.63 5.44
C PHE R 101 53.18 -7.12 5.66
N ILE R 102 53.23 -6.71 6.92
CA ILE R 102 53.30 -5.30 7.31
C ILE R 102 54.75 -4.81 7.45
N VAL R 103 55.06 -3.71 6.75
CA VAL R 103 56.40 -3.09 6.77
C VAL R 103 56.49 -1.83 7.62
N HIS R 104 55.35 -1.20 7.89
CA HIS R 104 55.31 0.06 8.66
C HIS R 104 54.12 0.17 9.59
N LYS R 105 54.37 0.75 10.76
CA LYS R 105 53.38 0.94 11.83
C LYS R 105 53.22 2.45 12.14
N PRO R 106 52.16 2.85 12.90
CA PRO R 106 51.98 4.27 13.20
C PRO R 106 53.11 4.79 14.10
N SER R 107 53.97 5.61 13.50
CA SER R 107 55.16 6.15 14.16
C SER R 107 54.80 7.06 15.34
N ARG R 108 54.77 6.46 16.52
CA ARG R 108 54.37 7.09 17.80
C ARG R 108 52.97 7.76 17.75
N MET S 1 -29.35 -31.82 -41.81
CA MET S 1 -28.61 -31.95 -40.52
C MET S 1 -28.94 -33.24 -39.78
N GLN S 2 -27.95 -33.76 -39.06
CA GLN S 2 -28.10 -35.00 -38.27
C GLN S 2 -27.42 -34.88 -36.92
N THR S 3 -28.09 -35.41 -35.90
CA THR S 3 -27.54 -35.47 -34.53
C THR S 3 -26.77 -36.79 -34.36
N LEU S 4 -25.58 -36.69 -33.78
CA LEU S 4 -24.69 -37.84 -33.59
C LEU S 4 -25.22 -38.79 -32.50
N PRO S 5 -25.40 -40.08 -32.85
CA PRO S 5 -25.85 -41.09 -31.87
C PRO S 5 -24.78 -41.40 -30.83
N LYS S 6 -25.21 -41.69 -29.60
CA LYS S 6 -24.31 -42.00 -28.49
C LYS S 6 -23.82 -43.44 -28.59
N GLU S 7 -22.50 -43.60 -28.64
CA GLU S 7 -21.86 -44.91 -28.79
C GLU S 7 -20.54 -44.95 -28.04
N ARG S 8 -20.27 -46.09 -27.41
CA ARG S 8 -19.01 -46.31 -26.68
C ARG S 8 -17.88 -46.65 -27.66
N ARG S 9 -16.75 -45.98 -27.49
CA ARG S 9 -15.61 -46.11 -28.40
C ARG S 9 -14.40 -46.80 -27.75
N TYR S 10 -13.56 -47.39 -28.60
CA TYR S 10 -12.48 -48.27 -28.14
C TYR S 10 -11.12 -47.90 -28.74
N GLU S 11 -10.67 -46.68 -28.42
CA GLU S 11 -9.38 -46.12 -28.83
C GLU S 11 -9.13 -46.12 -30.35
N THR S 12 -8.00 -46.68 -30.79
CA THR S 12 -7.57 -46.64 -32.19
C THR S 12 -8.42 -47.55 -33.09
N LEU S 13 -8.71 -47.05 -34.29
CA LEU S 13 -9.42 -47.76 -35.37
C LEU S 13 -10.91 -48.08 -35.11
N SER S 14 -11.43 -47.62 -33.97
CA SER S 14 -12.78 -47.94 -33.50
C SER S 14 -13.92 -47.22 -34.25
N TYR S 15 -13.58 -46.17 -35.00
CA TYR S 15 -14.55 -45.38 -35.75
C TYR S 15 -14.82 -45.92 -37.15
N LEU S 16 -13.84 -46.62 -37.72
CA LEU S 16 -13.97 -47.33 -38.98
C LEU S 16 -14.85 -48.58 -38.80
N PRO S 17 -15.57 -49.02 -39.87
CA PRO S 17 -16.36 -50.27 -39.85
C PRO S 17 -15.54 -51.50 -39.41
N PRO S 18 -16.16 -52.45 -38.67
CA PRO S 18 -15.48 -53.60 -38.05
C PRO S 18 -14.52 -54.34 -38.98
N LEU S 19 -13.32 -54.63 -38.46
CA LEU S 19 -12.23 -55.20 -39.24
C LEU S 19 -12.44 -56.68 -39.56
N THR S 20 -12.25 -57.02 -40.84
CA THR S 20 -12.30 -58.39 -41.33
C THR S 20 -10.98 -59.11 -41.01
N ASP S 21 -10.98 -60.44 -41.11
CA ASP S 21 -9.80 -61.28 -40.89
C ASP S 21 -8.62 -60.94 -41.79
N VAL S 22 -8.93 -60.44 -42.99
CA VAL S 22 -7.93 -59.95 -43.96
C VAL S 22 -7.27 -58.66 -43.45
N GLN S 23 -8.09 -57.76 -42.91
CA GLN S 23 -7.65 -56.46 -42.41
C GLN S 23 -6.76 -56.54 -41.16
N ILE S 24 -7.11 -57.47 -40.26
CA ILE S 24 -6.32 -57.74 -39.05
C ILE S 24 -4.96 -58.34 -39.42
N GLU S 25 -4.96 -59.23 -40.42
CA GLU S 25 -3.74 -59.85 -40.95
C GLU S 25 -2.75 -58.82 -41.52
N LYS S 26 -3.29 -57.77 -42.15
CA LYS S 26 -2.49 -56.67 -42.72
C LYS S 26 -1.89 -55.76 -41.64
N GLN S 27 -2.62 -55.58 -40.54
CA GLN S 27 -2.16 -54.77 -39.40
C GLN S 27 -1.08 -55.49 -38.60
N VAL S 28 -1.20 -56.81 -38.48
CA VAL S 28 -0.20 -57.68 -37.82
C VAL S 28 1.08 -57.75 -38.68
N GLN S 29 0.90 -57.84 -40.00
CA GLN S 29 2.02 -57.84 -40.96
C GLN S 29 2.85 -56.56 -40.90
N TYR S 30 2.18 -55.43 -40.61
CA TYR S 30 2.83 -54.14 -40.40
C TYR S 30 3.78 -54.14 -39.17
N ILE S 31 3.33 -54.78 -38.09
CA ILE S 31 4.11 -54.91 -36.85
C ILE S 31 5.39 -55.72 -37.09
N LEU S 32 5.25 -56.83 -37.81
CA LEU S 32 6.37 -57.74 -38.07
C LEU S 32 7.37 -57.23 -39.10
N SER S 33 6.88 -56.43 -40.06
CA SER S 33 7.74 -55.82 -41.09
C SER S 33 8.69 -54.77 -40.53
N GLN S 34 8.22 -54.04 -39.52
CA GLN S 34 9.04 -53.02 -38.83
C GLN S 34 10.08 -53.67 -37.92
N GLY S 35 9.70 -54.77 -37.27
CA GLY S 35 10.57 -55.48 -36.33
C GLY S 35 10.16 -55.32 -34.87
N TYR S 36 8.86 -55.20 -34.63
CA TYR S 36 8.30 -55.10 -33.29
C TYR S 36 7.72 -56.44 -32.82
N ILE S 37 7.66 -56.62 -31.49
CA ILE S 37 7.16 -57.85 -30.87
C ILE S 37 5.63 -57.76 -30.70
N PRO S 38 4.88 -58.71 -31.30
CA PRO S 38 3.43 -58.79 -31.12
C PRO S 38 3.03 -59.49 -29.84
N ALA S 39 1.96 -59.02 -29.21
CA ALA S 39 1.43 -59.60 -27.97
C ALA S 39 -0.10 -59.50 -27.88
N VAL S 40 -0.71 -60.47 -27.17
CA VAL S 40 -2.16 -60.52 -26.98
C VAL S 40 -2.50 -60.22 -25.51
N GLU S 41 -3.46 -59.32 -25.31
CA GLU S 41 -3.98 -58.98 -23.99
C GLU S 41 -5.50 -59.12 -23.91
N PHE S 42 -5.99 -59.57 -22.75
CA PHE S 42 -7.43 -59.76 -22.53
C PHE S 42 -7.90 -59.15 -21.20
N ASN S 43 -9.14 -58.68 -21.18
CA ASN S 43 -9.76 -58.10 -19.98
C ASN S 43 -11.26 -58.34 -19.92
N GLU S 44 -11.80 -58.37 -18.70
CA GLU S 44 -13.22 -58.61 -18.43
C GLU S 44 -14.09 -57.41 -18.83
N VAL S 45 -13.68 -56.20 -18.42
CA VAL S 45 -14.41 -54.96 -18.67
C VAL S 45 -13.48 -53.91 -19.28
N SER S 46 -13.99 -53.19 -20.28
CA SER S 46 -13.27 -52.07 -20.90
C SER S 46 -13.61 -50.75 -20.20
N GLU S 47 -12.60 -50.16 -19.55
CA GLU S 47 -12.74 -48.89 -18.82
C GLU S 47 -11.57 -47.94 -19.10
N PRO S 48 -11.84 -46.62 -19.18
CA PRO S 48 -10.76 -45.63 -19.41
C PRO S 48 -9.81 -45.43 -18.23
N THR S 49 -10.27 -45.77 -17.02
CA THR S 49 -9.49 -45.62 -15.79
C THR S 49 -8.37 -46.68 -15.68
N GLU S 50 -8.70 -47.94 -15.94
CA GLU S 50 -7.73 -49.03 -15.88
C GLU S 50 -6.80 -49.06 -17.09
N LEU S 51 -5.50 -49.15 -16.82
CA LEU S 51 -4.47 -49.11 -17.86
C LEU S 51 -3.64 -50.41 -17.96
N TYR S 52 -4.05 -51.42 -17.20
CA TYR S 52 -3.46 -52.76 -17.30
C TYR S 52 -4.48 -53.83 -17.65
N TRP S 53 -4.12 -54.66 -18.62
CA TRP S 53 -4.91 -55.81 -19.05
C TRP S 53 -4.11 -57.08 -18.77
N THR S 54 -4.82 -58.20 -18.59
CA THR S 54 -4.18 -59.50 -18.33
C THR S 54 -3.48 -60.02 -19.59
N LEU S 55 -2.19 -60.31 -19.45
CA LEU S 55 -1.35 -60.77 -20.55
C LEU S 55 -1.60 -62.25 -20.85
N TRP S 56 -1.92 -62.53 -22.11
CA TRP S 56 -2.16 -63.90 -22.59
C TRP S 56 -0.82 -64.57 -22.94
N LYS S 57 -0.51 -65.64 -22.20
CA LYS S 57 0.75 -66.39 -22.31
C LYS S 57 1.99 -65.49 -22.12
N LEU S 58 2.73 -65.26 -23.20
CA LEU S 58 3.90 -64.37 -23.22
C LEU S 58 3.96 -63.62 -24.56
N PRO S 59 4.63 -62.43 -24.59
CA PRO S 59 4.86 -61.77 -25.89
C PRO S 59 5.62 -62.66 -26.86
N LEU S 60 5.17 -62.69 -28.11
CA LEU S 60 5.71 -63.58 -29.12
C LEU S 60 7.03 -63.03 -29.69
N PHE S 61 8.13 -63.32 -28.98
CA PHE S 61 9.47 -62.87 -29.37
C PHE S 61 9.95 -63.55 -30.64
N GLY S 62 9.66 -64.84 -30.77
CA GLY S 62 9.96 -65.62 -31.96
C GLY S 62 8.72 -65.82 -32.81
N ALA S 63 8.49 -64.87 -33.73
CA ALA S 63 7.35 -64.94 -34.65
C ALA S 63 7.81 -64.75 -36.10
N LYS S 64 7.72 -65.82 -36.88
CA LYS S 64 8.17 -65.82 -38.27
C LYS S 64 7.12 -65.26 -39.23
N THR S 65 5.87 -65.67 -39.04
CA THR S 65 4.76 -65.30 -39.94
C THR S 65 3.57 -64.76 -39.13
N SER S 66 2.71 -63.98 -39.80
CA SER S 66 1.50 -63.39 -39.21
C SER S 66 0.43 -64.41 -38.81
N ARG S 67 0.51 -65.61 -39.38
CA ARG S 67 -0.40 -66.73 -39.07
C ARG S 67 -0.23 -67.22 -37.62
N GLU S 68 0.99 -67.14 -37.10
CA GLU S 68 1.32 -67.54 -35.73
C GLU S 68 0.67 -66.64 -34.66
N VAL S 69 0.49 -65.37 -35.01
CA VAL S 69 -0.19 -64.39 -34.14
C VAL S 69 -1.69 -64.64 -34.09
N LEU S 70 -2.29 -64.81 -35.27
CA LEU S 70 -3.74 -65.05 -35.42
C LEU S 70 -4.21 -66.38 -34.82
N ALA S 71 -3.31 -67.36 -34.79
CA ALA S 71 -3.57 -68.66 -34.14
C ALA S 71 -3.69 -68.54 -32.63
N GLU S 72 -2.89 -67.64 -32.04
CA GLU S 72 -2.91 -67.37 -30.60
C GLU S 72 -4.13 -66.57 -30.16
N VAL S 73 -4.64 -65.73 -31.07
CA VAL S 73 -5.87 -64.94 -30.86
C VAL S 73 -7.09 -65.87 -30.82
N GLN S 74 -7.09 -66.87 -31.71
CA GLN S 74 -8.15 -67.90 -31.78
C GLN S 74 -8.22 -68.76 -30.52
N SER S 75 -7.04 -69.06 -29.94
CA SER S 75 -6.93 -69.83 -28.71
C SER S 75 -7.47 -69.09 -27.49
N CYS S 76 -7.23 -67.78 -27.46
CA CYS S 76 -7.72 -66.89 -26.38
C CYS S 76 -9.23 -66.64 -26.48
N ARG S 77 -9.73 -66.55 -27.72
CA ARG S 77 -11.15 -66.32 -28.01
C ARG S 77 -12.03 -67.52 -27.63
N SER S 78 -11.55 -68.73 -27.95
CA SER S 78 -12.25 -69.97 -27.62
C SER S 78 -12.26 -70.24 -26.11
N GLN S 79 -11.19 -69.86 -25.42
CA GLN S 79 -11.06 -70.01 -23.97
C GLN S 79 -11.94 -68.99 -23.23
N TYR S 80 -11.86 -67.71 -23.62
CA TYR S 80 -12.66 -66.64 -23.03
C TYR S 80 -13.57 -65.98 -24.08
N PRO S 81 -14.83 -66.45 -24.20
CA PRO S 81 -15.78 -65.87 -25.14
C PRO S 81 -16.37 -64.53 -24.66
N GLY S 82 -16.34 -64.29 -23.35
CA GLY S 82 -16.93 -63.10 -22.75
C GLY S 82 -15.99 -61.93 -22.52
N HIS S 83 -14.69 -62.17 -22.64
CA HIS S 83 -13.66 -61.16 -22.41
C HIS S 83 -13.33 -60.36 -23.69
N TYR S 84 -12.96 -59.09 -23.50
CA TYR S 84 -12.37 -58.27 -24.56
C TYR S 84 -10.97 -58.78 -24.89
N ILE S 85 -10.59 -58.70 -26.17
CA ILE S 85 -9.25 -59.11 -26.62
C ILE S 85 -8.67 -58.04 -27.54
N ARG S 86 -7.42 -57.63 -27.27
CA ARG S 86 -6.69 -56.67 -28.10
C ARG S 86 -5.27 -57.15 -28.46
N VAL S 87 -4.73 -56.58 -29.54
CA VAL S 87 -3.38 -56.86 -30.01
C VAL S 87 -2.48 -55.65 -29.77
N VAL S 88 -1.33 -55.88 -29.12
CA VAL S 88 -0.35 -54.82 -28.84
C VAL S 88 1.03 -55.12 -29.44
N GLY S 89 1.74 -54.06 -29.83
CA GLY S 89 3.09 -54.14 -30.38
C GLY S 89 4.10 -53.37 -29.55
N PHE S 90 5.11 -54.08 -29.05
CA PHE S 90 6.17 -53.50 -28.22
C PHE S 90 7.42 -53.18 -29.04
N ASP S 91 8.03 -52.03 -28.74
CA ASP S 91 9.33 -51.66 -29.28
C ASP S 91 10.39 -51.74 -28.17
N ASN S 92 11.51 -52.39 -28.48
CA ASN S 92 12.58 -52.61 -27.50
C ASN S 92 13.59 -51.46 -27.41
N ILE S 93 13.82 -50.78 -28.53
CA ILE S 93 14.77 -49.67 -28.62
C ILE S 93 14.19 -48.39 -28.00
N LYS S 94 12.97 -48.03 -28.40
CA LYS S 94 12.29 -46.84 -27.88
C LYS S 94 11.64 -47.05 -26.51
N GLN S 95 11.36 -48.32 -26.17
CA GLN S 95 10.73 -48.71 -24.89
C GLN S 95 9.33 -48.07 -24.73
N CYS S 96 8.47 -48.36 -25.71
CA CYS S 96 7.09 -47.83 -25.78
C CYS S 96 6.24 -48.66 -26.73
N GLN S 97 4.93 -48.69 -26.48
CA GLN S 97 3.98 -49.39 -27.35
C GLN S 97 3.72 -48.61 -28.63
N ILE S 98 3.81 -49.31 -29.76
CA ILE S 98 3.65 -48.70 -31.09
C ILE S 98 2.20 -48.71 -31.56
N LEU S 99 1.55 -49.88 -31.50
CA LEU S 99 0.18 -50.05 -31.96
C LEU S 99 -0.67 -50.86 -30.99
N SER S 100 -1.93 -50.45 -30.83
CA SER S 100 -2.88 -51.11 -29.95
C SER S 100 -4.30 -51.02 -30.51
N PHE S 101 -4.89 -52.18 -30.85
CA PHE S 101 -6.25 -52.24 -31.39
C PHE S 101 -7.03 -53.49 -30.95
N ILE S 102 -8.35 -53.32 -30.77
CA ILE S 102 -9.25 -54.37 -30.29
C ILE S 102 -9.74 -55.28 -31.43
N VAL S 103 -9.58 -56.58 -31.23
CA VAL S 103 -9.99 -57.60 -32.22
C VAL S 103 -11.30 -58.32 -31.87
N HIS S 104 -11.58 -58.44 -30.57
CA HIS S 104 -12.76 -59.16 -30.09
C HIS S 104 -13.51 -58.42 -28.97
N LYS S 105 -14.83 -58.43 -29.06
CA LYS S 105 -15.73 -57.87 -28.05
C LYS S 105 -16.56 -59.00 -27.40
N PRO S 106 -17.11 -58.77 -26.17
CA PRO S 106 -17.94 -59.79 -25.51
C PRO S 106 -19.13 -60.23 -26.36
N SER S 107 -19.21 -61.52 -26.62
CA SER S 107 -20.24 -62.11 -27.47
C SER S 107 -21.60 -62.17 -26.76
N ARG S 108 -22.46 -61.22 -27.13
CA ARG S 108 -23.84 -61.07 -26.59
C ARG S 108 -23.91 -60.92 -25.05
N MET T 1 16.06 8.48 59.42
CA MET T 1 16.19 7.69 58.16
C MET T 1 17.44 8.07 57.37
N GLN T 2 17.97 7.11 56.61
CA GLN T 2 19.15 7.31 55.78
C GLN T 2 18.98 6.71 54.39
N THR T 3 19.49 7.43 53.37
CA THR T 3 19.51 6.96 51.99
C THR T 3 20.85 6.28 51.71
N LEU T 4 20.79 5.10 51.09
CA LEU T 4 21.96 4.30 50.75
C LEU T 4 22.76 4.96 49.61
N PRO T 5 24.09 5.13 49.81
CA PRO T 5 24.95 5.69 48.75
C PRO T 5 25.19 4.69 47.62
N LYS T 6 25.41 5.22 46.41
CA LYS T 6 25.69 4.40 45.24
C LYS T 6 27.15 3.95 45.24
N GLU T 7 27.35 2.63 45.17
CA GLU T 7 28.67 2.02 45.23
C GLU T 7 28.74 0.79 44.34
N ARG T 8 29.88 0.63 43.65
CA ARG T 8 30.12 -0.54 42.80
C ARG T 8 30.57 -1.72 43.65
N ARG T 9 29.98 -2.88 43.38
CA ARG T 9 30.22 -4.09 44.17
C ARG T 9 30.90 -5.19 43.36
N TYR T 10 31.59 -6.10 44.05
CA TYR T 10 32.45 -7.10 43.40
C TYR T 10 32.17 -8.51 43.93
N GLU T 11 30.95 -8.99 43.69
CA GLU T 11 30.46 -10.32 44.11
C GLU T 11 30.59 -10.62 45.61
N THR T 12 31.24 -11.74 45.93
CA THR T 12 31.34 -12.26 47.30
C THR T 12 32.34 -11.46 48.15
N LEU T 13 31.95 -11.21 49.40
CA LEU T 13 32.77 -10.54 50.44
C LEU T 13 33.16 -9.08 50.14
N SER T 14 32.36 -8.44 49.29
CA SER T 14 32.58 -7.04 48.88
C SER T 14 31.78 -6.03 49.72
N TYR T 15 30.85 -6.53 50.53
CA TYR T 15 30.02 -5.70 51.42
C TYR T 15 30.65 -5.52 52.80
N LEU T 16 31.48 -6.48 53.20
CA LEU T 16 32.29 -6.41 54.42
C LEU T 16 33.42 -5.38 54.25
N PRO T 17 33.95 -4.82 55.38
CA PRO T 17 35.14 -3.95 55.31
C PRO T 17 36.35 -4.66 54.69
N PRO T 18 37.20 -3.91 53.93
CA PRO T 18 38.31 -4.49 53.13
C PRO T 18 39.17 -5.49 53.89
N LEU T 19 39.48 -6.61 53.22
CA LEU T 19 40.16 -7.75 53.84
C LEU T 19 41.63 -7.49 54.16
N THR T 20 42.00 -7.79 55.40
CA THR T 20 43.39 -7.72 55.86
C THR T 20 44.14 -8.96 55.40
N ASP T 21 45.47 -8.88 55.36
CA ASP T 21 46.35 -10.00 54.95
C ASP T 21 46.18 -11.27 55.81
N VAL T 22 45.79 -11.06 57.07
CA VAL T 22 45.46 -12.16 58.00
C VAL T 22 44.15 -12.83 57.58
N GLN T 23 43.17 -12.02 57.18
CA GLN T 23 41.84 -12.50 56.75
C GLN T 23 41.88 -13.30 55.45
N ILE T 24 42.70 -12.85 54.49
CA ILE T 24 42.89 -13.52 53.20
C ILE T 24 43.57 -14.88 53.40
N GLU T 25 44.57 -14.91 54.29
CA GLU T 25 45.28 -16.13 54.67
C GLU T 25 44.35 -17.21 55.25
N LYS T 26 43.34 -16.76 56.01
CA LYS T 26 42.33 -17.65 56.60
C LYS T 26 41.37 -18.22 55.56
N GLN T 27 41.05 -17.41 54.54
CA GLN T 27 40.17 -17.82 53.43
C GLN T 27 40.84 -18.84 52.52
N VAL T 28 42.14 -18.66 52.28
CA VAL T 28 42.97 -19.59 51.49
C VAL T 28 43.14 -20.92 52.25
N GLN T 29 43.35 -20.82 53.56
CA GLN T 29 43.47 -21.99 54.45
C GLN T 29 42.24 -22.89 54.43
N TYR T 30 41.06 -22.28 54.26
CA TYR T 30 39.79 -22.99 54.10
C TYR T 30 39.77 -23.85 52.84
N ILE T 31 40.25 -23.29 51.72
CA ILE T 31 40.29 -23.97 50.42
C ILE T 31 41.16 -25.24 50.47
N LEU T 32 42.33 -25.12 51.09
CA LEU T 32 43.31 -26.21 51.17
C LEU T 32 42.91 -27.32 52.14
N SER T 33 42.25 -26.94 53.24
CA SER T 33 41.78 -27.90 54.26
C SER T 33 40.69 -28.83 53.75
N GLN T 34 39.84 -28.31 52.85
CA GLN T 34 38.78 -29.09 52.22
C GLN T 34 39.33 -30.07 51.18
N GLY T 35 40.31 -29.60 50.38
CA GLY T 35 40.93 -30.41 49.33
C GLY T 35 40.67 -29.88 47.92
N TYR T 36 40.59 -28.56 47.80
CA TYR T 36 40.37 -27.90 46.50
C TYR T 36 41.66 -27.26 45.95
N ILE T 37 41.67 -27.01 44.65
CA ILE T 37 42.83 -26.43 43.96
C ILE T 37 42.69 -24.89 43.88
N PRO T 38 43.65 -24.14 44.48
CA PRO T 38 43.65 -22.68 44.41
C PRO T 38 44.25 -22.16 43.11
N ALA T 39 43.75 -21.01 42.65
CA ALA T 39 44.26 -20.34 41.44
C ALA T 39 44.12 -18.82 41.50
N VAL T 40 45.00 -18.13 40.78
CA VAL T 40 45.02 -16.66 40.71
C VAL T 40 44.61 -16.21 39.30
N GLU T 41 43.63 -15.30 39.25
CA GLU T 41 43.15 -14.72 37.99
C GLU T 41 43.23 -13.19 38.02
N PHE T 42 43.50 -12.60 36.85
CA PHE T 42 43.60 -11.14 36.71
C PHE T 42 42.87 -10.61 35.47
N ASN T 43 42.42 -9.36 35.56
CA ASN T 43 41.69 -8.69 34.46
C ASN T 43 41.92 -7.18 34.48
N GLU T 44 41.76 -6.56 33.31
CA GLU T 44 41.91 -5.12 33.11
C GLU T 44 40.73 -4.34 33.70
N VAL T 45 39.51 -4.76 33.35
CA VAL T 45 38.27 -4.11 33.78
C VAL T 45 37.32 -5.17 34.38
N SER T 46 36.59 -4.78 35.42
CA SER T 46 35.56 -5.63 36.03
C SER T 46 34.16 -5.27 35.53
N GLU T 47 33.53 -6.22 34.83
CA GLU T 47 32.19 -6.03 34.26
C GLU T 47 31.30 -7.26 34.54
N PRO T 48 29.97 -7.03 34.69
CA PRO T 48 29.03 -8.16 34.86
C PRO T 48 28.88 -9.05 33.60
N THR T 49 29.09 -8.46 32.42
CA THR T 49 28.92 -9.15 31.13
C THR T 49 30.02 -10.19 30.88
N GLU T 50 31.28 -9.81 31.11
CA GLU T 50 32.42 -10.71 30.93
C GLU T 50 32.53 -11.74 32.06
N LEU T 51 32.77 -12.99 31.69
CA LEU T 51 32.85 -14.09 32.64
C LEU T 51 34.19 -14.84 32.64
N TYR T 52 35.07 -14.48 31.71
CA TYR T 52 36.44 -15.00 31.69
C TYR T 52 37.47 -13.95 32.07
N TRP T 53 38.38 -14.36 32.95
CA TRP T 53 39.53 -13.55 33.37
C TRP T 53 40.81 -14.30 32.96
N THR T 54 41.89 -13.54 32.75
CA THR T 54 43.18 -14.12 32.34
C THR T 54 43.82 -14.89 33.49
N LEU T 55 44.19 -16.14 33.21
CA LEU T 55 44.77 -17.05 34.19
C LEU T 55 46.27 -16.78 34.39
N TRP T 56 46.64 -16.48 35.63
CA TRP T 56 48.03 -16.26 36.01
C TRP T 56 48.73 -17.59 36.23
N LYS T 57 49.74 -17.86 35.39
CA LYS T 57 50.48 -19.13 35.33
C LYS T 57 49.54 -20.34 35.10
N LEU T 58 49.50 -21.26 36.07
CA LEU T 58 48.58 -22.40 36.06
C LEU T 58 48.00 -22.61 37.47
N PRO T 59 46.83 -23.29 37.59
CA PRO T 59 46.29 -23.63 38.90
C PRO T 59 47.30 -24.40 39.75
N LEU T 60 47.43 -24.03 41.03
CA LEU T 60 48.40 -24.65 41.93
C LEU T 60 47.91 -26.02 42.42
N PHE T 61 48.30 -27.06 41.67
CA PHE T 61 47.92 -28.43 42.00
C PHE T 61 48.74 -28.99 43.17
N GLY T 62 49.99 -28.54 43.28
CA GLY T 62 50.89 -28.97 44.35
C GLY T 62 51.15 -27.89 45.39
N ALA T 63 50.10 -27.53 46.13
CA ALA T 63 50.19 -26.54 47.20
C ALA T 63 50.15 -27.21 48.57
N LYS T 64 51.22 -27.00 49.34
CA LYS T 64 51.37 -27.59 50.68
C LYS T 64 50.97 -26.63 51.81
N THR T 65 51.30 -25.34 51.62
CA THR T 65 51.03 -24.30 52.62
C THR T 65 50.39 -23.08 51.95
N SER T 66 49.56 -22.36 52.70
CA SER T 66 48.86 -21.15 52.24
C SER T 66 49.78 -19.97 51.92
N ARG T 67 51.02 -20.02 52.41
CA ARG T 67 52.04 -19.01 52.11
C ARG T 67 52.47 -19.03 50.64
N GLU T 68 52.44 -20.22 50.03
CA GLU T 68 52.76 -20.42 48.61
C GLU T 68 51.76 -19.71 47.69
N VAL T 69 50.49 -19.69 48.09
CA VAL T 69 49.41 -19.03 47.35
C VAL T 69 49.55 -17.50 47.43
N LEU T 70 49.82 -17.00 48.64
CA LEU T 70 50.01 -15.56 48.90
C LEU T 70 51.23 -14.98 48.17
N ALA T 71 52.25 -15.83 47.98
CA ALA T 71 53.45 -15.47 47.22
C ALA T 71 53.16 -15.28 45.73
N GLU T 72 52.22 -16.07 45.20
CA GLU T 72 51.78 -15.96 43.80
C GLU T 72 50.91 -14.73 43.55
N VAL T 73 50.19 -14.30 44.59
CA VAL T 73 49.36 -13.09 44.56
C VAL T 73 50.27 -11.84 44.54
N GLN T 74 51.30 -11.84 45.37
CA GLN T 74 52.30 -10.75 45.44
C GLN T 74 53.08 -10.57 44.14
N SER T 75 53.32 -11.67 43.43
CA SER T 75 54.00 -11.67 42.14
C SER T 75 53.15 -11.03 41.03
N CYS T 76 51.85 -11.36 41.03
CA CYS T 76 50.89 -10.81 40.07
C CYS T 76 50.58 -9.33 40.34
N ARG T 77 50.61 -8.96 41.62
CA ARG T 77 50.35 -7.58 42.08
C ARG T 77 51.47 -6.60 41.68
N SER T 78 52.72 -7.02 41.88
CA SER T 78 53.89 -6.22 41.51
C SER T 78 54.06 -6.08 40.00
N GLN T 79 53.68 -7.12 39.26
CA GLN T 79 53.74 -7.12 37.79
C GLN T 79 52.62 -6.28 37.17
N TYR T 80 51.40 -6.42 37.70
CA TYR T 80 50.24 -5.67 37.21
C TYR T 80 49.57 -4.86 38.34
N PRO T 81 50.00 -3.58 38.52
CA PRO T 81 49.39 -2.73 39.54
C PRO T 81 48.00 -2.19 39.14
N GLY T 82 47.79 -1.97 37.84
CA GLY T 82 46.54 -1.42 37.32
C GLY T 82 45.49 -2.44 36.90
N HIS T 83 45.62 -3.66 37.40
CA HIS T 83 44.68 -4.75 37.10
C HIS T 83 43.96 -5.24 38.36
N TYR T 84 42.73 -5.73 38.16
CA TYR T 84 42.00 -6.46 39.21
C TYR T 84 42.60 -7.85 39.37
N ILE T 85 42.63 -8.35 40.61
CA ILE T 85 43.15 -9.68 40.93
C ILE T 85 42.16 -10.41 41.86
N ARG T 86 41.84 -11.66 41.52
CA ARG T 86 40.99 -12.51 42.36
C ARG T 86 41.57 -13.91 42.62
N VAL T 87 41.14 -14.52 43.72
CA VAL T 87 41.54 -15.88 44.10
C VAL T 87 40.34 -16.81 43.94
N VAL T 88 40.52 -17.87 43.14
CA VAL T 88 39.47 -18.86 42.87
C VAL T 88 39.85 -20.27 43.34
N GLY T 89 38.83 -21.07 43.68
CA GLY T 89 39.04 -22.45 44.13
C GLY T 89 38.25 -23.45 43.31
N PHE T 90 38.98 -24.35 42.63
CA PHE T 90 38.38 -25.38 41.78
C PHE T 90 38.15 -26.69 42.53
N ASP T 91 36.98 -27.28 42.29
CA ASP T 91 36.66 -28.64 42.74
C ASP T 91 36.67 -29.61 41.55
N ASN T 92 37.34 -30.74 41.74
CA ASN T 92 37.49 -31.75 40.67
C ASN T 92 36.34 -32.76 40.61
N ILE T 93 35.73 -33.03 41.77
CA ILE T 93 34.66 -34.03 41.89
C ILE T 93 33.32 -33.49 41.36
N LYS T 94 32.87 -32.36 41.91
CA LYS T 94 31.61 -31.72 41.49
C LYS T 94 31.74 -30.96 40.17
N GLN T 95 32.98 -30.58 39.83
CA GLN T 95 33.32 -29.81 38.62
C GLN T 95 32.64 -28.42 38.61
N CYS T 96 32.90 -27.66 39.68
CA CYS T 96 32.37 -26.31 39.87
C CYS T 96 33.23 -25.53 40.86
N GLN T 97 33.30 -24.21 40.66
CA GLN T 97 34.05 -23.31 41.53
C GLN T 97 33.38 -23.14 42.90
N ILE T 98 34.16 -23.37 43.96
CA ILE T 98 33.65 -23.33 45.33
C ILE T 98 33.71 -21.91 45.92
N LEU T 99 34.83 -21.23 45.71
CA LEU T 99 35.04 -19.88 46.25
C LEU T 99 35.67 -18.95 45.22
N SER T 100 35.25 -17.68 45.27
CA SER T 100 35.81 -16.61 44.42
C SER T 100 35.69 -15.26 45.14
N PHE T 101 36.83 -14.59 45.32
CA PHE T 101 36.90 -13.27 45.98
C PHE T 101 38.06 -12.40 45.49
N ILE T 102 37.78 -11.10 45.34
CA ILE T 102 38.75 -10.12 44.83
C ILE T 102 39.66 -9.60 45.94
N VAL T 103 40.97 -9.70 45.68
CA VAL T 103 42.01 -9.32 46.66
C VAL T 103 42.69 -7.98 46.36
N HIS T 104 42.67 -7.57 45.08
CA HIS T 104 43.31 -6.34 44.64
C HIS T 104 42.49 -5.57 43.61
N LYS T 105 42.41 -4.26 43.81
CA LYS T 105 41.76 -3.33 42.88
C LYS T 105 42.83 -2.42 42.26
N PRO T 106 42.60 -1.88 41.03
CA PRO T 106 43.57 -0.98 40.39
C PRO T 106 43.88 0.24 41.26
N SER T 107 45.16 0.38 41.62
CA SER T 107 45.64 1.42 42.53
C SER T 107 45.61 2.80 41.89
N ARG T 108 44.67 3.64 42.37
CA ARG T 108 44.42 5.01 41.89
C ARG T 108 44.15 5.11 40.37
N MET U 1 3.06 -73.93 -22.75
CA MET U 1 2.69 -72.75 -21.91
C MET U 1 1.20 -72.73 -21.59
N GLN U 2 0.89 -72.32 -20.36
CA GLN U 2 -0.49 -72.20 -19.89
C GLN U 2 -0.74 -70.91 -19.12
N THR U 3 -1.86 -70.26 -19.43
CA THR U 3 -2.30 -69.05 -18.74
C THR U 3 -3.01 -69.44 -17.44
N LEU U 4 -2.65 -68.76 -16.35
CA LEU U 4 -3.22 -68.99 -15.03
C LEU U 4 -4.67 -68.51 -14.95
N PRO U 5 -5.62 -69.40 -14.54
CA PRO U 5 -7.03 -69.02 -14.40
C PRO U 5 -7.26 -68.11 -13.19
N LYS U 6 -8.23 -67.20 -13.32
CA LYS U 6 -8.56 -66.24 -12.27
C LYS U 6 -9.41 -66.89 -11.18
N GLU U 7 -8.88 -66.86 -9.95
CA GLU U 7 -9.51 -67.51 -8.80
C GLU U 7 -9.31 -66.68 -7.53
N ARG U 8 -10.37 -66.60 -6.72
CA ARG U 8 -10.33 -65.90 -5.44
C ARG U 8 -9.70 -66.79 -4.36
N ARG U 9 -8.71 -66.25 -3.66
CA ARG U 9 -7.92 -67.00 -2.68
C ARG U 9 -8.24 -66.59 -1.24
N TYR U 10 -8.01 -67.53 -0.30
CA TYR U 10 -8.39 -67.35 1.10
C TYR U 10 -7.23 -67.61 2.06
N GLU U 11 -6.21 -66.74 1.97
CA GLU U 11 -5.01 -66.76 2.83
C GLU U 11 -4.22 -68.08 2.84
N THR U 12 -4.00 -68.65 4.03
CA THR U 12 -3.16 -69.83 4.22
C THR U 12 -3.89 -71.11 3.79
N LEU U 13 -3.14 -72.01 3.14
CA LEU U 13 -3.58 -73.36 2.72
C LEU U 13 -4.69 -73.39 1.65
N SER U 14 -4.96 -72.25 1.03
CA SER U 14 -6.00 -72.12 0.01
C SER U 14 -5.59 -72.63 -1.38
N TYR U 15 -4.27 -72.72 -1.60
CA TYR U 15 -3.71 -73.19 -2.88
C TYR U 15 -3.68 -74.71 -3.01
N LEU U 16 -3.58 -75.38 -1.86
CA LEU U 16 -3.67 -76.84 -1.77
C LEU U 16 -5.10 -77.31 -2.04
N PRO U 17 -5.28 -78.55 -2.55
CA PRO U 17 -6.61 -79.14 -2.71
C PRO U 17 -7.41 -79.17 -1.39
N PRO U 18 -8.76 -78.95 -1.46
CA PRO U 18 -9.61 -78.80 -0.26
C PRO U 18 -9.38 -79.89 0.79
N LEU U 19 -9.30 -79.45 2.06
CA LEU U 19 -8.91 -80.32 3.18
C LEU U 19 -9.98 -81.34 3.54
N THR U 20 -9.54 -82.59 3.70
CA THR U 20 -10.38 -83.69 4.16
C THR U 20 -10.56 -83.59 5.69
N ASP U 21 -11.59 -84.26 6.22
CA ASP U 21 -11.88 -84.29 7.66
C ASP U 21 -10.73 -84.84 8.52
N VAL U 22 -9.92 -85.71 7.93
CA VAL U 22 -8.70 -86.24 8.55
C VAL U 22 -7.63 -85.15 8.62
N GLN U 23 -7.49 -84.39 7.52
CA GLN U 23 -6.51 -83.29 7.40
C GLN U 23 -6.76 -82.12 8.37
N ILE U 24 -8.04 -81.81 8.59
CA ILE U 24 -8.46 -80.77 9.55
C ILE U 24 -8.12 -81.19 10.98
N GLU U 25 -8.35 -82.47 11.30
CA GLU U 25 -8.04 -83.06 12.61
C GLU U 25 -6.55 -82.98 12.96
N LYS U 26 -5.69 -83.15 11.95
CA LYS U 26 -4.24 -83.08 12.11
C LYS U 26 -3.74 -81.66 12.38
N GLN U 27 -4.40 -80.68 11.76
CA GLN U 27 -4.07 -79.26 11.94
C GLN U 27 -4.50 -78.73 13.32
N VAL U 28 -5.65 -79.22 13.80
CA VAL U 28 -6.15 -78.90 15.15
C VAL U 28 -5.27 -79.54 16.22
N GLN U 29 -4.82 -80.78 15.97
CA GLN U 29 -3.90 -81.51 16.83
C GLN U 29 -2.56 -80.78 17.01
N TYR U 30 -2.11 -80.11 15.94
CA TYR U 30 -0.91 -79.26 15.96
C TYR U 30 -1.04 -78.07 16.93
N ILE U 31 -2.23 -77.46 16.95
CA ILE U 31 -2.53 -76.33 17.84
C ILE U 31 -2.52 -76.77 19.32
N LEU U 32 -3.09 -77.94 19.60
CA LEU U 32 -3.17 -78.47 20.95
C LEU U 32 -1.84 -79.00 21.51
N SER U 33 -1.03 -79.61 20.63
CA SER U 33 0.28 -80.18 21.00
C SER U 33 1.28 -79.12 21.47
N GLN U 34 1.22 -77.95 20.84
CA GLN U 34 2.07 -76.80 21.19
C GLN U 34 1.61 -76.12 22.47
N GLY U 35 0.30 -76.15 22.73
CA GLY U 35 -0.31 -75.54 23.91
C GLY U 35 -0.98 -74.21 23.63
N TYR U 36 -1.55 -74.07 22.43
CA TYR U 36 -2.28 -72.87 22.03
C TYR U 36 -3.80 -73.07 22.15
N ILE U 37 -4.52 -71.96 22.30
CA ILE U 37 -5.98 -71.98 22.50
C ILE U 37 -6.70 -71.94 21.15
N PRO U 38 -7.52 -72.98 20.83
CA PRO U 38 -8.30 -73.00 19.59
C PRO U 38 -9.59 -72.18 19.70
N ALA U 39 -9.99 -71.56 18.59
CA ALA U 39 -11.23 -70.78 18.51
C ALA U 39 -11.87 -70.83 17.12
N VAL U 40 -13.19 -70.76 17.09
CA VAL U 40 -13.97 -70.77 15.84
C VAL U 40 -14.56 -69.38 15.57
N GLU U 41 -14.35 -68.90 14.34
CA GLU U 41 -14.90 -67.61 13.89
C GLU U 41 -15.69 -67.77 12.60
N PHE U 42 -16.75 -66.97 12.47
CA PHE U 42 -17.61 -66.98 11.29
C PHE U 42 -17.92 -65.57 10.79
N ASN U 43 -18.09 -65.44 9.47
CA ASN U 43 -18.40 -64.17 8.82
C ASN U 43 -19.29 -64.34 7.59
N GLU U 44 -20.09 -63.32 7.31
CA GLU U 44 -21.03 -63.30 6.18
C GLU U 44 -20.32 -63.17 4.83
N VAL U 45 -19.36 -62.24 4.74
CA VAL U 45 -18.62 -61.95 3.51
C VAL U 45 -17.12 -62.03 3.78
N SER U 46 -16.39 -62.61 2.82
CA SER U 46 -14.93 -62.67 2.86
C SER U 46 -14.32 -61.52 2.06
N GLU U 47 -13.70 -60.58 2.77
CA GLU U 47 -13.06 -59.40 2.17
C GLU U 47 -11.65 -59.17 2.74
N PRO U 48 -10.72 -58.64 1.92
CA PRO U 48 -9.37 -58.32 2.42
C PRO U 48 -9.32 -57.11 3.37
N THR U 49 -10.28 -56.18 3.23
CA THR U 49 -10.33 -54.95 4.02
C THR U 49 -10.71 -55.21 5.48
N GLU U 50 -11.76 -56.01 5.70
CA GLU U 50 -12.23 -56.35 7.05
C GLU U 50 -11.30 -57.36 7.73
N LEU U 51 -10.97 -57.06 8.98
CA LEU U 51 -10.00 -57.84 9.75
C LEU U 51 -10.58 -58.44 11.05
N TYR U 52 -11.89 -58.27 11.24
CA TYR U 52 -12.61 -58.90 12.35
C TYR U 52 -13.72 -59.82 11.86
N TRP U 53 -13.76 -61.01 12.43
CA TRP U 53 -14.81 -62.01 12.18
C TRP U 53 -15.52 -62.29 13.51
N THR U 54 -16.82 -62.56 13.43
CA THR U 54 -17.65 -62.78 14.61
C THR U 54 -17.28 -64.09 15.32
N LEU U 55 -16.96 -63.96 16.60
CA LEU U 55 -16.51 -65.08 17.42
C LEU U 55 -17.69 -65.98 17.82
N TRP U 56 -17.55 -67.26 17.52
CA TRP U 56 -18.54 -68.28 17.87
C TRP U 56 -18.33 -68.72 19.32
N LYS U 57 -19.36 -68.49 20.14
CA LYS U 57 -19.34 -68.74 21.60
C LYS U 57 -18.15 -68.05 22.31
N LEU U 58 -17.15 -68.85 22.70
CA LEU U 58 -15.93 -68.35 23.33
C LEU U 58 -14.72 -69.22 22.90
N PRO U 59 -13.48 -68.70 23.02
CA PRO U 59 -12.31 -69.54 22.75
C PRO U 59 -12.24 -70.72 23.71
N LEU U 60 -11.92 -71.90 23.18
CA LEU U 60 -11.91 -73.14 23.96
C LEU U 60 -10.63 -73.24 24.80
N PHE U 61 -10.68 -72.67 26.00
CA PHE U 61 -9.54 -72.68 26.94
C PHE U 61 -9.33 -74.07 27.54
N GLY U 62 -10.43 -74.79 27.76
CA GLY U 62 -10.41 -76.15 28.31
C GLY U 62 -10.68 -77.19 27.24
N ALA U 63 -9.64 -77.52 26.46
CA ALA U 63 -9.72 -78.54 25.42
C ALA U 63 -8.71 -79.65 25.66
N LYS U 64 -9.21 -80.87 25.79
CA LYS U 64 -8.37 -82.05 26.04
C LYS U 64 -8.04 -82.81 24.76
N THR U 65 -9.03 -82.95 23.87
CA THR U 65 -8.89 -83.71 22.62
C THR U 65 -9.38 -82.89 21.43
N SER U 66 -8.86 -83.20 20.24
CA SER U 66 -9.21 -82.52 18.98
C SER U 66 -10.65 -82.72 18.50
N ARG U 67 -11.32 -83.75 19.03
CA ARG U 67 -12.71 -84.07 18.71
C ARG U 67 -13.69 -83.01 19.22
N GLU U 68 -13.36 -82.41 20.37
CA GLU U 68 -14.16 -81.35 21.00
C GLU U 68 -14.23 -80.07 20.17
N VAL U 69 -13.14 -79.78 19.45
CA VAL U 69 -13.03 -78.62 18.57
C VAL U 69 -13.87 -78.83 17.30
N LEU U 70 -13.75 -80.01 16.69
CA LEU U 70 -14.47 -80.40 15.47
C LEU U 70 -15.99 -80.44 15.64
N ALA U 71 -16.43 -80.81 16.84
CA ALA U 71 -17.86 -80.84 17.20
C ALA U 71 -18.46 -79.44 17.26
N GLU U 72 -17.66 -78.46 17.68
CA GLU U 72 -18.06 -77.04 17.73
C GLU U 72 -18.11 -76.42 16.33
N VAL U 73 -17.26 -76.92 15.42
CA VAL U 73 -17.24 -76.49 14.01
C VAL U 73 -18.52 -76.97 13.30
N GLN U 74 -18.90 -78.22 13.54
CA GLN U 74 -20.13 -78.83 12.98
C GLN U 74 -21.41 -78.15 13.47
N SER U 75 -21.38 -77.65 14.70
CA SER U 75 -22.50 -76.92 15.30
C SER U 75 -22.70 -75.54 14.67
N CYS U 76 -21.59 -74.84 14.40
CA CYS U 76 -21.59 -73.54 13.73
C CYS U 76 -21.95 -73.65 12.25
N ARG U 77 -21.56 -74.77 11.63
CA ARG U 77 -21.86 -75.08 10.23
C ARG U 77 -23.36 -75.35 9.99
N SER U 78 -23.96 -76.13 10.89
CA SER U 78 -25.39 -76.44 10.85
C SER U 78 -26.28 -75.23 11.12
N GLN U 79 -25.81 -74.34 11.99
CA GLN U 79 -26.51 -73.10 12.34
C GLN U 79 -26.44 -72.07 11.21
N TYR U 80 -25.25 -71.90 10.63
CA TYR U 80 -25.03 -70.96 9.53
C TYR U 80 -24.49 -71.68 8.29
N PRO U 81 -25.38 -72.08 7.36
CA PRO U 81 -24.96 -72.74 6.12
C PRO U 81 -24.28 -71.79 5.12
N GLY U 82 -24.72 -70.54 5.08
CA GLY U 82 -24.25 -69.56 4.10
C GLY U 82 -23.12 -68.64 4.55
N HIS U 83 -22.55 -68.93 5.73
CA HIS U 83 -21.44 -68.14 6.28
C HIS U 83 -20.09 -68.85 6.09
N TYR U 84 -19.04 -68.06 5.92
CA TYR U 84 -17.65 -68.55 5.94
C TYR U 84 -17.26 -68.91 7.36
N ILE U 85 -16.55 -70.02 7.53
CA ILE U 85 -16.12 -70.49 8.86
C ILE U 85 -14.62 -70.79 8.84
N ARG U 86 -13.90 -70.23 9.82
CA ARG U 86 -12.46 -70.48 9.98
C ARG U 86 -12.05 -70.88 11.41
N VAL U 87 -10.94 -71.61 11.52
CA VAL U 87 -10.37 -72.03 12.80
C VAL U 87 -9.09 -71.23 13.06
N VAL U 88 -9.01 -70.61 14.23
CA VAL U 88 -7.85 -69.81 14.65
C VAL U 88 -7.21 -70.32 15.94
N GLY U 89 -5.92 -70.06 16.11
CA GLY U 89 -5.17 -70.44 17.31
C GLY U 89 -4.49 -69.26 17.97
N PHE U 90 -4.81 -69.03 19.24
CA PHE U 90 -4.23 -67.94 20.03
C PHE U 90 -3.06 -68.39 20.88
N ASP U 91 -2.01 -67.55 20.92
CA ASP U 91 -0.89 -67.74 21.84
C ASP U 91 -0.93 -66.66 22.93
N ASN U 92 -0.79 -67.08 24.17
CA ASN U 92 -0.87 -66.18 25.33
C ASN U 92 0.47 -65.53 25.71
N ILE U 93 1.56 -66.22 25.41
CA ILE U 93 2.92 -65.75 25.75
C ILE U 93 3.38 -64.65 24.78
N LYS U 94 3.31 -64.94 23.48
CA LYS U 94 3.71 -63.99 22.43
C LYS U 94 2.65 -62.92 22.15
N GLN U 95 1.40 -63.23 22.51
CA GLN U 95 0.22 -62.38 22.27
C GLN U 95 0.02 -62.11 20.76
N CYS U 96 -0.10 -63.20 20.01
CA CYS U 96 -0.25 -63.18 18.55
C CYS U 96 -0.87 -64.51 18.07
N GLN U 97 -1.62 -64.43 16.98
CA GLN U 97 -2.22 -65.61 16.36
C GLN U 97 -1.16 -66.45 15.63
N ILE U 98 -1.22 -67.77 15.84
CA ILE U 98 -0.25 -68.69 15.27
C ILE U 98 -0.73 -69.28 13.94
N LEU U 99 -1.98 -69.72 13.90
CA LEU U 99 -2.55 -70.36 12.70
C LEU U 99 -3.97 -69.87 12.41
N SER U 100 -4.28 -69.72 11.13
CA SER U 100 -5.61 -69.32 10.66
C SER U 100 -5.91 -69.93 9.29
N PHE U 101 -6.92 -70.80 9.23
CA PHE U 101 -7.35 -71.45 7.99
C PHE U 101 -8.87 -71.65 7.90
N ILE U 102 -9.40 -71.56 6.67
CA ILE U 102 -10.84 -71.71 6.41
C ILE U 102 -11.23 -73.18 6.26
N VAL U 103 -12.28 -73.58 7.01
CA VAL U 103 -12.82 -74.94 6.97
C VAL U 103 -14.11 -75.08 6.15
N HIS U 104 -14.86 -73.98 6.02
CA HIS U 104 -16.15 -73.98 5.32
C HIS U 104 -16.38 -72.73 4.47
N LYS U 105 -16.94 -72.95 3.27
CA LYS U 105 -17.36 -71.90 2.34
C LYS U 105 -18.88 -71.93 2.19
N PRO U 106 -19.52 -70.79 1.80
CA PRO U 106 -20.99 -70.76 1.64
C PRO U 106 -21.48 -71.78 0.61
N SER U 107 -22.37 -72.66 1.07
CA SER U 107 -22.93 -73.73 0.25
C SER U 107 -23.93 -73.20 -0.77
N ARG U 108 -23.56 -73.36 -2.05
CA ARG U 108 -24.32 -72.86 -3.21
C ARG U 108 -24.58 -71.35 -3.19
N MET V 1 10.54 38.61 11.95
CA MET V 1 10.63 37.13 12.16
C MET V 1 11.86 36.74 12.97
N GLN V 2 11.72 35.69 13.77
CA GLN V 2 12.80 35.16 14.61
C GLN V 2 12.86 33.64 14.59
N THR V 3 14.07 33.12 14.80
CA THR V 3 14.31 31.67 14.86
C THR V 3 14.42 31.23 16.32
N LEU V 4 13.76 30.11 16.63
CA LEU V 4 13.76 29.55 17.99
C LEU V 4 15.11 28.88 18.31
N PRO V 5 15.73 29.27 19.45
CA PRO V 5 17.01 28.67 19.86
C PRO V 5 16.86 27.25 20.37
N LYS V 6 17.88 26.43 20.14
CA LYS V 6 17.89 25.04 20.59
C LYS V 6 18.16 24.94 22.09
N GLU V 7 17.21 24.36 22.81
CA GLU V 7 17.27 24.23 24.27
C GLU V 7 16.74 22.87 24.71
N ARG V 8 17.34 22.32 25.76
CA ARG V 8 16.92 21.05 26.34
C ARG V 8 15.90 21.27 27.45
N ARG V 9 14.78 20.54 27.36
CA ARG V 9 13.62 20.75 28.25
C ARG V 9 13.37 19.55 29.17
N TYR V 10 12.72 19.82 30.29
CA TYR V 10 12.59 18.85 31.39
C TYR V 10 11.13 18.67 31.87
N GLU V 11 10.30 18.16 30.97
CA GLU V 11 8.87 17.88 31.23
C GLU V 11 8.04 19.10 31.70
N THR V 12 7.22 18.91 32.75
CA THR V 12 6.31 19.93 33.25
C THR V 12 7.04 21.09 33.93
N LEU V 13 6.57 22.31 33.64
CA LEU V 13 7.07 23.58 34.21
C LEU V 13 8.55 23.87 33.93
N SER V 14 8.97 23.61 32.69
CA SER V 14 10.35 23.87 32.25
C SER V 14 10.44 25.04 31.26
N TYR V 15 9.28 25.46 30.74
CA TYR V 15 9.19 26.59 29.80
C TYR V 15 8.95 27.91 30.54
N LEU V 16 8.46 27.80 31.77
CA LEU V 16 8.34 28.91 32.70
C LEU V 16 9.72 29.28 33.26
N PRO V 17 9.91 30.52 33.76
CA PRO V 17 11.22 30.90 34.32
C PRO V 17 11.54 30.09 35.59
N PRO V 18 12.84 29.81 35.86
CA PRO V 18 13.26 28.98 36.99
C PRO V 18 12.59 29.37 38.31
N LEU V 19 12.05 28.37 39.00
CA LEU V 19 11.16 28.56 40.15
C LEU V 19 11.82 29.18 41.38
N THR V 20 11.18 30.21 41.91
CA THR V 20 11.54 30.84 43.18
C THR V 20 11.16 29.89 44.33
N ASP V 21 11.81 30.04 45.48
CA ASP V 21 11.55 29.21 46.66
C ASP V 21 10.12 29.31 47.22
N VAL V 22 9.50 30.47 47.04
CA VAL V 22 8.09 30.70 47.41
C VAL V 22 7.17 29.98 46.42
N GLN V 23 7.54 29.99 45.14
CA GLN V 23 6.81 29.31 44.06
C GLN V 23 6.78 27.79 44.22
N ILE V 24 7.87 27.24 44.77
CA ILE V 24 7.98 25.80 45.08
C ILE V 24 7.06 25.42 46.25
N GLU V 25 7.05 26.27 47.28
CA GLU V 25 6.20 26.11 48.47
C GLU V 25 4.70 26.08 48.13
N LYS V 26 4.30 26.90 47.16
CA LYS V 26 2.90 26.98 46.71
C LYS V 26 2.46 25.73 45.93
N GLN V 27 3.39 25.15 45.17
CA GLN V 27 3.13 23.92 44.40
C GLN V 27 3.02 22.68 45.28
N VAL V 28 3.83 22.64 46.34
CA VAL V 28 3.82 21.57 47.34
C VAL V 28 2.54 21.63 48.19
N GLN V 29 2.12 22.86 48.52
CA GLN V 29 0.87 23.12 49.26
C GLN V 29 -0.36 22.54 48.56
N TYR V 30 -0.36 22.60 47.23
CA TYR V 30 -1.39 22.00 46.38
C TYR V 30 -1.50 20.49 46.57
N ILE V 31 -0.35 19.81 46.58
CA ILE V 31 -0.25 18.35 46.76
C ILE V 31 -0.86 17.92 48.11
N LEU V 32 -0.55 18.68 49.17
CA LEU V 32 -1.03 18.40 50.52
C LEU V 32 -2.51 18.72 50.73
N SER V 33 -2.98 19.80 50.11
CA SER V 33 -4.39 20.22 50.19
C SER V 33 -5.33 19.22 49.51
N GLN V 34 -4.87 18.65 48.39
CA GLN V 34 -5.63 17.64 47.63
C GLN V 34 -5.67 16.28 48.34
N GLY V 35 -4.64 15.99 49.13
CA GLY V 35 -4.55 14.75 49.90
C GLY V 35 -3.48 13.77 49.44
N TYR V 36 -2.74 14.14 48.39
CA TYR V 36 -1.69 13.30 47.82
C TYR V 36 -0.41 13.29 48.66
N ILE V 37 0.45 12.31 48.40
CA ILE V 37 1.69 12.12 49.17
C ILE V 37 2.91 12.66 48.40
N PRO V 38 3.65 13.63 48.99
CA PRO V 38 4.83 14.22 48.34
C PRO V 38 6.11 13.40 48.53
N ALA V 39 6.96 13.39 47.51
CA ALA V 39 8.24 12.66 47.52
C ALA V 39 9.32 13.35 46.69
N VAL V 40 10.57 13.15 47.08
CA VAL V 40 11.73 13.75 46.40
C VAL V 40 12.51 12.65 45.67
N GLU V 41 12.81 12.90 44.39
CA GLU V 41 13.58 11.96 43.55
C GLU V 41 14.80 12.63 42.93
N PHE V 42 15.89 11.88 42.83
CA PHE V 42 17.15 12.39 42.27
C PHE V 42 17.82 11.41 41.30
N ASN V 43 18.55 11.96 40.32
CA ASN V 43 19.23 11.18 39.28
C ASN V 43 20.48 11.88 38.77
N GLU V 44 21.41 11.10 38.23
CA GLU V 44 22.66 11.59 37.68
C GLU V 44 22.47 12.24 36.31
N VAL V 45 21.73 11.57 35.43
CA VAL V 45 21.52 12.00 34.03
C VAL V 45 20.01 12.10 33.74
N SER V 46 19.62 13.14 33.00
CA SER V 46 18.25 13.30 32.53
C SER V 46 18.11 12.88 31.07
N GLU V 47 17.44 11.74 30.85
CA GLU V 47 17.21 11.19 29.51
C GLU V 47 15.73 10.82 29.31
N PRO V 48 15.22 10.93 28.06
CA PRO V 48 13.83 10.50 27.78
C PRO V 48 13.62 8.99 27.86
N THR V 49 14.68 8.22 27.65
CA THR V 49 14.65 6.75 27.67
C THR V 49 14.40 6.19 29.07
N GLU V 50 15.13 6.70 30.06
CA GLU V 50 14.99 6.26 31.45
C GLU V 50 13.76 6.86 32.14
N LEU V 51 13.03 6.01 32.86
CA LEU V 51 11.80 6.40 33.53
C LEU V 51 11.80 6.14 35.06
N TYR V 52 12.95 5.70 35.58
CA TYR V 52 13.15 5.55 37.01
C TYR V 52 14.29 6.43 37.52
N TRP V 53 13.98 7.23 38.54
CA TRP V 53 14.95 8.03 39.27
C TRP V 53 15.08 7.46 40.68
N THR V 54 16.28 7.58 41.26
CA THR V 54 16.56 7.08 42.60
C THR V 54 15.78 7.87 43.66
N LEU V 55 15.11 7.12 44.53
CA LEU V 55 14.24 7.70 45.56
C LEU V 55 15.04 8.15 46.78
N TRP V 56 14.86 9.41 47.14
CA TRP V 56 15.50 10.00 48.32
C TRP V 56 14.70 9.67 49.57
N LYS V 57 15.31 8.86 50.45
CA LYS V 57 14.67 8.32 51.67
C LYS V 57 13.38 7.54 51.34
N LEU V 58 12.26 7.95 51.94
CA LEU V 58 10.94 7.37 51.65
C LEU V 58 9.94 8.47 51.26
N PRO V 59 8.79 8.09 50.64
CA PRO V 59 7.70 9.06 50.50
C PRO V 59 7.23 9.58 51.85
N LEU V 60 7.03 10.89 51.94
CA LEU V 60 6.62 11.53 53.20
C LEU V 60 5.12 11.36 53.44
N PHE V 61 4.78 10.24 54.06
CA PHE V 61 3.38 9.87 54.34
C PHE V 61 2.74 10.76 55.40
N GLY V 62 3.53 11.16 56.39
CA GLY V 62 3.09 12.07 57.44
C GLY V 62 3.70 13.45 57.28
N ALA V 63 2.99 14.32 56.56
CA ALA V 63 3.43 15.69 56.34
C ALA V 63 2.28 16.68 56.63
N LYS V 64 2.49 17.51 57.64
CA LYS V 64 1.48 18.49 58.08
C LYS V 64 1.64 19.84 57.38
N THR V 65 2.89 20.25 57.16
CA THR V 65 3.22 21.56 56.58
C THR V 65 4.11 21.40 55.34
N SER V 66 4.00 22.37 54.42
CA SER V 66 4.81 22.42 53.20
C SER V 66 6.30 22.69 53.45
N ARG V 67 6.62 23.24 54.63
CA ARG V 67 7.99 23.54 55.04
C ARG V 67 8.84 22.29 55.26
N GLU V 68 8.19 21.22 55.73
CA GLU V 68 8.84 19.93 55.97
C GLU V 68 9.38 19.26 54.70
N VAL V 69 8.66 19.45 53.60
CA VAL V 69 9.05 18.94 52.27
C VAL V 69 10.24 19.76 51.74
N LEU V 70 10.19 21.08 51.92
CA LEU V 70 11.27 22.00 51.51
C LEU V 70 12.59 21.73 52.21
N ALA V 71 12.52 21.33 53.48
CA ALA V 71 13.70 20.96 54.28
C ALA V 71 14.36 19.68 53.78
N GLU V 72 13.55 18.77 53.22
CA GLU V 72 14.02 17.52 52.61
C GLU V 72 14.64 17.76 51.24
N VAL V 73 14.10 18.76 50.52
CA VAL V 73 14.63 19.19 49.21
C VAL V 73 16.01 19.84 49.37
N GLN V 74 16.15 20.67 50.40
CA GLN V 74 17.43 21.33 50.74
C GLN V 74 18.51 20.35 51.19
N SER V 75 18.10 19.26 51.84
CA SER V 75 19.00 18.21 52.33
C SER V 75 19.63 17.40 51.18
N CYS V 76 18.80 17.05 50.20
CA CYS V 76 19.24 16.32 49.00
C CYS V 76 20.10 17.20 48.08
N ARG V 77 19.80 18.50 48.07
CA ARG V 77 20.52 19.51 47.28
C ARG V 77 21.95 19.72 47.78
N SER V 78 22.11 19.81 49.11
CA SER V 78 23.42 19.96 49.75
C SER V 78 24.28 18.70 49.67
N GLN V 79 23.61 17.54 49.67
CA GLN V 79 24.27 16.24 49.55
C GLN V 79 24.77 15.97 48.13
N TYR V 80 23.91 16.23 47.14
CA TYR V 80 24.24 16.04 45.73
C TYR V 80 24.13 17.36 44.94
N PRO V 81 25.25 18.12 44.85
CA PRO V 81 25.26 19.37 44.09
C PRO V 81 25.29 19.18 42.57
N GLY V 82 25.68 17.99 42.11
CA GLY V 82 25.81 17.68 40.70
C GLY V 82 24.77 16.72 40.13
N HIS V 83 23.63 16.60 40.81
CA HIS V 83 22.53 15.74 40.40
C HIS V 83 21.27 16.54 40.06
N TYR V 84 20.43 15.96 39.20
CA TYR V 84 19.08 16.47 38.93
C TYR V 84 18.16 16.08 40.08
N ILE V 85 17.31 17.01 40.51
CA ILE V 85 16.38 16.77 41.63
C ILE V 85 14.97 17.22 41.25
N ARG V 86 13.99 16.34 41.48
CA ARG V 86 12.58 16.63 41.22
C ARG V 86 11.66 16.28 42.39
N VAL V 87 10.48 16.91 42.42
CA VAL V 87 9.45 16.66 43.44
C VAL V 87 8.23 16.01 42.78
N VAL V 88 7.88 14.82 43.27
CA VAL V 88 6.72 14.06 42.77
C VAL V 88 5.58 13.96 43.79
N GLY V 89 4.37 13.68 43.28
CA GLY V 89 3.19 13.51 44.14
C GLY V 89 2.38 12.28 43.76
N PHE V 90 2.27 11.35 44.71
CA PHE V 90 1.55 10.09 44.51
C PHE V 90 0.11 10.14 45.01
N ASP V 91 -0.80 9.58 44.22
CA ASP V 91 -2.19 9.36 44.62
C ASP V 91 -2.42 7.89 44.91
N ASN V 92 -3.17 7.61 45.97
CA ASN V 92 -3.44 6.24 46.42
C ASN V 92 -4.70 5.61 45.82
N ILE V 93 -5.71 6.43 45.56
CA ILE V 93 -7.00 5.95 45.01
C ILE V 93 -6.86 5.61 43.52
N LYS V 94 -6.45 6.60 42.72
CA LYS V 94 -6.28 6.44 41.27
C LYS V 94 -5.05 5.62 40.90
N GLN V 95 -4.08 5.56 41.81
CA GLN V 95 -2.80 4.84 41.64
C GLN V 95 -1.98 5.39 40.46
N CYS V 96 -1.73 6.71 40.52
CA CYS V 96 -1.01 7.44 39.48
C CYS V 96 -0.42 8.73 40.03
N GLN V 97 0.68 9.18 39.43
CA GLN V 97 1.31 10.45 39.75
C GLN V 97 0.49 11.63 39.22
N ILE V 98 0.36 12.68 40.05
CA ILE V 98 -0.49 13.83 39.72
C ILE V 98 0.35 15.08 39.40
N LEU V 99 1.57 15.15 39.94
CA LEU V 99 2.50 16.26 39.66
C LEU V 99 3.95 15.82 39.72
N SER V 100 4.76 16.34 38.80
CA SER V 100 6.20 16.12 38.75
C SER V 100 6.91 17.32 38.10
N PHE V 101 7.81 17.95 38.84
CA PHE V 101 8.56 19.11 38.36
C PHE V 101 9.98 19.20 38.94
N ILE V 102 10.92 19.64 38.11
CA ILE V 102 12.33 19.74 38.49
C ILE V 102 12.65 21.00 39.29
N VAL V 103 13.24 20.80 40.47
CA VAL V 103 13.61 21.90 41.38
C VAL V 103 15.09 22.29 41.30
N HIS V 104 15.94 21.34 40.89
CA HIS V 104 17.39 21.56 40.84
C HIS V 104 18.06 20.91 39.64
N LYS V 105 18.95 21.67 39.00
CA LYS V 105 19.79 21.20 37.90
C LYS V 105 21.25 21.11 38.39
N PRO V 106 22.08 20.24 37.79
CA PRO V 106 23.50 20.16 38.18
C PRO V 106 24.23 21.50 38.03
N SER V 107 24.73 22.00 39.16
CA SER V 107 25.37 23.32 39.23
C SER V 107 26.71 23.36 38.50
N ARG V 108 26.69 24.01 37.32
CA ARG V 108 27.84 24.18 36.42
C ARG V 108 28.51 22.86 35.99
#